data_7OKO
#
_entry.id   7OKO
#
_cell.length_a   1.00
_cell.length_b   1.00
_cell.length_c   1.00
_cell.angle_alpha   90.00
_cell.angle_beta   90.00
_cell.angle_gamma   90.00
#
_symmetry.space_group_name_H-M   'P 1'
#
loop_
_entity.id
_entity.type
_entity.pdbx_description
1 polymer 'Type IV conjugative transfer system lipoprotein TraV'
2 polymer TraB
3 polymer 'Type-F conjugative transfer system secretin TraK'
#
loop_
_entity_poly.entity_id
_entity_poly.type
_entity_poly.pdbx_seq_one_letter_code
_entity_poly.pdbx_strand_id
1 'polypeptide(L)'
;MKKITLLLAGSALLLSGCAGVKSSFDCDATTSDTCMTMTKANQLARDKAAKQAGKPAAGGLPSLVNLPATSAVEVPSASR
SAVTPPSGTRTVSTTPPVSAGTSAGVNTNTTTSTLTPRPVAGTPVTTTPSSVAYRPVVSVVTPTPSCQNVRCDNPGTVHP
QRSRDQIATVWIAPWVDSDNAFHQPGRVSFVVSPADWVLPARVN
;
AA,AB,0,1,5,6,C,D,H,I,M,N,R,S,W,X,b,c,g,h,l,m,q,r,v,w
2 'polypeptide(L)' PGMMDSQEFS AC,2,7,E,J,O,T,Y,d,i,n,s,x
3 'polypeptide(L)'
;AQSPATISLPQGGQFRLSISNTDPNMIFIPGDKVTAITAPGGMLADKRLTTAGGVLFTSVATRTFTIFVETALGQTFSVV
ATPVKGEGRVYRLMSAEPPSRPETRKWETAQAYEKLLISLNRAVLTGDIPDGYGEVKPLSDGIRLPGGFSVTPLKAWAGD
QLRADRYELRNANTWGVALREQDFWKPGVRAVMFDNNAQTLMGGGRMTVTVIRGNG
;
3,4,8,9,A,B,F,G,K,L,P,Q,U,V,Z,a,e,f,j,k,o,p,t,u,y,z
#
# COMPACT_ATOMS: atom_id res chain seq x y z
N VAL A 158 -72.61 -69.17 -61.19
CA VAL A 158 -71.56 -69.73 -60.35
C VAL A 158 -70.67 -68.59 -59.83
N HIS A 159 -70.76 -67.44 -60.49
CA HIS A 159 -69.99 -66.28 -60.09
C HIS A 159 -70.52 -65.71 -58.77
N PRO A 160 -69.68 -65.07 -57.97
CA PRO A 160 -70.14 -64.47 -56.72
C PRO A 160 -70.76 -63.10 -56.97
N GLN A 161 -72.07 -63.01 -56.81
CA GLN A 161 -72.81 -61.79 -57.10
C GLN A 161 -72.77 -60.85 -55.90
N ARG A 162 -73.56 -59.78 -55.96
CA ARG A 162 -73.69 -58.82 -54.88
C ARG A 162 -75.05 -58.95 -54.21
N SER A 163 -75.32 -58.01 -53.31
CA SER A 163 -76.64 -57.81 -52.72
C SER A 163 -77.20 -56.48 -53.17
N ARG A 164 -78.52 -56.44 -53.37
CA ARG A 164 -79.17 -55.22 -53.83
C ARG A 164 -79.23 -54.20 -52.69
N ASP A 165 -79.06 -52.93 -53.05
CA ASP A 165 -78.94 -51.86 -52.07
C ASP A 165 -80.29 -51.55 -51.42
N GLN A 166 -80.24 -50.71 -50.40
CA GLN A 166 -81.42 -50.24 -49.69
C GLN A 166 -81.36 -48.73 -49.57
N ILE A 167 -82.44 -48.05 -49.95
CA ILE A 167 -82.47 -46.59 -49.97
C ILE A 167 -83.77 -46.11 -49.32
N ALA A 168 -83.82 -44.83 -48.99
CA ALA A 168 -85.04 -44.21 -48.49
C ALA A 168 -85.05 -42.76 -48.97
N THR A 169 -86.18 -42.32 -49.52
CA THR A 169 -86.29 -41.01 -50.13
C THR A 169 -87.15 -40.12 -49.24
N VAL A 170 -86.56 -39.05 -48.73
CA VAL A 170 -87.26 -38.12 -47.86
C VAL A 170 -88.02 -37.13 -48.71
N TRP A 171 -89.06 -36.52 -48.14
CA TRP A 171 -89.87 -35.51 -48.80
C TRP A 171 -89.83 -34.25 -47.96
N ILE A 172 -89.18 -33.21 -48.46
CA ILE A 172 -88.93 -32.00 -47.67
C ILE A 172 -90.05 -31.00 -47.91
N ALA A 173 -90.83 -30.73 -46.87
CA ALA A 173 -91.96 -29.83 -46.96
C ALA A 173 -91.48 -28.39 -47.17
N PRO A 174 -92.34 -27.50 -47.68
CA PRO A 174 -91.91 -26.12 -47.96
C PRO A 174 -91.32 -25.44 -46.74
N TRP A 175 -90.16 -24.82 -46.92
CA TRP A 175 -89.45 -24.14 -45.81
C TRP A 175 -88.84 -22.84 -46.35
N VAL A 176 -88.77 -21.78 -45.54
CA VAL A 176 -88.13 -20.52 -45.97
C VAL A 176 -86.68 -20.57 -45.55
N ASP A 177 -85.80 -19.90 -46.27
CA ASP A 177 -84.36 -20.03 -45.99
C ASP A 177 -83.94 -19.07 -44.90
N SER A 178 -82.64 -18.95 -44.66
CA SER A 178 -82.14 -17.94 -43.71
C SER A 178 -81.98 -16.63 -44.50
N ASP A 179 -81.98 -16.71 -45.83
CA ASP A 179 -81.94 -15.49 -46.68
C ASP A 179 -83.21 -15.47 -47.52
N ASN A 180 -84.36 -15.18 -46.91
CA ASN A 180 -85.69 -15.23 -47.58
C ASN A 180 -85.68 -15.81 -48.99
N ALA A 181 -85.88 -17.12 -49.11
CA ALA A 181 -86.03 -17.78 -50.43
C ALA A 181 -86.91 -19.00 -50.21
N PHE A 182 -88.20 -18.96 -50.58
CA PHE A 182 -89.14 -20.06 -50.29
C PHE A 182 -88.72 -21.28 -51.09
N HIS A 183 -88.21 -22.33 -50.44
CA HIS A 183 -87.88 -23.59 -51.15
C HIS A 183 -89.14 -24.45 -51.17
N GLN A 184 -89.61 -24.86 -52.34
CA GLN A 184 -90.89 -25.60 -52.48
C GLN A 184 -90.67 -27.10 -52.16
N PRO A 185 -91.70 -27.96 -52.07
CA PRO A 185 -91.50 -29.35 -51.66
C PRO A 185 -90.48 -30.08 -52.54
N GLY A 186 -89.78 -31.09 -52.02
CA GLY A 186 -88.73 -31.71 -52.86
C GLY A 186 -88.30 -33.08 -52.36
N ARG A 187 -87.22 -33.70 -52.88
CA ARG A 187 -86.88 -35.03 -52.41
C ARG A 187 -85.37 -35.13 -52.25
N VAL A 188 -84.94 -35.86 -51.23
CA VAL A 188 -83.53 -36.18 -51.04
C VAL A 188 -83.44 -37.66 -50.71
N SER A 189 -82.49 -38.35 -51.35
CA SER A 189 -82.37 -39.79 -51.23
C SER A 189 -80.99 -40.15 -50.69
N PHE A 190 -80.93 -41.27 -49.97
CA PHE A 190 -79.70 -41.71 -49.32
C PHE A 190 -79.77 -43.21 -49.12
N VAL A 191 -78.59 -43.82 -48.93
CA VAL A 191 -78.47 -45.26 -48.77
C VAL A 191 -78.28 -45.59 -47.29
N VAL A 192 -78.87 -46.69 -46.85
CA VAL A 192 -78.84 -47.08 -45.45
C VAL A 192 -77.94 -48.28 -45.20
N SER A 193 -78.04 -49.32 -46.03
CA SER A 193 -77.30 -50.56 -45.84
C SER A 193 -76.51 -50.85 -47.11
N PRO A 194 -75.26 -50.41 -47.18
CA PRO A 194 -74.49 -50.57 -48.42
C PRO A 194 -74.31 -52.04 -48.79
N ALA A 195 -74.21 -52.29 -50.09
CA ALA A 195 -74.12 -53.65 -50.60
C ALA A 195 -72.81 -54.33 -50.19
N ASP A 196 -72.90 -55.62 -49.83
CA ASP A 196 -71.77 -56.47 -49.50
C ASP A 196 -71.98 -57.85 -50.09
N TRP A 197 -70.89 -58.59 -50.25
CA TRP A 197 -70.94 -59.90 -50.90
C TRP A 197 -71.88 -60.83 -50.15
N VAL A 198 -72.68 -61.56 -50.90
CA VAL A 198 -73.57 -62.57 -50.34
C VAL A 198 -72.75 -63.82 -50.05
N LEU A 199 -72.86 -64.33 -48.82
CA LEU A 199 -72.09 -65.53 -48.48
C LEU A 199 -72.81 -66.78 -48.93
N PRO A 200 -72.22 -67.54 -49.86
CA PRO A 200 -72.92 -68.71 -50.42
C PRO A 200 -73.17 -69.77 -49.39
N ALA A 201 -74.28 -70.49 -49.56
CA ALA A 201 -74.65 -71.61 -48.70
C ALA A 201 -74.49 -72.94 -49.39
N ARG A 202 -74.10 -72.95 -50.66
CA ARG A 202 -73.87 -74.17 -51.41
C ARG A 202 -72.51 -74.10 -52.08
N VAL A 203 -71.69 -75.13 -51.91
CA VAL A 203 -70.40 -75.22 -52.59
C VAL A 203 -70.21 -76.60 -53.18
N ALA B 69 -74.08 8.87 -47.85
CA ALA B 69 -74.52 10.07 -47.13
C ALA B 69 -74.83 11.20 -48.11
N THR B 70 -75.37 10.85 -49.28
CA THR B 70 -75.70 11.82 -50.30
C THR B 70 -77.15 12.28 -50.14
N SER B 71 -77.67 12.96 -51.16
CA SER B 71 -79.06 13.39 -51.12
C SER B 71 -80.00 12.19 -51.13
N ALA B 72 -81.10 12.32 -50.41
CA ALA B 72 -82.11 11.28 -50.36
C ALA B 72 -82.84 11.17 -51.69
N VAL B 73 -83.51 10.04 -51.90
CA VAL B 73 -84.17 9.79 -53.17
C VAL B 73 -85.52 10.50 -53.22
N GLU B 74 -85.99 10.75 -54.43
CA GLU B 74 -87.26 11.42 -54.65
C GLU B 74 -88.32 10.43 -55.10
N VAL B 75 -89.57 10.82 -54.93
CA VAL B 75 -90.72 10.05 -55.39
C VAL B 75 -91.50 10.89 -56.38
N PRO B 76 -91.35 10.62 -57.68
CA PRO B 76 -92.05 11.44 -58.68
C PRO B 76 -93.56 11.25 -58.58
N SER B 77 -94.26 12.36 -58.36
CA SER B 77 -95.71 12.33 -58.31
C SER B 77 -96.27 12.06 -59.70
N ALA B 78 -97.56 11.75 -59.74
CA ALA B 78 -98.24 11.42 -60.99
C ALA B 78 -98.49 12.69 -61.79
N SER B 79 -99.37 12.59 -62.78
CA SER B 79 -99.82 13.73 -63.55
C SER B 79 -101.34 13.74 -63.63
N ARG B 80 -101.91 14.94 -63.68
CA ARG B 80 -103.35 15.11 -63.74
C ARG B 80 -103.95 14.42 -64.96
N THR B 157 -107.95 12.97 -52.16
CA THR B 157 -106.72 12.87 -51.39
C THR B 157 -106.50 11.43 -50.93
N VAL B 158 -105.40 10.81 -51.38
CA VAL B 158 -105.10 9.42 -51.06
C VAL B 158 -103.72 9.36 -50.44
N HIS B 159 -103.61 8.67 -49.32
CA HIS B 159 -102.33 8.50 -48.65
C HIS B 159 -101.47 7.48 -49.41
N PRO B 160 -100.15 7.55 -49.26
CA PRO B 160 -99.28 6.68 -50.03
C PRO B 160 -99.44 5.21 -49.66
N GLN B 161 -98.91 4.35 -50.54
CA GLN B 161 -98.72 2.94 -50.23
C GLN B 161 -97.52 2.45 -51.03
N ARG B 162 -96.97 1.32 -50.59
CA ARG B 162 -95.82 0.72 -51.27
C ARG B 162 -96.27 0.04 -52.55
N SER B 163 -95.28 -0.38 -53.34
CA SER B 163 -95.52 -1.04 -54.61
C SER B 163 -95.44 -2.55 -54.46
N ARG B 164 -96.18 -3.24 -55.31
CA ARG B 164 -96.24 -4.70 -55.24
C ARG B 164 -94.89 -5.32 -55.53
N ASP B 165 -94.66 -6.49 -54.96
CA ASP B 165 -93.39 -7.18 -55.14
C ASP B 165 -93.44 -8.11 -56.35
N GLN B 166 -92.25 -8.50 -56.81
CA GLN B 166 -92.10 -9.47 -57.88
C GLN B 166 -91.21 -10.60 -57.41
N ILE B 167 -91.42 -11.78 -57.97
CA ILE B 167 -90.78 -13.01 -57.50
C ILE B 167 -90.20 -13.77 -58.69
N ALA B 168 -89.02 -14.35 -58.48
CA ALA B 168 -88.36 -15.15 -59.49
C ALA B 168 -88.14 -16.56 -58.95
N THR B 169 -88.48 -17.56 -59.74
CA THR B 169 -88.33 -18.96 -59.35
C THR B 169 -87.24 -19.61 -60.19
N VAL B 170 -86.45 -20.48 -59.55
CA VAL B 170 -85.33 -21.16 -60.18
C VAL B 170 -85.57 -22.65 -60.07
N TRP B 171 -85.31 -23.38 -61.15
CA TRP B 171 -85.43 -24.84 -61.15
C TRP B 171 -84.03 -25.43 -61.12
N ILE B 172 -83.70 -26.10 -60.01
CA ILE B 172 -82.37 -26.67 -59.83
C ILE B 172 -82.36 -28.10 -60.35
N ALA B 173 -81.41 -28.40 -61.22
CA ALA B 173 -81.28 -29.74 -61.75
C ALA B 173 -80.79 -30.69 -60.66
N PRO B 174 -81.31 -31.93 -60.61
CA PRO B 174 -80.94 -32.84 -59.52
C PRO B 174 -79.44 -33.07 -59.47
N TRP B 175 -78.89 -33.08 -58.26
CA TRP B 175 -77.47 -33.27 -58.04
C TRP B 175 -77.25 -34.34 -56.99
N VAL B 176 -75.98 -34.60 -56.69
CA VAL B 176 -75.59 -35.58 -55.69
C VAL B 176 -74.64 -34.92 -54.72
N ASP B 177 -75.03 -34.89 -53.44
CA ASP B 177 -74.25 -34.20 -52.44
C ASP B 177 -72.88 -34.85 -52.31
N SER B 178 -71.95 -34.14 -51.68
CA SER B 178 -70.61 -34.67 -51.48
C SER B 178 -70.61 -35.93 -50.60
N ASP B 179 -71.65 -36.14 -49.80
CA ASP B 179 -71.74 -37.31 -48.93
C ASP B 179 -72.71 -38.34 -49.50
N ASN B 180 -72.81 -38.42 -50.82
CA ASN B 180 -73.63 -39.41 -51.51
C ASN B 180 -75.08 -39.35 -51.01
N ALA B 181 -75.71 -38.21 -51.26
CA ALA B 181 -77.11 -37.99 -50.89
C ALA B 181 -77.80 -37.34 -52.07
N PHE B 182 -78.53 -38.13 -52.84
CA PHE B 182 -79.14 -37.65 -54.07
C PHE B 182 -80.26 -36.67 -53.75
N HIS B 183 -80.24 -35.51 -54.40
CA HIS B 183 -81.20 -34.45 -54.13
C HIS B 183 -82.13 -34.24 -55.32
N GLN B 184 -83.38 -33.91 -55.02
CA GLN B 184 -84.36 -33.50 -56.02
C GLN B 184 -84.96 -32.17 -55.59
N PRO B 185 -84.17 -31.11 -55.61
CA PRO B 185 -84.65 -29.82 -55.09
C PRO B 185 -85.80 -29.28 -55.92
N GLY B 186 -86.69 -28.55 -55.25
CA GLY B 186 -87.83 -27.92 -55.91
C GLY B 186 -87.49 -26.54 -56.42
N ARG B 187 -88.53 -25.82 -56.84
CA ARG B 187 -88.38 -24.49 -57.44
C ARG B 187 -88.25 -23.49 -56.31
N VAL B 188 -87.06 -22.94 -56.14
CA VAL B 188 -86.83 -21.93 -55.11
C VAL B 188 -87.18 -20.55 -55.65
N SER B 189 -87.98 -19.81 -54.88
CA SER B 189 -88.44 -18.48 -55.26
C SER B 189 -87.84 -17.45 -54.32
N PHE B 190 -87.20 -16.43 -54.89
CA PHE B 190 -86.52 -15.40 -54.10
C PHE B 190 -86.95 -14.02 -54.56
N VAL B 191 -86.91 -13.08 -53.63
CA VAL B 191 -87.24 -11.69 -53.94
C VAL B 191 -86.03 -11.00 -54.53
N VAL B 192 -86.25 -10.18 -55.55
CA VAL B 192 -85.16 -9.57 -56.29
C VAL B 192 -85.04 -8.07 -56.06
N SER B 193 -86.13 -7.38 -55.74
CA SER B 193 -86.07 -5.94 -55.49
C SER B 193 -87.10 -5.57 -54.43
N PRO B 194 -86.74 -4.72 -53.48
CA PRO B 194 -87.68 -4.33 -52.43
C PRO B 194 -88.70 -3.33 -52.95
N ALA B 195 -89.79 -3.22 -52.20
CA ALA B 195 -90.85 -2.28 -52.56
C ALA B 195 -90.38 -0.85 -52.39
N ASP B 196 -91.00 0.05 -53.14
CA ASP B 196 -90.65 1.47 -53.13
C ASP B 196 -91.90 2.32 -52.98
N TRP B 197 -91.75 3.44 -52.28
CA TRP B 197 -92.89 4.33 -52.02
C TRP B 197 -93.39 4.95 -53.32
N VAL B 198 -94.71 5.04 -53.46
CA VAL B 198 -95.31 5.59 -54.67
C VAL B 198 -96.64 6.25 -54.32
N LEU B 199 -96.98 7.29 -55.08
CA LEU B 199 -98.25 7.99 -54.93
C LEU B 199 -99.26 7.47 -55.93
N PRO B 200 -100.49 7.13 -55.51
CA PRO B 200 -101.48 6.60 -56.45
C PRO B 200 -102.08 7.72 -57.29
N ALA B 201 -102.15 7.49 -58.60
CA ALA B 201 -102.75 8.46 -59.52
C ALA B 201 -104.26 8.29 -59.49
N ARG B 202 -104.82 8.41 -58.29
CA ARG B 202 -106.26 8.28 -58.09
C ARG B 202 -106.95 9.54 -58.56
N VAL B 203 -108.21 9.73 -58.14
CA VAL B 203 -108.90 10.98 -58.41
C VAL B 203 -108.59 11.95 -57.28
N ASN B 204 -107.45 12.63 -57.37
CA ASN B 204 -106.98 13.48 -56.29
C ASN B 204 -107.50 14.90 -56.45
N PRO C 1 -95.07 -9.07 16.70
CA PRO C 1 -96.52 -9.24 16.55
C PRO C 1 -97.04 -8.86 15.17
N GLY C 2 -96.17 -8.41 14.28
CA GLY C 2 -96.61 -8.07 12.93
C GLY C 2 -95.56 -8.18 11.83
N MET C 3 -94.37 -8.67 12.15
CA MET C 3 -93.28 -8.66 11.19
C MET C 3 -93.51 -9.70 10.09
N MET C 4 -92.75 -9.57 9.00
CA MET C 4 -92.97 -10.35 7.78
C MET C 4 -91.94 -11.47 7.67
N ASP C 5 -92.07 -12.25 6.59
CA ASP C 5 -91.19 -13.38 6.29
C ASP C 5 -90.61 -13.15 4.90
N SER C 6 -89.63 -12.28 4.79
CA SER C 6 -89.10 -11.84 3.50
C SER C 6 -87.79 -12.56 3.22
N GLN C 7 -87.61 -13.01 2.00
CA GLN C 7 -86.43 -13.73 1.60
C GLN C 7 -86.05 -13.39 0.17
N GLU C 8 -84.76 -13.50 -0.15
CA GLU C 8 -84.27 -13.29 -1.50
C GLU C 8 -83.39 -14.47 -1.89
N PHE C 9 -83.61 -15.01 -3.08
CA PHE C 9 -82.85 -16.15 -3.58
C PHE C 9 -81.80 -15.64 -4.56
N SER C 10 -80.53 -15.94 -4.27
CA SER C 10 -79.42 -15.58 -5.14
C SER C 10 -79.40 -14.08 -5.46
N ALA D 69 -36.55 -60.59 -53.47
CA ALA D 69 -37.91 -60.11 -53.23
C ALA D 69 -38.63 -59.85 -54.54
N THR D 70 -38.36 -60.67 -55.55
CA THR D 70 -38.95 -60.53 -56.86
C THR D 70 -40.22 -61.38 -56.95
N SER D 71 -40.74 -61.56 -58.16
CA SER D 71 -41.92 -62.39 -58.35
C SER D 71 -41.60 -63.85 -58.01
N ALA D 72 -42.60 -64.52 -57.45
CA ALA D 72 -42.46 -65.93 -57.10
C ALA D 72 -42.44 -66.78 -58.36
N VAL D 73 -41.95 -68.01 -58.21
CA VAL D 73 -41.79 -68.89 -59.35
C VAL D 73 -43.11 -69.54 -59.72
N GLU D 74 -43.23 -69.97 -60.97
CA GLU D 74 -44.43 -70.61 -61.48
C GLU D 74 -44.22 -72.10 -61.63
N VAL D 75 -45.32 -72.83 -61.67
CA VAL D 75 -45.32 -74.28 -61.89
C VAL D 75 -46.11 -74.55 -63.16
N PRO D 76 -45.44 -74.81 -64.29
CA PRO D 76 -46.17 -75.03 -65.54
C PRO D 76 -46.97 -76.31 -65.48
N SER D 77 -48.29 -76.18 -65.68
CA SER D 77 -49.16 -77.35 -65.70
C SER D 77 -48.89 -78.18 -66.95
N ALA D 78 -49.45 -79.38 -66.96
CA ALA D 78 -49.24 -80.32 -68.05
C ALA D 78 -50.09 -79.90 -69.25
N SER D 79 -50.26 -80.82 -70.20
CA SER D 79 -51.14 -80.62 -71.33
C SER D 79 -52.04 -81.83 -71.50
N ARG D 80 -53.26 -81.57 -71.98
CA ARG D 80 -54.24 -82.63 -72.17
C ARG D 80 -53.74 -83.70 -73.12
N THR D 157 -58.96 -85.61 -60.84
CA THR D 157 -58.35 -84.58 -60.00
C THR D 157 -57.30 -85.19 -59.08
N VAL D 158 -56.05 -84.76 -59.23
CA VAL D 158 -54.95 -85.29 -58.44
C VAL D 158 -54.24 -84.12 -57.77
N HIS D 159 -54.00 -84.27 -56.46
CA HIS D 159 -53.29 -83.25 -55.72
C HIS D 159 -51.80 -83.29 -56.03
N PRO D 160 -51.09 -82.19 -55.83
CA PRO D 160 -49.67 -82.14 -56.22
C PRO D 160 -48.81 -83.08 -55.39
N GLN D 161 -47.61 -83.32 -55.89
CA GLN D 161 -46.54 -83.94 -55.12
C GLN D 161 -45.20 -83.42 -55.63
N ARG D 162 -44.18 -83.58 -54.81
CA ARG D 162 -42.84 -83.14 -55.18
C ARG D 162 -42.22 -84.11 -56.18
N SER D 163 -41.08 -83.70 -56.72
CA SER D 163 -40.36 -84.49 -57.71
C SER D 163 -39.26 -85.30 -57.06
N ARG D 164 -38.93 -86.43 -57.67
CA ARG D 164 -37.93 -87.34 -57.11
C ARG D 164 -36.56 -86.68 -57.11
N ASP D 165 -35.73 -87.09 -56.16
CA ASP D 165 -34.40 -86.54 -56.02
C ASP D 165 -33.39 -87.32 -56.84
N GLN D 166 -32.23 -86.69 -57.08
CA GLN D 166 -31.11 -87.32 -57.75
C GLN D 166 -29.88 -87.20 -56.88
N ILE D 167 -28.98 -88.16 -57.01
CA ILE D 167 -27.83 -88.30 -56.12
C ILE D 167 -26.57 -88.48 -56.95
N ALA D 168 -25.48 -87.87 -56.49
CA ALA D 168 -24.18 -87.98 -57.14
C ALA D 168 -23.18 -88.54 -56.15
N THR D 169 -22.41 -89.55 -56.57
CA THR D 169 -21.42 -90.19 -55.72
C THR D 169 -20.02 -89.85 -56.23
N VAL D 170 -19.09 -89.63 -55.29
CA VAL D 170 -17.72 -89.27 -55.60
C VAL D 170 -16.81 -90.31 -55.00
N TRP D 171 -15.80 -90.72 -55.76
CA TRP D 171 -14.79 -91.68 -55.28
C TRP D 171 -13.52 -90.90 -54.95
N ILE D 172 -13.16 -90.86 -53.69
CA ILE D 172 -11.98 -90.13 -53.23
C ILE D 172 -10.77 -91.05 -53.25
N ALA D 173 -9.71 -90.61 -53.91
CA ALA D 173 -8.49 -91.40 -53.95
C ALA D 173 -7.82 -91.39 -52.57
N PRO D 174 -7.24 -92.52 -52.14
CA PRO D 174 -6.68 -92.59 -50.79
C PRO D 174 -5.60 -91.54 -50.58
N TRP D 175 -5.63 -90.92 -49.41
CA TRP D 175 -4.69 -89.87 -49.06
C TRP D 175 -4.09 -90.14 -47.69
N VAL D 176 -3.21 -89.25 -47.25
CA VAL D 176 -2.55 -89.37 -45.97
C VAL D 176 -2.74 -88.06 -45.22
N ASP D 177 -3.39 -88.14 -44.05
CA ASP D 177 -3.71 -86.95 -43.29
C ASP D 177 -2.44 -86.23 -42.88
N SER D 178 -2.58 -84.97 -42.47
CA SER D 178 -1.43 -84.20 -42.02
C SER D 178 -0.77 -84.80 -40.78
N ASP D 179 -1.50 -85.60 -40.01
CA ASP D 179 -0.96 -86.23 -38.81
C ASP D 179 -0.62 -87.70 -39.05
N ASN D 180 -0.22 -88.04 -40.28
CA ASN D 180 0.20 -89.40 -40.63
C ASN D 180 -0.88 -90.42 -40.28
N ALA D 181 -2.02 -90.28 -40.91
CA ALA D 181 -3.15 -91.19 -40.73
C ALA D 181 -3.70 -91.55 -42.09
N PHE D 182 -3.34 -92.73 -42.59
CA PHE D 182 -3.69 -93.13 -43.94
C PHE D 182 -5.19 -93.37 -44.04
N HIS D 183 -5.83 -92.79 -45.03
CA HIS D 183 -7.27 -92.86 -45.20
C HIS D 183 -7.64 -93.67 -46.43
N GLN D 184 -8.74 -94.41 -46.33
CA GLN D 184 -9.33 -95.11 -47.47
C GLN D 184 -10.81 -94.73 -47.54
N PRO D 185 -11.10 -93.47 -47.88
CA PRO D 185 -12.49 -93.02 -47.85
C PRO D 185 -13.34 -93.74 -48.88
N GLY D 186 -14.62 -93.90 -48.55
CA GLY D 186 -15.57 -94.53 -49.44
C GLY D 186 -16.23 -93.53 -50.37
N ARG D 187 -17.25 -93.99 -51.07
CA ARG D 187 -17.96 -93.19 -52.06
C ARG D 187 -18.97 -92.31 -51.33
N VAL D 188 -18.68 -91.01 -51.29
CA VAL D 188 -19.59 -90.06 -50.65
C VAL D 188 -20.66 -89.62 -51.65
N SER D 189 -21.91 -89.68 -51.22
CA SER D 189 -23.06 -89.32 -52.04
C SER D 189 -23.73 -88.08 -51.48
N PHE D 190 -23.92 -87.07 -52.32
CA PHE D 190 -24.48 -85.81 -51.89
C PHE D 190 -25.63 -85.41 -52.81
N VAL D 191 -26.58 -84.65 -52.25
CA VAL D 191 -27.70 -84.15 -53.02
C VAL D 191 -27.29 -82.87 -53.74
N VAL D 192 -27.72 -82.73 -55.00
CA VAL D 192 -27.27 -81.64 -55.84
C VAL D 192 -28.37 -80.60 -56.11
N SER D 193 -29.65 -81.01 -56.11
CA SER D 193 -30.73 -80.08 -56.35
C SER D 193 -31.95 -80.49 -55.54
N PRO D 194 -32.63 -79.54 -54.91
CA PRO D 194 -33.81 -79.89 -54.11
C PRO D 194 -35.01 -80.19 -54.98
N ALA D 195 -35.99 -80.86 -54.38
CA ALA D 195 -37.20 -81.20 -55.10
C ALA D 195 -38.03 -79.95 -55.40
N ASP D 196 -38.84 -80.03 -56.45
CA ASP D 196 -39.67 -78.92 -56.89
C ASP D 196 -41.10 -79.38 -57.11
N TRP D 197 -42.05 -78.49 -56.81
CA TRP D 197 -43.46 -78.81 -56.93
C TRP D 197 -43.82 -79.06 -58.39
N VAL D 198 -44.66 -80.07 -58.63
CA VAL D 198 -45.06 -80.42 -59.99
C VAL D 198 -46.47 -81.01 -59.97
N LEU D 199 -47.22 -80.81 -61.05
CA LEU D 199 -48.55 -81.37 -61.21
C LEU D 199 -48.48 -82.63 -62.03
N PRO D 200 -49.12 -83.73 -61.59
CA PRO D 200 -49.04 -84.98 -62.35
C PRO D 200 -49.98 -84.93 -63.55
N ALA D 201 -49.47 -85.33 -64.71
CA ALA D 201 -50.27 -85.39 -65.93
C ALA D 201 -51.08 -86.68 -65.94
N ARG D 202 -51.87 -86.85 -64.88
CA ARG D 202 -52.70 -88.03 -64.72
C ARG D 202 -53.92 -87.91 -65.64
N VAL D 203 -54.95 -88.71 -65.37
CA VAL D 203 -56.20 -88.58 -66.09
C VAL D 203 -57.06 -87.57 -65.33
N ASN D 204 -56.84 -86.29 -65.59
CA ASN D 204 -57.51 -85.23 -64.83
C ASN D 204 -58.81 -84.82 -65.49
N VAL E 158 25.54 -107.99 -39.57
CA VAL E 158 26.34 -107.36 -38.53
C VAL E 158 25.89 -105.90 -38.37
N HIS E 159 25.18 -105.39 -39.38
CA HIS E 159 24.67 -104.04 -39.34
C HIS E 159 23.55 -103.92 -38.33
N PRO E 160 23.35 -102.74 -37.75
CA PRO E 160 22.25 -102.55 -36.79
C PRO E 160 20.94 -102.26 -37.52
N GLN E 161 20.02 -103.23 -37.48
CA GLN E 161 18.76 -103.14 -38.21
C GLN E 161 17.74 -102.35 -37.40
N ARG E 162 16.50 -102.36 -37.84
CA ARG E 162 15.38 -101.71 -37.17
C ARG E 162 14.44 -102.77 -36.57
N SER E 163 13.32 -102.28 -36.06
CA SER E 163 12.21 -103.11 -35.64
C SER E 163 11.01 -102.85 -36.55
N ARG E 164 10.24 -103.90 -36.82
CA ARG E 164 9.09 -103.76 -37.70
C ARG E 164 7.96 -103.03 -36.99
N ASP E 165 7.24 -102.20 -37.73
CA ASP E 165 6.23 -101.32 -37.16
C ASP E 165 4.99 -102.09 -36.75
N GLN E 166 4.10 -101.40 -36.05
CA GLN E 166 2.82 -101.95 -35.62
C GLN E 166 1.71 -100.98 -36.00
N ILE E 167 0.67 -101.50 -36.66
CA ILE E 167 -0.41 -100.67 -37.16
C ILE E 167 -1.75 -101.30 -36.79
N ALA E 168 -2.82 -100.53 -36.92
CA ALA E 168 -4.17 -101.05 -36.73
C ALA E 168 -5.10 -100.28 -37.65
N THR E 169 -5.94 -101.00 -38.38
CA THR E 169 -6.79 -100.42 -39.41
C THR E 169 -8.24 -100.42 -38.93
N VAL E 170 -8.82 -99.26 -38.77
CA VAL E 170 -10.19 -99.11 -38.29
C VAL E 170 -11.12 -99.27 -39.48
N TRP E 171 -12.37 -99.64 -39.20
CA TRP E 171 -13.41 -99.79 -40.22
C TRP E 171 -14.57 -98.87 -39.84
N ILE E 172 -14.78 -97.82 -40.61
CA ILE E 172 -15.75 -96.79 -40.27
C ILE E 172 -17.10 -97.11 -40.89
N ALA E 173 -18.08 -97.42 -40.05
CA ALA E 173 -19.41 -97.79 -40.52
C ALA E 173 -20.11 -96.59 -41.16
N PRO E 174 -21.13 -96.83 -41.99
CA PRO E 174 -21.79 -95.72 -42.69
C PRO E 174 -22.30 -94.66 -41.73
N TRP E 175 -22.03 -93.40 -42.08
CA TRP E 175 -22.44 -92.24 -41.25
C TRP E 175 -22.86 -91.10 -42.19
N VAL E 176 -23.74 -90.20 -41.74
CA VAL E 176 -24.17 -89.03 -42.58
C VAL E 176 -23.43 -87.82 -42.07
N ASP E 177 -23.15 -86.86 -42.94
CA ASP E 177 -22.29 -85.72 -42.54
C ASP E 177 -23.06 -84.66 -41.80
N SER E 178 -22.43 -83.51 -41.57
CA SER E 178 -23.14 -82.36 -40.96
C SER E 178 -23.66 -81.50 -42.11
N ASP E 179 -23.33 -81.86 -43.34
CA ASP E 179 -23.85 -81.13 -44.53
C ASP E 179 -24.52 -82.15 -45.46
N ASN E 180 -25.41 -82.97 -44.92
CA ASN E 180 -26.10 -84.04 -45.69
C ASN E 180 -25.26 -84.63 -46.82
N ALA E 181 -24.38 -85.59 -46.51
CA ALA E 181 -23.62 -86.31 -47.55
C ALA E 181 -23.34 -87.72 -47.01
N PHE E 182 -24.06 -88.74 -47.43
CA PHE E 182 -23.90 -90.10 -46.87
C PHE E 182 -22.52 -90.61 -47.20
N HIS E 183 -21.65 -90.79 -46.19
CA HIS E 183 -20.30 -91.38 -46.44
C HIS E 183 -20.41 -92.88 -46.27
N GLN E 184 -19.93 -93.67 -47.23
CA GLN E 184 -20.11 -95.14 -47.20
C GLN E 184 -18.98 -95.79 -46.40
N PRO E 185 -19.03 -97.10 -46.05
CA PRO E 185 -18.02 -97.70 -45.19
C PRO E 185 -16.59 -97.49 -45.69
N GLY E 186 -15.61 -97.32 -44.79
CA GLY E 186 -14.25 -97.02 -45.27
C GLY E 186 -13.21 -97.55 -44.31
N ARG E 187 -11.90 -97.27 -44.49
CA ARG E 187 -10.86 -97.71 -43.59
C ARG E 187 -9.91 -96.55 -43.32
N VAL E 188 -9.42 -96.48 -42.09
CA VAL E 188 -8.39 -95.53 -41.72
C VAL E 188 -7.34 -96.27 -40.90
N SER E 189 -6.07 -96.03 -41.22
CA SER E 189 -4.96 -96.77 -40.62
C SER E 189 -4.03 -95.80 -39.91
N PHE E 190 -3.39 -96.30 -38.85
CA PHE E 190 -2.51 -95.48 -38.03
C PHE E 190 -1.50 -96.40 -37.33
N VAL E 191 -0.41 -95.79 -36.88
CA VAL E 191 0.69 -96.52 -36.24
C VAL E 191 0.60 -96.32 -34.73
N VAL E 192 0.91 -97.37 -33.98
CA VAL E 192 0.80 -97.36 -32.52
C VAL E 192 2.16 -97.32 -31.85
N SER E 193 3.10 -98.14 -32.29
CA SER E 193 4.41 -98.26 -31.65
C SER E 193 5.48 -98.01 -32.70
N PRO E 194 5.94 -96.77 -32.84
CA PRO E 194 6.91 -96.45 -33.90
C PRO E 194 8.20 -97.23 -33.75
N ALA E 195 8.84 -97.52 -34.88
CA ALA E 195 10.05 -98.33 -34.89
C ALA E 195 11.22 -97.63 -34.21
N ASP E 196 12.00 -98.40 -33.44
CA ASP E 196 13.21 -97.95 -32.77
C ASP E 196 14.27 -99.03 -32.89
N TRP E 197 15.53 -98.63 -32.72
CA TRP E 197 16.65 -99.55 -32.90
C TRP E 197 16.55 -100.72 -31.93
N VAL E 198 16.81 -101.91 -32.45
CA VAL E 198 16.85 -103.11 -31.63
C VAL E 198 18.17 -103.15 -30.89
N LEU E 199 18.12 -103.36 -29.58
CA LEU E 199 19.36 -103.39 -28.81
C LEU E 199 19.99 -104.78 -28.85
N PRO E 200 21.18 -104.90 -29.44
CA PRO E 200 21.77 -106.24 -29.62
C PRO E 200 22.10 -106.90 -28.30
N ALA E 201 21.99 -108.23 -28.29
CA ALA E 201 22.33 -109.04 -27.13
C ALA E 201 23.63 -109.81 -27.31
N ARG E 202 24.25 -109.72 -28.48
CA ARG E 202 25.51 -110.38 -28.77
C ARG E 202 26.47 -109.36 -29.35
N VAL E 203 27.68 -109.30 -28.79
CA VAL E 203 28.74 -108.43 -29.32
C VAL E 203 30.05 -109.20 -29.41
N PRO F 1 -55.95 -78.09 12.02
CA PRO F 1 -56.67 -79.36 11.82
C PRO F 1 -56.86 -79.75 10.37
N GLY F 2 -56.37 -78.93 9.44
CA GLY F 2 -56.48 -79.29 8.03
C GLY F 2 -55.43 -78.71 7.11
N MET F 3 -54.44 -78.00 7.65
CA MET F 3 -53.48 -77.29 6.81
C MET F 3 -52.54 -78.26 6.11
N MET F 4 -51.84 -77.76 5.09
CA MET F 4 -51.03 -78.58 4.20
C MET F 4 -49.55 -78.46 4.53
N ASP F 5 -48.74 -79.20 3.76
CA ASP F 5 -47.28 -79.23 3.91
C ASP F 5 -46.67 -78.85 2.57
N SER F 6 -46.66 -77.56 2.26
CA SER F 6 -46.27 -77.10 0.93
C SER F 6 -44.87 -76.54 1.00
N GLN F 7 -44.06 -76.86 0.00
CA GLN F 7 -42.68 -76.41 -0.05
C GLN F 7 -42.27 -76.13 -1.48
N GLU F 8 -41.30 -75.23 -1.66
CA GLU F 8 -40.74 -74.92 -2.95
C GLU F 8 -39.22 -75.01 -2.87
N PHE F 9 -38.60 -75.69 -3.82
CA PHE F 9 -37.15 -75.84 -3.87
C PHE F 9 -36.59 -74.86 -4.88
N SER F 10 -35.68 -74.00 -4.43
CA SER F 10 -35.00 -73.04 -5.30
C SER F 10 -35.97 -72.18 -6.09
N ALA G 1 -54.07 -91.18 -12.51
CA ALA G 1 -53.74 -92.58 -12.67
C ALA G 1 -54.54 -93.02 -13.85
N GLN G 2 -55.85 -93.00 -13.64
CA GLN G 2 -56.81 -92.90 -14.73
C GLN G 2 -56.63 -91.53 -15.38
N SER G 3 -57.29 -91.30 -16.50
CA SER G 3 -57.30 -89.96 -17.05
C SER G 3 -57.98 -89.03 -16.05
N PRO G 4 -57.57 -87.76 -15.99
CA PRO G 4 -58.30 -86.82 -15.14
C PRO G 4 -59.77 -86.75 -15.53
N ALA G 5 -60.65 -86.69 -14.54
CA ALA G 5 -62.07 -86.63 -14.82
C ALA G 5 -62.40 -85.32 -15.50
N THR G 6 -63.04 -85.41 -16.67
CA THR G 6 -63.26 -84.26 -17.54
C THR G 6 -64.74 -83.90 -17.57
N ILE G 7 -65.01 -82.60 -17.65
CA ILE G 7 -66.36 -82.04 -17.56
C ILE G 7 -66.53 -80.92 -18.58
N SER G 8 -67.77 -80.49 -18.77
CA SER G 8 -68.10 -79.51 -19.82
C SER G 8 -68.11 -78.08 -19.31
N LEU G 9 -69.02 -77.76 -18.39
CA LEU G 9 -69.05 -76.43 -17.76
C LEU G 9 -69.06 -75.25 -18.72
N PRO G 10 -70.21 -74.90 -19.33
CA PRO G 10 -70.29 -73.62 -20.04
C PRO G 10 -69.96 -72.44 -19.14
N GLN G 11 -69.88 -71.24 -19.69
CA GLN G 11 -69.46 -70.05 -18.93
C GLN G 11 -70.44 -69.81 -17.79
N GLY G 12 -70.01 -70.10 -16.58
CA GLY G 12 -70.90 -69.98 -15.43
C GLY G 12 -71.80 -71.17 -15.21
N GLY G 13 -71.35 -72.38 -15.54
CA GLY G 13 -72.18 -73.54 -15.35
C GLY G 13 -72.05 -74.15 -13.97
N GLN G 14 -72.89 -75.14 -13.71
CA GLN G 14 -72.87 -75.92 -12.48
C GLN G 14 -72.57 -77.37 -12.81
N PHE G 15 -71.78 -78.02 -11.98
CA PHE G 15 -71.56 -79.45 -12.13
C PHE G 15 -71.50 -80.10 -10.76
N ARG G 16 -72.12 -81.29 -10.66
CA ARG G 16 -72.22 -82.02 -9.40
C ARG G 16 -71.09 -83.04 -9.33
N LEU G 17 -70.21 -82.91 -8.34
CA LEU G 17 -69.07 -83.78 -8.17
C LEU G 17 -68.92 -84.13 -6.69
N SER G 18 -67.81 -84.77 -6.34
CA SER G 18 -67.54 -85.13 -4.95
C SER G 18 -66.05 -84.98 -4.64
N ILE G 19 -65.77 -84.48 -3.43
CA ILE G 19 -64.40 -84.27 -2.97
C ILE G 19 -64.21 -84.99 -1.65
N SER G 20 -62.97 -85.03 -1.18
CA SER G 20 -62.59 -85.76 0.01
C SER G 20 -62.15 -84.81 1.11
N ASN G 21 -62.60 -85.09 2.34
CA ASN G 21 -62.29 -84.22 3.47
C ASN G 21 -60.89 -84.42 4.04
N THR G 22 -60.29 -85.58 3.80
CA THR G 22 -58.85 -85.73 3.92
C THR G 22 -58.24 -85.40 2.56
N ASP G 23 -56.96 -85.72 2.35
CA ASP G 23 -56.46 -85.90 0.99
C ASP G 23 -56.73 -84.72 0.07
N PRO G 24 -55.95 -83.65 0.14
CA PRO G 24 -56.32 -82.42 -0.56
C PRO G 24 -56.55 -82.64 -2.05
N ASN G 25 -57.51 -81.92 -2.61
CA ASN G 25 -57.94 -82.13 -3.98
C ASN G 25 -57.24 -81.14 -4.90
N MET G 26 -57.57 -81.21 -6.19
CA MET G 26 -57.05 -80.26 -7.16
C MET G 26 -58.04 -80.09 -8.29
N ILE G 27 -58.26 -78.84 -8.69
CA ILE G 27 -59.01 -78.49 -9.88
C ILE G 27 -58.11 -77.61 -10.72
N PHE G 28 -57.89 -77.97 -11.98
CA PHE G 28 -57.04 -77.17 -12.84
C PHE G 28 -57.67 -77.02 -14.21
N ILE G 29 -57.30 -75.92 -14.87
CA ILE G 29 -57.85 -75.54 -16.17
C ILE G 29 -56.72 -75.57 -17.20
N PRO G 30 -56.85 -76.31 -18.29
CA PRO G 30 -55.84 -76.24 -19.36
C PRO G 30 -56.06 -75.00 -20.22
N GLY G 31 -54.95 -74.34 -20.57
CA GLY G 31 -55.00 -73.14 -21.36
C GLY G 31 -55.11 -71.85 -20.57
N ASP G 32 -55.26 -71.92 -19.25
CA ASP G 32 -55.42 -70.76 -18.38
C ASP G 32 -54.75 -71.05 -17.04
N LYS G 33 -54.87 -70.09 -16.12
CA LYS G 33 -54.39 -70.28 -14.76
C LYS G 33 -55.37 -69.66 -13.78
N VAL G 34 -55.73 -70.42 -12.75
CA VAL G 34 -56.73 -69.97 -11.78
C VAL G 34 -56.11 -68.92 -10.87
N THR G 35 -56.79 -67.79 -10.73
CA THR G 35 -56.29 -66.70 -9.91
C THR G 35 -57.18 -66.38 -8.71
N ALA G 36 -58.36 -67.00 -8.60
CA ALA G 36 -59.22 -66.73 -7.47
C ALA G 36 -60.08 -67.95 -7.19
N ILE G 37 -60.50 -68.08 -5.94
CA ILE G 37 -61.48 -69.08 -5.54
C ILE G 37 -62.13 -68.64 -4.24
N THR G 38 -63.46 -68.68 -4.20
CA THR G 38 -64.22 -68.31 -3.00
C THR G 38 -65.33 -69.31 -2.83
N ALA G 39 -65.21 -70.18 -1.85
CA ALA G 39 -66.12 -71.31 -1.67
C ALA G 39 -66.69 -71.30 -0.26
N PRO G 40 -67.54 -70.34 0.04
CA PRO G 40 -68.21 -70.36 1.34
C PRO G 40 -69.33 -71.37 1.36
N GLY G 41 -70.11 -71.39 2.44
CA GLY G 41 -71.11 -72.40 2.65
C GLY G 41 -70.62 -73.58 3.46
N GLY G 42 -69.35 -73.97 3.30
CA GLY G 42 -68.80 -75.08 4.04
C GLY G 42 -67.49 -74.77 4.72
N MET G 43 -66.91 -73.60 4.42
CA MET G 43 -65.71 -73.11 5.08
C MET G 43 -64.54 -74.08 4.92
N LEU G 44 -64.07 -74.19 3.68
CA LEU G 44 -62.92 -75.04 3.39
C LEU G 44 -61.71 -74.59 4.21
N ALA G 45 -60.80 -75.54 4.45
CA ALA G 45 -59.67 -75.29 5.34
C ALA G 45 -58.75 -74.22 4.78
N ASP G 46 -58.17 -74.45 3.61
CA ASP G 46 -57.21 -73.51 3.04
C ASP G 46 -57.19 -73.64 1.53
N LYS G 47 -56.61 -72.63 0.89
CA LYS G 47 -56.43 -72.60 -0.55
C LYS G 47 -54.98 -72.28 -0.86
N ARG G 48 -54.46 -72.85 -1.95
CA ARG G 48 -53.05 -72.67 -2.31
C ARG G 48 -52.93 -72.73 -3.82
N LEU G 49 -52.54 -71.62 -4.43
CA LEU G 49 -52.46 -71.51 -5.89
C LEU G 49 -51.10 -71.99 -6.35
N THR G 50 -51.08 -73.05 -7.15
CA THR G 50 -49.83 -73.63 -7.61
C THR G 50 -49.22 -72.77 -8.72
N THR G 51 -48.14 -73.26 -9.31
CA THR G 51 -47.50 -72.54 -10.40
C THR G 51 -47.93 -73.01 -11.78
N ALA G 52 -48.41 -74.25 -11.89
CA ALA G 52 -48.94 -74.72 -13.17
C ALA G 52 -50.15 -73.89 -13.59
N GLY G 53 -51.02 -73.57 -12.65
CA GLY G 53 -52.23 -72.84 -12.95
C GLY G 53 -53.46 -73.47 -12.31
N GLY G 54 -53.24 -74.41 -11.39
CA GLY G 54 -54.30 -75.02 -10.64
C GLY G 54 -54.46 -74.40 -9.27
N VAL G 55 -55.43 -74.93 -8.52
CA VAL G 55 -55.70 -74.48 -7.17
C VAL G 55 -55.86 -75.70 -6.27
N LEU G 56 -55.21 -75.67 -5.11
CA LEU G 56 -55.26 -76.75 -4.14
C LEU G 56 -56.09 -76.31 -2.94
N PHE G 57 -56.88 -77.24 -2.42
CA PHE G 57 -57.79 -76.94 -1.33
C PHE G 57 -58.05 -78.21 -0.55
N THR G 58 -58.78 -78.07 0.56
CA THR G 58 -59.23 -79.23 1.31
C THR G 58 -60.35 -78.81 2.24
N SER G 59 -61.41 -79.61 2.28
CA SER G 59 -62.55 -79.34 3.14
C SER G 59 -62.51 -80.25 4.35
N VAL G 60 -63.17 -79.82 5.42
CA VAL G 60 -63.39 -80.65 6.59
C VAL G 60 -64.86 -80.73 7.00
N ALA G 61 -65.74 -80.04 6.29
CA ALA G 61 -67.16 -80.08 6.61
C ALA G 61 -67.75 -81.43 6.22
N THR G 62 -69.06 -81.57 6.42
CA THR G 62 -69.75 -82.82 6.12
C THR G 62 -71.03 -82.61 5.33
N ARG G 63 -71.16 -81.51 4.60
CA ARG G 63 -72.38 -81.23 3.86
C ARG G 63 -72.04 -80.61 2.52
N THR G 64 -73.02 -80.63 1.62
CA THR G 64 -72.86 -80.11 0.28
C THR G 64 -72.84 -78.59 0.27
N PHE G 65 -71.93 -78.02 -0.49
CA PHE G 65 -71.81 -76.57 -0.60
C PHE G 65 -71.50 -76.22 -2.05
N THR G 66 -71.05 -74.99 -2.28
CA THR G 66 -70.75 -74.54 -3.63
C THR G 66 -69.38 -73.87 -3.64
N ILE G 67 -68.65 -74.07 -4.74
CA ILE G 67 -67.31 -73.53 -4.92
C ILE G 67 -67.28 -72.73 -6.20
N PHE G 68 -66.81 -71.50 -6.14
CA PHE G 68 -66.70 -70.64 -7.30
C PHE G 68 -65.24 -70.48 -7.65
N VAL G 69 -64.83 -71.08 -8.75
CA VAL G 69 -63.46 -70.97 -9.24
C VAL G 69 -63.43 -69.96 -10.38
N GLU G 70 -62.54 -68.99 -10.29
CA GLU G 70 -62.47 -67.90 -11.24
C GLU G 70 -61.09 -67.86 -11.89
N THR G 71 -61.06 -67.59 -13.18
CA THR G 71 -59.85 -67.67 -13.97
C THR G 71 -59.29 -66.27 -14.18
N ALA G 72 -58.23 -66.17 -14.98
CA ALA G 72 -57.60 -64.89 -15.29
C ALA G 72 -58.14 -64.23 -16.55
N LEU G 73 -58.66 -65.01 -17.50
CA LEU G 73 -59.18 -64.47 -18.75
C LEU G 73 -60.67 -64.17 -18.68
N GLY G 74 -61.18 -63.81 -17.51
CA GLY G 74 -62.60 -63.55 -17.38
C GLY G 74 -63.43 -64.79 -17.60
N GLN G 75 -63.05 -65.88 -16.97
CA GLN G 75 -63.83 -67.11 -16.96
C GLN G 75 -64.25 -67.42 -15.54
N THR G 76 -65.52 -67.76 -15.35
CA THR G 76 -66.04 -68.07 -14.03
C THR G 76 -66.90 -69.32 -14.11
N PHE G 77 -66.55 -70.31 -13.31
CA PHE G 77 -67.26 -71.57 -13.26
C PHE G 77 -67.82 -71.77 -11.85
N SER G 78 -68.48 -72.90 -11.64
CA SER G 78 -69.08 -73.19 -10.35
C SER G 78 -69.29 -74.69 -10.23
N VAL G 79 -68.76 -75.26 -9.14
CA VAL G 79 -68.85 -76.69 -8.91
C VAL G 79 -69.48 -76.92 -7.55
N VAL G 80 -70.41 -77.87 -7.48
CA VAL G 80 -71.11 -78.19 -6.25
C VAL G 80 -70.47 -79.46 -5.69
N ALA G 81 -69.61 -79.28 -4.69
CA ALA G 81 -68.85 -80.39 -4.13
C ALA G 81 -69.70 -81.20 -3.17
N THR G 82 -69.13 -82.29 -2.69
CA THR G 82 -69.73 -83.10 -1.63
C THR G 82 -68.65 -83.89 -0.91
N PRO G 83 -68.26 -83.51 0.31
CA PRO G 83 -67.18 -84.22 0.99
C PRO G 83 -67.50 -85.69 1.23
N VAL G 84 -66.49 -86.55 1.00
CA VAL G 84 -66.59 -87.99 1.20
C VAL G 84 -65.34 -88.47 1.92
N LYS G 85 -65.19 -89.79 2.05
CA LYS G 85 -64.17 -90.40 2.90
C LYS G 85 -62.72 -90.06 2.52
N GLY G 86 -62.24 -90.51 1.38
CA GLY G 86 -60.83 -90.35 1.08
C GLY G 86 -60.46 -90.51 -0.38
N GLU G 87 -59.16 -90.73 -0.61
CA GLU G 87 -58.57 -90.87 -1.96
C GLU G 87 -58.77 -89.60 -2.78
N GLY G 88 -58.06 -88.54 -2.36
CA GLY G 88 -58.11 -87.24 -3.02
C GLY G 88 -58.10 -87.28 -4.53
N ARG G 89 -58.85 -86.38 -5.17
CA ARG G 89 -59.18 -86.48 -6.57
C ARG G 89 -58.69 -85.27 -7.35
N VAL G 90 -58.52 -85.47 -8.66
CA VAL G 90 -58.08 -84.41 -9.57
C VAL G 90 -59.08 -84.33 -10.72
N TYR G 91 -59.60 -83.14 -10.97
CA TYR G 91 -60.55 -82.90 -12.04
C TYR G 91 -59.99 -81.92 -13.04
N ARG G 92 -60.59 -81.88 -14.22
CA ARG G 92 -60.19 -80.98 -15.29
C ARG G 92 -61.39 -80.19 -15.77
N LEU G 93 -61.18 -78.91 -16.04
CA LEU G 93 -62.21 -78.04 -16.57
C LEU G 93 -61.92 -77.74 -18.03
N MET G 94 -62.96 -77.62 -18.84
CA MET G 94 -62.81 -77.31 -20.26
C MET G 94 -63.94 -76.37 -20.67
N SER G 95 -63.64 -75.09 -20.79
CA SER G 95 -64.65 -74.12 -21.15
C SER G 95 -65.24 -74.46 -22.52
N ALA G 96 -66.57 -74.53 -22.59
CA ALA G 96 -67.23 -74.75 -23.87
C ALA G 96 -67.35 -73.47 -24.68
N GLU G 97 -67.24 -72.31 -24.04
CA GLU G 97 -67.20 -71.04 -24.74
C GLU G 97 -65.78 -70.49 -24.65
N PRO G 98 -65.03 -70.44 -25.75
CA PRO G 98 -63.66 -69.95 -25.67
C PRO G 98 -63.63 -68.51 -25.22
N PRO G 99 -62.60 -68.12 -24.46
CA PRO G 99 -62.50 -66.73 -24.00
C PRO G 99 -61.89 -65.81 -25.05
N SER G 100 -61.58 -64.57 -24.68
CA SER G 100 -60.99 -63.59 -25.59
C SER G 100 -59.58 -63.27 -25.16
N ARG G 101 -58.64 -63.37 -26.09
CA ARG G 101 -57.22 -63.14 -25.84
C ARG G 101 -56.71 -62.13 -26.86
N PRO G 102 -56.73 -60.84 -26.52
CA PRO G 102 -56.30 -59.82 -27.50
C PRO G 102 -54.87 -59.98 -27.98
N GLU G 103 -54.00 -60.60 -27.19
CA GLU G 103 -52.66 -60.92 -27.68
C GLU G 103 -52.73 -61.83 -28.90
N THR G 104 -53.58 -62.86 -28.84
CA THR G 104 -53.79 -63.70 -30.00
C THR G 104 -54.45 -62.94 -31.13
N ARG G 105 -55.28 -61.95 -30.81
CA ARG G 105 -55.87 -61.11 -31.85
C ARG G 105 -54.79 -60.40 -32.66
N LYS G 106 -53.87 -59.73 -31.98
CA LYS G 106 -52.82 -59.02 -32.72
C LYS G 106 -51.86 -59.99 -33.39
N TRP G 107 -51.59 -61.14 -32.78
CA TRP G 107 -50.73 -62.13 -33.43
C TRP G 107 -51.37 -62.65 -34.72
N GLU G 108 -52.68 -62.90 -34.70
CA GLU G 108 -53.35 -63.42 -35.88
C GLU G 108 -53.45 -62.37 -36.97
N THR G 109 -53.83 -61.15 -36.62
CA THR G 109 -53.96 -60.11 -37.63
C THR G 109 -52.60 -59.62 -38.12
N ALA G 110 -51.51 -59.97 -37.42
CA ALA G 110 -50.19 -59.54 -37.87
C ALA G 110 -49.83 -60.13 -39.22
N GLN G 111 -50.13 -61.41 -39.43
CA GLN G 111 -49.68 -62.11 -40.63
C GLN G 111 -50.82 -62.22 -41.64
N ALA G 112 -50.56 -62.95 -42.72
CA ALA G 112 -51.53 -63.08 -43.81
C ALA G 112 -52.62 -64.06 -43.41
N TYR G 113 -53.45 -64.47 -44.36
CA TYR G 113 -54.52 -65.41 -44.07
C TYR G 113 -54.14 -66.85 -44.42
N GLU G 114 -53.70 -67.10 -45.66
CA GLU G 114 -53.40 -68.46 -46.05
C GLU G 114 -52.20 -69.01 -45.29
N LYS G 115 -51.16 -68.19 -45.08
CA LYS G 115 -50.04 -68.67 -44.27
C LYS G 115 -50.47 -68.91 -42.83
N LEU G 116 -51.48 -68.19 -42.35
CA LEU G 116 -51.99 -68.43 -41.01
C LEU G 116 -52.73 -69.76 -40.92
N LEU G 117 -53.54 -70.07 -41.92
CA LEU G 117 -54.18 -71.37 -41.97
C LEU G 117 -53.14 -72.49 -42.04
N ILE G 118 -52.06 -72.27 -42.79
CA ILE G 118 -51.00 -73.27 -42.86
C ILE G 118 -50.31 -73.44 -41.51
N SER G 119 -50.04 -72.33 -40.82
CA SER G 119 -49.43 -72.40 -39.50
C SER G 119 -50.28 -73.23 -38.55
N LEU G 120 -51.57 -72.92 -38.48
CA LEU G 120 -52.45 -73.68 -37.60
C LEU G 120 -52.52 -75.15 -38.01
N ASN G 121 -52.59 -75.42 -39.31
CA ASN G 121 -52.70 -76.80 -39.77
C ASN G 121 -51.48 -77.62 -39.40
N ARG G 122 -50.28 -77.05 -39.57
CA ARG G 122 -49.10 -77.82 -39.23
C ARG G 122 -48.93 -77.95 -37.72
N ALA G 123 -49.36 -76.94 -36.96
CA ALA G 123 -49.32 -77.09 -35.51
C ALA G 123 -50.29 -78.18 -35.04
N VAL G 124 -51.40 -78.37 -35.74
CA VAL G 124 -52.29 -79.48 -35.41
C VAL G 124 -51.65 -80.81 -35.80
N LEU G 125 -51.05 -80.87 -36.99
CA LEU G 125 -50.49 -82.14 -37.47
C LEU G 125 -49.33 -82.60 -36.60
N THR G 126 -48.35 -81.73 -36.37
CA THR G 126 -47.16 -82.15 -35.62
C THR G 126 -47.47 -82.32 -34.14
N GLY G 127 -47.98 -81.26 -33.50
CA GLY G 127 -48.34 -81.34 -32.11
C GLY G 127 -48.01 -80.09 -31.32
N ASP G 128 -47.07 -79.30 -31.80
CA ASP G 128 -46.64 -78.10 -31.09
C ASP G 128 -47.67 -77.00 -31.27
N ILE G 129 -48.61 -76.92 -30.33
CA ILE G 129 -49.62 -75.85 -30.37
C ILE G 129 -48.95 -74.50 -30.17
N PRO G 130 -49.29 -73.47 -30.94
CA PRO G 130 -48.68 -72.17 -30.74
C PRO G 130 -48.94 -71.63 -29.34
N ASP G 131 -48.19 -70.59 -28.99
CA ASP G 131 -48.38 -69.94 -27.71
C ASP G 131 -49.55 -68.96 -27.82
N GLY G 132 -50.49 -69.05 -26.89
CA GLY G 132 -51.70 -68.25 -26.91
C GLY G 132 -52.94 -69.01 -27.28
N TYR G 133 -52.83 -70.27 -27.70
CA TYR G 133 -53.97 -71.07 -28.09
C TYR G 133 -54.33 -72.02 -26.96
N GLY G 134 -55.59 -71.98 -26.52
CA GLY G 134 -56.06 -72.76 -25.41
C GLY G 134 -56.43 -74.16 -25.83
N GLU G 135 -57.30 -74.77 -25.03
CA GLU G 135 -57.84 -76.09 -25.30
C GLU G 135 -59.27 -76.11 -24.81
N VAL G 136 -60.22 -76.15 -25.73
CA VAL G 136 -61.63 -76.02 -25.41
C VAL G 136 -62.32 -77.35 -25.68
N LYS G 137 -63.58 -77.41 -25.32
CA LYS G 137 -64.35 -78.63 -25.53
C LYS G 137 -64.62 -78.82 -27.02
N PRO G 138 -64.39 -80.01 -27.57
CA PRO G 138 -64.66 -80.24 -29.00
C PRO G 138 -66.16 -80.23 -29.26
N LEU G 139 -66.58 -79.39 -30.20
CA LEU G 139 -67.99 -79.22 -30.50
C LEU G 139 -68.47 -80.29 -31.47
N SER G 140 -69.60 -80.91 -31.15
CA SER G 140 -70.17 -81.90 -32.04
C SER G 140 -70.76 -81.22 -33.28
N ASP G 141 -71.23 -82.06 -34.21
CA ASP G 141 -71.96 -81.69 -35.43
C ASP G 141 -71.52 -80.35 -36.01
N GLY G 142 -70.21 -80.19 -36.20
CA GLY G 142 -69.65 -79.04 -36.87
C GLY G 142 -69.31 -79.25 -38.33
N ILE G 143 -69.66 -80.40 -38.90
CA ILE G 143 -69.42 -80.71 -40.31
C ILE G 143 -70.63 -81.47 -40.85
N ARG G 144 -70.70 -81.57 -42.18
CA ARG G 144 -71.77 -82.30 -42.84
C ARG G 144 -71.50 -83.80 -42.78
N LEU G 145 -72.52 -84.58 -43.14
CA LEU G 145 -72.40 -86.04 -43.22
C LEU G 145 -72.93 -86.52 -44.57
N PRO G 146 -72.07 -86.57 -45.60
CA PRO G 146 -72.49 -87.02 -46.93
C PRO G 146 -72.44 -88.54 -47.05
N GLY G 147 -73.52 -89.17 -46.59
CA GLY G 147 -73.62 -90.62 -46.56
C GLY G 147 -73.64 -91.12 -45.13
N GLY G 148 -73.52 -92.43 -44.99
CA GLY G 148 -73.54 -93.02 -43.67
C GLY G 148 -72.17 -93.04 -43.05
N PHE G 149 -71.86 -92.02 -42.25
CA PHE G 149 -70.57 -91.86 -41.61
C PHE G 149 -70.80 -91.67 -40.11
N SER G 150 -69.77 -91.97 -39.33
CA SER G 150 -69.84 -91.88 -37.87
C SER G 150 -68.70 -91.00 -37.37
N VAL G 151 -69.00 -89.77 -37.05
CA VAL G 151 -68.01 -88.81 -36.56
C VAL G 151 -67.93 -88.88 -35.06
N THR G 152 -66.71 -88.79 -34.53
CA THR G 152 -66.46 -88.79 -33.09
C THR G 152 -65.39 -87.76 -32.80
N PRO G 153 -65.74 -86.63 -32.17
CA PRO G 153 -64.74 -85.59 -31.92
C PRO G 153 -63.65 -86.07 -30.96
N LEU G 154 -62.45 -85.53 -31.15
CA LEU G 154 -61.28 -85.91 -30.36
C LEU G 154 -60.76 -84.77 -29.49
N LYS G 155 -60.42 -83.64 -30.09
CA LYS G 155 -59.80 -82.55 -29.34
C LYS G 155 -59.97 -81.26 -30.14
N ALA G 156 -59.85 -80.13 -29.45
CA ALA G 156 -60.03 -78.84 -30.09
C ALA G 156 -59.12 -77.81 -29.45
N TRP G 157 -58.67 -76.86 -30.25
CA TRP G 157 -57.83 -75.75 -29.80
C TRP G 157 -58.44 -74.46 -30.30
N ALA G 158 -58.50 -73.43 -29.45
CA ALA G 158 -59.21 -72.23 -29.80
C ALA G 158 -58.68 -71.02 -29.06
N GLY G 159 -58.60 -69.89 -29.75
CA GLY G 159 -58.58 -68.61 -29.07
C GLY G 159 -58.80 -67.40 -29.96
N ASP G 160 -59.85 -66.64 -29.63
CA ASP G 160 -60.18 -65.30 -30.13
C ASP G 160 -60.46 -65.22 -31.62
N GLN G 161 -60.13 -66.26 -32.38
CA GLN G 161 -60.33 -66.31 -33.83
C GLN G 161 -59.92 -67.69 -34.32
N LEU G 162 -60.67 -68.22 -35.28
CA LEU G 162 -60.31 -69.46 -35.96
C LEU G 162 -60.08 -70.60 -34.96
N ARG G 163 -61.16 -70.98 -34.29
CA ARG G 163 -61.13 -72.21 -33.52
C ARG G 163 -60.89 -73.39 -34.44
N ALA G 164 -59.97 -74.27 -34.05
CA ALA G 164 -59.62 -75.42 -34.85
C ALA G 164 -60.03 -76.71 -34.14
N ASP G 165 -60.59 -77.65 -34.89
CA ASP G 165 -61.10 -78.89 -34.32
C ASP G 165 -60.34 -80.09 -34.89
N ARG G 166 -60.78 -81.27 -34.47
CA ARG G 166 -60.29 -82.53 -35.00
C ARG G 166 -61.40 -83.56 -34.89
N TYR G 167 -61.64 -84.29 -35.99
CA TYR G 167 -62.73 -85.25 -36.01
C TYR G 167 -62.21 -86.62 -36.44
N GLU G 168 -63.13 -87.54 -36.72
CA GLU G 168 -62.78 -88.82 -37.31
C GLU G 168 -63.91 -89.27 -38.22
N LEU G 169 -63.57 -89.66 -39.44
CA LEU G 169 -64.55 -90.14 -40.41
C LEU G 169 -64.45 -91.65 -40.54
N ARG G 170 -65.59 -92.32 -40.45
CA ARG G 170 -65.64 -93.78 -40.54
C ARG G 170 -66.70 -94.17 -41.57
N ASN G 171 -66.32 -95.06 -42.48
CA ASN G 171 -67.26 -95.55 -43.49
C ASN G 171 -68.08 -96.70 -42.90
N ALA G 172 -69.34 -96.42 -42.60
CA ALA G 172 -70.27 -97.43 -42.10
C ALA G 172 -70.88 -98.27 -43.22
N ASN G 173 -70.55 -97.96 -44.47
CA ASN G 173 -71.13 -98.64 -45.62
C ASN G 173 -70.32 -99.90 -45.93
N THR G 174 -70.53 -100.47 -47.11
CA THR G 174 -69.87 -101.71 -47.49
C THR G 174 -68.79 -101.54 -48.55
N TRP G 175 -68.92 -100.58 -49.46
CA TRP G 175 -67.98 -100.39 -50.56
C TRP G 175 -67.12 -99.15 -50.30
N GLY G 176 -66.32 -98.80 -51.31
CA GLY G 176 -65.47 -97.62 -51.25
C GLY G 176 -66.11 -96.45 -51.98
N VAL G 177 -66.07 -95.28 -51.34
CA VAL G 177 -66.71 -94.08 -51.88
C VAL G 177 -65.66 -93.03 -52.19
N ALA G 178 -66.08 -91.90 -52.73
CA ALA G 178 -65.19 -90.78 -53.04
C ALA G 178 -65.26 -89.76 -51.92
N LEU G 179 -64.10 -89.33 -51.43
CA LEU G 179 -63.99 -88.37 -50.34
C LEU G 179 -63.54 -87.03 -50.93
N ARG G 180 -64.49 -86.22 -51.35
CA ARG G 180 -64.21 -84.89 -51.87
C ARG G 180 -64.24 -83.90 -50.72
N GLU G 181 -63.21 -83.05 -50.65
CA GLU G 181 -62.98 -82.23 -49.46
C GLU G 181 -64.04 -81.16 -49.27
N GLN G 182 -64.82 -80.85 -50.29
CA GLN G 182 -65.86 -79.83 -50.20
C GLN G 182 -67.22 -80.38 -49.78
N ASP G 183 -67.35 -81.69 -49.61
CA ASP G 183 -68.58 -82.23 -49.04
C ASP G 183 -68.74 -81.81 -47.59
N PHE G 184 -67.66 -81.85 -46.81
CA PHE G 184 -67.72 -81.52 -45.38
C PHE G 184 -67.55 -80.03 -45.18
N TRP G 185 -68.47 -79.26 -45.75
CA TRP G 185 -68.46 -77.82 -45.62
C TRP G 185 -69.76 -77.36 -44.98
N LYS G 186 -69.68 -76.28 -44.25
CA LYS G 186 -70.80 -75.65 -43.57
C LYS G 186 -70.67 -74.15 -43.69
N PRO G 187 -71.70 -73.41 -43.34
CA PRO G 187 -71.57 -71.96 -43.29
C PRO G 187 -70.78 -71.52 -42.07
N GLY G 188 -69.46 -71.46 -42.18
CA GLY G 188 -68.62 -71.06 -41.08
C GLY G 188 -67.27 -71.75 -41.04
N VAL G 189 -67.12 -72.83 -41.80
CA VAL G 189 -65.86 -73.54 -41.91
C VAL G 189 -64.94 -72.81 -42.89
N ARG G 190 -63.68 -72.66 -42.51
CA ARG G 190 -62.72 -71.93 -43.33
C ARG G 190 -61.75 -72.82 -44.09
N ALA G 191 -61.52 -74.04 -43.64
CA ALA G 191 -60.57 -74.93 -44.31
C ALA G 191 -60.88 -76.36 -43.93
N VAL G 192 -60.40 -77.29 -44.75
CA VAL G 192 -60.53 -78.72 -44.50
C VAL G 192 -59.26 -79.42 -44.97
N MET G 193 -58.73 -80.31 -44.13
CA MET G 193 -57.58 -81.14 -44.47
C MET G 193 -57.89 -82.60 -44.20
N PHE G 194 -57.43 -83.46 -45.08
CA PHE G 194 -57.40 -84.90 -44.83
C PHE G 194 -56.00 -85.27 -44.39
N ASP G 195 -55.90 -85.99 -43.26
CA ASP G 195 -54.61 -86.20 -42.63
C ASP G 195 -53.73 -87.15 -43.44
N ASN G 196 -54.21 -88.36 -43.70
CA ASN G 196 -53.54 -89.26 -44.62
C ASN G 196 -54.04 -88.97 -46.04
N ASN G 197 -53.11 -88.85 -46.98
CA ASN G 197 -53.46 -88.40 -48.33
C ASN G 197 -54.02 -89.58 -49.12
N ALA G 198 -55.19 -90.04 -48.68
CA ALA G 198 -55.90 -91.13 -49.33
C ALA G 198 -57.05 -90.54 -50.13
N GLN G 199 -57.09 -90.86 -51.42
CA GLN G 199 -58.17 -90.39 -52.28
C GLN G 199 -59.42 -91.23 -52.18
N THR G 200 -59.36 -92.36 -51.48
CA THR G 200 -60.54 -93.21 -51.26
C THR G 200 -60.21 -94.20 -50.16
N LEU G 201 -61.13 -94.35 -49.21
CA LEU G 201 -60.97 -95.28 -48.10
C LEU G 201 -61.19 -96.71 -48.58
N MET G 202 -61.22 -97.64 -47.62
CA MET G 202 -61.49 -99.03 -47.91
C MET G 202 -62.76 -99.57 -47.25
N GLY G 203 -63.11 -99.06 -46.07
CA GLY G 203 -64.22 -99.59 -45.31
C GLY G 203 -63.93 -99.55 -43.83
N GLY G 204 -62.65 -99.42 -43.50
CA GLY G 204 -62.22 -99.29 -42.12
C GLY G 204 -62.21 -97.85 -41.67
N GLY G 205 -62.68 -97.63 -40.45
CA GLY G 205 -62.79 -96.30 -39.90
C GLY G 205 -61.56 -95.83 -39.15
N ARG G 206 -60.50 -95.48 -39.87
CA ARG G 206 -59.29 -94.96 -39.26
C ARG G 206 -58.79 -93.75 -40.03
N MET G 207 -59.69 -92.83 -40.40
CA MET G 207 -59.31 -91.60 -41.08
C MET G 207 -59.77 -90.42 -40.26
N THR G 208 -58.85 -89.53 -39.94
CA THR G 208 -59.16 -88.30 -39.22
C THR G 208 -59.17 -87.12 -40.17
N VAL G 209 -59.64 -85.98 -39.67
CA VAL G 209 -59.81 -84.79 -40.49
C VAL G 209 -59.80 -83.58 -39.57
N THR G 210 -59.19 -82.49 -40.04
CA THR G 210 -59.06 -81.27 -39.26
C THR G 210 -59.89 -80.16 -39.90
N VAL G 211 -60.65 -79.45 -39.07
CA VAL G 211 -61.56 -78.40 -39.50
C VAL G 211 -61.23 -77.13 -38.76
N ILE G 212 -61.09 -76.02 -39.49
CA ILE G 212 -60.75 -74.76 -38.87
C ILE G 212 -61.95 -73.81 -38.95
N ARG G 213 -62.78 -73.81 -37.92
CA ARG G 213 -63.98 -73.00 -37.90
C ARG G 213 -63.63 -71.56 -37.54
N GLY G 214 -64.63 -70.76 -37.22
CA GLY G 214 -64.42 -69.38 -36.82
C GLY G 214 -65.19 -69.03 -35.56
N ASN G 215 -65.05 -67.77 -35.15
CA ASN G 215 -65.72 -67.24 -33.96
C ASN G 215 -65.36 -68.05 -32.72
N GLY G 216 -64.11 -68.48 -32.63
CA GLY G 216 -63.65 -69.24 -31.49
C GLY G 216 -63.12 -68.35 -30.39
N ALA H 1 -71.56 -78.11 -16.54
CA ALA H 1 -72.62 -78.86 -17.20
C ALA H 1 -73.84 -77.98 -17.44
N GLN H 2 -74.67 -77.81 -16.41
CA GLN H 2 -75.90 -77.07 -16.57
C GLN H 2 -75.65 -75.65 -17.04
N SER H 3 -76.39 -75.22 -18.06
CA SER H 3 -76.23 -73.88 -18.58
C SER H 3 -76.77 -72.85 -17.59
N PRO H 4 -76.25 -71.63 -17.60
CA PRO H 4 -76.83 -70.58 -16.77
C PRO H 4 -78.23 -70.24 -17.24
N ALA H 5 -79.07 -69.85 -16.29
CA ALA H 5 -80.42 -69.41 -16.64
C ALA H 5 -80.33 -68.02 -17.28
N THR H 6 -80.68 -67.94 -18.56
CA THR H 6 -80.58 -66.70 -19.32
C THR H 6 -81.95 -66.07 -19.47
N ILE H 7 -82.03 -64.76 -19.21
CA ILE H 7 -83.28 -64.03 -19.22
C ILE H 7 -83.08 -62.69 -19.94
N SER H 8 -84.18 -62.12 -20.42
CA SER H 8 -84.16 -60.87 -21.16
C SER H 8 -85.01 -59.84 -20.43
N LEU H 9 -84.46 -58.64 -20.25
CA LEU H 9 -85.13 -57.56 -19.56
C LEU H 9 -85.08 -56.30 -20.42
N PRO H 10 -86.08 -55.44 -20.31
CA PRO H 10 -85.99 -54.12 -20.93
C PRO H 10 -85.07 -53.22 -20.13
N GLN H 11 -84.98 -51.94 -20.50
CA GLN H 11 -84.18 -51.00 -19.71
C GLN H 11 -84.89 -50.73 -18.38
N GLY H 12 -84.30 -51.21 -17.29
CA GLY H 12 -84.86 -50.97 -15.98
C GLY H 12 -85.96 -51.92 -15.56
N GLY H 13 -86.02 -53.11 -16.14
CA GLY H 13 -87.03 -54.07 -15.77
C GLY H 13 -86.75 -54.69 -14.41
N GLN H 14 -87.68 -55.54 -13.98
CA GLN H 14 -87.63 -56.10 -12.63
C GLN H 14 -88.07 -57.56 -12.66
N PHE H 15 -87.11 -58.48 -12.65
CA PHE H 15 -87.38 -59.89 -12.85
C PHE H 15 -87.57 -60.62 -11.53
N ARG H 16 -88.49 -61.59 -11.54
CA ARG H 16 -88.78 -62.42 -10.38
C ARG H 16 -87.98 -63.72 -10.47
N LEU H 17 -86.99 -63.87 -9.60
CA LEU H 17 -86.10 -65.02 -9.61
C LEU H 17 -85.98 -65.58 -8.20
N SER H 18 -85.08 -66.54 -8.02
CA SER H 18 -84.87 -67.18 -6.72
C SER H 18 -83.39 -67.33 -6.45
N ILE H 19 -82.99 -67.03 -5.22
CA ILE H 19 -81.61 -67.20 -4.77
C ILE H 19 -81.61 -68.09 -3.53
N SER H 20 -80.41 -68.44 -3.10
CA SER H 20 -80.19 -69.30 -1.94
C SER H 20 -79.35 -68.57 -0.91
N ASN H 21 -79.75 -68.68 0.36
CA ASN H 21 -79.14 -67.86 1.42
C ASN H 21 -77.68 -68.25 1.65
N THR H 22 -77.41 -69.54 1.87
CA THR H 22 -76.03 -70.00 1.88
C THR H 22 -75.51 -70.06 0.44
N ASP H 23 -74.30 -70.58 0.27
CA ASP H 23 -73.88 -70.96 -1.07
C ASP H 23 -73.88 -69.78 -2.05
N PRO H 24 -72.88 -68.90 -2.00
CA PRO H 24 -73.00 -67.59 -2.65
C PRO H 24 -73.50 -67.67 -4.08
N ASN H 25 -74.37 -66.72 -4.41
CA ASN H 25 -75.03 -66.66 -5.70
C ASN H 25 -74.34 -65.62 -6.55
N MET H 26 -74.34 -65.83 -7.86
CA MET H 26 -73.67 -64.90 -8.77
C MET H 26 -74.66 -64.36 -9.79
N ILE H 27 -74.51 -63.08 -10.11
CA ILE H 27 -75.21 -62.45 -11.22
C ILE H 27 -74.17 -61.73 -12.07
N PHE H 28 -74.20 -61.95 -13.37
CA PHE H 28 -73.25 -61.29 -14.26
C PHE H 28 -73.91 -60.94 -15.57
N ILE H 29 -73.57 -59.78 -16.10
CA ILE H 29 -74.05 -59.32 -17.40
C ILE H 29 -72.96 -59.58 -18.42
N PRO H 30 -73.20 -60.41 -19.45
CA PRO H 30 -72.14 -60.70 -20.43
C PRO H 30 -71.84 -59.48 -21.28
N GLY H 31 -70.57 -59.08 -21.28
CA GLY H 31 -70.12 -57.93 -22.04
C GLY H 31 -69.96 -56.66 -21.24
N ASP H 32 -70.42 -56.64 -19.99
CA ASP H 32 -70.38 -55.43 -19.18
C ASP H 32 -69.65 -55.70 -17.87
N LYS H 33 -69.45 -54.63 -17.11
CA LYS H 33 -68.86 -54.69 -15.79
C LYS H 33 -69.81 -54.03 -14.79
N VAL H 34 -70.25 -54.80 -13.80
CA VAL H 34 -71.13 -54.25 -12.78
C VAL H 34 -70.37 -53.25 -11.93
N THR H 35 -70.95 -52.07 -11.73
CA THR H 35 -70.29 -51.00 -11.00
C THR H 35 -70.88 -50.75 -9.63
N ALA H 36 -72.19 -50.91 -9.46
CA ALA H 36 -72.84 -50.59 -8.20
C ALA H 36 -73.83 -51.69 -7.85
N ILE H 37 -74.48 -51.52 -6.70
CA ILE H 37 -75.50 -52.44 -6.24
C ILE H 37 -76.26 -51.73 -5.14
N THR H 38 -77.49 -52.19 -4.87
CA THR H 38 -78.28 -51.64 -3.77
C THR H 38 -79.28 -52.72 -3.37
N ALA H 39 -79.03 -53.40 -2.26
CA ALA H 39 -79.79 -54.58 -1.89
C ALA H 39 -80.36 -54.41 -0.49
N PRO H 40 -81.39 -53.60 -0.34
CA PRO H 40 -82.00 -53.45 0.98
C PRO H 40 -83.17 -54.39 1.14
N GLY H 41 -83.71 -54.43 2.36
CA GLY H 41 -84.76 -55.37 2.67
C GLY H 41 -84.20 -56.66 3.22
N GLY H 42 -83.17 -57.19 2.59
CA GLY H 42 -82.56 -58.43 3.04
C GLY H 42 -81.31 -58.23 3.87
N MET H 43 -80.64 -57.09 3.70
CA MET H 43 -79.38 -56.79 4.36
C MET H 43 -78.40 -57.95 4.19
N LEU H 44 -78.14 -58.30 2.93
CA LEU H 44 -77.27 -59.44 2.65
C LEU H 44 -75.81 -59.06 2.96
N ALA H 45 -74.94 -60.06 3.06
CA ALA H 45 -73.65 -59.85 3.71
C ALA H 45 -72.49 -59.61 2.74
N ASP H 46 -72.19 -60.56 1.86
CA ASP H 46 -71.00 -60.47 1.03
C ASP H 46 -71.28 -59.73 -0.26
N LYS H 47 -70.37 -58.83 -0.66
CA LYS H 47 -70.44 -58.09 -1.93
C LYS H 47 -69.03 -58.08 -2.52
N ARG H 48 -68.79 -58.91 -3.53
CA ARG H 48 -67.47 -58.92 -4.14
C ARG H 48 -67.58 -58.84 -5.65
N LEU H 49 -66.59 -58.20 -6.27
CA LEU H 49 -66.49 -58.11 -7.71
C LEU H 49 -65.55 -59.19 -8.22
N THR H 50 -66.04 -60.04 -9.12
CA THR H 50 -65.21 -61.07 -9.71
C THR H 50 -64.34 -60.47 -10.80
N THR H 51 -63.67 -61.31 -11.57
CA THR H 51 -62.82 -60.83 -12.66
C THR H 51 -63.56 -60.74 -13.98
N ALA H 52 -64.60 -61.55 -14.18
CA ALA H 52 -65.39 -61.46 -15.41
C ALA H 52 -66.09 -60.10 -15.50
N GLY H 53 -66.58 -59.60 -14.38
CA GLY H 53 -67.26 -58.33 -14.35
C GLY H 53 -68.52 -58.39 -13.50
N GLY H 54 -69.06 -59.60 -13.33
CA GLY H 54 -70.25 -59.78 -12.55
C GLY H 54 -69.99 -59.67 -11.07
N VAL H 55 -71.08 -59.57 -10.31
CA VAL H 55 -71.03 -59.38 -8.87
C VAL H 55 -71.72 -60.56 -8.20
N LEU H 56 -71.13 -61.05 -7.11
CA LEU H 56 -71.67 -62.18 -6.38
C LEU H 56 -71.86 -61.81 -4.91
N PHE H 57 -72.78 -62.50 -4.27
CA PHE H 57 -73.33 -62.05 -2.99
C PHE H 57 -73.74 -63.25 -2.17
N THR H 58 -74.19 -62.98 -0.94
CA THR H 58 -74.61 -64.07 -0.05
C THR H 58 -75.67 -63.52 0.89
N SER H 59 -76.93 -63.83 0.61
CA SER H 59 -78.02 -63.34 1.45
C SER H 59 -78.05 -64.09 2.77
N VAL H 60 -78.75 -63.51 3.74
CA VAL H 60 -78.91 -64.16 5.04
C VAL H 60 -80.36 -64.08 5.50
N ALA H 61 -81.16 -63.24 4.85
CA ALA H 61 -82.50 -62.96 5.30
C ALA H 61 -83.42 -64.14 5.02
N THR H 62 -84.72 -63.96 5.26
CA THR H 62 -85.68 -65.06 5.14
C THR H 62 -86.95 -64.67 4.39
N ARG H 63 -87.00 -63.52 3.75
CA ARG H 63 -88.21 -63.06 3.08
C ARG H 63 -87.85 -62.51 1.71
N THR H 64 -88.88 -62.20 0.93
CA THR H 64 -88.72 -61.71 -0.44
C THR H 64 -88.45 -60.21 -0.45
N PHE H 65 -87.43 -59.79 -1.18
CA PHE H 65 -87.06 -58.38 -1.23
C PHE H 65 -86.69 -58.01 -2.66
N THR H 66 -86.04 -56.86 -2.81
CA THR H 66 -85.66 -56.34 -4.11
C THR H 66 -84.18 -55.97 -4.08
N ILE H 67 -83.46 -56.31 -5.14
CA ILE H 67 -82.05 -55.98 -5.28
C ILE H 67 -81.85 -55.28 -6.61
N PHE H 68 -81.27 -54.09 -6.57
CA PHE H 68 -80.96 -53.35 -7.78
C PHE H 68 -79.52 -53.60 -8.18
N VAL H 69 -79.22 -53.31 -9.44
CA VAL H 69 -77.89 -53.54 -9.99
C VAL H 69 -77.67 -52.57 -11.15
N GLU H 70 -76.45 -52.05 -11.24
CA GLU H 70 -76.12 -51.07 -12.25
C GLU H 70 -75.04 -51.64 -13.16
N THR H 71 -74.66 -50.85 -14.14
CA THR H 71 -73.75 -51.29 -15.18
C THR H 71 -72.83 -50.13 -15.54
N ALA H 72 -71.66 -50.48 -16.09
CA ALA H 72 -70.69 -49.45 -16.46
C ALA H 72 -71.25 -48.53 -17.55
N LEU H 73 -72.17 -49.03 -18.37
CA LEU H 73 -72.75 -48.23 -19.43
C LEU H 73 -74.10 -47.63 -19.05
N GLY H 74 -74.54 -47.80 -17.80
CA GLY H 74 -75.77 -47.20 -17.32
C GLY H 74 -76.97 -48.11 -17.36
N GLN H 75 -76.84 -49.31 -17.91
CA GLN H 75 -77.97 -50.21 -18.09
C GLN H 75 -78.38 -50.79 -16.75
N THR H 76 -79.24 -50.06 -16.04
CA THR H 76 -79.72 -50.47 -14.73
C THR H 76 -80.76 -51.57 -14.85
N PHE H 77 -80.95 -52.30 -13.75
CA PHE H 77 -81.89 -53.42 -13.71
C PHE H 77 -82.51 -53.49 -12.32
N SER H 78 -83.17 -54.61 -12.05
CA SER H 78 -83.77 -54.88 -10.76
C SER H 78 -84.20 -56.34 -10.72
N VAL H 79 -83.96 -57.02 -9.61
CA VAL H 79 -84.33 -58.42 -9.45
C VAL H 79 -84.98 -58.60 -8.09
N VAL H 80 -86.03 -59.40 -8.04
CA VAL H 80 -86.76 -59.65 -6.80
C VAL H 80 -86.35 -61.03 -6.30
N ALA H 81 -85.40 -61.06 -5.37
CA ALA H 81 -84.88 -62.30 -4.85
C ALA H 81 -85.89 -62.97 -3.94
N THR H 82 -85.62 -64.22 -3.60
CA THR H 82 -86.41 -64.97 -2.65
C THR H 82 -85.56 -66.10 -2.05
N PRO H 83 -84.97 -65.89 -0.87
CA PRO H 83 -84.07 -66.90 -0.31
C PRO H 83 -84.74 -68.25 -0.10
N VAL H 84 -83.97 -69.32 -0.35
CA VAL H 84 -84.42 -70.70 -0.25
C VAL H 84 -83.42 -71.49 0.58
N LYS H 85 -83.59 -72.82 0.61
CA LYS H 85 -82.80 -73.67 1.49
C LYS H 85 -81.31 -73.64 1.15
N GLY H 86 -80.93 -74.13 -0.03
CA GLY H 86 -79.52 -74.24 -0.34
C GLY H 86 -79.26 -74.39 -1.82
N GLU H 87 -78.03 -74.80 -2.14
CA GLU H 87 -77.56 -75.05 -3.51
C GLU H 87 -77.62 -73.78 -4.37
N GLY H 88 -76.73 -72.85 -4.03
CA GLY H 88 -76.71 -71.56 -4.69
C GLY H 88 -76.51 -71.69 -6.19
N ARG H 89 -77.05 -70.71 -6.93
CA ARG H 89 -77.22 -70.80 -8.37
C ARG H 89 -76.70 -69.53 -9.06
N VAL H 90 -76.48 -69.65 -10.37
CA VAL H 90 -75.93 -68.58 -11.19
C VAL H 90 -76.92 -68.21 -12.27
N TYR H 91 -77.11 -66.90 -12.49
CA TYR H 91 -78.01 -66.37 -13.50
C TYR H 91 -77.24 -65.49 -14.46
N ARG H 92 -77.93 -65.08 -15.53
CA ARG H 92 -77.34 -64.18 -16.52
C ARG H 92 -78.34 -63.06 -16.83
N LEU H 93 -77.84 -61.84 -16.93
CA LEU H 93 -78.67 -60.68 -17.22
C LEU H 93 -78.21 -60.04 -18.52
N MET H 94 -79.16 -59.85 -19.44
CA MET H 94 -78.87 -59.20 -20.71
C MET H 94 -80.14 -58.54 -21.23
N SER H 95 -79.97 -57.42 -21.90
CA SER H 95 -81.08 -56.69 -22.50
C SER H 95 -81.28 -57.14 -23.95
N ALA H 96 -82.45 -56.83 -24.48
CA ALA H 96 -82.87 -57.36 -25.78
C ALA H 96 -82.53 -56.43 -26.94
N GLU H 97 -83.12 -55.23 -26.96
CA GLU H 97 -82.90 -54.32 -28.08
C GLU H 97 -81.61 -53.51 -27.99
N PRO H 98 -81.29 -52.88 -26.86
CA PRO H 98 -80.19 -51.89 -26.83
C PRO H 98 -78.86 -52.43 -27.34
N PRO H 99 -78.47 -53.69 -27.03
CA PRO H 99 -77.21 -54.18 -27.60
C PRO H 99 -77.36 -54.47 -29.09
N SER H 100 -76.81 -53.59 -29.92
CA SER H 100 -76.86 -53.78 -31.38
C SER H 100 -75.71 -52.99 -31.99
N ARG H 101 -74.66 -53.71 -32.39
CA ARG H 101 -73.52 -53.10 -33.10
C ARG H 101 -72.91 -54.16 -33.99
N PRO H 102 -73.54 -54.45 -35.13
CA PRO H 102 -73.03 -55.48 -36.04
C PRO H 102 -71.82 -55.06 -36.86
N GLU H 103 -71.22 -53.92 -36.54
CA GLU H 103 -70.04 -53.47 -37.28
C GLU H 103 -68.94 -54.51 -37.17
N THR H 104 -68.37 -54.89 -38.30
CA THR H 104 -67.30 -55.87 -38.34
C THR H 104 -66.06 -55.26 -38.97
N ARG H 105 -64.93 -55.35 -38.26
CA ARG H 105 -63.65 -54.98 -38.84
C ARG H 105 -63.31 -55.98 -39.93
N LYS H 106 -62.84 -55.49 -41.07
CA LYS H 106 -62.53 -56.39 -42.17
C LYS H 106 -61.13 -56.95 -41.96
N TRP H 107 -61.06 -58.09 -41.29
CA TRP H 107 -59.86 -58.87 -41.10
C TRP H 107 -59.62 -59.68 -42.38
N GLU H 108 -58.77 -60.70 -42.35
CA GLU H 108 -58.46 -61.55 -43.49
C GLU H 108 -57.75 -60.81 -44.61
N THR H 109 -56.54 -60.31 -44.35
CA THR H 109 -55.72 -59.75 -45.40
C THR H 109 -55.32 -60.83 -46.40
N ALA H 110 -54.71 -60.39 -47.50
CA ALA H 110 -54.33 -61.28 -48.59
C ALA H 110 -52.82 -61.30 -48.75
N GLN H 111 -52.36 -62.11 -49.70
CA GLN H 111 -50.93 -62.28 -49.93
C GLN H 111 -50.33 -61.04 -50.59
N ALA H 112 -49.01 -60.95 -50.53
CA ALA H 112 -48.32 -59.83 -51.15
C ALA H 112 -48.25 -59.95 -52.67
N TYR H 113 -48.22 -61.16 -53.19
CA TYR H 113 -48.15 -61.37 -54.64
C TYR H 113 -49.49 -61.17 -55.32
N GLU H 114 -50.59 -61.58 -54.68
CA GLU H 114 -51.91 -61.48 -55.30
C GLU H 114 -52.43 -60.05 -55.32
N LYS H 115 -52.16 -59.28 -54.28
CA LYS H 115 -52.68 -57.92 -54.21
C LYS H 115 -52.12 -57.06 -55.35
N LEU H 116 -50.85 -57.23 -55.69
CA LEU H 116 -50.27 -56.42 -56.75
C LEU H 116 -50.74 -56.87 -58.13
N LEU H 117 -50.90 -58.17 -58.33
CA LEU H 117 -51.53 -58.64 -59.57
C LEU H 117 -52.90 -58.01 -59.74
N ILE H 118 -53.71 -58.03 -58.67
CA ILE H 118 -55.06 -57.49 -58.79
C ILE H 118 -55.04 -55.99 -58.99
N SER H 119 -54.11 -55.29 -58.35
CA SER H 119 -54.03 -53.84 -58.52
C SER H 119 -53.67 -53.47 -59.95
N LEU H 120 -52.63 -54.10 -60.50
CA LEU H 120 -52.23 -53.80 -61.87
C LEU H 120 -53.34 -54.19 -62.85
N ASN H 121 -53.98 -55.33 -62.63
CA ASN H 121 -55.00 -55.77 -63.57
C ASN H 121 -56.28 -54.95 -63.42
N ARG H 122 -56.49 -54.32 -62.27
CA ARG H 122 -57.60 -53.38 -62.15
C ARG H 122 -57.29 -52.08 -62.86
N ALA H 123 -56.03 -51.62 -62.77
CA ALA H 123 -55.64 -50.41 -63.48
C ALA H 123 -55.52 -50.60 -64.99
N VAL H 124 -55.41 -51.84 -65.47
CA VAL H 124 -55.42 -52.05 -66.92
C VAL H 124 -56.84 -52.05 -67.47
N LEU H 125 -57.85 -52.20 -66.60
CA LEU H 125 -59.24 -52.21 -67.05
C LEU H 125 -59.88 -50.83 -66.95
N THR H 126 -59.70 -50.14 -65.82
CA THR H 126 -60.27 -48.81 -65.67
C THR H 126 -59.69 -47.83 -66.69
N GLY H 127 -58.36 -47.86 -66.87
CA GLY H 127 -57.68 -47.01 -67.81
C GLY H 127 -56.53 -46.21 -67.20
N ASP H 128 -56.65 -45.87 -65.93
CA ASP H 128 -55.61 -45.08 -65.25
C ASP H 128 -54.34 -45.90 -65.13
N ILE H 129 -53.28 -45.46 -65.78
CA ILE H 129 -52.05 -46.24 -65.83
C ILE H 129 -51.23 -45.96 -64.58
N PRO H 130 -50.83 -46.98 -63.83
CA PRO H 130 -50.05 -46.75 -62.61
C PRO H 130 -48.69 -46.16 -62.94
N ASP H 131 -48.16 -45.40 -62.00
CA ASP H 131 -46.85 -44.80 -62.15
C ASP H 131 -45.79 -45.88 -62.25
N GLY H 132 -45.09 -45.93 -63.37
CA GLY H 132 -44.02 -46.89 -63.54
C GLY H 132 -44.27 -47.88 -64.65
N TYR H 133 -45.18 -47.55 -65.55
CA TYR H 133 -45.52 -48.43 -66.67
C TYR H 133 -45.64 -47.60 -67.94
N GLY H 134 -45.04 -48.11 -69.01
CA GLY H 134 -45.03 -47.39 -70.27
C GLY H 134 -45.91 -48.01 -71.33
N GLU H 135 -45.34 -48.32 -72.49
CA GLU H 135 -46.05 -49.01 -73.55
C GLU H 135 -45.02 -49.69 -74.44
N VAL H 136 -45.40 -50.85 -74.98
CA VAL H 136 -44.48 -51.69 -75.74
C VAL H 136 -45.20 -52.29 -76.94
N LYS H 137 -44.40 -52.86 -77.81
CA LYS H 137 -44.90 -53.60 -78.96
C LYS H 137 -45.55 -54.90 -78.48
N PRO H 138 -46.71 -55.26 -79.05
CA PRO H 138 -47.37 -56.51 -78.63
C PRO H 138 -46.55 -57.73 -78.98
N LEU H 139 -46.19 -58.51 -77.96
CA LEU H 139 -45.46 -59.75 -78.16
C LEU H 139 -46.27 -60.70 -79.03
N SER H 140 -45.60 -61.32 -80.01
CA SER H 140 -46.31 -62.20 -80.93
C SER H 140 -46.77 -63.47 -80.23
N ASP H 141 -48.00 -63.89 -80.56
CA ASP H 141 -48.59 -65.18 -80.21
C ASP H 141 -48.16 -65.72 -78.85
N GLY H 142 -48.22 -64.87 -77.83
CA GLY H 142 -47.90 -65.28 -76.49
C GLY H 142 -49.01 -65.99 -75.74
N ILE H 143 -50.12 -66.33 -76.41
CA ILE H 143 -51.23 -67.04 -75.79
C ILE H 143 -51.72 -68.13 -76.74
N ARG H 144 -52.10 -69.26 -76.14
CA ARG H 144 -52.53 -70.42 -76.90
C ARG H 144 -53.89 -70.15 -77.57
N LEU H 145 -54.25 -71.05 -78.49
CA LEU H 145 -55.52 -70.96 -79.22
C LEU H 145 -56.26 -72.27 -79.07
N PRO H 146 -57.48 -72.29 -78.52
CA PRO H 146 -58.26 -73.53 -78.38
C PRO H 146 -59.15 -73.81 -79.57
N GLY H 147 -58.53 -74.13 -80.70
CA GLY H 147 -59.30 -74.50 -81.88
C GLY H 147 -59.58 -73.34 -82.81
N GLY H 148 -60.79 -73.31 -83.37
CA GLY H 148 -61.11 -72.37 -84.41
C GLY H 148 -61.24 -70.94 -83.94
N PHE H 149 -60.17 -70.42 -83.35
CA PHE H 149 -60.12 -69.04 -82.88
C PHE H 149 -59.05 -68.29 -83.66
N SER H 150 -58.79 -67.06 -83.22
CA SER H 150 -57.73 -66.26 -83.79
C SER H 150 -57.24 -65.30 -82.72
N VAL H 151 -56.09 -64.67 -82.99
CA VAL H 151 -55.55 -63.65 -82.12
C VAL H 151 -55.22 -62.44 -82.97
N THR H 152 -55.53 -61.25 -82.45
CA THR H 152 -55.27 -60.00 -83.15
C THR H 152 -54.70 -59.01 -82.14
N PRO H 153 -53.37 -58.96 -82.02
CA PRO H 153 -52.76 -58.13 -80.97
C PRO H 153 -53.17 -56.68 -81.10
N LEU H 154 -53.29 -56.02 -79.95
CA LEU H 154 -53.61 -54.60 -79.92
C LEU H 154 -52.44 -53.77 -79.41
N LYS H 155 -51.95 -54.07 -78.20
CA LYS H 155 -51.00 -53.25 -77.48
C LYS H 155 -50.64 -53.97 -76.18
N ALA H 156 -49.85 -53.30 -75.35
CA ALA H 156 -49.40 -53.88 -74.09
C ALA H 156 -48.71 -52.82 -73.23
N TRP H 157 -48.67 -53.02 -71.93
CA TRP H 157 -47.86 -52.21 -71.04
C TRP H 157 -46.62 -52.97 -70.63
N ALA H 158 -45.74 -52.30 -69.89
CA ALA H 158 -44.56 -52.95 -69.34
C ALA H 158 -43.89 -52.04 -68.32
N GLY H 159 -43.03 -52.66 -67.51
CA GLY H 159 -42.11 -51.93 -66.68
C GLY H 159 -41.97 -52.42 -65.24
N ASP H 160 -40.74 -52.80 -64.91
CA ASP H 160 -40.22 -53.08 -63.57
C ASP H 160 -40.78 -54.36 -62.97
N GLN H 161 -41.86 -54.89 -63.53
CA GLN H 161 -42.38 -56.25 -63.38
C GLN H 161 -43.71 -56.31 -64.12
N LEU H 162 -44.14 -57.53 -64.43
CA LEU H 162 -45.48 -57.77 -64.94
C LEU H 162 -45.75 -57.00 -66.23
N ARG H 163 -45.08 -57.42 -67.29
CA ARG H 163 -45.36 -56.87 -68.61
C ARG H 163 -46.74 -57.34 -69.04
N ALA H 164 -47.75 -56.49 -68.85
CA ALA H 164 -49.12 -56.84 -69.18
C ALA H 164 -49.35 -56.80 -70.68
N ASP H 165 -50.46 -57.38 -71.11
CA ASP H 165 -50.83 -57.45 -72.53
C ASP H 165 -52.31 -57.18 -72.68
N ARG H 166 -52.78 -57.22 -73.93
CA ARG H 166 -54.22 -57.19 -74.23
C ARG H 166 -54.42 -57.81 -75.60
N TYR H 167 -54.97 -59.01 -75.65
CA TYR H 167 -55.23 -59.70 -76.90
C TYR H 167 -56.72 -59.71 -77.19
N GLU H 168 -57.11 -60.40 -78.26
CA GLU H 168 -58.46 -60.32 -78.80
C GLU H 168 -58.93 -61.70 -79.22
N LEU H 169 -60.20 -62.00 -78.96
CA LEU H 169 -60.80 -63.29 -79.24
C LEU H 169 -61.81 -63.18 -80.38
N ARG H 170 -61.90 -64.22 -81.19
CA ARG H 170 -62.78 -64.21 -82.36
C ARG H 170 -63.24 -65.63 -82.62
N ASN H 171 -64.53 -65.90 -82.43
CA ASN H 171 -65.07 -67.21 -82.75
C ASN H 171 -65.16 -67.36 -84.26
N ALA H 172 -64.23 -68.11 -84.85
CA ALA H 172 -64.22 -68.32 -86.29
C ALA H 172 -65.12 -69.48 -86.71
N ASN H 173 -65.72 -70.18 -85.77
CA ASN H 173 -66.62 -71.28 -86.04
C ASN H 173 -68.05 -70.74 -86.14
N THR H 174 -69.04 -71.63 -86.13
CA THR H 174 -70.42 -71.21 -86.35
C THR H 174 -71.33 -71.33 -85.14
N TRP H 175 -71.10 -72.29 -84.24
CA TRP H 175 -72.00 -72.53 -83.13
C TRP H 175 -71.40 -72.01 -81.82
N GLY H 176 -72.09 -72.33 -80.71
CA GLY H 176 -71.69 -71.88 -79.39
C GLY H 176 -71.12 -73.02 -78.56
N VAL H 177 -70.13 -72.70 -77.74
CA VAL H 177 -69.43 -73.67 -76.90
C VAL H 177 -69.33 -73.11 -75.49
N ALA H 178 -68.62 -73.81 -74.62
CA ALA H 178 -68.35 -73.34 -73.26
C ALA H 178 -66.93 -72.78 -73.17
N LEU H 179 -66.62 -72.19 -72.03
CA LEU H 179 -65.32 -71.57 -71.80
C LEU H 179 -64.78 -71.94 -70.44
N ARG H 180 -63.53 -72.41 -70.41
CA ARG H 180 -62.75 -72.58 -69.19
C ARG H 180 -61.38 -71.96 -69.42
N GLU H 181 -61.06 -70.92 -68.64
CA GLU H 181 -59.93 -70.04 -68.95
C GLU H 181 -58.58 -70.63 -68.60
N GLN H 182 -58.51 -71.94 -68.35
CA GLN H 182 -57.24 -72.64 -68.20
C GLN H 182 -56.70 -73.16 -69.53
N ASP H 183 -57.38 -72.84 -70.64
CA ASP H 183 -56.95 -73.29 -71.95
C ASP H 183 -56.02 -72.32 -72.64
N PHE H 184 -56.03 -71.04 -72.27
CA PHE H 184 -55.20 -70.04 -72.92
C PHE H 184 -53.82 -69.95 -72.30
N TRP H 185 -53.60 -70.60 -71.17
CA TRP H 185 -52.30 -70.44 -70.46
C TRP H 185 -51.13 -70.82 -71.37
N LYS H 186 -50.17 -69.90 -71.59
CA LYS H 186 -48.97 -70.22 -72.40
C LYS H 186 -47.74 -69.90 -71.57
N PRO H 187 -46.87 -70.87 -71.22
CA PRO H 187 -45.76 -70.63 -70.28
C PRO H 187 -45.29 -69.21 -69.94
N GLY H 188 -45.42 -68.83 -68.68
CA GLY H 188 -45.02 -67.49 -68.21
C GLY H 188 -46.22 -66.72 -67.75
N VAL H 189 -47.43 -67.08 -68.21
CA VAL H 189 -48.69 -66.33 -67.92
C VAL H 189 -48.93 -66.30 -66.44
N ARG H 190 -48.99 -65.12 -65.84
CA ARG H 190 -49.28 -64.94 -64.43
C ARG H 190 -50.77 -64.85 -64.13
N ALA H 191 -51.57 -64.28 -65.03
CA ALA H 191 -52.99 -64.12 -64.78
C ALA H 191 -53.71 -63.86 -66.10
N VAL H 192 -54.91 -64.43 -66.22
CA VAL H 192 -55.74 -64.27 -67.41
C VAL H 192 -57.12 -63.82 -66.99
N MET H 193 -57.61 -62.74 -67.60
CA MET H 193 -58.90 -62.17 -67.27
C MET H 193 -59.79 -62.11 -68.51
N PHE H 194 -61.09 -62.33 -68.32
CA PHE H 194 -62.09 -62.18 -69.36
C PHE H 194 -62.92 -60.95 -69.05
N ASP H 195 -62.95 -60.01 -69.99
CA ASP H 195 -63.59 -58.72 -69.75
C ASP H 195 -65.10 -58.79 -69.90
N ASN H 196 -65.58 -59.07 -71.10
CA ASN H 196 -67.00 -59.24 -71.33
C ASN H 196 -67.41 -60.56 -70.70
N ASN H 197 -68.03 -60.49 -69.53
CA ASN H 197 -68.26 -61.67 -68.70
C ASN H 197 -69.26 -62.59 -69.37
N ALA H 198 -68.76 -63.62 -70.04
CA ALA H 198 -69.60 -64.59 -70.72
C ALA H 198 -69.02 -65.99 -70.54
N GLN H 199 -69.90 -66.96 -70.28
CA GLN H 199 -69.49 -68.35 -70.14
C GLN H 199 -69.90 -69.20 -71.34
N THR H 200 -70.26 -68.59 -72.46
CA THR H 200 -70.64 -69.32 -73.65
C THR H 200 -70.33 -68.48 -74.88
N LEU H 201 -70.00 -69.16 -75.97
CA LEU H 201 -69.59 -68.51 -77.20
C LEU H 201 -70.78 -68.24 -78.12
N MET H 202 -70.62 -67.24 -78.98
CA MET H 202 -71.71 -66.78 -79.84
C MET H 202 -71.37 -66.66 -81.32
N GLY H 203 -70.12 -66.40 -81.68
CA GLY H 203 -69.71 -66.21 -83.06
C GLY H 203 -69.12 -64.84 -83.35
N GLY H 204 -69.43 -63.86 -82.49
CA GLY H 204 -68.93 -62.51 -82.66
C GLY H 204 -67.81 -62.23 -81.69
N GLY H 205 -66.65 -61.88 -82.23
CA GLY H 205 -65.48 -61.63 -81.41
C GLY H 205 -65.22 -60.16 -81.12
N ARG H 206 -65.61 -59.72 -79.93
CA ARG H 206 -65.38 -58.34 -79.53
C ARG H 206 -64.92 -58.24 -78.08
N MET H 207 -64.51 -59.36 -77.48
CA MET H 207 -64.04 -59.39 -76.10
C MET H 207 -62.52 -59.50 -76.08
N THR H 208 -61.91 -58.89 -75.07
CA THR H 208 -60.47 -58.92 -74.92
C THR H 208 -60.09 -59.67 -73.65
N VAL H 209 -58.80 -59.97 -73.53
CA VAL H 209 -58.22 -60.57 -72.33
C VAL H 209 -56.95 -59.83 -71.98
N THR H 210 -56.57 -59.92 -70.71
CA THR H 210 -55.36 -59.27 -70.20
C THR H 210 -54.44 -60.36 -69.65
N VAL H 211 -53.39 -60.67 -70.40
CA VAL H 211 -52.45 -61.71 -70.02
C VAL H 211 -51.20 -61.03 -69.49
N ILE H 212 -50.92 -61.24 -68.22
CA ILE H 212 -49.75 -60.68 -67.57
C ILE H 212 -48.59 -61.65 -67.74
N ARG H 213 -47.37 -61.11 -67.74
CA ARG H 213 -46.19 -61.92 -68.02
C ARG H 213 -44.99 -61.30 -67.31
N GLY H 214 -43.96 -62.13 -67.12
CA GLY H 214 -42.73 -61.66 -66.52
C GLY H 214 -41.84 -60.94 -67.52
N ASN H 215 -40.69 -60.48 -67.02
CA ASN H 215 -39.71 -59.73 -67.81
C ASN H 215 -40.33 -58.46 -68.38
N GLY H 216 -40.71 -57.56 -67.47
CA GLY H 216 -41.28 -56.29 -67.85
C GLY H 216 -40.86 -55.19 -66.91
N ALA I 69 -63.24 -30.03 -54.02
CA ALA I 69 -64.23 -29.07 -53.55
C ALA I 69 -64.85 -28.30 -54.71
N THR I 70 -65.02 -28.97 -55.84
CA THR I 70 -65.57 -28.35 -57.04
C THR I 70 -67.08 -28.56 -57.07
N SER I 71 -67.70 -28.29 -58.23
CA SER I 71 -69.12 -28.50 -58.37
C SER I 71 -69.46 -29.99 -58.28
N ALA I 72 -70.62 -30.27 -57.68
CA ALA I 72 -71.07 -31.64 -57.56
C ALA I 72 -71.49 -32.19 -58.91
N VAL I 73 -71.59 -33.52 -58.99
CA VAL I 73 -71.90 -34.16 -60.26
C VAL I 73 -73.39 -34.12 -60.53
N GLU I 74 -73.76 -34.23 -61.80
CA GLU I 74 -75.14 -34.20 -62.23
C GLU I 74 -75.60 -35.61 -62.61
N VAL I 75 -76.91 -35.78 -62.61
CA VAL I 75 -77.55 -37.02 -63.03
C VAL I 75 -78.46 -36.70 -64.21
N PRO I 76 -78.03 -37.02 -65.43
CA PRO I 76 -78.86 -36.70 -66.61
C PRO I 76 -80.14 -37.51 -66.61
N SER I 77 -81.27 -36.80 -66.62
CA SER I 77 -82.56 -37.47 -66.69
C SER I 77 -82.75 -38.10 -68.07
N ALA I 78 -83.77 -38.94 -68.16
CA ALA I 78 -84.06 -39.66 -69.39
C ALA I 78 -84.71 -38.72 -70.40
N SER I 79 -85.31 -39.30 -71.43
CA SER I 79 -86.08 -38.55 -72.41
C SER I 79 -87.44 -39.22 -72.62
N ARG I 80 -88.44 -38.39 -72.90
CA ARG I 80 -89.80 -38.89 -73.11
C ARG I 80 -89.87 -39.89 -74.25
N THR I 157 -94.68 -41.60 -61.78
CA THR I 157 -93.64 -41.08 -60.90
C THR I 157 -92.91 -42.21 -60.19
N VAL I 158 -91.60 -42.34 -60.45
CA VAL I 158 -90.79 -43.41 -59.90
C VAL I 158 -89.60 -42.80 -59.16
N HIS I 159 -89.38 -43.25 -57.93
CA HIS I 159 -88.26 -42.79 -57.14
C HIS I 159 -86.96 -43.39 -57.67
N PRO I 160 -85.82 -42.74 -57.40
CA PRO I 160 -84.56 -43.22 -57.96
C PRO I 160 -84.14 -44.57 -57.39
N GLN I 161 -83.19 -45.19 -58.07
CA GLN I 161 -82.46 -46.33 -57.53
C GLN I 161 -81.06 -46.34 -58.13
N ARG I 162 -80.16 -47.05 -57.48
CA ARG I 162 -78.79 -47.16 -57.96
C ARG I 162 -78.71 -48.10 -59.16
N SER I 163 -77.54 -48.12 -59.79
CA SER I 163 -77.29 -48.94 -60.95
C SER I 163 -76.62 -50.25 -60.57
N ARG I 164 -76.85 -51.28 -61.36
CA ARG I 164 -76.31 -52.60 -61.06
C ARG I 164 -74.79 -52.59 -61.15
N ASP I 165 -74.17 -53.48 -60.37
CA ASP I 165 -72.72 -53.55 -60.34
C ASP I 165 -72.20 -54.54 -61.39
N GLN I 166 -70.91 -54.42 -61.67
CA GLN I 166 -70.21 -55.33 -62.57
C GLN I 166 -68.99 -55.90 -61.85
N ILE I 167 -68.61 -57.11 -62.23
CA ILE I 167 -67.58 -57.86 -61.53
C ILE I 167 -66.58 -58.42 -62.53
N ALA I 168 -65.31 -58.40 -62.13
CA ALA I 168 -64.23 -58.93 -62.96
C ALA I 168 -63.52 -60.03 -62.18
N THR I 169 -63.29 -61.17 -62.83
CA THR I 169 -62.62 -62.31 -62.22
C THR I 169 -61.25 -62.50 -62.86
N VAL I 170 -60.27 -62.87 -62.03
CA VAL I 170 -58.90 -63.05 -62.46
C VAL I 170 -58.49 -64.48 -62.12
N TRP I 171 -57.80 -65.13 -63.05
CA TRP I 171 -57.29 -66.48 -62.85
C TRP I 171 -55.79 -66.39 -62.59
N ILE I 172 -55.37 -66.73 -61.37
CA ILE I 172 -53.97 -66.64 -60.99
C ILE I 172 -53.29 -67.98 -61.28
N ALA I 173 -52.18 -67.92 -62.02
CA ALA I 173 -51.42 -69.11 -62.32
C ALA I 173 -50.75 -69.64 -61.05
N PRO I 174 -50.69 -70.95 -60.85
CA PRO I 174 -50.14 -71.50 -59.61
C PRO I 174 -48.70 -71.05 -59.39
N TRP I 175 -48.38 -70.69 -58.16
CA TRP I 175 -47.07 -70.21 -57.80
C TRP I 175 -46.57 -70.96 -56.57
N VAL I 176 -45.36 -70.61 -56.13
CA VAL I 176 -44.75 -71.22 -54.96
C VAL I 176 -44.32 -70.11 -54.02
N ASP I 177 -44.85 -70.12 -52.82
CA ASP I 177 -44.58 -69.06 -51.86
C ASP I 177 -43.11 -69.03 -51.52
N SER I 178 -42.66 -67.92 -50.93
CA SER I 178 -41.26 -67.80 -50.53
C SER I 178 -40.86 -68.82 -49.48
N ASP I 179 -41.81 -69.38 -48.74
CA ASP I 179 -41.54 -70.37 -47.71
C ASP I 179 -41.87 -71.78 -48.19
N ASN I 180 -41.74 -72.04 -49.49
CA ASN I 180 -41.97 -73.36 -50.08
C ASN I 180 -43.37 -73.88 -49.73
N ALA I 181 -44.37 -73.15 -50.20
CA ALA I 181 -45.77 -73.53 -49.99
C ALA I 181 -46.50 -73.38 -51.32
N PHE I 182 -46.71 -74.49 -52.01
CA PHE I 182 -47.28 -74.45 -53.35
C PHE I 182 -48.74 -74.03 -53.28
N HIS I 183 -49.12 -73.06 -54.09
CA HIS I 183 -50.46 -72.49 -54.07
C HIS I 183 -51.21 -72.84 -55.35
N GLN I 184 -52.51 -73.06 -55.21
CA GLN I 184 -53.42 -73.23 -56.35
C GLN I 184 -54.58 -72.25 -56.17
N PRO I 185 -54.32 -70.95 -56.30
CA PRO I 185 -55.37 -69.97 -56.03
C PRO I 185 -56.51 -70.07 -57.03
N GLY I 186 -57.71 -69.74 -56.56
CA GLY I 186 -58.89 -69.74 -57.39
C GLY I 186 -59.10 -68.42 -58.09
N ARG I 187 -60.27 -68.27 -58.70
CA ARG I 187 -60.61 -67.08 -59.48
C ARG I 187 -61.09 -66.00 -58.51
N VAL I 188 -60.27 -64.98 -58.33
CA VAL I 188 -60.63 -63.86 -57.46
C VAL I 188 -61.46 -62.85 -58.24
N SER I 189 -62.59 -62.45 -57.66
CA SER I 189 -63.52 -61.51 -58.28
C SER I 189 -63.55 -60.22 -57.46
N PHE I 190 -63.32 -59.09 -58.14
CA PHE I 190 -63.25 -57.80 -57.46
C PHE I 190 -64.15 -56.80 -58.16
N VAL I 191 -64.65 -55.83 -57.39
CA VAL I 191 -65.50 -54.78 -57.94
C VAL I 191 -64.61 -53.68 -58.52
N VAL I 192 -65.01 -53.16 -59.68
CA VAL I 192 -64.18 -52.22 -60.41
C VAL I 192 -64.74 -50.79 -60.40
N SER I 193 -66.05 -50.62 -60.29
CA SER I 193 -66.64 -49.29 -60.26
C SER I 193 -67.86 -49.30 -59.36
N PRO I 194 -68.03 -48.28 -58.53
CA PRO I 194 -69.19 -48.25 -57.64
C PRO I 194 -70.45 -47.85 -58.38
N ALA I 195 -71.60 -48.14 -57.76
CA ALA I 195 -72.88 -47.81 -58.34
C ALA I 195 -73.09 -46.30 -58.36
N ASP I 196 -73.92 -45.84 -59.29
CA ASP I 196 -74.20 -44.43 -59.48
C ASP I 196 -75.70 -44.19 -59.57
N TRP I 197 -76.15 -43.06 -59.03
CA TRP I 197 -77.56 -42.74 -59.01
C TRP I 197 -78.08 -42.53 -60.43
N VAL I 198 -79.29 -43.04 -60.69
CA VAL I 198 -79.89 -42.94 -62.03
C VAL I 198 -81.40 -42.89 -61.90
N LEU I 199 -82.05 -42.19 -62.84
CA LEU I 199 -83.50 -42.11 -62.89
C LEU I 199 -84.04 -43.12 -63.89
N PRO I 200 -85.05 -43.91 -63.52
CA PRO I 200 -85.58 -44.91 -64.46
C PRO I 200 -86.47 -44.27 -65.50
N ALA I 201 -86.24 -44.63 -66.76
CA ALA I 201 -87.06 -44.13 -67.87
C ALA I 201 -88.36 -44.94 -67.94
N ARG I 202 -89.08 -44.94 -66.83
CA ARG I 202 -90.33 -45.68 -66.73
C ARG I 202 -91.43 -44.89 -67.44
N VAL I 203 -92.68 -45.24 -67.17
CA VAL I 203 -93.79 -44.44 -67.69
C VAL I 203 -94.09 -43.33 -66.70
N ASN I 204 -93.34 -42.23 -66.80
CA ASN I 204 -93.43 -41.15 -65.83
C ASN I 204 -94.47 -40.13 -66.25
N VAL J 158 -27.48 -100.70 -54.52
CA VAL J 158 -26.41 -100.65 -53.53
C VAL J 158 -26.17 -99.19 -53.14
N HIS J 159 -26.64 -98.27 -53.99
CA HIS J 159 -26.50 -96.85 -53.72
C HIS J 159 -27.40 -96.43 -52.56
N PRO J 160 -27.02 -95.39 -51.82
CA PRO J 160 -27.85 -94.91 -50.71
C PRO J 160 -28.94 -93.99 -51.22
N GLN J 161 -30.19 -94.47 -51.18
CA GLN J 161 -31.32 -93.73 -51.72
C GLN J 161 -31.84 -92.73 -50.69
N ARG J 162 -32.99 -92.13 -50.97
CA ARG J 162 -33.65 -91.20 -50.08
C ARG J 162 -34.92 -91.82 -49.51
N SER J 163 -35.69 -91.01 -48.79
CA SER J 163 -37.02 -91.34 -48.33
C SER J 163 -38.04 -90.45 -49.03
N ARG J 164 -39.20 -91.01 -49.33
CA ARG J 164 -40.24 -90.26 -50.03
C ARG J 164 -40.87 -89.24 -49.08
N ASP J 165 -41.21 -88.07 -49.63
CA ASP J 165 -41.68 -86.96 -48.83
C ASP J 165 -43.11 -87.20 -48.35
N GLN J 166 -43.55 -86.31 -47.46
CA GLN J 166 -44.91 -86.32 -46.92
C GLN J 166 -45.51 -84.93 -47.05
N ILE J 167 -46.71 -84.84 -47.61
CA ILE J 167 -47.35 -83.57 -47.87
C ILE J 167 -48.79 -83.62 -47.41
N ALA J 168 -49.43 -82.46 -47.30
CA ALA J 168 -50.86 -82.37 -46.99
C ALA J 168 -51.41 -81.15 -47.70
N THR J 169 -52.53 -81.31 -48.39
CA THR J 169 -53.10 -80.26 -49.22
C THR J 169 -54.37 -79.74 -48.55
N VAL J 170 -54.36 -78.47 -48.18
CA VAL J 170 -55.50 -77.84 -47.52
C VAL J 170 -56.48 -77.39 -48.58
N TRP J 171 -57.74 -77.24 -48.19
CA TRP J 171 -58.81 -76.76 -49.06
C TRP J 171 -59.41 -75.51 -48.43
N ILE J 172 -59.20 -74.36 -49.05
CA ILE J 172 -59.59 -73.08 -48.46
C ILE J 172 -60.99 -72.71 -48.94
N ALA J 173 -61.95 -72.69 -48.01
CA ALA J 173 -63.32 -72.39 -48.34
C ALA J 173 -63.47 -70.91 -48.73
N PRO J 174 -64.54 -70.56 -49.45
CA PRO J 174 -64.70 -69.18 -49.92
C PRO J 174 -64.63 -68.17 -48.78
N TRP J 175 -63.84 -67.11 -48.99
CA TRP J 175 -63.65 -66.05 -47.96
C TRP J 175 -63.55 -64.69 -48.64
N VAL J 176 -63.95 -63.61 -47.98
CA VAL J 176 -63.87 -62.23 -48.56
C VAL J 176 -62.61 -61.58 -48.03
N ASP J 177 -62.01 -60.68 -48.80
CA ASP J 177 -60.70 -60.11 -48.41
C ASP J 177 -60.88 -58.94 -47.46
N SER J 178 -59.81 -58.22 -47.20
CA SER J 178 -59.91 -56.99 -46.37
C SER J 178 -60.09 -55.82 -47.34
N ASP J 179 -59.97 -56.06 -48.64
CA ASP J 179 -60.21 -55.02 -49.67
C ASP J 179 -61.33 -55.50 -50.58
N ASN J 180 -62.40 -56.02 -50.00
CA ASN J 180 -63.56 -56.56 -50.76
C ASN J 180 -63.19 -57.25 -52.07
N ALA J 181 -62.80 -58.53 -52.03
CA ALA J 181 -62.57 -59.31 -53.26
C ALA J 181 -62.89 -60.76 -52.91
N PHE J 182 -64.03 -61.30 -53.35
CA PHE J 182 -64.44 -62.66 -52.95
C PHE J 182 -63.45 -63.65 -53.53
N HIS J 183 -62.66 -64.33 -52.69
CA HIS J 183 -61.74 -65.39 -53.17
C HIS J 183 -62.50 -66.72 -53.14
N GLN J 184 -62.55 -67.43 -54.26
CA GLN J 184 -63.35 -68.67 -54.36
C GLN J 184 -62.56 -69.86 -53.81
N PRO J 185 -63.12 -71.08 -53.63
CA PRO J 185 -62.40 -72.18 -52.99
C PRO J 185 -61.06 -72.48 -53.67
N GLY J 186 -60.06 -72.95 -52.92
CA GLY J 186 -58.73 -73.16 -53.55
C GLY J 186 -57.88 -74.14 -52.77
N ARG J 187 -56.64 -74.45 -53.17
CA ARG J 187 -55.84 -75.44 -52.47
C ARG J 187 -54.46 -74.86 -52.20
N VAL J 188 -53.92 -75.19 -51.04
CA VAL J 188 -52.54 -74.85 -50.70
C VAL J 188 -51.87 -76.10 -50.13
N SER J 189 -50.65 -76.37 -50.58
CA SER J 189 -49.95 -77.59 -50.22
C SER J 189 -48.63 -77.25 -49.53
N PHE J 190 -48.21 -78.13 -48.63
CA PHE J 190 -47.01 -77.91 -47.83
C PHE J 190 -46.46 -79.26 -47.40
N VAL J 191 -45.18 -79.26 -47.03
CA VAL J 191 -44.48 -80.48 -46.62
C VAL J 191 -44.37 -80.52 -45.11
N VAL J 192 -44.50 -81.71 -44.53
CA VAL J 192 -44.50 -81.89 -43.09
C VAL J 192 -43.21 -82.53 -42.59
N SER J 193 -42.76 -83.59 -43.23
CA SER J 193 -41.59 -84.36 -42.80
C SER J 193 -40.59 -84.42 -43.94
N PRO J 194 -39.66 -83.49 -43.99
CA PRO J 194 -38.72 -83.44 -45.13
C PRO J 194 -37.89 -84.72 -45.24
N ALA J 195 -37.52 -85.05 -46.47
CA ALA J 195 -36.79 -86.29 -46.74
C ALA J 195 -35.39 -86.27 -46.14
N ASP J 196 -34.99 -87.42 -45.58
CA ASP J 196 -33.66 -87.64 -45.03
C ASP J 196 -33.18 -89.04 -45.41
N TRP J 197 -31.86 -89.24 -45.37
CA TRP J 197 -31.29 -90.50 -45.80
C TRP J 197 -31.83 -91.66 -44.97
N VAL J 198 -32.14 -92.76 -45.65
CA VAL J 198 -32.59 -93.97 -45.00
C VAL J 198 -31.36 -94.69 -44.44
N LEU J 199 -31.42 -95.06 -43.17
CA LEU J 199 -30.27 -95.74 -42.58
C LEU J 199 -30.32 -97.24 -42.86
N PRO J 200 -29.35 -97.77 -43.62
CA PRO J 200 -29.41 -99.17 -44.03
C PRO J 200 -29.32 -100.12 -42.85
N ALA J 201 -30.00 -101.26 -42.99
CA ALA J 201 -29.98 -102.31 -41.98
C ALA J 201 -29.17 -103.53 -42.43
N ARG J 202 -28.64 -103.50 -43.65
CA ARG J 202 -27.83 -104.59 -44.18
C ARG J 202 -26.55 -104.00 -44.75
N VAL J 203 -25.41 -104.55 -44.36
CA VAL J 203 -24.12 -104.13 -44.91
C VAL J 203 -23.29 -105.35 -45.26
N PRO K 1 -83.47 -47.56 10.54
CA PRO K 1 -84.69 -48.33 10.30
C PRO K 1 -85.14 -48.36 8.84
N GLY K 2 -84.41 -47.69 7.96
CA GLY K 2 -84.76 -47.73 6.55
C GLY K 2 -83.62 -47.51 5.57
N MET K 3 -82.38 -47.40 6.05
CA MET K 3 -81.27 -47.03 5.18
C MET K 3 -80.91 -48.20 4.24
N MET K 4 -80.13 -47.88 3.21
CA MET K 4 -79.84 -48.81 2.12
C MET K 4 -78.44 -49.39 2.26
N ASP K 5 -78.10 -50.27 1.31
CA ASP K 5 -76.80 -50.95 1.25
C ASP K 5 -76.18 -50.65 -0.11
N SER K 6 -75.63 -49.46 -0.26
CA SER K 6 -75.17 -48.99 -1.56
C SER K 6 -73.65 -49.12 -1.62
N GLN K 7 -73.14 -49.57 -2.76
CA GLN K 7 -71.71 -49.77 -2.94
C GLN K 7 -71.33 -49.46 -4.38
N GLU K 8 -70.07 -49.04 -4.57
CA GLU K 8 -69.52 -48.81 -5.89
C GLU K 8 -68.20 -49.54 -6.01
N PHE K 9 -68.02 -50.25 -7.12
CA PHE K 9 -66.80 -51.00 -7.37
C PHE K 9 -65.93 -50.21 -8.34
N SER K 10 -64.70 -49.91 -7.92
CA SER K 10 -63.73 -49.21 -8.74
C SER K 10 -64.27 -47.90 -9.29
N ALA L 1 -88.03 -58.19 -15.56
CA ALA L 1 -89.14 -58.85 -16.21
C ALA L 1 -89.98 -57.86 -16.99
N GLN L 2 -90.93 -57.29 -16.28
CA GLN L 2 -91.97 -56.45 -16.87
C GLN L 2 -91.34 -55.22 -17.50
N SER L 3 -92.02 -54.66 -18.49
CA SER L 3 -91.65 -53.32 -18.94
C SER L 3 -91.86 -52.34 -17.80
N PRO L 4 -90.99 -51.34 -17.65
CA PRO L 4 -91.21 -50.33 -16.62
C PRO L 4 -92.55 -49.64 -16.82
N ALA L 5 -93.24 -49.36 -15.72
CA ALA L 5 -94.53 -48.69 -15.79
C ALA L 5 -94.32 -47.25 -16.25
N THR L 6 -94.96 -46.88 -17.36
CA THR L 6 -94.72 -45.61 -18.02
C THR L 6 -95.91 -44.68 -17.80
N ILE L 7 -95.62 -43.38 -17.69
CA ILE L 7 -96.61 -42.36 -17.37
C ILE L 7 -96.34 -41.11 -18.20
N SER L 8 -97.30 -40.19 -18.19
CA SER L 8 -97.26 -39.03 -19.08
C SER L 8 -96.62 -37.80 -18.42
N LEU L 9 -97.23 -37.27 -17.37
CA LEU L 9 -96.65 -36.17 -16.58
C LEU L 9 -96.20 -34.96 -17.38
N PRO L 10 -97.11 -34.06 -17.80
CA PRO L 10 -96.67 -32.77 -18.33
C PRO L 10 -95.82 -32.00 -17.32
N GLN L 11 -95.26 -30.85 -17.72
CA GLN L 11 -94.33 -30.11 -16.86
C GLN L 11 -95.06 -29.69 -15.59
N GLY L 12 -94.74 -30.32 -14.48
CA GLY L 12 -95.41 -30.04 -13.23
C GLY L 12 -96.71 -30.77 -13.02
N GLY L 13 -96.84 -31.99 -13.52
CA GLY L 13 -98.06 -32.73 -13.34
C GLY L 13 -98.09 -33.54 -12.07
N GLN L 14 -99.26 -34.14 -11.82
CA GLN L 14 -99.48 -35.04 -10.70
C GLN L 14 -99.88 -36.41 -11.23
N PHE L 15 -99.42 -37.46 -10.56
CA PHE L 15 -99.85 -38.81 -10.90
C PHE L 15 -99.97 -39.63 -9.63
N ARG L 16 -101.03 -40.42 -9.54
CA ARG L 16 -101.29 -41.25 -8.37
C ARG L 16 -100.70 -42.64 -8.60
N LEU L 17 -99.78 -43.05 -7.74
CA LEU L 17 -99.10 -44.33 -7.87
C LEU L 17 -99.02 -44.96 -6.48
N SER L 18 -98.27 -46.05 -6.36
CA SER L 18 -98.08 -46.72 -5.08
C SER L 18 -96.64 -47.18 -4.96
N ILE L 19 -96.08 -47.05 -3.76
CA ILE L 19 -94.72 -47.49 -3.47
C ILE L 19 -94.76 -48.44 -2.27
N SER L 20 -93.63 -49.08 -2.02
CA SER L 20 -93.50 -50.10 -0.99
C SER L 20 -92.61 -49.61 0.13
N ASN L 21 -93.03 -49.88 1.37
CA ASN L 21 -92.29 -49.42 2.55
C ASN L 21 -91.09 -50.30 2.88
N THR L 22 -91.07 -51.55 2.44
CA THR L 22 -89.85 -52.32 2.32
C THR L 22 -89.25 -52.01 0.95
N ASP L 23 -88.27 -52.80 0.52
CA ASP L 23 -88.03 -52.93 -0.91
C ASP L 23 -87.82 -51.61 -1.63
N PRO L 24 -86.64 -50.99 -1.56
CA PRO L 24 -86.50 -49.62 -2.05
C PRO L 24 -86.93 -49.48 -3.50
N ASN L 25 -87.46 -48.32 -3.84
CA ASN L 25 -88.03 -48.09 -5.15
C ASN L 25 -87.05 -47.32 -6.03
N MET L 26 -87.44 -47.09 -7.27
CA MET L 26 -86.63 -46.29 -8.19
C MET L 26 -87.54 -45.57 -9.16
N ILE L 27 -87.30 -44.28 -9.34
CA ILE L 27 -87.90 -43.48 -10.40
C ILE L 27 -86.77 -42.91 -11.23
N PHE L 28 -86.82 -43.12 -12.54
CA PHE L 28 -85.77 -42.63 -13.41
C PHE L 28 -86.37 -42.01 -14.67
N ILE L 29 -85.62 -41.09 -15.25
CA ILE L 29 -86.05 -40.31 -16.40
C ILE L 29 -85.13 -40.63 -17.58
N PRO L 30 -85.66 -41.06 -18.72
CA PRO L 30 -84.82 -41.23 -19.91
C PRO L 30 -84.54 -39.89 -20.59
N GLY L 31 -83.29 -39.71 -21.00
CA GLY L 31 -82.87 -38.47 -21.62
C GLY L 31 -82.34 -37.43 -20.68
N ASP L 32 -82.40 -37.65 -19.37
CA ASP L 32 -81.98 -36.68 -18.36
C ASP L 32 -81.39 -37.43 -17.17
N LYS L 33 -80.98 -36.67 -16.15
CA LYS L 33 -80.54 -37.26 -14.90
C LYS L 33 -81.10 -36.44 -13.74
N VAL L 34 -81.70 -37.13 -12.76
CA VAL L 34 -82.33 -36.46 -11.63
C VAL L 34 -81.25 -35.94 -10.69
N THR L 35 -81.35 -34.67 -10.33
CA THR L 35 -80.37 -34.04 -9.46
C THR L 35 -80.94 -33.59 -8.12
N ALA L 36 -82.25 -33.69 -7.92
CA ALA L 36 -82.84 -33.28 -6.66
C ALA L 36 -84.12 -34.05 -6.42
N ILE L 37 -84.46 -34.22 -5.14
CA ILE L 37 -85.74 -34.77 -4.74
C ILE L 37 -86.03 -34.32 -3.31
N THR L 38 -87.23 -33.82 -3.08
CA THR L 38 -87.64 -33.35 -1.75
C THR L 38 -89.07 -33.79 -1.53
N ALA L 39 -89.29 -34.78 -0.67
CA ALA L 39 -90.59 -35.40 -0.49
C ALA L 39 -90.98 -35.42 0.98
N PRO L 40 -91.25 -34.26 1.56
CA PRO L 40 -91.76 -34.26 2.93
C PRO L 40 -93.23 -34.65 2.93
N GLY L 41 -93.86 -34.60 4.10
CA GLY L 41 -95.18 -35.14 4.28
C GLY L 41 -95.19 -36.50 4.94
N GLY L 42 -94.27 -37.38 4.56
CA GLY L 42 -94.18 -38.70 5.15
C GLY L 42 -92.79 -39.08 5.59
N MET L 43 -91.81 -38.23 5.26
CA MET L 43 -90.44 -38.35 5.75
C MET L 43 -89.82 -39.70 5.37
N LEU L 44 -89.59 -39.86 4.07
CA LEU L 44 -88.90 -41.03 3.54
C LEU L 44 -87.56 -41.25 4.26
N ALA L 45 -87.11 -42.49 4.26
CA ALA L 45 -85.93 -42.87 5.03
C ALA L 45 -84.67 -42.20 4.47
N ASP L 46 -84.33 -42.48 3.22
CA ASP L 46 -83.12 -41.94 2.64
C ASP L 46 -83.26 -41.84 1.13
N LYS L 47 -82.36 -41.06 0.53
CA LYS L 47 -82.31 -40.87 -0.91
C LYS L 47 -80.88 -41.13 -1.38
N ARG L 48 -80.75 -41.65 -2.60
CA ARG L 48 -79.44 -42.00 -3.13
C ARG L 48 -79.49 -41.86 -4.64
N LEU L 49 -78.69 -40.94 -5.19
CA LEU L 49 -78.70 -40.65 -6.62
C LEU L 49 -77.70 -41.56 -7.32
N THR L 50 -78.20 -42.41 -8.21
CA THR L 50 -77.36 -43.36 -8.91
C THR L 50 -76.54 -42.65 -9.98
N THR L 51 -75.78 -43.43 -10.74
CA THR L 51 -74.98 -42.87 -11.82
C THR L 51 -75.70 -42.89 -13.16
N ALA L 52 -76.68 -43.78 -13.34
CA ALA L 52 -77.45 -43.78 -14.58
C ALA L 52 -78.22 -42.48 -14.75
N GLY L 53 -78.80 -41.97 -13.67
CA GLY L 53 -79.59 -40.76 -13.73
C GLY L 53 -80.92 -40.91 -13.01
N GLY L 54 -81.07 -41.98 -12.24
CA GLY L 54 -82.24 -42.20 -11.43
C GLY L 54 -82.02 -41.79 -9.98
N VAL L 55 -83.06 -42.00 -9.17
CA VAL L 55 -83.00 -41.72 -7.74
C VAL L 55 -83.60 -42.88 -6.98
N LEU L 56 -82.90 -43.35 -5.96
CA LEU L 56 -83.35 -44.45 -5.12
C LEU L 56 -83.80 -43.92 -3.78
N PHE L 57 -84.89 -44.46 -3.26
CA PHE L 57 -85.47 -44.01 -2.02
C PHE L 57 -86.20 -45.16 -1.36
N THR L 58 -86.73 -44.90 -0.17
CA THR L 58 -87.58 -45.87 0.49
C THR L 58 -88.32 -45.19 1.64
N SER L 59 -89.60 -45.49 1.76
CA SER L 59 -90.43 -44.92 2.81
C SER L 59 -90.67 -45.96 3.89
N VAL L 60 -91.00 -45.47 5.09
CA VAL L 60 -91.46 -46.32 6.17
C VAL L 60 -92.78 -45.85 6.76
N ALA L 61 -93.35 -44.77 6.27
CA ALA L 61 -94.61 -44.26 6.78
C ALA L 61 -95.75 -45.16 6.33
N THR L 62 -96.98 -44.75 6.66
CA THR L 62 -98.16 -45.55 6.34
C THR L 62 -99.30 -44.70 5.79
N ARG L 63 -98.99 -43.54 5.21
CA ARG L 63 -100.04 -42.67 4.70
C ARG L 63 -99.58 -42.01 3.41
N THR L 64 -100.53 -41.42 2.71
CA THR L 64 -100.28 -40.81 1.41
C THR L 64 -99.61 -39.45 1.56
N PHE L 65 -98.58 -39.22 0.75
CA PHE L 65 -97.85 -37.97 0.80
C PHE L 65 -97.53 -37.54 -0.63
N THR L 66 -96.58 -36.63 -0.78
CA THR L 66 -96.23 -36.05 -2.07
C THR L 66 -94.73 -36.02 -2.25
N ILE L 67 -94.28 -36.39 -3.44
CA ILE L 67 -92.85 -36.45 -3.78
C ILE L 67 -92.60 -35.54 -4.96
N PHE L 68 -91.64 -34.64 -4.82
CA PHE L 68 -91.26 -33.71 -5.88
C PHE L 68 -89.90 -34.11 -6.44
N VAL L 69 -89.89 -34.61 -7.67
CA VAL L 69 -88.65 -34.99 -8.33
C VAL L 69 -88.28 -33.92 -9.32
N GLU L 70 -87.04 -33.44 -9.25
CA GLU L 70 -86.58 -32.33 -10.07
C GLU L 70 -85.37 -32.76 -10.87
N THR L 71 -85.32 -32.33 -12.12
CA THR L 71 -84.34 -32.77 -13.07
C THR L 71 -83.24 -31.72 -13.19
N ALA L 72 -82.29 -31.94 -14.11
CA ALA L 72 -81.19 -31.02 -14.34
C ALA L 72 -81.47 -30.00 -15.43
N LEU L 73 -82.34 -30.31 -16.38
CA LEU L 73 -82.67 -29.41 -17.47
C LEU L 73 -83.88 -28.54 -17.17
N GLY L 74 -84.10 -28.20 -15.90
CA GLY L 74 -85.25 -27.41 -15.54
C GLY L 74 -86.56 -28.12 -15.81
N GLN L 75 -86.66 -29.35 -15.33
CA GLN L 75 -87.89 -30.12 -15.38
C GLN L 75 -88.30 -30.46 -13.95
N THR L 76 -89.57 -30.26 -13.62
CA THR L 76 -90.07 -30.54 -12.29
C THR L 76 -91.40 -31.28 -12.40
N PHE L 77 -91.48 -32.44 -11.74
CA PHE L 77 -92.67 -33.27 -11.75
C PHE L 77 -93.15 -33.47 -10.32
N SER L 78 -94.22 -34.24 -10.17
CA SER L 78 -94.77 -34.50 -8.85
C SER L 78 -95.54 -35.80 -8.88
N VAL L 79 -95.26 -36.68 -7.92
CA VAL L 79 -95.92 -37.97 -7.85
C VAL L 79 -96.50 -38.14 -6.45
N VAL L 80 -97.75 -38.55 -6.37
CA VAL L 80 -98.44 -38.76 -5.11
C VAL L 80 -98.33 -40.25 -4.79
N ALA L 81 -97.47 -40.59 -3.83
CA ALA L 81 -97.19 -41.97 -3.52
C ALA L 81 -98.20 -42.54 -2.55
N THR L 82 -98.08 -43.83 -2.27
CA THR L 82 -98.85 -44.50 -1.24
C THR L 82 -98.13 -45.77 -0.79
N PRO L 83 -97.62 -45.82 0.43
CA PRO L 83 -96.91 -47.03 0.87
C PRO L 83 -97.82 -48.25 0.90
N VAL L 84 -97.27 -49.39 0.44
CA VAL L 84 -97.95 -50.68 0.46
C VAL L 84 -96.98 -51.74 0.94
N LYS L 85 -97.38 -53.01 0.87
CA LYS L 85 -96.65 -54.11 1.49
C LYS L 85 -95.23 -54.33 0.95
N GLY L 86 -95.08 -54.73 -0.30
CA GLY L 86 -93.77 -55.10 -0.77
C GLY L 86 -93.64 -55.19 -2.28
N GLU L 87 -92.59 -55.89 -2.72
CA GLU L 87 -92.22 -56.04 -4.13
C GLU L 87 -91.94 -54.68 -4.77
N GLY L 88 -90.81 -54.10 -4.33
CA GLY L 88 -90.38 -52.78 -4.78
C GLY L 88 -90.51 -52.55 -6.27
N ARG L 89 -90.79 -51.32 -6.67
CA ARG L 89 -91.26 -51.03 -8.02
C ARG L 89 -90.34 -50.04 -8.72
N VAL L 90 -90.38 -50.07 -10.05
CA VAL L 90 -89.60 -49.17 -10.89
C VAL L 90 -90.55 -48.50 -11.87
N TYR L 91 -90.54 -47.17 -11.89
CA TYR L 91 -91.36 -46.37 -12.79
C TYR L 91 -90.49 -45.59 -13.75
N ARG L 92 -91.11 -45.15 -14.85
CA ARG L 92 -90.44 -44.35 -15.85
C ARG L 92 -91.22 -43.06 -16.06
N LEU L 93 -90.50 -41.94 -16.10
CA LEU L 93 -91.07 -40.63 -16.37
C LEU L 93 -90.81 -40.30 -17.83
N MET L 94 -91.69 -39.51 -18.43
CA MET L 94 -91.52 -39.22 -19.84
C MET L 94 -92.21 -37.90 -20.13
N SER L 95 -91.43 -36.82 -20.14
CA SER L 95 -91.98 -35.48 -20.21
C SER L 95 -92.75 -35.28 -21.51
N ALA L 96 -93.97 -34.79 -21.39
CA ALA L 96 -94.76 -34.49 -22.58
C ALA L 96 -94.39 -33.16 -23.20
N GLU L 97 -93.70 -32.30 -22.47
CA GLU L 97 -93.20 -31.03 -23.00
C GLU L 97 -91.69 -31.07 -23.04
N PRO L 98 -91.07 -31.16 -24.22
CA PRO L 98 -89.62 -31.32 -24.28
C PRO L 98 -88.92 -30.12 -23.66
N PRO L 99 -87.78 -30.33 -23.01
CA PRO L 99 -87.03 -29.22 -22.42
C PRO L 99 -86.18 -28.47 -23.45
N SER L 100 -85.34 -27.56 -22.99
CA SER L 100 -84.47 -26.77 -23.86
C SER L 100 -83.02 -27.14 -23.60
N ARG L 101 -82.29 -27.47 -24.66
CA ARG L 101 -80.89 -27.89 -24.58
C ARG L 101 -80.07 -27.03 -25.53
N PRO L 102 -79.52 -25.92 -25.05
CA PRO L 102 -78.77 -25.01 -25.95
C PRO L 102 -77.58 -25.67 -26.64
N GLU L 103 -77.01 -26.72 -26.05
CA GLU L 103 -75.98 -27.47 -26.75
C GLU L 103 -76.52 -28.06 -28.05
N THR L 104 -77.73 -28.63 -27.99
CA THR L 104 -78.36 -29.11 -29.21
C THR L 104 -78.72 -27.96 -30.14
N ARG L 105 -79.02 -26.79 -29.59
CA ARG L 105 -79.26 -25.62 -30.43
C ARG L 105 -78.05 -25.32 -31.30
N LYS L 106 -76.87 -25.21 -30.69
CA LYS L 106 -75.68 -24.91 -31.48
C LYS L 106 -75.29 -26.06 -32.38
N TRP L 107 -75.50 -27.31 -31.95
CA TRP L 107 -75.21 -28.44 -32.82
C TRP L 107 -76.10 -28.43 -34.06
N GLU L 108 -77.39 -28.10 -33.89
CA GLU L 108 -78.30 -28.10 -35.02
C GLU L 108 -78.02 -26.93 -35.96
N THR L 109 -77.82 -25.74 -35.41
CA THR L 109 -77.55 -24.59 -36.27
C THR L 109 -76.17 -24.64 -36.89
N ALA L 110 -75.28 -25.51 -36.39
CA ALA L 110 -73.95 -25.59 -36.96
C ALA L 110 -73.98 -26.06 -38.41
N GLN L 111 -74.80 -27.04 -38.72
CA GLN L 111 -74.79 -27.66 -40.03
C GLN L 111 -75.94 -27.13 -40.89
N ALA L 112 -76.11 -27.70 -42.07
CA ALA L 112 -77.12 -27.25 -43.02
C ALA L 112 -78.49 -27.74 -42.59
N TYR L 113 -79.48 -27.62 -43.46
CA TYR L 113 -80.83 -28.07 -43.15
C TYR L 113 -81.13 -29.44 -43.70
N GLU L 114 -80.93 -29.65 -45.00
CA GLU L 114 -81.28 -30.94 -45.59
C GLU L 114 -80.37 -32.05 -45.09
N LYS L 115 -79.07 -31.79 -44.94
CA LYS L 115 -78.22 -32.81 -44.34
C LYS L 115 -78.60 -33.07 -42.90
N LEU L 116 -79.17 -32.07 -42.22
CA LEU L 116 -79.63 -32.28 -40.85
C LEU L 116 -80.85 -33.20 -40.82
N LEU L 117 -81.80 -32.97 -41.71
CA LEU L 117 -82.94 -33.88 -41.81
C LEU L 117 -82.48 -35.28 -42.13
N ILE L 118 -81.47 -35.42 -43.01
CA ILE L 118 -80.95 -36.75 -43.33
C ILE L 118 -80.28 -37.39 -42.13
N SER L 119 -79.53 -36.62 -41.35
CA SER L 119 -78.90 -37.16 -40.15
C SER L 119 -79.94 -37.72 -39.18
N LEU L 120 -80.95 -36.91 -38.86
CA LEU L 120 -82.00 -37.39 -37.97
C LEU L 120 -82.74 -38.59 -38.56
N ASN L 121 -83.00 -38.59 -39.87
CA ASN L 121 -83.73 -39.69 -40.48
C ASN L 121 -82.95 -40.99 -40.38
N ARG L 122 -81.66 -40.96 -40.68
CA ARG L 122 -80.89 -42.20 -40.60
C ARG L 122 -80.71 -42.63 -39.15
N ALA L 123 -80.62 -41.68 -38.22
CA ALA L 123 -80.52 -42.06 -36.81
C ALA L 123 -81.82 -42.70 -36.31
N VAL L 124 -82.96 -42.30 -36.88
CA VAL L 124 -84.20 -42.99 -36.55
C VAL L 124 -84.24 -44.37 -37.17
N LEU L 125 -83.82 -44.49 -38.43
CA LEU L 125 -83.89 -45.78 -39.13
C LEU L 125 -82.98 -46.82 -38.49
N THR L 126 -81.70 -46.47 -38.32
CA THR L 126 -80.76 -47.46 -37.79
C THR L 126 -81.00 -47.72 -36.30
N GLY L 127 -80.94 -46.67 -35.49
CA GLY L 127 -81.20 -46.81 -34.07
C GLY L 127 -80.31 -45.97 -33.19
N ASP L 128 -79.15 -45.56 -33.71
CA ASP L 128 -78.20 -44.78 -32.93
C ASP L 128 -78.68 -43.34 -32.84
N ILE L 129 -79.42 -43.04 -31.78
CA ILE L 129 -79.88 -41.67 -31.55
C ILE L 129 -78.68 -40.76 -31.29
N PRO L 130 -78.62 -39.56 -31.88
CA PRO L 130 -77.49 -38.67 -31.62
C PRO L 130 -77.38 -38.33 -30.14
N ASP L 131 -76.22 -37.79 -29.77
CA ASP L 131 -76.01 -37.33 -28.40
C ASP L 131 -76.66 -35.96 -28.26
N GLY L 132 -77.47 -35.80 -27.23
CA GLY L 132 -78.21 -34.58 -27.00
C GLY L 132 -79.69 -34.68 -27.29
N TYR L 133 -80.16 -35.78 -27.87
CA TYR L 133 -81.56 -35.96 -28.18
C TYR L 133 -82.21 -36.86 -27.16
N GLY L 134 -83.28 -36.38 -26.54
CA GLY L 134 -83.95 -37.10 -25.48
C GLY L 134 -84.96 -38.09 -26.01
N GLU L 135 -85.97 -38.36 -25.19
CA GLU L 135 -87.04 -39.27 -25.54
C GLU L 135 -88.30 -38.76 -24.84
N VAL L 136 -89.21 -38.19 -25.63
CA VAL L 136 -90.39 -37.52 -25.09
C VAL L 136 -91.64 -38.26 -25.55
N LYS L 137 -92.76 -37.90 -24.94
CA LYS L 137 -93.98 -38.66 -25.15
C LYS L 137 -94.44 -38.54 -26.59
N PRO L 138 -94.79 -39.65 -27.26
CA PRO L 138 -95.21 -39.58 -28.66
C PRO L 138 -96.57 -38.90 -28.74
N LEU L 139 -96.62 -37.78 -29.46
CA LEU L 139 -97.85 -37.01 -29.57
C LEU L 139 -98.82 -37.68 -30.52
N SER L 140 -100.07 -37.80 -30.11
CA SER L 140 -101.10 -38.28 -31.00
C SER L 140 -101.42 -37.22 -32.06
N ASP L 141 -102.25 -37.61 -33.02
CA ASP L 141 -102.81 -36.77 -34.08
C ASP L 141 -101.86 -35.67 -34.57
N GLY L 142 -100.64 -36.04 -34.91
CA GLY L 142 -99.68 -35.15 -35.53
C GLY L 142 -99.61 -35.25 -37.05
N ILE L 143 -100.48 -36.05 -37.67
CA ILE L 143 -100.52 -36.18 -39.13
C ILE L 143 -101.98 -36.27 -39.57
N ARG L 144 -102.21 -36.14 -40.87
CA ARG L 144 -103.54 -36.24 -41.44
C ARG L 144 -103.94 -37.71 -41.59
N LEU L 145 -105.21 -37.93 -41.91
CA LEU L 145 -105.76 -39.26 -42.18
C LEU L 145 -106.53 -39.25 -43.48
N PRO L 146 -105.87 -39.47 -44.61
CA PRO L 146 -106.54 -39.48 -45.93
C PRO L 146 -107.18 -40.82 -46.23
N GLY L 147 -108.37 -41.03 -45.70
CA GLY L 147 -109.09 -42.29 -45.83
C GLY L 147 -109.22 -42.96 -44.48
N GLY L 148 -109.65 -44.21 -44.51
CA GLY L 148 -109.81 -44.94 -43.27
C GLY L 148 -108.54 -45.62 -42.84
N PHE L 149 -107.76 -44.96 -41.99
CA PHE L 149 -106.48 -45.45 -41.52
C PHE L 149 -106.47 -45.43 -39.99
N SER L 150 -105.65 -46.28 -39.40
CA SER L 150 -105.56 -46.41 -37.95
C SER L 150 -104.11 -46.19 -37.53
N VAL L 151 -103.84 -45.00 -37.02
CA VAL L 151 -102.50 -44.63 -36.57
C VAL L 151 -102.33 -45.06 -35.11
N THR L 152 -101.10 -45.40 -34.74
CA THR L 152 -100.77 -45.80 -33.38
C THR L 152 -99.33 -45.41 -33.09
N PRO L 153 -99.12 -44.35 -32.32
CA PRO L 153 -97.75 -43.88 -32.08
C PRO L 153 -96.90 -44.90 -31.34
N LEU L 154 -95.60 -44.89 -31.63
CA LEU L 154 -94.66 -45.85 -31.08
C LEU L 154 -93.64 -45.19 -30.16
N LYS L 155 -92.90 -44.21 -30.67
CA LYS L 155 -91.83 -43.60 -29.89
C LYS L 155 -91.51 -42.23 -30.49
N ALA L 156 -90.89 -41.37 -29.69
CA ALA L 156 -90.56 -40.03 -30.15
C ALA L 156 -89.25 -39.58 -29.54
N TRP L 157 -88.48 -38.82 -30.30
CA TRP L 157 -87.21 -38.25 -29.86
C TRP L 157 -87.25 -36.76 -30.13
N ALA L 158 -86.81 -35.96 -29.15
CA ALA L 158 -86.90 -34.51 -29.29
C ALA L 158 -85.86 -33.80 -28.47
N GLY L 159 -85.31 -32.72 -29.03
CA GLY L 159 -84.70 -31.70 -28.20
C GLY L 159 -84.45 -30.38 -28.90
N ASP L 160 -85.05 -29.33 -28.34
CA ASP L 160 -84.81 -27.92 -28.62
C ASP L 160 -85.13 -27.47 -30.04
N GLN L 161 -85.35 -28.41 -30.96
CA GLN L 161 -85.67 -28.11 -32.35
C GLN L 161 -85.93 -29.44 -33.06
N LEU L 162 -86.90 -29.43 -33.96
CA LEU L 162 -87.16 -30.57 -34.84
C LEU L 162 -87.36 -31.86 -34.05
N ARG L 163 -88.44 -31.86 -33.28
CA ARG L 163 -88.90 -33.09 -32.67
C ARG L 163 -89.28 -34.10 -33.74
N ALA L 164 -88.81 -35.33 -33.60
CA ALA L 164 -89.07 -36.39 -34.56
C ALA L 164 -89.92 -37.47 -33.95
N ASP L 165 -90.87 -37.99 -34.72
CA ASP L 165 -91.82 -38.97 -34.22
C ASP L 165 -91.72 -40.26 -35.02
N ARG L 166 -92.58 -41.21 -34.67
CA ARG L 166 -92.72 -42.46 -35.40
C ARG L 166 -94.14 -42.94 -35.26
N TYR L 167 -94.77 -43.32 -36.37
CA TYR L 167 -96.17 -43.72 -36.36
C TYR L 167 -96.34 -45.10 -36.99
N GLU L 168 -97.58 -45.48 -37.24
CA GLU L 168 -97.87 -46.69 -38.00
C GLU L 168 -99.15 -46.48 -38.79
N LEU L 169 -99.10 -46.75 -40.10
CA LEU L 169 -100.26 -46.61 -40.97
C LEU L 169 -100.82 -47.98 -41.31
N ARG L 170 -102.12 -48.15 -41.12
CA ARG L 170 -102.79 -49.41 -41.38
C ARG L 170 -103.97 -49.16 -42.30
N ASN L 171 -104.09 -49.95 -43.36
CA ASN L 171 -105.21 -49.82 -44.29
C ASN L 171 -106.41 -50.60 -43.72
N ALA L 172 -107.40 -49.88 -43.23
CA ALA L 172 -108.62 -50.48 -42.72
C ALA L 172 -109.62 -50.80 -43.82
N ASN L 173 -109.30 -50.49 -45.06
CA ASN L 173 -110.22 -50.67 -46.18
C ASN L 173 -110.04 -52.08 -46.76
N THR L 174 -110.59 -52.30 -47.95
CA THR L 174 -110.57 -53.60 -48.59
C THR L 174 -109.56 -53.74 -49.72
N TRP L 175 -109.29 -52.67 -50.47
CA TRP L 175 -108.45 -52.72 -51.65
C TRP L 175 -107.12 -51.98 -51.38
N GLY L 176 -106.33 -51.83 -52.44
CA GLY L 176 -105.05 -51.15 -52.35
C GLY L 176 -105.15 -49.73 -52.88
N VAL L 177 -104.62 -48.79 -52.11
CA VAL L 177 -104.73 -47.37 -52.42
C VAL L 177 -103.35 -46.81 -52.75
N ALA L 178 -103.30 -45.52 -53.10
CA ALA L 178 -102.04 -44.84 -53.40
C ALA L 178 -101.57 -44.09 -52.17
N LEU L 179 -100.30 -44.26 -51.81
CA LEU L 179 -99.70 -43.62 -50.65
C LEU L 179 -98.76 -42.53 -51.13
N ARG L 180 -99.31 -41.33 -51.30
CA ARG L 180 -98.53 -40.17 -51.71
C ARG L 180 -98.04 -39.46 -50.46
N GLU L 181 -96.74 -39.16 -50.43
CA GLU L 181 -96.10 -38.71 -49.19
C GLU L 181 -96.58 -37.35 -48.72
N GLN L 182 -97.23 -36.58 -49.58
CA GLN L 182 -97.70 -35.25 -49.23
C GLN L 182 -99.13 -35.23 -48.72
N ASP L 183 -99.80 -36.38 -48.67
CA ASP L 183 -101.11 -36.42 -48.01
C ASP L 183 -100.97 -36.23 -46.52
N PHE L 184 -99.96 -36.85 -45.91
CA PHE L 184 -99.76 -36.78 -44.46
C PHE L 184 -98.94 -35.53 -44.10
N TRP L 185 -99.50 -34.38 -44.45
CA TRP L 185 -98.85 -33.11 -44.16
C TRP L 185 -99.78 -32.26 -43.30
N LYS L 186 -99.18 -31.47 -42.43
CA LYS L 186 -99.87 -30.55 -41.53
C LYS L 186 -99.11 -29.24 -41.52
N PRO L 187 -99.70 -28.19 -40.95
CA PRO L 187 -98.93 -26.96 -40.75
C PRO L 187 -97.93 -27.09 -39.61
N GLY L 188 -96.74 -27.58 -39.92
CA GLY L 188 -95.71 -27.75 -38.90
C GLY L 188 -94.81 -28.94 -39.14
N VAL L 189 -95.21 -29.83 -40.03
CA VAL L 189 -94.39 -30.97 -40.42
C VAL L 189 -93.33 -30.53 -41.41
N ARG L 190 -92.10 -30.99 -41.20
CA ARG L 190 -90.98 -30.59 -42.06
C ARG L 190 -90.56 -31.66 -43.04
N ALA L 191 -90.84 -32.93 -42.76
CA ALA L 191 -90.42 -34.00 -43.66
C ALA L 191 -91.29 -35.22 -43.39
N VAL L 192 -91.34 -36.11 -44.38
CA VAL L 192 -92.06 -37.38 -44.28
C VAL L 192 -91.25 -38.45 -45.00
N MET L 193 -91.09 -39.61 -44.37
CA MET L 193 -90.43 -40.75 -44.99
C MET L 193 -91.28 -42.00 -44.81
N PHE L 194 -91.28 -42.85 -45.83
CA PHE L 194 -91.87 -44.17 -45.74
C PHE L 194 -90.75 -45.18 -45.53
N ASP L 195 -90.86 -46.01 -44.50
CA ASP L 195 -89.74 -46.85 -44.09
C ASP L 195 -89.42 -47.91 -45.12
N ASN L 196 -90.39 -48.75 -45.46
CA ASN L 196 -90.22 -49.69 -46.56
C ASN L 196 -90.68 -49.03 -47.85
N ASN L 197 -89.84 -49.13 -48.88
CA ASN L 197 -90.07 -48.38 -50.12
C ASN L 197 -91.16 -49.07 -50.95
N ALA L 198 -92.36 -49.06 -50.41
CA ALA L 198 -93.52 -49.62 -51.10
C ALA L 198 -94.35 -48.47 -51.65
N GLN L 199 -94.63 -48.52 -52.94
CA GLN L 199 -95.46 -47.50 -53.58
C GLN L 199 -96.94 -47.77 -53.40
N THR L 200 -97.32 -48.93 -52.88
CA THR L 200 -98.71 -49.25 -52.59
C THR L 200 -98.76 -50.45 -51.66
N LEU L 201 -99.58 -50.35 -50.62
CA LEU L 201 -99.76 -51.43 -49.67
C LEU L 201 -100.63 -52.54 -50.26
N MET L 202 -100.98 -53.51 -49.41
CA MET L 202 -101.84 -54.61 -49.83
C MET L 202 -103.16 -54.66 -49.06
N GLY L 203 -103.17 -54.25 -47.80
CA GLY L 203 -104.35 -54.38 -46.97
C GLY L 203 -103.97 -54.71 -45.54
N GLY L 204 -102.73 -55.18 -45.36
CA GLY L 204 -102.21 -55.47 -44.04
C GLY L 204 -101.53 -54.25 -43.43
N GLY L 205 -101.74 -54.07 -42.14
CA GLY L 205 -101.20 -52.92 -41.43
C GLY L 205 -99.84 -53.14 -40.81
N ARG L 206 -98.79 -53.18 -41.63
CA ARG L 206 -97.43 -53.30 -41.15
C ARG L 206 -96.53 -52.30 -41.84
N MET L 207 -96.98 -51.05 -41.95
CA MET L 207 -96.19 -49.98 -42.52
C MET L 207 -96.02 -48.86 -41.50
N THR L 208 -94.78 -48.49 -41.22
CA THR L 208 -94.48 -47.39 -40.32
C THR L 208 -94.03 -46.18 -41.12
N VAL L 209 -93.94 -45.04 -40.43
CA VAL L 209 -93.65 -43.78 -41.08
C VAL L 209 -93.01 -42.85 -40.04
N THR L 210 -92.06 -42.03 -40.49
CA THR L 210 -91.35 -41.12 -39.61
C THR L 210 -91.66 -39.68 -40.00
N VAL L 211 -92.01 -38.87 -39.00
CA VAL L 211 -92.42 -37.49 -39.19
C VAL L 211 -91.52 -36.60 -38.36
N ILE L 212 -91.00 -35.54 -38.97
CA ILE L 212 -90.09 -34.64 -38.27
C ILE L 212 -90.76 -33.30 -38.09
N ARG L 213 -91.43 -33.12 -36.95
CA ARG L 213 -92.15 -31.89 -36.66
C ARG L 213 -91.18 -30.83 -36.18
N GLY L 214 -91.70 -29.73 -35.62
CA GLY L 214 -90.88 -28.67 -35.09
C GLY L 214 -91.33 -28.26 -33.70
N ASN L 215 -90.62 -27.27 -33.16
CA ASN L 215 -90.91 -26.70 -31.83
C ASN L 215 -90.84 -27.79 -30.75
N GLY L 216 -89.90 -28.71 -30.90
CA GLY L 216 -89.73 -29.77 -29.92
C GLY L 216 -88.74 -29.39 -28.85
N ALA M 1 -99.48 -36.84 -15.13
CA ALA M 1 -100.79 -36.98 -15.74
C ALA M 1 -101.55 -35.67 -15.72
N GLN M 2 -102.15 -35.36 -14.57
CA GLN M 2 -102.98 -34.16 -14.45
C GLN M 2 -102.17 -32.91 -14.80
N SER M 3 -102.74 -32.05 -15.61
CA SER M 3 -102.06 -30.83 -16.02
C SER M 3 -102.03 -29.84 -14.85
N PRO M 4 -101.03 -28.95 -14.82
CA PRO M 4 -101.02 -27.91 -13.79
C PRO M 4 -102.18 -26.95 -14.00
N ALA M 5 -102.69 -26.41 -12.89
CA ALA M 5 -103.74 -25.42 -12.97
C ALA M 5 -103.12 -24.10 -13.46
N THR M 6 -103.51 -23.68 -14.66
CA THR M 6 -102.94 -22.50 -15.28
C THR M 6 -103.91 -21.33 -15.17
N ILE M 7 -103.40 -20.18 -14.73
CA ILE M 7 -104.20 -18.99 -14.48
C ILE M 7 -103.50 -17.77 -15.07
N SER M 8 -104.29 -16.72 -15.31
CA SER M 8 -103.78 -15.49 -15.89
C SER M 8 -104.03 -14.33 -14.94
N LEU M 9 -103.00 -13.51 -14.72
CA LEU M 9 -103.08 -12.36 -13.84
C LEU M 9 -102.55 -11.12 -14.56
N PRO M 10 -103.08 -9.95 -14.23
CA PRO M 10 -102.46 -8.71 -14.71
C PRO M 10 -101.20 -8.41 -13.93
N GLN M 11 -100.60 -7.25 -14.15
CA GLN M 11 -99.42 -6.86 -13.38
C GLN M 11 -99.84 -6.50 -11.96
N GLY M 12 -99.20 -7.12 -10.97
CA GLY M 12 -99.54 -6.88 -9.60
C GLY M 12 -100.85 -7.48 -9.15
N GLY M 13 -101.30 -8.55 -9.80
CA GLY M 13 -102.56 -9.14 -9.46
C GLY M 13 -102.48 -10.04 -8.25
N GLN M 14 -103.64 -10.57 -7.89
CA GLN M 14 -103.87 -11.45 -6.76
C GLN M 14 -104.47 -12.72 -7.33
N PHE M 15 -104.85 -13.68 -6.49
CA PHE M 15 -105.70 -14.78 -6.92
C PHE M 15 -106.17 -15.62 -5.74
N ARG M 16 -107.43 -16.00 -5.78
CA ARG M 16 -108.03 -16.87 -4.77
C ARG M 16 -107.77 -18.32 -5.15
N LEU M 17 -106.78 -18.94 -4.51
CA LEU M 17 -106.43 -20.32 -4.76
C LEU M 17 -106.46 -21.10 -3.45
N SER M 18 -106.06 -22.37 -3.49
CA SER M 18 -106.02 -23.20 -2.31
C SER M 18 -104.72 -23.98 -2.27
N ILE M 19 -104.10 -24.04 -1.09
CA ILE M 19 -102.89 -24.81 -0.87
C ILE M 19 -103.15 -25.80 0.25
N SER M 20 -102.21 -26.72 0.44
CA SER M 20 -102.31 -27.75 1.46
C SER M 20 -101.16 -27.60 2.45
N ASN M 21 -101.48 -27.74 3.74
CA ASN M 21 -100.51 -27.48 4.78
C ASN M 21 -99.37 -28.50 4.77
N THR M 22 -99.70 -29.79 4.75
CA THR M 22 -98.68 -30.80 4.51
C THR M 22 -98.33 -30.82 3.02
N ASP M 23 -97.48 -31.77 2.61
CA ASP M 23 -97.36 -32.06 1.19
C ASP M 23 -96.90 -30.85 0.39
N PRO M 24 -95.61 -30.50 0.42
CA PRO M 24 -95.17 -29.18 -0.01
C PRO M 24 -95.75 -28.76 -1.36
N ASN M 25 -96.20 -27.52 -1.43
CA ASN M 25 -96.85 -26.97 -2.60
C ASN M 25 -95.84 -26.18 -3.41
N MET M 26 -96.02 -26.13 -4.73
CA MET M 26 -95.10 -25.44 -5.60
C MET M 26 -95.83 -24.39 -6.42
N ILE M 27 -95.15 -23.26 -6.66
CA ILE M 27 -95.62 -22.22 -7.57
C ILE M 27 -94.44 -21.84 -8.47
N PHE M 28 -94.68 -21.80 -9.78
CA PHE M 28 -93.61 -21.46 -10.70
C PHE M 28 -94.17 -20.66 -11.87
N ILE M 29 -93.40 -19.68 -12.33
CA ILE M 29 -93.74 -18.87 -13.48
C ILE M 29 -92.95 -19.40 -14.68
N PRO M 30 -93.60 -19.85 -15.75
CA PRO M 30 -92.86 -20.40 -16.89
C PRO M 30 -92.13 -19.30 -17.65
N GLY M 31 -90.81 -19.44 -17.74
CA GLY M 31 -89.98 -18.49 -18.43
C GLY M 31 -89.21 -17.54 -17.53
N ASP M 32 -89.49 -17.53 -16.24
CA ASP M 32 -88.85 -16.61 -15.31
C ASP M 32 -88.21 -17.36 -14.17
N LYS M 33 -87.54 -16.61 -13.30
CA LYS M 33 -86.94 -17.14 -12.08
C LYS M 33 -87.44 -16.31 -10.90
N VAL M 34 -88.11 -16.97 -9.97
CA VAL M 34 -88.62 -16.27 -8.79
C VAL M 34 -87.44 -15.80 -7.95
N THR M 35 -87.49 -14.53 -7.54
CA THR M 35 -86.38 -13.92 -6.82
C THR M 35 -86.66 -13.73 -5.34
N ALA M 36 -87.88 -13.35 -4.97
CA ALA M 36 -88.20 -13.07 -3.58
C ALA M 36 -89.55 -13.69 -3.23
N ILE M 37 -89.97 -13.47 -1.99
CA ILE M 37 -91.26 -13.95 -1.51
C ILE M 37 -91.57 -13.17 -0.23
N THR M 38 -92.84 -13.15 0.15
CA THR M 38 -93.24 -12.51 1.40
C THR M 38 -94.56 -13.13 1.82
N ALA M 39 -94.54 -13.97 2.84
CA ALA M 39 -95.69 -14.80 3.20
C ALA M 39 -96.04 -14.58 4.66
N PRO M 40 -96.70 -13.49 5.00
CA PRO M 40 -97.07 -13.25 6.38
C PRO M 40 -98.49 -13.71 6.66
N GLY M 41 -98.83 -13.75 7.94
CA GLY M 41 -100.13 -14.25 8.34
C GLY M 41 -100.12 -15.73 8.64
N GLY M 42 -99.47 -16.50 7.77
CA GLY M 42 -99.42 -17.94 7.95
C GLY M 42 -98.13 -18.42 8.58
N MET M 43 -97.06 -17.65 8.41
CA MET M 43 -95.73 -17.97 8.94
C MET M 43 -95.32 -19.37 8.50
N LEU M 44 -95.31 -19.57 7.18
CA LEU M 44 -94.97 -20.87 6.62
C LEU M 44 -93.48 -21.16 6.77
N ALA M 45 -93.14 -22.44 6.77
CA ALA M 45 -91.83 -22.90 7.21
C ALA M 45 -90.80 -23.03 6.09
N ASP M 46 -91.05 -23.90 5.12
CA ASP M 46 -90.04 -24.19 4.11
C ASP M 46 -90.13 -23.18 2.97
N LYS M 47 -88.97 -22.69 2.52
CA LYS M 47 -88.89 -21.80 1.36
C LYS M 47 -87.62 -22.17 0.61
N ARG M 48 -87.77 -22.91 -0.48
CA ARG M 48 -86.64 -23.39 -1.24
C ARG M 48 -86.83 -23.05 -2.72
N LEU M 49 -85.72 -22.80 -3.40
CA LEU M 49 -85.72 -22.49 -4.83
C LEU M 49 -85.32 -23.73 -5.62
N THR M 50 -86.20 -24.15 -6.52
CA THR M 50 -85.93 -25.33 -7.34
C THR M 50 -84.99 -24.97 -8.47
N THR M 51 -84.80 -25.89 -9.41
CA THR M 51 -83.92 -25.64 -10.55
C THR M 51 -84.65 -25.03 -11.74
N ALA M 52 -85.94 -25.31 -11.88
CA ALA M 52 -86.71 -24.70 -12.97
C ALA M 52 -86.75 -23.19 -12.82
N GLY M 53 -86.92 -22.70 -11.59
CA GLY M 53 -86.99 -21.29 -11.34
C GLY M 53 -88.05 -20.96 -10.31
N GLY M 54 -89.03 -21.83 -10.17
CA GLY M 54 -90.11 -21.60 -9.25
C GLY M 54 -89.67 -21.74 -7.81
N VAL M 55 -90.63 -21.49 -6.91
CA VAL M 55 -90.40 -21.57 -5.47
C VAL M 55 -91.47 -22.45 -4.87
N LEU M 56 -91.07 -23.31 -3.93
CA LEU M 56 -91.99 -24.22 -3.27
C LEU M 56 -91.87 -24.06 -1.76
N PHE M 57 -92.97 -24.36 -1.07
CA PHE M 57 -93.14 -23.95 0.31
C PHE M 57 -93.96 -25.00 1.03
N THR M 58 -94.16 -24.79 2.33
CA THR M 58 -94.93 -25.73 3.14
C THR M 58 -95.58 -24.95 4.28
N SER M 59 -96.85 -24.63 4.13
CA SER M 59 -97.56 -23.88 5.18
C SER M 59 -97.82 -24.79 6.38
N VAL M 60 -98.10 -24.15 7.51
CA VAL M 60 -98.43 -24.89 8.73
C VAL M 60 -99.67 -24.30 9.38
N ALA M 61 -100.08 -23.11 8.93
CA ALA M 61 -101.13 -22.36 9.61
C ALA M 61 -102.48 -22.99 9.31
N THR M 62 -103.56 -22.33 9.75
CA THR M 62 -104.90 -22.89 9.66
C THR M 62 -105.94 -21.90 9.16
N ARG M 63 -105.54 -20.72 8.69
CA ARG M 63 -106.48 -19.70 8.27
C ARG M 63 -106.03 -19.10 6.94
N THR M 64 -106.87 -18.25 6.37
CA THR M 64 -106.62 -17.66 5.06
C THR M 64 -105.78 -16.40 5.18
N PHE M 65 -104.73 -16.32 4.37
CA PHE M 65 -103.78 -15.21 4.44
C PHE M 65 -103.40 -14.81 3.02
N THR M 66 -102.31 -14.05 2.91
CA THR M 66 -101.84 -13.55 1.63
C THR M 66 -100.35 -13.80 1.49
N ILE M 67 -99.94 -14.27 0.32
CA ILE M 67 -98.54 -14.52 0.01
C ILE M 67 -98.18 -13.76 -1.25
N PHE M 68 -97.15 -12.93 -1.17
CA PHE M 68 -96.65 -12.20 -2.33
C PHE M 68 -95.51 -12.96 -2.99
N VAL M 69 -95.23 -12.61 -4.24
CA VAL M 69 -94.17 -13.25 -5.00
C VAL M 69 -93.67 -12.28 -6.05
N GLU M 70 -92.36 -12.26 -6.24
CA GLU M 70 -91.73 -11.36 -7.20
C GLU M 70 -91.04 -12.18 -8.27
N THR M 71 -90.49 -11.48 -9.25
CA THR M 71 -89.88 -12.11 -10.40
C THR M 71 -88.56 -11.42 -10.71
N ALA M 72 -87.68 -12.13 -11.41
CA ALA M 72 -86.40 -11.55 -11.77
C ALA M 72 -86.56 -10.34 -12.68
N LEU M 73 -87.66 -10.27 -13.43
CA LEU M 73 -87.91 -9.15 -14.32
C LEU M 73 -88.85 -8.11 -13.74
N GLY M 74 -89.26 -8.25 -12.48
CA GLY M 74 -90.10 -7.27 -11.81
C GLY M 74 -91.56 -7.62 -11.75
N GLN M 75 -92.00 -8.67 -12.44
CA GLN M 75 -93.42 -9.02 -12.51
C GLN M 75 -93.86 -9.58 -11.16
N THR M 76 -94.22 -8.68 -10.25
CA THR M 76 -94.73 -9.07 -8.95
C THR M 76 -96.18 -9.54 -9.05
N PHE M 77 -96.60 -10.30 -8.05
CA PHE M 77 -97.94 -10.89 -8.04
C PHE M 77 -98.44 -10.96 -6.61
N SER M 78 -99.51 -11.72 -6.41
CA SER M 78 -100.05 -11.97 -5.09
C SER M 78 -100.98 -13.17 -5.18
N VAL M 79 -101.06 -13.95 -4.12
CA VAL M 79 -101.97 -15.09 -4.05
C VAL M 79 -102.55 -15.16 -2.65
N VAL M 80 -103.84 -15.43 -2.56
CA VAL M 80 -104.53 -15.55 -1.28
C VAL M 80 -104.70 -17.04 -1.01
N ALA M 81 -103.82 -17.58 -0.18
CA ALA M 81 -103.83 -19.01 0.10
C ALA M 81 -104.97 -19.38 1.02
N THR M 82 -105.20 -20.68 1.16
CA THR M 82 -106.16 -21.22 2.11
C THR M 82 -105.82 -22.66 2.43
N PRO M 83 -105.15 -22.93 3.56
CA PRO M 83 -104.74 -24.30 3.87
C PRO M 83 -105.91 -25.26 4.00
N VAL M 84 -105.66 -26.50 3.58
CA VAL M 84 -106.65 -27.58 3.58
C VAL M 84 -106.03 -28.84 4.15
N LYS M 85 -106.75 -29.96 4.05
CA LYS M 85 -106.33 -31.20 4.67
C LYS M 85 -104.98 -31.70 4.12
N GLY M 86 -104.95 -32.09 2.85
CA GLY M 86 -103.74 -32.69 2.34
C GLY M 86 -103.71 -32.72 0.82
N GLU M 87 -102.78 -33.54 0.29
CA GLU M 87 -102.56 -33.72 -1.15
C GLU M 87 -102.14 -32.41 -1.81
N GLY M 88 -100.92 -32.00 -1.48
CA GLY M 88 -100.39 -30.75 -2.01
C GLY M 88 -100.40 -30.70 -3.52
N ARG M 89 -100.53 -29.48 -4.05
CA ARG M 89 -100.83 -29.25 -5.45
C ARG M 89 -99.88 -28.22 -6.05
N VAL M 90 -99.82 -28.21 -7.38
CA VAL M 90 -98.92 -27.34 -8.14
C VAL M 90 -99.75 -26.42 -9.03
N TYR M 91 -99.41 -25.14 -9.03
CA TYR M 91 -100.06 -24.13 -9.86
C TYR M 91 -99.07 -23.52 -10.82
N ARG M 92 -99.58 -22.70 -11.73
CA ARG M 92 -98.75 -21.98 -12.69
C ARG M 92 -99.19 -20.53 -12.74
N LEU M 93 -98.23 -19.61 -12.69
CA LEU M 93 -98.51 -18.18 -12.76
C LEU M 93 -97.92 -17.63 -14.06
N MET M 94 -98.75 -16.93 -14.83
CA MET M 94 -98.30 -16.26 -16.03
C MET M 94 -99.17 -15.02 -16.25
N SER M 95 -98.57 -13.98 -16.81
CA SER M 95 -99.28 -12.77 -17.16
C SER M 95 -99.77 -12.85 -18.61
N ALA M 96 -100.76 -12.01 -18.92
CA ALA M 96 -101.46 -12.11 -20.19
C ALA M 96 -100.86 -11.23 -21.28
N GLU M 97 -100.88 -9.92 -21.09
CA GLU M 97 -100.39 -9.01 -22.12
C GLU M 97 -98.88 -8.82 -22.11
N PRO M 98 -98.23 -8.56 -20.97
CA PRO M 98 -96.81 -8.15 -20.97
C PRO M 98 -95.89 -9.10 -21.72
N PRO M 99 -96.07 -10.43 -21.61
CA PRO M 99 -95.19 -11.31 -22.42
C PRO M 99 -95.57 -11.25 -23.90
N SER M 100 -94.75 -10.56 -24.69
CA SER M 100 -94.99 -10.46 -26.14
C SER M 100 -93.66 -10.13 -26.82
N ARG M 101 -93.06 -11.13 -27.44
CA ARG M 101 -91.83 -10.95 -28.22
C ARG M 101 -91.80 -12.00 -29.31
N PRO M 102 -92.57 -11.79 -30.39
CA PRO M 102 -92.62 -12.79 -31.47
C PRO M 102 -91.42 -12.77 -32.40
N GLU M 103 -90.35 -12.05 -32.03
CA GLU M 103 -89.16 -12.03 -32.87
C GLU M 103 -88.61 -13.43 -33.04
N THR M 104 -88.32 -13.80 -34.29
CA THR M 104 -87.78 -15.13 -34.59
C THR M 104 -86.45 -14.98 -35.31
N ARG M 105 -85.43 -15.64 -34.78
CA ARG M 105 -84.16 -15.75 -35.49
C ARG M 105 -84.38 -16.62 -36.72
N LYS M 106 -83.82 -16.21 -37.85
CA LYS M 106 -84.02 -16.97 -39.08
C LYS M 106 -82.99 -18.09 -39.13
N TRP M 107 -83.40 -19.26 -38.63
CA TRP M 107 -82.64 -20.50 -38.70
C TRP M 107 -82.84 -21.09 -40.10
N GLU M 108 -82.52 -22.37 -40.31
CA GLU M 108 -82.69 -23.05 -41.59
C GLU M 108 -81.81 -22.51 -42.69
N THR M 109 -80.50 -22.61 -42.53
CA THR M 109 -79.58 -22.28 -43.60
C THR M 109 -79.77 -23.26 -44.76
N ALA M 110 -79.11 -22.96 -45.88
CA ALA M 110 -79.23 -23.76 -47.10
C ALA M 110 -77.89 -24.37 -47.47
N GLN M 111 -77.89 -25.08 -48.59
CA GLN M 111 -76.70 -25.78 -49.05
C GLN M 111 -75.67 -24.80 -49.61
N ALA M 112 -74.43 -25.28 -49.74
CA ALA M 112 -73.37 -24.45 -50.30
C ALA M 112 -73.44 -24.37 -51.82
N TYR M 113 -74.09 -25.33 -52.46
CA TYR M 113 -74.21 -25.33 -53.91
C TYR M 113 -75.39 -24.49 -54.39
N GLU M 114 -76.50 -24.50 -53.65
CA GLU M 114 -77.68 -23.74 -54.06
C GLU M 114 -77.53 -22.25 -53.85
N LYS M 115 -76.86 -21.84 -52.77
CA LYS M 115 -76.74 -20.42 -52.48
C LYS M 115 -75.98 -19.69 -53.58
N LEU M 116 -74.92 -20.32 -54.12
CA LEU M 116 -74.13 -19.66 -55.16
C LEU M 116 -74.86 -19.66 -56.50
N LEU M 117 -75.58 -20.73 -56.82
CA LEU M 117 -76.44 -20.70 -58.00
C LEU M 117 -77.44 -19.56 -57.93
N ILE M 118 -78.10 -19.41 -56.77
CA ILE M 118 -79.09 -18.35 -56.63
C ILE M 118 -78.42 -16.98 -56.69
N SER M 119 -77.25 -16.84 -56.10
CA SER M 119 -76.54 -15.56 -56.13
C SER M 119 -76.21 -15.15 -57.55
N LEU M 120 -75.62 -16.06 -58.33
CA LEU M 120 -75.29 -15.74 -59.71
C LEU M 120 -76.54 -15.46 -60.53
N ASN M 121 -77.56 -16.31 -60.38
CA ASN M 121 -78.77 -16.14 -61.16
C ASN M 121 -79.56 -14.90 -60.76
N ARG M 122 -79.29 -14.35 -59.58
CA ARG M 122 -79.88 -13.08 -59.18
C ARG M 122 -79.07 -11.91 -59.73
N ALA M 123 -77.74 -12.02 -59.72
CA ALA M 123 -76.90 -10.98 -60.28
C ALA M 123 -76.93 -10.94 -61.80
N VAL M 124 -77.48 -11.97 -62.45
CA VAL M 124 -77.67 -11.90 -63.89
C VAL M 124 -78.98 -11.23 -64.24
N LEU M 125 -79.92 -11.14 -63.30
CA LEU M 125 -81.20 -10.49 -63.52
C LEU M 125 -81.18 -9.02 -63.13
N THR M 126 -80.62 -8.70 -61.97
CA THR M 126 -80.51 -7.30 -61.56
C THR M 126 -79.65 -6.51 -62.54
N GLY M 127 -78.52 -7.07 -62.94
CA GLY M 127 -77.59 -6.42 -63.86
C GLY M 127 -76.19 -6.27 -63.31
N ASP M 128 -76.05 -6.17 -61.99
CA ASP M 128 -74.73 -5.99 -61.39
C ASP M 128 -73.92 -7.27 -61.57
N ILE M 129 -72.87 -7.18 -62.37
CA ILE M 129 -72.07 -8.36 -62.69
C ILE M 129 -71.11 -8.65 -61.55
N PRO M 130 -71.13 -9.86 -60.99
CA PRO M 130 -70.23 -10.15 -59.86
C PRO M 130 -68.78 -10.11 -60.29
N ASP M 131 -67.92 -9.81 -59.31
CA ASP M 131 -66.49 -9.77 -59.57
C ASP M 131 -66.00 -11.17 -59.93
N GLY M 132 -65.47 -11.33 -61.13
CA GLY M 132 -64.92 -12.59 -61.55
C GLY M 132 -65.64 -13.21 -62.73
N TYR M 133 -66.41 -12.40 -63.45
CA TYR M 133 -67.16 -12.87 -64.60
C TYR M 133 -67.00 -11.90 -65.76
N GLY M 134 -66.75 -12.45 -66.94
CA GLY M 134 -66.53 -11.63 -68.10
C GLY M 134 -67.68 -11.64 -69.08
N GLU M 135 -67.39 -11.94 -70.35
CA GLU M 135 -68.40 -12.05 -71.37
C GLU M 135 -67.82 -12.91 -72.49
N VAL M 136 -68.69 -13.71 -73.11
CA VAL M 136 -68.26 -14.71 -74.09
C VAL M 136 -69.25 -14.75 -75.24
N LYS M 137 -68.89 -15.50 -76.26
CA LYS M 137 -69.75 -15.73 -77.40
C LYS M 137 -70.86 -16.70 -77.03
N PRO M 138 -72.10 -16.44 -77.44
CA PRO M 138 -73.21 -17.34 -77.09
C PRO M 138 -73.02 -18.72 -77.70
N LEU M 139 -72.92 -19.72 -76.84
CA LEU M 139 -72.82 -21.11 -77.28
C LEU M 139 -74.04 -21.48 -78.11
N SER M 140 -73.80 -22.15 -79.23
CA SER M 140 -74.90 -22.49 -80.14
C SER M 140 -75.80 -23.55 -79.51
N ASP M 141 -77.11 -23.37 -79.71
CA ASP M 141 -78.17 -24.35 -79.44
C ASP M 141 -77.91 -25.26 -78.25
N GLY M 142 -77.52 -24.67 -77.13
CA GLY M 142 -77.33 -25.40 -75.89
C GLY M 142 -78.59 -25.65 -75.09
N ILE M 143 -79.77 -25.37 -75.64
CA ILE M 143 -81.03 -25.63 -74.97
C ILE M 143 -82.01 -26.26 -75.96
N ARG M 144 -82.80 -27.21 -75.46
CA ARG M 144 -83.74 -27.95 -76.29
C ARG M 144 -84.90 -27.05 -76.73
N LEU M 145 -85.67 -27.55 -77.68
CA LEU M 145 -86.83 -26.84 -78.22
C LEU M 145 -88.05 -27.74 -78.14
N PRO M 146 -89.11 -27.34 -77.43
CA PRO M 146 -90.33 -28.16 -77.30
C PRO M 146 -91.36 -27.86 -78.39
N GLY M 147 -91.00 -28.18 -79.63
CA GLY M 147 -91.93 -28.00 -80.72
C GLY M 147 -91.77 -26.69 -81.47
N GLY M 148 -92.89 -26.07 -81.83
CA GLY M 148 -92.85 -24.91 -82.71
C GLY M 148 -92.31 -23.66 -82.06
N PHE M 149 -91.08 -23.73 -81.57
CA PHE M 149 -90.41 -22.60 -80.96
C PHE M 149 -89.17 -22.24 -81.78
N SER M 150 -88.37 -21.34 -81.24
CA SER M 150 -87.11 -20.97 -81.85
C SER M 150 -86.18 -20.48 -80.76
N VAL M 151 -84.91 -20.31 -81.12
CA VAL M 151 -83.91 -19.76 -80.22
C VAL M 151 -83.16 -18.68 -80.96
N THR M 152 -82.89 -17.56 -80.28
CA THR M 152 -82.16 -16.44 -80.85
C THR M 152 -81.16 -15.96 -79.80
N PRO M 153 -79.96 -16.51 -79.79
CA PRO M 153 -78.99 -16.17 -78.74
C PRO M 153 -78.76 -14.67 -78.65
N LEU M 154 -78.47 -14.22 -77.43
CA LEU M 154 -78.18 -12.81 -77.18
C LEU M 154 -76.73 -12.61 -76.74
N LYS M 155 -76.31 -13.28 -75.69
CA LYS M 155 -75.02 -13.05 -75.04
C LYS M 155 -74.84 -14.12 -73.97
N ALA M 156 -73.76 -13.99 -73.19
CA ALA M 156 -73.52 -14.92 -72.10
C ALA M 156 -72.42 -14.39 -71.20
N TRP M 157 -72.42 -14.80 -69.93
CA TRP M 157 -71.29 -14.54 -69.04
C TRP M 157 -70.49 -15.82 -68.87
N ALA M 158 -69.34 -15.70 -68.20
CA ALA M 158 -68.51 -16.86 -67.93
C ALA M 158 -67.42 -16.48 -66.94
N GLY M 159 -66.85 -17.52 -66.34
CA GLY M 159 -65.64 -17.37 -65.55
C GLY M 159 -65.59 -18.09 -64.23
N ASP M 160 -64.61 -18.98 -64.11
CA ASP M 160 -64.14 -19.65 -62.90
C ASP M 160 -65.12 -20.70 -62.36
N GLN M 161 -66.37 -20.66 -62.82
CA GLN M 161 -67.42 -21.68 -62.72
C GLN M 161 -68.65 -21.08 -63.37
N LEU M 162 -69.61 -21.96 -63.70
CA LEU M 162 -70.97 -21.54 -64.01
C LEU M 162 -71.01 -20.55 -65.18
N ARG M 163 -70.71 -21.05 -66.36
CA ARG M 163 -70.83 -20.23 -67.56
C ARG M 163 -72.30 -19.98 -67.83
N ALA M 164 -72.81 -18.82 -67.41
CA ALA M 164 -74.21 -18.50 -67.55
C ALA M 164 -74.52 -18.02 -68.97
N ASP M 165 -75.80 -18.12 -69.35
CA ASP M 165 -76.24 -17.77 -70.69
C ASP M 165 -77.48 -16.89 -70.62
N ARG M 166 -78.00 -16.54 -71.80
CA ARG M 166 -79.31 -15.90 -71.91
C ARG M 166 -79.83 -16.17 -73.31
N TYR M 167 -80.89 -16.97 -73.41
CA TYR M 167 -81.52 -17.27 -74.70
C TYR M 167 -82.88 -16.60 -74.78
N GLU M 168 -83.61 -16.89 -75.85
CA GLU M 168 -84.83 -16.16 -76.18
C GLU M 168 -85.89 -17.14 -76.69
N LEU M 169 -87.13 -16.93 -76.27
CA LEU M 169 -88.25 -17.79 -76.61
C LEU M 169 -89.18 -17.08 -77.57
N ARG M 170 -89.81 -17.85 -78.46
CA ARG M 170 -90.68 -17.29 -79.49
C ARG M 170 -91.74 -18.32 -79.83
N ASN M 171 -93.00 -18.04 -79.51
CA ASN M 171 -94.09 -18.93 -79.89
C ASN M 171 -94.36 -18.77 -81.38
N ALA M 172 -93.89 -19.72 -82.19
CA ALA M 172 -94.08 -19.68 -83.63
C ALA M 172 -95.41 -20.27 -84.06
N ASN M 173 -96.18 -20.81 -83.13
CA ASN M 173 -97.49 -21.37 -83.40
C ASN M 173 -98.55 -20.29 -83.21
N THR M 174 -99.81 -20.67 -83.17
CA THR M 174 -100.90 -19.69 -83.14
C THR M 174 -101.67 -19.62 -81.83
N TRP M 175 -101.79 -20.71 -81.09
CA TRP M 175 -102.62 -20.75 -79.89
C TRP M 175 -101.76 -20.74 -78.63
N GLY M 176 -102.42 -20.91 -77.49
CA GLY M 176 -101.75 -20.91 -76.20
C GLY M 176 -101.67 -22.29 -75.59
N VAL M 177 -100.58 -22.56 -74.89
CA VAL M 177 -100.32 -23.86 -74.26
C VAL M 177 -99.86 -23.63 -72.84
N ALA M 178 -99.46 -24.70 -72.16
CA ALA M 178 -98.92 -24.63 -70.81
C ALA M 178 -97.40 -24.72 -70.86
N LEU M 179 -96.77 -24.47 -69.71
CA LEU M 179 -95.32 -24.48 -69.59
C LEU M 179 -94.88 -25.27 -68.37
N ARG M 180 -93.92 -26.17 -68.57
CA ARG M 180 -93.22 -26.85 -67.50
C ARG M 180 -91.74 -26.85 -67.84
N GLU M 181 -90.93 -26.20 -67.01
CA GLU M 181 -89.56 -25.84 -67.36
C GLU M 181 -88.57 -26.99 -67.28
N GLN M 182 -89.05 -28.23 -67.21
CA GLN M 182 -88.20 -29.40 -67.32
C GLN M 182 -88.07 -29.89 -68.76
N ASP M 183 -88.64 -29.16 -69.72
CA ASP M 183 -88.55 -29.53 -71.12
C ASP M 183 -87.36 -28.91 -71.83
N PHE M 184 -86.82 -27.83 -71.29
CA PHE M 184 -85.66 -27.17 -71.91
C PHE M 184 -84.35 -27.79 -71.48
N TRP M 185 -84.38 -28.72 -70.54
CA TRP M 185 -83.13 -29.18 -69.94
C TRP M 185 -82.27 -29.85 -71.00
N LYS M 186 -80.96 -29.65 -70.88
CA LYS M 186 -79.95 -30.25 -71.73
C LYS M 186 -78.90 -30.92 -70.86
N PRO M 187 -78.08 -31.81 -71.44
CA PRO M 187 -77.09 -32.53 -70.63
C PRO M 187 -75.93 -31.63 -70.18
N GLY M 188 -76.12 -30.97 -69.04
CA GLY M 188 -75.09 -30.13 -68.47
C GLY M 188 -75.69 -28.91 -67.78
N VAL M 189 -76.99 -28.71 -68.00
CA VAL M 189 -77.67 -27.55 -67.43
C VAL M 189 -77.73 -27.67 -65.92
N ARG M 190 -77.46 -26.55 -65.23
CA ARG M 190 -77.55 -26.52 -63.78
C ARG M 190 -78.82 -25.86 -63.27
N ALA M 191 -79.37 -24.88 -64.00
CA ALA M 191 -80.55 -24.17 -63.54
C ALA M 191 -81.17 -23.42 -64.71
N VAL M 192 -82.49 -23.33 -64.71
CA VAL M 192 -83.24 -22.63 -65.75
C VAL M 192 -84.23 -21.69 -65.08
N MET M 193 -84.14 -20.41 -65.42
CA MET M 193 -85.04 -19.39 -64.90
C MET M 193 -85.96 -18.87 -65.99
N PHE M 194 -87.21 -18.60 -65.62
CA PHE M 194 -88.16 -17.90 -66.48
C PHE M 194 -88.36 -16.50 -65.92
N ASP M 195 -88.06 -15.49 -66.73
CA ASP M 195 -88.06 -14.11 -66.24
C ASP M 195 -89.45 -13.50 -66.22
N ASN M 196 -90.07 -13.38 -67.39
CA ASN M 196 -91.45 -12.92 -67.46
C ASN M 196 -92.35 -14.03 -66.93
N ASN M 197 -92.78 -13.89 -65.69
CA ASN M 197 -93.44 -14.98 -64.97
C ASN M 197 -94.79 -15.26 -65.60
N ALA M 198 -94.85 -16.28 -66.45
CA ALA M 198 -96.08 -16.68 -67.13
C ALA M 198 -96.15 -18.19 -67.20
N GLN M 199 -97.33 -18.75 -66.93
CA GLN M 199 -97.55 -20.19 -67.00
C GLN M 199 -98.39 -20.59 -68.20
N THR M 200 -98.52 -19.72 -69.20
CA THR M 200 -99.27 -20.02 -70.40
C THR M 200 -98.72 -19.19 -71.55
N LEU M 201 -98.83 -19.74 -72.76
CA LEU M 201 -98.27 -19.14 -73.95
C LEU M 201 -99.30 -18.24 -74.65
N MET M 202 -98.78 -17.27 -75.41
CA MET M 202 -99.62 -16.27 -76.04
C MET M 202 -99.39 -16.05 -77.53
N GLY M 203 -98.18 -16.27 -78.04
CA GLY M 203 -97.84 -16.05 -79.43
C GLY M 203 -96.72 -15.05 -79.65
N GLY M 204 -96.49 -14.18 -78.67
CA GLY M 204 -95.45 -13.18 -78.76
C GLY M 204 -94.26 -13.55 -77.90
N GLY M 205 -93.10 -13.66 -78.54
CA GLY M 205 -91.89 -14.04 -77.83
C GLY M 205 -91.03 -12.88 -77.43
N ARG M 206 -91.15 -12.46 -76.17
CA ARG M 206 -90.32 -11.38 -75.63
C ARG M 206 -89.76 -11.74 -74.26
N MET M 207 -89.75 -13.02 -73.91
CA MET M 207 -89.25 -13.47 -72.62
C MET M 207 -87.93 -14.21 -72.83
N THR M 208 -87.05 -14.09 -71.85
CA THR M 208 -85.75 -14.75 -71.90
C THR M 208 -85.63 -15.76 -70.78
N VAL M 209 -84.60 -16.61 -70.88
CA VAL M 209 -84.25 -17.57 -69.85
C VAL M 209 -82.76 -17.49 -69.60
N THR M 210 -82.37 -17.90 -68.40
CA THR M 210 -80.96 -17.90 -68.00
C THR M 210 -80.56 -19.34 -67.70
N VAL M 211 -79.81 -19.94 -68.61
CA VAL M 211 -79.38 -21.32 -68.49
C VAL M 211 -77.93 -21.34 -68.05
N ILE M 212 -77.69 -21.85 -66.87
CA ILE M 212 -76.34 -21.94 -66.32
C ILE M 212 -75.72 -23.26 -66.77
N ARG M 213 -74.40 -23.30 -66.86
CA ARG M 213 -73.70 -24.46 -67.39
C ARG M 213 -72.30 -24.51 -66.80
N GLY M 214 -71.71 -25.70 -66.84
CA GLY M 214 -70.36 -25.87 -66.37
C GLY M 214 -69.32 -25.42 -67.40
N ASN M 215 -68.05 -25.55 -67.02
CA ASN M 215 -66.92 -25.15 -67.84
C ASN M 215 -66.98 -23.66 -68.17
N GLY M 216 -66.83 -22.85 -67.13
CA GLY M 216 -66.83 -21.42 -67.28
C GLY M 216 -65.86 -20.75 -66.34
N ALA N 1 -100.53 35.50 3.59
CA ALA N 1 -101.78 36.14 3.21
C ALA N 1 -101.54 37.59 2.88
N GLN N 2 -101.62 38.41 3.93
CA GLN N 2 -101.63 39.85 3.81
C GLN N 2 -100.31 40.32 3.20
N SER N 3 -100.34 41.49 2.58
CA SER N 3 -99.10 42.15 2.25
C SER N 3 -98.36 42.50 3.54
N PRO N 4 -97.03 42.43 3.54
CA PRO N 4 -96.29 42.82 4.74
C PRO N 4 -96.58 44.28 5.07
N ALA N 5 -96.70 44.57 6.37
CA ALA N 5 -96.95 45.93 6.81
C ALA N 5 -95.72 46.79 6.53
N THR N 6 -95.91 47.87 5.78
CA THR N 6 -94.82 48.67 5.25
C THR N 6 -94.77 50.03 5.94
N ILE N 7 -93.55 50.53 6.17
CA ILE N 7 -93.33 51.76 6.91
C ILE N 7 -92.22 52.58 6.21
N SER N 8 -92.06 53.82 6.67
CA SER N 8 -91.15 54.76 6.01
C SER N 8 -89.75 54.78 6.62
N LEU N 9 -89.64 55.19 7.89
CA LEU N 9 -88.36 55.14 8.62
C LEU N 9 -87.19 55.80 7.90
N PRO N 10 -87.06 57.14 7.92
CA PRO N 10 -85.81 57.77 7.45
C PRO N 10 -84.61 57.27 8.25
N GLN N 11 -83.40 57.68 7.87
CA GLN N 11 -82.18 57.16 8.50
C GLN N 11 -82.19 57.52 9.97
N GLY N 12 -82.42 56.54 10.83
CA GLY N 12 -82.51 56.79 12.25
C GLY N 12 -83.86 57.23 12.74
N GLY N 13 -84.94 56.78 12.12
CA GLY N 13 -86.26 57.19 12.54
C GLY N 13 -86.84 56.31 13.63
N GLN N 14 -88.00 56.72 14.12
CA GLN N 14 -88.76 55.99 15.12
C GLN N 14 -90.13 55.64 14.54
N PHE N 15 -90.63 54.45 14.84
CA PHE N 15 -91.97 54.09 14.46
C PHE N 15 -92.60 53.26 15.56
N ARG N 16 -93.87 53.55 15.86
CA ARG N 16 -94.61 52.86 16.91
C ARG N 16 -95.37 51.69 16.31
N LEU N 17 -95.06 50.48 16.77
CA LEU N 17 -95.69 49.27 16.26
C LEU N 17 -96.03 48.38 17.44
N SER N 18 -96.46 47.15 17.18
CA SER N 18 -96.77 46.20 18.22
C SER N 18 -96.27 44.81 17.83
N ILE N 19 -95.77 44.07 18.81
CA ILE N 19 -95.27 42.72 18.61
C ILE N 19 -95.96 41.79 19.60
N SER N 20 -95.76 40.50 19.40
CA SER N 20 -96.42 39.46 20.17
C SER N 20 -95.40 38.72 21.04
N ASN N 21 -95.78 38.45 22.28
CA ASN N 21 -94.90 37.80 23.23
C ASN N 21 -94.83 36.28 23.04
N THR N 22 -95.85 35.68 22.44
CA THR N 22 -95.73 34.36 21.84
C THR N 22 -95.23 34.56 20.41
N ASP N 23 -95.29 33.50 19.58
CA ASP N 23 -95.35 33.71 18.14
C ASP N 23 -94.22 34.59 17.60
N PRO N 24 -93.01 34.07 17.40
CA PRO N 24 -91.87 34.94 17.11
C PRO N 24 -92.12 35.83 15.90
N ASN N 25 -91.56 37.02 15.94
CA ASN N 25 -91.82 38.02 14.92
C ASN N 25 -90.69 38.03 13.90
N MET N 26 -90.81 38.89 12.89
CA MET N 26 -89.76 39.08 11.91
C MET N 26 -89.76 40.53 11.45
N ILE N 27 -88.56 41.06 11.24
CA ILE N 27 -88.36 42.35 10.58
C ILE N 27 -87.30 42.15 9.52
N PHE N 28 -87.61 42.49 8.28
CA PHE N 28 -86.64 42.31 7.21
C PHE N 28 -86.61 43.53 6.32
N ILE N 29 -85.46 43.74 5.68
CA ILE N 29 -85.20 44.91 4.85
C ILE N 29 -84.98 44.43 3.41
N PRO N 30 -85.73 44.94 2.43
CA PRO N 30 -85.44 44.62 1.04
C PRO N 30 -84.26 45.44 0.52
N GLY N 31 -83.39 44.76 -0.22
CA GLY N 31 -82.19 45.40 -0.75
C GLY N 31 -80.97 45.31 0.14
N ASP N 32 -81.10 44.77 1.35
CA ASP N 32 -80.00 44.69 2.32
C ASP N 32 -80.17 43.43 3.15
N LYS N 33 -79.25 43.24 4.11
CA LYS N 33 -79.36 42.15 5.07
C LYS N 33 -78.97 42.65 6.45
N VAL N 34 -79.82 42.36 7.44
CA VAL N 34 -79.58 42.84 8.79
C VAL N 34 -78.45 42.05 9.43
N THR N 35 -77.48 42.75 10.00
CA THR N 35 -76.32 42.11 10.62
C THR N 35 -76.22 42.35 12.11
N ALA N 36 -77.06 43.21 12.69
CA ALA N 36 -77.01 43.45 14.11
C ALA N 36 -78.37 43.85 14.62
N ILE N 37 -78.62 43.57 15.89
CA ILE N 37 -79.81 44.05 16.58
C ILE N 37 -79.53 44.06 18.09
N THR N 38 -79.83 45.17 18.74
CA THR N 38 -79.62 45.32 20.18
C THR N 38 -80.83 46.04 20.76
N ALA N 39 -81.67 45.30 21.48
CA ALA N 39 -82.94 45.83 21.96
C ALA N 39 -83.08 45.61 23.45
N PRO N 40 -82.30 46.31 24.26
CA PRO N 40 -82.51 46.23 25.71
C PRO N 40 -83.70 47.05 26.10
N GLY N 41 -83.97 47.15 27.40
CA GLY N 41 -85.18 47.75 27.90
C GLY N 41 -86.23 46.75 28.30
N GLY N 42 -86.41 45.68 27.53
CA GLY N 42 -87.37 44.65 27.84
C GLY N 42 -86.80 43.25 27.79
N MET N 43 -85.56 43.14 27.31
CA MET N 43 -84.78 41.89 27.33
C MET N 43 -85.51 40.77 26.58
N LEU N 44 -85.57 40.95 25.26
CA LEU N 44 -86.11 39.92 24.38
C LEU N 44 -85.43 38.57 24.62
N ALA N 45 -86.15 37.50 24.31
CA ALA N 45 -85.67 36.16 24.60
C ALA N 45 -84.41 35.82 23.81
N ASP N 46 -84.51 35.84 22.48
CA ASP N 46 -83.38 35.44 21.65
C ASP N 46 -83.49 36.13 20.29
N LYS N 47 -82.38 36.10 19.55
CA LYS N 47 -82.30 36.64 18.21
C LYS N 47 -81.67 35.60 17.30
N ARG N 48 -82.09 35.61 16.04
CA ARG N 48 -81.59 34.63 15.08
C ARG N 48 -81.63 35.25 13.69
N LEU N 49 -80.46 35.39 13.07
CA LEU N 49 -80.34 36.04 11.77
C LEU N 49 -80.51 34.99 10.67
N THR N 50 -81.54 35.17 9.85
CA THR N 50 -81.84 34.22 8.80
C THR N 50 -80.85 34.37 7.66
N THR N 51 -81.08 33.64 6.57
CA THR N 51 -80.23 33.74 5.40
C THR N 51 -80.77 34.70 4.34
N ALA N 52 -82.08 34.96 4.34
CA ALA N 52 -82.63 35.94 3.42
C ALA N 52 -82.07 37.32 3.69
N GLY N 53 -81.92 37.67 4.97
CA GLY N 53 -81.46 38.99 5.36
C GLY N 53 -82.36 39.62 6.39
N GLY N 54 -83.21 38.82 7.02
CA GLY N 54 -84.04 39.28 8.11
C GLY N 54 -83.49 38.87 9.47
N VAL N 55 -84.22 39.26 10.51
CA VAL N 55 -83.85 38.92 11.88
C VAL N 55 -85.10 38.43 12.61
N LEU N 56 -84.97 37.30 13.29
CA LEU N 56 -86.06 36.70 14.05
C LEU N 56 -85.81 36.91 15.53
N PHE N 57 -86.88 37.23 16.27
CA PHE N 57 -86.77 37.52 17.68
C PHE N 57 -88.08 37.13 18.35
N THR N 58 -88.12 37.29 19.67
CA THR N 58 -89.36 37.12 20.41
C THR N 58 -89.19 37.68 21.81
N SER N 59 -90.19 38.42 22.26
CA SER N 59 -90.18 39.02 23.58
C SER N 59 -91.07 38.21 24.51
N VAL N 60 -90.79 38.32 25.82
CA VAL N 60 -91.66 37.79 26.85
C VAL N 60 -92.04 38.84 27.88
N ALA N 61 -91.57 40.08 27.74
CA ALA N 61 -91.89 41.13 28.69
C ALA N 61 -93.33 41.59 28.49
N THR N 62 -93.73 42.62 29.23
CA THR N 62 -95.10 43.13 29.17
C THR N 62 -95.15 44.65 29.13
N ARG N 63 -94.09 45.32 28.66
CA ARG N 63 -94.07 46.76 28.63
C ARG N 63 -93.34 47.25 27.39
N THR N 64 -93.54 48.53 27.08
CA THR N 64 -92.99 49.13 25.88
C THR N 64 -91.50 49.37 26.03
N PHE N 65 -90.75 49.04 24.99
CA PHE N 65 -89.31 49.21 24.99
C PHE N 65 -88.87 49.71 23.61
N THR N 66 -87.58 49.61 23.34
CA THR N 66 -87.00 50.12 22.11
C THR N 66 -86.08 49.09 21.48
N ILE N 67 -86.17 48.95 20.16
CA ILE N 67 -85.38 47.98 19.41
C ILE N 67 -84.59 48.73 18.36
N PHE N 68 -83.27 48.50 18.32
CA PHE N 68 -82.39 49.12 17.34
C PHE N 68 -81.94 48.06 16.35
N VAL N 69 -82.42 48.15 15.12
CA VAL N 69 -82.03 47.23 14.06
C VAL N 69 -81.04 47.93 13.15
N GLU N 70 -79.91 47.29 12.91
CA GLU N 70 -78.82 47.89 12.15
C GLU N 70 -78.49 47.01 10.96
N THR N 71 -78.17 47.66 9.85
CA THR N 71 -77.98 46.97 8.57
C THR N 71 -76.48 46.84 8.30
N ALA N 72 -76.14 46.31 7.12
CA ALA N 72 -74.75 46.13 6.72
C ALA N 72 -74.18 47.31 5.95
N LEU N 73 -75.03 48.09 5.27
CA LEU N 73 -74.58 49.23 4.47
C LEU N 73 -74.60 50.53 5.26
N GLY N 74 -74.40 50.46 6.57
CA GLY N 74 -74.45 51.67 7.38
C GLY N 74 -75.83 52.28 7.43
N GLN N 75 -76.83 51.46 7.73
CA GLN N 75 -78.19 51.92 7.94
C GLN N 75 -78.61 51.54 9.35
N THR N 76 -79.17 52.50 10.09
CA THR N 76 -79.61 52.25 11.45
C THR N 76 -81.01 52.81 11.63
N PHE N 77 -81.93 51.97 12.08
CA PHE N 77 -83.31 52.35 12.31
C PHE N 77 -83.64 52.12 13.77
N SER N 78 -84.89 52.41 14.14
CA SER N 78 -85.33 52.21 15.51
C SER N 78 -86.83 52.02 15.53
N VAL N 79 -87.30 50.99 16.20
CA VAL N 79 -88.72 50.67 16.29
C VAL N 79 -89.10 50.54 17.75
N VAL N 80 -90.20 51.18 18.13
CA VAL N 80 -90.69 51.15 19.50
C VAL N 80 -91.78 50.08 19.54
N ALA N 81 -91.45 48.94 20.14
CA ALA N 81 -92.36 47.80 20.14
C ALA N 81 -93.38 47.92 21.28
N THR N 82 -94.30 46.97 21.31
CA THR N 82 -95.23 46.79 22.42
C THR N 82 -95.77 45.38 22.42
N PRO N 83 -95.42 44.55 23.41
CA PRO N 83 -95.90 43.17 23.42
C PRO N 83 -97.42 43.09 23.54
N VAL N 84 -98.02 42.17 22.77
CA VAL N 84 -99.46 41.90 22.80
C VAL N 84 -99.67 40.39 22.80
N LYS N 85 -100.92 39.95 22.68
CA LYS N 85 -101.31 38.56 22.87
C LYS N 85 -100.66 37.58 21.90
N GLY N 86 -100.97 37.64 20.62
CA GLY N 86 -100.50 36.61 19.72
C GLY N 86 -100.61 36.96 18.24
N GLU N 87 -100.55 35.92 17.42
CA GLU N 87 -100.55 36.04 15.96
C GLU N 87 -99.34 36.85 15.48
N GLY N 88 -98.16 36.23 15.62
CA GLY N 88 -96.90 36.84 15.25
C GLY N 88 -96.91 37.57 13.93
N ARG N 89 -96.13 38.64 13.81
CA ARG N 89 -96.28 39.60 12.73
C ARG N 89 -94.99 39.74 11.94
N VAL N 90 -95.14 40.20 10.70
CA VAL N 90 -94.01 40.45 9.81
C VAL N 90 -94.15 41.86 9.27
N TYR N 91 -93.11 42.68 9.45
CA TYR N 91 -93.07 44.04 8.95
C TYR N 91 -91.97 44.17 7.91
N ARG N 92 -92.05 45.25 7.13
CA ARG N 92 -91.06 45.55 6.10
C ARG N 92 -90.52 46.95 6.33
N LEU N 93 -89.21 47.10 6.19
CA LEU N 93 -88.54 48.38 6.30
C LEU N 93 -88.18 48.89 4.91
N MET N 94 -88.27 50.19 4.71
CA MET N 94 -87.93 50.80 3.43
C MET N 94 -87.24 52.13 3.70
N SER N 95 -85.91 52.15 3.60
CA SER N 95 -85.17 53.38 3.86
C SER N 95 -85.62 54.47 2.90
N ALA N 96 -85.98 55.63 3.45
CA ALA N 96 -86.32 56.77 2.61
C ALA N 96 -85.09 57.50 2.10
N GLU N 97 -83.93 57.25 2.71
CA GLU N 97 -82.67 57.82 2.24
C GLU N 97 -81.79 56.69 1.74
N PRO N 98 -81.55 56.58 0.43
CA PRO N 98 -80.80 55.45 -0.09
C PRO N 98 -79.39 55.44 0.45
N PRO N 99 -78.81 54.25 0.68
CA PRO N 99 -77.43 54.18 1.17
C PRO N 99 -76.41 54.31 0.05
N SER N 100 -75.13 54.08 0.37
CA SER N 100 -74.06 54.20 -0.60
C SER N 100 -73.45 52.83 -0.85
N ARG N 101 -73.34 52.45 -2.13
CA ARG N 101 -72.82 51.14 -2.54
C ARG N 101 -71.70 51.35 -3.55
N PRO N 102 -70.45 51.46 -3.10
CA PRO N 102 -69.35 51.75 -4.04
C PRO N 102 -69.19 50.73 -5.15
N GLU N 103 -69.60 49.48 -4.93
CA GLU N 103 -69.64 48.52 -6.02
C GLU N 103 -70.53 49.01 -7.15
N THR N 104 -71.70 49.53 -6.81
CA THR N 104 -72.56 50.11 -7.84
C THR N 104 -71.96 51.36 -8.46
N ARG N 105 -71.16 52.12 -7.69
CA ARG N 105 -70.47 53.26 -8.29
C ARG N 105 -69.52 52.81 -9.40
N LYS N 106 -68.69 51.80 -9.13
CA LYS N 106 -67.77 51.37 -10.17
C LYS N 106 -68.51 50.70 -11.32
N TRP N 107 -69.60 49.98 -11.04
CA TRP N 107 -70.39 49.40 -12.11
C TRP N 107 -71.00 50.48 -13.01
N GLU N 108 -71.51 51.55 -12.41
CA GLU N 108 -72.16 52.60 -13.18
C GLU N 108 -71.14 53.39 -13.99
N THR N 109 -70.03 53.78 -13.36
CA THR N 109 -69.02 54.54 -14.08
C THR N 109 -68.26 53.70 -15.07
N ALA N 110 -68.37 52.37 -15.00
CA ALA N 110 -67.66 51.52 -15.95
C ALA N 110 -68.15 51.75 -17.37
N GLN N 111 -69.44 51.89 -17.56
CA GLN N 111 -70.03 51.95 -18.90
C GLN N 111 -70.36 53.39 -19.27
N ALA N 112 -71.01 53.57 -20.41
CA ALA N 112 -71.32 54.89 -20.94
C ALA N 112 -72.51 55.47 -20.17
N TYR N 113 -73.08 56.56 -20.67
CA TYR N 113 -74.22 57.19 -20.03
C TYR N 113 -75.54 56.78 -20.67
N GLU N 114 -75.66 56.93 -21.98
CA GLU N 114 -76.93 56.63 -22.63
C GLU N 114 -77.24 55.15 -22.59
N LYS N 115 -76.25 54.30 -22.82
CA LYS N 115 -76.49 52.87 -22.67
C LYS N 115 -76.83 52.52 -21.24
N LEU N 116 -76.33 53.30 -20.28
CA LEU N 116 -76.69 53.07 -18.89
C LEU N 116 -78.15 53.40 -18.63
N LEU N 117 -78.62 54.53 -19.16
CA LEU N 117 -80.03 54.87 -19.03
C LEU N 117 -80.90 53.82 -19.69
N ILE N 118 -80.45 53.28 -20.83
CA ILE N 118 -81.21 52.22 -21.49
C ILE N 118 -81.25 50.95 -20.64
N SER N 119 -80.12 50.59 -20.03
CA SER N 119 -80.08 49.41 -19.17
C SER N 119 -81.08 49.53 -18.03
N LEU N 120 -81.05 50.66 -17.31
CA LEU N 120 -82.00 50.86 -16.23
C LEU N 120 -83.44 50.89 -16.73
N ASN N 121 -83.68 51.53 -17.88
CA ASN N 121 -85.05 51.60 -18.39
C ASN N 121 -85.60 50.21 -18.71
N ARG N 122 -84.80 49.38 -19.36
CA ARG N 122 -85.29 48.05 -19.70
C ARG N 122 -85.41 47.16 -18.47
N ALA N 123 -84.55 47.36 -17.47
CA ALA N 123 -84.70 46.61 -16.24
C ALA N 123 -85.96 47.02 -15.48
N VAL N 124 -86.38 48.28 -15.60
CA VAL N 124 -87.65 48.68 -15.02
C VAL N 124 -88.81 48.07 -15.80
N LEU N 125 -88.74 48.12 -17.14
CA LEU N 125 -89.85 47.64 -17.96
C LEU N 125 -90.07 46.14 -17.80
N THR N 126 -89.02 45.34 -17.96
CA THR N 126 -89.18 43.89 -17.91
C THR N 126 -89.44 43.43 -16.48
N GLY N 127 -88.53 43.74 -15.57
CA GLY N 127 -88.70 43.35 -14.19
C GLY N 127 -87.43 42.92 -13.51
N ASP N 128 -86.44 42.48 -14.29
CA ASP N 128 -85.18 41.99 -13.74
C ASP N 128 -84.32 43.16 -13.29
N ILE N 129 -84.44 43.52 -12.02
CA ILE N 129 -83.62 44.61 -11.46
C ILE N 129 -82.16 44.15 -11.46
N PRO N 130 -81.21 45.02 -11.85
CA PRO N 130 -79.81 44.62 -11.83
C PRO N 130 -79.36 44.26 -10.41
N ASP N 131 -78.20 43.61 -10.34
CA ASP N 131 -77.61 43.28 -9.05
C ASP N 131 -76.91 44.50 -8.49
N GLY N 132 -77.22 44.85 -7.26
CA GLY N 132 -76.67 46.04 -6.63
C GLY N 132 -77.67 47.16 -6.47
N TYR N 133 -78.86 47.06 -7.04
CA TYR N 133 -79.87 48.10 -6.93
C TYR N 133 -80.90 47.71 -5.89
N GLY N 134 -81.12 48.57 -4.92
CA GLY N 134 -82.00 48.30 -3.82
C GLY N 134 -83.45 48.59 -4.17
N GLU N 135 -84.23 48.84 -3.12
CA GLU N 135 -85.63 49.22 -3.26
C GLU N 135 -85.94 50.18 -2.13
N VAL N 136 -86.14 51.45 -2.48
CA VAL N 136 -86.32 52.51 -1.50
C VAL N 136 -87.76 53.00 -1.57
N LYS N 137 -88.09 53.89 -0.66
CA LYS N 137 -89.44 54.44 -0.61
C LYS N 137 -89.66 55.35 -1.82
N PRO N 138 -90.77 55.20 -2.54
CA PRO N 138 -91.04 56.06 -3.69
C PRO N 138 -91.33 57.49 -3.24
N LEU N 139 -90.58 58.44 -3.78
CA LEU N 139 -90.70 59.83 -3.39
C LEU N 139 -91.85 60.50 -4.13
N SER N 140 -92.68 61.23 -3.38
CA SER N 140 -93.75 61.99 -3.99
C SER N 140 -93.19 63.22 -4.71
N ASP N 141 -94.07 63.92 -5.42
CA ASP N 141 -93.82 65.19 -6.12
C ASP N 141 -92.41 65.32 -6.69
N GLY N 142 -91.97 64.30 -7.42
CA GLY N 142 -90.73 64.34 -8.16
C GLY N 142 -90.87 64.74 -9.62
N ILE N 143 -92.06 65.13 -10.06
CA ILE N 143 -92.29 65.57 -11.44
C ILE N 143 -93.29 66.72 -11.43
N ARG N 144 -93.40 67.40 -12.57
CA ARG N 144 -94.33 68.50 -12.71
C ARG N 144 -95.75 67.98 -12.94
N LEU N 145 -96.72 68.90 -12.90
CA LEU N 145 -98.12 68.60 -13.18
C LEU N 145 -98.67 69.61 -14.17
N PRO N 146 -98.53 69.35 -15.47
CA PRO N 146 -99.03 70.28 -16.50
C PRO N 146 -100.51 70.06 -16.80
N GLY N 147 -101.35 70.62 -15.96
CA GLY N 147 -102.78 70.44 -16.04
C GLY N 147 -103.31 69.70 -14.83
N GLY N 148 -104.57 69.29 -14.92
CA GLY N 148 -105.16 68.57 -13.81
C GLY N 148 -104.90 67.09 -13.90
N PHE N 149 -103.85 66.62 -13.23
CA PHE N 149 -103.42 65.24 -13.27
C PHE N 149 -103.28 64.73 -11.84
N SER N 150 -103.43 63.42 -11.66
CA SER N 150 -103.38 62.80 -10.34
C SER N 150 -102.30 61.73 -10.34
N VAL N 151 -101.15 62.07 -9.78
CA VAL N 151 -100.02 61.15 -9.70
C VAL N 151 -100.15 60.29 -8.45
N THR N 152 -99.64 59.06 -8.53
CA THR N 152 -99.68 58.12 -7.42
C THR N 152 -98.47 57.21 -7.53
N PRO N 153 -97.45 57.42 -6.70
CA PRO N 153 -96.22 56.61 -6.82
C PRO N 153 -96.48 55.14 -6.54
N LEU N 154 -95.70 54.29 -7.22
CA LEU N 154 -95.86 52.84 -7.13
C LEU N 154 -94.66 52.17 -6.49
N LYS N 155 -93.46 52.36 -7.03
CA LYS N 155 -92.28 51.68 -6.53
C LYS N 155 -91.05 52.45 -7.00
N ALA N 156 -89.93 52.24 -6.31
CA ALA N 156 -88.70 52.94 -6.65
C ALA N 156 -87.51 52.03 -6.40
N TRP N 157 -86.50 52.16 -7.26
CA TRP N 157 -85.25 51.43 -7.13
C TRP N 157 -84.11 52.43 -7.14
N ALA N 158 -83.15 52.26 -6.24
CA ALA N 158 -82.11 53.25 -6.06
C ALA N 158 -80.83 52.63 -5.53
N GLY N 159 -79.71 53.00 -6.13
CA GLY N 159 -78.47 52.86 -5.41
C GLY N 159 -77.36 53.75 -5.93
N ASP N 160 -76.89 54.64 -5.04
CA ASP N 160 -75.61 55.32 -5.11
C ASP N 160 -75.47 56.29 -6.29
N GLN N 161 -76.39 56.23 -7.25
CA GLN N 161 -76.43 57.11 -8.41
C GLN N 161 -77.68 56.77 -9.22
N LEU N 162 -78.32 57.79 -9.76
CA LEU N 162 -79.45 57.62 -10.67
C LEU N 162 -80.55 56.74 -10.05
N ARG N 163 -81.14 57.27 -8.99
CA ARG N 163 -82.35 56.68 -8.46
C ARG N 163 -83.45 56.71 -9.51
N ALA N 164 -84.14 55.59 -9.69
CA ALA N 164 -85.19 55.46 -10.70
C ALA N 164 -86.53 55.27 -10.01
N ASP N 165 -87.56 55.92 -10.54
CA ASP N 165 -88.89 55.87 -9.93
C ASP N 165 -89.90 55.30 -10.91
N ARG N 166 -91.16 55.26 -10.46
CA ARG N 166 -92.28 54.86 -11.29
C ARG N 166 -93.51 55.58 -10.79
N TYR N 167 -94.27 56.18 -11.70
CA TYR N 167 -95.44 56.95 -11.31
C TYR N 167 -96.67 56.48 -12.06
N GLU N 168 -97.76 57.24 -11.97
CA GLU N 168 -98.94 56.99 -12.78
C GLU N 168 -99.59 58.33 -13.11
N LEU N 169 -99.87 58.56 -14.38
CA LEU N 169 -100.52 59.78 -14.84
C LEU N 169 -101.97 59.50 -15.18
N ARG N 170 -102.88 60.30 -14.63
CA ARG N 170 -104.31 60.14 -14.87
C ARG N 170 -104.89 61.47 -15.33
N ASN N 171 -105.66 61.44 -16.41
CA ASN N 171 -106.31 62.65 -16.91
C ASN N 171 -107.60 62.86 -16.14
N ALA N 172 -107.61 63.87 -15.26
CA ALA N 172 -108.79 64.23 -14.50
C ALA N 172 -109.72 65.16 -15.28
N ASN N 173 -109.36 65.52 -16.50
CA ASN N 173 -110.13 66.46 -17.30
C ASN N 173 -111.19 65.70 -18.11
N THR N 174 -111.77 66.36 -19.10
CA THR N 174 -112.85 65.80 -19.90
C THR N 174 -112.42 65.34 -21.29
N TRP N 175 -111.46 66.02 -21.91
CA TRP N 175 -111.08 65.76 -23.30
C TRP N 175 -109.68 65.13 -23.33
N GLY N 176 -109.15 64.99 -24.55
CA GLY N 176 -107.82 64.43 -24.76
C GLY N 176 -106.80 65.51 -25.01
N VAL N 177 -105.68 65.43 -24.30
CA VAL N 177 -104.64 66.45 -24.34
C VAL N 177 -103.39 65.88 -25.00
N ALA N 178 -102.37 66.71 -25.15
CA ALA N 178 -101.09 66.30 -25.71
C ALA N 178 -100.12 66.00 -24.59
N LEU N 179 -99.45 64.84 -24.67
CA LEU N 179 -98.50 64.39 -23.66
C LEU N 179 -97.09 64.52 -24.25
N ARG N 180 -96.48 65.69 -24.05
CA ARG N 180 -95.12 65.92 -24.50
C ARG N 180 -94.17 65.55 -23.36
N GLU N 181 -93.14 64.77 -23.69
CA GLU N 181 -92.32 64.15 -22.65
C GLU N 181 -91.49 65.15 -21.86
N GLN N 182 -91.33 66.37 -22.35
CA GLN N 182 -90.54 67.38 -21.67
C GLN N 182 -91.37 68.27 -20.75
N ASP N 183 -92.69 68.08 -20.69
CA ASP N 183 -93.47 68.78 -19.68
C ASP N 183 -93.12 68.30 -18.28
N PHE N 184 -92.96 66.99 -18.10
CA PHE N 184 -92.68 66.41 -16.79
C PHE N 184 -91.18 66.43 -16.51
N TRP N 185 -90.61 67.63 -16.50
CA TRP N 185 -89.19 67.80 -16.24
C TRP N 185 -89.03 68.70 -15.03
N LYS N 186 -87.97 68.44 -14.27
CA LYS N 186 -87.61 69.19 -13.08
C LYS N 186 -86.11 69.40 -13.09
N PRO N 187 -85.60 70.26 -12.22
CA PRO N 187 -84.15 70.37 -12.08
C PRO N 187 -83.57 69.18 -11.34
N GLY N 188 -83.23 68.12 -12.05
CA GLY N 188 -82.68 66.93 -11.44
C GLY N 188 -83.08 65.63 -12.12
N VAL N 189 -84.11 65.70 -12.97
CA VAL N 189 -84.55 64.54 -13.75
C VAL N 189 -83.61 64.35 -14.93
N ARG N 190 -83.21 63.11 -15.19
CA ARG N 190 -82.28 62.81 -16.27
C ARG N 190 -82.94 62.17 -17.48
N ALA N 191 -84.11 61.55 -17.32
CA ALA N 191 -84.76 60.90 -18.44
C ALA N 191 -86.24 60.74 -18.14
N VAL N 192 -87.03 60.58 -19.20
CA VAL N 192 -88.46 60.32 -19.09
C VAL N 192 -88.87 59.32 -20.15
N MET N 193 -89.65 58.30 -19.75
CA MET N 193 -90.19 57.30 -20.66
C MET N 193 -91.68 57.18 -20.46
N PHE N 194 -92.41 57.02 -21.56
CA PHE N 194 -93.81 56.65 -21.51
C PHE N 194 -93.93 55.17 -21.83
N ASP N 195 -94.61 54.43 -20.94
CA ASP N 195 -94.56 52.97 -21.02
C ASP N 195 -95.29 52.44 -22.24
N ASN N 196 -96.57 52.75 -22.38
CA ASN N 196 -97.29 52.45 -23.60
C ASN N 196 -97.09 53.61 -24.57
N ASN N 197 -96.79 53.28 -25.84
CA ASN N 197 -96.41 54.31 -26.81
C ASN N 197 -97.66 54.98 -27.38
N ALA N 198 -98.35 55.69 -26.50
CA ALA N 198 -99.54 56.44 -26.87
C ALA N 198 -99.19 57.92 -26.96
N GLN N 199 -99.49 58.52 -28.10
CA GLN N 199 -99.22 59.95 -28.29
C GLN N 199 -100.32 60.82 -27.71
N THR N 200 -101.43 60.22 -27.26
CA THR N 200 -102.50 60.98 -26.62
C THR N 200 -103.41 59.99 -25.91
N LEU N 201 -103.76 60.30 -24.67
CA LEU N 201 -104.66 59.47 -23.88
C LEU N 201 -106.11 59.66 -24.35
N MET N 202 -107.03 59.06 -23.59
CA MET N 202 -108.45 59.19 -23.88
C MET N 202 -109.24 59.87 -22.77
N GLY N 203 -108.83 59.70 -21.52
CA GLY N 203 -109.59 60.21 -20.39
C GLY N 203 -109.50 59.26 -19.22
N GLY N 204 -109.12 58.01 -19.50
CA GLY N 204 -108.95 57.02 -18.46
C GLY N 204 -107.53 57.05 -17.91
N GLY N 205 -107.43 56.87 -16.60
CA GLY N 205 -106.15 56.92 -15.92
C GLY N 205 -105.46 55.58 -15.79
N ARG N 206 -104.92 55.07 -16.88
CA ARG N 206 -104.15 53.82 -16.87
C ARG N 206 -102.85 53.98 -17.63
N MET N 207 -102.14 55.07 -17.39
CA MET N 207 -100.85 55.32 -18.02
C MET N 207 -99.79 55.53 -16.94
N THR N 208 -98.73 54.74 -17.00
CA THR N 208 -97.61 54.90 -16.09
C THR N 208 -96.44 55.56 -16.79
N VAL N 209 -95.43 55.93 -16.02
CA VAL N 209 -94.30 56.68 -16.53
C VAL N 209 -93.11 56.43 -15.61
N THR N 210 -91.93 56.32 -16.20
CA THR N 210 -90.70 56.04 -15.45
C THR N 210 -89.79 57.25 -15.50
N VAL N 211 -89.27 57.64 -14.35
CA VAL N 211 -88.45 58.83 -14.18
C VAL N 211 -87.14 58.41 -13.55
N ILE N 212 -86.02 58.85 -14.12
CA ILE N 212 -84.71 58.47 -13.62
C ILE N 212 -84.03 59.70 -13.03
N ARG N 213 -84.21 59.92 -11.74
CA ARG N 213 -83.65 61.09 -11.06
C ARG N 213 -82.18 60.85 -10.74
N GLY N 214 -81.60 61.69 -9.89
CA GLY N 214 -80.23 61.56 -9.48
C GLY N 214 -80.08 61.66 -7.97
N ASN N 215 -78.82 61.56 -7.53
CA ASN N 215 -78.46 61.64 -6.12
C ASN N 215 -79.19 60.59 -5.29
N GLY N 216 -79.35 59.39 -5.85
CA GLY N 216 -80.01 58.31 -5.15
C GLY N 216 -79.05 57.48 -4.34
N ALA O 1 -90.58 56.37 10.64
CA ALA O 1 -91.51 57.48 10.50
C ALA O 1 -90.89 58.79 10.96
N GLN O 2 -90.91 59.03 12.27
CA GLN O 2 -90.45 60.30 12.80
C GLN O 2 -88.99 60.55 12.43
N SER O 3 -88.72 61.76 11.96
CA SER O 3 -87.37 62.11 11.55
C SER O 3 -86.48 62.30 12.78
N PRO O 4 -85.17 62.09 12.63
CA PRO O 4 -84.26 62.36 13.75
C PRO O 4 -84.23 63.84 14.07
N ALA O 5 -84.01 64.16 15.34
CA ALA O 5 -83.85 65.55 15.74
C ALA O 5 -82.49 66.04 15.29
N THR O 6 -82.47 66.97 14.34
CA THR O 6 -81.22 67.46 13.76
C THR O 6 -80.89 68.83 14.35
N ILE O 7 -79.63 68.99 14.77
CA ILE O 7 -79.16 70.20 15.41
C ILE O 7 -77.81 70.60 14.84
N SER O 8 -77.46 71.86 15.01
CA SER O 8 -76.22 72.41 14.50
C SER O 8 -75.39 72.98 15.64
N LEU O 9 -74.10 72.63 15.65
CA LEU O 9 -73.17 73.08 16.67
C LEU O 9 -71.92 73.66 16.02
N PRO O 10 -71.30 74.64 16.67
CA PRO O 10 -69.96 75.07 16.22
C PRO O 10 -68.91 74.05 16.61
N GLN O 11 -67.64 74.37 16.40
CA GLN O 11 -66.56 73.47 16.83
C GLN O 11 -66.44 73.53 18.35
N GLY O 12 -66.46 72.37 18.98
CA GLY O 12 -66.36 72.32 20.43
C GLY O 12 -67.62 72.75 21.16
N GLY O 13 -68.78 72.66 20.52
CA GLY O 13 -70.00 73.12 21.13
C GLY O 13 -70.59 72.12 22.11
N GLN O 14 -71.68 72.55 22.71
CA GLN O 14 -72.43 71.82 23.71
C GLN O 14 -73.85 71.71 23.17
N PHE O 15 -74.77 71.15 23.95
CA PHE O 15 -76.20 71.27 23.65
C PHE O 15 -77.05 70.72 24.77
N ARG O 16 -78.14 71.43 25.06
CA ARG O 16 -79.12 71.02 26.06
C ARG O 16 -80.13 70.10 25.40
N LEU O 17 -79.98 68.79 25.61
CA LEU O 17 -80.88 67.79 25.05
C LEU O 17 -81.41 66.92 26.17
N SER O 18 -82.20 65.91 25.82
CA SER O 18 -82.75 64.99 26.80
C SER O 18 -82.59 63.56 26.32
N ILE O 19 -82.20 62.67 27.25
CA ILE O 19 -82.08 61.26 26.97
C ILE O 19 -82.94 60.49 27.95
N SER O 20 -83.08 59.19 27.71
CA SER O 20 -83.88 58.29 28.53
C SER O 20 -82.99 57.22 29.13
N ASN O 21 -83.20 56.94 30.42
CA ASN O 21 -82.31 56.03 31.15
C ASN O 21 -82.42 54.59 30.63
N THR O 22 -83.64 54.07 30.51
CA THR O 22 -83.84 52.80 29.82
C THR O 22 -83.76 53.04 28.31
N ASP O 23 -84.03 51.99 27.53
CA ASP O 23 -84.28 52.21 26.11
C ASP O 23 -83.11 52.87 25.41
N PRO O 24 -82.05 52.12 25.08
CA PRO O 24 -80.76 52.73 24.74
C PRO O 24 -80.89 53.84 23.71
N ASN O 25 -80.16 54.92 23.96
CA ASN O 25 -80.20 56.13 23.14
C ASN O 25 -79.03 56.11 22.17
N MET O 26 -79.18 56.77 21.04
CA MET O 26 -78.14 56.78 20.02
C MET O 26 -77.81 58.21 19.63
N ILE O 27 -76.53 58.45 19.38
CA ILE O 27 -76.03 59.70 18.81
C ILE O 27 -75.09 59.35 17.68
N PHE O 28 -75.29 59.98 16.52
CA PHE O 28 -74.43 59.70 15.37
C PHE O 28 -74.22 60.96 14.57
N ILE O 29 -73.02 61.11 14.04
CA ILE O 29 -72.66 62.23 13.18
C ILE O 29 -72.68 61.74 11.73
N PRO O 30 -73.51 62.31 10.87
CA PRO O 30 -73.59 61.83 9.48
C PRO O 30 -72.32 62.18 8.71
N GLY O 31 -71.64 61.16 8.20
CA GLY O 31 -70.43 61.33 7.44
C GLY O 31 -69.15 61.03 8.19
N ASP O 32 -69.22 60.81 9.50
CA ASP O 32 -68.04 60.58 10.31
C ASP O 32 -68.17 59.27 11.09
N LYS O 33 -67.09 58.94 11.79
CA LYS O 33 -67.06 57.78 12.68
C LYS O 33 -66.63 58.25 14.06
N VAL O 34 -67.50 58.03 15.06
CA VAL O 34 -67.17 58.43 16.41
C VAL O 34 -66.03 57.58 16.94
N THR O 35 -65.02 58.22 17.51
CA THR O 35 -63.82 57.54 17.95
C THR O 35 -63.74 57.36 19.45
N ALA O 36 -64.14 58.36 20.23
CA ALA O 36 -64.01 58.30 21.68
C ALA O 36 -65.30 58.80 22.32
N ILE O 37 -65.28 58.84 23.65
CA ILE O 37 -66.40 59.32 24.44
C ILE O 37 -65.89 59.57 25.85
N THR O 38 -66.62 60.39 26.60
CA THR O 38 -66.26 60.64 28.00
C THR O 38 -67.52 61.11 28.71
N ALA O 39 -68.10 60.27 29.53
CA ALA O 39 -69.42 60.52 30.10
C ALA O 39 -69.36 60.42 31.63
N PRO O 40 -68.84 61.43 32.29
CA PRO O 40 -68.78 61.39 33.75
C PRO O 40 -69.98 62.08 34.37
N GLY O 41 -70.15 61.85 35.67
CA GLY O 41 -71.30 62.38 36.36
C GLY O 41 -72.47 61.40 36.40
N GLY O 42 -72.76 60.78 35.27
CA GLY O 42 -73.86 59.84 35.19
C GLY O 42 -73.42 58.39 35.33
N MET O 43 -72.19 58.11 34.95
CA MET O 43 -71.62 56.77 35.02
C MET O 43 -72.48 55.76 34.25
N LEU O 44 -72.72 56.08 32.99
CA LEU O 44 -73.56 55.25 32.15
C LEU O 44 -72.88 53.92 31.84
N ALA O 45 -73.68 52.91 31.48
CA ALA O 45 -73.22 51.53 31.46
C ALA O 45 -72.82 51.05 30.06
N ASP O 46 -73.75 51.03 29.11
CA ASP O 46 -73.46 50.46 27.80
C ASP O 46 -72.77 51.50 26.92
N LYS O 47 -71.77 51.06 26.16
CA LYS O 47 -71.03 51.92 25.25
C LYS O 47 -70.57 51.06 24.08
N ARG O 48 -71.34 51.08 22.99
CA ARG O 48 -71.06 50.23 21.84
C ARG O 48 -71.01 51.08 20.58
N LEU O 49 -70.22 50.63 19.61
CA LEU O 49 -70.10 51.29 18.32
C LEU O 49 -70.91 50.54 17.28
N THR O 50 -71.83 51.25 16.62
CA THR O 50 -72.66 50.63 15.60
C THR O 50 -71.87 50.51 14.30
N THR O 51 -72.55 50.16 13.21
CA THR O 51 -71.89 50.04 11.93
C THR O 51 -71.93 51.33 11.11
N ALA O 52 -72.93 52.18 11.34
CA ALA O 52 -72.98 53.46 10.63
C ALA O 52 -71.79 54.33 11.02
N GLY O 53 -71.42 54.34 12.29
CA GLY O 53 -70.32 55.14 12.77
C GLY O 53 -70.63 55.77 14.11
N GLY O 54 -71.91 55.90 14.42
CA GLY O 54 -72.33 56.53 15.66
C GLY O 54 -72.06 55.64 16.86
N VAL O 55 -72.38 56.18 18.03
CA VAL O 55 -72.22 55.48 19.29
C VAL O 55 -73.52 55.54 20.06
N LEU O 56 -73.89 54.44 20.68
CA LEU O 56 -75.12 54.34 21.45
C LEU O 56 -74.81 53.86 22.86
N PHE O 57 -75.66 54.27 23.80
CA PHE O 57 -75.34 54.18 25.21
C PHE O 57 -76.63 53.93 25.98
N THR O 58 -76.49 53.78 27.31
CA THR O 58 -77.65 53.53 28.16
C THR O 58 -77.33 54.08 29.54
N SER O 59 -77.86 55.26 29.84
CA SER O 59 -77.62 55.87 31.15
C SER O 59 -78.42 55.12 32.22
N VAL O 60 -78.01 55.34 33.47
CA VAL O 60 -78.71 54.74 34.60
C VAL O 60 -78.95 55.78 35.68
N ALA O 61 -78.29 56.93 35.57
CA ALA O 61 -78.28 57.92 36.64
C ALA O 61 -79.62 58.65 36.68
N THR O 62 -79.72 59.68 37.52
CA THR O 62 -80.98 60.36 37.74
C THR O 62 -80.85 61.88 37.74
N ARG O 63 -79.71 62.43 37.36
CA ARG O 63 -79.50 63.87 37.40
C ARG O 63 -78.84 64.33 36.11
N THR O 64 -78.71 65.64 35.96
CA THR O 64 -78.18 66.25 34.74
C THR O 64 -76.66 66.32 34.78
N PHE O 65 -76.02 65.85 33.72
CA PHE O 65 -74.57 65.79 33.67
C PHE O 65 -74.11 66.20 32.28
N THR O 66 -72.86 65.90 31.96
CA THR O 66 -72.26 66.29 30.69
C THR O 66 -71.56 65.10 30.06
N ILE O 67 -71.79 64.91 28.75
CA ILE O 67 -71.17 63.83 28.01
C ILE O 67 -70.43 64.43 26.82
N PHE O 68 -69.15 64.12 26.70
CA PHE O 68 -68.34 64.57 25.58
C PHE O 68 -68.30 63.50 24.50
N VAL O 69 -67.94 63.92 23.30
CA VAL O 69 -67.88 63.02 22.15
C VAL O 69 -66.87 63.57 21.16
N GLU O 70 -66.10 62.68 20.54
CA GLU O 70 -65.08 63.07 19.60
C GLU O 70 -65.37 62.44 18.25
N THR O 71 -64.55 62.79 17.27
CA THR O 71 -64.76 62.38 15.89
C THR O 71 -63.43 61.91 15.32
N ALA O 72 -63.51 61.07 14.29
CA ALA O 72 -62.30 60.58 13.63
C ALA O 72 -61.50 61.72 13.03
N LEU O 73 -62.15 62.82 12.67
CA LEU O 73 -61.46 63.97 12.08
C LEU O 73 -61.17 65.08 13.08
N GLY O 74 -61.46 64.87 14.37
CA GLY O 74 -61.15 65.84 15.40
C GLY O 74 -62.31 66.71 15.84
N GLN O 75 -63.45 66.62 15.18
CA GLN O 75 -64.60 67.48 15.48
C GLN O 75 -65.22 67.04 16.80
N THR O 76 -64.65 67.54 17.89
CA THR O 76 -65.18 67.25 19.22
C THR O 76 -66.44 68.07 19.49
N PHE O 77 -67.24 67.60 20.44
CA PHE O 77 -68.52 68.23 20.76
C PHE O 77 -68.76 68.08 22.26
N SER O 78 -70.00 68.35 22.66
CA SER O 78 -70.43 68.16 24.04
C SER O 78 -71.94 68.17 24.06
N VAL O 79 -72.53 67.40 24.97
CA VAL O 79 -73.97 67.36 25.14
C VAL O 79 -74.28 67.31 26.63
N VAL O 80 -75.29 68.05 27.06
CA VAL O 80 -75.71 68.06 28.45
C VAL O 80 -76.98 67.22 28.54
N ALA O 81 -76.83 65.97 28.95
CA ALA O 81 -77.94 65.04 29.01
C ALA O 81 -78.84 65.36 30.18
N THR O 82 -80.00 64.72 30.18
CA THR O 82 -80.95 64.79 31.29
C THR O 82 -81.87 63.57 31.28
N PRO O 83 -81.59 62.55 32.09
CA PRO O 83 -82.40 61.33 32.04
C PRO O 83 -83.87 61.58 32.38
N VAL O 84 -84.74 60.81 31.73
CA VAL O 84 -86.19 60.91 31.88
C VAL O 84 -86.77 59.50 32.03
N LYS O 85 -88.10 59.41 31.99
CA LYS O 85 -88.78 58.15 32.27
C LYS O 85 -88.40 57.06 31.26
N GLY O 86 -88.77 57.23 30.00
CA GLY O 86 -88.57 56.15 29.05
C GLY O 86 -88.68 56.62 27.61
N GLU O 87 -88.81 55.64 26.71
CA GLU O 87 -88.94 55.84 25.26
C GLU O 87 -87.69 56.53 24.69
N GLY O 88 -86.60 55.76 24.68
CA GLY O 88 -85.33 56.28 24.22
C GLY O 88 -85.40 56.84 22.81
N ARG O 89 -84.53 57.81 22.54
CA ARG O 89 -84.63 58.66 21.35
C ARG O 89 -83.27 58.75 20.65
N VAL O 90 -83.33 59.15 19.38
CA VAL O 90 -82.15 59.25 18.52
C VAL O 90 -81.99 60.69 18.08
N TYR O 91 -80.77 61.21 18.16
CA TYR O 91 -80.42 62.56 17.74
C TYR O 91 -79.41 62.51 16.62
N ARG O 92 -79.11 63.68 16.05
CA ARG O 92 -78.11 63.80 15.01
C ARG O 92 -77.22 65.00 15.29
N LEU O 93 -75.91 64.81 15.13
CA LEU O 93 -74.94 65.86 15.40
C LEU O 93 -74.21 66.21 14.11
N MET O 94 -74.24 67.49 13.75
CA MET O 94 -73.50 67.98 12.59
C MET O 94 -73.07 69.41 12.84
N SER O 95 -71.93 69.78 12.27
CA SER O 95 -71.44 71.14 12.34
C SER O 95 -71.90 71.93 11.12
N ALA O 96 -71.86 73.25 11.24
CA ALA O 96 -72.47 74.13 10.25
C ALA O 96 -71.47 74.57 9.17
N GLU O 97 -70.43 75.30 9.55
CA GLU O 97 -69.49 75.82 8.57
C GLU O 97 -68.41 74.81 8.14
N PRO O 98 -67.75 74.11 9.06
CA PRO O 98 -66.56 73.32 8.68
C PRO O 98 -66.81 72.32 7.56
N PRO O 99 -67.97 71.62 7.51
CA PRO O 99 -68.19 70.74 6.36
C PRO O 99 -68.46 71.53 5.09
N SER O 100 -67.47 71.61 4.20
CA SER O 100 -67.64 72.33 2.94
C SER O 100 -66.62 71.78 1.94
N ARG O 101 -67.09 70.95 1.01
CA ARG O 101 -66.26 70.42 -0.06
C ARG O 101 -67.15 70.14 -1.26
N PRO O 102 -67.53 71.17 -2.00
CA PRO O 102 -68.42 70.99 -3.15
C PRO O 102 -67.74 70.43 -4.39
N GLU O 103 -66.52 69.94 -4.27
CA GLU O 103 -65.83 69.37 -5.42
C GLU O 103 -66.62 68.18 -5.96
N THR O 104 -66.84 68.17 -7.27
CA THR O 104 -67.57 67.10 -7.92
C THR O 104 -66.70 66.44 -8.98
N ARG O 105 -66.57 65.12 -8.89
CA ARG O 105 -65.94 64.37 -9.96
C ARG O 105 -66.84 64.42 -11.18
N LYS O 106 -66.25 64.63 -12.36
CA LYS O 106 -67.05 64.73 -13.57
C LYS O 106 -67.32 63.33 -14.09
N TRP O 107 -68.47 62.78 -13.70
CA TRP O 107 -68.99 61.52 -14.17
C TRP O 107 -69.69 61.78 -15.51
N GLU O 108 -70.53 60.86 -15.99
CA GLU O 108 -71.27 61.00 -17.23
C GLU O 108 -70.38 61.04 -18.47
N THR O 109 -69.66 59.96 -18.72
CA THR O 109 -68.92 59.84 -19.97
C THR O 109 -69.88 59.78 -21.16
N ALA O 110 -69.31 59.87 -22.35
CA ALA O 110 -70.09 59.92 -23.59
C ALA O 110 -69.79 58.68 -24.43
N GLN O 111 -70.45 58.62 -25.59
CA GLN O 111 -70.32 57.49 -26.48
C GLN O 111 -68.97 57.51 -27.19
N ALA O 112 -68.61 56.35 -27.75
CA ALA O 112 -67.36 56.24 -28.49
C ALA O 112 -67.44 56.87 -29.87
N TYR O 113 -68.62 56.93 -30.45
CA TYR O 113 -68.80 57.52 -31.78
C TYR O 113 -68.86 59.04 -31.73
N GLU O 114 -69.50 59.61 -30.71
CA GLU O 114 -69.65 61.06 -30.62
C GLU O 114 -68.37 61.76 -30.24
N LYS O 115 -67.56 61.16 -29.36
CA LYS O 115 -66.34 61.82 -28.90
C LYS O 115 -65.39 62.05 -30.07
N LEU O 116 -65.28 61.09 -30.99
CA LEU O 116 -64.36 61.25 -32.10
C LEU O 116 -64.88 62.23 -33.15
N LEU O 117 -66.20 62.23 -33.39
CA LEU O 117 -66.77 63.27 -34.23
C LEU O 117 -66.47 64.66 -33.68
N ILE O 118 -66.66 64.84 -32.38
CA ILE O 118 -66.41 66.16 -31.78
C ILE O 118 -64.93 66.50 -31.83
N SER O 119 -64.06 65.52 -31.59
CA SER O 119 -62.63 65.78 -31.63
C SER O 119 -62.18 66.24 -33.02
N LEU O 120 -62.61 65.51 -34.06
CA LEU O 120 -62.23 65.90 -35.41
C LEU O 120 -62.85 67.24 -35.81
N ASN O 121 -64.12 67.45 -35.47
CA ASN O 121 -64.78 68.70 -35.82
C ASN O 121 -64.24 69.87 -35.02
N ARG O 122 -63.55 69.62 -33.91
CA ARG O 122 -62.88 70.68 -33.17
C ARG O 122 -61.50 70.95 -33.74
N ALA O 123 -60.79 69.91 -34.16
CA ALA O 123 -59.49 70.09 -34.80
C ALA O 123 -59.60 70.66 -36.21
N VAL O 124 -60.79 70.63 -36.82
CA VAL O 124 -60.96 71.30 -38.10
C VAL O 124 -61.25 72.79 -37.92
N LEU O 125 -61.65 73.20 -36.72
CA LEU O 125 -61.94 74.60 -36.45
C LEU O 125 -60.74 75.33 -35.87
N THR O 126 -60.05 74.73 -34.89
CA THR O 126 -58.86 75.34 -34.32
C THR O 126 -57.78 75.51 -35.38
N GLY O 127 -57.57 74.48 -36.20
CA GLY O 127 -56.58 74.50 -37.25
C GLY O 127 -55.56 73.37 -37.15
N ASP O 128 -55.30 72.89 -35.93
CA ASP O 128 -54.32 71.82 -35.74
C ASP O 128 -54.85 70.54 -36.35
N ILE O 129 -54.17 70.06 -37.40
CA ILE O 129 -54.65 68.89 -38.13
C ILE O 129 -54.23 67.63 -37.38
N PRO O 130 -55.16 66.75 -37.04
CA PRO O 130 -54.78 65.54 -36.30
C PRO O 130 -53.90 64.63 -37.13
N ASP O 131 -53.07 63.85 -36.44
CA ASP O 131 -52.18 62.92 -37.11
C ASP O 131 -53.02 61.84 -37.80
N GLY O 132 -52.92 61.77 -39.12
CA GLY O 132 -53.62 60.76 -39.87
C GLY O 132 -54.63 61.31 -40.85
N TYR O 133 -54.50 62.60 -41.17
CA TYR O 133 -55.40 63.26 -42.09
C TYR O 133 -54.61 64.10 -43.08
N GLY O 134 -54.98 63.99 -44.35
CA GLY O 134 -54.27 64.71 -45.39
C GLY O 134 -55.06 65.87 -45.96
N GLU O 135 -55.17 65.92 -47.28
CA GLU O 135 -55.98 66.92 -47.95
C GLU O 135 -56.40 66.36 -49.29
N VAL O 136 -57.59 66.75 -49.75
CA VAL O 136 -58.20 66.16 -50.93
C VAL O 136 -58.91 67.24 -51.73
N LYS O 137 -59.35 66.86 -52.91
CA LYS O 137 -60.13 67.74 -53.76
C LYS O 137 -61.54 67.85 -53.22
N PRO O 138 -62.11 69.06 -53.19
CA PRO O 138 -63.48 69.23 -52.66
C PRO O 138 -64.50 68.48 -53.51
N LEU O 139 -65.19 67.53 -52.87
CA LEU O 139 -66.26 66.80 -53.53
C LEU O 139 -67.34 67.74 -54.00
N SER O 140 -67.81 67.54 -55.23
CA SER O 140 -68.81 68.44 -55.80
C SER O 140 -70.14 68.27 -55.10
N ASP O 141 -70.80 69.40 -54.86
CA ASP O 141 -72.20 69.52 -54.42
C ASP O 141 -72.67 68.38 -53.50
N GLY O 142 -71.88 68.09 -52.47
CA GLY O 142 -72.25 67.10 -51.49
C GLY O 142 -73.15 67.60 -50.38
N ILE O 143 -73.71 68.81 -50.50
CA ILE O 143 -74.63 69.36 -49.53
C ILE O 143 -75.79 70.03 -50.26
N ARG O 144 -76.99 69.90 -49.69
CA ARG O 144 -78.20 70.43 -50.30
C ARG O 144 -78.21 71.96 -50.22
N LEU O 145 -79.14 72.56 -50.95
CA LEU O 145 -79.30 74.01 -50.99
C LEU O 145 -80.74 74.35 -50.65
N PRO O 146 -80.99 75.12 -49.59
CA PRO O 146 -82.37 75.49 -49.21
C PRO O 146 -82.84 76.79 -49.87
N GLY O 147 -82.98 76.76 -51.18
CA GLY O 147 -83.49 77.92 -51.88
C GLY O 147 -82.42 78.81 -52.47
N GLY O 148 -82.63 80.12 -52.40
CA GLY O 148 -81.76 81.07 -53.08
C GLY O 148 -80.39 81.19 -52.45
N PHE O 149 -79.67 80.09 -52.38
CA PHE O 149 -78.32 80.06 -51.84
C PHE O 149 -77.36 79.63 -52.94
N SER O 150 -76.11 79.40 -52.54
CA SER O 150 -75.10 78.90 -53.45
C SER O 150 -74.08 78.13 -52.63
N VAL O 151 -73.21 77.41 -53.33
CA VAL O 151 -72.09 76.71 -52.71
C VAL O 151 -70.83 77.05 -53.48
N THR O 152 -69.74 77.24 -52.75
CA THR O 152 -68.45 77.58 -53.33
C THR O 152 -67.39 76.79 -52.58
N PRO O 153 -67.09 75.57 -53.02
CA PRO O 153 -66.16 74.71 -52.29
C PRO O 153 -64.83 75.41 -52.04
N LEU O 154 -64.21 75.06 -50.91
CA LEU O 154 -62.90 75.58 -50.55
C LEU O 154 -61.84 74.49 -50.56
N LYS O 155 -62.04 73.42 -49.80
CA LYS O 155 -61.03 72.41 -49.54
C LYS O 155 -61.70 71.29 -48.74
N ALA O 156 -60.89 70.33 -48.31
CA ALA O 156 -61.40 69.22 -47.50
C ALA O 156 -60.26 68.41 -46.91
N TRP O 157 -60.49 67.74 -45.80
CA TRP O 157 -59.54 66.77 -45.27
C TRP O 157 -60.04 65.37 -45.55
N ALA O 158 -59.20 64.38 -45.25
CA ALA O 158 -59.58 62.99 -45.44
C ALA O 158 -58.56 62.07 -44.78
N GLY O 159 -59.00 60.84 -44.54
CA GLY O 159 -58.10 59.78 -44.15
C GLY O 159 -58.56 58.88 -43.00
N ASP O 160 -58.68 57.60 -43.33
CA ASP O 160 -58.87 56.47 -42.43
C ASP O 160 -60.26 56.42 -41.79
N GLN O 161 -61.00 57.53 -41.86
CA GLN O 161 -62.44 57.65 -41.65
C GLN O 161 -62.77 59.13 -41.70
N LEU O 162 -64.06 59.43 -41.85
CA LEU O 162 -64.56 60.79 -41.66
C LEU O 162 -63.87 61.78 -42.61
N ARG O 163 -64.19 61.64 -43.89
CA ARG O 163 -63.68 62.60 -44.87
C ARG O 163 -64.39 63.92 -44.66
N ALA O 164 -63.76 64.83 -43.92
CA ALA O 164 -64.37 66.10 -43.59
C ALA O 164 -64.32 67.05 -44.79
N ASP O 165 -65.09 68.13 -44.71
CA ASP O 165 -65.20 69.10 -45.79
C ASP O 165 -65.26 70.51 -45.20
N ARG O 166 -65.38 71.49 -46.09
CA ARG O 166 -65.66 72.87 -45.68
C ARG O 166 -66.29 73.58 -46.88
N TYR O 167 -67.58 73.88 -46.80
CA TYR O 167 -68.29 74.58 -47.86
C TYR O 167 -68.59 76.02 -47.43
N GLU O 168 -69.33 76.73 -48.25
CA GLU O 168 -69.52 78.16 -48.09
C GLU O 168 -70.97 78.53 -48.39
N LEU O 169 -71.54 79.42 -47.59
CA LEU O 169 -72.92 79.85 -47.69
C LEU O 169 -72.99 81.28 -48.20
N ARG O 170 -74.04 81.58 -48.96
CA ARG O 170 -74.18 82.90 -49.57
C ARG O 170 -75.67 83.19 -49.73
N ASN O 171 -76.18 84.16 -49.00
CA ASN O 171 -77.57 84.56 -49.17
C ASN O 171 -77.72 85.35 -50.45
N ALA O 172 -78.25 84.71 -51.50
CA ALA O 172 -78.43 85.37 -52.78
C ALA O 172 -79.73 86.14 -52.87
N ASN O 173 -80.56 86.07 -51.84
CA ASN O 173 -81.82 86.80 -51.78
C ASN O 173 -81.58 88.16 -51.12
N THR O 174 -82.65 88.85 -50.75
CA THR O 174 -82.52 90.22 -50.26
C THR O 174 -82.84 90.39 -48.77
N TRP O 175 -83.74 89.59 -48.20
CA TRP O 175 -84.18 89.78 -46.82
C TRP O 175 -83.57 88.73 -45.91
N GLY O 176 -84.02 88.72 -44.65
CA GLY O 176 -83.52 87.81 -43.64
C GLY O 176 -84.53 86.73 -43.31
N VAL O 177 -84.03 85.53 -43.03
CA VAL O 177 -84.86 84.37 -42.73
C VAL O 177 -84.32 83.69 -41.47
N ALA O 178 -84.88 82.54 -41.13
CA ALA O 178 -84.39 81.74 -40.02
C ALA O 178 -83.54 80.58 -40.53
N LEU O 179 -82.89 79.89 -39.60
CA LEU O 179 -82.01 78.78 -39.94
C LEU O 179 -82.29 77.57 -39.04
N ARG O 180 -82.43 76.41 -39.66
CA ARG O 180 -82.48 75.13 -38.96
C ARG O 180 -81.59 74.16 -39.74
N GLU O 181 -80.53 73.68 -39.10
CA GLU O 181 -79.44 73.00 -39.80
C GLU O 181 -79.75 71.56 -40.19
N GLN O 182 -81.02 71.16 -40.16
CA GLN O 182 -81.44 69.88 -40.70
C GLN O 182 -81.86 69.97 -42.17
N ASP O 183 -81.70 71.14 -42.78
CA ASP O 183 -82.04 71.32 -44.19
C ASP O 183 -80.88 71.02 -45.12
N PHE O 184 -79.64 71.06 -44.62
CA PHE O 184 -78.47 70.82 -45.45
C PHE O 184 -78.12 69.35 -45.55
N TRP O 185 -78.83 68.49 -44.81
CA TRP O 185 -78.43 67.10 -44.70
C TRP O 185 -78.53 66.39 -46.05
N LYS O 186 -77.53 65.57 -46.34
CA LYS O 186 -77.44 64.76 -47.54
C LYS O 186 -77.25 63.31 -47.15
N PRO O 187 -77.50 62.38 -48.07
CA PRO O 187 -77.40 60.95 -47.71
C PRO O 187 -75.97 60.49 -47.50
N GLY O 188 -75.48 60.64 -46.28
CA GLY O 188 -74.15 60.20 -45.92
C GLY O 188 -73.51 61.13 -44.91
N VAL O 189 -74.15 62.28 -44.68
CA VAL O 189 -73.61 63.27 -43.77
C VAL O 189 -73.63 62.73 -42.34
N ARG O 190 -72.55 62.97 -41.61
CA ARG O 190 -72.47 62.57 -40.22
C ARG O 190 -72.67 63.72 -39.24
N ALA O 191 -72.29 64.94 -39.62
CA ALA O 191 -72.42 66.08 -38.72
C ALA O 191 -72.27 67.37 -39.52
N VAL O 192 -73.00 68.39 -39.10
CA VAL O 192 -72.97 69.70 -39.74
C VAL O 192 -72.77 70.77 -38.67
N MET O 193 -71.73 71.57 -38.82
CA MET O 193 -71.42 72.65 -37.89
C MET O 193 -71.65 74.00 -38.56
N PHE O 194 -72.15 74.95 -37.80
CA PHE O 194 -72.23 76.35 -38.21
C PHE O 194 -71.21 77.14 -37.41
N ASP O 195 -70.27 77.78 -38.11
CA ASP O 195 -69.15 78.43 -37.44
C ASP O 195 -69.51 79.81 -36.91
N ASN O 196 -69.87 80.72 -37.80
CA ASN O 196 -70.34 82.04 -37.37
C ASN O 196 -71.73 81.88 -36.78
N ASN O 197 -71.80 81.86 -35.44
CA ASN O 197 -73.01 81.46 -34.74
C ASN O 197 -74.09 82.50 -34.97
N ALA O 198 -75.00 82.22 -35.89
CA ALA O 198 -76.10 83.11 -36.21
C ALA O 198 -77.34 82.29 -36.49
N GLN O 199 -78.48 82.74 -35.96
CA GLN O 199 -79.76 82.08 -36.17
C GLN O 199 -80.67 82.86 -37.12
N THR O 200 -80.13 83.82 -37.87
CA THR O 200 -80.92 84.60 -38.81
C THR O 200 -80.00 85.05 -39.94
N LEU O 201 -80.59 85.21 -41.13
CA LEU O 201 -79.85 85.55 -42.33
C LEU O 201 -79.82 87.06 -42.54
N MET O 202 -78.79 87.51 -43.27
CA MET O 202 -78.53 88.94 -43.45
C MET O 202 -78.33 89.37 -44.89
N GLY O 203 -77.81 88.52 -45.77
CA GLY O 203 -77.53 88.88 -47.15
C GLY O 203 -76.08 88.72 -47.54
N GLY O 204 -75.18 88.75 -46.57
CA GLY O 204 -73.77 88.61 -46.82
C GLY O 204 -73.28 87.22 -46.43
N GLY O 205 -72.69 86.53 -47.40
CA GLY O 205 -72.23 85.18 -47.16
C GLY O 205 -70.74 85.08 -46.89
N ARG O 206 -70.39 84.99 -45.60
CA ARG O 206 -69.01 84.84 -45.19
C ARG O 206 -68.85 83.75 -44.13
N MET O 207 -69.85 82.89 -43.96
CA MET O 207 -69.82 81.82 -42.98
C MET O 207 -69.61 80.49 -43.69
N THR O 208 -68.93 79.57 -43.01
CA THR O 208 -68.67 78.26 -43.55
C THR O 208 -69.31 77.18 -42.68
N VAL O 209 -69.36 75.96 -43.22
CA VAL O 209 -69.85 74.79 -42.51
C VAL O 209 -68.86 73.66 -42.72
N THR O 210 -68.86 72.73 -41.77
CA THR O 210 -67.98 71.56 -41.83
C THR O 210 -68.86 70.32 -41.89
N VAL O 211 -68.94 69.71 -43.06
CA VAL O 211 -69.77 68.54 -43.29
C VAL O 211 -68.88 67.32 -43.33
N ILE O 212 -69.05 66.45 -42.37
CA ILE O 212 -68.27 65.22 -42.29
C ILE O 212 -68.97 64.14 -43.09
N ARG O 213 -68.21 63.16 -43.57
CA ARG O 213 -68.75 62.14 -44.46
C ARG O 213 -67.90 60.89 -44.34
N GLY O 214 -68.48 59.76 -44.74
CA GLY O 214 -67.77 58.50 -44.75
C GLY O 214 -66.86 58.37 -45.95
N ASN O 215 -66.17 57.23 -46.00
CA ASN O 215 -65.23 56.91 -47.08
C ASN O 215 -64.10 57.93 -47.15
N GLY O 216 -63.30 57.95 -46.09
CA GLY O 216 -62.16 58.85 -46.03
C GLY O 216 -60.99 58.20 -45.34
N ALA P 69 -41.11 75.60 -21.29
CA ALA P 69 -40.37 76.39 -20.31
C ALA P 69 -39.74 77.61 -20.96
N THR P 70 -40.44 78.20 -21.92
CA THR P 70 -39.95 79.36 -22.64
C THR P 70 -40.45 80.64 -21.97
N SER P 71 -40.31 81.77 -22.65
CA SER P 71 -40.80 83.03 -22.12
C SER P 71 -42.32 83.01 -21.99
N ALA P 72 -42.81 83.66 -20.94
CA ALA P 72 -44.25 83.75 -20.73
C ALA P 72 -44.88 84.68 -21.76
N VAL P 73 -46.19 84.58 -21.90
CA VAL P 73 -46.91 85.34 -22.92
C VAL P 73 -47.15 86.76 -22.43
N GLU P 74 -47.34 87.67 -23.38
CA GLU P 74 -47.59 89.07 -23.08
C GLU P 74 -49.05 89.41 -23.31
N VAL P 75 -49.49 90.50 -22.69
CA VAL P 75 -50.82 91.03 -22.86
C VAL P 75 -50.70 92.45 -23.42
N PRO P 76 -50.94 92.63 -24.73
CA PRO P 76 -50.79 93.96 -25.32
C PRO P 76 -51.84 94.92 -24.77
N SER P 77 -51.36 96.01 -24.18
CA SER P 77 -52.27 97.03 -23.69
C SER P 77 -52.93 97.76 -24.84
N ALA P 78 -53.95 98.54 -24.50
CA ALA P 78 -54.73 99.26 -25.51
C ALA P 78 -53.94 100.48 -25.99
N SER P 79 -54.63 101.40 -26.65
CA SER P 79 -54.05 102.66 -27.06
C SER P 79 -54.97 103.80 -26.65
N ARG P 80 -54.37 104.94 -26.34
CA ARG P 80 -55.11 106.12 -25.91
C ARG P 80 -56.11 106.57 -26.96
N THR P 157 -58.62 104.27 -13.91
CA THR P 157 -57.90 103.04 -13.61
C THR P 157 -58.87 101.88 -13.45
N VAL P 158 -58.74 100.87 -14.31
CA VAL P 158 -59.63 99.71 -14.31
C VAL P 158 -58.79 98.45 -14.18
N HIS P 159 -59.19 97.58 -13.26
CA HIS P 159 -58.50 96.32 -13.08
C HIS P 159 -58.85 95.35 -14.20
N PRO P 160 -57.99 94.37 -14.47
CA PRO P 160 -58.22 93.47 -15.61
C PRO P 160 -59.45 92.61 -15.42
N GLN P 161 -59.89 92.01 -16.54
CA GLN P 161 -60.87 90.93 -16.52
C GLN P 161 -60.60 90.04 -17.71
N ARG P 162 -61.12 88.82 -17.65
CA ARG P 162 -60.97 87.87 -18.73
C ARG P 162 -61.88 88.22 -19.90
N SER P 163 -61.68 87.53 -21.01
CA SER P 163 -62.46 87.74 -22.23
C SER P 163 -63.60 86.75 -22.31
N ARG P 164 -64.66 87.16 -22.99
CA ARG P 164 -65.85 86.32 -23.11
C ARG P 164 -65.55 85.07 -23.92
N ASP P 165 -66.29 84.00 -23.62
CA ASP P 165 -66.09 82.74 -24.30
C ASP P 165 -66.96 82.63 -25.55
N GLN P 166 -66.60 81.69 -26.41
CA GLN P 166 -67.36 81.38 -27.61
C GLN P 166 -67.68 79.89 -27.61
N ILE P 167 -68.80 79.54 -28.23
CA ILE P 167 -69.33 78.19 -28.19
C ILE P 167 -69.69 77.73 -29.59
N ALA P 168 -69.42 76.45 -29.85
CA ALA P 168 -69.75 75.83 -31.13
C ALA P 168 -70.68 74.65 -30.90
N THR P 169 -71.75 74.59 -31.68
CA THR P 169 -72.74 73.52 -31.57
C THR P 169 -72.66 72.62 -32.79
N VAL P 170 -72.83 71.32 -32.57
CA VAL P 170 -72.75 70.31 -33.62
C VAL P 170 -74.07 69.56 -33.66
N TRP P 171 -74.58 69.32 -34.86
CA TRP P 171 -75.80 68.54 -35.04
C TRP P 171 -75.42 67.16 -35.53
N ILE P 172 -75.67 66.15 -34.71
CA ILE P 172 -75.31 64.77 -35.03
C ILE P 172 -76.48 64.10 -35.74
N ALA P 173 -76.21 63.52 -36.91
CA ALA P 173 -77.26 62.81 -37.64
C ALA P 173 -77.62 61.52 -36.91
N PRO P 174 -78.90 61.16 -36.88
CA PRO P 174 -79.32 59.98 -36.10
C PRO P 174 -78.59 58.73 -36.57
N TRP P 175 -78.18 57.91 -35.62
CA TRP P 175 -77.45 56.68 -35.89
C TRP P 175 -78.07 55.53 -35.13
N VAL P 176 -77.50 54.35 -35.30
CA VAL P 176 -77.97 53.14 -34.62
C VAL P 176 -76.78 52.51 -33.92
N ASP P 177 -76.88 52.37 -32.60
CA ASP P 177 -75.78 51.86 -31.80
C ASP P 177 -75.47 50.43 -32.23
N SER P 178 -74.28 49.96 -31.83
CA SER P 178 -73.89 48.59 -32.14
C SER P 178 -74.81 47.56 -31.51
N ASP P 179 -75.54 47.91 -30.45
CA ASP P 179 -76.45 47.00 -29.78
C ASP P 179 -77.90 47.29 -30.15
N ASN P 180 -78.13 47.76 -31.38
CA ASN P 180 -79.47 48.02 -31.89
C ASN P 180 -80.26 48.95 -30.96
N ALA P 181 -79.74 50.17 -30.82
CA ALA P 181 -80.39 51.19 -30.01
C ALA P 181 -80.39 52.49 -30.79
N PHE P 182 -81.52 52.81 -31.39
CA PHE P 182 -81.60 53.96 -32.29
C PHE P 182 -81.47 55.25 -31.48
N HIS P 183 -80.60 56.14 -31.92
CA HIS P 183 -80.31 57.38 -31.21
C HIS P 183 -80.80 58.58 -31.99
N GLN P 184 -81.26 59.59 -31.27
CA GLN P 184 -81.62 60.90 -31.83
C GLN P 184 -80.89 61.97 -31.03
N PRO P 185 -79.56 62.03 -31.16
CA PRO P 185 -78.80 62.97 -30.33
C PRO P 185 -79.12 64.41 -30.66
N GLY P 186 -79.03 65.26 -29.65
CA GLY P 186 -79.26 66.68 -29.80
C GLY P 186 -78.01 67.42 -30.19
N ARG P 187 -78.10 68.75 -30.15
CA ARG P 187 -77.01 69.64 -30.56
C ARG P 187 -76.03 69.74 -29.39
N VAL P 188 -74.86 69.14 -29.54
CA VAL P 188 -73.84 69.22 -28.51
C VAL P 188 -73.01 70.48 -28.70
N SER P 189 -72.83 71.23 -27.62
CA SER P 189 -72.09 72.48 -27.63
C SER P 189 -70.82 72.34 -26.79
N PHE P 190 -69.67 72.67 -27.38
CA PHE P 190 -68.40 72.51 -26.71
C PHE P 190 -67.60 73.79 -26.80
N VAL P 191 -66.75 74.01 -25.80
CA VAL P 191 -65.87 75.17 -25.79
C VAL P 191 -64.63 74.89 -26.62
N VAL P 192 -64.20 75.89 -27.39
CA VAL P 192 -63.13 75.69 -28.35
C VAL P 192 -61.84 76.42 -27.95
N SER P 193 -61.92 77.51 -27.19
CA SER P 193 -60.73 78.24 -26.78
C SER P 193 -60.96 78.84 -25.40
N PRO P 194 -59.99 78.75 -24.50
CA PRO P 194 -60.18 79.32 -23.16
C PRO P 194 -60.04 80.83 -23.18
N ALA P 195 -60.53 81.44 -22.10
CA ALA P 195 -60.46 82.89 -21.97
C ALA P 195 -59.02 83.33 -21.75
N ASP P 196 -58.74 84.58 -22.13
CA ASP P 196 -57.41 85.16 -22.03
C ASP P 196 -57.47 86.52 -21.37
N TRP P 197 -56.44 86.84 -20.59
CA TRP P 197 -56.40 88.09 -19.86
C TRP P 197 -56.32 89.27 -20.82
N VAL P 198 -57.04 90.34 -20.52
CA VAL P 198 -57.08 91.52 -21.38
C VAL P 198 -57.32 92.76 -20.54
N LEU P 199 -56.77 93.89 -20.98
CA LEU P 199 -56.97 95.18 -20.33
C LEU P 199 -58.08 95.95 -21.02
N PRO P 200 -59.03 96.51 -20.29
CA PRO P 200 -60.13 97.23 -20.93
C PRO P 200 -59.68 98.62 -21.35
N ALA P 201 -60.00 98.98 -22.59
CA ALA P 201 -59.67 100.31 -23.12
C ALA P 201 -60.72 101.31 -22.63
N ARG P 202 -60.86 101.38 -21.31
CA ARG P 202 -61.82 102.28 -20.68
C ARG P 202 -61.27 103.70 -20.72
N VAL P 203 -61.84 104.59 -19.91
CA VAL P 203 -61.29 105.92 -19.75
C VAL P 203 -60.24 105.88 -18.65
N ASN P 204 -59.02 105.47 -19.00
CA ASN P 204 -57.97 105.27 -18.01
C ASN P 204 -57.17 106.54 -17.79
N VAL Q 158 -103.29 32.95 -45.56
CA VAL Q 158 -103.01 31.56 -45.21
C VAL Q 158 -101.54 31.43 -44.87
N HIS Q 159 -100.74 32.41 -45.28
CA HIS Q 159 -99.31 32.40 -45.00
C HIS Q 159 -99.07 32.67 -43.51
N PRO Q 160 -97.97 32.17 -42.96
CA PRO Q 160 -97.65 32.43 -41.55
C PRO Q 160 -96.97 33.78 -41.39
N GLN Q 161 -97.68 34.73 -40.79
CA GLN Q 161 -97.20 36.09 -40.65
C GLN Q 161 -96.30 36.20 -39.41
N ARG Q 162 -95.95 37.43 -39.05
CA ARG Q 162 -95.16 37.73 -37.87
C ARG Q 162 -96.02 38.41 -36.81
N SER Q 163 -95.36 38.85 -35.75
CA SER Q 163 -95.95 39.71 -34.73
C SER Q 163 -95.28 41.08 -34.78
N ARG Q 164 -96.07 42.12 -34.52
CA ARG Q 164 -95.54 43.48 -34.56
C ARG Q 164 -94.66 43.73 -33.34
N ASP Q 165 -93.59 44.50 -33.55
CA ASP Q 165 -92.59 44.71 -32.53
C ASP Q 165 -93.09 45.66 -31.44
N GLN Q 166 -92.30 45.75 -30.37
CA GLN Q 166 -92.59 46.65 -29.26
C GLN Q 166 -91.33 47.46 -28.95
N ILE Q 167 -91.49 48.78 -28.86
CA ILE Q 167 -90.36 49.68 -28.66
C ILE Q 167 -90.70 50.68 -27.56
N ALA Q 168 -89.68 51.37 -27.05
CA ALA Q 168 -89.90 52.45 -26.09
C ALA Q 168 -88.81 53.49 -26.32
N THR Q 169 -89.19 54.75 -26.40
CA THR Q 169 -88.29 55.84 -26.75
C THR Q 169 -88.02 56.68 -25.52
N VAL Q 170 -86.78 56.72 -25.09
CA VAL Q 170 -86.38 57.47 -23.90
C VAL Q 170 -86.14 58.92 -24.32
N TRP Q 171 -86.24 59.83 -23.35
CA TRP Q 171 -85.99 61.25 -23.56
C TRP Q 171 -84.89 61.68 -22.61
N ILE Q 172 -83.71 62.00 -23.15
CA ILE Q 172 -82.53 62.28 -22.33
C ILE Q 172 -82.45 63.77 -22.04
N ALA Q 173 -82.62 64.13 -20.77
CA ALA Q 173 -82.59 65.53 -20.35
C ALA Q 173 -81.19 66.11 -20.51
N PRO Q 174 -81.06 67.43 -20.57
CA PRO Q 174 -79.74 68.05 -20.79
C PRO Q 174 -78.72 67.61 -19.74
N TRP Q 175 -77.54 67.24 -20.21
CA TRP Q 175 -76.47 66.74 -19.31
C TRP Q 175 -75.12 67.25 -19.80
N VAL Q 176 -74.22 67.62 -18.88
CA VAL Q 176 -72.86 68.03 -19.31
C VAL Q 176 -72.02 66.78 -19.40
N ASP Q 177 -70.99 66.79 -20.21
CA ASP Q 177 -70.22 65.54 -20.43
C ASP Q 177 -69.12 65.42 -19.40
N SER Q 178 -68.22 64.47 -19.59
CA SER Q 178 -67.04 64.36 -18.70
C SER Q 178 -65.92 65.15 -19.36
N ASP Q 179 -66.14 65.63 -20.59
CA ASP Q 179 -65.15 66.49 -21.29
C ASP Q 179 -65.83 67.81 -21.62
N ASN Q 180 -66.50 68.41 -20.65
CA ASN Q 180 -67.24 69.69 -20.84
C ASN Q 180 -67.85 69.86 -22.24
N ALA Q 181 -69.01 69.25 -22.49
CA ALA Q 181 -69.75 69.47 -23.76
C ALA Q 181 -71.23 69.34 -23.46
N PHE Q 182 -71.99 70.43 -23.41
CA PHE Q 182 -73.41 70.39 -23.01
C PHE Q 182 -74.19 69.65 -24.08
N HIS Q 183 -74.69 68.43 -23.80
CA HIS Q 183 -75.54 67.70 -24.77
C HIS Q 183 -76.99 68.10 -24.52
N GLN Q 184 -77.68 68.60 -25.54
CA GLN Q 184 -79.05 69.15 -25.37
C GLN Q 184 -80.07 68.00 -25.37
N PRO Q 185 -81.38 68.20 -25.04
CA PRO Q 185 -82.31 67.09 -24.93
C PRO Q 185 -82.33 66.20 -26.17
N GLY Q 186 -82.57 64.90 -26.03
CA GLY Q 186 -82.48 64.02 -27.21
C GLY Q 186 -83.40 62.83 -27.08
N ARG Q 187 -83.35 61.84 -27.99
CA ARG Q 187 -84.15 60.63 -27.85
C ARG Q 187 -83.30 59.43 -28.22
N VAL Q 188 -83.51 58.33 -27.51
CA VAL Q 188 -82.90 57.05 -27.85
C VAL Q 188 -83.97 55.98 -27.79
N SER Q 189 -84.00 55.11 -28.79
CA SER Q 189 -85.06 54.11 -28.92
C SER Q 189 -84.46 52.71 -28.92
N PHE Q 190 -85.22 51.76 -28.43
CA PHE Q 190 -84.76 50.38 -28.30
C PHE Q 190 -85.97 49.46 -28.29
N VAL Q 191 -85.72 48.19 -28.59
CA VAL Q 191 -86.77 47.17 -28.69
C VAL Q 191 -86.77 46.33 -27.42
N VAL Q 192 -87.95 45.95 -26.96
CA VAL Q 192 -88.11 45.21 -25.72
C VAL Q 192 -88.48 43.75 -25.96
N SER Q 193 -89.45 43.49 -26.84
CA SER Q 193 -89.96 42.14 -27.09
C SER Q 193 -89.83 41.84 -28.57
N PRO Q 194 -88.73 41.23 -28.99
CA PRO Q 194 -88.51 41.00 -30.42
C PRO Q 194 -89.59 40.12 -31.03
N ALA Q 195 -89.86 40.35 -32.32
CA ALA Q 195 -90.93 39.64 -33.01
C ALA Q 195 -90.64 38.16 -33.16
N ASP Q 196 -91.67 37.33 -32.97
CA ASP Q 196 -91.62 35.88 -33.16
C ASP Q 196 -92.90 35.42 -33.83
N TRP Q 197 -92.83 34.24 -34.45
CA TRP Q 197 -93.96 33.73 -35.22
C TRP Q 197 -95.19 33.57 -34.34
N VAL Q 198 -96.33 33.99 -34.88
CA VAL Q 198 -97.61 33.83 -34.20
C VAL Q 198 -98.07 32.39 -34.37
N LEU Q 199 -98.43 31.74 -33.27
CA LEU Q 199 -98.86 30.35 -33.37
C LEU Q 199 -100.34 30.27 -33.73
N PRO Q 200 -100.66 29.71 -34.90
CA PRO Q 200 -102.06 29.72 -35.35
C PRO Q 200 -102.96 28.90 -34.44
N ALA Q 201 -104.22 29.34 -34.35
CA ALA Q 201 -105.23 28.64 -33.58
C ALA Q 201 -106.27 27.95 -34.45
N ARG Q 202 -106.16 28.11 -35.77
CA ARG Q 202 -107.06 27.48 -36.73
C ARG Q 202 -106.23 26.77 -37.79
N VAL Q 203 -106.54 25.51 -38.05
CA VAL Q 203 -105.89 24.75 -39.12
C VAL Q 203 -106.92 24.00 -39.93
N PRO R 1 -63.49 58.90 43.44
CA PRO R 1 -64.44 59.98 43.72
C PRO R 1 -64.47 61.06 42.64
N GLY R 2 -63.65 60.94 41.60
CA GLY R 2 -63.68 61.91 40.53
C GLY R 2 -63.23 61.43 39.17
N MET R 3 -62.95 60.13 39.02
CA MET R 3 -62.38 59.62 37.78
C MET R 3 -63.43 59.61 36.66
N MET R 4 -62.94 59.48 35.42
CA MET R 4 -63.76 59.65 34.22
C MET R 4 -64.13 58.29 33.62
N ASP R 5 -64.89 58.34 32.53
CA ASP R 5 -65.36 57.16 31.80
C ASP R 5 -64.91 57.31 30.35
N SER R 6 -63.63 57.05 30.09
CA SER R 6 -63.04 57.32 28.78
C SER R 6 -62.92 56.02 28.01
N GLN R 7 -63.23 56.06 26.73
CA GLN R 7 -63.20 54.89 25.88
C GLN R 7 -62.76 55.28 24.48
N GLU R 8 -62.15 54.33 23.77
CA GLU R 8 -61.77 54.51 22.38
C GLU R 8 -62.27 53.33 21.57
N PHE R 9 -62.89 53.62 20.43
CA PHE R 9 -63.43 52.60 19.54
C PHE R 9 -62.47 52.40 18.39
N SER R 10 -62.00 51.16 18.22
CA SER R 10 -61.12 50.79 17.11
C SER R 10 -59.88 51.69 17.03
N ALA S 1 -72.65 74.90 22.55
CA ALA S 1 -74.05 75.15 22.28
C ALA S 1 -74.09 76.56 21.79
N GLN S 2 -73.77 77.44 22.72
CA GLN S 2 -73.30 78.78 22.41
C GLN S 2 -71.92 78.62 21.75
N SER S 3 -71.39 79.70 21.21
CA SER S 3 -70.01 79.64 20.75
C SER S 3 -69.10 79.35 21.95
N PRO S 4 -68.00 78.63 21.75
CA PRO S 4 -67.06 78.44 22.85
C PRO S 4 -66.57 79.79 23.37
N ALA S 5 -66.44 79.89 24.69
CA ALA S 5 -65.99 81.14 25.29
C ALA S 5 -64.55 81.40 24.89
N THR S 6 -64.31 82.55 24.27
CA THR S 6 -63.04 82.91 23.65
C THR S 6 -62.33 83.99 24.46
N ILE S 7 -61.01 83.87 24.55
CA ILE S 7 -60.19 84.71 25.43
C ILE S 7 -58.90 85.08 24.71
N SER S 8 -58.16 86.04 25.29
CA SER S 8 -57.00 86.61 24.64
C SER S 8 -55.69 85.94 25.04
N LEU S 9 -55.30 86.03 26.31
CA LEU S 9 -54.13 85.32 26.84
C LEU S 9 -52.84 85.52 26.04
N PRO S 10 -52.14 86.65 26.18
CA PRO S 10 -50.77 86.74 25.61
C PRO S 10 -49.86 85.66 26.17
N GLN S 11 -48.65 85.55 25.65
CA GLN S 11 -47.73 84.47 26.04
C GLN S 11 -47.46 84.56 27.53
N GLY S 12 -48.00 83.60 28.29
CA GLY S 12 -47.87 83.63 29.73
C GLY S 12 -48.84 84.55 30.44
N GLY S 13 -50.04 84.71 29.92
CA GLY S 13 -51.01 85.57 30.58
C GLY S 13 -51.82 84.86 31.64
N GLN S 14 -52.60 85.64 32.37
CA GLN S 14 -53.54 85.14 33.37
C GLN S 14 -54.95 85.51 32.95
N PHE S 15 -55.89 84.60 33.17
CA PHE S 15 -57.29 84.96 33.01
C PHE S 15 -58.13 84.33 34.10
N ARG S 16 -59.14 85.08 34.55
CA ARG S 16 -60.04 84.66 35.61
C ARG S 16 -61.29 84.04 35.00
N LEU S 17 -61.53 82.76 35.30
CA LEU S 17 -62.67 82.03 34.76
C LEU S 17 -63.27 81.19 35.88
N SER S 18 -64.20 80.30 35.52
CA SER S 18 -64.84 79.42 36.49
C SER S 18 -65.08 78.05 35.87
N ILE S 19 -64.85 77.01 36.68
CA ILE S 19 -65.04 75.62 36.24
C ILE S 19 -65.99 74.94 37.23
N SER S 20 -66.39 73.73 36.88
CA SER S 20 -67.37 72.97 37.64
C SER S 20 -66.74 71.74 38.27
N ASN S 21 -67.08 71.49 39.54
CA ASN S 21 -66.50 70.38 40.28
C ASN S 21 -67.11 69.03 39.92
N THR S 22 -68.34 69.02 39.39
CA THR S 22 -68.84 67.88 38.65
C THR S 22 -68.46 68.07 37.18
N ASP S 23 -69.04 67.29 36.28
CA ASP S 23 -69.13 67.70 34.88
C ASP S 23 -67.79 68.09 34.27
N PRO S 24 -66.96 67.13 33.86
CA PRO S 24 -65.57 67.46 33.49
C PRO S 24 -65.51 68.54 32.42
N ASN S 25 -64.50 69.39 32.53
CA ASN S 25 -64.38 70.54 31.67
C ASN S 25 -63.44 70.24 30.50
N MET S 26 -63.22 71.23 29.65
CA MET S 26 -62.27 71.08 28.55
C MET S 26 -61.73 72.45 28.16
N ILE S 27 -60.41 72.52 28.00
CA ILE S 27 -59.73 73.68 27.44
C ILE S 27 -58.96 73.19 26.22
N PHE S 28 -59.14 73.83 25.07
CA PHE S 28 -58.44 73.42 23.87
C PHE S 28 -57.93 74.64 23.11
N ILE S 29 -56.88 74.42 22.34
CA ILE S 29 -56.18 75.47 21.60
C ILE S 29 -56.32 75.17 20.10
N PRO S 30 -56.83 76.10 19.30
CA PRO S 30 -56.82 75.90 17.85
C PRO S 30 -55.46 76.21 17.25
N GLY S 31 -55.03 75.35 16.33
CA GLY S 31 -53.74 75.48 15.70
C GLY S 31 -52.60 74.74 16.39
N ASP S 32 -52.85 74.16 17.56
CA ASP S 32 -51.82 73.46 18.33
C ASP S 32 -52.47 72.28 19.05
N LYS S 33 -51.66 71.57 19.84
CA LYS S 33 -52.17 70.48 20.67
C LYS S 33 -51.50 70.53 22.02
N VAL S 34 -52.30 70.45 23.09
CA VAL S 34 -51.78 70.54 24.45
C VAL S 34 -51.07 69.25 24.82
N THR S 35 -49.84 69.38 25.31
CA THR S 35 -49.03 68.22 25.68
C THR S 35 -48.71 68.15 27.17
N ALA S 36 -49.05 69.17 27.95
CA ALA S 36 -48.76 69.13 29.37
C ALA S 36 -49.76 70.00 30.11
N ILE S 37 -50.02 69.63 31.36
CA ILE S 37 -50.80 70.46 32.27
C ILE S 37 -50.42 70.11 33.71
N THR S 38 -50.12 71.13 34.50
CA THR S 38 -49.76 70.95 35.91
C THR S 38 -50.48 72.01 36.71
N ALA S 39 -51.50 71.61 37.46
CA ALA S 39 -52.37 72.55 38.16
C ALA S 39 -52.45 72.20 39.63
N PRO S 40 -51.37 72.39 40.37
CA PRO S 40 -51.46 72.18 41.83
C PRO S 40 -52.16 73.35 42.49
N GLY S 41 -52.17 73.37 43.81
CA GLY S 41 -52.94 74.33 44.55
C GLY S 41 -54.31 73.83 44.96
N GLY S 42 -54.96 73.05 44.11
CA GLY S 42 -56.28 72.51 44.42
C GLY S 42 -56.40 71.02 44.20
N MET S 43 -55.36 70.41 43.61
CA MET S 43 -55.28 68.96 43.43
C MET S 43 -56.47 68.42 42.63
N LEU S 44 -56.50 68.78 41.35
CA LEU S 44 -57.54 68.29 40.45
C LEU S 44 -57.53 66.76 40.42
N ALA S 45 -58.69 66.19 40.08
CA ALA S 45 -58.86 64.74 40.15
C ALA S 45 -57.96 64.02 39.15
N ASP S 46 -58.13 64.31 37.86
CA ASP S 46 -57.36 63.63 36.84
C ASP S 46 -57.27 64.48 35.59
N LYS S 47 -56.33 64.13 34.72
CA LYS S 47 -56.15 64.76 33.44
C LYS S 47 -56.15 63.69 32.36
N ARG S 48 -56.61 64.07 31.16
CA ARG S 48 -56.71 63.12 30.06
C ARG S 48 -56.58 63.89 28.76
N LEU S 49 -55.51 63.61 28.00
CA LEU S 49 -55.21 64.35 26.78
C LEU S 49 -55.92 63.68 25.61
N THR S 50 -56.82 64.42 24.97
CA THR S 50 -57.60 63.88 23.86
C THR S 50 -56.73 63.78 22.61
N THR S 51 -57.37 63.43 21.50
CA THR S 51 -56.66 63.32 20.23
C THR S 51 -56.80 64.58 19.37
N ALA S 52 -57.86 65.36 19.57
CA ALA S 52 -57.99 66.62 18.85
C ALA S 52 -56.85 67.57 19.21
N GLY S 53 -56.47 67.62 20.48
CA GLY S 53 -55.44 68.52 20.93
C GLY S 53 -55.85 69.30 22.15
N GLY S 54 -56.94 68.87 22.80
CA GLY S 54 -57.39 69.47 24.04
C GLY S 54 -56.95 68.65 25.24
N VAL S 55 -57.34 69.14 26.42
CA VAL S 55 -57.05 68.46 27.68
C VAL S 55 -58.33 68.43 28.51
N LEU S 56 -58.64 67.27 29.07
CA LEU S 56 -59.81 67.08 29.90
C LEU S 56 -59.40 66.91 31.35
N PHE S 57 -60.18 67.47 32.25
CA PHE S 57 -59.85 67.48 33.66
C PHE S 57 -61.13 67.61 34.47
N THR S 58 -60.98 67.51 35.79
CA THR S 58 -62.10 67.78 36.67
C THR S 58 -61.57 68.00 38.08
N SER S 59 -62.11 69.02 38.74
CA SER S 59 -61.72 69.35 40.10
C SER S 59 -62.78 68.91 41.08
N VAL S 60 -62.37 68.70 42.33
CA VAL S 60 -63.30 68.44 43.42
C VAL S 60 -63.09 69.38 44.60
N ALA S 61 -62.11 70.28 44.53
CA ALA S 61 -61.86 71.20 45.62
C ALA S 61 -62.96 72.26 45.66
N THR S 62 -62.79 73.23 46.57
CA THR S 62 -63.79 74.28 46.75
C THR S 62 -63.16 75.66 46.86
N ARG S 63 -61.96 75.86 46.33
CA ARG S 63 -61.29 77.15 46.42
C ARG S 63 -60.56 77.45 45.12
N THR S 64 -60.22 78.72 44.97
CA THR S 64 -59.55 79.21 43.78
C THR S 64 -58.10 78.76 43.74
N PHE S 65 -57.65 78.32 42.57
CA PHE S 65 -56.27 77.87 42.41
C PHE S 65 -55.78 78.34 41.04
N THR S 66 -54.68 77.75 40.59
CA THR S 66 -54.06 78.15 39.34
C THR S 66 -53.72 76.93 38.50
N ILE S 67 -54.01 77.01 37.21
CA ILE S 67 -53.78 75.92 36.26
C ILE S 67 -52.82 76.40 35.20
N PHE S 68 -51.75 75.64 34.96
CA PHE S 68 -50.76 75.97 33.94
C PHE S 68 -50.90 74.98 32.79
N VAL S 69 -51.38 75.46 31.66
CA VAL S 69 -51.53 74.65 30.46
C VAL S 69 -50.40 74.98 29.50
N GLU S 70 -49.72 73.96 29.02
CA GLU S 70 -48.53 74.13 28.20
C GLU S 70 -48.71 73.41 26.88
N THR S 71 -48.26 74.04 25.81
CA THR S 71 -48.50 73.57 24.45
C THR S 71 -47.26 72.85 23.95
N ALA S 72 -47.28 72.45 22.67
CA ALA S 72 -46.16 71.76 22.05
C ALA S 72 -45.20 72.69 21.34
N LEU S 73 -45.66 73.85 20.87
CA LEU S 73 -44.83 74.80 20.15
C LEU S 73 -44.19 75.83 21.07
N GLY S 74 -43.92 75.47 22.32
CA GLY S 74 -43.35 76.42 23.24
C GLY S 74 -44.30 77.55 23.56
N GLN S 75 -45.53 77.22 23.89
CA GLN S 75 -46.52 78.18 24.36
C GLN S 75 -46.93 77.79 25.78
N THR S 76 -47.02 78.78 26.66
CA THR S 76 -47.39 78.54 28.05
C THR S 76 -48.36 79.60 28.51
N PHE S 77 -49.52 79.16 28.99
CA PHE S 77 -50.57 80.05 29.46
C PHE S 77 -50.86 79.74 30.92
N SER S 78 -51.81 80.47 31.49
CA SER S 78 -52.17 80.26 32.88
C SER S 78 -53.59 80.76 33.09
N VAL S 79 -54.43 79.92 33.68
CA VAL S 79 -55.83 80.26 33.94
C VAL S 79 -56.10 80.06 35.42
N VAL S 80 -56.79 81.00 36.03
CA VAL S 80 -57.11 80.96 37.45
C VAL S 80 -58.55 80.51 37.56
N ALA S 81 -58.75 79.23 37.85
CA ALA S 81 -60.09 78.64 37.88
C ALA S 81 -60.80 78.98 39.18
N THR S 82 -62.07 78.58 39.24
CA THR S 82 -62.85 78.69 40.46
C THR S 82 -64.00 77.68 40.43
N PRO S 83 -63.91 76.58 41.17
CA PRO S 83 -64.96 75.55 41.09
C PRO S 83 -66.32 76.09 41.48
N VAL S 84 -67.35 75.68 40.73
CA VAL S 84 -68.74 76.05 40.96
C VAL S 84 -69.62 74.82 40.84
N LYS S 85 -70.94 75.00 40.86
CA LYS S 85 -71.89 73.90 40.97
C LYS S 85 -71.85 72.88 39.83
N GLY S 86 -72.22 73.29 38.61
CA GLY S 86 -72.34 72.31 37.55
C GLY S 86 -72.36 72.90 36.15
N GLU S 87 -72.85 72.08 35.21
CA GLU S 87 -72.93 72.42 33.78
C GLU S 87 -71.53 72.66 33.20
N GLY S 88 -70.76 71.57 33.10
CA GLY S 88 -69.41 71.58 32.56
C GLY S 88 -69.22 72.45 31.34
N ARG S 89 -68.07 73.14 31.27
CA ARG S 89 -67.87 74.22 30.33
C ARG S 89 -66.70 73.93 29.40
N VAL S 90 -66.71 74.60 28.25
CA VAL S 90 -65.66 74.47 27.24
C VAL S 90 -65.15 75.86 26.89
N TYR S 91 -63.84 76.06 26.98
CA TYR S 91 -63.21 77.33 26.67
C TYR S 91 -62.24 77.16 25.51
N ARG S 92 -61.91 78.28 24.87
CA ARG S 92 -60.98 78.30 23.75
C ARG S 92 -59.85 79.27 24.06
N LEU S 93 -58.63 78.86 23.73
CA LEU S 93 -57.44 79.70 23.89
C LEU S 93 -57.02 80.22 22.53
N MET S 94 -56.50 81.45 22.48
CA MET S 94 -56.06 82.08 21.24
C MET S 94 -54.86 82.95 21.51
N SER S 95 -53.67 82.43 21.22
CA SER S 95 -52.44 83.17 21.50
C SER S 95 -52.42 84.47 20.72
N ALA S 96 -52.21 85.58 21.43
CA ALA S 96 -52.06 86.87 20.79
C ALA S 96 -50.66 87.06 20.20
N GLU S 97 -49.69 86.26 20.62
CA GLU S 97 -48.36 86.27 20.06
C GLU S 97 -48.10 84.98 19.31
N PRO S 98 -48.07 85.00 17.98
CA PRO S 98 -47.95 83.74 17.23
C PRO S 98 -46.65 83.05 17.56
N PRO S 99 -46.64 81.72 17.56
CA PRO S 99 -45.40 80.97 17.84
C PRO S 99 -44.51 80.84 16.61
N SER S 100 -43.45 80.04 16.72
CA SER S 100 -42.52 79.82 15.63
C SER S 100 -42.61 78.37 15.15
N ARG S 101 -42.78 78.20 13.84
CA ARG S 101 -42.94 76.88 13.22
C ARG S 101 -41.93 76.77 12.08
N PRO S 102 -40.73 76.23 12.34
CA PRO S 102 -39.71 76.16 11.29
C PRO S 102 -40.13 75.37 10.07
N GLU S 103 -41.04 74.41 10.21
CA GLU S 103 -41.59 73.74 9.04
C GLU S 103 -42.25 74.74 8.11
N THR S 104 -43.05 75.65 8.67
CA THR S 104 -43.63 76.70 7.85
C THR S 104 -42.57 77.65 7.32
N ARG S 105 -41.46 77.83 8.04
CA ARG S 105 -40.36 78.64 7.52
C ARG S 105 -39.82 78.05 6.22
N LYS S 106 -39.50 76.76 6.23
CA LYS S 106 -38.96 76.16 5.01
C LYS S 106 -40.03 76.07 3.92
N TRP S 107 -41.29 75.84 4.28
CA TRP S 107 -42.34 75.83 3.27
C TRP S 107 -42.48 77.19 2.60
N GLU S 108 -42.40 78.27 3.38
CA GLU S 108 -42.56 79.61 2.81
C GLU S 108 -41.37 80.00 1.96
N THR S 109 -40.15 79.75 2.47
CA THR S 109 -38.97 80.12 1.69
C THR S 109 -38.75 79.19 0.50
N ALA S 110 -39.45 78.06 0.44
CA ALA S 110 -39.28 77.15 -0.69
C ALA S 110 -39.72 77.79 -1.99
N GLN S 111 -40.83 78.52 -1.97
CA GLN S 111 -41.42 79.04 -3.19
C GLN S 111 -41.12 80.53 -3.34
N ALA S 112 -41.69 81.13 -4.38
CA ALA S 112 -41.42 82.54 -4.70
C ALA S 112 -42.18 83.43 -3.72
N TYR S 113 -42.22 84.73 -4.00
CA TYR S 113 -42.91 85.67 -3.14
C TYR S 113 -44.33 85.98 -3.62
N GLU S 114 -44.47 86.40 -4.88
CA GLU S 114 -45.79 86.78 -5.36
C GLU S 114 -46.73 85.57 -5.43
N LYS S 115 -46.22 84.42 -5.86
CA LYS S 115 -47.07 83.22 -5.84
C LYS S 115 -47.41 82.82 -4.42
N LEU S 116 -46.56 83.13 -3.45
CA LEU S 116 -46.87 82.85 -2.06
C LEU S 116 -47.99 83.75 -1.56
N LEU S 117 -47.94 85.04 -1.90
CA LEU S 117 -49.05 85.92 -1.55
C LEU S 117 -50.34 85.46 -2.19
N ILE S 118 -50.27 84.98 -3.45
CA ILE S 118 -51.47 84.48 -4.11
C ILE S 118 -52.00 83.22 -3.42
N SER S 119 -51.10 82.32 -3.01
CA SER S 119 -51.53 81.12 -2.30
C SER S 119 -52.26 81.49 -1.01
N LEU S 120 -51.67 82.36 -0.20
CA LEU S 120 -52.33 82.75 1.04
C LEU S 120 -53.65 83.45 0.76
N ASN S 121 -53.69 84.30 -0.27
CA ASN S 121 -54.91 85.04 -0.57
C ASN S 121 -56.05 84.12 -0.99
N ARG S 122 -55.77 83.15 -1.84
CA ARG S 122 -56.84 82.24 -2.24
C ARG S 122 -57.24 81.32 -1.09
N ALA S 123 -56.30 80.95 -0.22
CA ALA S 123 -56.68 80.15 0.93
C ALA S 123 -57.55 80.94 1.90
N VAL S 124 -57.36 82.26 1.96
CA VAL S 124 -58.27 83.08 2.76
C VAL S 124 -59.63 83.17 2.11
N LEU S 125 -59.66 83.39 0.78
CA LEU S 125 -60.92 83.58 0.08
C LEU S 125 -61.79 82.32 0.13
N THR S 126 -61.23 81.18 -0.27
CA THR S 126 -62.01 79.96 -0.34
C THR S 126 -62.33 79.42 1.05
N GLY S 127 -61.30 79.15 1.84
CA GLY S 127 -61.50 78.68 3.19
C GLY S 127 -60.51 77.62 3.63
N ASP S 128 -59.91 76.93 2.68
CA ASP S 128 -58.97 75.85 2.99
C ASP S 128 -57.63 76.45 3.43
N ILE S 129 -57.48 76.64 4.73
CA ILE S 129 -56.21 77.15 5.27
C ILE S 129 -55.12 76.13 5.03
N PRO S 130 -53.92 76.54 4.59
CA PRO S 130 -52.84 75.56 4.38
C PRO S 130 -52.49 74.83 5.66
N ASP S 131 -51.75 73.74 5.51
CA ASP S 131 -51.26 72.99 6.66
C ASP S 131 -50.04 73.69 7.22
N GLY S 132 -50.04 73.92 8.53
CA GLY S 132 -48.98 74.65 9.19
C GLY S 132 -49.35 76.05 9.62
N TYR S 133 -50.51 76.56 9.22
CA TYR S 133 -50.95 77.90 9.59
C TYR S 133 -51.97 77.81 10.71
N GLY S 134 -51.70 78.51 11.79
CA GLY S 134 -52.54 78.46 12.97
C GLY S 134 -53.71 79.42 12.88
N GLU S 135 -54.16 79.86 14.04
CA GLU S 135 -55.26 80.80 14.15
C GLU S 135 -55.02 81.65 15.39
N VAL S 136 -54.63 82.91 15.18
CA VAL S 136 -54.21 83.77 16.26
C VAL S 136 -55.20 84.93 16.39
N LYS S 137 -55.09 85.64 17.49
CA LYS S 137 -56.05 86.70 17.79
C LYS S 137 -55.96 87.81 16.76
N PRO S 138 -57.07 88.25 16.19
CA PRO S 138 -57.03 89.33 15.19
C PRO S 138 -56.62 90.65 15.82
N LEU S 139 -55.55 91.23 15.31
CA LEU S 139 -55.03 92.47 15.86
C LEU S 139 -55.86 93.66 15.40
N SER S 140 -56.18 94.53 16.34
CA SER S 140 -56.84 95.77 15.99
C SER S 140 -55.85 96.72 15.32
N ASP S 141 -56.39 97.84 14.83
CA ASP S 141 -55.66 98.97 14.24
C ASP S 141 -54.40 98.56 13.48
N GLY S 142 -54.53 97.59 12.57
CA GLY S 142 -53.47 97.21 11.66
C GLY S 142 -53.54 97.86 10.30
N ILE S 143 -54.47 98.78 10.07
CA ILE S 143 -54.61 99.49 8.80
C ILE S 143 -54.97 100.95 9.08
N ARG S 144 -54.86 101.77 8.05
CA ARG S 144 -55.21 103.19 8.15
C ARG S 144 -56.72 103.36 8.06
N LEU S 145 -57.17 104.59 8.36
CA LEU S 145 -58.57 104.96 8.24
C LEU S 145 -58.69 106.26 7.45
N PRO S 146 -58.78 106.18 6.13
CA PRO S 146 -58.91 107.39 5.28
C PRO S 146 -60.36 107.85 5.18
N GLY S 147 -60.79 108.61 6.18
CA GLY S 147 -62.15 109.09 6.28
C GLY S 147 -62.84 108.44 7.47
N GLY S 148 -64.16 108.64 7.52
CA GLY S 148 -64.91 108.08 8.62
C GLY S 148 -65.36 106.66 8.33
N PHE S 149 -64.57 105.69 8.78
CA PHE S 149 -64.84 104.28 8.56
C PHE S 149 -64.83 103.56 9.89
N SER S 150 -65.49 102.40 9.93
CA SER S 150 -65.61 101.62 11.16
C SER S 150 -65.12 100.20 10.88
N VAL S 151 -63.92 99.90 11.31
CA VAL S 151 -63.32 98.59 11.12
C VAL S 151 -63.63 97.70 12.31
N THR S 152 -63.92 96.43 12.01
CA THR S 152 -64.19 95.42 13.04
C THR S 152 -63.50 94.13 12.63
N PRO S 153 -62.44 93.74 13.32
CA PRO S 153 -61.72 92.52 12.94
C PRO S 153 -62.58 91.28 13.09
N LEU S 154 -62.31 90.29 12.24
CA LEU S 154 -63.09 89.05 12.20
C LEU S 154 -62.26 87.84 12.59
N LYS S 155 -61.16 87.58 11.89
CA LYS S 155 -60.38 86.38 12.12
C LYS S 155 -58.97 86.59 11.56
N ALA S 156 -58.03 85.79 12.04
CA ALA S 156 -56.65 85.91 11.60
C ALA S 156 -55.97 84.56 11.59
N TRP S 157 -55.07 84.37 10.63
CA TRP S 157 -54.26 83.16 10.51
C TRP S 157 -52.81 83.56 10.44
N ALA S 158 -51.93 82.83 11.13
CA ALA S 158 -50.54 83.23 11.21
C ALA S 158 -49.63 82.07 11.54
N GLY S 159 -48.46 82.04 10.90
CA GLY S 159 -47.35 81.28 11.45
C GLY S 159 -46.01 81.61 10.85
N ASP S 160 -45.09 82.04 11.72
CA ASP S 160 -43.66 82.19 11.50
C ASP S 160 -43.26 83.22 10.45
N GLN S 161 -44.21 83.70 9.65
CA GLN S 161 -43.97 84.69 8.60
C GLN S 161 -45.31 85.03 7.97
N LEU S 162 -45.49 86.31 7.62
CA LEU S 162 -46.64 86.76 6.87
C LEU S 162 -47.95 86.35 7.53
N ARG S 163 -48.17 86.92 8.71
CA ARG S 163 -49.48 86.82 9.35
C ARG S 163 -50.53 87.48 8.47
N ALA S 164 -51.65 86.80 8.28
CA ALA S 164 -52.73 87.30 7.44
C ALA S 164 -53.97 87.58 8.27
N ASP S 165 -54.62 88.69 8.00
CA ASP S 165 -55.76 89.13 8.78
C ASP S 165 -57.00 89.21 7.91
N ARG S 166 -58.11 89.65 8.52
CA ARG S 166 -59.36 89.92 7.81
C ARG S 166 -60.09 91.02 8.55
N TYR S 167 -60.57 92.02 7.81
CA TYR S 167 -61.24 93.16 8.45
C TYR S 167 -62.60 93.38 7.82
N GLU S 168 -63.22 94.52 8.13
CA GLU S 168 -64.45 94.94 7.47
C GLU S 168 -64.47 96.46 7.39
N LEU S 169 -64.73 96.98 6.20
CA LEU S 169 -64.81 98.42 5.99
C LEU S 169 -66.27 98.85 5.85
N ARG S 170 -66.65 99.87 6.60
CA ARG S 170 -68.02 100.39 6.57
C ARG S 170 -67.98 101.89 6.35
N ASN S 171 -68.78 102.37 5.40
CA ASN S 171 -68.87 103.80 5.14
C ASN S 171 -69.86 104.43 6.11
N ALA S 172 -69.33 105.17 7.09
CA ALA S 172 -70.16 105.89 8.05
C ALA S 172 -70.66 107.22 7.51
N ASN S 173 -70.26 107.59 6.30
CA ASN S 173 -70.60 108.87 5.72
C ASN S 173 -71.94 108.78 4.99
N THR S 174 -72.24 109.78 4.17
CA THR S 174 -73.52 109.88 3.48
C THR S 174 -73.45 109.53 2.00
N TRP S 175 -72.35 109.84 1.33
CA TRP S 175 -72.23 109.68 -0.12
C TRP S 175 -71.29 108.52 -0.44
N GLY S 176 -70.97 108.37 -1.73
CA GLY S 176 -70.07 107.33 -2.19
C GLY S 176 -68.68 107.88 -2.47
N VAL S 177 -67.67 107.20 -1.93
CA VAL S 177 -66.29 107.66 -2.00
C VAL S 177 -65.48 106.71 -2.88
N ALA S 178 -64.22 107.04 -3.11
CA ALA S 178 -63.31 106.20 -3.89
C ALA S 178 -62.49 105.34 -2.95
N LEU S 179 -62.41 104.04 -3.25
CA LEU S 179 -61.68 103.07 -2.43
C LEU S 179 -60.42 102.67 -3.20
N ARG S 180 -59.35 103.43 -2.99
CA ARG S 180 -58.06 103.12 -3.59
C ARG S 180 -57.29 102.21 -2.66
N GLU S 181 -56.73 101.12 -3.21
CA GLU S 181 -56.19 100.05 -2.37
C GLU S 181 -54.94 100.46 -1.62
N GLN S 182 -54.30 101.57 -2.00
CA GLN S 182 -53.09 102.02 -1.33
C GLN S 182 -53.35 103.01 -0.20
N ASP S 183 -54.61 103.37 0.04
CA ASP S 183 -54.91 104.16 1.22
C ASP S 183 -54.70 103.36 2.50
N PHE S 184 -55.11 102.09 2.49
CA PHE S 184 -55.00 101.24 3.68
C PHE S 184 -53.63 100.58 3.74
N TRP S 185 -52.60 101.40 3.80
CA TRP S 185 -51.24 100.91 3.89
C TRP S 185 -50.59 101.43 5.16
N LYS S 186 -49.69 100.63 5.71
CA LYS S 186 -48.93 100.95 6.91
C LYS S 186 -47.50 100.50 6.70
N PRO S 187 -46.60 100.91 7.57
CA PRO S 187 -45.24 100.35 7.52
C PRO S 187 -45.20 98.92 8.04
N GLY S 188 -45.45 97.94 7.17
CA GLY S 188 -45.43 96.56 7.58
C GLY S 188 -46.44 95.69 6.84
N VAL S 189 -47.39 96.30 6.16
CA VAL S 189 -48.36 95.60 5.33
C VAL S 189 -47.71 95.22 4.01
N ARG S 190 -47.92 93.98 3.57
CA ARG S 190 -47.31 93.50 2.33
C ARG S 190 -48.30 93.40 1.17
N ALA S 191 -49.59 93.30 1.43
CA ALA S 191 -50.56 93.18 0.35
C ALA S 191 -51.92 93.63 0.85
N VAL S 192 -52.79 94.01 -0.08
CA VAL S 192 -54.16 94.40 0.20
C VAL S 192 -55.05 93.88 -0.91
N MET S 193 -56.18 93.26 -0.54
CA MET S 193 -57.16 92.81 -1.50
C MET S 193 -58.56 93.25 -1.08
N PHE S 194 -59.38 93.59 -2.06
CA PHE S 194 -60.80 93.84 -1.84
C PHE S 194 -61.58 92.62 -2.28
N ASP S 195 -62.44 92.11 -1.41
CA ASP S 195 -63.07 90.81 -1.65
C ASP S 195 -64.06 90.88 -2.81
N ASN S 196 -65.05 91.76 -2.72
CA ASN S 196 -65.92 92.02 -3.85
C ASN S 196 -65.34 93.12 -4.73
N ASN S 197 -65.22 92.84 -6.02
CA ASN S 197 -64.52 93.75 -6.93
C ASN S 197 -65.40 94.97 -7.21
N ALA S 198 -65.60 95.75 -6.15
CA ALA S 198 -66.38 96.97 -6.22
C ALA S 198 -65.43 98.17 -6.23
N GLN S 199 -65.54 99.00 -7.25
CA GLN S 199 -64.70 100.19 -7.35
C GLN S 199 -65.24 101.35 -6.52
N THR S 200 -66.45 101.24 -6.00
CA THR S 200 -67.03 102.27 -5.14
C THR S 200 -68.22 101.68 -4.41
N LEU S 201 -68.29 101.91 -3.11
CA LEU S 201 -69.39 101.43 -2.29
C LEU S 201 -70.63 102.28 -2.53
N MET S 202 -71.65 102.04 -1.70
CA MET S 202 -72.89 102.81 -1.76
C MET S 202 -73.21 103.57 -0.48
N GLY S 203 -72.82 103.04 0.67
CA GLY S 203 -73.18 103.63 1.93
C GLY S 203 -73.44 102.56 2.98
N GLY S 204 -73.65 101.33 2.50
CA GLY S 204 -73.86 100.21 3.38
C GLY S 204 -72.55 99.52 3.71
N GLY S 205 -72.42 99.13 4.98
CA GLY S 205 -71.20 98.50 5.47
C GLY S 205 -71.17 97.00 5.35
N ARG S 206 -70.98 96.48 4.14
CA ARG S 206 -70.86 95.05 3.93
C ARG S 206 -69.69 94.74 2.99
N MET S 207 -68.56 95.40 3.21
CA MET S 207 -67.36 95.15 2.43
C MET S 207 -66.24 94.70 3.35
N THR S 208 -65.63 93.55 3.05
CA THR S 208 -64.50 93.04 3.80
C THR S 208 -63.22 93.24 3.01
N VAL S 209 -62.10 92.99 3.67
CA VAL S 209 -60.79 93.27 3.10
C VAL S 209 -59.77 92.40 3.82
N THR S 210 -58.80 91.87 3.07
CA THR S 210 -57.78 90.99 3.61
C THR S 210 -56.42 91.67 3.55
N VAL S 211 -55.69 91.61 4.67
CA VAL S 211 -54.41 92.28 4.83
C VAL S 211 -53.38 91.24 5.23
N ILE S 212 -52.24 91.22 4.54
CA ILE S 212 -51.20 90.25 4.83
C ILE S 212 -50.00 90.95 5.44
N ARG S 213 -49.97 91.02 6.77
CA ARG S 213 -48.90 91.71 7.48
C ARG S 213 -47.67 90.81 7.56
N GLY S 214 -46.71 91.19 8.40
CA GLY S 214 -45.50 90.42 8.57
C GLY S 214 -45.18 90.21 10.04
N ASN S 215 -44.06 89.52 10.28
CA ASN S 215 -43.58 89.22 11.63
C ASN S 215 -44.63 88.46 12.44
N GLY S 216 -45.35 87.57 11.78
CA GLY S 216 -46.38 86.79 12.46
C GLY S 216 -45.83 85.49 13.01
N ALA T 1 -55.29 87.05 29.35
CA ALA T 1 -55.64 88.46 29.41
C ALA T 1 -54.47 89.30 29.91
N GLN T 2 -54.30 89.31 31.23
CA GLN T 2 -53.27 90.16 31.84
C GLN T 2 -51.90 89.82 31.28
N SER T 3 -51.17 90.86 30.88
CA SER T 3 -49.84 90.65 30.34
C SER T 3 -48.88 90.23 31.45
N PRO T 4 -47.84 89.47 31.11
CA PRO T 4 -46.83 89.14 32.12
C PRO T 4 -46.09 90.39 32.55
N ALA T 5 -45.67 90.41 33.81
CA ALA T 5 -44.86 91.51 34.31
C ALA T 5 -43.47 91.42 33.72
N THR T 6 -43.11 92.41 32.90
CA THR T 6 -41.83 92.41 32.20
C THR T 6 -40.87 93.38 32.86
N ILE T 7 -39.64 92.93 33.09
CA ILE T 7 -38.62 93.70 33.80
C ILE T 7 -37.29 93.56 33.09
N SER T 8 -36.40 94.52 33.34
CA SER T 8 -35.08 94.54 32.70
C SER T 8 -34.00 94.51 33.78
N LEU T 9 -33.02 93.63 33.58
CA LEU T 9 -31.93 93.45 34.51
C LEU T 9 -30.60 93.52 33.77
N PRO T 10 -29.55 94.01 34.42
CA PRO T 10 -28.21 93.91 33.84
C PRO T 10 -27.70 92.48 33.96
N GLN T 11 -26.44 92.25 33.59
CA GLN T 11 -25.86 90.92 33.76
C GLN T 11 -25.63 90.66 35.24
N GLY T 12 -26.39 89.73 35.81
CA GLY T 12 -26.23 89.37 37.19
C GLY T 12 -26.94 90.26 38.19
N GLY T 13 -27.98 90.98 37.77
CA GLY T 13 -28.71 91.83 38.67
C GLY T 13 -29.59 91.02 39.62
N GLN T 14 -30.25 91.74 40.51
CA GLN T 14 -31.01 91.10 41.59
C GLN T 14 -32.29 91.87 41.85
N PHE T 15 -33.41 91.37 41.33
CA PHE T 15 -34.67 92.10 41.32
C PHE T 15 -35.55 91.72 42.52
N ARG T 16 -36.26 92.71 43.04
CA ARG T 16 -37.18 92.54 44.16
C ARG T 16 -38.58 92.33 43.62
N LEU T 17 -39.10 91.10 43.75
CA LEU T 17 -40.42 90.75 43.26
C LEU T 17 -41.20 90.04 44.34
N SER T 18 -42.36 89.49 43.98
CA SER T 18 -43.21 88.77 44.91
C SER T 18 -43.75 87.51 44.28
N ILE T 19 -43.74 86.42 45.04
CA ILE T 19 -44.30 85.15 44.60
C ILE T 19 -45.33 84.71 45.62
N SER T 20 -46.04 83.63 45.27
CA SER T 20 -47.10 83.06 46.09
C SER T 20 -46.77 81.62 46.43
N ASN T 21 -46.96 81.26 47.70
CA ASN T 21 -46.50 79.97 48.20
C ASN T 21 -47.25 78.81 47.55
N THR T 22 -48.58 78.85 47.56
CA THR T 22 -49.35 77.90 46.77
C THR T 22 -49.32 78.33 45.30
N ASP T 23 -50.09 77.64 44.46
CA ASP T 23 -50.34 78.17 43.12
C ASP T 23 -49.06 78.37 42.32
N PRO T 24 -48.49 77.31 41.75
CA PRO T 24 -47.10 77.35 41.29
C PRO T 24 -46.79 78.57 40.44
N ASN T 25 -45.62 79.14 40.67
CA ASN T 25 -45.19 80.37 40.02
C ASN T 25 -44.21 80.03 38.92
N MET T 26 -44.22 80.82 37.85
CA MET T 26 -43.35 80.56 36.72
C MET T 26 -42.44 81.76 36.45
N ILE T 27 -41.20 81.47 36.10
CA ILE T 27 -40.25 82.46 35.59
C ILE T 27 -39.69 81.92 34.29
N PHE T 28 -39.70 82.74 33.24
CA PHE T 28 -39.15 82.30 31.97
C PHE T 28 -38.45 83.46 31.28
N ILE T 29 -37.34 83.17 30.63
CA ILE T 29 -36.58 84.14 29.85
C ILE T 29 -36.94 83.93 28.38
N PRO T 30 -37.50 84.94 27.70
CA PRO T 30 -37.90 84.75 26.30
C PRO T 30 -36.67 84.66 25.40
N GLY T 31 -36.57 83.56 24.66
CA GLY T 31 -35.46 83.33 23.77
C GLY T 31 -34.40 82.38 24.30
N ASP T 32 -34.46 82.03 25.57
CA ASP T 32 -33.45 81.18 26.19
C ASP T 32 -34.09 79.96 26.83
N LYS T 33 -33.23 79.07 27.32
CA LYS T 33 -33.64 77.89 28.05
C LYS T 33 -32.95 77.89 29.40
N VAL T 34 -33.73 77.91 30.49
CA VAL T 34 -33.15 77.88 31.82
C VAL T 34 -32.46 76.55 32.04
N THR T 35 -31.21 76.59 32.49
CA THR T 35 -30.41 75.39 32.66
C THR T 35 -30.33 74.92 34.10
N ALA T 36 -30.28 75.84 35.07
CA ALA T 36 -30.10 75.47 36.45
C ALA T 36 -30.87 76.43 37.35
N ILE T 37 -30.71 76.24 38.66
CA ILE T 37 -31.39 77.05 39.66
C ILE T 37 -30.69 76.82 40.99
N THR T 38 -30.88 77.75 41.92
CA THR T 38 -30.35 77.59 43.27
C THR T 38 -31.19 78.45 44.19
N ALA T 39 -32.07 77.83 44.97
CA ALA T 39 -33.07 78.55 45.73
C ALA T 39 -32.99 78.16 47.20
N PRO T 40 -31.99 78.63 47.92
CA PRO T 40 -31.91 78.32 49.35
C PRO T 40 -32.57 79.40 50.18
N GLY T 41 -32.67 79.14 51.48
CA GLY T 41 -33.36 80.03 52.36
C GLY T 41 -34.82 79.69 52.52
N GLY T 42 -35.48 79.38 51.39
CA GLY T 42 -36.89 79.04 51.42
C GLY T 42 -37.14 77.55 51.32
N MET T 43 -36.19 76.82 50.75
CA MET T 43 -36.29 75.37 50.55
C MET T 43 -37.59 75.02 49.83
N LEU T 44 -37.76 75.59 48.65
CA LEU T 44 -38.96 75.33 47.86
C LEU T 44 -38.95 73.90 47.32
N ALA T 45 -40.13 73.42 46.98
CA ALA T 45 -40.36 71.99 46.76
C ALA T 45 -40.31 71.59 45.28
N ASP T 46 -41.20 72.13 44.46
CA ASP T 46 -41.29 71.69 43.07
C ASP T 46 -40.32 72.47 42.20
N LYS T 47 -39.66 71.76 41.28
CA LYS T 47 -38.71 72.36 40.35
C LYS T 47 -38.79 71.58 39.04
N ARG T 48 -39.53 72.12 38.08
CA ARG T 48 -39.77 71.43 36.82
C ARG T 48 -39.44 72.36 35.65
N LEU T 49 -39.00 71.76 34.56
CA LEU T 49 -38.73 72.47 33.32
C LEU T 49 -39.91 72.33 32.37
N THR T 50 -40.45 73.45 31.92
CA THR T 50 -41.55 73.43 30.97
C THR T 50 -41.00 73.20 29.56
N THR T 51 -41.86 73.37 28.55
CA THR T 51 -41.43 73.19 27.18
C THR T 51 -40.95 74.48 26.53
N ALA T 52 -41.47 75.63 26.97
CA ALA T 52 -41.00 76.90 26.43
C ALA T 52 -39.53 77.12 26.75
N GLY T 53 -39.11 76.73 27.96
CA GLY T 53 -37.73 76.89 28.37
C GLY T 53 -37.64 77.38 29.80
N GLY T 54 -38.67 78.07 30.26
CA GLY T 54 -38.67 78.61 31.60
C GLY T 54 -38.85 77.52 32.65
N VAL T 55 -38.62 77.92 33.90
CA VAL T 55 -38.69 77.02 35.03
C VAL T 55 -39.76 77.51 35.98
N LEU T 56 -40.52 76.58 36.55
CA LEU T 56 -41.60 76.90 37.47
C LEU T 56 -41.42 76.11 38.76
N PHE T 57 -41.94 76.68 39.85
CA PHE T 57 -41.58 76.25 41.19
C PHE T 57 -42.78 76.45 42.10
N THR T 58 -42.61 76.05 43.37
CA THR T 58 -43.69 76.17 44.34
C THR T 58 -43.06 76.31 45.72
N SER T 59 -42.99 77.54 46.22
CA SER T 59 -42.40 77.76 47.53
C SER T 59 -43.33 77.28 48.64
N VAL T 60 -42.77 77.11 49.83
CA VAL T 60 -43.56 76.69 50.99
C VAL T 60 -43.21 77.55 52.20
N ALA T 61 -42.12 78.29 52.12
CA ALA T 61 -41.58 79.00 53.27
C ALA T 61 -42.46 80.21 53.59
N THR T 62 -42.01 81.04 54.54
CA THR T 62 -42.81 82.16 55.01
C THR T 62 -42.03 83.46 55.14
N ARG T 63 -40.80 83.52 54.64
CA ARG T 63 -39.98 84.71 54.79
C ARG T 63 -39.32 85.04 53.46
N THR T 64 -38.64 86.17 53.41
CA THR T 64 -38.00 86.68 52.21
C THR T 64 -36.61 86.06 52.03
N PHE T 65 -36.33 85.56 50.84
CA PHE T 65 -35.06 84.90 50.58
C PHE T 65 -34.56 85.30 49.20
N THR T 66 -33.59 84.56 48.69
CA THR T 66 -32.98 84.83 47.39
C THR T 66 -33.00 83.57 46.56
N ILE T 67 -33.35 83.70 45.29
CA ILE T 67 -33.37 82.59 44.35
C ILE T 67 -32.54 82.97 43.13
N PHE T 68 -31.53 82.16 42.83
CA PHE T 68 -30.71 82.38 41.66
C PHE T 68 -31.22 81.57 40.49
N VAL T 69 -30.82 81.96 39.29
CA VAL T 69 -31.25 81.31 38.07
C VAL T 69 -30.18 81.54 37.01
N GLU T 70 -29.93 80.52 36.20
CA GLU T 70 -28.93 80.62 35.15
C GLU T 70 -29.57 80.31 33.82
N THR T 71 -28.77 80.43 32.76
CA THR T 71 -29.27 80.38 31.41
C THR T 71 -28.34 79.52 30.56
N ALA T 72 -28.88 78.98 29.47
CA ALA T 72 -28.07 78.14 28.59
C ALA T 72 -26.89 78.91 28.01
N LEU T 73 -27.02 80.23 27.88
CA LEU T 73 -25.95 81.05 27.33
C LEU T 73 -25.11 81.73 28.40
N GLY T 74 -25.35 81.44 29.68
CA GLY T 74 -24.55 81.97 30.76
C GLY T 74 -25.15 83.17 31.46
N GLN T 75 -26.24 83.74 30.94
CA GLN T 75 -26.82 84.96 31.48
C GLN T 75 -27.49 84.64 32.82
N THR T 76 -26.71 84.67 33.88
CA THR T 76 -27.22 84.42 35.22
C THR T 76 -27.93 85.64 35.76
N PHE T 77 -28.78 85.42 36.76
CA PHE T 77 -29.62 86.47 37.33
C PHE T 77 -29.77 86.21 38.83
N SER T 78 -30.73 86.90 39.44
CA SER T 78 -31.04 86.72 40.84
C SER T 78 -32.34 87.45 41.13
N VAL T 79 -33.21 86.83 41.92
CA VAL T 79 -34.51 87.41 42.28
C VAL T 79 -34.74 87.20 43.77
N VAL T 80 -35.23 88.22 44.44
CA VAL T 80 -35.50 88.16 45.87
C VAL T 80 -36.99 87.97 46.04
N ALA T 81 -37.41 86.72 46.23
CA ALA T 81 -38.81 86.39 46.36
C ALA T 81 -39.35 86.84 47.71
N THR T 82 -40.66 86.79 47.84
CA THR T 82 -41.35 87.07 49.09
C THR T 82 -42.72 86.40 49.10
N PRO T 83 -42.85 85.24 49.73
CA PRO T 83 -44.13 84.50 49.66
C PRO T 83 -45.29 85.29 50.23
N VAL T 84 -46.46 85.11 49.61
CA VAL T 84 -47.69 85.80 49.96
C VAL T 84 -48.83 84.78 50.06
N LYS T 85 -50.06 85.28 50.20
CA LYS T 85 -51.20 84.41 50.47
C LYS T 85 -51.46 83.43 49.33
N GLY T 86 -51.84 83.94 48.16
CA GLY T 86 -52.23 83.05 47.07
C GLY T 86 -52.21 83.73 45.73
N GLU T 87 -52.86 83.07 44.76
CA GLU T 87 -53.00 83.54 43.37
C GLU T 87 -51.64 83.70 42.69
N GLY T 88 -51.01 82.54 42.44
CA GLY T 88 -49.68 82.53 41.87
C GLY T 88 -49.61 83.26 40.53
N ARG T 89 -48.44 83.81 40.25
CA ARG T 89 -48.24 84.78 39.17
C ARG T 89 -47.05 84.39 38.30
N VAL T 90 -47.00 85.00 37.12
CA VAL T 90 -45.97 84.72 36.11
C VAL T 90 -45.22 86.00 35.81
N TYR T 91 -43.89 85.91 35.73
CA TYR T 91 -43.02 87.03 35.42
C TYR T 91 -42.20 86.72 34.17
N ARG T 92 -41.47 87.73 33.71
CA ARG T 92 -40.59 87.59 32.56
C ARG T 92 -39.24 88.21 32.86
N LEU T 93 -38.18 87.54 32.47
CA LEU T 93 -36.81 88.00 32.70
C LEU T 93 -36.11 88.20 31.36
N MET T 94 -35.55 89.40 31.18
CA MET T 94 -34.78 89.70 29.98
C MET T 94 -33.77 90.78 30.31
N SER T 95 -32.64 90.73 29.62
CA SER T 95 -31.59 91.72 29.77
C SER T 95 -31.76 92.82 28.72
N ALA T 96 -31.11 93.96 28.97
CA ALA T 96 -31.31 95.16 28.15
C ALA T 96 -30.31 95.26 27.00
N GLU T 97 -29.02 95.39 27.31
CA GLU T 97 -28.03 95.60 26.26
C GLU T 97 -27.57 94.31 25.58
N PRO T 98 -27.22 93.24 26.31
CA PRO T 98 -26.53 92.10 25.67
C PRO T 98 -27.29 91.50 24.49
N PRO T 99 -28.63 91.39 24.54
CA PRO T 99 -29.31 90.88 23.34
C PRO T 99 -29.32 91.90 22.22
N SER T 100 -28.48 91.69 21.20
CA SER T 100 -28.43 92.59 20.06
C SER T 100 -27.86 91.82 18.88
N ARG T 101 -28.72 91.44 17.95
CA ARG T 101 -28.30 90.78 16.70
C ARG T 101 -29.31 91.11 15.63
N PRO T 102 -29.27 92.32 15.09
CA PRO T 102 -30.24 92.72 14.07
C PRO T 102 -30.00 92.13 12.70
N GLU T 103 -29.09 91.16 12.57
CA GLU T 103 -28.84 90.53 11.29
C GLU T 103 -30.11 89.90 10.74
N THR T 104 -30.43 90.19 9.49
CA THR T 104 -31.62 89.66 8.85
C THR T 104 -31.23 88.88 7.61
N ARG T 105 -31.70 87.64 7.53
CA ARG T 105 -31.56 86.86 6.31
C ARG T 105 -32.44 87.49 5.23
N LYS T 106 -31.90 87.63 4.03
CA LYS T 106 -32.68 88.25 2.96
C LYS T 106 -33.58 87.21 2.34
N TRP T 107 -34.80 87.12 2.85
CA TRP T 107 -35.88 86.30 2.32
C TRP T 107 -36.48 87.06 1.13
N GLU T 108 -37.67 86.66 0.68
CA GLU T 108 -38.37 87.33 -0.42
C GLU T 108 -37.65 87.19 -1.76
N THR T 109 -37.51 85.96 -2.24
CA THR T 109 -37.00 85.74 -3.59
C THR T 109 -37.97 86.31 -4.62
N ALA T 110 -37.52 86.34 -5.87
CA ALA T 110 -38.29 86.91 -6.96
C ALA T 110 -38.64 85.83 -7.98
N GLN T 111 -39.37 86.23 -9.01
CA GLN T 111 -39.84 85.30 -10.03
C GLN T 111 -38.68 84.85 -10.92
N ALA T 112 -38.92 83.79 -11.67
CA ALA T 112 -37.91 83.27 -12.59
C ALA T 112 -37.81 84.08 -13.87
N TYR T 113 -38.88 84.76 -14.26
CA TYR T 113 -38.89 85.54 -15.50
C TYR T 113 -38.36 86.94 -15.31
N GLU T 114 -38.51 87.52 -14.11
CA GLU T 114 -38.00 88.87 -13.86
C GLU T 114 -36.51 88.87 -13.58
N LYS T 115 -36.00 87.85 -12.89
CA LYS T 115 -34.57 87.82 -12.55
C LYS T 115 -33.71 87.77 -13.81
N LEU T 116 -34.13 87.01 -14.82
CA LEU T 116 -33.34 86.93 -16.05
C LEU T 116 -33.43 88.21 -16.86
N LEU T 117 -34.60 88.85 -16.89
CA LEU T 117 -34.70 90.15 -17.54
C LEU T 117 -33.76 91.15 -16.90
N ILE T 118 -33.74 91.19 -15.56
CA ILE T 118 -32.88 92.15 -14.87
C ILE T 118 -31.41 91.81 -15.08
N SER T 119 -31.07 90.52 -15.10
CA SER T 119 -29.68 90.14 -15.32
C SER T 119 -29.19 90.56 -16.70
N LEU T 120 -29.95 90.23 -17.74
CA LEU T 120 -29.56 90.62 -19.09
C LEU T 120 -29.53 92.13 -19.23
N ASN T 121 -30.51 92.82 -18.66
CA ASN T 121 -30.59 94.26 -18.83
C ASN T 121 -29.51 94.96 -18.02
N ARG T 122 -29.02 94.31 -16.96
CA ARG T 122 -27.88 94.85 -16.23
C ARG T 122 -26.58 94.62 -16.99
N ALA T 123 -26.44 93.46 -17.63
CA ALA T 123 -25.25 93.21 -18.43
C ALA T 123 -25.22 94.00 -19.73
N VAL T 124 -26.34 94.55 -20.17
CA VAL T 124 -26.32 95.42 -21.35
C VAL T 124 -25.90 96.83 -20.97
N LEU T 125 -25.94 97.17 -19.69
CA LEU T 125 -25.54 98.50 -19.22
C LEU T 125 -24.08 98.55 -18.77
N THR T 126 -23.65 97.56 -17.97
CA THR T 126 -22.26 97.54 -17.53
C THR T 126 -21.31 97.37 -18.71
N GLY T 127 -21.63 96.46 -19.63
CA GLY T 127 -20.83 96.20 -20.81
C GLY T 127 -20.44 94.75 -20.98
N ASP T 128 -20.30 94.01 -19.87
CA ASP T 128 -19.92 92.60 -19.95
C ASP T 128 -21.02 91.79 -20.62
N ILE T 129 -20.72 91.22 -21.77
CA ILE T 129 -21.73 90.51 -22.54
C ILE T 129 -21.85 89.09 -21.99
N PRO T 130 -23.05 88.66 -21.59
CA PRO T 130 -23.20 87.30 -21.06
C PRO T 130 -22.91 86.26 -22.11
N ASP T 131 -22.46 85.11 -21.65
CA ASP T 131 -22.16 84.00 -22.55
C ASP T 131 -23.45 83.54 -23.24
N GLY T 132 -23.50 83.64 -24.55
CA GLY T 132 -24.64 83.17 -25.30
C GLY T 132 -25.36 84.27 -26.04
N TYR T 133 -24.69 85.40 -26.24
CA TYR T 133 -25.26 86.54 -26.94
C TYR T 133 -24.25 87.11 -27.92
N GLY T 134 -24.70 87.39 -29.13
CA GLY T 134 -23.82 87.87 -30.17
C GLY T 134 -24.02 89.33 -30.52
N GLU T 135 -24.32 89.60 -31.78
CA GLU T 135 -24.62 90.95 -32.23
C GLU T 135 -25.38 90.85 -33.54
N VAL T 136 -26.31 91.78 -33.76
CA VAL T 136 -27.21 91.73 -34.90
C VAL T 136 -27.43 93.13 -35.45
N LYS T 137 -28.04 93.18 -36.61
CA LYS T 137 -28.45 94.43 -37.24
C LYS T 137 -29.62 95.03 -36.46
N PRO T 138 -29.60 96.35 -36.24
CA PRO T 138 -30.70 96.99 -35.49
C PRO T 138 -32.02 96.89 -36.24
N LEU T 139 -33.01 96.27 -35.61
CA LEU T 139 -34.34 96.17 -36.19
C LEU T 139 -34.93 97.55 -36.41
N SER T 140 -35.52 97.76 -37.58
CA SER T 140 -36.05 99.07 -37.91
C SER T 140 -37.26 99.39 -37.05
N ASP T 141 -37.33 100.66 -36.61
CA ASP T 141 -38.47 101.29 -35.96
C ASP T 141 -39.30 100.34 -35.09
N GLY T 142 -38.64 99.58 -34.24
CA GLY T 142 -39.32 98.69 -33.33
C GLY T 142 -39.86 99.34 -32.08
N ILE T 143 -39.80 100.67 -31.98
CA ILE T 143 -40.30 101.40 -30.81
C ILE T 143 -41.10 102.61 -31.28
N ARG T 144 -42.19 102.89 -30.57
CA ARG T 144 -43.09 103.98 -30.92
C ARG T 144 -42.40 105.33 -30.67
N LEU T 145 -43.01 106.39 -31.20
CA LEU T 145 -42.52 107.75 -31.05
C LEU T 145 -43.62 108.62 -30.47
N PRO T 146 -43.41 109.26 -29.31
CA PRO T 146 -44.45 110.13 -28.71
C PRO T 146 -44.32 111.58 -29.17
N GLY T 147 -44.63 111.82 -30.44
CA GLY T 147 -44.61 113.18 -30.95
C GLY T 147 -43.30 113.59 -31.57
N GLY T 148 -42.89 114.83 -31.32
CA GLY T 148 -41.75 115.41 -31.99
C GLY T 148 -40.41 114.83 -31.55
N PHE T 149 -40.26 113.53 -31.70
CA PHE T 149 -39.02 112.85 -31.37
C PHE T 149 -38.42 112.23 -32.64
N SER T 150 -37.38 111.42 -32.44
CA SER T 150 -36.77 110.70 -33.52
C SER T 150 -36.11 109.45 -32.95
N VAL T 151 -35.75 108.53 -33.83
CA VAL T 151 -35.04 107.32 -33.47
C VAL T 151 -33.82 107.19 -34.37
N THR T 152 -32.69 106.82 -33.78
CA THR T 152 -31.44 106.66 -34.53
C THR T 152 -30.79 105.36 -34.04
N PRO T 153 -31.11 104.24 -34.67
CA PRO T 153 -30.62 102.94 -34.19
C PRO T 153 -29.11 102.94 -34.10
N LEU T 154 -28.61 102.19 -33.12
CA LEU T 154 -27.17 102.02 -32.93
C LEU T 154 -26.74 100.58 -33.21
N LYS T 155 -27.33 99.62 -32.51
CA LYS T 155 -26.87 98.24 -32.48
C LYS T 155 -27.86 97.44 -31.63
N ALA T 156 -27.53 96.16 -31.42
CA ALA T 156 -28.40 95.27 -30.66
C ALA T 156 -27.66 93.98 -30.40
N TRP T 157 -28.06 93.27 -29.37
CA TRP T 157 -27.62 91.90 -29.13
C TRP T 157 -28.72 90.93 -29.51
N ALA T 158 -28.40 89.64 -29.43
CA ALA T 158 -29.39 88.61 -29.64
C ALA T 158 -28.84 87.26 -29.20
N GLY T 159 -29.74 86.31 -29.06
CA GLY T 159 -29.36 84.92 -28.90
C GLY T 159 -30.09 84.14 -27.83
N ASP T 160 -30.77 83.09 -28.30
CA ASP T 160 -31.36 81.99 -27.55
C ASP T 160 -32.60 82.36 -26.73
N GLN T 161 -32.81 83.66 -26.48
CA GLN T 161 -34.02 84.35 -26.02
C GLN T 161 -33.64 85.81 -25.89
N LEU T 162 -34.66 86.68 -25.87
CA LEU T 162 -34.50 88.08 -25.48
C LEU T 162 -33.48 88.81 -26.38
N ARG T 163 -33.88 89.02 -27.63
CA ARG T 163 -33.08 89.85 -28.52
C ARG T 163 -33.15 91.30 -28.05
N ALA T 164 -32.12 91.75 -27.35
CA ALA T 164 -32.09 93.10 -26.80
C ALA T 164 -31.75 94.11 -27.89
N ASP T 165 -31.95 95.39 -27.57
CA ASP T 165 -31.71 96.48 -28.51
C ASP T 165 -31.07 97.65 -27.77
N ARG T 166 -30.81 98.73 -28.51
CA ARG T 166 -30.41 100.00 -27.92
C ARG T 166 -30.73 101.11 -28.91
N TYR T 167 -31.75 101.92 -28.62
CA TYR T 167 -32.15 103.01 -29.47
C TYR T 167 -31.76 104.35 -28.84
N GLU T 168 -32.16 105.44 -29.47
CA GLU T 168 -31.68 106.77 -29.12
C GLU T 168 -32.83 107.77 -29.18
N LEU T 169 -32.87 108.68 -28.21
CA LEU T 169 -33.92 109.68 -28.08
C LEU T 169 -33.38 111.06 -28.41
N ARG T 170 -34.24 111.90 -28.99
CA ARG T 170 -33.84 113.23 -29.43
C ARG T 170 -35.05 114.14 -29.37
N ASN T 171 -35.02 115.12 -28.47
CA ASN T 171 -36.10 116.10 -28.40
C ASN T 171 -35.99 117.06 -29.57
N ALA T 172 -36.84 116.87 -30.57
CA ALA T 172 -36.83 117.73 -31.75
C ALA T 172 -37.64 119.00 -31.56
N ASN T 173 -38.33 119.13 -30.43
CA ASN T 173 -39.12 120.30 -30.12
C ASN T 173 -38.24 121.31 -29.37
N THR T 174 -38.86 122.33 -28.78
CA THR T 174 -38.11 123.40 -28.16
C THR T 174 -38.19 123.47 -26.64
N TRP T 175 -39.29 123.05 -26.03
CA TRP T 175 -39.49 123.20 -24.59
C TRP T 175 -39.34 121.86 -23.88
N GLY T 176 -39.64 121.86 -22.59
CA GLY T 176 -39.53 120.69 -21.74
C GLY T 176 -40.88 120.10 -21.40
N VAL T 177 -40.93 118.77 -21.32
CA VAL T 177 -42.16 118.04 -21.02
C VAL T 177 -41.87 117.00 -19.95
N ALA T 178 -42.85 116.16 -19.64
CA ALA T 178 -42.68 115.06 -18.71
C ALA T 178 -42.50 113.75 -19.46
N LEU T 179 -42.18 112.69 -18.71
CA LEU T 179 -41.92 111.38 -19.30
C LEU T 179 -42.63 110.30 -18.50
N ARG T 180 -43.38 109.44 -19.20
CA ARG T 180 -43.91 108.20 -18.67
C ARG T 180 -43.60 107.09 -19.66
N GLU T 181 -42.81 106.11 -19.23
CA GLU T 181 -42.19 105.15 -20.14
C GLU T 181 -43.13 104.06 -20.64
N GLN T 182 -44.45 104.24 -20.46
CA GLN T 182 -45.44 103.38 -21.06
C GLN T 182 -45.85 103.85 -22.44
N ASP T 183 -45.25 104.93 -22.94
CA ASP T 183 -45.58 105.45 -24.26
C ASP T 183 -44.74 104.83 -25.37
N PHE T 184 -43.63 104.18 -25.04
CA PHE T 184 -42.77 103.58 -26.05
C PHE T 184 -43.12 102.14 -26.33
N TRP T 185 -44.12 101.59 -25.64
CA TRP T 185 -44.43 100.18 -25.78
C TRP T 185 -44.85 99.84 -27.21
N LYS T 186 -44.34 98.73 -27.71
CA LYS T 186 -44.68 98.17 -29.00
C LYS T 186 -45.13 96.73 -28.81
N PRO T 187 -45.81 96.15 -29.79
CA PRO T 187 -46.31 94.79 -29.62
C PRO T 187 -45.19 93.74 -29.66
N GLY T 188 -44.60 93.49 -28.50
CA GLY T 188 -43.58 92.47 -28.37
C GLY T 188 -42.53 92.85 -27.34
N VAL T 189 -42.57 94.11 -26.90
CA VAL T 189 -41.57 94.61 -25.95
C VAL T 189 -41.70 93.88 -24.63
N ARG T 190 -40.56 93.52 -24.04
CA ARG T 190 -40.55 92.89 -22.73
C ARG T 190 -40.17 93.85 -21.61
N ALA T 191 -39.30 94.83 -21.87
CA ALA T 191 -38.86 95.75 -20.84
C ALA T 191 -38.20 96.96 -21.48
N VAL T 192 -38.40 98.12 -20.87
CA VAL T 192 -37.83 99.37 -21.36
C VAL T 192 -37.10 100.06 -20.22
N MET T 193 -35.81 100.34 -20.41
CA MET T 193 -35.01 101.11 -19.46
C MET T 193 -34.67 102.48 -19.99
N PHE T 194 -34.67 103.46 -19.08
CA PHE T 194 -34.12 104.79 -19.32
C PHE T 194 -32.78 104.88 -18.59
N ASP T 195 -31.71 105.17 -19.34
CA ASP T 195 -30.36 105.13 -18.77
C ASP T 195 -30.04 106.43 -18.03
N ASN T 196 -30.02 107.55 -18.75
CA ASN T 196 -29.81 108.85 -18.12
C ASN T 196 -31.07 109.20 -17.34
N ASN T 197 -31.01 109.03 -16.03
CA ASN T 197 -32.22 109.09 -15.19
C ASN T 197 -32.73 110.52 -15.15
N ALA T 198 -33.76 110.79 -15.95
CA ALA T 198 -34.39 112.10 -16.01
C ALA T 198 -35.88 111.95 -16.18
N GLN T 199 -36.64 112.77 -15.46
CA GLN T 199 -38.10 112.77 -15.56
C GLN T 199 -38.64 114.00 -16.29
N THR T 200 -37.78 114.73 -17.00
CA THR T 200 -38.22 115.90 -17.74
C THR T 200 -37.29 116.09 -18.94
N LEU T 201 -37.84 116.68 -20.00
CA LEU T 201 -37.12 116.87 -21.25
C LEU T 201 -36.44 118.23 -21.29
N MET T 202 -35.38 118.31 -22.09
CA MET T 202 -34.54 119.50 -22.15
C MET T 202 -34.28 120.04 -23.55
N GLY T 203 -34.27 119.19 -24.60
CA GLY T 203 -33.97 119.62 -25.95
C GLY T 203 -32.76 118.91 -26.55
N GLY T 204 -31.87 118.40 -25.70
CA GLY T 204 -30.69 117.71 -26.16
C GLY T 204 -30.84 116.21 -26.00
N GLY T 205 -30.71 115.51 -27.13
CA GLY T 205 -30.87 114.07 -27.12
C GLY T 205 -29.58 113.30 -27.07
N ARG T 206 -29.23 112.82 -25.89
CA ARG T 206 -28.02 112.02 -25.71
C ARG T 206 -28.27 110.83 -24.80
N MET T 207 -29.52 110.50 -24.50
CA MET T 207 -29.86 109.37 -23.67
C MET T 207 -30.29 108.21 -24.56
N THR T 208 -30.08 106.99 -24.06
CA THR T 208 -30.47 105.79 -24.78
C THR T 208 -31.47 104.97 -23.97
N VAL T 209 -32.10 104.01 -24.63
CA VAL T 209 -33.00 103.06 -24.00
C VAL T 209 -32.63 101.67 -24.47
N THR T 210 -33.02 100.67 -23.66
CA THR T 210 -32.76 99.27 -23.96
C THR T 210 -34.09 98.54 -24.04
N VAL T 211 -34.53 98.24 -25.25
CA VAL T 211 -35.80 97.58 -25.48
C VAL T 211 -35.53 96.12 -25.78
N ILE T 212 -36.01 95.25 -24.93
CA ILE T 212 -35.84 93.81 -25.09
C ILE T 212 -37.02 93.27 -25.87
N ARG T 213 -36.79 92.17 -26.59
CA ARG T 213 -37.80 91.64 -27.49
C ARG T 213 -37.61 90.14 -27.62
N GLY T 214 -38.67 89.46 -28.06
CA GLY T 214 -38.62 88.04 -28.29
C GLY T 214 -37.98 87.70 -29.63
N ASN T 215 -37.90 86.39 -29.90
CA ASN T 215 -37.29 85.86 -31.11
C ASN T 215 -35.83 86.31 -31.23
N GLY T 216 -35.02 85.83 -30.29
CA GLY T 216 -33.60 86.13 -30.28
C GLY T 216 -32.80 84.95 -29.79
N ALA U 69 -5.31 88.00 -7.35
CA ALA U 69 -4.23 88.21 -6.40
C ALA U 69 -3.16 89.14 -6.99
N THR U 70 -3.61 90.12 -7.76
CA THR U 70 -2.70 91.07 -8.41
C THR U 70 -2.53 92.30 -7.51
N SER U 71 -1.96 93.36 -8.07
CA SER U 71 -1.79 94.59 -7.33
C SER U 71 -3.15 95.21 -6.98
N ALA U 72 -3.22 95.82 -5.81
CA ALA U 72 -4.44 96.47 -5.37
C ALA U 72 -4.67 97.75 -6.18
N VAL U 73 -5.91 98.23 -6.14
CA VAL U 73 -6.28 99.39 -6.95
C VAL U 73 -5.83 100.68 -6.25
N GLU U 74 -5.67 101.73 -7.05
CA GLU U 74 -5.24 103.03 -6.57
C GLU U 74 -6.42 103.99 -6.53
N VAL U 75 -6.27 105.04 -5.73
CA VAL U 75 -7.24 106.11 -5.64
C VAL U 75 -6.55 107.41 -6.05
N PRO U 76 -6.78 107.89 -7.27
CA PRO U 76 -6.10 109.11 -7.71
C PRO U 76 -6.57 110.32 -6.91
N SER U 77 -5.62 110.98 -6.26
CA SER U 77 -5.93 112.19 -5.52
C SER U 77 -6.29 113.33 -6.47
N ALA U 78 -6.83 114.39 -5.91
CA ALA U 78 -7.28 115.54 -6.69
C ALA U 78 -6.07 116.36 -7.13
N SER U 79 -6.33 117.59 -7.58
CA SER U 79 -5.29 118.53 -7.91
C SER U 79 -5.56 119.87 -7.24
N ARG U 80 -4.50 120.57 -6.89
CA ARG U 80 -4.60 121.86 -6.22
C ARG U 80 -5.38 122.86 -7.04
N THR U 157 -7.60 119.67 5.86
CA THR U 157 -7.49 118.22 5.92
C THR U 157 -8.86 117.56 6.07
N VAL U 158 -9.26 116.77 5.08
CA VAL U 158 -10.57 116.12 5.07
C VAL U 158 -10.37 114.62 4.92
N HIS U 159 -11.04 113.86 5.79
CA HIS U 159 -10.97 112.41 5.72
C HIS U 159 -11.80 111.90 4.55
N PRO U 160 -11.50 110.70 4.05
CA PRO U 160 -12.18 110.20 2.85
C PRO U 160 -13.65 109.92 3.11
N GLN U 161 -14.40 109.78 2.02
CA GLN U 161 -15.74 109.22 2.05
C GLN U 161 -16.00 108.52 0.73
N ARG U 162 -17.01 107.65 0.72
CA ARG U 162 -17.38 106.93 -0.48
C ARG U 162 -18.13 107.83 -1.45
N SER U 163 -18.35 107.32 -2.65
CA SER U 163 -19.04 108.05 -3.70
C SER U 163 -20.51 107.67 -3.74
N ARG U 164 -21.33 108.60 -4.20
CA ARG U 164 -22.76 108.39 -4.25
C ARG U 164 -23.12 107.28 -5.22
N ASP U 165 -24.22 106.61 -4.95
CA ASP U 165 -24.67 105.51 -5.80
C ASP U 165 -25.58 106.01 -6.91
N GLN U 166 -25.75 105.16 -7.93
CA GLN U 166 -26.66 105.41 -9.02
C GLN U 166 -27.61 104.22 -9.17
N ILE U 167 -28.80 104.50 -9.65
CA ILE U 167 -29.89 103.52 -9.68
C ILE U 167 -30.52 103.50 -11.06
N ALA U 168 -30.87 102.30 -11.51
CA ALA U 168 -31.54 102.11 -12.80
C ALA U 168 -32.87 101.43 -12.58
N THR U 169 -33.92 101.95 -13.19
CA THR U 169 -35.26 101.41 -13.07
C THR U 169 -35.70 100.79 -14.38
N VAL U 170 -36.40 99.66 -14.30
CA VAL U 170 -36.87 98.91 -15.46
C VAL U 170 -38.38 98.82 -15.39
N TRP U 171 -39.05 99.02 -16.52
CA TRP U 171 -40.49 98.89 -16.61
C TRP U 171 -40.81 97.58 -17.32
N ILE U 172 -41.41 96.65 -16.59
CA ILE U 172 -41.73 95.33 -17.14
C ILE U 172 -43.13 95.36 -17.74
N ALA U 173 -43.24 94.93 -18.99
CA ALA U 173 -44.53 94.87 -19.64
C ALA U 173 -45.38 93.76 -19.02
N PRO U 174 -46.68 93.97 -18.85
CA PRO U 174 -47.51 92.96 -18.16
C PRO U 174 -47.47 91.63 -18.87
N TRP U 175 -47.38 90.56 -18.10
CA TRP U 175 -47.30 89.22 -18.63
C TRP U 175 -48.30 88.32 -17.92
N VAL U 176 -48.32 87.06 -18.31
CA VAL U 176 -49.23 86.07 -17.73
C VAL U 176 -48.39 84.88 -17.29
N ASP U 177 -48.44 84.58 -15.99
CA ASP U 177 -47.62 83.52 -15.43
C ASP U 177 -48.02 82.19 -16.05
N SER U 178 -47.14 81.19 -15.89
CA SER U 178 -47.42 79.87 -16.41
C SER U 178 -48.65 79.22 -15.79
N ASP U 179 -49.05 79.68 -14.60
CA ASP U 179 -50.23 79.14 -13.91
C ASP U 179 -51.43 80.08 -14.04
N ASN U 180 -51.51 80.81 -15.15
CA ASN U 180 -52.64 81.70 -15.43
C ASN U 180 -52.85 82.70 -14.29
N ALA U 181 -51.84 83.53 -14.09
CA ALA U 181 -51.89 84.58 -13.06
C ALA U 181 -51.39 85.86 -13.68
N PHE U 182 -52.29 86.74 -14.07
CA PHE U 182 -51.93 87.96 -14.79
C PHE U 182 -51.18 88.90 -13.87
N HIS U 183 -50.03 89.40 -14.32
CA HIS U 183 -49.17 90.24 -13.53
C HIS U 183 -49.14 91.66 -14.07
N GLN U 184 -49.04 92.63 -13.18
CA GLN U 184 -48.82 94.04 -13.53
C GLN U 184 -47.64 94.54 -12.73
N PRO U 185 -46.43 94.05 -13.03
CA PRO U 185 -45.28 94.42 -12.22
C PRO U 185 -44.94 95.89 -12.33
N GLY U 186 -44.40 96.44 -11.24
CA GLY U 186 -44.00 97.82 -11.19
C GLY U 186 -42.57 98.02 -11.67
N ARG U 187 -42.06 99.22 -11.46
CA ARG U 187 -40.73 99.61 -11.91
C ARG U 187 -39.71 99.09 -10.90
N VAL U 188 -38.95 98.08 -11.28
CA VAL U 188 -37.92 97.54 -10.41
C VAL U 188 -36.63 98.33 -10.56
N SER U 189 -36.05 98.74 -9.44
CA SER U 189 -34.83 99.54 -9.42
C SER U 189 -33.71 98.73 -8.80
N PHE U 190 -32.59 98.63 -9.50
CA PHE U 190 -31.47 97.82 -9.05
C PHE U 190 -30.18 98.64 -9.10
N VAL U 191 -29.25 98.30 -8.22
CA VAL U 191 -27.95 98.96 -8.19
C VAL U 191 -27.04 98.32 -9.23
N VAL U 192 -26.27 99.15 -9.94
CA VAL U 192 -25.47 98.69 -11.05
C VAL U 192 -23.96 98.71 -10.76
N SER U 193 -23.49 99.59 -9.88
CA SER U 193 -22.08 99.65 -9.56
C SER U 193 -21.91 100.05 -8.10
N PRO U 194 -21.01 99.40 -7.37
CA PRO U 194 -20.82 99.76 -5.96
C PRO U 194 -20.02 101.04 -5.81
N ALA U 195 -20.11 101.61 -4.62
CA ALA U 195 -19.39 102.84 -4.32
C ALA U 195 -17.89 102.59 -4.26
N ASP U 196 -17.11 103.63 -4.53
CA ASP U 196 -15.66 103.56 -4.56
C ASP U 196 -15.06 104.69 -3.73
N TRP U 197 -13.93 104.39 -3.09
CA TRP U 197 -13.28 105.37 -2.22
C TRP U 197 -12.77 106.54 -3.04
N VAL U 198 -12.92 107.76 -2.51
CA VAL U 198 -12.49 108.96 -3.22
C VAL U 198 -12.08 110.03 -2.20
N LEU U 199 -11.12 110.87 -2.58
CA LEU U 199 -10.68 111.99 -1.76
C LEU U 199 -11.38 113.26 -2.19
N PRO U 200 -11.93 114.03 -1.26
CA PRO U 200 -12.64 115.27 -1.65
C PRO U 200 -11.66 116.37 -1.97
N ALA U 201 -11.88 117.04 -3.09
CA ALA U 201 -11.04 118.17 -3.49
C ALA U 201 -11.49 119.42 -2.75
N ARG U 202 -11.47 119.32 -1.42
CA ARG U 202 -11.88 120.42 -0.56
C ARG U 202 -10.76 121.45 -0.51
N VAL U 203 -10.82 122.35 0.48
CA VAL U 203 -9.72 123.27 0.71
C VAL U 203 -8.72 122.59 1.64
N ASN U 204 -7.84 121.78 1.07
CA ASN U 204 -6.91 120.98 1.86
C ASN U 204 -5.61 121.72 2.12
N VAL V 158 -81.70 80.62 -26.75
CA VAL V 158 -82.03 79.20 -26.60
C VAL V 158 -80.74 78.40 -26.49
N HIS V 159 -79.63 79.00 -26.90
CA HIS V 159 -78.33 78.35 -26.84
C HIS V 159 -77.87 78.25 -25.38
N PRO V 160 -77.06 77.24 -25.05
CA PRO V 160 -76.56 77.12 -23.68
C PRO V 160 -75.33 77.99 -23.47
N GLN V 161 -75.51 79.05 -22.67
CA GLN V 161 -74.47 80.03 -22.44
C GLN V 161 -73.52 79.56 -21.34
N ARG V 162 -72.64 80.45 -20.90
CA ARG V 162 -71.70 80.19 -19.83
C ARG V 162 -72.09 80.98 -18.58
N SER V 163 -71.23 80.92 -17.58
CA SER V 163 -71.29 81.77 -16.40
C SER V 163 -70.09 82.72 -16.38
N ARG V 164 -70.32 83.93 -15.90
CA ARG V 164 -69.25 84.93 -15.86
C ARG V 164 -68.26 84.59 -14.77
N ASP V 165 -66.98 84.85 -15.04
CA ASP V 165 -65.91 84.45 -14.15
C ASP V 165 -65.86 85.32 -12.90
N GLN V 166 -65.03 84.91 -11.95
CA GLN V 166 -64.79 85.65 -10.72
C GLN V 166 -63.29 85.79 -10.51
N ILE V 167 -62.85 87.02 -10.25
CA ILE V 167 -61.44 87.32 -10.10
C ILE V 167 -61.21 88.17 -8.86
N ALA V 168 -59.95 88.27 -8.44
CA ALA V 168 -59.59 89.16 -7.34
C ALA V 168 -58.18 89.67 -7.61
N THR V 169 -57.98 90.98 -7.48
CA THR V 169 -56.72 91.62 -7.84
C THR V 169 -56.01 92.06 -6.57
N VAL V 170 -54.85 91.49 -6.32
CA VAL V 170 -54.06 91.81 -5.13
C VAL V 170 -53.25 93.06 -5.41
N TRP V 171 -52.86 93.76 -4.35
CA TRP V 171 -52.03 94.95 -4.43
C TRP V 171 -50.78 94.72 -3.59
N ILE V 172 -49.62 94.60 -4.26
CA ILE V 172 -48.39 94.20 -3.59
C ILE V 172 -47.63 95.46 -3.15
N ALA V 173 -47.52 95.64 -1.84
CA ALA V 173 -46.85 96.80 -1.28
C ALA V 173 -45.35 96.75 -1.56
N PRO V 174 -44.66 97.90 -1.50
CA PRO V 174 -43.23 97.92 -1.83
C PRO V 174 -42.43 96.93 -0.99
N TRP V 175 -41.61 96.14 -1.67
CA TRP V 175 -40.76 95.15 -1.03
C TRP V 175 -39.39 95.17 -1.68
N VAL V 176 -38.38 94.74 -0.92
CA VAL V 176 -37.00 94.72 -1.38
C VAL V 176 -36.63 93.30 -1.73
N ASP V 177 -36.08 93.11 -2.93
CA ASP V 177 -35.80 91.78 -3.46
C ASP V 177 -34.73 91.11 -2.60
N SER V 178 -34.59 89.79 -2.80
CA SER V 178 -33.47 89.06 -2.21
C SER V 178 -32.17 89.29 -2.96
N ASP V 179 -32.22 89.84 -4.16
CA ASP V 179 -31.04 90.26 -4.90
C ASP V 179 -30.82 91.76 -4.82
N ASN V 180 -31.40 92.41 -3.82
CA ASN V 180 -31.26 93.85 -3.59
C ASN V 180 -31.74 94.66 -4.80
N ALA V 181 -33.04 94.56 -5.07
CA ALA V 181 -33.71 95.38 -6.07
C ALA V 181 -35.03 95.85 -5.50
N PHE V 182 -35.27 97.14 -5.33
CA PHE V 182 -36.49 97.58 -4.63
C PHE V 182 -37.60 97.41 -5.62
N HIS V 183 -38.58 96.52 -5.39
CA HIS V 183 -39.75 96.38 -6.30
C HIS V 183 -40.85 97.31 -5.83
N GLN V 184 -41.33 98.19 -6.69
CA GLN V 184 -42.32 99.23 -6.29
C GLN V 184 -43.74 98.64 -6.27
N PRO V 185 -44.80 99.33 -5.80
CA PRO V 185 -46.10 98.71 -5.67
C PRO V 185 -46.61 98.13 -6.99
N GLY V 186 -47.45 97.11 -6.97
CA GLY V 186 -47.90 96.49 -8.24
C GLY V 186 -49.14 95.63 -8.04
N ARG V 187 -49.77 95.08 -9.09
CA ARG V 187 -51.00 94.33 -8.97
C ARG V 187 -50.80 92.95 -9.60
N VAL V 188 -51.41 91.94 -8.99
CA VAL V 188 -51.44 90.60 -9.56
C VAL V 188 -52.87 90.09 -9.46
N SER V 189 -53.37 89.50 -10.54
CA SER V 189 -54.76 89.07 -10.63
C SER V 189 -54.82 87.57 -10.87
N PHE V 190 -55.90 86.96 -10.38
CA PHE V 190 -56.08 85.51 -10.48
C PHE V 190 -57.57 85.20 -10.40
N VAL V 191 -57.92 84.00 -10.87
CA VAL V 191 -59.31 83.56 -10.93
C VAL V 191 -59.57 82.59 -9.78
N VAL V 192 -60.77 82.68 -9.20
CA VAL V 192 -61.14 81.89 -8.04
C VAL V 192 -62.13 80.78 -8.39
N SER V 193 -63.17 81.11 -9.14
CA SER V 193 -64.24 80.16 -9.47
C SER V 193 -64.38 80.08 -10.98
N PRO V 194 -63.70 79.14 -11.63
CA PRO V 194 -63.71 79.08 -13.09
C PRO V 194 -65.12 78.84 -13.62
N ALA V 195 -65.36 79.37 -14.82
CA ALA V 195 -66.69 79.31 -15.43
C ALA V 195 -67.08 77.88 -15.79
N ASP V 196 -68.36 77.55 -15.55
CA ASP V 196 -68.96 76.27 -15.91
C ASP V 196 -70.36 76.51 -16.44
N TRP V 197 -70.87 75.52 -17.19
CA TRP V 197 -72.17 75.68 -17.83
C TRP V 197 -73.27 75.91 -16.81
N VAL V 198 -74.15 76.85 -17.14
CA VAL V 198 -75.31 77.14 -16.30
C VAL V 198 -76.36 76.07 -16.56
N LEU V 199 -76.88 75.46 -15.51
CA LEU V 199 -77.89 74.43 -15.69
C LEU V 199 -79.27 75.03 -15.85
N PRO V 200 -79.91 74.88 -17.01
CA PRO V 200 -81.18 75.54 -17.26
C PRO V 200 -82.28 75.04 -16.33
N ALA V 201 -83.20 75.94 -16.00
CA ALA V 201 -84.36 75.62 -15.17
C ALA V 201 -85.65 75.58 -15.97
N ARG V 202 -85.59 75.90 -17.26
CA ARG V 202 -86.75 75.86 -18.13
C ARG V 202 -86.41 75.08 -19.38
N VAL V 203 -87.26 74.11 -19.74
CA VAL V 203 -87.09 73.33 -20.96
C VAL V 203 -88.42 73.24 -21.71
N PRO W 1 -27.35 72.35 57.88
CA PRO W 1 -27.72 73.67 58.42
C PRO W 1 -27.38 74.83 57.49
N GLY W 2 -26.78 74.54 56.33
CA GLY W 2 -26.48 75.61 55.39
C GLY W 2 -26.42 75.22 53.92
N MET W 3 -26.72 73.97 53.59
CA MET W 3 -26.53 73.48 52.24
C MET W 3 -27.57 74.09 51.29
N MET W 4 -27.30 73.97 49.99
CA MET W 4 -28.07 74.66 48.95
C MET W 4 -29.03 73.69 48.25
N ASP W 5 -29.79 74.23 47.30
CA ASP W 5 -30.78 73.47 46.52
C ASP W 5 -30.43 73.66 45.05
N SER W 6 -29.42 72.95 44.57
CA SER W 6 -28.88 73.18 43.24
C SER W 6 -29.38 72.09 42.31
N GLN W 7 -29.77 72.47 41.11
CA GLN W 7 -30.31 71.53 40.13
C GLN W 7 -29.87 71.94 38.73
N GLU W 8 -29.79 70.96 37.83
CA GLU W 8 -29.48 71.19 36.44
C GLU W 8 -30.51 70.48 35.58
N PHE W 9 -31.04 71.19 34.58
CA PHE W 9 -32.04 70.63 33.68
C PHE W 9 -31.36 70.25 32.38
N SER W 10 -31.48 68.97 32.00
CA SER W 10 -30.94 68.46 30.75
C SER W 10 -29.45 68.77 30.59
N ALA X 1 -105.91 -9.99 -8.91
CA ALA X 1 -106.87 -10.99 -9.34
C ALA X 1 -107.77 -10.25 -10.27
N GLN X 2 -108.52 -9.34 -9.66
CA GLN X 2 -109.10 -8.22 -10.37
C GLN X 2 -107.95 -7.33 -10.84
N SER X 3 -108.25 -6.34 -11.66
CA SER X 3 -107.24 -5.36 -11.97
C SER X 3 -106.83 -4.63 -10.69
N PRO X 4 -105.57 -4.21 -10.56
CA PRO X 4 -105.20 -3.40 -9.40
C PRO X 4 -106.06 -2.15 -9.33
N ALA X 5 -106.47 -1.78 -8.12
CA ALA X 5 -107.31 -0.60 -7.95
C ALA X 5 -106.50 0.64 -8.32
N THR X 6 -107.04 1.43 -9.25
CA THR X 6 -106.32 2.54 -9.86
C THR X 6 -106.93 3.86 -9.42
N ILE X 7 -106.07 4.85 -9.18
CA ILE X 7 -106.46 6.12 -8.58
C ILE X 7 -105.71 7.26 -9.27
N SER X 8 -106.16 8.49 -9.00
CA SER X 8 -105.66 9.67 -9.73
C SER X 8 -104.51 10.37 -9.03
N LEU X 9 -104.74 10.94 -7.84
CA LEU X 9 -103.68 11.54 -7.04
C LEU X 9 -102.79 12.55 -7.77
N PRO X 10 -103.24 13.79 -7.97
CA PRO X 10 -102.31 14.84 -8.44
C PRO X 10 -101.14 15.00 -7.48
N GLN X 11 -100.15 15.82 -7.85
CA GLN X 11 -98.93 15.95 -7.05
C GLN X 11 -99.28 16.43 -5.66
N GLY X 12 -99.12 15.55 -4.67
CA GLY X 12 -99.51 15.88 -3.32
C GLY X 12 -100.98 15.77 -3.02
N GLY X 13 -101.68 14.85 -3.66
CA GLY X 13 -103.10 14.70 -3.39
C GLY X 13 -103.39 13.79 -2.21
N GLN X 14 -104.67 13.75 -1.85
CA GLN X 14 -105.18 12.87 -0.80
C GLN X 14 -106.18 11.90 -1.41
N PHE X 15 -106.14 10.65 -0.98
CA PHE X 15 -107.19 9.72 -1.36
C PHE X 15 -107.57 8.83 -0.19
N ARG X 16 -108.87 8.55 -0.07
CA ARG X 16 -109.43 7.76 1.01
C ARG X 16 -109.55 6.31 0.56
N LEU X 17 -108.86 5.40 1.24
CA LEU X 17 -108.85 3.98 0.90
C LEU X 17 -108.93 3.18 2.18
N SER X 18 -108.72 1.86 2.09
CA SER X 18 -108.75 0.99 3.25
C SER X 18 -107.69 -0.09 3.11
N ILE X 19 -107.03 -0.40 4.23
CA ILE X 19 -106.01 -1.43 4.28
C ILE X 19 -106.40 -2.44 5.36
N SER X 20 -105.64 -3.54 5.43
CA SER X 20 -105.93 -4.65 6.32
C SER X 20 -104.82 -4.78 7.36
N ASN X 21 -105.23 -5.01 8.61
CA ASN X 21 -104.28 -5.10 9.71
C ASN X 21 -103.55 -6.44 9.78
N THR X 22 -104.12 -7.50 9.20
CA THR X 22 -103.36 -8.68 8.85
C THR X 22 -102.82 -8.48 7.43
N ASP X 23 -102.32 -9.55 6.80
CA ASP X 23 -102.24 -9.58 5.34
C ASP X 23 -101.53 -8.38 4.74
N PRO X 24 -100.20 -8.35 4.73
CA PRO X 24 -99.49 -7.10 4.37
C PRO X 24 -99.90 -6.58 3.01
N ASN X 25 -99.96 -5.25 2.89
CA ASN X 25 -100.47 -4.61 1.70
C ASN X 25 -99.32 -4.24 0.76
N MET X 26 -99.66 -3.59 -0.35
CA MET X 26 -98.65 -3.09 -1.27
C MET X 26 -99.20 -1.91 -2.05
N ILE X 27 -98.42 -0.84 -2.13
CA ILE X 27 -98.70 0.29 -3.01
C ILE X 27 -97.49 0.44 -3.93
N PHE X 28 -97.72 0.49 -5.23
CA PHE X 28 -96.63 0.64 -6.18
C PHE X 28 -96.99 1.65 -7.26
N ILE X 29 -95.94 2.27 -7.81
CA ILE X 29 -96.01 3.30 -8.84
C ILE X 29 -95.44 2.76 -10.14
N PRO X 30 -96.20 2.77 -11.25
CA PRO X 30 -95.61 2.46 -12.55
C PRO X 30 -94.84 3.64 -13.10
N GLY X 31 -93.66 3.36 -13.65
CA GLY X 31 -92.79 4.37 -14.19
C GLY X 31 -91.77 4.92 -13.23
N ASP X 32 -91.83 4.55 -11.96
CA ASP X 32 -90.94 5.05 -10.92
C ASP X 32 -90.68 3.95 -9.90
N LYS X 33 -89.92 4.29 -8.86
CA LYS X 33 -89.69 3.37 -7.75
C LYS X 33 -89.73 4.13 -6.44
N VAL X 34 -90.48 3.61 -5.47
CA VAL X 34 -90.66 4.28 -4.19
C VAL X 34 -89.39 4.14 -3.37
N THR X 35 -88.89 5.27 -2.85
CA THR X 35 -87.66 5.27 -2.07
C THR X 35 -87.86 5.71 -0.63
N ALA X 36 -89.05 6.16 -0.24
CA ALA X 36 -89.28 6.56 1.13
C ALA X 36 -90.75 6.38 1.47
N ILE X 37 -91.01 6.20 2.77
CA ILE X 37 -92.37 6.20 3.30
C ILE X 37 -92.33 6.51 4.78
N THR X 38 -93.17 7.44 5.21
CA THR X 38 -93.24 7.84 6.62
C THR X 38 -94.70 8.01 6.98
N ALA X 39 -95.25 7.07 7.74
CA ALA X 39 -96.68 7.02 8.04
C ALA X 39 -96.90 6.95 9.54
N PRO X 40 -96.62 8.03 10.24
CA PRO X 40 -96.97 8.05 11.67
C PRO X 40 -98.46 8.30 11.84
N GLY X 41 -98.89 8.49 13.08
CA GLY X 41 -100.29 8.58 13.39
C GLY X 41 -100.90 7.27 13.86
N GLY X 42 -100.49 6.15 13.26
CA GLY X 42 -100.97 4.85 13.66
C GLY X 42 -99.85 3.84 13.89
N MET X 43 -98.63 4.23 13.53
CA MET X 43 -97.43 3.45 13.81
C MET X 43 -97.52 2.04 13.21
N LEU X 44 -97.48 2.01 11.87
CA LEU X 44 -97.43 0.75 11.15
C LEU X 44 -96.27 -0.12 11.65
N ALA X 45 -96.42 -1.43 11.45
CA ALA X 45 -95.47 -2.39 12.01
C ALA X 45 -94.09 -2.24 11.37
N ASP X 46 -94.01 -2.42 10.06
CA ASP X 46 -92.72 -2.36 9.38
C ASP X 46 -92.92 -1.96 7.92
N LYS X 47 -91.81 -1.58 7.29
CA LYS X 47 -91.78 -1.25 5.88
C LYS X 47 -90.66 -2.03 5.21
N ARG X 48 -90.85 -2.35 3.93
CA ARG X 48 -89.88 -3.16 3.20
C ARG X 48 -89.97 -2.80 1.73
N LEU X 49 -88.90 -2.22 1.20
CA LEU X 49 -88.87 -1.73 -0.18
C LEU X 49 -88.45 -2.87 -1.11
N THR X 50 -89.35 -3.25 -2.02
CA THR X 50 -89.09 -4.35 -2.93
C THR X 50 -88.10 -3.91 -4.02
N THR X 51 -87.89 -4.79 -4.99
CA THR X 51 -87.00 -4.48 -6.09
C THR X 51 -87.74 -3.98 -7.33
N ALA X 52 -89.02 -4.32 -7.47
CA ALA X 52 -89.80 -3.79 -8.58
C ALA X 52 -89.93 -2.28 -8.49
N GLY X 53 -90.14 -1.77 -7.28
CA GLY X 53 -90.32 -0.34 -7.08
C GLY X 53 -91.50 -0.02 -6.21
N GLY X 54 -92.07 -1.04 -5.56
CA GLY X 54 -93.15 -0.86 -4.62
C GLY X 54 -92.65 -0.83 -3.18
N VAL X 55 -93.60 -0.69 -2.26
CA VAL X 55 -93.29 -0.68 -0.84
C VAL X 55 -94.30 -1.58 -0.13
N LEU X 56 -93.81 -2.44 0.76
CA LEU X 56 -94.64 -3.37 1.53
C LEU X 56 -94.70 -2.90 2.97
N PHE X 57 -95.88 -3.02 3.57
CA PHE X 57 -96.11 -2.52 4.91
C PHE X 57 -97.21 -3.34 5.54
N THR X 58 -97.44 -3.11 6.83
CA THR X 58 -98.59 -3.69 7.50
C THR X 58 -98.87 -2.93 8.79
N SER X 59 -100.13 -2.64 9.03
CA SER X 59 -100.56 -1.93 10.22
C SER X 59 -101.18 -2.91 11.21
N VAL X 60 -101.16 -2.52 12.48
CA VAL X 60 -101.88 -3.25 13.52
C VAL X 60 -102.79 -2.34 14.34
N ALA X 61 -102.85 -1.05 14.03
CA ALA X 61 -103.72 -0.14 14.77
C ALA X 61 -105.18 -0.39 14.40
N THR X 62 -106.05 0.46 14.93
CA THR X 62 -107.48 0.32 14.69
C THR X 62 -108.16 1.64 14.37
N ARG X 63 -107.41 2.64 13.90
CA ARG X 63 -107.99 3.94 13.60
C ARG X 63 -107.37 4.51 12.33
N THR X 64 -108.02 5.53 11.81
CA THR X 64 -107.62 6.16 10.56
C THR X 64 -106.42 7.06 10.78
N PHE X 65 -105.46 6.99 9.84
CA PHE X 65 -104.26 7.81 9.92
C PHE X 65 -103.92 8.27 8.50
N THR X 66 -102.70 8.75 8.33
CA THR X 66 -102.23 9.17 7.02
C THR X 66 -100.89 8.51 6.72
N ILE X 67 -100.63 8.31 5.43
CA ILE X 67 -99.40 7.68 4.96
C ILE X 67 -98.84 8.55 3.84
N PHE X 68 -97.56 8.90 3.95
CA PHE X 68 -96.90 9.74 2.97
C PHE X 68 -95.90 8.90 2.20
N VAL X 69 -96.21 8.61 0.94
CA VAL X 69 -95.35 7.82 0.08
C VAL X 69 -94.61 8.77 -0.85
N GLU X 70 -93.29 8.66 -0.87
CA GLU X 70 -92.44 9.57 -1.62
C GLU X 70 -91.62 8.79 -2.63
N THR X 71 -91.51 9.33 -3.84
CA THR X 71 -90.89 8.66 -4.95
C THR X 71 -89.45 9.16 -5.11
N ALA X 72 -88.78 8.71 -6.18
CA ALA X 72 -87.40 9.11 -6.45
C ALA X 72 -87.29 10.31 -7.37
N LEU X 73 -88.29 10.55 -8.23
CA LEU X 73 -88.27 11.67 -9.16
C LEU X 73 -88.93 12.92 -8.59
N GLY X 74 -88.88 13.11 -7.29
CA GLY X 74 -89.51 14.26 -6.69
C GLY X 74 -91.02 14.22 -6.83
N GLN X 75 -91.62 13.07 -6.53
CA GLN X 75 -93.06 12.93 -6.47
C GLN X 75 -93.46 12.59 -5.05
N THR X 76 -94.48 13.25 -4.54
CA THR X 76 -94.95 13.02 -3.19
C THR X 76 -96.47 12.93 -3.18
N PHE X 77 -97.00 11.83 -2.66
CA PHE X 77 -98.43 11.59 -2.58
C PHE X 77 -98.82 11.42 -1.13
N SER X 78 -100.11 11.17 -0.90
CA SER X 78 -100.61 10.98 0.44
C SER X 78 -101.90 10.18 0.38
N VAL X 79 -101.97 9.11 1.17
CA VAL X 79 -103.14 8.25 1.20
C VAL X 79 -103.61 8.12 2.64
N VAL X 80 -104.91 8.25 2.84
CA VAL X 80 -105.52 8.17 4.16
C VAL X 80 -106.09 6.77 4.30
N ALA X 81 -105.36 5.90 4.99
CA ALA X 81 -105.74 4.51 5.11
C ALA X 81 -106.81 4.32 6.18
N THR X 82 -107.29 3.09 6.30
CA THR X 82 -108.19 2.70 7.37
C THR X 82 -108.13 1.19 7.59
N PRO X 83 -107.53 0.73 8.68
CA PRO X 83 -107.40 -0.72 8.88
C PRO X 83 -108.75 -1.42 8.96
N VAL X 84 -108.82 -2.59 8.32
CA VAL X 84 -110.01 -3.43 8.31
C VAL X 84 -109.59 -4.88 8.54
N LYS X 85 -110.53 -5.82 8.41
CA LYS X 85 -110.33 -7.21 8.81
C LYS X 85 -109.21 -7.94 8.07
N GLY X 86 -109.35 -8.18 6.77
CA GLY X 86 -108.39 -9.01 6.09
C GLY X 86 -108.40 -8.89 4.58
N GLU X 87 -107.81 -9.91 3.93
CA GLU X 87 -107.66 -9.99 2.48
C GLU X 87 -106.81 -8.82 1.94
N GLY X 88 -105.52 -8.88 2.26
CA GLY X 88 -104.55 -7.89 1.84
C GLY X 88 -104.70 -7.39 0.42
N ARG X 89 -104.49 -6.09 0.20
CA ARG X 89 -104.88 -5.42 -1.02
C ARG X 89 -103.68 -4.81 -1.71
N VAL X 90 -103.83 -4.58 -3.02
CA VAL X 90 -102.79 -3.98 -3.84
C VAL X 90 -103.41 -2.81 -4.60
N TYR X 91 -102.79 -1.64 -4.50
CA TYR X 91 -103.25 -0.44 -5.18
C TYR X 91 -102.19 0.03 -6.17
N ARG X 92 -102.62 0.86 -7.10
CA ARG X 92 -101.74 1.44 -8.10
C ARG X 92 -101.85 2.96 -8.08
N LEU X 93 -100.72 3.62 -8.23
CA LEU X 93 -100.63 5.08 -8.24
C LEU X 93 -100.36 5.55 -9.65
N MET X 94 -100.97 6.66 -10.05
CA MET X 94 -100.75 7.21 -11.39
C MET X 94 -100.73 8.74 -11.29
N SER X 95 -99.54 9.31 -11.32
CA SER X 95 -99.42 10.75 -11.22
C SER X 95 -100.13 11.43 -12.37
N ALA X 96 -101.03 12.37 -12.05
CA ALA X 96 -101.69 13.15 -13.08
C ALA X 96 -100.81 14.28 -13.60
N GLU X 97 -99.77 14.64 -12.88
CA GLU X 97 -98.80 15.64 -13.32
C GLU X 97 -97.46 14.96 -13.57
N PRO X 98 -97.06 14.78 -14.83
CA PRO X 98 -95.84 14.03 -15.09
C PRO X 98 -94.63 14.71 -14.48
N PRO X 99 -93.64 13.93 -14.02
CA PRO X 99 -92.44 14.53 -13.43
C PRO X 99 -91.42 14.95 -14.48
N SER X 100 -90.23 15.34 -14.04
CA SER X 100 -89.17 15.79 -14.93
C SER X 100 -88.01 14.79 -14.91
N ARG X 101 -87.59 14.35 -16.09
CA ARG X 101 -86.52 13.37 -16.24
C ARG X 101 -85.47 13.92 -17.21
N PRO X 102 -84.45 14.59 -16.69
CA PRO X 102 -83.44 15.20 -17.58
C PRO X 102 -82.75 14.21 -18.50
N GLU X 103 -82.64 12.95 -18.11
CA GLU X 103 -82.12 11.94 -19.02
C GLU X 103 -82.97 11.86 -20.29
N THR X 104 -84.30 11.86 -20.12
CA THR X 104 -85.17 11.90 -21.27
C THR X 104 -85.06 13.23 -22.02
N ARG X 105 -84.74 14.31 -21.32
CA ARG X 105 -84.51 15.58 -22.00
C ARG X 105 -83.35 15.47 -22.98
N LYS X 106 -82.22 14.95 -22.53
CA LYS X 106 -81.08 14.84 -23.44
C LYS X 106 -81.32 13.78 -24.51
N TRP X 107 -82.03 12.70 -24.19
CA TRP X 107 -82.35 11.71 -25.21
C TRP X 107 -83.24 12.30 -26.29
N GLU X 108 -84.22 13.13 -25.91
CA GLU X 108 -85.12 13.71 -26.90
C GLU X 108 -84.44 14.77 -27.73
N THR X 109 -83.66 15.64 -27.10
CA THR X 109 -82.98 16.68 -27.87
C THR X 109 -81.82 16.13 -28.67
N ALA X 110 -81.38 14.91 -28.40
CA ALA X 110 -80.26 14.34 -29.15
C ALA X 110 -80.60 14.16 -30.62
N GLN X 111 -81.81 13.72 -30.93
CA GLN X 111 -82.18 13.36 -32.29
C GLN X 111 -83.03 14.46 -32.91
N ALA X 112 -83.53 14.21 -34.12
CA ALA X 112 -84.29 15.22 -34.87
C ALA X 112 -85.70 15.30 -34.30
N TYR X 113 -86.60 15.97 -35.01
CA TYR X 113 -87.98 16.10 -34.55
C TYR X 113 -88.91 15.09 -35.21
N GLU X 114 -88.92 15.03 -36.54
CA GLU X 114 -89.86 14.15 -37.21
C GLU X 114 -89.52 12.68 -36.95
N LYS X 115 -88.23 12.33 -36.95
CA LYS X 115 -87.87 10.95 -36.59
C LYS X 115 -88.24 10.66 -35.14
N LEU X 116 -88.27 11.69 -34.28
CA LEU X 116 -88.66 11.48 -32.90
C LEU X 116 -90.16 11.19 -32.79
N LEU X 117 -90.96 11.94 -33.53
CA LEU X 117 -92.39 11.64 -33.57
C LEU X 117 -92.63 10.24 -34.11
N ILE X 118 -91.85 9.82 -35.12
CA ILE X 118 -91.99 8.48 -35.66
C ILE X 118 -91.60 7.42 -34.63
N SER X 119 -90.51 7.66 -33.90
CA SER X 119 -90.11 6.72 -32.85
C SER X 119 -91.22 6.53 -31.82
N LEU X 120 -91.76 7.64 -31.31
CA LEU X 120 -92.83 7.54 -30.33
C LEU X 120 -94.06 6.86 -30.93
N ASN X 121 -94.39 7.17 -32.18
CA ASN X 121 -95.58 6.60 -32.80
C ASN X 121 -95.47 5.09 -32.94
N ARG X 122 -94.31 4.61 -33.39
CA ARG X 122 -94.16 3.17 -33.53
C ARG X 122 -94.08 2.48 -32.17
N ALA X 123 -93.50 3.15 -31.17
CA ALA X 123 -93.50 2.56 -29.84
C ALA X 123 -94.90 2.47 -29.26
N VAL X 124 -95.79 3.41 -29.62
CA VAL X 124 -97.17 3.28 -29.20
C VAL X 124 -97.87 2.16 -29.95
N LEU X 125 -97.63 2.07 -31.27
CA LEU X 125 -98.33 1.07 -32.08
C LEU X 125 -97.94 -0.34 -31.68
N THR X 126 -96.63 -0.64 -31.63
CA THR X 126 -96.20 -2.00 -31.35
C THR X 126 -96.42 -2.36 -29.90
N GLY X 127 -95.85 -1.58 -28.98
CA GLY X 127 -96.04 -1.83 -27.57
C GLY X 127 -94.80 -1.59 -26.73
N ASP X 128 -93.63 -1.67 -27.36
CA ASP X 128 -92.36 -1.50 -26.65
C ASP X 128 -92.12 -0.02 -26.34
N ILE X 129 -92.55 0.39 -25.16
CA ILE X 129 -92.33 1.78 -24.74
C ILE X 129 -90.83 2.02 -24.56
N PRO X 130 -90.28 3.15 -25.01
CA PRO X 130 -88.86 3.40 -24.82
C PRO X 130 -88.50 3.44 -23.34
N ASP X 131 -87.20 3.38 -23.07
CA ASP X 131 -86.71 3.49 -21.71
C ASP X 131 -86.64 4.95 -21.32
N GLY X 132 -87.23 5.28 -20.16
CA GLY X 132 -87.33 6.65 -19.70
C GLY X 132 -88.70 7.24 -19.80
N TYR X 133 -89.66 6.56 -20.43
CA TYR X 133 -91.01 7.06 -20.56
C TYR X 133 -91.91 6.37 -19.55
N GLY X 134 -92.60 7.16 -18.75
CA GLY X 134 -93.42 6.65 -17.68
C GLY X 134 -94.80 6.25 -18.16
N GLU X 135 -95.74 6.27 -17.22
CA GLU X 135 -97.14 5.98 -17.51
C GLU X 135 -97.98 6.86 -16.60
N VAL X 136 -98.64 7.86 -17.19
CA VAL X 136 -99.38 8.86 -16.43
C VAL X 136 -100.87 8.67 -16.68
N LYS X 137 -101.67 9.43 -15.95
CA LYS X 137 -103.11 9.34 -16.10
C LYS X 137 -103.52 9.94 -17.44
N PRO X 138 -104.37 9.26 -18.22
CA PRO X 138 -104.81 9.81 -19.51
C PRO X 138 -105.73 11.01 -19.29
N LEU X 139 -105.39 12.13 -19.94
CA LEU X 139 -106.17 13.35 -19.79
C LEU X 139 -107.36 13.39 -20.75
N SER X 140 -108.52 13.74 -20.20
CA SER X 140 -109.75 13.86 -20.96
C SER X 140 -109.68 15.11 -21.83
N ASP X 141 -110.68 15.25 -22.71
CA ASP X 141 -110.87 16.41 -23.58
C ASP X 141 -109.56 17.05 -24.05
N GLY X 142 -108.65 16.24 -24.58
CA GLY X 142 -107.43 16.72 -25.20
C GLY X 142 -107.49 16.86 -26.70
N ILE X 143 -108.67 16.66 -27.31
CA ILE X 143 -108.86 16.80 -28.75
C ILE X 143 -110.22 17.43 -29.00
N ARG X 144 -110.45 17.84 -30.24
CA ARG X 144 -111.72 18.42 -30.64
C ARG X 144 -112.75 17.30 -30.88
N LEU X 145 -114.01 17.72 -31.04
CA LEU X 145 -115.10 16.80 -31.36
C LEU X 145 -115.90 17.36 -32.55
N PRO X 146 -115.50 17.05 -33.78
CA PRO X 146 -116.21 17.53 -34.97
C PRO X 146 -117.39 16.64 -35.35
N GLY X 147 -118.50 16.86 -34.68
CA GLY X 147 -119.70 16.06 -34.84
C GLY X 147 -120.02 15.32 -33.57
N GLY X 148 -120.99 14.40 -33.67
CA GLY X 148 -121.37 13.65 -32.50
C GLY X 148 -120.51 12.41 -32.32
N PHE X 149 -119.46 12.54 -31.52
CA PHE X 149 -118.49 11.47 -31.29
C PHE X 149 -118.36 11.26 -29.80
N SER X 150 -117.93 10.06 -29.42
CA SER X 150 -117.80 9.68 -28.01
C SER X 150 -116.38 9.19 -27.76
N VAL X 151 -115.56 10.03 -27.17
CA VAL X 151 -114.17 9.71 -26.88
C VAL X 151 -114.07 9.10 -25.49
N THR X 152 -113.23 8.07 -25.36
CA THR X 152 -112.97 7.42 -24.08
C THR X 152 -111.48 7.14 -23.99
N PRO X 153 -110.75 7.85 -23.13
CA PRO X 153 -109.31 7.64 -23.04
C PRO X 153 -108.96 6.25 -22.54
N LEU X 154 -107.81 5.74 -23.00
CA LEU X 154 -107.35 4.40 -22.67
C LEU X 154 -106.08 4.41 -21.85
N LYS X 155 -105.01 5.01 -22.34
CA LYS X 155 -103.72 4.97 -21.66
C LYS X 155 -102.87 6.12 -22.17
N ALA X 156 -101.84 6.46 -21.39
CA ALA X 156 -100.98 7.57 -21.75
C ALA X 156 -99.56 7.33 -21.25
N TRP X 157 -98.59 7.79 -22.02
CA TRP X 157 -97.18 7.69 -21.68
C TRP X 157 -96.57 9.08 -21.77
N ALA X 158 -95.73 9.44 -20.80
CA ALA X 158 -95.23 10.80 -20.73
C ALA X 158 -93.90 10.87 -20.01
N GLY X 159 -92.98 11.68 -20.53
CA GLY X 159 -91.91 12.19 -19.69
C GLY X 159 -91.15 13.37 -20.27
N ASP X 160 -91.16 14.46 -19.52
CA ASP X 160 -90.35 15.67 -19.69
C ASP X 160 -90.55 16.44 -20.97
N GLN X 161 -91.22 15.85 -21.95
CA GLN X 161 -91.49 16.45 -23.26
C GLN X 161 -92.35 15.49 -24.06
N LEU X 162 -93.28 16.05 -24.83
CA LEU X 162 -94.08 15.29 -25.78
C LEU X 162 -94.78 14.10 -25.10
N ARG X 163 -95.69 14.44 -24.20
CA ARG X 163 -96.60 13.45 -23.65
C ARG X 163 -97.46 12.88 -24.76
N ALA X 164 -97.59 11.56 -24.80
CA ALA X 164 -98.35 10.87 -25.82
C ALA X 164 -99.57 10.19 -25.21
N ASP X 165 -100.69 10.27 -25.91
CA ASP X 165 -101.95 9.74 -25.40
C ASP X 165 -102.49 8.67 -26.34
N ARG X 166 -103.67 8.15 -25.99
CA ARG X 166 -104.40 7.21 -26.83
C ARG X 166 -105.89 7.39 -26.54
N TYR X 167 -106.69 7.50 -27.60
CA TYR X 167 -108.11 7.73 -27.43
C TYR X 167 -108.92 6.69 -28.20
N GLU X 168 -110.22 6.92 -28.32
CA GLU X 168 -111.06 6.09 -29.17
C GLU X 168 -112.17 6.95 -29.75
N LEU X 169 -112.41 6.82 -31.05
CA LEU X 169 -113.45 7.58 -31.75
C LEU X 169 -114.60 6.65 -32.10
N ARG X 170 -115.82 7.08 -31.79
CA ARG X 170 -117.02 6.32 -32.08
C ARG X 170 -118.02 7.21 -32.79
N ASN X 171 -118.55 6.74 -33.91
CA ASN X 171 -119.57 7.49 -34.64
C ASN X 171 -120.93 7.21 -34.01
N ALA X 172 -121.45 8.20 -33.28
CA ALA X 172 -122.78 8.11 -32.69
C ALA X 172 -123.88 8.43 -33.70
N ASN X 173 -123.52 8.76 -34.92
CA ASN X 173 -124.47 9.18 -35.94
C ASN X 173 -125.02 7.94 -36.64
N THR X 174 -125.68 8.13 -37.79
CA THR X 174 -126.29 7.04 -38.53
C THR X 174 -125.56 6.70 -39.83
N TRP X 175 -124.92 7.68 -40.47
CA TRP X 175 -124.28 7.48 -41.76
C TRP X 175 -122.76 7.53 -41.60
N GLY X 176 -122.06 7.51 -42.74
CA GLY X 176 -120.60 7.55 -42.76
C GLY X 176 -120.11 8.94 -43.09
N VAL X 177 -119.15 9.42 -42.30
CA VAL X 177 -118.63 10.77 -42.40
C VAL X 177 -117.16 10.73 -42.81
N ALA X 178 -116.60 11.89 -43.15
CA ALA X 178 -115.19 11.99 -43.53
C ALA X 178 -114.35 12.26 -42.30
N LEU X 179 -113.26 11.51 -42.15
CA LEU X 179 -112.35 11.63 -41.01
C LEU X 179 -111.06 12.27 -41.50
N ARG X 180 -111.02 13.60 -41.48
CA ARG X 180 -109.84 14.34 -41.85
C ARG X 180 -108.98 14.56 -40.61
N GLU X 181 -107.67 14.27 -40.74
CA GLU X 181 -106.82 14.19 -39.56
C GLU X 181 -106.59 15.54 -38.89
N GLN X 182 -106.90 16.65 -39.57
CA GLN X 182 -106.71 17.97 -39.01
C GLN X 182 -107.93 18.50 -38.29
N ASP X 183 -109.04 17.76 -38.28
CA ASP X 183 -110.17 18.17 -37.46
C ASP X 183 -109.84 18.07 -35.97
N PHE X 184 -109.14 17.00 -35.58
CA PHE X 184 -108.83 16.76 -34.17
C PHE X 184 -107.52 17.44 -33.80
N TRP X 185 -107.51 18.75 -33.94
CA TRP X 185 -106.35 19.56 -33.60
C TRP X 185 -106.73 20.57 -32.54
N LYS X 186 -105.77 20.91 -31.70
CA LYS X 186 -105.91 21.88 -30.63
C LYS X 186 -104.65 22.71 -30.57
N PRO X 187 -104.66 23.80 -29.82
CA PRO X 187 -103.42 24.53 -29.59
C PRO X 187 -102.51 23.80 -28.61
N GLY X 188 -101.68 22.88 -29.12
CA GLY X 188 -100.77 22.14 -28.27
C GLY X 188 -100.51 20.73 -28.76
N VAL X 189 -101.33 20.24 -29.67
CA VAL X 189 -101.14 18.92 -30.28
C VAL X 189 -100.07 19.02 -31.35
N ARG X 190 -99.18 18.04 -31.38
CA ARG X 190 -98.07 18.05 -32.33
C ARG X 190 -98.23 17.05 -33.46
N ALA X 191 -99.03 16.01 -33.30
CA ALA X 191 -99.21 15.02 -34.35
C ALA X 191 -100.51 14.27 -34.12
N VAL X 192 -101.01 13.64 -35.18
CA VAL X 192 -102.21 12.81 -35.12
C VAL X 192 -102.02 11.62 -36.05
N MET X 193 -102.31 10.42 -35.55
CA MET X 193 -102.27 9.19 -36.34
C MET X 193 -103.60 8.46 -36.20
N PHE X 194 -104.08 7.92 -37.32
CA PHE X 194 -105.19 6.98 -37.31
C PHE X 194 -104.63 5.57 -37.38
N ASP X 195 -105.05 4.72 -36.44
CA ASP X 195 -104.40 3.41 -36.28
C ASP X 195 -104.68 2.48 -37.45
N ASN X 196 -105.95 2.21 -37.72
CA ASN X 196 -106.31 1.50 -38.94
C ASN X 196 -106.47 2.51 -40.07
N ASN X 197 -105.90 2.20 -41.23
CA ASN X 197 -105.84 3.16 -42.33
C ASN X 197 -107.18 3.15 -43.07
N ALA X 198 -108.22 3.57 -42.36
CA ALA X 198 -109.56 3.69 -42.92
C ALA X 198 -109.84 5.15 -43.23
N GLN X 199 -110.19 5.43 -44.47
CA GLN X 199 -110.53 6.80 -44.88
C GLN X 199 -111.95 7.17 -44.53
N THR X 200 -112.78 6.19 -44.14
CA THR X 200 -114.15 6.44 -43.73
C THR X 200 -114.62 5.27 -42.88
N LEU X 201 -115.27 5.58 -41.75
CA LEU X 201 -115.82 4.55 -40.89
C LEU X 201 -117.13 4.03 -41.47
N MET X 202 -117.82 3.21 -40.67
CA MET X 202 -119.11 2.67 -41.06
C MET X 202 -120.26 3.06 -40.14
N GLY X 203 -119.99 3.21 -38.84
CA GLY X 203 -121.03 3.47 -37.88
C GLY X 203 -120.71 2.79 -36.56
N GLY X 204 -119.82 1.81 -36.63
CA GLY X 204 -119.37 1.12 -35.44
C GLY X 204 -118.18 1.81 -34.80
N GLY X 205 -118.19 1.88 -33.48
CA GLY X 205 -117.16 2.56 -32.73
C GLY X 205 -116.00 1.69 -32.32
N ARG X 206 -115.13 1.34 -33.28
CA ARG X 206 -113.94 0.56 -32.99
C ARG X 206 -112.73 1.16 -33.68
N MET X 207 -112.57 2.48 -33.61
CA MET X 207 -111.42 3.16 -34.17
C MET X 207 -110.69 3.93 -33.09
N THR X 208 -109.39 3.71 -32.97
CA THR X 208 -108.57 4.41 -32.00
C THR X 208 -107.69 5.43 -32.70
N VAL X 209 -107.04 6.26 -31.91
CA VAL X 209 -106.22 7.36 -32.42
C VAL X 209 -105.11 7.61 -31.43
N THR X 210 -103.98 8.10 -31.91
CA THR X 210 -102.86 8.48 -31.04
C THR X 210 -102.55 9.95 -31.22
N VAL X 211 -102.45 10.67 -30.10
CA VAL X 211 -102.22 12.10 -30.07
C VAL X 211 -100.96 12.37 -29.27
N ILE X 212 -100.04 13.15 -29.84
CA ILE X 212 -98.80 13.45 -29.17
C ILE X 212 -98.79 14.91 -28.74
N ARG X 213 -99.22 15.18 -27.51
CA ARG X 213 -99.30 16.54 -26.99
C ARG X 213 -97.91 16.99 -26.54
N GLY X 214 -97.85 18.10 -25.81
CA GLY X 214 -96.60 18.62 -25.30
C GLY X 214 -96.71 18.97 -23.83
N ASN X 215 -95.60 19.48 -23.31
CA ASN X 215 -95.50 19.89 -21.90
C ASN X 215 -95.83 18.74 -20.95
N GLY X 216 -95.42 17.54 -21.33
CA GLY X 216 -95.65 16.37 -20.50
C GLY X 216 -94.54 16.15 -19.50
N ALA Y 1 -106.44 11.98 -5.38
CA ALA Y 1 -107.71 12.55 -5.78
C ALA Y 1 -107.75 14.04 -5.50
N GLN Y 2 -108.06 14.40 -4.25
CA GLN Y 2 -108.24 15.79 -3.90
C GLN Y 2 -106.99 16.60 -4.20
N SER Y 3 -107.17 17.73 -4.87
CA SER Y 3 -106.04 18.58 -5.22
C SER Y 3 -105.49 19.26 -3.96
N PRO Y 4 -104.20 19.59 -3.95
CA PRO Y 4 -103.66 20.36 -2.83
C PRO Y 4 -104.27 21.74 -2.79
N ALA Y 5 -104.41 22.27 -1.58
CA ALA Y 5 -104.90 23.64 -1.42
C ALA Y 5 -103.80 24.60 -1.85
N THR Y 6 -104.05 25.36 -2.92
CA THR Y 6 -103.05 26.25 -3.48
C THR Y 6 -103.38 27.69 -3.11
N ILE Y 7 -102.37 28.44 -2.65
CA ILE Y 7 -102.53 29.79 -2.16
C ILE Y 7 -101.40 30.66 -2.71
N SER Y 8 -101.66 31.97 -2.74
CA SER Y 8 -100.70 32.94 -3.26
C SER Y 8 -100.35 33.94 -2.16
N LEU Y 9 -99.06 34.18 -1.98
CA LEU Y 9 -98.54 35.09 -0.97
C LEU Y 9 -97.57 36.08 -1.59
N PRO Y 10 -97.50 37.28 -1.06
CA PRO Y 10 -96.43 38.20 -1.48
C PRO Y 10 -95.10 37.78 -0.87
N GLN Y 11 -94.06 38.59 -1.05
CA GLN Y 11 -92.78 38.30 -0.41
C GLN Y 11 -92.90 38.53 1.09
N GLY Y 12 -92.85 37.46 1.87
CA GLY Y 12 -92.92 37.57 3.31
C GLY Y 12 -94.30 37.68 3.89
N GLY Y 13 -95.33 37.22 3.19
CA GLY Y 13 -96.68 37.26 3.70
C GLY Y 13 -96.90 36.24 4.80
N GLN Y 14 -98.11 36.27 5.37
CA GLN Y 14 -98.42 35.46 6.53
C GLN Y 14 -99.85 34.94 6.44
N PHE Y 15 -99.99 33.68 6.03
CA PHE Y 15 -101.30 33.12 5.70
C PHE Y 15 -101.91 32.39 6.89
N ARG Y 16 -103.23 32.48 6.99
CA ARG Y 16 -104.01 31.83 8.04
C ARG Y 16 -104.54 30.50 7.51
N LEU Y 17 -103.99 29.40 8.01
CA LEU Y 17 -104.37 28.06 7.56
C LEU Y 17 -104.65 27.18 8.77
N SER Y 18 -104.84 25.89 8.52
CA SER Y 18 -105.11 24.94 9.59
C SER Y 18 -104.32 23.65 9.36
N ILE Y 19 -103.73 23.13 10.44
CA ILE Y 19 -103.01 21.87 10.42
C ILE Y 19 -103.62 20.95 11.45
N SER Y 20 -103.17 19.69 11.42
CA SER Y 20 -103.64 18.65 12.32
C SER Y 20 -102.48 18.12 13.16
N ASN Y 21 -102.72 17.93 14.45
CA ASN Y 21 -101.64 17.62 15.38
C ASN Y 21 -101.05 16.24 15.11
N THR Y 22 -101.88 15.21 15.03
CA THR Y 22 -101.41 13.92 14.55
C THR Y 22 -101.24 13.98 13.04
N ASP Y 23 -100.92 12.84 12.42
CA ASP Y 23 -101.05 12.76 10.97
C ASP Y 23 -100.19 13.78 10.24
N PRO Y 24 -98.88 13.55 10.12
CA PRO Y 24 -97.95 14.62 9.73
C PRO Y 24 -98.43 15.43 8.53
N ASN Y 25 -98.22 16.74 8.62
CA ASN Y 25 -98.68 17.68 7.63
C ASN Y 25 -97.50 18.10 6.77
N MET Y 26 -97.75 18.35 5.49
CA MET Y 26 -96.69 18.70 4.58
C MET Y 26 -96.92 20.07 3.97
N ILE Y 27 -95.84 20.83 3.83
CA ILE Y 27 -95.84 22.10 3.12
C ILE Y 27 -94.70 22.06 2.11
N PHE Y 28 -94.99 22.40 0.86
CA PHE Y 28 -93.95 22.38 -0.16
C PHE Y 28 -94.18 23.51 -1.15
N ILE Y 29 -93.09 24.13 -1.57
CA ILE Y 29 -93.11 25.18 -2.58
C ILE Y 29 -92.73 24.56 -3.92
N PRO Y 30 -93.60 24.60 -4.93
CA PRO Y 30 -93.27 23.97 -6.22
C PRO Y 30 -92.17 24.75 -6.93
N GLY Y 31 -91.09 24.07 -7.26
CA GLY Y 31 -89.96 24.66 -7.94
C GLY Y 31 -88.79 25.03 -7.05
N ASP Y 32 -88.95 24.96 -5.74
CA ASP Y 32 -87.92 25.36 -4.81
C ASP Y 32 -87.59 24.22 -3.85
N LYS Y 33 -86.57 24.46 -3.02
CA LYS Y 33 -86.18 23.54 -1.97
C LYS Y 33 -86.16 24.30 -0.65
N VAL Y 34 -86.98 23.84 0.30
CA VAL Y 34 -87.03 24.49 1.60
C VAL Y 34 -85.70 24.28 2.32
N THR Y 35 -85.12 25.38 2.81
CA THR Y 35 -83.79 25.32 3.42
C THR Y 35 -83.85 25.35 4.94
N ALA Y 36 -84.74 26.12 5.53
CA ALA Y 36 -84.79 26.22 6.99
C ALA Y 36 -86.23 26.30 7.44
N ILE Y 37 -86.41 26.52 8.74
CA ILE Y 37 -87.73 26.59 9.36
C ILE Y 37 -87.54 27.21 10.73
N THR Y 38 -88.62 27.75 11.29
CA THR Y 38 -88.61 28.27 12.65
C THR Y 38 -90.03 28.25 13.17
N ALA Y 39 -90.35 27.31 14.04
CA ALA Y 39 -91.72 27.07 14.45
C ALA Y 39 -91.82 27.09 15.97
N PRO Y 40 -91.78 28.28 16.56
CA PRO Y 40 -91.94 28.37 18.02
C PRO Y 40 -93.38 28.60 18.40
N GLY Y 41 -93.65 28.52 19.69
CA GLY Y 41 -95.00 28.63 20.19
C GLY Y 41 -95.68 27.29 20.32
N GLY Y 42 -95.53 26.44 19.32
CA GLY Y 42 -96.14 25.11 19.35
C GLY Y 42 -95.16 24.03 19.75
N MET Y 43 -93.86 24.29 19.53
CA MET Y 43 -92.79 23.33 19.82
C MET Y 43 -93.10 21.98 19.18
N LEU Y 44 -93.24 21.99 17.86
CA LEU Y 44 -93.59 20.78 17.15
C LEU Y 44 -92.36 19.86 17.06
N ALA Y 45 -92.62 18.57 16.83
CA ALA Y 45 -91.63 17.53 17.09
C ALA Y 45 -90.86 17.11 15.84
N ASP Y 46 -91.53 16.61 14.82
CA ASP Y 46 -90.85 16.07 13.65
C ASP Y 46 -90.55 17.18 12.65
N LYS Y 47 -89.35 17.15 12.08
CA LYS Y 47 -88.93 18.12 11.07
C LYS Y 47 -88.03 17.38 10.10
N ARG Y 48 -88.58 17.00 8.94
CA ARG Y 48 -87.85 16.21 7.98
C ARG Y 48 -87.99 16.80 6.58
N LEU Y 49 -86.93 16.64 5.78
CA LEU Y 49 -86.90 17.14 4.41
C LEU Y 49 -87.16 15.99 3.44
N THR Y 50 -88.22 16.12 2.66
CA THR Y 50 -88.58 15.09 1.69
C THR Y 50 -87.65 15.20 0.48
N THR Y 51 -87.97 14.45 -0.57
CA THR Y 51 -87.16 14.47 -1.78
C THR Y 51 -87.64 15.50 -2.78
N ALA Y 52 -88.92 15.84 -2.77
CA ALA Y 52 -89.41 16.89 -3.67
C ALA Y 52 -88.76 18.23 -3.35
N GLY Y 53 -88.57 18.52 -2.07
CA GLY Y 53 -87.99 19.77 -1.65
C GLY Y 53 -88.73 20.36 -0.48
N GLY Y 54 -90.00 19.98 -0.33
CA GLY Y 54 -90.81 20.48 0.75
C GLY Y 54 -90.43 19.89 2.09
N VAL Y 55 -91.00 20.47 3.14
CA VAL Y 55 -90.73 20.07 4.51
C VAL Y 55 -92.03 19.67 5.17
N LEU Y 56 -92.00 18.59 5.95
CA LEU Y 56 -93.18 18.09 6.64
C LEU Y 56 -92.88 17.95 8.12
N PHE Y 57 -93.94 18.03 8.92
CA PHE Y 57 -93.81 18.25 10.35
C PHE Y 57 -94.95 17.56 11.08
N THR Y 58 -94.93 17.64 12.40
CA THR Y 58 -95.97 17.00 13.20
C THR Y 58 -96.12 17.79 14.50
N SER Y 59 -97.13 18.64 14.56
CA SER Y 59 -97.35 19.44 15.75
C SER Y 59 -97.88 18.59 16.89
N VAL Y 60 -97.79 19.12 18.10
CA VAL Y 60 -98.31 18.41 19.27
C VAL Y 60 -99.10 19.36 20.15
N ALA Y 61 -98.97 20.66 19.91
CA ALA Y 61 -99.52 21.67 20.79
C ALA Y 61 -101.03 21.74 20.64
N THR Y 62 -101.66 22.74 21.28
CA THR Y 62 -103.12 22.85 21.30
C THR Y 62 -103.63 24.26 21.06
N ARG Y 63 -102.77 25.18 20.64
CA ARG Y 63 -103.19 26.56 20.45
C ARG Y 63 -102.62 27.09 19.13
N THR Y 64 -103.04 28.30 18.77
CA THR Y 64 -102.66 28.93 17.51
C THR Y 64 -101.32 29.62 17.65
N PHE Y 65 -100.42 29.37 16.70
CA PHE Y 65 -99.08 29.94 16.75
C PHE Y 65 -98.67 30.36 15.36
N THR Y 66 -97.37 30.63 15.19
CA THR Y 66 -96.81 31.06 13.92
C THR Y 66 -95.64 30.18 13.56
N ILE Y 67 -95.55 29.79 12.29
CA ILE Y 67 -94.45 28.99 11.79
C ILE Y 67 -93.85 29.69 10.58
N PHE Y 68 -92.57 29.98 10.62
CA PHE Y 68 -91.87 30.60 9.51
C PHE Y 68 -91.22 29.53 8.64
N VAL Y 69 -90.91 29.90 7.41
CA VAL Y 69 -90.29 28.99 6.46
C VAL Y 69 -89.47 29.80 5.48
N GLU Y 70 -88.33 29.25 5.08
CA GLU Y 70 -87.46 29.95 4.15
C GLU Y 70 -87.28 29.09 2.91
N THR Y 71 -86.53 29.61 1.96
CA THR Y 71 -86.37 28.98 0.66
C THR Y 71 -84.92 29.09 0.22
N ALA Y 72 -84.52 28.18 -0.67
CA ALA Y 72 -83.14 28.21 -1.16
C ALA Y 72 -82.83 29.50 -1.89
N LEU Y 73 -83.84 30.15 -2.46
CA LEU Y 73 -83.64 31.40 -3.17
C LEU Y 73 -83.97 32.63 -2.34
N GLY Y 74 -84.27 32.46 -1.05
CA GLY Y 74 -84.50 33.56 -0.15
C GLY Y 74 -85.96 33.92 0.07
N GLN Y 75 -86.88 33.29 -0.67
CA GLN Y 75 -88.29 33.65 -0.61
C GLN Y 75 -88.88 33.13 0.70
N THR Y 76 -88.70 33.92 1.76
CA THR Y 76 -89.25 33.58 3.07
C THR Y 76 -90.76 33.80 3.10
N PHE Y 77 -91.42 33.12 4.03
CA PHE Y 77 -92.87 33.18 4.17
C PHE Y 77 -93.22 33.12 5.65
N SER Y 78 -94.49 32.88 5.93
CA SER Y 78 -94.98 32.71 7.29
C SER Y 78 -96.39 32.15 7.23
N VAL Y 79 -96.72 31.23 8.13
CA VAL Y 79 -98.04 30.61 8.18
C VAL Y 79 -98.48 30.52 9.63
N VAL Y 80 -99.74 30.83 9.89
CA VAL Y 80 -100.30 30.80 11.22
C VAL Y 80 -101.10 29.51 11.34
N ALA Y 81 -100.49 28.49 11.91
CA ALA Y 81 -101.13 27.19 12.03
C ALA Y 81 -102.20 27.23 13.11
N THR Y 82 -103.01 26.18 13.15
CA THR Y 82 -104.01 26.01 14.19
C THR Y 82 -104.35 24.53 14.32
N PRO Y 83 -103.77 23.83 15.29
CA PRO Y 83 -103.98 22.38 15.39
C PRO Y 83 -105.44 22.01 15.60
N VAL Y 84 -105.83 20.89 14.98
CA VAL Y 84 -107.19 20.37 15.02
C VAL Y 84 -107.15 18.88 15.35
N LYS Y 85 -108.30 18.22 15.25
CA LYS Y 85 -108.44 16.84 15.70
C LYS Y 85 -107.52 15.89 14.93
N GLY Y 86 -107.78 15.71 13.63
CA GLY Y 86 -107.03 14.71 12.89
C GLY Y 86 -107.11 14.91 11.38
N GLU Y 87 -106.70 13.88 10.65
CA GLU Y 87 -106.70 13.83 9.18
C GLU Y 87 -105.79 14.90 8.59
N GLY Y 88 -104.49 14.69 8.78
CA GLY Y 88 -103.50 15.65 8.33
C GLY Y 88 -103.59 15.94 6.85
N ARG Y 89 -103.21 17.16 6.48
CA ARG Y 89 -103.48 17.72 5.15
C ARG Y 89 -102.21 18.30 4.54
N VAL Y 90 -102.26 18.53 3.24
CA VAL Y 90 -101.13 19.02 2.45
C VAL Y 90 -101.53 20.33 1.79
N TYR Y 91 -100.62 21.31 1.84
CA TYR Y 91 -100.81 22.62 1.25
C TYR Y 91 -99.72 22.89 0.21
N ARG Y 92 -99.86 24.02 -0.48
CA ARG Y 92 -98.88 24.45 -1.46
C ARG Y 92 -98.63 25.94 -1.31
N LEU Y 93 -97.37 26.34 -1.34
CA LEU Y 93 -96.97 27.74 -1.21
C LEU Y 93 -96.28 28.20 -2.49
N MET Y 94 -96.77 29.29 -3.05
CA MET Y 94 -96.15 29.90 -4.21
C MET Y 94 -96.43 31.39 -4.20
N SER Y 95 -95.50 32.16 -4.74
CA SER Y 95 -95.65 33.60 -4.86
C SER Y 95 -96.22 33.96 -6.22
N ALA Y 96 -96.73 35.19 -6.33
CA ALA Y 96 -97.48 35.61 -7.49
C ALA Y 96 -96.61 36.31 -8.55
N GLU Y 97 -96.02 37.44 -8.21
CA GLU Y 97 -95.24 38.20 -9.19
C GLU Y 97 -93.81 37.70 -9.36
N PRO Y 98 -93.04 37.46 -8.30
CA PRO Y 98 -91.59 37.23 -8.46
C PRO Y 98 -91.25 36.10 -9.42
N PRO Y 99 -91.99 34.98 -9.44
CA PRO Y 99 -91.66 33.95 -10.44
C PRO Y 99 -92.08 34.38 -11.83
N SER Y 100 -91.09 34.77 -12.66
CA SER Y 100 -91.38 35.18 -14.03
C SER Y 100 -90.10 34.99 -14.85
N ARG Y 101 -90.07 33.94 -15.66
CA ARG Y 101 -88.95 33.69 -16.57
C ARG Y 101 -89.48 32.91 -17.76
N PRO Y 102 -90.16 33.59 -18.68
CA PRO Y 102 -90.74 32.90 -19.84
C PRO Y 102 -89.73 32.53 -20.92
N GLU Y 103 -88.43 32.66 -20.64
CA GLU Y 103 -87.42 32.30 -21.61
C GLU Y 103 -87.57 30.84 -22.01
N THR Y 104 -87.59 30.58 -23.31
CA THR Y 104 -87.73 29.22 -23.82
C THR Y 104 -86.54 28.88 -24.69
N ARG Y 105 -85.89 27.77 -24.38
CA ARG Y 105 -84.86 27.23 -25.26
C ARG Y 105 -85.53 26.75 -26.54
N LYS Y 106 -84.94 27.06 -27.68
CA LYS Y 106 -85.55 26.67 -28.94
C LYS Y 106 -85.14 25.25 -29.26
N TRP Y 107 -85.97 24.31 -28.82
CA TRP Y 107 -85.86 22.90 -29.12
C TRP Y 107 -86.42 22.67 -30.53
N GLU Y 108 -86.72 21.42 -30.92
CA GLU Y 108 -87.28 21.10 -32.22
C GLU Y 108 -86.34 21.40 -33.38
N THR Y 109 -85.19 20.71 -33.41
CA THR Y 109 -84.32 20.79 -34.57
C THR Y 109 -85.00 20.20 -35.81
N ALA Y 110 -84.36 20.36 -36.95
CA ALA Y 110 -84.90 19.92 -38.23
C ALA Y 110 -84.02 18.84 -38.84
N GLN Y 111 -84.44 18.35 -40.01
CA GLN Y 111 -83.73 17.28 -40.68
C GLN Y 111 -82.43 17.80 -41.30
N ALA Y 112 -81.57 16.87 -41.66
CA ALA Y 112 -80.29 17.23 -42.28
C ALA Y 112 -80.44 17.60 -43.76
N TYR Y 113 -81.46 17.08 -44.43
CA TYR Y 113 -81.66 17.35 -45.84
C TYR Y 113 -82.44 18.63 -46.10
N GLU Y 114 -83.30 19.03 -45.16
CA GLU Y 114 -84.06 20.26 -45.32
C GLU Y 114 -83.25 21.51 -44.96
N LYS Y 115 -82.40 21.41 -43.94
CA LYS Y 115 -81.63 22.58 -43.52
C LYS Y 115 -80.69 23.05 -44.64
N LEU Y 116 -80.08 22.10 -45.36
CA LEU Y 116 -79.16 22.49 -46.42
C LEU Y 116 -79.91 23.05 -47.63
N LEU Y 117 -81.07 22.50 -47.96
CA LEU Y 117 -81.88 23.11 -49.02
C LEU Y 117 -82.24 24.54 -48.66
N ILE Y 118 -82.66 24.76 -47.41
CA ILE Y 118 -83.07 26.11 -47.01
C ILE Y 118 -81.87 27.05 -47.00
N SER Y 119 -80.70 26.56 -46.59
CA SER Y 119 -79.52 27.40 -46.57
C SER Y 119 -79.11 27.83 -47.98
N LEU Y 120 -79.00 26.87 -48.89
CA LEU Y 120 -78.65 27.22 -50.27
C LEU Y 120 -79.69 28.12 -50.90
N ASN Y 121 -80.98 27.82 -50.66
CA ASN Y 121 -82.03 28.62 -51.24
C ASN Y 121 -82.05 30.02 -50.65
N ARG Y 122 -81.67 30.18 -49.38
CA ARG Y 122 -81.58 31.51 -48.80
C ARG Y 122 -80.40 32.28 -49.38
N ALA Y 123 -79.29 31.61 -49.62
CA ALA Y 123 -78.14 32.27 -50.22
C ALA Y 123 -78.32 32.58 -51.70
N VAL Y 124 -79.26 31.91 -52.38
CA VAL Y 124 -79.52 32.28 -53.77
C VAL Y 124 -80.43 33.51 -53.85
N LEU Y 125 -81.10 33.87 -52.75
CA LEU Y 125 -81.97 35.03 -52.73
C LEU Y 125 -81.26 36.29 -52.23
N THR Y 126 -80.52 36.17 -51.12
CA THR Y 126 -79.80 37.33 -50.60
C THR Y 126 -78.74 37.81 -51.58
N GLY Y 127 -77.99 36.88 -52.18
CA GLY Y 127 -76.95 37.20 -53.15
C GLY Y 127 -75.59 36.64 -52.80
N ASP Y 128 -75.31 36.47 -51.51
CA ASP Y 128 -74.00 35.97 -51.08
C ASP Y 128 -73.87 34.50 -51.46
N ILE Y 129 -72.93 34.21 -52.35
CA ILE Y 129 -72.79 32.85 -52.89
C ILE Y 129 -72.00 32.01 -51.91
N PRO Y 130 -72.51 30.86 -51.48
CA PRO Y 130 -71.77 30.02 -50.55
C PRO Y 130 -70.50 29.48 -51.18
N ASP Y 131 -69.52 29.23 -50.33
CA ASP Y 131 -68.25 28.67 -50.79
C ASP Y 131 -68.48 27.27 -51.37
N GLY Y 132 -68.20 27.11 -52.64
CA GLY Y 132 -68.31 25.81 -53.27
C GLY Y 132 -69.32 25.77 -54.40
N TYR Y 133 -69.67 26.95 -54.92
CA TYR Y 133 -70.64 27.05 -56.00
C TYR Y 133 -70.15 28.04 -57.04
N GLY Y 134 -70.26 27.65 -58.30
CA GLY Y 134 -69.77 28.49 -59.38
C GLY Y 134 -70.86 29.12 -60.20
N GLU Y 135 -70.84 28.90 -61.51
CA GLU Y 135 -71.89 29.38 -62.39
C GLU Y 135 -71.89 28.51 -63.64
N VAL Y 136 -73.07 28.29 -64.21
CA VAL Y 136 -73.23 27.38 -65.33
C VAL Y 136 -74.22 27.95 -66.33
N LYS Y 137 -74.27 27.32 -67.49
CA LYS Y 137 -75.24 27.63 -68.51
C LYS Y 137 -76.63 27.19 -68.07
N PRO Y 138 -77.66 28.01 -68.30
CA PRO Y 138 -79.01 27.62 -67.89
C PRO Y 138 -79.51 26.40 -68.66
N LEU Y 139 -79.84 25.35 -67.92
CA LEU Y 139 -80.40 24.15 -68.52
C LEU Y 139 -81.71 24.47 -69.24
N SER Y 140 -81.87 23.94 -70.44
CA SER Y 140 -83.05 24.25 -71.23
C SER Y 140 -84.29 23.61 -70.62
N ASP Y 141 -85.38 24.37 -70.62
CA ASP Y 141 -86.74 23.93 -70.30
C ASP Y 141 -86.82 22.84 -69.24
N GLY Y 142 -86.11 23.03 -68.14
CA GLY Y 142 -86.16 22.09 -67.04
C GLY Y 142 -87.34 22.24 -66.10
N ILE Y 143 -88.31 23.09 -66.44
CA ILE Y 143 -89.50 23.30 -65.63
C ILE Y 143 -90.72 23.32 -66.52
N ARG Y 144 -91.81 22.72 -66.02
CA ARG Y 144 -93.05 22.62 -66.78
C ARG Y 144 -93.69 23.99 -66.96
N LEU Y 145 -94.69 24.04 -67.84
CA LEU Y 145 -95.44 25.27 -68.12
C LEU Y 145 -96.93 24.99 -67.96
N PRO Y 146 -97.62 25.70 -67.05
CA PRO Y 146 -99.07 25.48 -66.86
C PRO Y 146 -99.92 26.37 -67.76
N GLY Y 147 -99.89 26.10 -69.06
CA GLY Y 147 -100.72 26.84 -69.98
C GLY Y 147 -100.04 28.04 -70.61
N GLY Y 148 -100.78 29.13 -70.76
CA GLY Y 148 -100.32 30.28 -71.50
C GLY Y 148 -99.22 31.06 -70.80
N PHE Y 149 -98.12 30.39 -70.50
CA PHE Y 149 -96.96 31.00 -69.88
C PHE Y 149 -95.77 30.93 -70.82
N SER Y 150 -94.61 31.30 -70.30
CA SER Y 150 -93.36 31.20 -71.04
C SER Y 150 -92.23 31.07 -70.04
N VAL Y 151 -91.07 30.68 -70.54
CA VAL Y 151 -89.86 30.59 -69.74
C VAL Y 151 -88.75 31.35 -70.45
N THR Y 152 -87.97 32.12 -69.69
CA THR Y 152 -86.87 32.89 -70.24
C THR Y 152 -85.68 32.70 -69.31
N PRO Y 153 -84.87 31.66 -69.54
CA PRO Y 153 -83.75 31.38 -68.64
C PRO Y 153 -82.86 32.60 -68.43
N LEU Y 154 -82.30 32.68 -67.23
CA LEU Y 154 -81.36 33.75 -66.89
C LEU Y 154 -79.96 33.21 -66.66
N LYS Y 155 -79.81 32.27 -65.73
CA LYS Y 155 -78.52 31.83 -65.22
C LYS Y 155 -78.78 30.72 -64.22
N ALA Y 156 -77.69 30.22 -63.62
CA ALA Y 156 -77.80 29.16 -62.63
C ALA Y 156 -76.50 29.01 -61.86
N TRP Y 157 -76.54 28.42 -60.68
CA TRP Y 157 -75.34 28.00 -59.96
C TRP Y 157 -75.17 26.50 -60.09
N ALA Y 158 -74.05 26.01 -59.55
CA ALA Y 158 -73.82 24.58 -59.49
C ALA Y 158 -72.64 24.28 -58.59
N GLY Y 159 -72.53 23.02 -58.19
CA GLY Y 159 -71.34 22.49 -57.57
C GLY Y 159 -71.55 21.61 -56.34
N ASP Y 160 -71.09 20.37 -56.48
CA ASP Y 160 -70.89 19.37 -55.42
C ASP Y 160 -72.19 18.81 -54.89
N GLN Y 161 -73.31 19.47 -55.17
CA GLN Y 161 -74.68 18.98 -55.06
C GLN Y 161 -75.58 20.17 -55.34
N LEU Y 162 -76.84 19.88 -55.70
CA LEU Y 162 -77.88 20.91 -55.79
C LEU Y 162 -77.51 22.00 -56.81
N ARG Y 163 -77.51 21.61 -58.07
CA ARG Y 163 -77.35 22.59 -59.14
C ARG Y 163 -78.60 23.46 -59.18
N ALA Y 164 -78.53 24.65 -58.59
CA ALA Y 164 -79.67 25.54 -58.52
C ALA Y 164 -79.87 26.24 -59.86
N ASP Y 165 -81.04 26.88 -60.00
CA ASP Y 165 -81.40 27.59 -61.23
C ASP Y 165 -82.10 28.90 -60.88
N ARG Y 166 -82.50 29.63 -61.91
CA ARG Y 166 -83.38 30.79 -61.75
C ARG Y 166 -84.08 31.04 -63.08
N TYR Y 167 -85.38 30.74 -63.14
CA TYR Y 167 -86.17 30.94 -64.34
C TYR Y 167 -87.10 32.13 -64.16
N GLU Y 168 -87.95 32.36 -65.16
CA GLU Y 168 -88.74 33.57 -65.23
C GLU Y 168 -90.16 33.24 -65.70
N LEU Y 169 -91.14 33.91 -65.09
CA LEU Y 169 -92.56 33.68 -65.37
C LEU Y 169 -93.15 34.87 -66.11
N ARG Y 170 -94.10 34.58 -67.00
CA ARG Y 170 -94.70 35.62 -67.83
C ARG Y 170 -96.12 35.21 -68.16
N ASN Y 171 -97.10 35.94 -67.63
CA ASN Y 171 -98.50 35.68 -67.95
C ASN Y 171 -98.79 36.16 -69.37
N ALA Y 172 -98.85 35.23 -70.32
CA ALA Y 172 -99.11 35.57 -71.71
C ALA Y 172 -100.60 35.71 -72.00
N ASN Y 173 -101.45 35.42 -71.03
CA ASN Y 173 -102.90 35.53 -71.18
C ASN Y 173 -103.34 36.93 -70.76
N THR Y 174 -104.64 37.13 -70.58
CA THR Y 174 -105.16 38.47 -70.31
C THR Y 174 -105.71 38.66 -68.90
N TRP Y 175 -106.26 37.62 -68.28
CA TRP Y 175 -106.93 37.78 -66.99
C TRP Y 175 -106.07 37.20 -65.87
N GLY Y 176 -106.65 37.15 -64.67
CA GLY Y 176 -105.96 36.68 -63.48
C GLY Y 176 -106.46 35.31 -63.05
N VAL Y 177 -105.54 34.49 -62.53
CA VAL Y 177 -105.85 33.14 -62.09
C VAL Y 177 -105.24 32.91 -60.71
N ALA Y 178 -105.30 31.69 -60.21
CA ALA Y 178 -104.68 31.32 -58.96
C ALA Y 178 -103.38 30.57 -59.21
N LEU Y 179 -102.64 30.31 -58.14
CA LEU Y 179 -101.34 29.65 -58.23
C LEU Y 179 -101.21 28.56 -57.17
N ARG Y 180 -100.81 27.37 -57.61
CA ARG Y 180 -100.40 26.29 -56.72
C ARG Y 180 -99.10 25.73 -57.26
N GLU Y 181 -98.03 25.85 -56.49
CA GLU Y 181 -96.67 25.64 -56.99
C GLU Y 181 -96.30 24.18 -57.16
N GLN Y 182 -97.26 23.26 -57.13
CA GLN Y 182 -97.05 21.87 -57.49
C GLN Y 182 -97.22 21.62 -58.98
N ASP Y 183 -97.48 22.67 -59.76
CA ASP Y 183 -97.68 22.52 -61.19
C ASP Y 183 -96.38 22.65 -61.98
N PHE Y 184 -95.35 23.25 -61.40
CA PHE Y 184 -94.08 23.44 -62.09
C PHE Y 184 -93.14 22.26 -61.92
N TRP Y 185 -93.51 21.27 -61.11
CA TRP Y 185 -92.59 20.20 -60.77
C TRP Y 185 -92.21 19.39 -62.00
N LYS Y 186 -90.93 19.04 -62.07
CA LYS Y 186 -90.36 18.23 -63.13
C LYS Y 186 -89.62 17.06 -62.51
N PRO Y 187 -89.35 16.01 -63.28
CA PRO Y 187 -88.70 14.83 -62.70
C PRO Y 187 -87.24 15.07 -62.33
N GLY Y 188 -87.03 15.56 -61.11
CA GLY Y 188 -85.70 15.79 -60.60
C GLY Y 188 -85.64 17.00 -59.69
N VAL Y 189 -86.71 17.79 -59.69
CA VAL Y 189 -86.76 19.01 -58.91
C VAL Y 189 -86.71 18.69 -57.42
N ARG Y 190 -85.93 19.45 -56.67
CA ARG Y 190 -85.87 19.31 -55.23
C ARG Y 190 -86.66 20.35 -54.47
N ALA Y 191 -86.75 21.58 -54.99
CA ALA Y 191 -87.46 22.64 -54.29
C ALA Y 191 -87.78 23.77 -55.27
N VAL Y 192 -88.93 24.40 -55.07
CA VAL Y 192 -89.39 25.51 -55.90
C VAL Y 192 -89.83 26.65 -55.00
N MET Y 193 -89.23 27.83 -55.19
CA MET Y 193 -89.61 29.04 -54.48
C MET Y 193 -90.25 30.04 -55.43
N PHE Y 194 -91.24 30.76 -54.91
CA PHE Y 194 -91.79 31.95 -55.54
C PHE Y 194 -91.27 33.17 -54.79
N ASP Y 195 -90.59 34.08 -55.50
CA ASP Y 195 -89.93 35.20 -54.85
C ASP Y 195 -90.90 36.34 -54.57
N ASN Y 196 -91.49 36.91 -55.61
CA ASN Y 196 -92.51 37.94 -55.45
C ASN Y 196 -93.77 37.27 -54.92
N ASN Y 197 -94.01 37.39 -53.62
CA ASN Y 197 -95.03 36.60 -52.94
C ASN Y 197 -96.42 37.04 -53.41
N ALA Y 198 -97.00 36.27 -54.33
CA ALA Y 198 -98.32 36.56 -54.86
C ALA Y 198 -99.06 35.25 -55.08
N GLN Y 199 -100.34 35.23 -54.72
CA GLN Y 199 -101.20 34.07 -54.93
C GLN Y 199 -102.20 34.26 -56.05
N THR Y 200 -102.00 35.26 -56.90
CA THR Y 200 -102.91 35.51 -58.02
C THR Y 200 -102.14 36.19 -59.14
N LEU Y 201 -102.55 35.92 -60.37
CA LEU Y 201 -101.88 36.40 -61.56
C LEU Y 201 -102.45 37.75 -62.01
N MET Y 202 -101.62 38.50 -62.73
CA MET Y 202 -101.96 39.87 -63.12
C MET Y 202 -101.77 40.18 -64.59
N GLY Y 203 -100.83 39.53 -65.28
CA GLY Y 203 -100.54 39.81 -66.68
C GLY Y 203 -99.11 40.27 -66.93
N GLY Y 204 -98.45 40.79 -65.89
CA GLY Y 204 -97.09 41.26 -66.00
C GLY Y 204 -96.12 40.28 -65.38
N GLY Y 205 -95.19 39.79 -66.18
CA GLY Y 205 -94.22 38.82 -65.73
C GLY Y 205 -92.89 39.41 -65.33
N ARG Y 206 -92.69 39.58 -64.03
CA ARG Y 206 -91.43 40.09 -63.52
C ARG Y 206 -90.97 39.32 -62.28
N MET Y 207 -91.59 38.19 -61.99
CA MET Y 207 -91.21 37.37 -60.84
C MET Y 207 -90.35 36.21 -61.32
N THR Y 208 -89.50 35.72 -60.43
CA THR Y 208 -88.63 34.59 -60.73
C THR Y 208 -88.90 33.44 -59.77
N VAL Y 209 -88.35 32.28 -60.11
CA VAL Y 209 -88.39 31.10 -59.27
C VAL Y 209 -87.00 30.50 -59.21
N THR Y 210 -86.75 29.74 -58.16
CA THR Y 210 -85.46 29.08 -57.94
C THR Y 210 -85.71 27.58 -57.87
N VAL Y 211 -85.39 26.87 -58.94
CA VAL Y 211 -85.61 25.43 -59.03
C VAL Y 211 -84.29 24.73 -58.81
N ILE Y 212 -84.19 23.98 -57.74
CA ILE Y 212 -82.98 23.24 -57.40
C ILE Y 212 -83.06 21.87 -58.06
N ARG Y 213 -81.90 21.28 -58.34
CA ARG Y 213 -81.84 20.04 -59.09
C ARG Y 213 -80.58 19.27 -58.70
N GLY Y 214 -80.59 17.98 -58.97
CA GLY Y 214 -79.45 17.14 -58.71
C GLY Y 214 -78.40 17.25 -59.80
N ASN Y 215 -77.31 16.51 -59.61
CA ASN Y 215 -76.17 16.49 -60.53
C ASN Y 215 -75.58 17.89 -60.69
N GLY Y 216 -75.03 18.40 -59.59
CA GLY Y 216 -74.40 19.69 -59.58
C GLY Y 216 -73.20 19.73 -58.67
N ALA Z 69 -65.92 46.67 -35.76
CA ALA Z 69 -65.74 47.80 -34.86
C ALA Z 69 -65.57 49.09 -35.66
N THR Z 70 -66.27 49.20 -36.78
CA THR Z 70 -66.19 50.37 -37.64
C THR Z 70 -67.27 51.37 -37.26
N SER Z 71 -67.50 52.37 -38.11
CA SER Z 71 -68.54 53.34 -37.86
C SER Z 71 -69.92 52.68 -37.89
N ALA Z 72 -70.81 53.18 -37.04
CA ALA Z 72 -72.17 52.66 -36.99
C ALA Z 72 -72.94 53.10 -38.23
N VAL Z 73 -74.06 52.42 -38.48
CA VAL Z 73 -74.83 52.68 -39.68
C VAL Z 73 -75.72 53.90 -39.48
N GLU Z 74 -76.11 54.52 -40.59
CA GLU Z 74 -76.95 55.71 -40.58
C GLU Z 74 -78.36 55.35 -41.01
N VAL Z 75 -79.30 56.21 -40.65
CA VAL Z 75 -80.69 56.09 -41.05
C VAL Z 75 -81.06 57.34 -41.84
N PRO Z 76 -81.13 57.24 -43.17
CA PRO Z 76 -81.44 58.44 -43.97
C PRO Z 76 -82.87 58.90 -43.72
N SER Z 77 -82.99 60.15 -43.28
CA SER Z 77 -84.30 60.74 -43.06
C SER Z 77 -85.00 60.96 -44.40
N ALA Z 78 -86.29 61.27 -44.32
CA ALA Z 78 -87.11 61.45 -45.50
C ALA Z 78 -86.82 62.82 -46.10
N SER Z 79 -87.71 63.27 -46.99
CA SER Z 79 -87.65 64.61 -47.56
C SER Z 79 -89.00 65.27 -47.45
N ARG Z 80 -88.98 66.59 -47.29
CA ARG Z 80 -90.20 67.38 -47.16
C ARG Z 80 -91.11 67.22 -48.37
N THR Z 157 -94.61 65.63 -35.45
CA THR Z 157 -93.52 64.87 -34.85
C THR Z 157 -93.93 63.43 -34.59
N VAL Z 158 -93.26 62.48 -35.24
CA VAL Z 158 -93.58 61.06 -35.12
C VAL Z 158 -92.33 60.32 -34.70
N HIS Z 159 -92.48 59.48 -33.68
CA HIS Z 159 -91.38 58.66 -33.20
C HIS Z 159 -91.11 57.52 -34.16
N PRO Z 160 -89.89 56.98 -34.16
CA PRO Z 160 -89.54 55.94 -35.14
C PRO Z 160 -90.32 54.65 -34.93
N GLN Z 161 -90.28 53.81 -35.95
CA GLN Z 161 -90.71 52.42 -35.85
C GLN Z 161 -89.91 51.59 -36.84
N ARG Z 162 -89.89 50.28 -36.60
CA ARG Z 162 -89.18 49.37 -37.47
C ARG Z 162 -89.95 49.15 -38.77
N SER Z 163 -89.29 48.49 -39.72
CA SER Z 163 -89.87 48.20 -41.02
C SER Z 163 -90.47 46.81 -41.06
N ARG Z 164 -91.48 46.64 -41.89
CA ARG Z 164 -92.19 45.37 -41.99
C ARG Z 164 -91.27 44.28 -42.51
N ASP Z 165 -91.54 43.05 -42.12
CA ASP Z 165 -90.73 41.92 -42.53
C ASP Z 165 -91.27 41.30 -43.82
N GLN Z 166 -90.40 40.51 -44.46
CA GLN Z 166 -90.76 39.76 -45.66
C GLN Z 166 -90.42 38.30 -45.43
N ILE Z 167 -91.18 37.43 -46.09
CA ILE Z 167 -91.12 35.99 -45.85
C ILE Z 167 -91.01 35.26 -47.18
N ALA Z 168 -90.21 34.20 -47.19
CA ALA Z 168 -90.02 33.36 -48.36
C ALA Z 168 -90.42 31.93 -48.02
N THR Z 169 -91.22 31.32 -48.88
CA THR Z 169 -91.68 29.95 -48.68
C THR Z 169 -91.04 29.03 -49.71
N VAL Z 170 -90.70 27.82 -49.29
CA VAL Z 170 -90.03 26.83 -50.13
C VAL Z 170 -90.90 25.59 -50.16
N TRP Z 171 -91.06 25.00 -51.35
CA TRP Z 171 -91.81 23.77 -51.51
C TRP Z 171 -90.81 22.62 -51.70
N ILE Z 172 -90.76 21.71 -50.74
CA ILE Z 172 -89.82 20.60 -50.78
C ILE Z 172 -90.48 19.42 -51.47
N ALA Z 173 -89.81 18.88 -52.48
CA ALA Z 173 -90.32 17.71 -53.18
C ALA Z 173 -90.24 16.48 -52.27
N PRO Z 174 -91.25 15.61 -52.30
CA PRO Z 174 -91.27 14.46 -51.38
C PRO Z 174 -90.02 13.60 -51.53
N TRP Z 175 -89.48 13.16 -50.41
CA TRP Z 175 -88.28 12.35 -50.39
C TRP Z 175 -88.49 11.14 -49.50
N VAL Z 176 -87.47 10.31 -49.40
CA VAL Z 176 -87.50 9.11 -48.58
C VAL Z 176 -86.29 9.14 -47.65
N ASP Z 177 -86.56 9.12 -46.34
CA ASP Z 177 -85.49 9.23 -45.36
C ASP Z 177 -84.55 8.04 -45.48
N SER Z 178 -83.37 8.17 -44.89
CA SER Z 178 -82.40 7.08 -44.91
C SER Z 178 -82.91 5.83 -44.20
N ASP Z 179 -83.88 5.97 -43.30
CA ASP Z 179 -84.44 4.83 -42.58
C ASP Z 179 -85.80 4.42 -43.15
N ASN Z 180 -85.99 4.61 -44.46
CA ASN Z 180 -87.22 4.19 -45.14
C ASN Z 180 -88.45 4.80 -44.48
N ALA Z 181 -88.51 6.12 -44.50
CA ALA Z 181 -89.65 6.86 -43.95
C ALA Z 181 -90.05 7.92 -44.95
N PHE Z 182 -91.10 7.65 -45.72
CA PHE Z 182 -91.50 8.55 -46.80
C PHE Z 182 -92.04 9.84 -46.23
N HIS Z 183 -91.55 10.97 -46.73
CA HIS Z 183 -91.91 12.28 -46.23
C HIS Z 183 -92.71 13.06 -47.26
N GLN Z 184 -93.67 13.85 -46.77
CA GLN Z 184 -94.42 14.80 -47.60
C GLN Z 184 -94.34 16.16 -46.93
N PRO Z 185 -93.16 16.77 -46.93
CA PRO Z 185 -93.00 18.04 -46.21
C PRO Z 185 -93.82 19.15 -46.83
N GLY Z 186 -94.27 20.07 -45.98
CA GLY Z 186 -95.03 21.23 -46.40
C GLY Z 186 -94.14 22.39 -46.79
N ARG Z 187 -94.77 23.54 -47.00
CA ARG Z 187 -94.10 24.75 -47.44
C ARG Z 187 -93.46 25.41 -46.22
N VAL Z 188 -92.14 25.36 -46.14
CA VAL Z 188 -91.42 25.99 -45.03
C VAL Z 188 -91.16 27.45 -45.36
N SER Z 189 -91.49 28.33 -44.41
CA SER Z 189 -91.34 29.77 -44.57
C SER Z 189 -90.29 30.28 -43.61
N PHE Z 190 -89.30 31.00 -44.12
CA PHE Z 190 -88.20 31.48 -43.31
C PHE Z 190 -87.99 32.97 -43.54
N VAL Z 191 -87.48 33.65 -42.51
CA VAL Z 191 -87.18 35.07 -42.62
C VAL Z 191 -85.81 35.25 -43.26
N VAL Z 192 -85.70 36.24 -44.15
CA VAL Z 192 -84.50 36.42 -44.94
C VAL Z 192 -83.72 37.67 -44.54
N SER Z 193 -84.36 38.71 -44.02
CA SER Z 193 -83.65 39.91 -43.60
C SER Z 193 -84.35 40.52 -42.39
N PRO Z 194 -83.59 40.96 -41.40
CA PRO Z 194 -84.21 41.55 -40.21
C PRO Z 194 -84.71 42.96 -40.47
N ALA Z 195 -85.58 43.42 -39.58
CA ALA Z 195 -86.13 44.75 -39.71
C ALA Z 195 -85.06 45.80 -39.42
N ASP Z 196 -85.26 46.99 -39.99
CA ASP Z 196 -84.32 48.09 -39.85
C ASP Z 196 -85.04 49.37 -39.45
N TRP Z 197 -84.38 50.18 -38.64
CA TRP Z 197 -84.98 51.41 -38.14
C TRP Z 197 -85.24 52.38 -39.30
N VAL Z 198 -86.38 53.06 -39.26
CA VAL Z 198 -86.74 54.00 -40.32
C VAL Z 198 -87.61 55.11 -39.74
N LEU Z 199 -87.50 56.31 -40.33
CA LEU Z 199 -88.32 57.45 -39.93
C LEU Z 199 -89.51 57.58 -40.87
N PRO Z 200 -90.72 57.75 -40.34
CA PRO Z 200 -91.90 57.85 -41.21
C PRO Z 200 -91.99 59.23 -41.83
N ALA Z 201 -92.22 59.27 -43.14
CA ALA Z 201 -92.38 60.54 -43.86
C ALA Z 201 -93.81 61.04 -43.67
N ARG Z 202 -94.18 61.20 -42.40
CA ARG Z 202 -95.52 61.66 -42.04
C ARG Z 202 -95.60 63.17 -42.28
N VAL Z 203 -96.61 63.81 -41.70
CA VAL Z 203 -96.70 65.26 -41.73
C VAL Z 203 -95.92 65.81 -40.53
N ASN Z 204 -94.61 65.92 -40.68
CA ASN Z 204 -93.75 66.32 -39.57
C ASN Z 204 -93.59 67.82 -39.49
N VAL AA 158 -100.29 -21.09 -58.00
CA VAL AA 158 -99.54 -22.17 -57.39
C VAL AA 158 -98.20 -21.62 -56.87
N HIS AA 159 -97.82 -20.45 -57.38
CA HIS AA 159 -96.59 -19.81 -56.95
C HIS AA 159 -96.73 -19.30 -55.52
N PRO AA 160 -95.62 -19.20 -54.78
CA PRO AA 160 -95.68 -18.68 -53.41
C PRO AA 160 -95.64 -17.16 -53.41
N GLN AA 161 -96.76 -16.55 -53.06
CA GLN AA 161 -96.91 -15.10 -53.12
C GLN AA 161 -96.36 -14.47 -51.84
N ARG AA 162 -96.60 -13.18 -51.66
CA ARG AA 162 -96.21 -12.43 -50.48
C ARG AA 162 -97.44 -12.08 -49.65
N SER AA 163 -97.20 -11.28 -48.62
CA SER AA 163 -98.25 -10.64 -47.82
C SER AA 163 -98.20 -9.14 -48.04
N ARG AA 164 -99.37 -8.50 -48.05
CA ARG AA 164 -99.44 -7.07 -48.27
C ARG AA 164 -98.96 -6.32 -47.04
N ASP AA 165 -98.27 -5.20 -47.27
CA ASP AA 165 -97.63 -4.46 -46.19
C ASP AA 165 -98.64 -3.71 -45.35
N GLN AA 166 -98.16 -3.16 -44.24
CA GLN AA 166 -98.96 -2.35 -43.33
C GLN AA 166 -98.21 -1.06 -43.05
N ILE AA 167 -98.92 0.07 -43.20
CA ILE AA 167 -98.30 1.39 -43.05
C ILE AA 167 -99.19 2.26 -42.17
N ALA AA 168 -98.64 3.38 -41.70
CA ALA AA 168 -99.43 4.37 -40.97
C ALA AA 168 -98.84 5.73 -41.26
N THR AA 169 -99.69 6.70 -41.61
CA THR AA 169 -99.26 8.02 -42.04
C THR AA 169 -99.57 9.03 -40.95
N VAL AA 170 -98.53 9.64 -40.41
CA VAL AA 170 -98.68 10.63 -39.35
C VAL AA 170 -98.99 11.98 -39.97
N TRP AA 171 -99.61 12.86 -39.20
CA TRP AA 171 -99.94 14.22 -39.63
C TRP AA 171 -99.27 15.19 -38.65
N ILE AA 172 -98.26 15.91 -39.12
CA ILE AA 172 -97.45 16.75 -38.25
C ILE AA 172 -98.02 18.16 -38.21
N ALA AA 173 -98.53 18.57 -37.04
CA ALA AA 173 -99.15 19.88 -36.88
C ALA AA 173 -98.09 20.97 -36.99
N PRO AA 174 -98.51 22.22 -37.27
CA PRO AA 174 -97.54 23.30 -37.46
C PRO AA 174 -96.63 23.46 -36.25
N TRP AA 175 -95.32 23.61 -36.53
CA TRP AA 175 -94.30 23.75 -35.47
C TRP AA 175 -93.22 24.73 -35.96
N VAL AA 176 -92.51 25.39 -35.05
CA VAL AA 176 -91.44 26.35 -35.43
C VAL AA 176 -90.10 25.68 -35.20
N ASP AA 177 -89.10 25.98 -36.03
CA ASP AA 177 -87.82 25.25 -35.95
C ASP AA 177 -86.94 25.76 -34.83
N SER AA 178 -85.72 25.26 -34.77
CA SER AA 178 -84.73 25.77 -33.77
C SER AA 178 -84.04 26.95 -34.42
N ASP AA 179 -84.16 27.10 -35.75
CA ASP AA 179 -83.61 28.28 -36.46
C ASP AA 179 -84.77 29.04 -37.09
N ASN AA 180 -85.67 29.58 -36.27
CA ASN AA 180 -86.90 30.28 -36.75
C ASN AA 180 -87.28 30.02 -38.20
N ALA AA 181 -88.06 28.97 -38.47
CA ALA AA 181 -88.60 28.72 -39.82
C ALA AA 181 -89.91 27.96 -39.64
N PHE AA 182 -91.06 28.60 -39.80
CA PHE AA 182 -92.36 27.94 -39.54
C PHE AA 182 -92.55 26.78 -40.50
N HIS AA 183 -92.59 25.53 -40.02
CA HIS AA 183 -92.89 24.39 -40.90
C HIS AA 183 -94.40 24.14 -40.84
N GLN AA 184 -95.09 24.23 -41.97
CA GLN AA 184 -96.57 24.11 -42.01
C GLN AA 184 -97.00 22.64 -41.92
N PRO AA 185 -98.29 22.28 -41.76
CA PRO AA 185 -98.69 20.89 -41.55
C PRO AA 185 -98.17 19.95 -42.65
N GLY AA 186 -97.93 18.67 -42.33
CA GLY AA 186 -97.34 17.78 -43.35
C GLY AA 186 -97.55 16.33 -42.99
N ARG AA 187 -97.06 15.36 -43.79
CA ARG AA 187 -97.31 13.95 -43.53
C ARG AA 187 -96.00 13.20 -43.60
N VAL AA 188 -95.86 12.20 -42.73
CA VAL AA 188 -94.73 11.28 -42.78
C VAL AA 188 -95.27 9.87 -42.63
N SER AA 189 -94.78 8.96 -43.47
CA SER AA 189 -95.29 7.60 -43.53
C SER AA 189 -94.19 6.60 -43.23
N PHE AA 190 -94.56 5.47 -42.66
CA PHE AA 190 -93.61 4.45 -42.24
C PHE AA 190 -94.32 3.11 -42.20
N VAL AA 191 -93.53 2.03 -42.24
CA VAL AA 191 -94.04 0.67 -42.26
C VAL AA 191 -93.90 0.06 -40.88
N VAL AA 192 -94.89 -0.74 -40.49
CA VAL AA 192 -94.94 -1.33 -39.15
C VAL AA 192 -94.63 -2.82 -39.17
N SER AA 193 -95.25 -3.56 -40.09
CA SER AA 193 -95.12 -5.02 -40.15
C SER AA 193 -94.64 -5.41 -41.54
N PRO AA 194 -93.32 -5.53 -41.73
CA PRO AA 194 -92.80 -5.81 -43.08
C PRO AA 194 -93.31 -7.13 -43.63
N ALA AA 195 -93.43 -7.18 -44.95
CA ALA AA 195 -94.00 -8.36 -45.62
C ALA AA 195 -93.10 -9.58 -45.47
N ASP AA 196 -93.72 -10.74 -45.25
CA ASP AA 196 -93.06 -12.04 -45.18
C ASP AA 196 -93.91 -13.08 -45.89
N TRP AA 197 -93.26 -14.18 -46.28
CA TRP AA 197 -93.94 -15.21 -47.06
C TRP AA 197 -95.14 -15.77 -46.29
N VAL AA 198 -96.24 -15.96 -47.01
CA VAL AA 198 -97.43 -16.57 -46.45
C VAL AA 198 -97.23 -18.08 -46.41
N LEU AA 199 -97.46 -18.68 -45.26
CA LEU AA 199 -97.27 -20.12 -45.15
C LEU AA 199 -98.50 -20.87 -45.65
N PRO AA 200 -98.38 -21.64 -46.73
CA PRO AA 200 -99.56 -22.29 -47.32
C PRO AA 200 -100.19 -23.30 -46.37
N ALA AA 201 -101.51 -23.44 -46.48
CA ALA AA 201 -102.26 -24.40 -45.71
C ALA AA 201 -102.76 -25.56 -46.56
N ARG AA 202 -102.51 -25.53 -47.86
CA ARG AA 202 -102.90 -26.59 -48.78
C ARG AA 202 -101.70 -26.99 -49.61
N VAL AA 203 -101.42 -28.28 -49.67
CA VAL AA 203 -100.34 -28.81 -50.52
C VAL AA 203 -100.83 -30.01 -51.30
N PRO BA 1 -87.58 29.75 28.31
CA PRO BA 1 -88.94 30.32 28.33
C PRO BA 1 -89.28 31.13 27.09
N GLY BA 2 -88.35 31.26 26.15
CA GLY BA 2 -88.65 31.99 24.93
C GLY BA 2 -87.85 31.59 23.70
N MET BA 3 -87.02 30.56 23.80
CA MET BA 3 -86.12 30.22 22.70
C MET BA 3 -86.88 29.61 21.52
N MET BA 4 -86.22 29.56 20.37
CA MET BA 4 -86.86 29.20 19.10
C MET BA 4 -86.51 27.77 18.71
N ASP BA 5 -87.06 27.33 17.57
CA ASP BA 5 -86.86 26.00 17.02
C ASP BA 5 -86.32 26.16 15.61
N SER BA 6 -85.04 26.47 15.49
CA SER BA 6 -84.45 26.82 14.20
C SER BA 6 -83.67 25.64 13.67
N GLN BA 7 -83.79 25.38 12.37
CA GLN BA 7 -83.13 24.26 11.75
C GLN BA 7 -82.71 24.63 10.32
N GLU BA 8 -81.66 23.98 9.84
CA GLU BA 8 -81.20 24.16 8.47
C GLU BA 8 -81.03 22.79 7.83
N PHE BA 9 -81.55 22.63 6.62
CA PHE BA 9 -81.46 21.38 5.89
C PHE BA 9 -80.34 21.50 4.85
N SER BA 10 -79.38 20.59 4.92
CA SER BA 10 -78.28 20.53 3.97
C SER BA 10 -77.55 21.87 3.84
N ALA CA 1 -32.46 93.65 39.49
CA ALA CA 1 -32.74 95.08 39.60
C ALA CA 1 -31.46 95.87 39.44
N GLN CA 2 -30.79 96.06 40.57
CA GLN CA 2 -29.66 96.95 40.68
C GLN CA 2 -28.53 96.47 39.79
N SER CA 3 -27.67 97.38 39.37
CA SER CA 3 -26.43 96.98 38.77
C SER CA 3 -25.61 96.21 39.81
N PRO CA 4 -24.86 95.20 39.39
CA PRO CA 4 -24.01 94.49 40.35
C PRO CA 4 -23.00 95.44 40.97
N ALA CA 5 -22.76 95.28 42.27
CA ALA CA 5 -21.80 96.12 42.95
C ALA CA 5 -20.39 95.82 42.44
N THR CA 6 -19.70 96.85 41.95
CA THR CA 6 -18.44 96.69 41.24
C THR CA 6 -17.29 97.21 42.09
N ILE CA 7 -16.14 96.54 42.01
CA ILE CA 7 -14.97 96.82 42.83
C ILE CA 7 -13.72 96.74 41.97
N SER CA 8 -12.60 97.23 42.52
CA SER CA 8 -11.36 97.37 41.76
C SER CA 8 -10.44 96.16 41.89
N LEU CA 9 -9.95 95.88 43.10
CA LEU CA 9 -9.18 94.67 43.37
C LEU CA 9 -7.98 94.43 42.44
N PRO CA 10 -6.84 95.10 42.65
CA PRO CA 10 -5.62 94.70 41.93
C PRO CA 10 -5.23 93.26 42.25
N GLN CA 11 -4.20 92.73 41.60
CA GLN CA 11 -3.84 91.32 41.74
C GLN CA 11 -3.45 91.04 43.19
N GLY CA 12 -4.32 90.35 43.90
CA GLY CA 12 -4.07 90.09 45.31
C GLY CA 12 -4.49 91.19 46.25
N GLY CA 13 -5.54 91.93 45.93
CA GLY CA 13 -5.98 93.00 46.80
C GLY CA 13 -6.95 92.53 47.87
N GLN CA 14 -7.31 93.47 48.74
CA GLN CA 14 -8.29 93.26 49.80
C GLN CA 14 -9.42 94.25 49.62
N PHE CA 15 -10.64 93.81 49.91
CA PHE CA 15 -11.79 94.70 49.90
C PHE CA 15 -12.73 94.32 51.02
N ARG CA 16 -13.28 95.33 51.70
CA ARG CA 16 -14.19 95.10 52.82
C ARG CA 16 -15.62 95.16 52.31
N LEU CA 17 -16.36 94.07 52.47
CA LEU CA 17 -17.73 93.99 52.00
C LEU CA 17 -18.57 93.32 53.08
N SER CA 18 -19.82 92.99 52.75
CA SER CA 18 -20.70 92.32 53.68
C SER CA 18 -21.51 91.27 52.96
N ILE CA 19 -21.71 90.13 53.61
CA ILE CA 19 -22.48 89.03 53.06
C ILE CA 19 -23.57 88.65 54.07
N SER CA 20 -24.49 87.81 53.63
CA SER CA 20 -25.66 87.42 54.40
C SER CA 20 -25.57 85.96 54.79
N ASN CA 21 -25.92 85.67 56.04
CA ASN CA 21 -25.85 84.31 56.56
C ASN CA 21 -27.03 83.44 56.13
N THR CA 22 -28.15 84.03 55.79
CA THR CA 22 -29.17 83.36 54.99
C THR CA 22 -28.82 83.60 53.52
N ASP CA 23 -29.75 83.30 52.61
CA ASP CA 23 -29.71 83.93 51.29
C ASP CA 23 -28.38 83.81 50.57
N PRO CA 24 -28.07 82.67 49.95
CA PRO CA 24 -26.72 82.45 49.44
C PRO CA 24 -26.24 83.57 48.53
N ASN CA 25 -24.94 83.81 48.53
CA ASN CA 25 -24.37 84.93 47.81
C ASN CA 25 -23.74 84.44 46.51
N MET CA 26 -23.22 85.38 45.72
CA MET CA 26 -22.51 85.04 44.50
C MET CA 26 -21.47 86.10 44.21
N ILE CA 27 -20.25 85.65 43.91
CA ILE CA 27 -19.18 86.49 43.40
C ILE CA 27 -18.76 85.92 42.06
N PHE CA 28 -18.77 86.74 41.02
CA PHE CA 28 -18.41 86.27 39.69
C PHE CA 28 -17.47 87.26 39.02
N ILE CA 29 -16.69 86.75 38.09
CA ILE CA 29 -15.65 87.51 37.39
C ILE CA 29 -15.99 87.55 35.90
N PRO CA 30 -16.10 88.72 35.28
CA PRO CA 30 -16.27 88.78 33.83
C PRO CA 30 -14.95 88.57 33.11
N GLY CA 31 -15.00 87.77 32.05
CA GLY CA 31 -13.82 87.44 31.28
C GLY CA 31 -13.08 86.20 31.73
N ASP CA 32 -13.51 85.57 32.82
CA ASP CA 32 -12.84 84.40 33.40
C ASP CA 32 -13.88 83.50 34.04
N LYS CA 33 -13.40 82.41 34.63
CA LYS CA 33 -14.27 81.52 35.41
C LYS CA 33 -13.52 81.07 36.67
N VAL CA 34 -14.18 81.22 37.81
CA VAL CA 34 -13.56 80.87 39.08
C VAL CA 34 -13.47 79.36 39.21
N THR CA 35 -12.28 78.86 39.54
CA THR CA 35 -12.07 77.42 39.68
C THR CA 35 -11.71 76.98 41.08
N ALA CA 36 -11.50 77.91 42.01
CA ALA CA 36 -11.18 77.53 43.38
C ALA CA 36 -11.67 78.62 44.33
N ILE CA 37 -11.93 78.21 45.57
CA ILE CA 37 -12.22 79.14 46.65
C ILE CA 37 -11.92 78.45 47.97
N THR CA 38 -11.22 79.13 48.86
CA THR CA 38 -10.84 78.58 50.16
C THR CA 38 -10.97 79.70 51.19
N ALA CA 39 -12.01 79.64 52.01
CA ALA CA 39 -12.34 80.73 52.92
C ALA CA 39 -12.47 80.21 54.34
N PRO CA 40 -11.37 79.81 54.95
CA PRO CA 40 -11.45 79.44 56.37
C PRO CA 40 -11.51 80.67 57.25
N GLY CA 41 -11.47 80.48 58.56
CA GLY CA 41 -11.72 81.53 59.49
C GLY CA 41 -13.14 81.56 60.02
N GLY CA 42 -14.13 81.27 59.17
CA GLY CA 42 -15.51 81.28 59.59
C GLY CA 42 -16.29 80.04 59.18
N MET CA 43 -15.66 79.17 58.40
CA MET CA 43 -16.22 77.87 58.04
C MET CA 43 -17.57 78.00 57.33
N LEU CA 44 -17.50 78.56 56.12
CA LEU CA 44 -18.71 78.68 55.31
C LEU CA 44 -19.38 77.32 55.09
N ALA CA 45 -20.69 77.35 54.86
CA ALA CA 45 -21.47 76.13 54.78
C ALA CA 45 -21.05 75.26 53.61
N ASP CA 46 -21.18 75.79 52.39
CA ASP CA 46 -20.86 75.00 51.21
C ASP CA 46 -20.49 75.93 50.06
N LYS CA 47 -19.89 75.34 49.03
CA LYS CA 47 -19.50 76.05 47.82
C LYS CA 47 -20.01 75.27 46.61
N ARG CA 48 -20.33 76.00 45.56
CA ARG CA 48 -20.89 75.38 44.35
C ARG CA 48 -20.52 76.23 43.15
N LEU CA 49 -19.74 75.66 42.23
CA LEU CA 49 -19.24 76.37 41.07
C LEU CA 49 -20.25 76.26 39.94
N THR CA 50 -20.79 77.39 39.52
CA THR CA 50 -21.80 77.41 38.47
C THR CA 50 -21.14 77.16 37.11
N THR CA 51 -21.96 77.25 36.06
CA THR CA 51 -21.45 77.07 34.70
C THR CA 51 -21.09 78.38 34.03
N ALA CA 52 -21.68 79.50 34.47
CA ALA CA 52 -21.32 80.79 33.91
C ALA CA 52 -19.86 81.11 34.20
N GLY CA 53 -19.40 80.82 35.41
CA GLY CA 53 -18.05 81.13 35.82
C GLY CA 53 -18.00 81.79 37.19
N GLY CA 54 -19.11 81.78 37.91
CA GLY CA 54 -19.17 82.29 39.26
C GLY CA 54 -19.04 81.19 40.30
N VAL CA 55 -19.13 81.59 41.56
CA VAL CA 55 -19.08 80.66 42.67
C VAL CA 55 -20.17 81.03 43.67
N LEU CA 56 -20.95 80.03 44.09
CA LEU CA 56 -22.02 80.21 45.05
C LEU CA 56 -21.61 79.67 46.40
N PHE CA 57 -21.95 80.39 47.46
CA PHE CA 57 -21.56 80.01 48.81
C PHE CA 57 -22.60 80.55 49.78
N THR CA 58 -22.40 80.24 51.05
CA THR CA 58 -23.24 80.80 52.10
C THR CA 58 -22.58 80.53 53.45
N SER CA 59 -22.57 81.55 54.31
CA SER CA 59 -22.00 81.44 55.63
C SER CA 59 -23.11 81.32 56.66
N VAL CA 60 -22.77 80.75 57.82
CA VAL CA 60 -23.64 80.74 58.97
C VAL CA 60 -22.97 81.30 60.22
N ALA CA 61 -21.71 81.72 60.13
CA ALA CA 61 -21.01 82.27 61.27
C ALA CA 61 -21.53 83.67 61.59
N THR CA 62 -20.90 84.31 62.57
CA THR CA 62 -21.33 85.63 63.01
C THR CA 62 -20.16 86.59 63.22
N ARG CA 63 -19.03 86.36 62.55
CA ARG CA 63 -17.87 87.21 62.74
C ARG CA 63 -17.13 87.37 61.42
N THR CA 64 -16.24 88.35 61.39
CA THR CA 64 -15.51 88.71 60.18
C THR CA 64 -14.40 87.71 59.90
N PHE CA 65 -14.28 87.30 58.65
CA PHE CA 65 -13.27 86.34 58.24
C PHE CA 65 -12.72 86.77 56.88
N THR CA 66 -12.03 85.86 56.20
CA THR CA 66 -11.38 86.16 54.94
C THR CA 66 -11.68 85.07 53.92
N ILE CA 67 -11.95 85.50 52.68
CA ILE CA 67 -12.28 84.59 51.59
C ILE CA 67 -11.28 84.80 50.47
N PHE CA 68 -10.68 83.73 50.00
CA PHE CA 68 -9.72 83.77 48.91
C PHE CA 68 -10.34 83.13 47.68
N VAL CA 69 -10.63 83.95 46.67
CA VAL CA 69 -11.21 83.49 45.42
C VAL CA 69 -10.11 83.45 44.38
N GLU CA 70 -9.94 82.31 43.72
CA GLU CA 70 -8.87 82.10 42.77
C GLU CA 70 -9.45 81.75 41.41
N THR CA 71 -8.83 82.28 40.37
CA THR CA 71 -9.34 82.17 39.01
C THR CA 71 -8.57 81.08 38.26
N ALA CA 72 -8.86 80.93 36.97
CA ALA CA 72 -8.20 79.94 36.13
C ALA CA 72 -6.98 80.48 35.40
N LEU CA 73 -6.92 81.77 35.14
CA LEU CA 73 -5.80 82.39 34.42
C LEU CA 73 -4.73 82.91 35.38
N GLY CA 74 -4.56 82.29 36.53
CA GLY CA 74 -3.58 82.76 37.48
C GLY CA 74 -3.92 84.12 38.04
N GLN CA 75 -5.16 84.28 38.50
CA GLN CA 75 -5.61 85.48 39.19
C GLN CA 75 -6.06 85.09 40.58
N THR CA 76 -5.62 85.84 41.58
CA THR CA 76 -5.99 85.57 42.96
C THR CA 76 -6.36 86.87 43.65
N PHE CA 77 -7.54 86.89 44.26
CA PHE CA 77 -8.04 88.07 44.96
C PHE CA 77 -8.34 87.68 46.40
N SER CA 78 -8.84 88.64 47.17
CA SER CA 78 -9.18 88.39 48.56
C SER CA 78 -10.23 89.38 49.00
N VAL CA 79 -11.31 88.88 49.60
CA VAL CA 79 -12.41 89.71 50.07
C VAL CA 79 -12.63 89.42 51.55
N VAL CA 80 -12.77 90.48 52.34
CA VAL CA 80 -13.00 90.36 53.76
C VAL CA 80 -14.49 90.50 53.99
N ALA CA 81 -15.17 89.40 54.27
CA ALA CA 81 -16.62 89.40 54.38
C ALA CA 81 -17.06 89.81 55.77
N THR CA 82 -18.37 89.93 55.95
CA THR CA 82 -18.98 90.13 57.24
C THR CA 82 -20.44 89.70 57.21
N PRO CA 83 -20.80 88.62 57.89
CA PRO CA 83 -22.19 88.16 57.85
C PRO CA 83 -23.17 89.18 58.42
N VAL CA 84 -24.31 89.34 57.75
CA VAL CA 84 -25.39 90.22 58.18
C VAL CA 84 -26.72 89.50 58.02
N LYS CA 85 -27.83 90.22 58.21
CA LYS CA 85 -29.16 89.61 58.29
C LYS CA 85 -29.60 88.87 57.03
N GLY CA 86 -29.82 89.56 55.93
CA GLY CA 86 -30.41 88.91 54.78
C GLY CA 86 -30.32 89.69 53.49
N GLU CA 87 -31.17 89.31 52.53
CA GLU CA 87 -31.18 89.86 51.17
C GLU CA 87 -29.84 89.62 50.46
N GLY CA 88 -29.60 88.35 50.16
CA GLY CA 88 -28.37 87.90 49.52
C GLY CA 88 -27.90 88.77 48.38
N ARG CA 89 -26.59 88.88 48.21
CA ARG CA 89 -25.99 89.92 47.38
C ARG CA 89 -25.14 89.31 46.27
N VAL CA 90 -24.96 90.08 45.20
CA VAL CA 90 -24.15 89.69 44.06
C VAL CA 90 -23.13 90.78 43.81
N TYR CA 91 -21.85 90.42 43.78
CA TYR CA 91 -20.76 91.34 43.54
C TYR CA 91 -20.05 90.98 42.24
N ARG CA 92 -19.33 91.96 41.68
CA ARG CA 92 -18.57 91.77 40.47
C ARG CA 92 -17.11 92.12 40.70
N LEU CA 93 -16.21 91.29 40.20
CA LEU CA 93 -14.78 91.52 40.29
C LEU CA 93 -14.27 92.03 38.95
N MET CA 94 -13.29 92.92 38.99
CA MET CA 94 -12.72 93.48 37.77
C MET CA 94 -11.22 93.67 38.00
N SER CA 95 -10.41 92.74 37.50
CA SER CA 95 -8.97 92.83 37.70
C SER CA 95 -8.44 94.12 37.10
N ALA CA 96 -7.70 94.89 37.91
CA ALA CA 96 -7.06 96.09 37.39
C ALA CA 96 -5.78 95.78 36.65
N GLU CA 97 -5.21 94.59 36.83
CA GLU CA 97 -4.03 94.14 36.10
C GLU CA 97 -4.43 93.00 35.18
N PRO CA 98 -4.46 93.21 33.86
CA PRO CA 98 -4.95 92.15 32.98
C PRO CA 98 -4.07 90.92 33.06
N PRO CA 99 -4.65 89.73 32.90
CA PRO CA 99 -3.86 88.50 32.94
C PRO CA 99 -3.20 88.19 31.59
N SER CA 100 -2.60 87.01 31.47
CA SER CA 100 -1.91 86.60 30.25
C SER CA 100 -2.64 85.43 29.62
N ARG CA 101 -2.96 85.55 28.33
CA ARG CA 101 -3.72 84.54 27.60
C ARG CA 101 -2.97 84.16 26.33
N PRO CA 102 -2.11 83.14 26.38
CA PRO CA 102 -1.28 82.81 25.21
C PRO CA 102 -2.07 82.48 23.96
N GLU CA 103 -3.30 81.96 24.11
CA GLU CA 103 -4.17 81.80 22.95
C GLU CA 103 -4.37 83.13 22.23
N THR CA 104 -4.55 84.21 23.00
CA THR CA 104 -4.67 85.52 22.39
C THR CA 104 -3.35 86.02 21.82
N ARG CA 105 -2.21 85.64 22.40
CA ARG CA 105 -0.95 86.03 21.76
C ARG CA 105 -0.82 85.40 20.39
N LYS CA 106 -1.14 84.11 20.26
CA LYS CA 106 -1.02 83.52 18.95
C LYS CA 106 -2.07 84.05 17.98
N TRP CA 107 -3.28 84.34 18.47
CA TRP CA 107 -4.29 84.93 17.61
C TRP CA 107 -3.88 86.31 17.11
N GLU CA 108 -3.29 87.13 17.99
CA GLU CA 108 -2.89 88.48 17.61
C GLU CA 108 -1.71 88.46 16.66
N THR CA 109 -0.68 87.66 16.97
CA THR CA 109 0.48 87.61 16.10
C THR CA 109 0.19 86.88 14.79
N ALA CA 110 -0.92 86.15 14.70
CA ALA CA 110 -1.24 85.45 13.47
C ALA CA 110 -1.45 86.42 12.31
N GLN CA 111 -2.15 87.51 12.56
CA GLN CA 111 -2.55 88.42 11.48
C GLN CA 111 -1.63 89.64 11.45
N ALA CA 112 -1.97 90.61 10.61
CA ALA CA 112 -1.14 91.79 10.41
C ALA CA 112 -1.34 92.75 11.58
N TYR CA 113 -0.85 93.97 11.44
CA TYR CA 113 -1.00 94.98 12.49
C TYR CA 113 -2.16 95.92 12.23
N GLU CA 114 -2.20 96.55 11.06
CA GLU CA 114 -3.25 97.52 10.80
C GLU CA 114 -4.62 96.85 10.71
N LYS CA 115 -4.70 95.67 10.09
CA LYS CA 115 -5.99 94.96 10.09
C LYS CA 115 -6.36 94.52 11.49
N LEU CA 116 -5.39 94.28 12.36
CA LEU CA 116 -5.70 93.95 13.75
C LEU CA 116 -6.29 95.14 14.49
N LEU CA 117 -5.72 96.33 14.28
CA LEU CA 117 -6.29 97.52 14.87
C LEU CA 117 -7.69 97.77 14.35
N ILE CA 118 -7.92 97.52 13.06
CA ILE CA 118 -9.26 97.67 12.50
C ILE CA 118 -10.24 96.67 13.11
N SER CA 119 -9.81 95.42 13.28
CA SER CA 119 -10.66 94.41 13.90
C SER CA 119 -11.07 94.85 15.30
N LEU CA 120 -10.10 95.28 16.11
CA LEU CA 120 -10.44 95.72 17.46
C LEU CA 120 -11.34 96.95 17.44
N ASN CA 121 -11.09 97.89 16.53
CA ASN CA 121 -11.90 99.09 16.46
C ASN CA 121 -13.35 98.78 16.12
N ARG CA 122 -13.57 97.92 15.13
CA ARG CA 122 -14.95 97.60 14.77
C ARG CA 122 -15.62 96.76 15.84
N ALA CA 123 -14.86 95.91 16.54
CA ALA CA 123 -15.46 95.17 17.65
C ALA CA 123 -15.84 96.09 18.81
N VAL CA 124 -15.11 97.18 18.99
CA VAL CA 124 -15.52 98.16 19.99
C VAL CA 124 -16.76 98.92 19.53
N LEU CA 125 -16.78 99.33 18.25
CA LEU CA 125 -17.90 100.14 17.74
C LEU CA 125 -19.20 99.36 17.75
N THR CA 126 -19.21 98.18 17.15
CA THR CA 126 -20.45 97.41 17.03
C THR CA 126 -20.87 96.86 18.39
N GLY CA 127 -19.99 96.08 19.02
CA GLY CA 127 -20.30 95.53 20.32
C GLY CA 127 -19.82 94.10 20.50
N ASP CA 128 -19.65 93.37 19.40
CA ASP CA 128 -19.23 91.97 19.46
C ASP CA 128 -17.75 91.88 19.80
N ILE CA 129 -17.45 91.76 21.08
CA ILE CA 129 -16.06 91.60 21.51
C ILE CA 129 -15.52 90.27 21.01
N PRO CA 130 -14.30 90.21 20.48
CA PRO CA 130 -13.76 88.94 20.02
C PRO CA 130 -13.67 87.92 21.16
N ASP CA 131 -13.50 86.66 20.78
CA ASP CA 131 -13.32 85.61 21.77
C ASP CA 131 -11.87 85.63 22.25
N GLY CA 132 -11.69 85.64 23.57
CA GLY CA 132 -10.38 85.73 24.17
C GLY CA 132 -10.07 87.07 24.78
N TYR CA 133 -10.91 88.07 24.59
CA TYR CA 133 -10.70 89.40 25.14
C TYR CA 133 -11.57 89.58 26.38
N GLY CA 134 -10.95 89.92 27.49
CA GLY CA 134 -11.62 90.05 28.75
C GLY CA 134 -12.28 91.40 28.91
N GLU CA 135 -12.47 91.78 30.17
CA GLU CA 135 -13.03 93.07 30.53
C GLU CA 135 -12.37 93.51 31.82
N VAL CA 136 -11.52 94.52 31.75
CA VAL CA 136 -10.72 94.94 32.88
C VAL CA 136 -11.20 96.32 33.34
N LYS CA 137 -10.63 96.79 34.42
CA LYS CA 137 -11.00 98.08 34.95
C LYS CA 137 -10.51 99.19 34.04
N PRO CA 138 -11.35 100.16 33.68
CA PRO CA 138 -10.91 101.25 32.80
C PRO CA 138 -9.92 102.15 33.54
N LEU CA 139 -8.75 102.35 32.94
CA LEU CA 139 -7.69 103.10 33.59
C LEU CA 139 -7.85 104.60 33.31
N SER CA 140 -7.78 105.39 34.38
CA SER CA 140 -7.88 106.82 34.25
C SER CA 140 -6.62 107.39 33.60
N ASP CA 141 -6.66 108.69 33.31
CA ASP CA 141 -5.56 109.50 32.77
C ASP CA 141 -4.64 108.74 31.81
N GLY CA 142 -5.22 108.05 30.85
CA GLY CA 142 -4.49 107.40 29.78
C GLY CA 142 -4.37 108.21 28.49
N ILE CA 143 -4.83 109.46 28.48
CA ILE CA 143 -4.72 110.35 27.33
C ILE CA 143 -4.39 111.75 27.82
N ARG CA 144 -4.00 112.61 26.88
CA ARG CA 144 -3.70 114.00 27.19
C ARG CA 144 -4.98 114.81 27.33
N LEU CA 145 -4.83 116.05 27.81
CA LEU CA 145 -5.95 116.99 27.93
C LEU CA 145 -5.54 118.33 27.33
N PRO CA 146 -5.74 118.51 26.02
CA PRO CA 146 -5.38 119.77 25.35
C PRO CA 146 -6.48 120.83 25.47
N GLY CA 147 -6.49 121.49 26.61
CA GLY CA 147 -7.51 122.47 26.94
C GLY CA 147 -8.32 122.02 28.14
N GLY CA 148 -9.42 122.73 28.37
CA GLY CA 148 -10.27 122.37 29.48
C GLY CA 148 -11.30 121.34 29.10
N PHE CA 149 -10.98 120.07 29.34
CA PHE CA 149 -11.82 118.94 28.97
C PHE CA 149 -12.03 118.07 30.19
N SER CA 150 -13.14 117.35 30.20
CA SER CA 150 -13.52 116.51 31.34
C SER CA 150 -13.71 115.07 30.84
N VAL CA 151 -12.71 114.24 31.08
CA VAL CA 151 -12.74 112.84 30.66
C VAL CA 151 -13.42 112.01 31.75
N THR CA 152 -14.09 110.95 31.33
CA THR CA 152 -14.78 110.04 32.26
C THR CA 152 -14.78 108.65 31.64
N PRO CA 153 -13.95 107.74 32.14
CA PRO CA 153 -13.85 106.41 31.53
C PRO CA 153 -15.15 105.63 31.63
N LEU CA 154 -15.40 104.79 30.64
CA LEU CA 154 -16.64 104.02 30.54
C LEU CA 154 -16.40 102.52 30.69
N LYS CA 155 -15.54 101.94 29.85
CA LYS CA 155 -15.34 100.51 29.86
C LYS CA 155 -14.01 100.20 29.17
N ALA CA 156 -13.48 99.01 29.43
CA ALA CA 156 -12.19 98.63 28.87
C ALA CA 156 -12.17 97.13 28.59
N TRP CA 157 -11.52 96.77 27.50
CA TRP CA 157 -11.32 95.38 27.11
C TRP CA 157 -9.84 95.14 26.90
N ALA CA 158 -9.32 94.06 27.46
CA ALA CA 158 -7.89 93.83 27.44
C ALA CA 158 -7.58 92.35 27.44
N GLY CA 159 -6.72 91.92 26.53
CA GLY CA 159 -6.04 90.67 26.76
C GLY CA 159 -4.68 90.57 26.10
N ASP CA 160 -3.67 90.46 26.94
CA ASP CA 160 -2.33 89.97 26.65
C ASP CA 160 -1.53 90.83 25.68
N GLN CA 161 -2.18 91.77 25.01
CA GLN CA 161 -1.57 92.71 24.06
C GLN CA 161 -2.66 93.68 23.64
N LEU CA 162 -2.30 94.94 23.47
CA LEU CA 162 -3.19 95.96 22.92
C LEU CA 162 -4.49 96.03 23.71
N ARG CA 163 -4.36 96.44 24.96
CA ARG CA 163 -5.52 96.80 25.75
C ARG CA 163 -6.23 97.98 25.11
N ALA CA 164 -7.55 97.90 24.98
CA ALA CA 164 -8.35 98.93 24.34
C ALA CA 164 -9.27 99.58 25.36
N ASP CA 165 -9.40 100.89 25.27
CA ASP CA 165 -10.17 101.66 26.25
C ASP CA 165 -11.33 102.37 25.56
N ARG CA 166 -12.09 103.11 26.36
CA ARG CA 166 -13.16 103.97 25.87
C ARG CA 166 -13.30 105.14 26.82
N TYR CA 167 -13.34 106.35 26.28
CA TYR CA 167 -13.41 107.54 27.12
C TYR CA 167 -14.59 108.42 26.72
N GLU CA 168 -14.63 109.64 27.24
CA GLU CA 168 -15.60 110.63 26.81
C GLU CA 168 -14.96 112.01 26.90
N LEU CA 169 -15.03 112.78 25.82
CA LEU CA 169 -14.48 114.12 25.77
C LEU CA 169 -15.62 115.13 25.86
N ARG CA 170 -15.49 116.09 26.78
CA ARG CA 170 -16.51 117.12 26.98
C ARG CA 170 -15.84 118.48 26.92
N ASN CA 171 -16.39 119.39 26.12
CA ASN CA 171 -15.86 120.74 26.03
C ASN CA 171 -16.41 121.57 27.19
N ALA CA 172 -15.56 121.87 28.16
CA ALA CA 172 -15.94 122.71 29.29
C ALA CA 172 -15.84 124.19 28.99
N ASN CA 173 -15.41 124.55 27.78
CA ASN CA 173 -15.20 125.94 27.41
C ASN CA 173 -16.50 126.53 26.86
N THR CA 174 -16.39 127.69 26.20
CA THR CA 174 -17.55 128.41 25.69
C THR CA 174 -17.74 128.28 24.19
N TRP CA 175 -16.66 128.20 23.42
CA TRP CA 175 -16.74 128.22 21.96
C TRP CA 175 -16.39 126.84 21.40
N GLY CA 176 -16.27 126.77 20.07
CA GLY CA 176 -15.93 125.54 19.39
C GLY CA 176 -14.46 125.52 19.00
N VAL CA 177 -13.80 124.39 19.31
CA VAL CA 177 -12.37 124.24 19.11
C VAL CA 177 -12.10 123.21 18.02
N ALA CA 178 -10.84 123.01 17.68
CA ALA CA 178 -10.43 122.00 16.71
C ALA CA 178 -10.01 120.73 17.43
N LEU CA 179 -10.52 119.59 16.96
CA LEU CA 179 -10.22 118.29 17.57
C LEU CA 179 -9.32 117.51 16.60
N ARG CA 180 -8.02 117.70 16.76
CA ARG CA 180 -7.04 116.99 15.96
C ARG CA 180 -6.67 115.70 16.68
N GLU CA 181 -6.69 114.58 15.95
CA GLU CA 181 -6.61 113.27 16.59
C GLU CA 181 -5.26 112.99 17.23
N GLN CA 182 -4.23 113.77 16.90
CA GLN CA 182 -2.90 113.55 17.45
C GLN CA 182 -2.63 114.38 18.70
N ASP CA 183 -3.58 115.20 19.14
CA ASP CA 183 -3.43 115.86 20.43
C ASP CA 183 -3.50 114.84 21.57
N PHE CA 184 -4.43 113.89 21.48
CA PHE CA 184 -4.62 112.91 22.54
C PHE CA 184 -3.69 111.72 22.35
N TRP CA 185 -2.40 112.00 22.38
CA TRP CA 185 -1.38 110.98 22.23
C TRP CA 185 -0.47 110.98 23.44
N LYS CA 186 0.01 109.81 23.79
CA LYS CA 186 0.91 109.58 24.90
C LYS CA 186 1.99 108.62 24.47
N PRO CA 187 3.04 108.45 25.25
CA PRO CA 187 4.01 107.40 24.95
C PRO CA 187 3.47 106.02 25.30
N GLY CA 188 2.76 105.40 24.36
CA GLY CA 188 2.19 104.09 24.58
C GLY CA 188 0.87 103.85 23.88
N VAL CA 189 0.24 104.92 23.40
CA VAL CA 189 -0.98 104.83 22.63
C VAL CA 189 -0.65 104.43 21.20
N ARG CA 190 -1.40 103.47 20.66
CA ARG CA 190 -1.15 102.98 19.31
C ARG CA 190 -2.13 103.51 18.28
N ALA CA 191 -3.32 103.94 18.69
CA ALA CA 191 -4.32 104.40 17.74
C ALA CA 191 -5.32 105.29 18.46
N VAL CA 192 -6.00 106.14 17.69
CA VAL CA 192 -7.05 107.00 18.19
C VAL CA 192 -8.18 107.07 17.16
N MET CA 193 -9.42 106.90 17.61
CA MET CA 193 -10.60 106.99 16.77
C MET CA 193 -11.60 107.95 17.40
N PHE CA 194 -12.24 108.76 16.57
CA PHE CA 194 -13.38 109.57 16.98
C PHE CA 194 -14.65 108.87 16.51
N ASP CA 195 -15.57 108.63 17.44
CA ASP CA 195 -16.71 107.76 17.14
C ASP CA 195 -17.66 108.38 16.12
N ASN CA 196 -18.19 109.56 16.44
CA ASN CA 196 -18.96 110.31 15.45
C ASN CA 196 -18.01 111.20 14.66
N ASN CA 197 -18.15 111.19 13.34
CA ASN CA 197 -17.18 111.85 12.46
C ASN CA 197 -17.46 113.35 12.41
N ALA CA 198 -17.27 113.98 13.56
CA ALA CA 198 -17.43 115.42 13.70
C ALA CA 198 -16.05 116.07 13.72
N GLN CA 199 -15.83 117.02 12.83
CA GLN CA 199 -14.56 117.73 12.78
C GLN CA 199 -14.48 118.87 13.78
N THR CA 200 -15.58 119.19 14.46
CA THR CA 200 -15.59 120.20 15.50
C THR CA 200 -16.87 120.06 16.30
N LEU CA 201 -16.74 120.08 17.62
CA LEU CA 201 -17.89 119.99 18.50
C LEU CA 201 -18.64 121.32 18.55
N MET CA 202 -19.63 121.39 19.44
CA MET CA 202 -20.40 122.61 19.62
C MET CA 202 -20.26 123.22 21.02
N GLY CA 203 -20.06 122.41 22.04
CA GLY CA 203 -20.02 122.88 23.41
C GLY CA 203 -20.65 121.87 24.34
N GLY CA 204 -21.42 120.96 23.77
CA GLY CA 204 -22.03 119.90 24.55
C GLY CA 204 -21.12 118.68 24.62
N GLY CA 205 -21.09 118.06 25.80
CA GLY CA 205 -20.23 116.92 26.05
C GLY CA 205 -20.87 115.57 25.77
N ARG CA 206 -21.04 115.24 24.50
CA ARG CA 206 -21.57 113.94 24.10
C ARG CA 206 -20.72 113.33 23.01
N MET CA 207 -19.40 113.37 23.17
CA MET CA 207 -18.48 112.77 22.22
C MET CA 207 -17.60 111.77 22.93
N THR CA 208 -17.56 110.54 22.43
CA THR CA 208 -16.70 109.50 22.97
C THR CA 208 -15.53 109.27 22.05
N VAL CA 209 -14.57 108.48 22.53
CA VAL CA 209 -13.31 108.27 21.81
C VAL CA 209 -12.72 106.95 22.29
N THR CA 210 -12.12 106.20 21.37
CA THR CA 210 -11.55 104.90 21.66
C THR CA 210 -10.04 104.95 21.50
N VAL CA 211 -9.33 104.41 22.49
CA VAL CA 211 -7.88 104.45 22.55
C VAL CA 211 -7.36 103.03 22.68
N ILE CA 212 -6.39 102.66 21.86
CA ILE CA 212 -5.83 101.32 21.91
C ILE CA 212 -4.41 101.37 22.43
N ARG CA 213 -4.26 101.20 23.74
CA ARG CA 213 -2.95 101.24 24.38
C ARG CA 213 -2.24 99.91 24.19
N GLY CA 214 -1.16 99.69 24.94
CA GLY CA 214 -0.43 98.45 24.88
C GLY CA 214 -0.14 97.90 26.27
N ASN CA 215 0.56 96.77 26.29
CA ASN CA 215 0.95 96.09 27.53
C ASN CA 215 -0.27 95.73 28.38
N GLY CA 216 -1.35 95.33 27.72
CA GLY CA 216 -2.56 94.94 28.42
C GLY CA 216 -2.59 93.46 28.72
N ALA DA 1 -9.28 96.22 46.25
CA ALA DA 1 -9.04 97.64 46.50
C ALA DA 1 -7.60 97.86 46.94
N GLN DA 2 -7.34 97.60 48.22
CA GLN DA 2 -6.02 97.83 48.79
C GLN DA 2 -4.97 97.03 48.04
N SER DA 3 -3.87 97.70 47.68
CA SER DA 3 -2.81 97.05 46.93
C SER DA 3 -2.04 96.09 47.84
N PRO DA 4 -1.45 95.04 47.27
CA PRO DA 4 -0.60 94.16 48.08
C PRO DA 4 0.62 94.90 48.58
N ALA DA 5 1.07 94.52 49.77
CA ALA DA 5 2.30 95.09 50.31
C ALA DA 5 3.48 94.52 49.55
N THR DA 6 4.17 95.36 48.78
CA THR DA 6 5.27 94.93 47.93
C THR DA 6 6.60 95.29 48.59
N ILE DA 7 7.51 94.32 48.62
CA ILE DA 7 8.81 94.49 49.27
C ILE DA 7 9.89 93.92 48.37
N SER DA 8 11.12 94.36 48.61
CA SER DA 8 12.28 93.94 47.82
C SER DA 8 13.31 93.29 48.73
N LEU DA 9 13.81 92.14 48.30
CA LEU DA 9 14.81 91.37 49.04
C LEU DA 9 15.98 91.01 48.14
N PRO DA 10 17.17 90.91 48.71
CA PRO DA 10 18.30 90.33 47.95
C PRO DA 10 18.16 88.83 47.84
N GLN DA 11 19.17 88.16 47.29
CA GLN DA 11 19.14 86.70 47.22
C GLN DA 11 19.37 86.12 48.62
N GLY DA 12 18.47 85.26 49.07
CA GLY DA 12 18.58 84.68 50.40
C GLY DA 12 18.22 85.62 51.52
N GLY DA 13 17.40 86.62 51.25
CA GLY DA 13 17.06 87.60 52.26
C GLY DA 13 15.99 87.10 53.22
N GLN DA 14 15.70 87.97 54.17
CA GLN DA 14 14.75 87.75 55.25
C GLN DA 14 13.75 88.91 55.17
N PHE DA 15 12.81 88.98 56.09
CA PHE DA 15 12.01 90.20 56.27
C PHE DA 15 11.15 90.12 57.51
N ARG DA 16 11.09 91.22 58.25
CA ARG DA 16 10.23 91.36 59.41
C ARG DA 16 8.85 91.79 58.95
N LEU DA 17 7.91 90.85 58.90
CA LEU DA 17 6.54 91.12 58.51
C LEU DA 17 5.61 90.63 59.60
N SER DA 18 4.31 90.73 59.35
CA SER DA 18 3.31 90.26 60.30
C SER DA 18 2.25 89.44 59.58
N ILE DA 19 1.84 88.33 60.19
CA ILE DA 19 0.78 87.49 59.68
C ILE DA 19 -0.29 87.35 60.76
N SER DA 20 -1.41 86.77 60.37
CA SER DA 20 -2.55 86.55 61.25
C SER DA 20 -2.81 85.05 61.39
N ASN DA 21 -3.08 84.63 62.62
CA ASN DA 21 -3.22 83.21 62.91
C ASN DA 21 -4.46 82.62 62.24
N THR DA 22 -5.62 83.25 62.42
CA THR DA 22 -6.79 82.88 61.65
C THR DA 22 -6.65 83.43 60.24
N ASP DA 23 -7.70 83.27 59.41
CA ASP DA 23 -7.79 84.07 58.19
C ASP DA 23 -6.61 83.82 57.27
N PRO DA 24 -6.59 82.73 56.52
CA PRO DA 24 -5.34 82.25 55.90
C PRO DA 24 -4.59 83.33 55.14
N ASN DA 25 -3.28 83.32 55.30
CA ASN DA 25 -2.40 84.33 54.75
C ASN DA 25 -1.76 83.79 53.48
N MET DA 26 -1.45 84.67 52.54
CA MET DA 26 -0.87 84.25 51.27
C MET DA 26 0.43 85.00 51.01
N ILE DA 27 1.39 84.28 50.43
CA ILE DA 27 2.64 84.87 49.93
C ILE DA 27 2.84 84.35 48.51
N PHE DA 28 3.13 85.25 47.59
CA PHE DA 28 3.35 84.83 46.21
C PHE DA 28 4.43 85.69 45.57
N ILE DA 29 5.24 85.07 44.74
CA ILE DA 29 6.30 85.74 43.98
C ILE DA 29 5.79 85.95 42.56
N PRO DA 30 5.68 87.19 42.07
CA PRO DA 30 5.13 87.41 40.73
C PRO DA 30 6.13 86.95 39.67
N GLY DA 31 5.70 86.03 38.83
CA GLY DA 31 6.52 85.49 37.76
C GLY DA 31 7.10 84.12 38.04
N ASP DA 32 6.98 83.61 39.25
CA ASP DA 32 7.56 82.33 39.63
C ASP DA 32 6.50 81.39 40.19
N LYS DA 33 6.94 80.17 40.48
CA LYS DA 33 6.11 79.17 41.14
C LYS DA 33 6.84 78.67 42.38
N VAL DA 34 6.24 78.87 43.55
CA VAL DA 34 6.84 78.40 44.79
C VAL DA 34 6.89 76.88 44.78
N THR DA 35 8.05 76.32 45.11
CA THR DA 35 8.24 74.88 45.05
C THR DA 35 8.26 74.22 46.43
N ALA DA 36 8.86 74.86 47.42
CA ALA DA 36 9.01 74.24 48.73
C ALA DA 36 8.66 75.26 49.82
N ILE DA 37 8.77 74.82 51.06
CA ILE DA 37 8.53 75.67 52.22
C ILE DA 37 9.14 74.98 53.42
N THR DA 38 9.40 75.75 54.48
CA THR DA 38 9.91 75.19 55.73
C THR DA 38 9.57 76.16 56.84
N ALA DA 39 8.60 75.82 57.67
CA ALA DA 39 8.06 76.76 58.66
C ALA DA 39 8.11 76.13 60.04
N PRO DA 40 9.27 76.14 60.68
CA PRO DA 40 9.36 75.59 62.03
C PRO DA 40 9.22 76.67 63.08
N GLY DA 41 9.06 76.24 64.32
CA GLY DA 41 8.82 77.16 65.40
C GLY DA 41 7.34 77.41 65.65
N GLY DA 42 6.59 77.61 64.58
CA GLY DA 42 5.17 77.88 64.70
C GLY DA 42 4.31 76.65 64.48
N MET DA 43 4.81 75.70 63.69
CA MET DA 43 4.10 74.47 63.38
C MET DA 43 2.71 74.76 62.82
N LEU DA 44 2.69 75.56 61.75
CA LEU DA 44 1.43 75.98 61.16
C LEU DA 44 0.80 74.81 60.40
N ALA DA 45 -0.50 74.92 60.16
CA ALA DA 45 -1.31 73.77 59.74
C ALA DA 45 -1.49 73.66 58.24
N ASP DA 46 -2.09 74.66 57.60
CA ASP DA 46 -2.45 74.53 56.20
C ASP DA 46 -1.27 74.92 55.31
N LYS DA 47 -1.05 74.14 54.25
CA LYS DA 47 -0.01 74.42 53.26
C LYS DA 47 -0.58 73.99 51.90
N ARG DA 48 -1.08 74.95 51.14
CA ARG DA 48 -1.68 74.65 49.85
C ARG DA 48 -1.06 75.52 48.78
N LEU DA 49 -0.98 74.99 47.56
CA LEU DA 49 -0.47 75.71 46.41
C LEU DA 49 -1.64 76.21 45.57
N THR DA 50 -1.66 77.52 45.32
CA THR DA 50 -2.73 78.11 44.53
C THR DA 50 -2.43 77.89 43.05
N THR DA 51 -3.20 78.55 42.19
CA THR DA 51 -3.00 78.42 40.75
C THR DA 51 -2.06 79.49 40.19
N ALA DA 52 -1.98 80.65 40.83
CA ALA DA 52 -1.04 81.67 40.38
C ALA DA 52 0.40 81.18 40.51
N GLY DA 53 0.70 80.46 41.59
CA GLY DA 53 2.04 79.97 41.83
C GLY DA 53 2.45 80.13 43.27
N GLY DA 54 1.80 81.06 43.97
CA GLY DA 54 2.13 81.33 45.34
C GLY DA 54 1.67 80.21 46.26
N VAL DA 55 2.00 80.38 47.55
CA VAL DA 55 1.64 79.42 48.58
C VAL DA 55 0.94 80.15 49.71
N LEU DA 56 -0.11 79.56 50.25
CA LEU DA 56 -0.88 80.15 51.32
C LEU DA 56 -0.99 79.17 52.48
N PHE DA 57 -1.11 79.72 53.69
CA PHE DA 57 -0.90 78.97 54.90
C PHE DA 57 -1.80 79.51 55.99
N THR DA 58 -1.76 78.87 57.16
CA THR DA 58 -2.61 79.29 58.27
C THR DA 58 -1.88 78.93 59.56
N SER DA 59 -1.27 79.93 60.19
CA SER DA 59 -0.55 79.67 61.43
C SER DA 59 -1.53 79.45 62.58
N VAL DA 60 -1.02 78.87 63.66
CA VAL DA 60 -1.84 78.65 64.86
C VAL DA 60 -1.07 79.08 66.10
N ALA DA 61 0.23 79.28 65.96
CA ALA DA 61 1.11 79.52 67.10
C ALA DA 61 0.86 80.92 67.66
N THR DA 62 1.68 81.33 68.64
CA THR DA 62 1.48 82.58 69.34
C THR DA 62 2.75 83.39 69.53
N ARG DA 63 3.86 83.00 68.90
CA ARG DA 63 5.12 83.70 69.08
C ARG DA 63 5.80 83.91 67.73
N THR DA 64 6.91 84.63 67.75
CA THR DA 64 7.63 85.00 66.54
C THR DA 64 8.61 83.91 66.13
N PHE DA 65 8.55 83.52 64.87
CA PHE DA 65 9.37 82.43 64.36
C PHE DA 65 9.89 82.81 62.98
N THR DA 66 10.40 81.82 62.25
CA THR DA 66 10.98 82.04 60.94
C THR DA 66 10.41 81.03 59.95
N ILE DA 67 10.07 81.50 58.75
CA ILE DA 67 9.52 80.66 57.69
C ILE DA 67 10.36 80.86 56.44
N PHE DA 68 10.88 79.78 55.89
CA PHE DA 68 11.64 79.83 54.65
C PHE DA 68 10.73 79.54 53.47
N VAL DA 69 11.18 79.94 52.29
CA VAL DA 69 10.43 79.73 51.06
C VAL DA 69 11.41 79.66 49.91
N GLU DA 70 11.15 78.74 48.97
CA GLU DA 70 12.02 78.53 47.84
C GLU DA 70 11.25 78.84 46.56
N THR DA 71 11.94 78.74 45.44
CA THR DA 71 11.39 79.11 44.15
C THR DA 71 11.78 78.05 43.13
N ALA DA 72 11.00 77.97 42.06
CA ALA DA 72 11.30 77.00 41.01
C ALA DA 72 12.64 77.30 40.35
N LEU DA 73 13.09 78.54 40.39
CA LEU DA 73 14.36 78.91 39.80
C LEU DA 73 15.50 79.04 40.81
N GLY DA 74 15.26 78.69 42.07
CA GLY DA 74 16.29 78.68 43.10
C GLY DA 74 16.28 79.89 44.00
N GLN DA 75 15.47 80.91 43.72
CA GLN DA 75 15.49 82.15 44.49
C GLN DA 75 14.85 81.91 45.85
N THR DA 76 15.66 81.40 46.78
CA THR DA 76 15.20 81.19 48.14
C THR DA 76 15.11 82.53 48.88
N PHE DA 77 14.34 82.52 49.98
CA PHE DA 77 14.10 83.72 50.76
C PHE DA 77 13.94 83.34 52.22
N SER DA 78 13.42 84.27 53.01
CA SER DA 78 13.09 84.01 54.41
C SER DA 78 12.17 85.11 54.88
N VAL DA 79 11.28 84.79 55.82
CA VAL DA 79 10.37 85.77 56.41
C VAL DA 79 10.24 85.45 57.89
N VAL DA 80 10.30 86.49 58.73
CA VAL DA 80 10.15 86.34 60.16
C VAL DA 80 8.72 86.76 60.50
N ALA DA 81 7.85 85.78 60.64
CA ALA DA 81 6.44 86.04 60.89
C ALA DA 81 6.21 86.49 62.33
N THR DA 82 5.01 86.97 62.59
CA THR DA 82 4.56 87.31 63.94
C THR DA 82 3.04 87.28 64.01
N PRO DA 83 2.46 86.21 64.54
CA PRO DA 83 0.99 86.10 64.55
C PRO DA 83 0.33 87.22 65.35
N VAL DA 84 -0.86 87.62 64.89
CA VAL DA 84 -1.65 88.68 65.49
C VAL DA 84 -3.10 88.24 65.60
N LYS DA 85 -3.99 89.17 65.95
CA LYS DA 85 -5.37 88.83 66.24
C LYS DA 85 -6.08 88.22 65.03
N GLY DA 86 -6.27 89.01 63.98
CA GLY DA 86 -7.05 88.52 62.85
C GLY DA 86 -6.86 89.34 61.60
N GLU DA 87 -7.79 89.14 60.65
CA GLU DA 87 -7.82 89.84 59.36
C GLU DA 87 -6.56 89.55 58.53
N GLY DA 88 -6.49 88.30 58.08
CA GLY DA 88 -5.32 87.84 57.35
C GLY DA 88 -5.04 88.68 56.11
N ARG DA 89 -3.76 88.71 55.73
CA ARG DA 89 -3.24 89.68 54.78
C ARG DA 89 -2.39 88.99 53.71
N VAL DA 90 -2.18 89.70 52.61
CA VAL DA 90 -1.45 89.19 51.45
C VAL DA 90 -0.24 90.08 51.20
N TYR DA 91 0.92 89.46 51.00
CA TYR DA 91 2.16 90.16 50.69
C TYR DA 91 2.65 89.76 49.30
N ARG DA 92 3.72 90.41 48.87
CA ARG DA 92 4.36 90.09 47.60
C ARG DA 92 5.86 90.04 47.79
N LEU DA 93 6.50 89.03 47.22
CA LEU DA 93 7.94 88.83 47.32
C LEU DA 93 8.56 88.94 45.94
N MET DA 94 9.54 89.83 45.79
CA MET DA 94 10.28 89.95 44.55
C MET DA 94 11.69 90.42 44.87
N SER DA 95 12.64 89.99 44.05
CA SER DA 95 14.03 90.40 44.17
C SER DA 95 14.29 91.61 43.28
N ALA DA 96 15.36 92.33 43.58
CA ALA DA 96 15.63 93.61 42.96
C ALA DA 96 16.50 93.50 41.71
N GLU DA 97 17.74 93.04 41.86
CA GLU DA 97 18.66 92.97 40.73
C GLU DA 97 18.49 91.74 39.84
N PRO DA 98 18.39 90.53 40.40
CA PRO DA 98 18.45 89.31 39.56
C PRO DA 98 17.43 89.28 38.43
N PRO DA 99 16.17 89.74 38.64
CA PRO DA 99 15.26 89.77 37.49
C PRO DA 99 15.63 90.86 36.50
N SER DA 100 16.23 90.47 35.37
CA SER DA 100 16.61 91.43 34.34
C SER DA 100 16.72 90.69 33.02
N ARG DA 101 15.71 90.86 32.17
CA ARG DA 101 15.72 90.29 30.81
C ARG DA 101 14.88 91.17 29.91
N PRO DA 102 15.42 92.32 29.49
CA PRO DA 102 14.64 93.24 28.66
C PRO DA 102 14.53 92.83 27.20
N GLU DA 103 14.89 91.60 26.85
CA GLU DA 103 14.77 91.13 25.48
C GLU DA 103 13.32 91.20 25.04
N THR DA 104 13.08 91.78 23.87
CA THR DA 104 11.74 91.91 23.33
C THR DA 104 11.67 91.24 21.97
N ARG DA 105 10.71 90.33 21.80
CA ARG DA 105 10.42 89.79 20.50
C ARG DA 105 9.82 90.88 19.63
N LYS DA 106 10.26 90.96 18.38
CA LYS DA 106 9.77 92.02 17.50
C LYS DA 106 8.46 91.57 16.88
N TRP DA 107 7.36 91.94 17.54
CA TRP DA 107 6.00 91.75 17.05
C TRP DA 107 5.72 92.86 16.04
N GLU DA 108 4.45 93.09 15.70
CA GLU DA 108 4.04 94.14 14.77
C GLU DA 108 4.53 93.92 13.35
N THR DA 109 4.09 92.83 12.73
CA THR DA 109 4.35 92.63 11.31
C THR DA 109 3.64 93.70 10.48
N ALA DA 110 3.94 93.73 9.19
CA ALA DA 110 3.41 94.73 8.29
C ALA DA 110 2.55 94.08 7.21
N GLN DA 111 2.04 94.91 6.30
CA GLN DA 111 1.15 94.44 5.25
C GLN DA 111 1.94 93.68 4.19
N ALA DA 112 1.20 92.93 3.37
CA ALA DA 112 1.82 92.19 2.28
C ALA DA 112 2.17 93.08 1.10
N TYR DA 113 1.47 94.20 0.92
CA TYR DA 113 1.73 95.11 -0.17
C TYR DA 113 2.89 96.06 0.12
N GLU DA 114 3.04 96.51 1.36
CA GLU DA 114 4.09 97.45 1.69
C GLU DA 114 5.46 96.78 1.78
N LYS DA 115 5.51 95.54 2.26
CA LYS DA 115 6.80 94.88 2.41
C LYS DA 115 7.48 94.68 1.07
N LEU DA 116 6.72 94.35 0.03
CA LEU DA 116 7.32 94.13 -1.28
C LEU DA 116 7.71 95.44 -1.97
N LEU DA 117 6.90 96.49 -1.80
CA LEU DA 117 7.34 97.80 -2.26
C LEU DA 117 8.66 98.19 -1.62
N ILE DA 118 8.77 98.03 -0.30
CA ILE DA 118 10.00 98.43 0.38
C ILE DA 118 11.16 97.53 -0.05
N SER DA 119 10.91 96.24 -0.27
CA SER DA 119 11.99 95.33 -0.66
C SER DA 119 12.53 95.67 -2.04
N LEU DA 120 11.66 95.74 -3.05
CA LEU DA 120 12.11 96.12 -4.38
C LEU DA 120 12.78 97.48 -4.37
N ASN DA 121 12.23 98.39 -3.57
CA ASN DA 121 12.68 99.76 -3.57
C ASN DA 121 14.01 99.89 -2.83
N ARG DA 122 14.29 98.99 -1.91
CA ARG DA 122 15.60 98.95 -1.28
C ARG DA 122 16.61 98.32 -2.21
N ALA DA 123 16.18 97.32 -2.99
CA ALA DA 123 17.08 96.69 -3.96
C ALA DA 123 17.36 97.57 -5.17
N VAL DA 124 16.58 98.63 -5.40
CA VAL DA 124 16.93 99.57 -6.45
C VAL DA 124 17.96 100.58 -5.97
N LEU DA 125 18.13 100.74 -4.66
CA LEU DA 125 19.09 101.70 -4.11
C LEU DA 125 20.44 101.05 -3.82
N THR DA 126 20.44 99.86 -3.20
CA THR DA 126 21.69 99.17 -2.93
C THR DA 126 22.41 98.82 -4.22
N GLY DA 127 21.67 98.33 -5.22
CA GLY DA 127 22.22 97.96 -6.51
C GLY DA 127 21.95 96.51 -6.88
N ASP DA 128 21.80 95.63 -5.89
CA ASP DA 128 21.56 94.22 -6.17
C ASP DA 128 20.17 94.04 -6.79
N ILE DA 129 20.13 93.64 -8.05
CA ILE DA 129 18.86 93.54 -8.76
C ILE DA 129 18.18 92.23 -8.38
N PRO DA 130 16.94 92.28 -7.91
CA PRO DA 130 16.26 91.04 -7.51
C PRO DA 130 16.01 90.14 -8.70
N ASP DA 131 15.95 88.85 -8.42
CA ASP DA 131 15.69 87.86 -9.46
C ASP DA 131 14.28 88.06 -10.01
N GLY DA 132 14.20 88.38 -11.31
CA GLY DA 132 12.91 88.54 -11.94
C GLY DA 132 12.68 89.94 -12.47
N TYR DA 133 13.75 90.72 -12.62
CA TYR DA 133 13.65 92.08 -13.11
C TYR DA 133 14.72 92.32 -14.16
N GLY DA 134 14.31 92.96 -15.26
CA GLY DA 134 15.23 93.22 -16.35
C GLY DA 134 15.64 94.66 -16.46
N GLU DA 135 15.54 95.21 -17.67
CA GLU DA 135 15.82 96.61 -17.90
C GLU DA 135 15.04 97.05 -19.13
N VAL DA 136 14.56 98.29 -19.12
CA VAL DA 136 13.66 98.79 -20.15
C VAL DA 136 14.05 100.22 -20.51
N LYS DA 137 13.40 100.72 -21.54
CA LYS DA 137 13.55 102.09 -21.97
C LYS DA 137 12.82 103.02 -21.00
N PRO DA 138 13.42 104.15 -20.63
CA PRO DA 138 12.76 105.07 -19.69
C PRO DA 138 11.48 105.64 -20.28
N LEU DA 139 10.36 105.38 -19.61
CA LEU DA 139 9.09 105.95 -20.01
C LEU DA 139 9.15 107.46 -19.98
N SER DA 140 8.62 108.10 -21.02
CA SER DA 140 8.69 109.55 -21.11
C SER DA 140 7.80 110.20 -20.07
N ASP DA 141 8.31 111.28 -19.47
CA ASP DA 141 7.58 112.23 -18.62
C ASP DA 141 6.46 111.61 -17.79
N GLY DA 142 6.77 110.51 -17.11
CA GLY DA 142 5.83 109.87 -16.20
C GLY DA 142 5.75 110.48 -14.82
N ILE DA 143 6.38 111.64 -14.59
CA ILE DA 143 6.33 112.32 -13.31
C ILE DA 143 6.12 113.81 -13.52
N ARG DA 144 5.32 114.42 -12.66
CA ARG DA 144 4.96 115.82 -12.77
C ARG DA 144 6.17 116.70 -12.47
N LEU DA 145 6.03 117.99 -12.80
CA LEU DA 145 7.07 118.98 -12.56
C LEU DA 145 6.48 120.13 -11.76
N PRO DA 146 7.01 120.44 -10.57
CA PRO DA 146 6.49 121.56 -9.76
C PRO DA 146 7.20 122.87 -10.04
N GLY DA 147 7.01 123.39 -11.26
CA GLY DA 147 7.58 124.68 -11.59
C GLY DA 147 8.90 124.60 -12.32
N GLY DA 148 9.82 125.49 -11.98
CA GLY DA 148 11.06 125.63 -12.73
C GLY DA 148 12.03 124.49 -12.52
N PHE DA 149 11.59 123.28 -12.83
CA PHE DA 149 12.42 122.09 -12.74
C PHE DA 149 12.59 121.49 -14.13
N SER DA 150 13.18 120.30 -14.17
CA SER DA 150 13.36 119.56 -15.41
C SER DA 150 13.42 118.08 -15.07
N VAL DA 151 13.32 117.26 -16.11
CA VAL DA 151 13.47 115.82 -15.97
C VAL DA 151 14.45 115.35 -17.04
N THR DA 152 15.32 114.42 -16.67
CA THR DA 152 16.34 113.87 -17.56
C THR DA 152 16.42 112.38 -17.30
N PRO DA 153 15.59 111.58 -17.98
CA PRO DA 153 15.52 110.15 -17.70
C PRO DA 153 16.90 109.49 -17.75
N LEU DA 154 17.06 108.45 -16.94
CA LEU DA 154 18.30 107.68 -16.91
C LEU DA 154 18.08 106.25 -17.41
N LYS DA 155 17.16 105.52 -16.79
CA LYS DA 155 16.98 104.09 -17.02
C LYS DA 155 15.74 103.66 -16.24
N ALA DA 156 15.49 102.35 -16.24
CA ALA DA 156 14.38 101.80 -15.47
C ALA DA 156 14.48 100.29 -15.38
N TRP DA 157 13.88 99.69 -14.36
CA TRP DA 157 13.72 98.25 -14.30
C TRP DA 157 12.28 97.88 -14.60
N ALA DA 158 12.02 96.58 -14.74
CA ALA DA 158 10.66 96.12 -14.96
C ALA DA 158 10.60 94.60 -14.81
N GLY DA 159 9.38 94.11 -14.65
CA GLY DA 159 9.11 92.69 -14.72
C GLY DA 159 8.20 92.12 -13.65
N ASP DA 160 7.09 91.55 -14.11
CA ASP DA 160 6.14 90.73 -13.38
C ASP DA 160 5.30 91.50 -12.36
N GLN DA 161 5.73 92.73 -12.04
CA GLN DA 161 4.97 93.79 -11.39
C GLN DA 161 5.94 94.93 -11.12
N LEU DA 162 5.39 96.11 -10.82
CA LEU DA 162 6.17 97.21 -10.28
C LEU DA 162 7.32 97.61 -11.22
N ARG DA 163 6.95 98.17 -12.36
CA ARG DA 163 7.94 98.69 -13.29
C ARG DA 163 8.58 99.93 -12.66
N ALA DA 164 9.75 99.75 -12.04
CA ALA DA 164 10.41 100.85 -11.33
C ALA DA 164 11.16 101.74 -12.31
N ASP DA 165 11.42 102.98 -11.88
CA ASP DA 165 12.08 103.98 -12.71
C ASP DA 165 13.21 104.64 -11.93
N ARG DA 166 13.87 105.60 -12.58
CA ARG DA 166 14.81 106.49 -11.91
C ARG DA 166 14.92 107.76 -12.74
N TYR DA 167 14.37 108.86 -12.22
CA TYR DA 167 14.43 110.15 -12.90
C TYR DA 167 15.42 111.07 -12.18
N GLU DA 168 15.46 112.32 -12.62
CA GLU DA 168 16.50 113.25 -12.20
C GLU DA 168 15.90 114.64 -11.98
N LEU DA 169 16.34 115.31 -10.92
CA LEU DA 169 15.83 116.62 -10.54
C LEU DA 169 16.87 117.68 -10.78
N ARG DA 170 16.42 118.88 -11.13
CA ARG DA 170 17.34 119.98 -11.46
C ARG DA 170 16.66 121.30 -11.12
N ASN DA 171 17.17 122.00 -10.12
CA ASN DA 171 16.63 123.33 -9.79
C ASN DA 171 17.09 124.33 -10.85
N ALA DA 172 16.19 124.68 -11.76
CA ALA DA 172 16.50 125.63 -12.81
C ALA DA 172 16.32 127.07 -12.37
N ASN DA 173 15.85 127.30 -11.16
CA ASN DA 173 15.67 128.63 -10.61
C ASN DA 173 16.94 129.03 -9.86
N THR DA 174 16.85 130.11 -9.08
CA THR DA 174 18.05 130.66 -8.44
C THR DA 174 18.10 130.50 -6.93
N TRP DA 175 16.96 130.49 -6.24
CA TRP DA 175 16.94 130.47 -4.79
C TRP DA 175 16.53 129.09 -4.28
N GLY DA 176 16.35 129.00 -2.96
CA GLY DA 176 15.99 127.76 -2.30
C GLY DA 176 14.55 127.74 -1.83
N VAL DA 177 13.92 126.57 -1.90
CA VAL DA 177 12.52 126.40 -1.52
C VAL DA 177 12.40 125.17 -0.62
N ALA DA 178 11.19 124.79 -0.28
CA ALA DA 178 10.92 123.58 0.49
C ALA DA 178 10.46 122.46 -0.43
N LEU DA 179 10.35 121.26 0.14
CA LEU DA 179 9.98 120.08 -0.62
C LEU DA 179 8.92 119.28 0.13
N ARG DA 180 7.83 118.95 -0.55
CA ARG DA 180 6.84 117.98 -0.09
C ARG DA 180 6.58 117.02 -1.24
N GLU DA 181 6.90 115.75 -1.04
CA GLU DA 181 6.98 114.77 -2.13
C GLU DA 181 5.63 114.28 -2.63
N GLN DA 182 4.54 114.96 -2.26
CA GLN DA 182 3.22 114.69 -2.83
C GLN DA 182 2.97 115.51 -4.09
N ASP DA 183 3.95 116.28 -4.55
CA ASP DA 183 3.79 117.10 -5.75
C ASP DA 183 4.20 116.39 -7.03
N PHE DA 184 5.04 115.36 -6.93
CA PHE DA 184 5.49 114.63 -8.11
C PHE DA 184 4.51 113.56 -8.53
N TRP DA 185 3.47 113.32 -7.75
CA TRP DA 185 2.64 112.15 -7.95
C TRP DA 185 1.87 112.24 -9.26
N LYS DA 186 1.82 111.13 -9.98
CA LYS DA 186 1.13 110.99 -11.25
C LYS DA 186 0.11 109.87 -11.15
N PRO DA 187 -0.85 109.81 -12.07
CA PRO DA 187 -1.89 108.77 -11.99
C PRO DA 187 -1.37 107.38 -12.31
N GLY DA 188 -0.87 106.70 -11.28
CA GLY DA 188 -0.38 105.34 -11.43
C GLY DA 188 0.81 105.06 -10.54
N VAL DA 189 1.36 106.13 -9.95
CA VAL DA 189 2.54 106.00 -9.11
C VAL DA 189 2.22 105.22 -7.86
N ARG DA 190 3.13 104.33 -7.48
CA ARG DA 190 2.97 103.55 -6.24
C ARG DA 190 3.81 104.08 -5.09
N ALA DA 191 4.98 104.68 -5.37
CA ALA DA 191 5.88 105.15 -4.33
C ALA DA 191 6.96 106.02 -4.96
N VAL DA 192 7.44 106.98 -4.17
CA VAL DA 192 8.45 107.94 -4.58
C VAL DA 192 9.41 108.14 -3.42
N MET DA 193 10.72 108.08 -3.71
CA MET DA 193 11.76 108.20 -2.66
C MET DA 193 12.79 109.27 -3.02
N PHE DA 194 13.14 110.16 -2.09
CA PHE DA 194 14.21 111.10 -2.35
C PHE DA 194 15.48 110.48 -1.81
N ASP DA 195 16.49 110.33 -2.66
CA ASP DA 195 17.71 109.62 -2.27
C ASP DA 195 18.63 110.51 -1.44
N ASN DA 196 19.09 111.61 -2.02
CA ASN DA 196 19.86 112.59 -1.27
C ASN DA 196 18.93 113.31 -0.31
N ASN DA 197 18.95 112.90 0.96
CA ASN DA 197 17.94 113.32 1.92
C ASN DA 197 18.10 114.81 2.20
N ALA DA 198 17.27 115.62 1.55
CA ALA DA 198 17.28 117.06 1.72
C ALA DA 198 15.86 117.58 1.72
N GLN DA 199 15.57 118.51 2.64
CA GLN DA 199 14.26 119.13 2.73
C GLN DA 199 14.25 120.57 2.23
N THR DA 200 15.28 120.99 1.51
CA THR DA 200 15.36 122.34 0.98
C THR DA 200 16.20 122.31 -0.29
N LEU DA 201 15.89 123.24 -1.19
CA LEU DA 201 16.52 123.30 -2.50
C LEU DA 201 17.73 124.23 -2.48
N MET DA 202 18.65 123.99 -3.41
CA MET DA 202 19.92 124.71 -3.44
C MET DA 202 20.29 125.30 -4.80
N GLY DA 203 19.87 124.69 -5.92
CA GLY DA 203 20.21 125.16 -7.25
C GLY DA 203 20.95 124.13 -8.08
N GLY DA 204 21.56 123.15 -7.43
CA GLY DA 204 22.29 122.10 -8.12
C GLY DA 204 21.51 120.80 -8.12
N GLY DA 205 21.25 120.29 -9.32
CA GLY DA 205 20.49 119.07 -9.45
C GLY DA 205 21.34 117.83 -9.64
N ARG DA 206 21.56 117.09 -8.56
CA ARG DA 206 22.31 115.86 -8.61
C ARG DA 206 21.62 114.75 -7.82
N MET DA 207 20.34 114.91 -7.51
CA MET DA 207 19.58 113.92 -6.76
C MET DA 207 18.59 113.22 -7.69
N THR DA 208 18.34 111.95 -7.41
CA THR DA 208 17.42 111.16 -8.20
C THR DA 208 16.24 110.72 -7.34
N VAL DA 209 15.20 110.22 -8.02
CA VAL DA 209 14.02 109.66 -7.38
C VAL DA 209 13.72 108.33 -8.03
N THR DA 210 13.03 107.47 -7.28
CA THR DA 210 12.65 106.15 -7.79
C THR DA 210 11.13 106.09 -7.75
N VAL DA 211 10.51 106.18 -8.93
CA VAL DA 211 9.07 106.17 -9.05
C VAL DA 211 8.64 104.80 -9.55
N ILE DA 212 7.92 104.08 -8.71
CA ILE DA 212 7.43 102.76 -9.06
C ILE DA 212 6.08 102.90 -9.76
N ARG DA 213 5.75 101.93 -10.61
CA ARG DA 213 4.56 102.02 -11.43
C ARG DA 213 4.07 100.62 -11.77
N GLY DA 214 2.80 100.52 -12.13
CA GLY DA 214 2.24 99.25 -12.53
C GLY DA 214 2.59 98.90 -13.96
N ASN DA 215 2.09 97.74 -14.40
CA ASN DA 215 2.33 97.20 -15.73
C ASN DA 215 3.82 97.01 -15.99
N GLY DA 216 4.40 96.08 -15.24
CA GLY DA 216 5.81 95.76 -15.37
C GLY DA 216 6.06 94.28 -15.21
N ALA EA 69 33.55 81.93 3.96
CA ALA EA 69 34.69 81.53 4.77
C ALA EA 69 36.00 82.00 4.14
N THR EA 70 35.97 83.18 3.53
CA THR EA 70 37.14 83.75 2.89
C THR EA 70 37.90 84.64 3.87
N SER EA 71 38.83 85.43 3.35
CA SER EA 71 39.57 86.36 4.19
C SER EA 71 38.64 87.42 4.78
N ALA EA 72 38.93 87.83 6.00
CA ALA EA 72 38.15 88.86 6.66
C ALA EA 72 38.44 90.22 6.03
N VAL EA 73 37.54 91.17 6.28
CA VAL EA 73 37.65 92.48 5.64
C VAL EA 73 38.66 93.34 6.40
N GLU EA 74 39.20 94.34 5.71
CA GLU EA 74 40.19 95.25 6.27
C GLU EA 74 39.55 96.60 6.55
N VAL EA 75 40.20 97.35 7.42
CA VAL EA 75 39.81 98.70 7.75
C VAL EA 75 40.95 99.64 7.40
N PRO EA 76 40.86 100.35 6.27
CA PRO EA 76 41.97 101.23 5.88
C PRO EA 76 42.13 102.38 6.85
N SER EA 77 43.32 102.49 7.43
CA SER EA 77 43.62 103.57 8.33
C SER EA 77 43.72 104.89 7.55
N ALA EA 78 43.74 105.99 8.29
CA ALA EA 78 43.78 107.31 7.69
C ALA EA 78 45.18 107.61 7.19
N SER EA 79 45.45 108.88 6.92
CA SER EA 79 46.78 109.35 6.54
C SER EA 79 47.14 110.56 7.38
N ARG EA 80 48.44 110.68 7.65
CA ARG EA 80 48.95 111.78 8.46
C ARG EA 80 48.63 113.14 7.85
N THR EA 157 46.20 109.28 20.54
CA THR EA 157 45.69 107.92 20.43
C THR EA 157 44.18 107.89 20.69
N VAL EA 158 43.40 107.48 19.69
CA VAL EA 158 41.95 107.46 19.79
C VAL EA 158 41.46 106.05 19.46
N HIS EA 159 40.60 105.52 20.32
CA HIS EA 159 40.03 104.21 20.09
C HIS EA 159 38.97 104.27 19.00
N PRO EA 160 38.69 103.15 18.33
CA PRO EA 160 37.77 103.17 17.20
C PRO EA 160 36.34 103.50 17.62
N GLN EA 161 35.53 103.85 16.62
CA GLN EA 161 34.09 103.92 16.77
C GLN EA 161 33.46 103.59 15.43
N ARG EA 162 32.18 103.23 15.47
CA ARG EA 162 31.44 102.91 14.27
C ARG EA 162 31.08 104.18 13.50
N SER EA 163 30.57 104.00 12.29
CA SER EA 163 30.20 105.10 11.42
C SER EA 163 28.70 105.39 11.52
N ARG EA 164 28.34 106.64 11.28
CA ARG EA 164 26.95 107.05 11.41
C ARG EA 164 26.08 106.36 10.37
N ASP EA 165 24.81 106.18 10.71
CA ASP EA 165 23.88 105.50 9.83
C ASP EA 165 23.19 106.50 8.91
N GLN EA 166 22.60 105.97 7.84
CA GLN EA 166 21.80 106.74 6.90
C GLN EA 166 20.43 106.09 6.76
N ILE EA 167 19.44 106.92 6.47
CA ILE EA 167 18.04 106.50 6.48
C ILE EA 167 17.36 106.95 5.19
N ALA EA 168 16.48 106.10 4.67
CA ALA EA 168 15.71 106.39 3.48
C ALA EA 168 14.24 106.31 3.81
N THR EA 169 13.48 107.32 3.39
CA THR EA 169 12.04 107.37 3.64
C THR EA 169 11.28 107.20 2.32
N VAL EA 170 10.17 106.48 2.38
CA VAL EA 170 9.34 106.17 1.21
C VAL EA 170 7.95 106.71 1.48
N TRP EA 171 7.36 107.34 0.48
CA TRP EA 171 6.00 107.85 0.56
C TRP EA 171 5.09 106.90 -0.23
N ILE EA 172 4.20 106.21 0.47
CA ILE EA 172 3.30 105.26 -0.16
C ILE EA 172 2.01 105.96 -0.55
N ALA EA 173 1.64 105.80 -1.83
CA ALA EA 173 0.39 106.40 -2.30
C ALA EA 173 -0.80 105.66 -1.70
N PRO EA 174 -1.87 106.37 -1.33
CA PRO EA 174 -3.00 105.72 -0.66
C PRO EA 174 -3.58 104.61 -1.50
N TRP EA 175 -3.92 103.51 -0.86
CA TRP EA 175 -4.46 102.34 -1.52
C TRP EA 175 -5.71 101.86 -0.78
N VAL EA 176 -6.31 100.79 -1.30
CA VAL EA 176 -7.49 100.20 -0.70
C VAL EA 176 -7.23 98.72 -0.50
N ASP EA 177 -7.31 98.28 0.74
CA ASP EA 177 -7.00 96.90 1.09
C ASP EA 177 -7.96 95.96 0.38
N SER EA 178 -7.60 94.69 0.33
CA SER EA 178 -8.46 93.69 -0.30
C SER EA 178 -9.80 93.54 0.43
N ASP EA 179 -9.88 93.94 1.70
CA ASP EA 179 -11.12 93.85 2.47
C ASP EA 179 -11.79 95.21 2.60
N ASN EA 180 -11.64 96.07 1.59
CA ASN EA 180 -12.29 97.38 1.56
C ASN EA 180 -11.96 98.19 2.81
N ALA EA 181 -10.67 98.48 2.97
CA ALA EA 181 -10.19 99.29 4.09
C ALA EA 181 -9.22 100.32 3.54
N PHE EA 182 -9.69 101.55 3.38
CA PHE EA 182 -8.88 102.58 2.73
C PHE EA 182 -7.74 102.98 3.64
N HIS EA 183 -6.53 103.01 3.10
CA HIS EA 183 -5.32 103.29 3.86
C HIS EA 183 -4.71 104.62 3.45
N GLN EA 184 -4.15 105.32 4.43
CA GLN EA 184 -3.37 106.54 4.20
C GLN EA 184 -2.02 106.36 4.89
N PRO EA 185 -1.18 105.47 4.38
CA PRO EA 185 0.08 105.19 5.07
C PRO EA 185 1.01 106.39 5.06
N GLY EA 186 1.82 106.49 6.12
CA GLY EA 186 2.79 107.55 6.26
C GLY EA 186 4.11 107.20 5.62
N ARG EA 187 5.11 108.03 5.88
CA ARG EA 187 6.44 107.88 5.30
C ARG EA 187 7.20 106.85 6.11
N VAL EA 188 7.42 105.68 5.53
CA VAL EA 188 8.17 104.62 6.20
C VAL EA 188 9.67 104.82 5.96
N SER EA 189 10.44 104.77 7.04
CA SER EA 189 11.89 104.98 6.98
C SER EA 189 12.60 103.67 7.36
N PHE EA 190 13.51 103.23 6.51
CA PHE EA 190 14.20 101.96 6.72
C PHE EA 190 15.69 102.17 6.59
N VAL EA 191 16.46 101.33 7.29
CA VAL EA 191 17.91 101.37 7.23
C VAL EA 191 18.38 100.57 6.01
N VAL EA 192 19.37 101.11 5.31
CA VAL EA 192 19.81 100.53 4.05
C VAL EA 192 21.19 99.86 4.14
N SER EA 193 22.06 100.33 5.04
CA SER EA 193 23.38 99.73 5.18
C SER EA 193 23.82 99.80 6.63
N PRO EA 194 24.40 98.74 7.17
CA PRO EA 194 24.83 98.77 8.57
C PRO EA 194 26.10 99.55 8.74
N ALA EA 195 26.37 99.93 10.00
CA ALA EA 195 27.56 100.68 10.31
C ALA EA 195 28.81 99.82 10.15
N ASP EA 196 29.94 100.47 9.89
CA ASP EA 196 31.21 99.80 9.67
C ASP EA 196 32.31 100.43 10.51
N TRP EA 197 33.23 99.60 10.99
CA TRP EA 197 34.31 100.07 11.84
C TRP EA 197 35.22 101.03 11.10
N VAL EA 198 35.65 102.09 11.76
CA VAL EA 198 36.50 103.10 11.13
C VAL EA 198 37.40 103.73 12.18
N LEU EA 199 38.60 104.13 11.77
CA LEU EA 199 39.55 104.83 12.64
C LEU EA 199 39.44 106.32 12.44
N PRO EA 200 39.35 107.11 13.50
CA PRO EA 200 39.22 108.57 13.35
C PRO EA 200 40.56 109.20 13.02
N ALA EA 201 40.57 110.05 12.00
CA ALA EA 201 41.78 110.77 11.61
C ALA EA 201 41.97 111.98 12.54
N ARG EA 202 42.04 111.68 13.83
CA ARG EA 202 42.21 112.71 14.85
C ARG EA 202 43.67 113.15 14.86
N VAL EA 203 44.08 113.82 15.93
CA VAL EA 203 45.49 114.15 16.11
C VAL EA 203 46.17 113.00 16.82
N ASN EA 204 46.55 111.98 16.06
CA ASN EA 204 47.10 110.75 16.64
C ASN EA 204 48.61 110.84 16.79
N VAL FA 158 -39.61 110.60 -6.26
CA VAL FA 158 -40.50 109.46 -6.22
C VAL FA 158 -39.69 108.18 -6.37
N HIS FA 159 -38.47 108.31 -6.87
CA HIS FA 159 -37.59 107.17 -7.03
C HIS FA 159 -37.12 106.65 -5.67
N PRO FA 160 -36.82 105.35 -5.57
CA PRO FA 160 -36.33 104.80 -4.30
C PRO FA 160 -34.83 105.03 -4.15
N GLN FA 161 -34.46 105.92 -3.23
CA GLN FA 161 -33.08 106.32 -3.04
C GLN FA 161 -32.36 105.31 -2.14
N ARG FA 162 -31.15 105.66 -1.71
CA ARG FA 162 -30.35 104.85 -0.81
C ARG FA 162 -30.26 105.54 0.55
N SER FA 163 -29.43 104.96 1.42
CA SER FA 163 -29.04 105.56 2.68
C SER FA 163 -27.55 105.88 2.64
N ARG FA 164 -27.18 106.99 3.27
CA ARG FA 164 -25.79 107.41 3.29
C ARG FA 164 -24.97 106.51 4.20
N ASP FA 165 -23.73 106.24 3.79
CA ASP FA 165 -22.88 105.28 4.47
C ASP FA 165 -22.37 105.85 5.80
N GLN FA 166 -21.74 104.97 6.57
CA GLN FA 166 -21.12 105.33 7.84
C GLN FA 166 -19.70 104.79 7.86
N ILE FA 167 -18.74 105.65 8.20
CA ILE FA 167 -17.33 105.28 8.18
C ILE FA 167 -16.66 105.76 9.47
N ALA FA 168 -15.46 105.25 9.73
CA ALA FA 168 -14.66 105.71 10.87
C ALA FA 168 -13.20 105.60 10.47
N THR FA 169 -12.44 106.66 10.70
CA THR FA 169 -11.05 106.75 10.26
C THR FA 169 -10.14 106.63 11.47
N VAL FA 170 -9.32 105.60 11.49
CA VAL FA 170 -8.40 105.36 12.60
C VAL FA 170 -7.14 106.17 12.35
N TRP FA 171 -6.40 106.45 13.42
CA TRP FA 171 -5.14 107.18 13.37
C TRP FA 171 -4.07 106.30 14.00
N ILE FA 172 -3.15 105.81 13.17
CA ILE FA 172 -2.16 104.83 13.62
C ILE FA 172 -0.90 105.55 14.10
N ALA FA 173 -0.62 105.46 15.40
CA ALA FA 173 0.53 106.12 15.99
C ALA FA 173 1.83 105.49 15.50
N PRO FA 174 2.96 106.20 15.60
CA PRO FA 174 4.22 105.65 15.08
C PRO FA 174 4.56 104.30 15.69
N TRP FA 175 4.92 103.36 14.82
CA TRP FA 175 5.25 101.99 15.26
C TRP FA 175 6.45 101.49 14.48
N VAL FA 176 7.34 100.73 15.09
CA VAL FA 176 8.47 100.14 14.33
C VAL FA 176 8.00 98.80 13.83
N ASP FA 177 8.48 98.38 12.67
CA ASP FA 177 7.96 97.14 12.05
C ASP FA 177 8.63 95.93 12.69
N SER FA 178 8.39 94.75 12.13
CA SER FA 178 9.09 93.55 12.60
C SER FA 178 10.34 93.39 11.75
N ASP FA 179 10.47 94.19 10.70
CA ASP FA 179 11.69 94.17 9.84
C ASP FA 179 12.38 95.52 9.95
N ASN FA 180 12.34 96.14 11.13
CA ASN FA 180 12.97 97.45 11.38
C ASN FA 180 12.68 98.49 10.29
N ALA FA 181 11.52 99.14 10.35
CA ALA FA 181 11.21 100.24 9.42
C ALA FA 181 10.23 101.17 10.12
N PHE FA 182 10.67 102.31 10.64
CA PHE FA 182 9.79 103.21 11.42
C PHE FA 182 8.65 103.67 10.53
N HIS FA 183 7.40 103.25 10.78
CA HIS FA 183 6.23 103.76 10.02
C HIS FA 183 5.72 105.00 10.76
N GLN FA 184 5.57 106.13 10.06
CA GLN FA 184 5.20 107.41 10.73
C GLN FA 184 3.68 107.49 10.87
N PRO FA 185 3.08 108.46 11.60
CA PRO FA 185 1.63 108.46 11.83
C PRO FA 185 0.82 108.39 10.53
N GLY FA 186 -0.35 107.76 10.54
CA GLY FA 186 -1.10 107.61 9.28
C GLY FA 186 -2.58 107.36 9.51
N ARG FA 187 -3.39 107.06 8.49
CA ARG FA 187 -4.82 106.90 8.68
C ARG FA 187 -5.29 105.69 7.89
N VAL FA 188 -6.24 104.96 8.45
CA VAL FA 188 -6.91 103.87 7.76
C VAL FA 188 -8.40 104.01 7.99
N SER FA 189 -9.19 103.85 6.92
CA SER FA 189 -10.62 104.09 6.97
C SER FA 189 -11.36 102.82 6.57
N PHE FA 190 -12.57 102.65 7.13
CA PHE FA 190 -13.36 101.45 6.91
C PHE FA 190 -14.82 101.80 7.13
N VAL FA 191 -15.71 100.96 6.59
CA VAL FA 191 -17.15 101.17 6.68
C VAL FA 191 -17.73 100.24 7.73
N VAL FA 192 -18.72 100.74 8.47
CA VAL FA 192 -19.31 100.00 9.57
C VAL FA 192 -20.71 99.50 9.24
N SER FA 193 -21.56 100.35 8.66
CA SER FA 193 -22.95 100.01 8.39
C SER FA 193 -23.22 100.25 6.91
N PRO FA 194 -23.08 99.21 6.08
CA PRO FA 194 -23.22 99.40 4.64
C PRO FA 194 -24.61 99.88 4.27
N ALA FA 195 -24.69 100.64 3.18
CA ALA FA 195 -25.94 101.25 2.75
C ALA FA 195 -26.95 100.21 2.29
N ASP FA 196 -28.22 100.41 2.66
CA ASP FA 196 -29.35 99.58 2.25
C ASP FA 196 -30.54 100.48 1.93
N TRP FA 197 -31.49 99.94 1.16
CA TRP FA 197 -32.62 100.73 0.70
C TRP FA 197 -33.43 101.25 1.89
N VAL FA 198 -33.83 102.51 1.79
CA VAL FA 198 -34.67 103.13 2.80
C VAL FA 198 -36.11 102.67 2.57
N LEU FA 199 -36.76 102.18 3.61
CA LEU FA 199 -38.14 101.72 3.44
C LEU FA 199 -39.12 102.88 3.54
N PRO FA 200 -39.83 103.18 2.46
CA PRO FA 200 -40.71 104.37 2.47
C PRO FA 200 -41.84 104.24 3.47
N ALA FA 201 -42.24 105.39 4.02
CA ALA FA 201 -43.36 105.46 4.95
C ALA FA 201 -44.59 106.11 4.33
N ARG FA 202 -44.49 106.57 3.08
CA ARG FA 202 -45.60 107.18 2.37
C ARG FA 202 -45.73 106.51 1.01
N VAL FA 203 -46.95 106.07 0.68
CA VAL FA 203 -47.22 105.51 -0.64
C VAL FA 203 -48.50 106.10 -1.21
N PRO GA 1 11.40 66.97 69.06
CA PRO GA 1 11.62 68.22 69.80
C PRO GA 1 12.34 69.30 68.99
N GLY GA 2 12.69 69.00 67.75
CA GLY GA 2 13.32 70.01 66.92
C GLY GA 2 13.15 69.87 65.42
N MET GA 3 12.34 68.91 64.98
CA MET GA 3 12.24 68.62 63.55
C MET GA 3 11.46 69.73 62.82
N MET GA 4 11.58 69.73 61.49
CA MET GA 4 11.08 70.82 60.66
C MET GA 4 9.78 70.42 59.97
N ASP GA 5 9.24 71.36 59.20
CA ASP GA 5 7.99 71.19 58.45
C ASP GA 5 8.28 71.46 56.98
N SER GA 6 8.90 70.52 56.30
CA SER GA 6 9.39 70.72 54.94
C SER GA 6 8.43 70.09 53.96
N GLN GA 7 8.16 70.78 52.86
CA GLN GA 7 7.23 70.29 51.86
C GLN GA 7 7.70 70.73 50.48
N GLU GA 8 7.33 69.95 49.47
CA GLU GA 8 7.61 70.28 48.08
C GLU GA 8 6.34 70.17 47.27
N PHE GA 9 6.06 71.18 46.45
CA PHE GA 9 4.87 71.21 45.62
C PHE GA 9 5.26 70.81 44.20
N SER GA 10 4.62 69.76 43.68
CA SER GA 10 4.83 69.30 42.31
C SER GA 10 6.31 69.04 42.01
N ALA HA 1 17.01 90.09 54.74
CA ALA HA 1 16.32 91.35 54.91
C ALA HA 1 17.37 92.38 54.68
N GLN HA 2 18.33 92.38 55.60
CA GLN HA 2 19.65 92.92 55.34
C GLN HA 2 20.30 92.03 54.28
N SER HA 3 21.45 92.45 53.78
CA SER HA 3 22.20 91.55 52.91
C SER HA 3 22.60 90.31 53.71
N PRO HA 4 22.69 89.14 53.08
CA PRO HA 4 23.20 87.98 53.79
C PRO HA 4 24.60 88.25 54.33
N ALA HA 5 24.85 87.77 55.55
CA ALA HA 5 26.15 88.00 56.16
C ALA HA 5 27.20 87.23 55.39
N THR HA 6 28.24 87.93 54.93
CA THR HA 6 29.22 87.40 54.00
C THR HA 6 30.57 87.24 54.69
N ILE HA 7 31.29 86.16 54.36
CA ILE HA 7 32.51 85.77 55.05
C ILE HA 7 33.55 85.29 54.03
N SER HA 8 34.78 85.12 54.51
CA SER HA 8 35.90 84.82 53.62
C SER HA 8 36.18 83.32 53.51
N LEU HA 9 36.58 82.66 54.60
CA LEU HA 9 36.77 81.22 54.63
C LEU HA 9 37.64 80.65 53.51
N PRO HA 10 38.98 80.75 53.60
CA PRO HA 10 39.82 79.99 52.66
C PRO HA 10 39.56 78.49 52.75
N GLN HA 11 40.17 77.70 51.86
CA GLN HA 11 39.89 76.27 51.80
C GLN HA 11 40.23 75.63 53.14
N GLY HA 12 39.20 75.19 53.86
CA GLY HA 12 39.40 74.64 55.18
C GLY HA 12 39.59 75.66 56.27
N GLY HA 13 38.95 76.82 56.18
CA GLY HA 13 39.10 77.82 57.21
C GLY HA 13 38.12 77.64 58.37
N GLN HA 14 38.32 78.44 59.40
CA GLN HA 14 37.45 78.50 60.56
C GLN HA 14 36.85 79.90 60.66
N PHE HA 15 35.58 79.98 61.00
CA PHE HA 15 34.99 81.28 61.32
C PHE HA 15 34.07 81.16 62.52
N ARG HA 16 34.09 82.19 63.36
CA ARG HA 16 33.30 82.24 64.58
C ARG HA 16 32.01 82.99 64.31
N LEU HA 17 30.87 82.31 64.46
CA LEU HA 17 29.56 82.90 64.18
C LEU HA 17 28.60 82.47 65.29
N SER HA 18 27.32 82.76 65.11
CA SER HA 18 26.30 82.38 66.09
C SER HA 18 25.03 81.95 65.37
N ILE HA 19 24.38 80.91 65.90
CA ILE HA 19 23.15 80.37 65.36
C ILE HA 19 22.09 80.35 66.46
N SER HA 20 20.87 80.02 66.08
CA SER HA 20 19.72 80.06 66.98
C SER HA 20 19.17 78.66 67.19
N ASN HA 21 18.85 78.33 68.44
CA ASN HA 21 18.37 77.01 68.79
C ASN HA 21 16.89 76.79 68.44
N THR HA 22 16.11 77.85 68.32
CA THR HA 22 14.84 77.80 67.61
C THR HA 22 15.13 78.11 66.14
N ASP HA 23 14.08 78.37 65.35
CA ASP HA 23 14.25 79.15 64.13
C ASP HA 23 15.33 78.59 63.19
N PRO HA 24 15.05 77.56 62.41
CA PRO HA 24 16.12 76.86 61.70
C PRO HA 24 16.96 77.80 60.84
N ASN HA 25 18.25 77.53 60.78
CA ASN HA 25 19.19 78.42 60.11
C ASN HA 25 19.42 77.94 58.69
N MET HA 26 20.31 78.63 57.97
CA MET HA 26 20.68 78.20 56.63
C MET HA 26 22.08 78.70 56.32
N ILE HA 27 22.87 77.85 55.65
CA ILE HA 27 24.17 78.22 55.12
C ILE HA 27 24.18 77.77 53.66
N PHE HA 28 24.51 78.69 52.76
CA PHE HA 28 24.51 78.35 51.34
C PHE HA 28 25.73 78.95 50.66
N ILE HA 29 26.15 78.29 49.58
CA ILE HA 29 27.35 78.65 48.84
C ILE HA 29 26.93 79.08 47.43
N PRO HA 30 27.30 80.27 46.98
CA PRO HA 30 27.04 80.64 45.58
C PRO HA 30 28.07 80.01 44.65
N GLY HA 31 27.58 79.49 43.53
CA GLY HA 31 28.43 78.83 42.56
C GLY HA 31 28.58 77.34 42.74
N ASP HA 32 28.03 76.77 43.82
CA ASP HA 32 28.15 75.34 44.13
C ASP HA 32 26.87 74.87 44.80
N LYS HA 33 26.86 73.61 45.22
CA LYS HA 33 25.75 73.07 46.00
C LYS HA 33 26.30 72.13 47.07
N VAL HA 34 25.85 72.36 48.31
CA VAL HA 34 26.34 71.58 49.44
C VAL HA 34 25.77 70.16 49.38
N THR HA 35 26.65 69.17 49.50
CA THR HA 35 26.24 67.78 49.42
C THR HA 35 26.47 66.99 50.70
N ALA HA 36 27.14 67.58 51.69
CA ALA HA 36 27.38 66.86 52.94
C ALA HA 36 27.48 67.86 54.07
N ILE HA 37 27.17 67.40 55.28
CA ILE HA 37 27.41 68.17 56.49
C ILE HA 37 27.46 67.20 57.67
N THR HA 38 28.50 67.34 58.50
CA THR HA 38 28.68 66.47 59.66
C THR HA 38 29.14 67.35 60.81
N ALA HA 39 28.26 67.63 61.76
CA ALA HA 39 28.53 68.60 62.82
C ALA HA 39 28.29 67.96 64.18
N PRO HA 40 29.14 67.04 64.58
CA PRO HA 40 29.02 66.51 65.94
C PRO HA 40 29.58 67.49 66.95
N GLY HA 41 29.65 67.06 68.21
CA GLY HA 41 29.99 67.94 69.30
C GLY HA 41 28.80 68.52 70.01
N GLY HA 42 27.72 68.84 69.28
CA GLY HA 42 26.52 69.38 69.89
C GLY HA 42 25.26 68.66 69.49
N MET HA 43 25.36 67.73 68.53
CA MET HA 43 24.24 66.88 68.13
C MET HA 43 23.04 67.70 67.65
N LEU HA 44 23.23 68.36 66.52
CA LEU HA 44 22.15 69.13 65.92
C LEU HA 44 20.93 68.24 65.64
N ALA HA 45 19.75 68.87 65.60
CA ALA HA 45 18.50 68.12 65.50
C ALA HA 45 18.40 67.37 64.19
N ASP HA 46 18.43 68.09 63.07
CA ASP HA 46 18.29 67.45 61.77
C ASP HA 46 18.95 68.31 60.70
N LYS HA 47 19.17 67.69 59.54
CA LYS HA 47 19.70 68.36 58.37
C LYS HA 47 18.77 68.10 57.19
N ARG HA 48 18.73 69.06 56.27
CA ARG HA 48 17.85 68.95 55.11
C ARG HA 48 18.45 69.73 53.95
N LEU HA 49 18.82 69.03 52.89
CA LEU HA 49 19.49 69.64 51.75
C LEU HA 49 18.46 70.17 50.77
N THR HA 50 18.48 71.48 50.54
CA THR HA 50 17.50 72.12 49.68
C THR HA 50 17.82 71.82 48.22
N THR HA 51 17.07 72.45 47.31
CA THR HA 51 17.32 72.29 45.90
C THR HA 51 18.16 73.41 45.31
N ALA HA 52 18.18 74.59 45.94
CA ALA HA 52 19.04 75.66 45.48
C ALA HA 52 20.51 75.27 45.60
N GLY HA 53 20.88 74.60 46.69
CA GLY HA 53 22.25 74.24 46.94
C GLY HA 53 22.69 74.58 48.35
N GLY HA 54 21.73 74.92 49.21
CA GLY HA 54 22.00 75.18 50.60
C GLY HA 54 21.70 73.97 51.48
N VAL HA 55 21.93 74.15 52.77
CA VAL HA 55 21.65 73.12 53.76
C VAL HA 55 20.92 73.76 54.94
N LEU HA 56 19.84 73.11 55.39
CA LEU HA 56 19.05 73.60 56.50
C LEU HA 56 19.27 72.71 57.72
N PHE HA 57 19.33 73.33 58.89
CA PHE HA 57 19.64 72.62 60.11
C PHE HA 57 19.02 73.36 61.28
N THR HA 58 19.13 72.77 62.46
CA THR HA 58 18.74 73.45 63.68
C THR HA 58 19.33 72.73 64.87
N SER HA 59 19.86 73.49 65.81
CA SER HA 59 20.46 72.95 67.02
C SER HA 59 19.50 73.14 68.19
N VAL HA 60 19.68 72.30 69.21
CA VAL HA 60 18.98 72.48 70.49
C VAL HA 60 19.94 72.47 71.66
N ALA HA 61 21.24 72.32 71.44
CA ALA HA 61 22.20 72.32 72.52
C ALA HA 61 22.38 73.73 73.08
N THR HA 62 23.31 73.88 74.02
CA THR HA 62 23.55 75.17 74.65
C THR HA 62 25.03 75.49 74.77
N ARG HA 63 25.88 74.90 73.92
CA ARG HA 63 27.30 75.14 74.01
C ARG HA 63 27.90 75.21 72.61
N THR HA 64 29.12 75.74 72.56
CA THR HA 64 29.83 75.93 71.30
C THR HA 64 30.35 74.62 70.75
N PHE HA 65 30.19 74.41 69.46
CA PHE HA 65 30.67 73.21 68.80
C PHE HA 65 31.26 73.60 67.45
N THR HA 66 31.45 72.62 66.58
CA THR HA 66 31.97 72.88 65.24
C THR HA 66 31.09 72.19 64.22
N ILE HA 67 31.02 72.78 63.02
CA ILE HA 67 30.21 72.27 61.93
C ILE HA 67 31.09 72.20 60.70
N PHE HA 68 31.11 71.05 60.03
CA PHE HA 68 31.91 70.85 58.83
C PHE HA 68 30.98 70.76 57.63
N VAL HA 69 30.94 71.81 56.82
CA VAL HA 69 30.12 71.83 55.62
C VAL HA 69 31.01 71.50 54.43
N GLU HA 70 30.59 70.54 53.63
CA GLU HA 70 31.39 70.05 52.51
C GLU HA 70 30.61 70.19 51.22
N THR HA 71 31.30 70.57 50.17
CA THR HA 71 30.68 70.92 48.90
C THR HA 71 30.84 69.75 47.92
N ALA HA 72 30.42 69.96 46.68
CA ALA HA 72 30.51 68.93 45.65
C ALA HA 72 31.78 69.02 44.82
N LEU HA 73 32.39 70.20 44.70
CA LEU HA 73 33.60 70.40 43.91
C LEU HA 73 34.86 70.24 44.75
N GLY HA 74 34.84 69.40 45.77
CA GLY HA 74 36.00 69.24 46.62
C GLY HA 74 36.33 70.51 47.39
N GLN HA 75 35.33 71.11 48.01
CA GLN HA 75 35.51 72.25 48.90
C GLN HA 75 35.05 71.86 50.28
N THR HA 76 35.85 72.19 51.30
CA THR HA 76 35.53 71.87 52.67
C THR HA 76 35.81 73.06 53.55
N PHE HA 77 34.80 73.51 54.29
CA PHE HA 77 34.91 74.64 55.20
C PHE HA 77 34.61 74.17 56.62
N SER HA 78 34.69 75.09 57.56
CA SER HA 78 34.37 74.77 58.94
C SER HA 78 33.91 76.04 59.65
N VAL HA 79 32.78 75.97 60.34
CA VAL HA 79 32.23 77.10 61.06
C VAL HA 79 32.00 76.70 62.50
N VAL HA 80 32.37 77.56 63.42
CA VAL HA 80 32.24 77.31 64.85
C VAL HA 80 31.00 78.07 65.31
N ALA HA 81 29.89 77.36 65.47
CA ALA HA 81 28.62 77.98 65.81
C ALA HA 81 28.54 78.26 67.30
N THR HA 82 27.47 78.94 67.69
CA THR HA 82 27.16 79.17 69.09
C THR HA 82 25.67 79.43 69.26
N PRO HA 83 24.90 78.47 69.76
CA PRO HA 83 23.45 78.65 69.87
C PRO HA 83 23.08 79.84 70.74
N VAL HA 84 22.08 80.60 70.28
CA VAL HA 84 21.55 81.77 70.99
C VAL HA 84 20.03 81.72 70.95
N LYS HA 85 19.38 82.79 71.41
CA LYS HA 85 17.94 82.81 71.64
C LYS HA 85 17.08 82.56 70.40
N GLY HA 86 17.10 83.46 69.42
CA GLY HA 86 16.19 83.32 68.31
C GLY HA 86 16.53 84.16 67.09
N GLU HA 87 15.51 84.35 66.24
CA GLU HA 87 15.63 85.06 64.96
C GLU HA 87 16.64 84.39 64.03
N GLY HA 88 16.24 83.21 63.55
CA GLY HA 88 17.02 82.40 62.63
C GLY HA 88 17.74 83.19 61.55
N ARG HA 89 18.98 82.78 61.23
CA ARG HA 89 19.90 83.60 60.45
C ARG HA 89 20.31 82.87 59.17
N VAL HA 90 20.75 83.66 58.19
CA VAL HA 90 21.22 83.16 56.91
C VAL HA 90 22.59 83.75 56.64
N TYR HA 91 23.57 82.89 56.35
CA TYR HA 91 24.93 83.30 56.03
C TYR HA 91 25.28 82.88 54.60
N ARG HA 92 26.35 83.47 54.10
CA ARG HA 92 26.85 83.17 52.76
C ARG HA 92 28.33 82.81 52.84
N LEU HA 93 28.73 81.79 52.09
CA LEU HA 93 30.11 81.36 52.00
C LEU HA 93 30.69 81.81 50.66
N MET HA 94 31.96 82.20 50.67
CA MET HA 94 32.64 82.62 49.44
C MET HA 94 34.08 82.11 49.48
N SER HA 95 34.35 81.04 48.75
CA SER HA 95 35.69 80.46 48.76
C SER HA 95 36.69 81.47 48.22
N ALA HA 96 37.73 81.74 49.01
CA ALA HA 96 38.80 82.61 48.55
C ALA HA 96 39.76 81.91 47.59
N GLU HA 97 39.76 80.58 47.57
CA GLU HA 97 40.55 79.80 46.63
C GLU HA 97 39.61 79.10 45.67
N PRO HA 98 39.56 79.52 44.40
CA PRO HA 98 38.58 78.94 43.48
C PRO HA 98 38.84 77.46 43.28
N PRO HA 99 37.78 76.67 43.08
CA PRO HA 99 37.96 75.22 42.85
C PRO HA 99 38.30 74.90 41.41
N SER HA 100 38.32 73.62 41.06
CA SER HA 100 38.64 73.17 39.72
C SER HA 100 37.42 72.54 39.07
N ARG HA 101 37.08 73.02 37.87
CA ARG HA 101 35.90 72.56 37.13
C ARG HA 101 36.34 72.13 35.74
N PRO HA 102 36.65 70.85 35.54
CA PRO HA 102 37.14 70.39 34.23
C PRO HA 102 36.16 70.63 33.09
N GLU HA 103 34.86 70.70 33.38
CA GLU HA 103 33.91 71.09 32.33
C GLU HA 103 34.23 72.48 31.80
N THR HA 104 34.51 73.42 32.71
CA THR HA 104 34.94 74.74 32.28
C THR HA 104 36.29 74.69 31.59
N ARG HA 105 37.15 73.74 31.96
CA ARG HA 105 38.42 73.57 31.27
C ARG HA 105 38.20 73.27 29.80
N LYS HA 106 37.36 72.27 29.50
CA LYS HA 106 37.13 71.93 28.11
C LYS HA 106 36.34 73.01 27.38
N TRP HA 107 35.42 73.69 28.06
CA TRP HA 107 34.71 74.80 27.43
C TRP HA 107 35.66 75.92 27.05
N GLU HA 108 36.61 76.25 27.93
CA GLU HA 108 37.55 77.33 27.65
C GLU HA 108 38.52 76.97 26.55
N THR HA 109 39.09 75.75 26.62
CA THR HA 109 40.04 75.37 25.58
C THR HA 109 39.37 75.07 24.25
N ALA HA 110 38.05 74.91 24.24
CA ALA HA 110 37.36 74.63 22.98
C ALA HA 110 37.51 75.77 21.98
N GLN HA 111 37.39 77.01 22.45
CA GLN HA 111 37.36 78.16 21.57
C GLN HA 111 38.71 78.86 21.54
N ALA HA 112 38.78 79.99 20.84
CA ALA HA 112 40.03 80.71 20.67
C ALA HA 112 40.36 81.47 21.95
N TYR HA 113 41.33 82.38 21.89
CA TYR HA 113 41.72 83.16 23.06
C TYR HA 113 41.07 84.53 23.08
N GLU HA 114 41.23 85.31 22.02
CA GLU HA 114 40.69 86.66 22.02
C GLU HA 114 39.17 86.66 22.06
N LYS HA 115 38.53 85.76 21.32
CA LYS HA 115 37.07 85.67 21.42
C LYS HA 115 36.65 85.21 22.81
N LEU HA 116 37.50 84.45 23.51
CA LEU HA 116 37.17 84.06 24.87
C LEU HA 116 37.24 85.25 25.82
N LEU HA 117 38.26 86.08 25.67
CA LEU HA 117 38.33 87.30 26.46
C LEU HA 117 37.13 88.19 26.19
N ILE HA 118 36.70 88.27 24.93
CA ILE HA 118 35.52 89.07 24.59
C ILE HA 118 34.26 88.49 25.22
N SER HA 119 34.11 87.16 25.18
CA SER HA 119 32.96 86.52 25.81
C SER HA 119 32.89 86.85 27.30
N LEU HA 120 34.00 86.66 28.00
CA LEU HA 120 34.00 86.97 29.43
C LEU HA 120 33.75 88.45 29.67
N ASN HA 121 34.31 89.31 28.84
CA ASN HA 121 34.16 90.75 29.05
C ASN HA 121 32.71 91.18 28.90
N ARG HA 122 32.03 90.68 27.87
CA ARG HA 122 30.63 91.07 27.68
C ARG HA 122 29.74 90.42 28.74
N ALA HA 123 30.08 89.22 29.21
CA ALA HA 123 29.31 88.64 30.30
C ALA HA 123 29.48 89.44 31.58
N VAL HA 124 30.64 90.06 31.78
CA VAL HA 124 30.80 90.96 32.92
C VAL HA 124 29.98 92.22 32.73
N LEU HA 125 30.04 92.81 31.53
CA LEU HA 125 29.37 94.08 31.29
C LEU HA 125 27.86 93.96 31.41
N THR HA 126 27.27 93.01 30.68
CA THR HA 126 25.81 92.89 30.68
C THR HA 126 25.31 92.34 32.00
N GLY HA 127 25.77 91.16 32.38
CA GLY HA 127 25.38 90.58 33.66
C GLY HA 127 25.16 89.09 33.61
N ASP HA 128 24.93 88.55 32.41
CA ASP HA 128 24.67 87.12 32.26
C ASP HA 128 25.97 86.34 32.35
N ILE HA 129 26.31 85.91 33.56
CA ILE HA 129 27.52 85.10 33.75
C ILE HA 129 27.35 83.77 33.02
N PRO HA 130 28.36 83.27 32.32
CA PRO HA 130 28.23 81.98 31.64
C PRO HA 130 27.94 80.86 32.64
N ASP HA 131 27.53 79.73 32.10
CA ASP HA 131 27.30 78.54 32.93
C ASP HA 131 28.65 77.88 33.19
N GLY HA 132 28.93 77.60 34.45
CA GLY HA 132 30.20 77.02 34.86
C GLY HA 132 31.11 77.98 35.59
N TYR HA 133 30.79 79.27 35.65
CA TYR HA 133 31.61 80.24 36.34
C TYR HA 133 31.00 80.58 37.69
N GLY HA 134 31.79 80.44 38.74
CA GLY HA 134 31.33 80.64 40.08
C GLY HA 134 31.35 82.09 40.49
N GLU HA 135 31.42 82.30 41.80
CA GLU HA 135 31.54 83.63 42.37
C GLU HA 135 32.44 83.52 43.59
N VAL HA 136 33.64 84.07 43.49
CA VAL HA 136 34.65 83.92 44.52
C VAL HA 136 34.86 85.27 45.20
N LYS HA 137 35.66 85.25 46.24
CA LYS HA 137 35.95 86.48 46.97
C LYS HA 137 36.81 87.39 46.11
N PRO HA 138 36.47 88.67 45.96
CA PRO HA 138 37.29 89.58 45.16
C PRO HA 138 38.62 89.85 45.85
N LEU HA 139 39.71 89.59 45.11
CA LEU HA 139 41.05 89.75 45.66
C LEU HA 139 41.46 91.22 45.65
N SER HA 140 42.04 91.66 46.76
CA SER HA 140 42.60 93.00 46.81
C SER HA 140 43.90 93.06 46.01
N ASP HA 141 44.45 94.27 45.91
CA ASP HA 141 45.75 94.59 45.33
C ASP HA 141 46.14 93.66 44.18
N GLY HA 142 45.25 93.53 43.19
CA GLY HA 142 45.53 92.81 41.97
C GLY HA 142 45.89 93.69 40.78
N ILE HA 143 46.06 95.00 41.00
CA ILE HA 143 46.45 95.93 39.94
C ILE HA 143 47.40 96.96 40.53
N ARG HA 144 48.04 97.72 39.65
CA ARG HA 144 48.95 98.78 40.05
C ARG HA 144 48.18 100.03 40.47
N LEU HA 145 48.89 100.98 41.07
CA LEU HA 145 48.33 102.27 41.45
C LEU HA 145 49.24 103.38 40.95
N PRO HA 146 49.03 103.85 39.71
CA PRO HA 146 49.84 104.93 39.14
C PRO HA 146 49.33 106.31 39.55
N GLY HA 147 49.73 106.73 40.74
CA GLY HA 147 49.27 107.98 41.32
C GLY HA 147 48.43 107.73 42.56
N GLY HA 148 47.81 108.79 43.04
CA GLY HA 148 46.99 108.65 44.22
C GLY HA 148 45.58 108.24 43.87
N PHE HA 149 45.31 106.93 43.92
CA PHE HA 149 44.03 106.37 43.56
C PHE HA 149 43.55 105.48 44.69
N SER HA 150 42.24 105.28 44.77
CA SER HA 150 41.62 104.48 45.83
C SER HA 150 40.78 103.38 45.21
N VAL HA 151 41.31 102.18 45.21
CA VAL HA 151 40.62 101.02 44.64
C VAL HA 151 39.80 100.33 45.72
N THR HA 152 38.57 99.95 45.37
CA THR HA 152 37.70 99.18 46.27
C THR HA 152 37.09 98.06 45.45
N PRO HA 153 37.45 96.81 45.72
CA PRO HA 153 36.90 95.69 44.95
C PRO HA 153 35.40 95.53 45.17
N LEU HA 154 34.72 95.04 44.13
CA LEU HA 154 33.27 94.89 44.15
C LEU HA 154 32.83 93.43 44.08
N LYS HA 155 33.24 92.70 43.05
CA LYS HA 155 32.77 91.34 42.84
C LYS HA 155 33.74 90.62 41.91
N ALA HA 156 33.71 89.29 41.95
CA ALA HA 156 34.63 88.51 41.14
C ALA HA 156 33.97 87.21 40.72
N TRP HA 157 34.31 86.75 39.52
CA TRP HA 157 33.83 85.49 38.97
C TRP HA 157 35.03 84.68 38.52
N ALA HA 158 35.04 83.38 38.82
CA ALA HA 158 36.22 82.56 38.56
C ALA HA 158 35.85 81.10 38.38
N GLY HA 159 36.51 80.45 37.43
CA GLY HA 159 36.60 79.00 37.47
C GLY HA 159 37.63 78.39 36.54
N ASP HA 160 38.56 77.65 37.14
CA ASP HA 160 39.54 76.77 36.53
C ASP HA 160 40.55 77.47 35.62
N GLN HA 161 40.29 78.72 35.24
CA GLN HA 161 41.12 79.50 34.33
C GLN HA 161 40.50 80.88 34.20
N LEU HA 162 41.35 81.90 34.17
CA LEU HA 162 40.92 83.26 33.88
C LEU HA 162 39.85 83.73 34.86
N ARG HA 163 40.27 83.82 36.11
CA ARG HA 163 39.48 84.53 37.09
C ARG HA 163 39.33 85.98 36.64
N ALA HA 164 38.11 86.47 36.67
CA ALA HA 164 37.81 87.84 36.26
C ALA HA 164 37.35 88.65 37.46
N ASP HA 165 37.84 89.87 37.57
CA ASP HA 165 37.55 90.71 38.72
C ASP HA 165 36.79 91.96 38.27
N ARG HA 166 36.51 92.82 39.25
CA ARG HA 166 35.92 94.13 39.01
C ARG HA 166 36.39 95.07 40.10
N TYR HA 167 36.84 96.25 39.71
CA TYR HA 167 37.38 97.20 40.67
C TYR HA 167 36.69 98.55 40.54
N GLU HA 168 37.23 99.57 41.19
CA GLU HA 168 36.77 100.93 41.01
C GLU HA 168 37.96 101.86 41.17
N LEU HA 169 38.14 102.78 40.23
CA LEU HA 169 39.23 103.75 40.27
C LEU HA 169 38.68 105.12 40.63
N ARG HA 170 39.31 105.77 41.62
CA ARG HA 170 38.89 107.09 42.08
C ARG HA 170 40.08 108.02 42.09
N ASN HA 171 39.93 109.20 41.51
CA ASN HA 171 41.00 110.20 41.49
C ASN HA 171 40.97 110.97 42.81
N ALA HA 172 41.94 110.70 43.68
CA ALA HA 172 42.06 111.42 44.93
C ALA HA 172 42.79 112.74 44.77
N ASN HA 173 43.24 113.07 43.57
CA ASN HA 173 44.01 114.27 43.31
C ASN HA 173 43.06 115.43 43.05
N THR HA 174 43.58 116.55 42.52
CA THR HA 174 42.78 117.74 42.28
C THR HA 174 42.50 118.00 40.81
N TRP HA 175 43.39 117.59 39.90
CA TRP HA 175 43.25 117.88 38.48
C TRP HA 175 42.90 116.60 37.71
N GLY HA 176 42.88 116.70 36.39
CA GLY HA 176 42.53 115.59 35.53
C GLY HA 176 43.75 114.99 34.87
N VAL HA 177 43.87 113.66 35.00
CA VAL HA 177 45.08 112.95 34.59
C VAL HA 177 44.76 112.07 33.38
N ALA HA 178 45.77 111.43 32.82
CA ALA HA 178 45.60 110.53 31.69
C ALA HA 178 45.48 109.10 32.18
N LEU HA 179 44.48 108.39 31.69
CA LEU HA 179 44.21 107.00 32.08
C LEU HA 179 44.60 106.10 30.93
N ARG HA 180 45.85 105.67 30.92
CA ARG HA 180 46.35 104.76 29.90
C ARG HA 180 46.17 103.33 30.40
N GLU HA 181 45.61 102.46 29.55
CA GLU HA 181 45.16 101.16 29.99
C GLU HA 181 46.29 100.22 30.38
N GLN HA 182 47.53 100.54 30.01
CA GLN HA 182 48.67 99.69 30.33
C GLN HA 182 49.36 100.10 31.62
N ASP HA 183 48.90 101.15 32.30
CA ASP HA 183 49.43 101.46 33.62
C ASP HA 183 49.01 100.40 34.62
N PHE HA 184 47.77 99.96 34.55
CA PHE HA 184 47.23 98.98 35.51
C PHE HA 184 47.52 97.56 35.05
N TRP HA 185 48.81 97.27 34.91
CA TRP HA 185 49.24 95.94 34.49
C TRP HA 185 50.16 95.35 35.56
N LYS HA 186 50.10 94.04 35.70
CA LYS HA 186 50.90 93.28 36.64
C LYS HA 186 51.39 92.02 35.95
N PRO HA 187 52.31 91.30 36.55
CA PRO HA 187 52.70 90.01 36.00
C PRO HA 187 51.63 88.95 36.26
N GLY HA 188 50.65 88.85 35.38
CA GLY HA 188 49.58 87.89 35.53
C GLY HA 188 48.24 88.35 35.01
N VAL HA 189 48.11 89.64 34.75
CA VAL HA 189 46.90 90.20 34.16
C VAL HA 189 46.90 89.95 32.66
N ARG HA 190 45.76 89.52 32.13
CA ARG HA 190 45.65 89.19 30.71
C ARG HA 190 44.91 90.24 29.90
N ALA HA 191 44.07 91.07 30.53
CA ALA HA 191 43.32 92.08 29.78
C ALA HA 191 42.88 93.17 30.74
N VAL HA 192 42.57 94.33 30.17
CA VAL HA 192 42.06 95.48 30.93
C VAL HA 192 41.02 96.18 30.09
N MET HA 193 39.87 96.51 30.69
CA MET HA 193 38.83 97.29 30.04
C MET HA 193 38.40 98.45 30.93
N PHE HA 194 38.12 99.58 30.30
CA PHE HA 194 37.48 100.70 30.96
C PHE HA 194 36.01 100.69 30.60
N ASP HA 195 35.14 100.72 31.62
CA ASP HA 195 33.72 100.47 31.39
C ASP HA 195 33.07 101.61 30.61
N ASN HA 196 33.14 102.83 31.14
CA ASN HA 196 32.71 104.01 30.40
C ASN HA 196 33.90 104.54 29.59
N ASN HA 197 33.65 104.82 28.31
CA ASN HA 197 34.74 105.12 27.38
C ASN HA 197 35.16 106.58 27.54
N ALA HA 198 35.75 106.86 28.70
CA ALA HA 198 36.27 108.18 29.02
C ALA HA 198 37.78 108.16 28.90
N GLN HA 199 38.33 109.06 28.09
CA GLN HA 199 39.77 109.15 27.94
C GLN HA 199 40.42 109.97 29.05
N THR HA 200 39.62 110.61 29.90
CA THR HA 200 40.14 111.35 31.05
C THR HA 200 39.00 111.63 32.00
N LEU HA 201 39.23 111.37 33.28
CA LEU HA 201 38.23 111.63 34.32
C LEU HA 201 38.15 113.13 34.61
N MET HA 202 37.39 113.47 35.65
CA MET HA 202 37.25 114.86 36.09
C MET HA 202 37.76 115.11 37.50
N GLY HA 203 37.65 114.12 38.39
CA GLY HA 203 38.00 114.31 39.78
C GLY HA 203 37.06 113.52 40.68
N GLY HA 204 35.92 113.13 40.12
CA GLY HA 204 34.96 112.32 40.84
C GLY HA 204 35.25 110.84 40.64
N GLY HA 205 35.12 110.09 41.73
CA GLY HA 205 35.41 108.67 41.72
C GLY HA 205 34.22 107.79 41.39
N ARG HA 206 33.83 107.75 40.12
CA ARG HA 206 32.75 106.90 39.67
C ARG HA 206 33.15 106.17 38.39
N MET HA 207 34.36 105.64 38.34
CA MET HA 207 34.83 104.87 37.20
C MET HA 207 35.22 103.48 37.66
N THR HA 208 34.66 102.46 37.00
CA THR HA 208 34.99 101.08 37.28
C THR HA 208 35.87 100.51 36.18
N VAL HA 209 36.39 99.32 36.42
CA VAL HA 209 37.36 98.70 35.52
C VAL HA 209 37.31 97.20 35.74
N THR HA 210 37.47 96.43 34.66
CA THR HA 210 37.43 94.98 34.72
C THR HA 210 38.80 94.41 34.37
N VAL HA 211 39.27 93.48 35.18
CA VAL HA 211 40.59 92.87 35.04
C VAL HA 211 40.42 91.37 34.95
N ILE HA 212 41.05 90.76 33.96
CA ILE HA 212 40.95 89.32 33.77
C ILE HA 212 42.27 88.65 34.09
N ARG HA 213 42.44 88.22 35.33
CA ARG HA 213 43.67 87.59 35.78
C ARG HA 213 43.70 86.13 35.33
N GLY HA 214 44.63 85.36 35.89
CA GLY HA 214 44.74 83.94 35.57
C GLY HA 214 44.89 83.11 36.83
N ASN HA 215 45.02 81.80 36.61
CA ASN HA 215 45.17 80.82 37.69
C ASN HA 215 44.00 80.88 38.67
N GLY HA 216 42.81 81.10 38.13
CA GLY HA 216 41.62 81.17 38.97
C GLY HA 216 40.95 79.83 39.10
N ALA IA 1 37.61 82.29 57.57
CA ALA IA 1 38.50 83.35 58.01
C ALA IA 1 39.91 82.81 58.24
N GLN IA 2 40.13 82.25 59.43
CA GLN IA 2 41.46 81.80 59.81
C GLN IA 2 41.98 80.76 58.81
N SER IA 3 43.22 80.95 58.37
CA SER IA 3 43.82 80.03 57.42
C SER IA 3 44.14 78.70 58.10
N PRO IA 4 44.15 77.61 57.35
CA PRO IA 4 44.58 76.33 57.92
C PRO IA 4 46.05 76.39 58.30
N ALA IA 5 46.40 75.66 59.35
CA ALA IA 5 47.79 75.56 59.76
C ALA IA 5 48.53 74.69 58.76
N THR IA 6 49.47 75.27 58.02
CA THR IA 6 50.20 74.57 56.98
C THR IA 6 51.60 74.20 57.47
N ILE IA 7 51.99 72.96 57.25
CA ILE IA 7 53.26 72.42 57.71
C ILE IA 7 53.91 71.61 56.61
N SER IA 8 55.22 71.43 56.71
CA SER IA 8 56.00 70.70 55.72
C SER IA 8 56.70 69.52 56.39
N LEU IA 9 56.60 68.35 55.77
CA LEU IA 9 57.18 67.13 56.28
C LEU IA 9 58.00 66.46 55.19
N PRO IA 10 59.07 65.75 55.55
CA PRO IA 10 59.75 64.89 54.57
C PRO IA 10 58.94 63.64 54.31
N GLN IA 11 59.50 62.70 53.55
CA GLN IA 11 58.82 61.43 53.34
C GLN IA 11 58.84 60.62 54.62
N GLY IA 12 57.67 60.42 55.22
CA GLY IA 12 57.58 59.63 56.43
C GLY IA 12 57.94 60.36 57.71
N GLY IA 13 57.84 61.69 57.73
CA GLY IA 13 58.13 62.44 58.93
C GLY IA 13 57.03 62.30 59.97
N GLN IA 14 57.30 62.87 61.14
CA GLN IA 14 56.41 62.70 62.28
C GLN IA 14 56.28 64.00 63.05
N PHE IA 15 55.19 64.72 62.82
CA PHE IA 15 55.04 66.09 63.31
C PHE IA 15 54.25 66.13 64.61
N ARG IA 16 54.61 67.08 65.46
CA ARG IA 16 53.99 67.26 66.78
C ARG IA 16 52.93 68.34 66.69
N LEU IA 17 51.66 67.96 66.82
CA LEU IA 17 50.54 68.88 66.70
C LEU IA 17 49.57 68.66 67.84
N SER IA 18 48.41 69.31 67.78
CA SER IA 18 47.39 69.20 68.81
C SER IA 18 46.00 69.06 68.17
N ILE IA 19 45.19 68.16 68.72
CA ILE IA 19 43.82 67.97 68.29
C ILE IA 19 42.91 68.10 69.50
N SER IA 20 41.61 68.15 69.23
CA SER IA 20 40.59 68.30 70.26
C SER IA 20 39.67 67.08 70.26
N ASN IA 21 39.35 66.60 71.46
CA ASN IA 21 38.64 65.33 71.59
C ASN IA 21 37.21 65.41 71.05
N THR IA 22 36.45 66.41 71.48
CA THR IA 22 35.17 66.66 70.83
C THR IA 22 35.42 67.36 69.50
N ASP IA 23 34.35 67.80 68.83
CA ASP IA 23 34.52 68.74 67.74
C ASP IA 23 35.41 68.19 66.63
N PRO IA 24 34.89 67.31 65.77
CA PRO IA 24 35.75 66.50 64.90
C PRO IA 24 36.83 67.29 64.20
N ASN IA 25 38.02 66.72 64.14
CA ASN IA 25 39.20 67.36 63.59
C ASN IA 25 39.43 66.82 62.19
N MET IA 26 39.98 67.65 61.31
CA MET IA 26 40.20 67.23 59.94
C MET IA 26 41.67 67.34 59.58
N ILE IA 27 42.14 66.39 58.77
CA ILE IA 27 43.47 66.42 58.18
C ILE IA 27 43.31 66.12 56.69
N PHE IA 28 43.90 66.95 55.84
CA PHE IA 28 43.80 66.71 54.41
C PHE IA 28 45.10 67.12 53.74
N ILE IA 29 45.49 66.34 52.73
CA ILE IA 29 46.67 66.62 51.91
C ILE IA 29 46.19 67.25 50.61
N PRO IA 30 46.59 68.48 50.30
CA PRO IA 30 46.11 69.13 49.07
C PRO IA 30 46.71 68.48 47.84
N GLY IA 31 45.84 67.99 46.96
CA GLY IA 31 46.26 67.33 45.74
C GLY IA 31 46.18 65.82 45.78
N ASP IA 32 45.96 65.22 46.94
CA ASP IA 32 45.95 63.78 47.07
C ASP IA 32 44.63 63.31 47.68
N LYS IA 33 44.48 61.99 47.75
CA LYS IA 33 43.35 61.36 48.40
C LYS IA 33 43.87 60.40 49.45
N VAL IA 34 43.48 60.62 50.71
CA VAL IA 34 43.91 59.74 51.79
C VAL IA 34 43.27 58.37 51.60
N THR IA 35 44.10 57.33 51.66
CA THR IA 35 43.66 55.97 51.40
C THR IA 35 43.45 55.15 52.66
N ALA IA 36 44.32 55.31 53.65
CA ALA IA 36 44.25 54.49 54.85
C ALA IA 36 44.57 55.34 56.07
N ILE IA 37 44.60 54.69 57.23
CA ILE IA 37 44.90 55.34 58.50
C ILE IA 37 45.24 54.26 59.50
N THR IA 38 45.90 54.64 60.58
CA THR IA 38 46.20 53.70 61.66
C THR IA 38 46.44 54.53 62.92
N ALA IA 39 45.49 54.52 63.83
CA ALA IA 39 45.50 55.42 64.99
C ALA IA 39 45.37 54.62 66.27
N PRO IA 40 46.44 53.99 66.72
CA PRO IA 40 46.37 53.25 67.98
C PRO IA 40 46.81 54.13 69.13
N GLY IA 41 46.62 53.62 70.35
CA GLY IA 41 46.93 54.37 71.53
C GLY IA 41 45.74 55.16 72.03
N GLY IA 42 45.04 55.83 71.14
CA GLY IA 42 43.90 56.64 71.53
C GLY IA 42 42.57 55.96 71.29
N MET IA 43 42.53 55.02 70.36
CA MET IA 43 41.31 54.30 69.97
C MET IA 43 40.19 55.29 69.64
N LEU IA 44 40.47 56.15 68.66
CA LEU IA 44 39.52 57.17 68.27
C LEU IA 44 38.35 56.52 67.50
N ALA IA 45 37.20 57.19 67.54
CA ALA IA 45 35.93 56.58 67.16
C ALA IA 45 35.57 56.80 65.69
N ASP IA 46 35.39 58.05 65.27
CA ASP IA 46 34.89 58.31 63.93
C ASP IA 46 36.03 58.36 62.93
N LYS IA 47 35.84 57.73 61.77
CA LYS IA 47 36.81 57.74 60.68
C LYS IA 47 36.02 57.78 59.37
N ARG IA 48 35.91 58.97 58.79
CA ARG IA 48 35.14 59.15 57.57
C ARG IA 48 35.98 59.85 56.52
N LEU IA 49 35.67 59.56 55.26
CA LEU IA 49 36.36 60.17 54.13
C LEU IA 49 35.48 61.25 53.52
N THR IA 50 36.00 62.47 53.45
CA THR IA 50 35.24 63.59 52.89
C THR IA 50 35.30 63.51 51.36
N THR IA 51 34.83 64.57 50.70
CA THR IA 51 34.85 64.60 49.25
C THR IA 51 36.12 65.23 48.68
N ALA IA 52 36.75 66.13 49.44
CA ALA IA 52 38.01 66.71 48.98
C ALA IA 52 39.09 65.64 48.84
N GLY IA 53 39.12 64.71 49.78
CA GLY IA 53 40.13 63.66 49.77
C GLY IA 53 40.69 63.41 51.16
N GLY IA 54 40.55 64.40 52.03
CA GLY IA 54 41.06 64.29 53.38
C GLY IA 54 40.22 63.35 54.23
N VAL IA 55 40.73 63.10 55.43
CA VAL IA 55 40.08 62.21 56.38
C VAL IA 55 39.90 62.97 57.68
N LEU IA 56 38.71 62.82 58.28
CA LEU IA 56 38.39 63.50 59.54
C LEU IA 56 37.98 62.48 60.57
N PHE IA 57 38.19 62.83 61.84
CA PHE IA 57 38.17 61.86 62.93
C PHE IA 57 37.68 62.55 64.19
N THR IA 58 37.52 61.76 65.25
CA THR IA 58 37.04 62.29 66.52
C THR IA 58 37.64 61.45 67.64
N SER IA 59 38.68 61.97 68.28
CA SER IA 59 39.31 61.24 69.37
C SER IA 59 38.43 61.27 70.61
N VAL IA 60 38.73 60.35 71.55
CA VAL IA 60 38.00 60.30 72.80
C VAL IA 60 38.96 60.16 73.97
N ALA IA 61 40.22 59.83 73.67
CA ALA IA 61 41.19 59.48 74.70
C ALA IA 61 41.64 60.73 75.45
N THR IA 62 42.62 60.58 76.33
CA THR IA 62 43.07 61.67 77.19
C THR IA 62 44.57 61.81 77.26
N ARG IA 63 45.33 61.11 76.42
CA ARG IA 63 46.78 61.15 76.49
C ARG IA 63 47.36 61.29 75.09
N THR IA 64 48.68 61.48 75.03
CA THR IA 64 49.37 61.71 73.76
C THR IA 64 49.71 60.38 73.09
N PHE IA 65 49.40 60.27 71.80
CA PHE IA 65 49.63 59.04 71.07
C PHE IA 65 50.16 59.39 69.68
N THR IA 66 50.12 58.41 68.78
CA THR IA 66 50.61 58.57 67.42
C THR IA 66 49.56 58.09 66.44
N ILE IA 67 49.36 58.86 65.37
CA ILE IA 67 48.41 58.51 64.33
C ILE IA 67 49.12 58.54 63.00
N PHE IA 68 49.08 57.43 62.27
CA PHE IA 68 49.68 57.35 60.96
C PHE IA 68 48.64 57.65 59.88
N VAL IA 69 49.13 57.98 58.70
CA VAL IA 69 48.26 58.30 57.57
C VAL IA 69 49.02 57.99 56.29
N GLU IA 70 48.29 57.49 55.30
CA GLU IA 70 48.88 57.12 54.03
C GLU IA 70 48.17 57.88 52.92
N THR IA 71 48.67 57.70 51.71
CA THR IA 71 48.23 58.49 50.58
C THR IA 71 48.05 57.57 49.38
N ALA IA 72 47.20 58.01 48.43
CA ALA IA 72 46.97 57.22 47.24
C ALA IA 72 48.26 57.01 46.44
N LEU IA 73 49.21 57.94 46.56
CA LEU IA 73 50.46 57.83 45.84
C LEU IA 73 51.60 57.27 46.69
N GLY IA 74 51.31 56.84 47.91
CA GLY IA 74 52.30 56.21 48.77
C GLY IA 74 52.93 57.11 49.79
N GLN IA 75 52.67 58.42 49.73
CA GLN IA 75 53.33 59.38 50.61
C GLN IA 75 52.77 59.25 52.03
N THR IA 76 53.34 58.31 52.78
CA THR IA 76 52.93 58.10 54.17
C THR IA 76 53.50 59.18 55.07
N PHE IA 77 52.87 59.35 56.23
CA PHE IA 77 53.24 60.39 57.18
C PHE IA 77 53.06 59.86 58.59
N SER IA 78 53.07 60.77 59.55
CA SER IA 78 52.83 60.43 60.95
C SER IA 78 52.64 61.72 61.73
N VAL IA 79 51.68 61.72 62.65
CA VAL IA 79 51.38 62.89 63.46
C VAL IA 79 51.17 62.44 64.90
N VAL IA 80 51.74 63.19 65.84
CA VAL IA 80 51.64 62.87 67.26
C VAL IA 80 50.58 63.81 67.84
N ALA IA 81 49.36 63.30 67.96
CA ALA IA 81 48.25 64.10 68.46
C ALA IA 81 48.37 64.31 69.96
N THR IA 82 47.55 65.21 70.47
CA THR IA 82 47.45 65.45 71.91
C THR IA 82 46.10 66.06 72.23
N PRO IA 83 45.12 65.27 72.68
CA PRO IA 83 43.78 65.80 72.89
C PRO IA 83 43.73 66.92 73.92
N VAL IA 84 42.83 67.88 73.69
CA VAL IA 84 42.64 69.05 74.53
C VAL IA 84 41.16 69.26 74.78
N LYS IA 85 40.81 70.41 75.37
CA LYS IA 85 39.44 70.65 75.83
C LYS IA 85 38.44 70.64 74.68
N GLY IA 86 38.54 71.61 73.77
CA GLY IA 86 37.53 71.72 72.74
C GLY IA 86 37.98 72.58 71.58
N GLU IA 87 36.99 72.96 70.74
CA GLU IA 87 37.18 73.80 69.56
C GLU IA 87 38.09 73.12 68.52
N GLY IA 88 37.55 72.06 67.94
CA GLY IA 88 38.31 71.27 66.99
C GLY IA 88 38.83 72.09 65.82
N ARG IA 89 39.98 71.65 65.28
CA ARG IA 89 40.77 72.44 64.36
C ARG IA 89 41.13 71.64 63.11
N VAL IA 90 41.55 72.36 62.07
CA VAL IA 90 41.87 71.78 60.77
C VAL IA 90 43.32 72.08 60.44
N TYR IA 91 44.05 71.08 59.95
CA TYR IA 91 45.45 71.20 59.56
C TYR IA 91 45.60 70.85 58.09
N ARG IA 92 46.82 71.02 57.59
CA ARG IA 92 47.14 70.68 56.21
C ARG IA 92 48.48 69.97 56.18
N LEU IA 93 48.57 68.90 55.40
CA LEU IA 93 49.81 68.13 55.27
C LEU IA 93 50.28 68.18 53.83
N MET IA 94 51.54 68.55 53.65
CA MET IA 94 52.17 68.56 52.33
C MET IA 94 53.66 68.31 52.51
N SER IA 95 54.26 67.69 51.49
CA SER IA 95 55.69 67.46 51.46
C SER IA 95 56.38 68.58 50.68
N ALA IA 96 57.69 68.68 50.89
CA ALA IA 96 58.47 69.81 50.38
C ALA IA 96 59.08 69.53 49.00
N GLU IA 97 59.98 68.56 48.92
CA GLU IA 97 60.67 68.29 47.66
C GLU IA 97 59.87 67.42 46.68
N PRO IA 98 59.29 66.30 47.10
CA PRO IA 98 58.75 65.33 46.13
C PRO IA 98 57.74 65.93 45.16
N PRO IA 99 56.83 66.83 45.60
CA PRO IA 99 55.93 67.43 44.60
C PRO IA 99 56.66 68.41 43.70
N SER IA 100 56.93 68.01 42.46
CA SER IA 100 57.62 68.88 41.51
C SER IA 100 57.27 68.39 40.10
N ARG IA 101 56.36 69.11 39.44
CA ARG IA 101 56.01 68.83 38.04
C ARG IA 101 55.57 70.12 37.40
N PRO IA 102 56.53 70.99 37.04
CA PRO IA 102 56.20 72.27 36.43
C PRO IA 102 55.78 72.19 34.98
N GLU IA 103 55.54 71.00 34.44
CA GLU IA 103 55.10 70.87 33.06
C GLU IA 103 53.81 71.61 32.85
N THR IA 104 53.76 72.45 31.81
CA THR IA 104 52.57 73.21 31.49
C THR IA 104 52.10 72.88 30.09
N ARG IA 105 50.82 72.51 29.97
CA ARG IA 105 50.22 72.36 28.66
C ARG IA 105 50.11 73.73 28.01
N LYS IA 106 50.47 73.82 26.74
CA LYS IA 106 50.43 75.11 26.05
C LYS IA 106 49.02 75.35 25.56
N TRP IA 107 48.23 75.99 26.41
CA TRP IA 107 46.89 76.47 26.12
C TRP IA 107 47.03 77.78 25.33
N GLU IA 108 45.98 78.59 25.21
CA GLU IA 108 46.00 79.86 24.49
C GLU IA 108 46.22 79.71 22.99
N THR IA 109 45.30 79.04 22.30
CA THR IA 109 45.34 79.00 20.85
C THR IA 109 45.12 80.39 20.26
N ALA IA 110 45.31 80.50 18.95
CA ALA IA 110 45.22 81.76 18.24
C ALA IA 110 44.08 81.72 17.23
N GLN IA 111 43.90 82.85 16.54
CA GLN IA 111 42.80 82.98 15.59
C GLN IA 111 43.09 82.17 14.33
N ALA IA 112 42.04 81.96 13.53
CA ALA IA 112 42.17 81.22 12.28
C ALA IA 112 42.80 82.05 11.18
N TYR IA 113 42.62 83.37 11.21
CA TYR IA 113 43.16 84.25 10.19
C TYR IA 113 44.63 84.58 10.41
N GLU IA 114 45.07 84.66 11.67
CA GLU IA 114 46.46 84.96 11.97
C GLU IA 114 47.38 83.77 11.77
N LYS IA 115 46.91 82.56 12.10
CA LYS IA 115 47.78 81.40 12.00
C LYS IA 115 48.19 81.14 10.56
N LEU IA 116 47.26 81.25 9.61
CA LEU IA 116 47.58 81.02 8.20
C LEU IA 116 48.49 82.12 7.66
N LEU IA 117 48.25 83.36 8.09
CA LEU IA 117 49.10 84.46 7.67
C LEU IA 117 50.53 84.22 8.13
N ILE IA 118 50.70 83.84 9.39
CA ILE IA 118 52.04 83.56 9.92
C ILE IA 118 52.66 82.35 9.23
N SER IA 119 51.84 81.35 8.89
CA SER IA 119 52.38 80.14 8.26
C SER IA 119 52.90 80.43 6.85
N LEU IA 120 52.07 81.03 6.00
CA LEU IA 120 52.53 81.42 4.68
C LEU IA 120 53.73 82.34 4.77
N ASN IA 121 53.72 83.24 5.76
CA ASN IA 121 54.78 84.21 5.88
C ASN IA 121 56.07 83.56 6.38
N ARG IA 122 55.97 82.50 7.17
CA ARG IA 122 57.16 81.78 7.58
C ARG IA 122 57.72 80.97 6.41
N ALA IA 123 56.84 80.43 5.58
CA ALA IA 123 57.31 79.68 4.40
C ALA IA 123 57.85 80.58 3.31
N VAL IA 124 57.54 81.89 3.32
CA VAL IA 124 58.17 82.77 2.34
C VAL IA 124 59.58 83.18 2.78
N LEU IA 125 59.92 82.98 4.06
CA LEU IA 125 61.24 83.33 4.56
C LEU IA 125 62.20 82.13 4.55
N THR IA 126 61.74 80.98 5.02
CA THR IA 126 62.60 79.80 5.02
C THR IA 126 62.97 79.38 3.62
N GLY IA 127 62.00 79.39 2.70
CA GLY IA 127 62.21 79.03 1.31
C GLY IA 127 61.29 77.94 0.80
N ASP IA 128 60.84 77.05 1.69
CA ASP IA 128 59.96 75.96 1.29
C ASP IA 128 58.60 76.51 0.87
N ILE IA 129 58.25 76.31 -0.39
CA ILE IA 129 57.02 76.89 -0.92
C ILE IA 129 55.85 75.96 -0.56
N PRO IA 130 54.82 76.46 0.10
CA PRO IA 130 53.68 75.60 0.45
C PRO IA 130 52.96 75.12 -0.80
N ASP IA 131 52.36 73.95 -0.68
CA ASP IA 131 51.59 73.38 -1.78
C ASP IA 131 50.40 74.26 -2.10
N GLY IA 132 50.37 74.79 -3.32
CA GLY IA 132 49.25 75.62 -3.74
C GLY IA 132 49.64 77.04 -4.05
N TYR IA 133 50.92 77.28 -4.28
CA TYR IA 133 51.42 78.61 -4.58
C TYR IA 133 52.43 78.53 -5.72
N GLY IA 134 52.28 79.43 -6.69
CA GLY IA 134 53.12 79.41 -7.86
C GLY IA 134 54.12 80.54 -7.91
N GLU IA 135 54.11 81.32 -8.99
CA GLU IA 135 54.95 82.49 -9.10
C GLU IA 135 54.32 83.43 -10.11
N VAL IA 136 54.47 84.74 -9.89
CA VAL IA 136 53.81 85.75 -10.69
C VAL IA 136 54.76 86.92 -10.94
N LYS IA 137 54.33 87.81 -11.81
CA LYS IA 137 55.02 89.04 -12.09
C LYS IA 137 54.86 90.00 -10.93
N PRO IA 138 55.92 90.70 -10.52
CA PRO IA 138 55.81 91.63 -9.40
C PRO IA 138 54.87 92.79 -9.72
N LEU IA 139 53.83 92.94 -8.91
CA LEU IA 139 52.91 94.06 -9.06
C LEU IA 139 53.65 95.38 -8.88
N SER IA 140 53.36 96.33 -9.76
CA SER IA 140 54.06 97.61 -9.71
C SER IA 140 53.64 98.40 -8.48
N ASP IA 141 54.62 99.05 -7.85
CA ASP IA 141 54.47 100.04 -6.79
C ASP IA 141 53.28 99.80 -5.87
N GLY IA 142 53.13 98.57 -5.39
CA GLY IA 142 52.09 98.25 -4.45
C GLY IA 142 52.37 98.60 -3.01
N ILE IA 143 53.46 99.33 -2.74
CA ILE IA 143 53.81 99.75 -1.39
C ILE IA 143 54.25 101.20 -1.40
N ARG IA 144 53.88 101.93 -0.35
CA ARG IA 144 54.18 103.34 -0.25
C ARG IA 144 55.69 103.56 -0.03
N LEU IA 145 56.12 104.82 -0.17
CA LEU IA 145 57.50 105.20 0.02
C LEU IA 145 57.57 106.34 1.03
N PRO IA 146 58.28 106.17 2.14
CA PRO IA 146 58.39 107.25 3.15
C PRO IA 146 59.58 108.16 2.90
N GLY IA 147 59.51 108.95 1.84
CA GLY IA 147 60.55 109.90 1.55
C GLY IA 147 61.64 109.39 0.64
N GLY IA 148 62.89 109.74 0.93
CA GLY IA 148 63.99 109.46 0.04
C GLY IA 148 64.36 108.00 -0.04
N PHE IA 149 63.41 107.16 -0.43
CA PHE IA 149 63.64 105.74 -0.60
C PHE IA 149 63.42 105.37 -2.07
N SER IA 150 63.42 104.06 -2.32
CA SER IA 150 63.14 103.54 -3.65
C SER IA 150 62.59 102.14 -3.49
N VAL IA 151 62.02 101.62 -4.56
CA VAL IA 151 61.51 100.25 -4.62
C VAL IA 151 62.09 99.59 -5.85
N THR IA 152 62.53 98.33 -5.70
CA THR IA 152 63.09 97.56 -6.80
C THR IA 152 62.48 96.17 -6.73
N PRO IA 153 61.34 95.96 -7.38
CA PRO IA 153 60.67 94.66 -7.29
C PRO IA 153 61.60 93.51 -7.65
N LEU IA 154 61.37 92.37 -7.00
CA LEU IA 154 62.12 91.16 -7.30
C LEU IA 154 61.22 90.10 -7.92
N LYS IA 155 60.14 89.72 -7.24
CA LYS IA 155 59.32 88.57 -7.57
C LYS IA 155 58.15 88.53 -6.59
N ALA IA 156 57.34 87.47 -6.69
CA ALA IA 156 56.18 87.32 -5.83
C ALA IA 156 55.60 85.93 -5.98
N TRP IA 157 54.88 85.45 -4.98
CA TRP IA 157 54.10 84.23 -5.10
C TRP IA 157 52.63 84.59 -5.28
N ALA IA 158 51.81 83.57 -5.50
CA ALA IA 158 50.37 83.76 -5.56
C ALA IA 158 49.67 82.41 -5.52
N GLY IA 159 48.37 82.47 -5.24
CA GLY IA 159 47.50 81.33 -5.41
C GLY IA 159 46.52 81.05 -4.29
N ASP IA 160 45.24 81.10 -4.67
CA ASP IA 160 44.07 80.63 -3.95
C ASP IA 160 43.68 81.48 -2.74
N GLN IA 161 44.60 82.33 -2.25
CA GLN IA 161 44.46 83.48 -1.36
C GLN IA 161 45.86 84.01 -1.14
N LEU IA 162 45.94 85.26 -0.68
CA LEU IA 162 47.18 85.84 -0.15
C LEU IA 162 48.30 85.82 -1.20
N ARG IA 163 48.14 86.66 -2.22
CA ARG IA 163 49.21 86.86 -3.19
C ARG IA 163 50.35 87.61 -2.51
N ALA IA 164 51.38 86.88 -2.09
CA ALA IA 164 52.50 87.48 -1.39
C ALA IA 164 53.44 88.19 -2.37
N ASP IA 165 54.36 88.99 -1.82
CA ASP IA 165 55.31 89.77 -2.60
C ASP IA 165 56.67 89.74 -1.93
N ARG IA 166 57.63 90.43 -2.55
CA ARG IA 166 58.93 90.69 -1.92
C ARG IA 166 59.55 91.91 -2.59
N TYR IA 167 59.58 93.03 -1.88
CA TYR IA 167 60.15 94.26 -2.41
C TYR IA 167 61.48 94.55 -1.72
N GLU IA 168 62.06 95.72 -2.03
CA GLU IA 168 63.43 96.03 -1.64
C GLU IA 168 63.51 97.48 -1.19
N LEU IA 169 64.30 97.72 -0.15
CA LEU IA 169 64.46 99.04 0.46
C LEU IA 169 65.85 99.57 0.19
N ARG IA 170 65.95 100.89 0.02
CA ARG IA 170 67.22 101.53 -0.31
C ARG IA 170 67.21 102.94 0.26
N ASN IA 171 68.06 103.19 1.25
CA ASN IA 171 68.20 104.53 1.80
C ASN IA 171 68.94 105.41 0.81
N ALA IA 172 68.22 106.26 0.10
CA ALA IA 172 68.82 107.15 -0.88
C ALA IA 172 69.35 108.44 -0.25
N ASN IA 173 69.13 108.65 1.03
CA ASN IA 173 69.60 109.82 1.75
C ASN IA 173 70.98 109.52 2.34
N THR IA 174 71.45 110.38 3.24
CA THR IA 174 72.81 110.24 3.75
C THR IA 174 72.91 109.83 5.21
N TRP IA 175 71.95 110.20 6.06
CA TRP IA 175 72.05 109.96 7.50
C TRP IA 175 71.13 108.81 7.91
N GLY IA 176 71.03 108.61 9.22
CA GLY IA 176 70.22 107.54 9.79
C GLY IA 176 68.96 108.07 10.44
N VAL IA 177 67.88 107.30 10.34
CA VAL IA 177 66.57 107.67 10.87
C VAL IA 177 66.00 106.49 11.64
N ALA IA 178 64.77 106.61 12.10
CA ALA IA 178 64.07 105.53 12.77
C ALA IA 178 63.09 104.87 11.81
N LEU IA 179 62.50 103.76 12.26
CA LEU IA 179 61.57 103.00 11.44
C LEU IA 179 60.33 102.61 12.23
N ARG IA 180 59.17 102.90 11.68
CA ARG IA 180 57.89 102.37 12.16
C ARG IA 180 57.14 101.83 10.95
N GLU IA 181 56.88 100.52 10.95
CA GLU IA 181 56.42 99.81 9.77
C GLU IA 181 54.94 100.03 9.44
N GLN IA 182 54.31 101.03 10.05
CA GLN IA 182 52.98 101.48 9.66
C GLN IA 182 53.01 102.50 8.54
N ASP IA 183 54.19 102.83 8.03
CA ASP IA 183 54.33 103.83 6.98
C ASP IA 183 54.27 103.24 5.59
N PHE IA 184 54.58 101.95 5.43
CA PHE IA 184 54.56 101.31 4.12
C PHE IA 184 53.19 100.82 3.74
N TRP IA 185 52.23 100.88 4.64
CA TRP IA 185 50.95 100.23 4.40
C TRP IA 185 50.25 100.86 3.21
N LYS IA 186 49.56 100.04 2.44
CA LYS IA 186 48.78 100.44 1.28
C LYS IA 186 47.38 99.89 1.40
N PRO IA 187 46.42 100.41 0.62
CA PRO IA 187 45.04 99.91 0.72
C PRO IA 187 44.88 98.51 0.15
N GLY IA 188 45.12 97.50 0.98
CA GLY IA 188 44.94 96.13 0.60
C GLY IA 188 45.95 95.21 1.26
N VAL IA 189 46.96 95.83 1.90
CA VAL IA 189 48.02 95.05 2.53
C VAL IA 189 47.48 94.27 3.72
N ARG IA 190 47.92 93.03 3.86
CA ARG IA 190 47.53 92.21 5.00
C ARG IA 190 48.60 92.12 6.07
N ALA IA 191 49.88 92.15 5.70
CA ALA IA 191 50.95 92.04 6.67
C ALA IA 191 52.25 92.52 6.05
N VAL IA 192 53.09 93.16 6.85
CA VAL IA 192 54.38 93.67 6.40
C VAL IA 192 55.44 93.21 7.39
N MET IA 193 56.52 92.63 6.87
CA MET IA 193 57.64 92.18 7.70
C MET IA 193 58.92 92.89 7.33
N PHE IA 194 59.81 93.03 8.30
CA PHE IA 194 61.19 93.44 8.05
C PHE IA 194 62.10 92.24 8.33
N ASP IA 195 62.90 91.85 7.34
CA ASP IA 195 63.71 90.64 7.46
C ASP IA 195 65.00 90.91 8.25
N ASN IA 196 65.84 91.80 7.75
CA ASN IA 196 67.03 92.22 8.49
C ASN IA 196 66.59 93.09 9.64
N ASN IA 197 66.54 92.52 10.84
CA ASN IA 197 65.91 93.16 11.99
C ASN IA 197 66.73 94.38 12.41
N ALA IA 198 66.28 95.56 11.99
CA ALA IA 198 66.94 96.80 12.33
C ALA IA 198 65.90 97.87 12.60
N GLN IA 199 66.12 98.66 13.65
CA GLN IA 199 65.24 99.77 14.01
C GLN IA 199 65.84 101.13 13.66
N THR IA 200 66.88 101.17 12.85
CA THR IA 200 67.52 102.42 12.47
C THR IA 200 68.14 102.26 11.09
N LEU IA 201 68.22 103.37 10.36
CA LEU IA 201 68.69 103.37 8.99
C LEU IA 201 70.19 103.69 8.93
N MET IA 202 70.83 103.24 7.84
CA MET IA 202 72.28 103.33 7.71
C MET IA 202 72.76 103.90 6.39
N GLY IA 203 72.01 103.76 5.29
CA GLY IA 203 72.42 104.23 3.98
C GLY IA 203 72.56 103.13 2.95
N GLY IA 204 72.74 101.89 3.40
CA GLY IA 204 72.90 100.75 2.52
C GLY IA 204 71.63 99.93 2.48
N GLY IA 205 71.07 99.80 1.28
CA GLY IA 205 69.83 99.08 1.11
C GLY IA 205 70.00 97.65 0.64
N ARG IA 206 69.92 96.71 1.57
CA ARG IA 206 70.02 95.29 1.25
C ARG IA 206 68.98 94.47 2.01
N MET IA 207 67.97 95.11 2.58
CA MET IA 207 66.93 94.42 3.32
C MET IA 207 65.67 94.36 2.47
N THR IA 208 64.89 93.30 2.65
CA THR IA 208 63.66 93.11 1.91
C THR IA 208 62.47 93.09 2.86
N VAL IA 209 61.28 93.20 2.28
CA VAL IA 209 60.03 93.09 3.02
C VAL IA 209 59.11 92.15 2.27
N THR IA 210 58.17 91.57 3.00
CA THR IA 210 57.19 90.65 2.42
C THR IA 210 55.80 91.25 2.65
N VAL IA 211 55.21 91.78 1.59
CA VAL IA 211 53.91 92.42 1.66
C VAL IA 211 52.89 91.46 1.07
N ILE IA 212 51.96 91.02 1.88
CA ILE IA 212 50.93 90.09 1.47
C ILE IA 212 49.69 90.87 1.05
N ARG IA 213 48.95 90.32 0.10
CA ARG IA 213 47.84 91.04 -0.50
C ARG IA 213 46.76 90.05 -0.91
N GLY IA 214 45.55 90.57 -1.09
CA GLY IA 214 44.44 89.75 -1.54
C GLY IA 214 44.46 89.55 -3.04
N ASN IA 215 43.46 88.81 -3.52
CA ASN IA 215 43.31 88.46 -4.93
C ASN IA 215 44.53 87.69 -5.43
N GLY IA 216 44.71 86.49 -4.87
CA GLY IA 216 45.81 85.64 -5.26
C GLY IA 216 45.42 84.18 -5.18
N ALA JA 69 66.57 58.47 8.47
CA ALA JA 69 67.46 57.49 9.07
C ALA JA 69 68.80 57.46 8.35
N THR JA 70 69.26 58.63 7.88
CA THR JA 70 70.50 58.74 7.15
C THR JA 70 71.64 59.06 8.12
N SER JA 71 72.79 59.45 7.59
CA SER JA 71 73.91 59.83 8.43
C SER JA 71 73.58 61.08 9.23
N ALA JA 72 74.10 61.12 10.46
CA ALA JA 72 73.91 62.27 11.32
C ALA JA 72 74.71 63.47 10.81
N VAL JA 73 74.35 64.65 11.29
CA VAL JA 73 74.98 65.87 10.81
C VAL JA 73 76.31 66.08 11.52
N GLU JA 74 77.18 66.86 10.88
CA GLU JA 74 78.50 67.16 11.40
C GLU JA 74 78.54 68.59 11.92
N VAL JA 75 79.52 68.85 12.79
CA VAL JA 75 79.77 70.18 13.32
C VAL JA 75 81.19 70.57 12.92
N PRO JA 76 81.35 71.42 11.91
CA PRO JA 76 82.69 71.80 11.47
C PRO JA 76 83.41 72.61 12.54
N SER JA 77 84.57 72.10 12.97
CA SER JA 77 85.37 72.81 13.93
C SER JA 77 85.97 74.06 13.31
N ALA JA 78 86.53 74.91 14.16
CA ALA JA 78 87.10 76.17 13.73
C ALA JA 78 88.45 75.92 13.07
N SER JA 79 89.23 76.99 12.91
CA SER JA 79 90.59 76.91 12.43
C SER JA 79 91.52 77.69 13.33
N ARG JA 80 92.75 77.21 13.45
CA ARG JA 80 93.75 77.84 14.30
C ARG JA 80 94.01 79.28 13.90
N THR JA 157 91.03 74.83 26.27
CA THR JA 157 89.96 73.85 26.07
C THR JA 157 88.62 74.42 26.53
N VAL JA 158 87.68 74.55 25.61
CA VAL JA 158 86.37 75.12 25.88
C VAL JA 158 85.29 74.13 25.47
N HIS JA 159 84.34 73.88 26.36
CA HIS JA 159 83.24 72.99 26.07
C HIS JA 159 82.24 73.67 25.14
N PRO JA 160 81.46 72.90 24.40
CA PRO JA 160 80.56 73.49 23.40
C PRO JA 160 79.46 74.32 24.04
N GLN JA 161 78.81 75.13 23.20
CA GLN JA 161 77.55 75.78 23.55
C GLN JA 161 76.76 75.98 22.28
N ARG JA 162 75.45 76.19 22.44
CA ARG JA 162 74.58 76.41 21.32
C ARG JA 162 74.75 77.82 20.75
N SER JA 163 74.13 78.06 19.61
CA SER JA 163 74.22 79.35 18.93
C SER JA 163 73.01 80.20 19.27
N ARG JA 164 73.21 81.53 19.22
CA ARG JA 164 72.16 82.47 19.58
C ARG JA 164 71.01 82.37 18.59
N ASP JA 165 69.82 82.70 19.08
CA ASP JA 165 68.62 82.63 18.25
C ASP JA 165 68.37 83.97 17.54
N GLN JA 166 67.54 83.91 16.51
CA GLN JA 166 67.10 85.09 15.78
C GLN JA 166 65.58 85.11 15.76
N ILE JA 167 65.02 86.32 15.69
CA ILE JA 167 63.59 86.53 15.83
C ILE JA 167 63.09 87.43 14.72
N ALA JA 168 61.89 87.12 14.22
CA ALA JA 168 61.25 87.91 13.18
C ALA JA 168 59.91 88.40 13.69
N THR JA 169 59.64 89.69 13.50
CA THR JA 169 58.40 90.31 13.94
C THR JA 169 57.55 90.68 12.73
N VAL JA 170 56.24 90.50 12.85
CA VAL JA 170 55.29 90.77 11.77
C VAL JA 170 54.29 91.79 12.28
N TRP JA 171 53.96 92.77 11.44
CA TRP JA 171 52.97 93.79 11.76
C TRP JA 171 51.69 93.45 10.99
N ILE JA 172 50.64 93.11 11.73
CA ILE JA 172 49.37 92.72 11.11
C ILE JA 172 48.50 93.96 10.97
N ALA JA 173 48.00 94.20 9.75
CA ALA JA 173 47.11 95.31 9.52
C ALA JA 173 45.77 95.07 10.19
N PRO JA 174 45.15 96.10 10.77
CA PRO JA 174 43.90 95.88 11.51
C PRO JA 174 42.83 95.28 10.62
N TRP JA 175 42.09 94.33 11.18
CA TRP JA 175 41.04 93.63 10.46
C TRP JA 175 39.78 93.61 11.30
N VAL JA 176 38.73 92.99 10.75
CA VAL JA 176 37.44 92.87 11.42
C VAL JA 176 37.05 91.41 11.42
N ASP JA 177 36.87 90.86 12.60
CA ASP JA 177 36.58 89.43 12.74
C ASP JA 177 35.25 89.13 12.06
N SER JA 178 35.01 87.84 11.82
CA SER JA 178 33.75 87.42 11.20
C SER JA 178 32.54 87.73 12.07
N ASP JA 179 32.73 87.91 13.38
CA ASP JA 179 31.64 88.23 14.29
C ASP JA 179 31.64 89.71 14.67
N ASN JA 180 32.08 90.57 13.75
CA ASN JA 180 32.07 92.02 13.96
C ASN JA 180 32.81 92.40 15.24
N ALA JA 181 34.10 92.10 15.26
CA ALA JA 181 34.96 92.43 16.39
C ALA JA 181 36.25 93.02 15.84
N PHE JA 182 36.36 94.35 15.88
CA PHE JA 182 37.48 95.04 15.27
C PHE JA 182 38.75 94.76 16.06
N HIS JA 183 39.81 94.36 15.36
CA HIS JA 183 41.06 93.97 15.98
C HIS JA 183 42.16 94.97 15.66
N GLN JA 184 43.05 95.19 16.63
CA GLN JA 184 44.26 95.99 16.43
C GLN JA 184 45.45 95.16 16.92
N PRO JA 185 45.77 94.08 16.19
CA PRO JA 185 46.82 93.18 16.67
C PRO JA 185 48.19 93.87 16.69
N GLY JA 186 49.02 93.43 17.63
CA GLY JA 186 50.36 93.95 17.76
C GLY JA 186 51.35 93.18 16.92
N ARG JA 187 52.63 93.47 17.14
CA ARG JA 187 53.72 92.87 16.37
C ARG JA 187 54.00 91.48 16.96
N VAL JA 188 53.65 90.44 16.22
CA VAL JA 188 53.91 89.08 16.65
C VAL JA 188 55.31 88.66 16.24
N SER JA 189 56.07 88.11 17.19
CA SER JA 189 57.45 87.69 16.98
C SER JA 189 57.54 86.18 17.11
N PHE JA 190 58.10 85.53 16.09
CA PHE JA 190 58.18 84.07 16.07
C PHE JA 190 59.61 83.65 15.76
N VAL JA 191 59.96 82.46 16.26
CA VAL JA 191 61.28 81.90 16.00
C VAL JA 191 61.26 81.18 14.65
N VAL JA 192 62.34 81.35 13.89
CA VAL JA 192 62.39 80.85 12.52
C VAL JA 192 63.35 79.66 12.36
N SER JA 193 64.40 79.56 13.18
CA SER JA 193 65.33 78.45 13.08
C SER JA 193 65.85 78.09 14.46
N PRO JA 194 65.94 76.81 14.78
CA PRO JA 194 66.43 76.42 16.10
C PRO JA 194 67.94 76.56 16.21
N ALA JA 195 68.43 76.58 17.44
CA ALA JA 195 69.85 76.70 17.69
C ALA JA 195 70.57 75.42 17.26
N ASP JA 196 71.86 75.57 16.93
CA ASP JA 196 72.68 74.46 16.47
C ASP JA 196 74.00 74.43 17.22
N TRP JA 197 74.50 73.22 17.47
CA TRP JA 197 75.73 73.05 18.22
C TRP JA 197 76.91 73.64 17.48
N VAL JA 198 77.81 74.30 18.20
CA VAL JA 198 78.98 74.94 17.59
C VAL JA 198 80.12 74.95 18.58
N LEU JA 199 81.35 74.87 18.05
CA LEU JA 199 82.57 74.95 18.86
C LEU JA 199 83.10 76.36 18.85
N PRO JA 200 83.45 76.93 20.01
CA PRO JA 200 83.95 78.31 20.04
C PRO JA 200 85.40 78.35 19.60
N ALA JA 201 85.72 79.28 18.70
CA ALA JA 201 87.10 79.47 18.24
C ALA JA 201 87.86 80.31 19.26
N ARG JA 202 87.88 79.81 20.49
CA ARG JA 202 88.56 80.49 21.60
C ARG JA 202 90.06 80.26 21.47
N VAL JA 203 90.79 80.52 22.55
CA VAL JA 203 92.21 80.20 22.57
C VAL JA 203 92.36 78.76 23.04
N ASN JA 204 92.21 77.81 22.12
CA ASN JA 204 92.21 76.39 22.47
C ASN JA 204 93.61 75.81 22.44
N VAL KA 158 12.59 116.50 11.85
CA VAL KA 158 11.28 115.87 11.90
C VAL KA 158 11.43 114.40 11.51
N HIS KA 159 12.54 114.08 10.86
CA HIS KA 159 12.82 112.70 10.45
C HIS KA 159 13.11 111.83 11.68
N PRO KA 160 12.83 110.54 11.60
CA PRO KA 160 13.13 109.64 12.73
C PRO KA 160 14.57 109.19 12.69
N GLN KA 161 15.37 109.68 13.63
CA GLN KA 161 16.80 109.42 13.67
C GLN KA 161 17.07 108.08 14.35
N ARG KA 162 18.34 107.81 14.64
CA ARG KA 162 18.78 106.61 15.34
C ARG KA 162 19.27 106.97 16.74
N SER KA 163 19.82 105.97 17.41
CA SER KA 163 20.54 106.14 18.66
C SER KA 163 22.00 105.82 18.45
N ARG KA 164 22.88 106.54 19.14
CA ARG KA 164 24.31 106.33 18.99
C ARG KA 164 24.73 105.03 19.69
N ASP KA 165 25.68 104.33 19.08
CA ASP KA 165 26.07 103.01 19.54
C ASP KA 165 26.88 103.09 20.82
N GLN KA 166 27.13 101.92 21.41
CA GLN KA 166 27.95 101.79 22.61
C GLN KA 166 28.98 100.70 22.38
N ILE KA 167 30.24 101.01 22.67
CA ILE KA 167 31.34 100.09 22.42
C ILE KA 167 32.25 100.02 23.63
N ALA KA 168 33.12 99.02 23.67
CA ALA KA 168 34.13 98.91 24.72
C ALA KA 168 35.35 98.26 24.12
N THR KA 169 36.52 98.84 24.35
CA THR KA 169 37.76 98.40 23.73
C THR KA 169 38.64 97.73 24.78
N VAL KA 170 38.91 96.45 24.58
CA VAL KA 170 39.72 95.67 25.52
C VAL KA 170 41.18 95.89 25.18
N TRP KA 171 42.04 95.67 26.17
CA TRP KA 171 43.50 95.80 26.01
C TRP KA 171 44.12 94.46 26.39
N ILE KA 172 44.66 93.76 25.40
CA ILE KA 172 45.15 92.39 25.60
C ILE KA 172 46.63 92.42 25.97
N ALA KA 173 46.94 92.03 27.20
CA ALA KA 173 48.31 92.04 27.69
C ALA KA 173 49.16 90.99 26.96
N PRO KA 174 50.48 91.13 26.97
CA PRO KA 174 51.33 90.19 26.24
C PRO KA 174 51.08 88.75 26.65
N TRP KA 175 50.91 87.89 25.66
CA TRP KA 175 50.68 86.47 25.87
C TRP KA 175 51.47 85.67 24.84
N VAL KA 176 51.79 84.43 25.20
CA VAL KA 176 52.57 83.55 24.35
C VAL KA 176 51.63 82.54 23.70
N ASP KA 177 51.72 82.41 22.39
CA ASP KA 177 50.80 81.59 21.62
C ASP KA 177 50.96 80.12 22.00
N SER KA 178 49.99 79.31 21.60
CA SER KA 178 50.13 77.86 21.72
C SER KA 178 51.04 77.27 20.66
N ASP KA 179 51.35 78.03 19.62
CA ASP KA 179 52.34 77.64 18.62
C ASP KA 179 53.68 78.32 18.84
N ASN KA 180 53.92 78.82 20.05
CA ASN KA 180 55.16 79.49 20.42
C ASN KA 180 55.43 80.70 19.53
N ALA KA 181 54.54 81.70 19.66
CA ALA KA 181 54.72 83.00 19.02
C ALA KA 181 54.34 84.07 20.03
N PHE KA 182 55.24 84.98 20.37
CA PHE KA 182 54.93 85.95 21.44
C PHE KA 182 54.04 86.99 20.82
N HIS KA 183 52.73 87.10 21.17
CA HIS KA 183 51.85 88.17 20.65
C HIS KA 183 51.94 89.39 21.58
N GLN KA 184 52.32 90.54 21.06
CA GLN KA 184 52.58 91.73 21.89
C GLN KA 184 51.26 92.43 22.26
N PRO KA 185 51.21 93.46 23.13
CA PRO KA 185 49.96 94.04 23.57
C PRO KA 185 49.10 94.46 22.39
N GLY KA 186 47.77 94.51 22.53
CA GLY KA 186 46.95 95.01 21.40
C GLY KA 186 45.54 95.35 21.85
N ARG KA 187 44.61 95.69 20.95
CA ARG KA 187 43.27 96.12 21.32
C ARG KA 187 42.25 95.37 20.48
N VAL KA 188 41.13 95.03 21.10
CA VAL KA 188 39.99 94.45 20.39
C VAL KA 188 38.74 95.18 20.84
N SER KA 189 37.89 95.53 19.88
CA SER KA 189 36.71 96.34 20.16
C SER KA 189 35.46 95.59 19.75
N PHE KA 190 34.36 95.86 20.44
CA PHE KA 190 33.09 95.18 20.21
C PHE KA 190 31.96 96.07 20.67
N VAL KA 191 30.76 95.78 20.18
CA VAL KA 191 29.56 96.57 20.48
C VAL KA 191 28.73 95.82 21.51
N VAL KA 192 28.12 96.57 22.43
CA VAL KA 192 27.35 96.00 23.52
C VAL KA 192 25.85 96.20 23.33
N SER KA 193 25.43 97.40 22.98
CA SER KA 193 24.01 97.74 22.87
C SER KA 193 23.75 98.29 21.47
N PRO KA 194 23.37 97.43 20.53
CA PRO KA 194 23.19 97.88 19.14
C PRO KA 194 22.13 98.96 19.02
N ALA KA 195 22.31 99.83 18.04
CA ALA KA 195 21.42 100.97 17.86
C ALA KA 195 20.02 100.54 17.44
N ASP KA 196 19.00 101.21 18.00
CA ASP KA 196 17.59 101.02 17.67
C ASP KA 196 16.90 102.37 17.61
N TRP KA 197 15.76 102.41 16.93
CA TRP KA 197 15.05 103.66 16.72
C TRP KA 197 14.66 104.29 18.06
N VAL KA 198 14.85 105.60 18.15
CA VAL KA 198 14.45 106.36 19.32
C VAL KA 198 12.95 106.60 19.24
N LEU KA 199 12.23 106.27 20.31
CA LEU KA 199 10.78 106.47 20.28
C LEU KA 199 10.42 107.91 20.64
N PRO KA 200 9.83 108.66 19.71
CA PRO KA 200 9.56 110.08 19.96
C PRO KA 200 8.57 110.29 21.09
N ALA KA 201 8.77 111.41 21.80
CA ALA KA 201 7.88 111.80 22.89
C ALA KA 201 7.02 113.00 22.52
N ARG KA 202 7.20 113.55 21.33
CA ARG KA 202 6.41 114.68 20.84
C ARG KA 202 5.90 114.35 19.46
N VAL KA 203 4.59 114.53 19.24
CA VAL KA 203 3.99 114.34 17.92
C VAL KA 203 3.05 115.51 17.61
N PRO LA 1 44.94 43.63 73.75
CA PRO LA 1 45.75 44.54 74.57
C PRO LA 1 46.80 45.32 73.78
N GLY LA 2 46.88 45.10 72.47
CA GLY LA 2 47.82 45.86 71.66
C GLY LA 2 47.46 46.05 70.20
N MET LA 3 46.28 45.60 69.78
CA MET LA 3 45.93 45.61 68.37
C MET LA 3 45.66 47.04 67.88
N MET LA 4 45.65 47.20 66.55
CA MET LA 4 45.62 48.51 65.92
C MET LA 4 44.21 48.81 65.38
N ASP LA 5 44.07 50.01 64.81
CA ASP LA 5 42.81 50.49 64.24
C ASP LA 5 43.07 50.84 62.78
N SER LA 6 43.13 49.84 61.93
CA SER LA 6 43.55 50.04 60.55
C SER LA 6 42.32 50.02 59.64
N GLN LA 7 42.28 50.93 58.68
CA GLN LA 7 41.16 51.05 57.78
C GLN LA 7 41.65 51.45 56.39
N GLU LA 8 40.88 51.07 55.37
CA GLU LA 8 41.16 51.46 54.00
C GLU LA 8 39.89 52.02 53.38
N PHE LA 9 40.02 53.18 52.71
CA PHE LA 9 38.90 53.84 52.07
C PHE LA 9 38.95 53.53 50.58
N SER LA 10 37.86 52.95 50.06
CA SER LA 10 37.73 52.66 48.64
C SER LA 10 38.91 51.85 48.10
N ALA MA 1 57.56 65.81 61.07
CA ALA MA 1 58.50 66.86 61.45
C ALA MA 1 59.89 66.52 60.99
N GLN MA 2 60.57 65.74 61.82
CA GLN MA 2 62.00 65.47 61.67
C GLN MA 2 62.25 64.67 60.40
N SER MA 3 63.48 64.71 59.92
CA SER MA 3 63.89 63.74 58.92
C SER MA 3 63.85 62.35 59.54
N PRO MA 4 63.45 61.33 58.78
CA PRO MA 4 63.48 59.97 59.31
C PRO MA 4 64.91 59.59 59.68
N ALA MA 5 65.05 58.84 60.78
CA ALA MA 5 66.37 58.40 61.22
C ALA MA 5 66.91 57.36 60.25
N THR MA 6 68.09 57.63 59.68
CA THR MA 6 68.65 56.83 58.60
C THR MA 6 69.84 56.03 59.11
N ILE MA 7 70.00 54.82 58.58
CA ILE MA 7 71.00 53.86 59.05
C ILE MA 7 71.61 53.14 57.85
N SER MA 8 72.69 52.40 58.11
CA SER MA 8 73.48 51.81 57.02
C SER MA 8 73.07 50.36 56.70
N LEU MA 9 73.25 49.43 57.65
CA LEU MA 9 72.77 48.06 57.47
C LEU MA 9 73.20 47.35 56.20
N PRO MA 10 74.43 46.82 56.11
CA PRO MA 10 74.74 45.91 54.99
C PRO MA 10 73.83 44.69 54.97
N GLN MA 11 73.94 43.85 53.96
CA GLN MA 11 73.06 42.68 53.82
C GLN MA 11 73.19 41.81 55.07
N GLY MA 12 72.12 41.75 55.86
CA GLY MA 12 72.15 40.99 57.08
C GLY MA 12 72.88 41.64 58.24
N GLY MA 13 72.88 42.96 58.31
CA GLY MA 13 73.53 43.63 59.41
C GLY MA 13 72.68 43.71 60.66
N GLN MA 14 73.29 44.21 61.73
CA GLN MA 14 72.62 44.46 62.99
C GLN MA 14 72.71 45.94 63.32
N PHE MA 15 71.65 46.50 63.88
CA PHE MA 15 71.68 47.86 64.36
C PHE MA 15 70.87 47.98 65.63
N ARG MA 16 71.43 48.68 66.62
CA ARG MA 16 70.80 48.87 67.92
C ARG MA 16 69.96 50.13 67.91
N LEU MA 17 68.65 49.98 68.13
CA LEU MA 17 67.72 51.10 68.12
C LEU MA 17 66.77 50.94 69.30
N SER MA 18 65.74 51.77 69.35
CA SER MA 18 64.73 51.71 70.41
C SER MA 18 63.36 51.99 69.84
N ILE MA 19 62.36 51.24 70.32
CA ILE MA 19 60.98 51.39 69.88
C ILE MA 19 60.12 51.63 71.12
N SER MA 20 58.86 51.96 70.88
CA SER MA 20 57.92 52.33 71.94
C SER MA 20 56.82 51.28 72.04
N ASN MA 21 56.47 50.92 73.28
CA ASN MA 21 55.48 49.89 73.53
C ASN MA 21 54.04 50.37 73.35
N THR MA 22 53.80 51.67 73.45
CA THR MA 22 52.58 52.27 72.91
C THR MA 22 52.88 52.67 71.47
N ASP MA 23 52.00 53.48 70.86
CA ASP MA 23 52.40 54.28 69.71
C ASP MA 23 53.05 53.46 68.60
N PRO MA 24 52.27 52.77 67.77
CA PRO MA 24 52.86 51.82 66.83
C PRO MA 24 53.97 52.44 65.99
N ASN MA 25 54.97 51.63 65.66
CA ASN MA 25 56.14 52.13 64.98
C ASN MA 25 56.04 51.84 63.49
N MET MA 26 57.07 52.22 62.74
CA MET MA 26 57.14 51.92 61.32
C MET MA 26 58.59 51.83 60.88
N ILE MA 27 58.89 50.81 60.08
CA ILE MA 27 60.17 50.68 59.39
C ILE MA 27 59.85 50.53 57.90
N PHE MA 28 60.45 51.37 57.06
CA PHE MA 28 60.21 51.29 55.63
C PHE MA 28 61.53 51.39 54.88
N ILE MA 29 61.56 50.79 53.69
CA ILE MA 29 62.74 50.73 52.84
C ILE MA 29 62.46 51.51 51.56
N PRO MA 30 63.25 52.52 51.23
CA PRO MA 30 63.09 53.18 49.92
C PRO MA 30 63.66 52.32 48.81
N GLY MA 31 62.91 52.27 47.70
CA GLY MA 31 63.30 51.49 46.55
C GLY MA 31 62.80 50.06 46.55
N ASP MA 32 62.15 49.62 47.62
CA ASP MA 32 61.66 48.26 47.77
C ASP MA 32 60.35 48.27 48.54
N LYS MA 33 59.81 47.08 48.81
CA LYS MA 33 58.63 46.94 49.65
C LYS MA 33 58.78 45.70 50.52
N VAL MA 34 58.55 45.87 51.82
CA VAL MA 34 58.73 44.78 52.77
C VAL MA 34 57.60 43.78 52.62
N THR MA 35 57.95 42.50 52.47
CA THR MA 35 56.98 41.45 52.29
C THR MA 35 56.94 40.45 53.43
N ALA MA 36 57.84 40.55 54.40
CA ALA MA 36 57.85 39.61 55.52
C ALA MA 36 58.51 40.26 56.72
N ILE MA 37 58.05 39.86 57.91
CA ILE MA 37 58.70 40.24 59.15
C ILE MA 37 58.40 39.18 60.21
N THR MA 38 59.43 38.70 60.88
CA THR MA 38 59.30 37.66 61.90
C THR MA 38 60.20 38.01 63.06
N ALA MA 39 59.61 38.51 64.14
CA ALA MA 39 60.37 39.08 65.26
C ALA MA 39 59.98 38.39 66.56
N PRO MA 40 60.39 37.16 66.74
CA PRO MA 40 60.14 36.50 68.03
C PRO MA 40 61.13 36.97 69.07
N GLY MA 41 61.10 36.34 70.23
CA GLY MA 41 61.90 36.77 71.36
C GLY MA 41 61.15 37.67 72.31
N GLY MA 42 60.28 38.55 71.80
CA GLY MA 42 59.51 39.43 72.64
C GLY MA 42 58.03 39.42 72.34
N MET MA 43 57.65 38.76 71.24
CA MET MA 43 56.25 38.53 70.87
C MET MA 43 55.50 39.85 70.68
N LEU MA 44 55.89 40.56 69.62
CA LEU MA 44 55.17 41.77 69.23
C LEU MA 44 53.69 41.49 69.03
N ALA MA 45 52.87 42.52 69.24
CA ALA MA 45 51.42 42.36 69.22
C ALA MA 45 50.91 41.96 67.84
N ASP MA 46 51.18 42.78 66.84
CA ASP MA 46 50.66 42.50 65.49
C ASP MA 46 51.56 43.16 64.46
N LYS MA 47 51.40 42.72 63.22
CA LYS MA 47 52.11 43.28 62.08
C LYS MA 47 51.13 43.61 60.98
N ARG MA 48 51.40 44.67 60.25
CA ARG MA 48 50.52 45.10 59.17
C ARG MA 48 51.33 45.74 58.06
N LEU MA 49 51.22 45.18 56.86
CA LEU MA 49 52.00 45.62 55.72
C LEU MA 49 51.19 46.67 54.96
N THR MA 50 51.72 47.90 54.90
CA THR MA 50 51.01 48.99 54.24
C THR MA 50 51.11 48.83 52.73
N THR MA 51 50.63 49.84 52.01
CA THR MA 51 50.71 49.83 50.55
C THR MA 51 51.94 50.55 50.02
N ALA MA 52 52.50 51.48 50.78
CA ALA MA 52 53.73 52.15 50.35
C ALA MA 52 54.87 51.15 50.21
N GLY MA 53 54.97 50.22 51.15
CA GLY MA 53 56.06 49.26 51.15
C GLY MA 53 56.73 49.17 52.50
N GLY MA 54 56.10 49.73 53.54
CA GLY MA 54 56.58 49.61 54.89
C GLY MA 54 55.84 48.55 55.67
N VAL MA 55 56.23 48.39 56.93
CA VAL MA 55 55.61 47.44 57.84
C VAL MA 55 55.32 48.15 59.16
N LEU MA 56 54.11 47.96 59.67
CA LEU MA 56 53.68 48.55 60.93
C LEU MA 56 53.56 47.47 61.98
N PHE MA 57 54.03 47.78 63.18
CA PHE MA 57 54.06 46.81 64.27
C PHE MA 57 53.90 47.55 65.59
N THR MA 58 53.77 46.78 66.66
CA THR MA 58 53.79 47.36 68.00
C THR MA 58 54.11 46.27 69.00
N SER MA 59 54.96 46.60 69.96
CA SER MA 59 55.37 45.67 71.00
C SER MA 59 54.73 46.07 72.32
N VAL MA 60 54.63 45.09 73.23
CA VAL MA 60 54.17 45.33 74.58
C VAL MA 60 55.10 44.74 75.63
N ALA MA 61 56.21 44.13 75.22
CA ALA MA 61 57.13 43.52 76.17
C ALA MA 61 57.95 44.59 76.87
N THR MA 62 58.98 44.15 77.61
CA THR MA 62 59.80 45.09 78.37
C THR MA 62 61.28 44.68 78.30
N ARG MA 63 61.68 43.90 77.31
CA ARG MA 63 63.06 43.48 77.20
C ARG MA 63 63.51 43.53 75.75
N THR MA 64 64.84 43.52 75.59
CA THR MA 64 65.46 43.60 74.27
C THR MA 64 65.31 42.28 73.52
N PHE MA 65 64.99 42.37 72.24
CA PHE MA 65 64.85 41.19 71.39
C PHE MA 65 65.43 41.51 70.03
N THR MA 66 65.12 40.69 69.04
CA THR MA 66 65.58 40.93 67.68
C THR MA 66 64.39 40.90 66.74
N ILE MA 67 64.50 41.65 65.64
CA ILE MA 67 63.48 41.73 64.62
C ILE MA 67 64.13 41.49 63.28
N PHE MA 68 63.56 40.57 62.51
CA PHE MA 68 64.09 40.23 61.19
C PHE MA 68 63.12 40.73 60.13
N VAL MA 69 63.48 41.79 59.44
CA VAL MA 69 62.67 42.36 58.38
C VAL MA 69 63.24 41.90 57.04
N GLU MA 70 62.38 41.38 56.18
CA GLU MA 70 62.80 40.79 54.92
C GLU MA 70 62.10 41.48 53.77
N THR MA 71 62.83 41.71 52.70
CA THR MA 71 62.35 42.48 51.56
C THR MA 71 61.88 41.52 50.47
N ALA MA 72 61.49 42.07 49.32
CA ALA MA 72 61.05 41.25 48.19
C ALA MA 72 62.18 40.94 47.22
N LEU MA 73 63.20 41.80 47.12
CA LEU MA 73 64.31 41.60 46.21
C LEU MA 73 65.42 40.77 46.82
N GLY MA 74 65.11 39.89 47.77
CA GLY MA 74 66.13 39.10 48.41
C GLY MA 74 67.06 39.94 49.26
N GLN MA 75 66.49 40.84 50.05
CA GLN MA 75 67.23 41.61 51.03
C GLN MA 75 66.76 41.23 52.41
N THR MA 76 67.69 41.03 53.33
CA THR MA 76 67.36 40.63 54.69
C THR MA 76 68.19 41.43 55.67
N PHE MA 77 67.53 42.14 56.57
CA PHE MA 77 68.19 42.95 57.59
C PHE MA 77 67.79 42.45 58.96
N SER MA 78 68.34 43.09 59.99
CA SER MA 78 68.05 42.68 61.36
C SER MA 78 68.27 43.86 62.29
N VAL MA 79 67.27 44.18 63.09
CA VAL MA 79 67.33 45.31 64.00
C VAL MA 79 67.03 44.82 65.42
N VAL MA 80 67.86 45.24 66.36
CA VAL MA 80 67.72 44.83 67.75
C VAL MA 80 66.99 45.96 68.46
N ALA MA 81 65.71 45.73 68.76
CA ALA MA 81 64.87 46.76 69.33
C ALA MA 81 65.03 46.83 70.84
N THR MA 82 64.38 47.82 71.44
CA THR MA 82 64.28 47.95 72.88
C THR MA 82 63.08 48.81 73.25
N PRO MA 83 62.04 48.23 73.83
CA PRO MA 83 60.84 49.02 74.14
C PRO MA 83 61.10 50.13 75.14
N VAL MA 84 60.50 51.30 74.88
CA VAL MA 84 60.58 52.46 75.76
C VAL MA 84 59.18 53.07 75.91
N LYS MA 85 59.08 54.22 76.56
CA LYS MA 85 57.81 54.80 76.98
C LYS MA 85 56.85 55.16 75.84
N GLY MA 86 57.18 56.14 75.01
CA GLY MA 86 56.22 56.60 74.04
C GLY MA 86 56.82 57.36 72.86
N GLU MA 87 55.94 58.10 72.16
CA GLU MA 87 56.30 58.87 70.98
C GLU MA 87 56.84 57.97 69.86
N GLY MA 88 55.94 57.18 69.30
CA GLY MA 88 56.25 56.23 68.24
C GLY MA 88 57.16 56.78 67.16
N ARG MA 89 58.00 55.93 66.59
CA ARG MA 89 59.13 56.39 65.78
C ARG MA 89 59.07 55.79 64.38
N VAL MA 90 59.73 56.48 63.45
CA VAL MA 90 59.84 56.02 62.07
C VAL MA 90 61.32 56.01 61.68
N TYR MA 91 61.79 54.88 61.19
CA TYR MA 91 63.16 54.71 60.73
C TYR MA 91 63.18 54.40 59.24
N ARG MA 92 64.33 54.65 58.63
CA ARG MA 92 64.54 54.36 57.22
C ARG MA 92 65.69 53.38 57.07
N LEU MA 93 65.52 52.41 56.17
CA LEU MA 93 66.56 51.43 55.89
C LEU MA 93 67.24 51.78 54.57
N MET MA 94 68.50 51.42 54.45
CA MET MA 94 69.33 51.94 53.36
C MET MA 94 70.37 50.88 53.02
N SER MA 95 70.07 49.98 52.08
CA SER MA 95 70.98 48.88 51.83
C SER MA 95 72.30 49.42 51.28
N ALA MA 96 73.40 49.07 51.93
CA ALA MA 96 74.71 49.50 51.47
C ALA MA 96 75.21 48.69 50.27
N GLU MA 97 74.55 47.58 49.97
CA GLU MA 97 74.89 46.76 48.81
C GLU MA 97 73.67 46.63 47.92
N PRO MA 98 73.69 47.20 46.71
CA PRO MA 98 72.49 47.17 45.88
C PRO MA 98 72.08 45.75 45.55
N PRO MA 99 70.77 45.48 45.48
CA PRO MA 99 70.30 44.15 45.09
C PRO MA 99 70.34 43.93 43.59
N SER MA 100 69.77 42.83 43.11
CA SER MA 100 69.74 42.50 41.70
C SER MA 100 68.31 42.59 41.17
N ARG MA 101 68.13 43.33 40.08
CA ARG MA 101 66.83 43.54 39.45
C ARG MA 101 66.93 43.20 37.97
N PRO MA 102 66.64 41.96 37.59
CA PRO MA 102 66.78 41.58 36.17
C PRO MA 102 65.94 42.40 35.21
N GLU MA 103 64.81 42.95 35.67
CA GLU MA 103 64.07 43.88 34.84
C GLU MA 103 64.95 45.07 34.45
N THR MA 104 65.70 45.60 35.41
CA THR MA 104 66.64 46.67 35.09
C THR MA 104 67.76 46.19 34.20
N ARG MA 105 68.17 44.92 34.31
CA ARG MA 105 69.19 44.41 33.40
C ARG MA 105 68.70 44.44 31.95
N LYS MA 106 67.49 43.92 31.71
CA LYS MA 106 67.00 43.94 30.34
C LYS MA 106 66.70 45.37 29.88
N TRP MA 107 66.22 46.23 30.78
CA TRP MA 107 66.01 47.62 30.41
C TRP MA 107 67.32 48.29 30.02
N GLU MA 108 68.40 48.00 30.74
CA GLU MA 108 69.68 48.64 30.46
C GLU MA 108 70.31 48.10 29.19
N THR MA 109 70.31 46.79 29.01
CA THR MA 109 70.91 46.21 27.81
C THR MA 109 70.05 46.44 26.57
N ALA MA 110 68.80 46.89 26.74
CA ALA MA 110 67.96 47.15 25.57
C ALA MA 110 68.53 48.26 24.70
N GLN MA 111 69.03 49.33 25.30
CA GLN MA 111 69.50 50.49 24.55
C GLN MA 111 71.02 50.52 24.44
N ALA MA 112 71.52 51.60 23.86
CA ALA MA 112 72.94 51.76 23.61
C ALA MA 112 73.63 52.11 24.92
N TYR MA 113 74.89 52.53 24.84
CA TYR MA 113 75.64 52.86 26.04
C TYR MA 113 75.69 54.36 26.30
N GLU MA 114 76.12 55.13 25.31
CA GLU MA 114 76.24 56.58 25.52
C GLU MA 114 74.87 57.21 25.77
N LYS MA 115 73.85 56.79 25.04
CA LYS MA 115 72.52 57.32 25.29
C LYS MA 115 72.01 56.89 26.67
N LEU MA 116 72.43 55.72 27.14
CA LEU MA 116 72.08 55.27 28.49
C LEU MA 116 72.70 56.17 29.54
N LEU MA 117 73.99 56.48 29.39
CA LEU MA 117 74.63 57.40 30.30
C LEU MA 117 73.93 58.75 30.27
N ILE MA 118 73.54 59.23 29.08
CA ILE MA 118 72.83 60.50 29.01
C ILE MA 118 71.49 60.41 29.74
N SER MA 119 70.78 59.30 29.59
CA SER MA 119 69.51 59.13 30.29
C SER MA 119 69.69 59.23 31.80
N LEU MA 120 70.65 58.47 32.34
CA LEU MA 120 70.89 58.53 33.78
C LEU MA 120 71.33 59.92 34.22
N ASN MA 121 72.20 60.56 33.45
CA ASN MA 121 72.69 61.89 33.82
C ASN MA 121 71.57 62.91 33.87
N ARG MA 122 70.67 62.90 32.87
CA ARG MA 122 69.58 63.86 32.92
C ARG MA 122 68.58 63.52 34.01
N ALA MA 123 68.40 62.23 34.31
CA ALA MA 123 67.50 61.86 35.41
C ALA MA 123 68.07 62.27 36.75
N VAL MA 124 69.39 62.31 36.89
CA VAL MA 124 69.99 62.84 38.11
C VAL MA 124 69.85 64.35 38.16
N LEU MA 125 70.09 65.03 37.04
CA LEU MA 125 70.04 66.49 37.03
C LEU MA 125 68.64 67.00 37.31
N THR MA 126 67.65 66.52 36.58
CA THR MA 126 66.28 67.03 36.74
C THR MA 126 65.67 66.58 38.06
N GLY MA 127 65.59 65.27 38.26
CA GLY MA 127 65.02 64.74 39.49
C GLY MA 127 64.18 63.50 39.29
N ASP MA 128 63.66 63.31 38.09
CA ASP MA 128 62.81 62.16 37.80
C ASP MA 128 63.66 60.90 37.66
N ILE MA 129 63.79 60.16 38.75
CA ILE MA 129 64.55 58.89 38.71
C ILE MA 129 63.80 57.89 37.86
N PRO MA 130 64.49 57.12 37.00
CA PRO MA 130 63.79 56.12 36.19
C PRO MA 130 63.08 55.09 37.06
N ASP MA 131 62.18 54.34 36.44
CA ASP MA 131 61.48 53.27 37.13
C ASP MA 131 62.37 52.04 37.15
N GLY MA 132 62.58 51.48 38.32
CA GLY MA 132 63.46 50.34 38.51
C GLY MA 132 64.75 50.65 39.21
N TYR MA 133 65.08 51.93 39.39
CA TYR MA 133 66.29 52.32 40.10
C TYR MA 133 65.96 52.64 41.54
N GLY MA 134 66.60 51.94 42.46
CA GLY MA 134 66.38 52.11 43.88
C GLY MA 134 67.09 53.32 44.41
N GLU MA 135 67.55 53.22 45.66
CA GLU MA 135 68.27 54.28 46.32
C GLU MA 135 69.12 53.65 47.42
N VAL MA 136 70.43 53.63 47.20
CA VAL MA 136 71.36 52.88 48.05
C VAL MA 136 72.30 53.88 48.72
N LYS MA 137 72.95 53.40 49.77
CA LYS MA 137 73.75 54.30 50.60
C LYS MA 137 74.91 54.91 49.80
N PRO MA 138 75.13 56.22 49.90
CA PRO MA 138 76.21 56.86 49.14
C PRO MA 138 77.57 56.39 49.63
N LEU MA 139 78.36 55.84 48.72
CA LEU MA 139 79.69 55.33 49.07
C LEU MA 139 80.70 56.45 49.14
N SER MA 140 81.50 56.45 50.20
CA SER MA 140 82.59 57.40 50.32
C SER MA 140 83.73 57.02 49.37
N ASP MA 141 84.73 57.91 49.30
CA ASP MA 141 85.99 57.75 48.56
C ASP MA 141 85.84 56.96 47.26
N GLY MA 142 84.87 57.35 46.44
CA GLY MA 142 84.72 56.82 45.10
C GLY MA 142 85.37 57.65 44.01
N ILE MA 143 86.08 58.73 44.36
CA ILE MA 143 86.76 59.57 43.39
C ILE MA 143 88.11 59.99 43.94
N ARG MA 144 88.99 60.46 43.05
CA ARG MA 144 90.30 60.94 43.44
C ARG MA 144 90.20 62.32 44.08
N LEU MA 145 91.29 62.77 44.69
CA LEU MA 145 91.39 64.10 45.29
C LEU MA 145 92.64 64.81 44.80
N PRO MA 146 92.55 65.51 43.67
CA PRO MA 146 93.70 66.23 43.10
C PRO MA 146 93.87 67.61 43.74
N GLY MA 147 94.53 67.62 44.89
CA GLY MA 147 94.73 68.82 45.67
C GLY MA 147 93.97 68.74 46.97
N GLY MA 148 93.91 69.88 47.65
CA GLY MA 148 93.20 69.92 48.92
C GLY MA 148 91.73 70.21 48.73
N PHE MA 149 90.92 69.16 48.66
CA PHE MA 149 89.49 69.26 48.45
C PHE MA 149 88.77 68.49 49.55
N SER MA 150 87.51 68.85 49.78
CA SER MA 150 86.70 68.23 50.84
C SER MA 150 85.41 67.70 50.22
N VAL MA 151 85.37 66.41 49.98
CA VAL MA 151 84.20 65.76 49.40
C VAL MA 151 83.23 65.40 50.50
N THR MA 152 81.93 65.40 50.16
CA THR MA 152 80.88 65.06 51.11
C THR MA 152 79.71 64.46 50.34
N PRO MA 153 79.49 63.15 50.44
CA PRO MA 153 78.44 62.51 49.66
C PRO MA 153 77.05 62.99 50.06
N LEU MA 154 76.15 63.01 49.08
CA LEU MA 154 74.78 63.48 49.27
C LEU MA 154 73.75 62.37 49.10
N LYS MA 155 73.73 61.69 47.95
CA LYS MA 155 72.72 60.69 47.68
C LYS MA 155 73.20 59.77 46.57
N ALA MA 156 72.60 58.59 46.48
CA ALA MA 156 73.00 57.62 45.47
C ALA MA 156 71.80 56.81 45.02
N TRP MA 157 71.80 56.45 43.74
CA TRP MA 157 70.76 55.64 43.12
C TRP MA 157 71.44 54.48 42.41
N ALA MA 158 70.87 53.28 42.51
CA ALA MA 158 71.53 52.12 41.93
C ALA MA 158 70.57 50.98 41.66
N GLY MA 159 70.79 50.28 40.55
CA GLY MA 159 70.30 48.93 40.42
C GLY MA 159 70.93 48.13 39.29
N ASP MA 160 71.52 47.00 39.67
CA ASP MA 160 71.97 45.90 38.82
C ASP MA 160 73.09 46.23 37.84
N GLN MA 161 73.33 47.51 37.56
CA GLN MA 161 74.37 47.99 36.65
C GLN MA 161 74.46 49.49 36.81
N LEU MA 162 75.67 50.03 36.71
CA LEU MA 162 75.89 51.46 36.65
C LEU MA 162 75.21 52.19 37.81
N ARG MA 163 75.70 51.92 39.01
CA ARG MA 163 75.29 52.68 40.17
C ARG MA 163 75.70 54.13 40.00
N ALA MA 164 74.80 55.05 40.39
CA ALA MA 164 75.00 56.48 40.21
C ALA MA 164 75.13 57.16 41.56
N ASP MA 165 76.07 58.10 41.67
CA ASP MA 165 76.32 58.81 42.92
C ASP MA 165 76.16 60.30 42.72
N ARG MA 166 76.39 61.05 43.80
CA ARG MA 166 76.41 62.50 43.80
C ARG MA 166 77.34 62.96 44.91
N TYR MA 167 78.25 63.88 44.58
CA TYR MA 167 79.24 64.34 45.56
C TYR MA 167 79.23 65.85 45.67
N GLU MA 168 80.24 66.41 46.31
CA GLU MA 168 80.43 67.85 46.37
C GLU MA 168 81.92 68.16 46.46
N LEU MA 169 82.40 69.05 45.62
CA LEU MA 169 83.78 69.50 45.63
C LEU MA 169 83.88 70.90 46.21
N ARG MA 170 84.83 71.07 47.12
CA ARG MA 170 85.06 72.35 47.78
C ARG MA 170 86.55 72.66 47.70
N ASN MA 171 86.88 73.89 47.29
CA ASN MA 171 88.27 74.32 47.25
C ASN MA 171 88.65 74.81 48.65
N ALA MA 172 89.46 74.03 49.35
CA ALA MA 172 89.98 74.41 50.65
C ALA MA 172 91.21 75.32 50.55
N ASN MA 173 91.66 75.61 49.33
CA ASN MA 173 92.87 76.39 49.12
C ASN MA 173 92.51 77.88 49.08
N THR MA 174 93.43 78.70 48.60
CA THR MA 174 93.24 80.15 48.59
C THR MA 174 93.01 80.74 47.21
N TRP MA 175 93.55 80.14 46.16
CA TRP MA 175 93.44 80.68 44.81
C TRP MA 175 92.48 79.83 43.97
N GLY MA 176 92.41 80.14 42.68
CA GLY MA 176 91.59 79.39 41.75
C GLY MA 176 92.43 78.41 40.96
N VAL MA 177 91.90 77.19 40.80
CA VAL MA 177 92.63 76.10 40.15
C VAL MA 177 91.87 75.67 38.90
N ALA MA 178 92.46 74.75 38.14
CA ALA MA 178 91.82 74.22 36.94
C ALA MA 178 91.12 72.91 37.27
N LEU MA 179 89.86 72.80 36.89
CA LEU MA 179 89.05 71.60 37.15
C LEU MA 179 88.91 70.83 35.83
N ARG MA 180 89.85 69.92 35.61
CA ARG MA 180 89.81 69.04 34.45
C ARG MA 180 89.05 67.79 34.83
N GLU MA 181 88.10 67.40 33.97
CA GLU MA 181 87.14 66.36 34.33
C GLU MA 181 87.78 65.00 34.52
N GLN MA 182 88.96 64.76 33.96
CA GLN MA 182 89.61 63.47 34.03
C GLN MA 182 90.50 63.31 35.26
N ASP MA 183 90.63 64.36 36.09
CA ASP MA 183 91.35 64.19 37.34
C ASP MA 183 90.61 63.24 38.27
N PHE MA 184 89.29 63.37 38.36
CA PHE MA 184 88.48 62.59 39.29
C PHE MA 184 88.08 61.26 38.67
N TRP MA 185 89.09 60.50 38.26
CA TRP MA 185 88.87 59.20 37.65
C TRP MA 185 89.49 58.12 38.52
N LYS MA 186 88.90 56.95 38.48
CA LYS MA 186 89.34 55.77 39.21
C LYS MA 186 89.17 54.56 38.32
N PRO MA 187 89.72 53.43 38.71
CA PRO MA 187 89.44 52.19 37.98
C PRO MA 187 88.05 51.67 38.30
N GLY MA 188 87.04 52.13 37.56
CA GLY MA 188 85.68 51.67 37.79
C GLY MA 188 84.63 52.73 37.53
N VAL MA 189 85.05 53.99 37.43
CA VAL MA 189 84.14 55.08 37.08
C VAL MA 189 83.92 55.08 35.58
N ARG MA 190 82.67 55.31 35.16
CA ARG MA 190 82.34 55.30 33.74
C ARG MA 190 82.07 56.69 33.19
N ALA MA 191 81.68 57.64 34.02
CA ALA MA 191 81.37 58.98 33.53
C ALA MA 191 81.58 59.98 34.64
N VAL MA 192 81.81 61.23 34.26
CA VAL MA 192 81.92 62.35 35.20
C VAL MA 192 81.23 63.55 34.56
N MET MA 193 80.40 64.23 35.34
CA MET MA 193 79.72 65.45 34.90
C MET MA 193 79.85 66.55 35.94
N PHE MA 194 80.18 67.74 35.48
CA PHE MA 194 80.21 68.93 36.33
C PHE MA 194 78.88 69.65 36.16
N ASP MA 195 78.20 69.93 37.28
CA ASP MA 195 76.80 70.35 37.22
C ASP MA 195 76.66 71.76 36.65
N ASN MA 196 77.31 72.74 37.27
CA ASN MA 196 77.37 74.08 36.70
C ASN MA 196 78.58 74.16 35.79
N ASN MA 197 78.39 74.70 34.59
CA ASN MA 197 79.43 74.66 33.55
C ASN MA 197 80.45 75.77 33.83
N ALA MA 198 81.19 75.57 34.92
CA ALA MA 198 82.21 76.52 35.34
C ALA MA 198 83.58 75.94 35.02
N GLN MA 199 84.40 76.72 34.31
CA GLN MA 199 85.74 76.28 33.96
C GLN MA 199 86.73 76.40 35.09
N THR MA 200 86.37 77.15 36.14
CA THR MA 200 87.27 77.39 37.26
C THR MA 200 86.43 77.96 38.39
N LEU MA 201 86.58 77.41 39.58
CA LEU MA 201 85.90 77.90 40.76
C LEU MA 201 86.50 79.23 41.21
N MET MA 202 86.03 79.71 42.36
CA MET MA 202 86.55 80.94 42.95
C MET MA 202 87.21 80.73 44.30
N GLY MA 203 86.74 79.78 45.10
CA GLY MA 203 87.26 79.56 46.43
C GLY MA 203 86.17 79.12 47.36
N GLY MA 204 84.92 79.29 46.92
CA GLY MA 204 83.78 78.85 47.68
C GLY MA 204 83.35 77.45 47.29
N GLY MA 205 82.98 76.66 48.29
CA GLY MA 205 82.61 75.28 48.08
C GLY MA 205 81.13 75.06 47.81
N ARG MA 206 80.69 75.39 46.60
CA ARG MA 206 79.31 75.15 46.19
C ARG MA 206 79.27 74.51 44.81
N MET MA 207 80.10 73.49 44.61
CA MET MA 207 80.15 72.79 43.34
C MET MA 207 79.91 71.31 43.59
N THR MA 208 78.90 70.75 42.91
CA THR MA 208 78.58 69.33 43.00
C THR MA 208 79.02 68.62 41.73
N VAL MA 209 79.01 67.29 41.77
CA VAL MA 209 79.46 66.48 40.65
C VAL MA 209 78.72 65.16 40.70
N THR MA 210 78.46 64.58 39.53
CA THR MA 210 77.81 63.29 39.46
C THR MA 210 78.78 62.25 38.89
N VAL MA 211 78.83 61.09 39.53
CA VAL MA 211 79.74 60.01 39.15
C VAL MA 211 78.91 58.76 38.92
N ILE MA 212 79.11 58.13 37.76
CA ILE MA 212 78.36 56.94 37.40
C ILE MA 212 79.27 55.72 37.50
N ARG MA 213 79.32 55.09 38.66
CA ARG MA 213 80.20 53.95 38.86
C ARG MA 213 79.60 52.71 38.23
N GLY MA 214 80.16 51.54 38.55
CA GLY MA 214 79.66 50.28 38.04
C GLY MA 214 79.49 49.26 39.14
N ASN MA 215 79.05 48.07 38.74
CA ASN MA 215 78.84 46.94 39.66
C ASN MA 215 77.89 47.31 40.79
N GLY MA 216 76.88 48.10 40.46
CA GLY MA 216 75.90 48.50 41.46
C GLY MA 216 74.77 47.50 41.60
N ALA NA 1 74.15 48.29 60.40
CA ALA NA 1 75.46 48.79 60.77
C ALA NA 1 76.50 47.68 60.73
N GLN NA 2 76.53 46.87 61.80
CA GLN NA 2 77.57 45.85 61.93
C GLN NA 2 77.52 44.88 60.77
N SER NA 3 78.70 44.59 60.20
CA SER NA 3 78.77 43.65 59.11
C SER NA 3 78.52 42.22 59.62
N PRO NA 4 77.98 41.35 58.78
CA PRO NA 4 77.82 39.96 59.18
C PRO NA 4 79.18 39.30 59.36
N ALA NA 5 79.24 38.33 60.26
CA ALA NA 5 80.48 37.58 60.46
C ALA NA 5 80.72 36.67 59.26
N THR NA 6 81.81 36.92 58.54
CA THR NA 6 82.12 36.24 57.29
C THR NA 6 83.22 35.22 57.52
N ILE NA 7 83.01 34.00 57.01
CA ILE NA 7 83.90 32.87 57.24
C ILE NA 7 84.04 32.05 55.96
N SER NA 8 85.11 31.27 55.89
CA SER NA 8 85.41 30.43 54.73
C SER NA 8 85.58 28.99 55.18
N LEU NA 9 84.94 28.07 54.47
CA LEU NA 9 84.98 26.65 54.77
C LEU NA 9 85.33 25.87 53.51
N PRO NA 10 85.97 24.72 53.66
CA PRO NA 10 86.15 23.83 52.51
C PRO NA 10 84.86 23.10 52.20
N GLN NA 11 84.89 22.16 51.26
CA GLN NA 11 83.72 21.35 50.97
C GLN NA 11 83.46 20.41 52.13
N GLY NA 12 82.37 20.63 52.87
CA GLY NA 12 82.02 19.76 53.96
C GLY NA 12 82.72 20.03 55.27
N GLY NA 13 83.25 21.24 55.47
CA GLY NA 13 83.93 21.57 56.69
C GLY NA 13 82.96 21.71 57.86
N GLN NA 14 83.54 22.01 59.03
CA GLN NA 14 82.75 22.06 60.26
C GLN NA 14 83.29 23.16 61.15
N PHE NA 15 82.54 24.26 61.26
CA PHE NA 15 83.02 25.47 61.91
C PHE NA 15 82.46 25.60 63.32
N ARG NA 16 83.28 26.13 64.23
CA ARG NA 16 82.91 26.36 65.61
C ARG NA 16 82.42 27.80 65.76
N LEU NA 17 81.12 27.97 65.99
CA LEU NA 17 80.51 29.28 66.13
C LEU NA 17 79.63 29.31 67.38
N SER NA 18 78.91 30.41 67.55
CA SER NA 18 78.03 30.58 68.69
C SER NA 18 76.69 31.15 68.26
N ILE NA 19 75.61 30.59 68.79
CA ILE NA 19 74.25 31.08 68.54
C ILE NA 19 73.61 31.40 69.87
N SER NA 20 72.44 32.05 69.79
CA SER NA 20 71.67 32.44 70.96
C SER NA 20 70.31 31.76 70.93
N ASN NA 21 69.89 31.27 72.10
CA ASN NA 21 68.70 30.42 72.17
C ASN NA 21 67.42 31.18 71.82
N THR NA 22 67.20 32.33 72.47
CA THR NA 22 66.13 33.21 72.04
C THR NA 22 66.57 33.95 70.78
N ASP NA 23 65.76 34.89 70.31
CA ASP NA 23 66.24 35.83 69.31
C ASP NA 23 66.71 35.12 68.04
N PRO NA 24 65.79 34.66 67.19
CA PRO NA 24 66.15 33.72 66.12
C PRO NA 24 67.40 34.10 65.36
N ASN NA 25 68.21 33.10 65.05
CA ASN NA 25 69.51 33.29 64.41
C ASN NA 25 69.40 32.90 62.95
N MET NA 26 70.11 33.62 62.09
CA MET NA 26 70.04 33.37 60.66
C MET NA 26 71.38 32.89 60.14
N ILE NA 27 71.33 31.96 59.19
CA ILE NA 27 72.49 31.53 58.42
C ILE NA 27 72.10 31.58 56.95
N PHE NA 28 72.93 32.20 56.13
CA PHE NA 28 72.64 32.27 54.70
C PHE NA 28 73.93 32.19 53.91
N ILE NA 29 73.87 31.47 52.80
CA ILE NA 29 74.98 31.37 51.86
C ILE NA 29 74.74 32.35 50.72
N PRO NA 30 75.61 33.32 50.49
CA PRO NA 30 75.39 34.29 49.41
C PRO NA 30 75.52 33.62 48.06
N GLY NA 31 74.49 33.76 47.23
CA GLY NA 31 74.47 33.18 45.91
C GLY NA 31 73.76 31.86 45.80
N ASP NA 32 73.38 31.25 46.92
CA ASP NA 32 72.76 29.94 46.91
C ASP NA 32 71.42 29.97 47.63
N LYS NA 33 70.72 28.84 47.56
CA LYS NA 33 69.46 28.65 48.27
C LYS NA 33 69.57 27.39 49.12
N VAL NA 34 69.38 27.54 50.43
CA VAL NA 34 69.44 26.39 51.33
C VAL NA 34 68.24 25.49 51.07
N THR NA 35 68.50 24.20 50.91
CA THR NA 35 67.44 23.24 50.60
C THR NA 35 67.06 22.36 51.77
N ALA NA 36 68.01 21.95 52.58
CA ALA NA 36 67.74 21.02 53.66
C ALA NA 36 68.43 21.49 54.93
N ILE NA 37 68.24 20.72 55.99
CA ILE NA 37 68.89 20.99 57.28
C ILE NA 37 68.77 19.71 58.08
N THR NA 38 69.65 19.56 59.07
CA THR NA 38 69.59 18.44 60.00
C THR NA 38 70.27 18.89 61.27
N ALA NA 39 69.51 19.18 62.29
CA ALA NA 39 70.03 19.89 63.46
C ALA NA 39 69.66 19.13 64.73
N PRO NA 40 70.39 18.07 65.04
CA PRO NA 40 70.03 17.22 66.16
C PRO NA 40 70.87 17.53 67.38
N GLY NA 41 70.52 16.89 68.50
CA GLY NA 41 71.25 17.13 69.72
C GLY NA 41 70.69 18.31 70.50
N GLY NA 42 70.25 19.35 69.78
CA GLY NA 42 69.64 20.50 70.40
C GLY NA 42 68.14 20.54 70.28
N MET NA 43 67.61 19.89 69.25
CA MET NA 43 66.17 19.81 69.00
C MET NA 43 65.55 21.19 68.96
N LEU NA 44 66.08 22.02 68.07
CA LEU NA 44 65.59 23.38 67.95
C LEU NA 44 64.26 23.41 67.22
N ALA NA 45 63.52 24.51 67.41
CA ALA NA 45 62.09 24.54 67.15
C ALA NA 45 61.74 25.14 65.80
N ASP NA 46 62.08 26.40 65.56
CA ASP NA 46 61.66 27.08 64.34
C ASP NA 46 62.62 26.76 63.20
N LYS NA 47 62.08 26.49 62.02
CA LYS NA 47 62.87 26.23 60.81
C LYS NA 47 62.05 26.76 59.63
N ARG NA 48 62.42 27.93 59.13
CA ARG NA 48 61.75 28.50 57.97
C ARG NA 48 62.75 29.06 56.97
N LEU NA 49 62.31 29.13 55.73
CA LEU NA 49 63.12 29.63 54.62
C LEU NA 49 62.71 31.07 54.32
N THR NA 50 63.70 31.97 54.30
CA THR NA 50 63.44 33.36 53.97
C THR NA 50 63.35 33.51 52.45
N THR NA 51 63.34 34.75 51.98
CA THR NA 51 63.30 35.02 50.55
C THR NA 51 64.68 35.13 49.94
N ALA NA 52 65.68 35.52 50.72
CA ALA NA 52 67.05 35.60 50.20
C ALA NA 52 67.53 34.22 49.79
N GLY NA 53 67.19 33.19 50.56
CA GLY NA 53 67.63 31.85 50.27
C GLY NA 53 68.17 31.17 51.51
N GLY NA 54 68.59 31.95 52.48
CA GLY NA 54 69.12 31.42 53.71
C GLY NA 54 68.03 30.87 54.61
N VAL NA 55 68.46 30.23 55.69
CA VAL NA 55 67.56 29.62 56.66
C VAL NA 55 67.85 30.18 58.04
N LEU NA 56 66.80 30.41 58.81
CA LEU NA 56 66.93 30.90 60.17
C LEU NA 56 66.13 30.01 61.11
N PHE NA 57 66.52 30.02 62.37
CA PHE NA 57 66.10 28.99 63.30
C PHE NA 57 66.05 29.58 64.70
N THR NA 58 65.64 28.75 65.67
CA THR NA 58 65.54 29.22 67.05
C THR NA 58 65.81 28.03 67.97
N SER NA 59 67.02 27.96 68.51
CA SER NA 59 67.37 26.87 69.41
C SER NA 59 66.71 27.06 70.77
N VAL NA 60 66.63 25.98 71.53
CA VAL NA 60 66.03 26.03 72.86
C VAL NA 60 66.90 25.29 73.87
N ALA NA 61 67.85 24.50 73.37
CA ALA NA 61 68.62 23.61 74.23
C ALA NA 61 69.62 24.41 75.05
N THR NA 62 70.54 23.72 75.74
CA THR NA 62 71.48 24.37 76.63
C THR NA 62 72.90 23.81 76.55
N ARG NA 63 73.22 23.03 75.52
CA ARG NA 63 74.54 22.43 75.41
C ARG NA 63 75.02 22.54 73.96
N THR NA 64 76.28 22.15 73.75
CA THR NA 64 76.91 22.26 72.44
C THR NA 64 76.57 21.04 71.58
N PHE NA 65 76.14 21.28 70.35
CA PHE NA 65 75.74 20.20 69.46
C PHE NA 65 76.24 20.50 68.06
N THR NA 66 75.69 19.79 67.07
CA THR NA 66 76.09 19.92 65.68
C THR NA 66 74.85 20.15 64.83
N ILE NA 67 74.96 21.07 63.87
CA ILE NA 67 73.89 21.34 62.92
C ILE NA 67 74.46 21.28 61.52
N PHE NA 68 73.85 20.48 60.66
CA PHE NA 68 74.26 20.39 59.27
C PHE NA 68 73.36 21.27 58.42
N VAL NA 69 73.83 21.57 57.21
CA VAL NA 69 73.12 22.45 56.30
C VAL NA 69 73.53 22.12 54.88
N GLU NA 70 72.56 22.16 53.96
CA GLU NA 70 72.78 21.76 52.59
C GLU NA 70 72.52 22.94 51.67
N THR NA 71 72.73 22.71 50.37
CA THR NA 71 72.66 23.76 49.38
C THR NA 71 72.03 23.21 48.12
N ALA NA 72 71.46 24.11 47.31
CA ALA NA 72 70.84 23.68 46.06
C ALA NA 72 71.86 23.06 45.11
N LEU NA 73 73.12 23.48 45.19
CA LEU NA 73 74.16 22.96 44.34
C LEU NA 73 74.94 21.83 44.97
N GLY NA 74 74.56 21.39 46.18
CA GLY NA 74 75.18 20.25 46.82
C GLY NA 74 76.26 20.60 47.83
N GLN NA 75 76.63 21.88 47.94
CA GLN NA 75 77.73 22.29 48.81
C GLN NA 75 77.29 22.15 50.27
N THR NA 76 77.50 20.96 50.81
CA THR NA 76 77.15 20.67 52.20
C THR NA 76 78.14 21.33 53.16
N PHE NA 77 77.70 21.54 54.39
CA PHE NA 77 78.52 22.17 55.42
C PHE NA 77 78.18 21.53 56.76
N SER NA 78 78.66 22.17 57.83
CA SER NA 78 78.39 21.74 59.20
C SER NA 78 78.86 22.82 60.14
N VAL NA 79 78.08 23.11 61.17
CA VAL NA 79 78.40 24.14 62.14
C VAL NA 79 78.10 23.61 63.53
N VAL NA 80 79.00 23.86 64.47
CA VAL NA 80 78.86 23.39 65.84
C VAL NA 80 78.35 24.57 66.67
N ALA NA 81 77.06 24.56 66.97
CA ALA NA 81 76.44 25.65 67.70
C ALA NA 81 76.79 25.57 69.18
N THR NA 82 76.49 26.64 69.89
CA THR NA 82 76.66 26.70 71.33
C THR NA 82 75.74 27.78 71.91
N PRO NA 83 74.58 27.41 72.45
CA PRO NA 83 73.62 28.43 72.90
C PRO NA 83 74.19 29.32 74.01
N VAL NA 84 73.78 30.59 73.96
CA VAL NA 84 74.21 31.63 74.89
C VAL NA 84 72.99 32.38 75.39
N LYS NA 85 73.21 33.49 76.11
CA LYS NA 85 72.12 34.18 76.78
C LYS NA 85 71.13 34.82 75.81
N GLY NA 86 71.58 35.77 75.00
CA GLY NA 86 70.65 36.50 74.15
C GLY NA 86 71.33 37.24 73.03
N GLU NA 87 70.57 38.14 72.40
CA GLU NA 87 71.02 38.99 71.30
C GLU NA 87 71.44 38.15 70.08
N GLY NA 88 70.43 37.53 69.46
CA GLY NA 88 70.68 36.64 68.34
C GLY NA 88 71.44 37.33 67.20
N ARG NA 89 72.20 36.53 66.46
CA ARG NA 89 73.20 37.04 65.52
C ARG NA 89 73.05 36.36 64.17
N VAL NA 90 73.66 36.99 63.16
CA VAL NA 90 73.59 36.53 61.78
C VAL NA 90 75.00 36.23 61.29
N TYR NA 91 75.17 35.10 60.60
CA TYR NA 91 76.44 34.69 60.04
C TYR NA 91 76.32 34.53 58.52
N ARG NA 92 77.45 34.32 57.87
CA ARG NA 92 77.48 34.11 56.43
C ARG NA 92 78.39 32.91 56.13
N LEU NA 93 77.97 32.07 55.20
CA LEU NA 93 78.74 30.89 54.82
C LEU NA 93 79.08 30.95 53.33
N MET NA 94 80.36 30.76 53.01
CA MET NA 94 80.78 30.62 51.64
C MET NA 94 82.02 29.74 51.59
N SER NA 95 82.23 29.10 50.45
CA SER NA 95 83.42 28.32 50.20
C SER NA 95 84.46 29.17 49.49
N ALA NA 96 85.71 28.68 49.51
CA ALA NA 96 86.85 29.45 49.01
C ALA NA 96 87.16 29.18 47.55
N GLU NA 97 87.54 27.95 47.22
CA GLU NA 97 87.95 27.62 45.86
C GLU NA 97 86.79 27.34 44.92
N PRO NA 98 85.81 26.51 45.28
CA PRO NA 98 84.81 26.03 44.27
C PRO NA 98 84.11 27.16 43.53
N PRO NA 99 83.73 28.27 44.18
CA PRO NA 99 83.11 29.35 43.40
C PRO NA 99 84.14 30.06 42.53
N SER NA 100 84.10 29.81 41.22
CA SER NA 100 85.01 30.46 40.29
C SER NA 100 84.37 30.44 38.90
N ARG NA 101 83.83 31.58 38.49
CA ARG NA 101 83.30 31.74 37.13
C ARG NA 101 83.49 33.19 36.75
N PRO NA 102 84.67 33.55 36.27
CA PRO NA 102 84.92 34.94 35.85
C PRO NA 102 84.37 35.28 34.47
N GLU NA 103 83.58 34.39 33.87
CA GLU NA 103 83.01 34.67 32.57
C GLU NA 103 82.15 35.92 32.62
N THR NA 104 82.39 36.84 31.70
CA THR NA 104 81.63 38.08 31.65
C THR NA 104 80.97 38.22 30.29
N ARG NA 105 79.66 38.46 30.31
CA ARG NA 105 78.95 38.78 29.08
C ARG NA 105 79.39 40.16 28.60
N LYS NA 106 79.67 40.28 27.31
CA LYS NA 106 80.15 41.55 26.80
C LYS NA 106 78.94 42.45 26.55
N TRP NA 107 78.59 43.22 27.57
CA TRP NA 107 77.57 44.25 27.52
C TRP NA 107 78.20 45.50 26.87
N GLU NA 108 77.57 46.66 26.99
CA GLU NA 108 78.09 47.91 26.44
C GLU NA 108 78.13 47.93 24.92
N THR NA 109 76.97 47.84 24.28
CA THR NA 109 76.90 47.99 22.83
C THR NA 109 77.29 49.42 22.43
N ALA NA 110 77.42 49.63 21.14
CA ALA NA 110 77.84 50.91 20.58
C ALA NA 110 76.71 51.51 19.76
N GLN NA 111 76.97 52.70 19.22
CA GLN NA 111 75.96 53.42 18.45
C GLN NA 111 75.77 52.79 17.08
N ALA NA 112 74.67 53.15 16.43
CA ALA NA 112 74.41 52.66 15.09
C ALA NA 112 75.26 53.34 14.03
N TYR NA 113 75.65 54.60 14.26
CA TYR NA 113 76.47 55.32 13.31
C TYR NA 113 77.94 54.89 13.35
N GLU NA 114 78.47 54.59 14.54
CA GLU NA 114 79.89 54.26 14.66
C GLU NA 114 80.18 52.83 14.21
N LYS NA 115 79.27 51.89 14.46
CA LYS NA 115 79.52 50.51 14.08
C LYS NA 115 79.67 50.37 12.56
N LEU NA 116 78.84 51.09 11.80
CA LEU NA 116 78.93 50.97 10.34
C LEU NA 116 80.17 51.66 9.79
N LEU NA 117 80.54 52.81 10.37
CA LEU NA 117 81.82 53.42 10.01
C LEU NA 117 82.96 52.45 10.23
N ILE NA 118 82.99 51.80 11.40
CA ILE NA 118 84.09 50.90 11.70
C ILE NA 118 84.06 49.67 10.79
N SER NA 119 82.87 49.18 10.44
CA SER NA 119 82.79 48.00 9.58
C SER NA 119 83.31 48.31 8.18
N LEU NA 120 82.82 49.41 7.58
CA LEU NA 120 83.32 49.78 6.25
C LEU NA 120 84.81 50.08 6.29
N ASN NA 121 85.26 50.79 7.33
CA ASN NA 121 86.66 51.13 7.48
C ASN NA 121 87.52 49.90 7.69
N ARG NA 122 86.99 48.85 8.31
CA ARG NA 122 87.76 47.63 8.45
C ARG NA 122 87.81 46.86 7.15
N ALA NA 123 86.72 46.86 6.38
CA ALA NA 123 86.73 46.18 5.09
C ALA NA 123 87.54 46.92 4.04
N VAL NA 124 87.84 48.20 4.23
CA VAL NA 124 88.72 48.90 3.29
C VAL NA 124 90.18 48.60 3.59
N LEU NA 125 90.48 48.03 4.75
CA LEU NA 125 91.85 47.68 5.10
C LEU NA 125 92.18 46.23 4.80
N THR NA 126 91.31 45.30 5.20
CA THR NA 126 91.55 43.89 4.92
C THR NA 126 91.59 43.63 3.42
N GLY NA 127 90.64 44.23 2.68
CA GLY NA 127 90.54 44.07 1.24
C GLY NA 127 89.18 43.59 0.76
N ASP NA 128 88.53 42.75 1.57
CA ASP NA 128 87.22 42.19 1.19
C ASP NA 128 86.20 43.31 1.05
N ILE NA 129 85.68 43.49 -0.15
CA ILE NA 129 84.80 44.63 -0.41
C ILE NA 129 83.37 44.24 -0.03
N PRO NA 130 82.72 44.99 0.84
CA PRO NA 130 81.36 44.66 1.24
C PRO NA 130 80.40 44.76 0.06
N ASP NA 131 79.35 43.95 0.12
CA ASP NA 131 78.35 43.97 -0.94
C ASP NA 131 77.67 45.33 -0.97
N GLY NA 132 77.78 46.02 -2.10
CA GLY NA 132 77.12 47.30 -2.26
C GLY NA 132 78.09 48.44 -2.48
N TYR NA 133 79.32 48.13 -2.84
CA TYR NA 133 80.35 49.14 -3.07
C TYR NA 133 81.14 48.81 -4.33
N GLY NA 134 81.36 49.85 -5.14
CA GLY NA 134 82.02 49.65 -6.41
C GLY NA 134 83.41 50.24 -6.47
N GLU NA 135 83.61 51.20 -7.38
CA GLU NA 135 84.88 51.90 -7.49
C GLU NA 135 84.64 53.16 -8.30
N VAL NA 136 85.36 54.23 -7.94
CA VAL NA 136 85.14 55.55 -8.53
C VAL NA 136 86.48 56.24 -8.76
N LYS NA 137 86.42 57.30 -9.52
CA LYS NA 137 87.57 58.15 -9.75
C LYS NA 137 87.93 58.89 -8.47
N PRO NA 138 89.21 58.92 -8.11
CA PRO NA 138 89.63 59.64 -6.88
C PRO NA 138 89.26 61.11 -6.95
N LEU NA 139 88.50 61.56 -5.96
CA LEU NA 139 88.12 62.97 -5.87
C LEU NA 139 89.37 63.83 -5.68
N SER NA 140 89.46 64.91 -6.44
CA SER NA 140 90.65 65.75 -6.38
C SER NA 140 90.73 66.47 -5.05
N ASP NA 141 91.94 66.51 -4.49
CA ASP NA 141 92.34 67.30 -3.32
C ASP NA 141 91.24 67.45 -2.27
N GLY NA 142 90.60 66.34 -1.92
CA GLY NA 142 89.57 66.35 -0.90
C GLY NA 142 90.06 66.32 0.52
N ILE NA 143 91.37 66.42 0.75
CA ILE NA 143 91.95 66.43 2.09
C ILE NA 143 92.99 67.54 2.17
N ARG NA 144 93.09 68.15 3.35
CA ARG NA 144 93.99 69.26 3.57
C ARG NA 144 95.44 68.78 3.59
N LEU NA 145 96.37 69.75 3.56
CA LEU NA 145 97.80 69.47 3.62
C LEU NA 145 98.41 70.33 4.72
N PRO NA 146 99.04 69.72 5.73
CA PRO NA 146 99.69 70.50 6.81
C PRO NA 146 101.14 70.84 6.51
N GLY NA 147 101.34 71.70 5.53
CA GLY NA 147 102.69 72.15 5.21
C GLY NA 147 103.36 71.37 4.11
N GLY NA 148 104.66 71.11 4.29
CA GLY NA 148 105.46 70.53 3.22
C GLY NA 148 105.15 69.08 2.94
N PHE NA 149 103.91 68.80 2.57
CA PHE NA 149 103.48 67.45 2.23
C PHE NA 149 103.03 67.43 0.77
N SER NA 150 102.46 66.31 0.38
CA SER NA 150 101.86 66.17 -0.94
C SER NA 150 100.75 65.15 -0.86
N VAL NA 151 99.93 65.11 -1.90
CA VAL NA 151 98.87 64.13 -2.04
C VAL NA 151 98.99 63.48 -3.41
N THR NA 152 98.87 62.16 -3.44
CA THR NA 152 98.93 61.39 -4.68
C THR NA 152 97.75 60.44 -4.69
N PRO NA 153 96.61 60.86 -5.21
CA PRO NA 153 95.42 60.00 -5.18
C PRO NA 153 95.69 58.65 -5.81
N LEU NA 154 95.07 57.62 -5.25
CA LEU NA 154 95.20 56.26 -5.78
C LEU NA 154 93.88 55.78 -6.38
N LYS NA 155 92.82 55.79 -5.60
CA LYS NA 155 91.56 55.10 -5.90
C LYS NA 155 90.58 55.41 -4.78
N ALA NA 156 89.37 54.86 -4.90
CA ALA NA 156 88.35 55.08 -3.89
C ALA NA 156 87.20 54.11 -4.09
N TRP NA 157 86.38 53.93 -3.06
CA TRP NA 157 85.14 53.18 -3.20
C TRP NA 157 83.96 54.13 -3.14
N ALA NA 158 82.76 53.58 -3.33
CA ALA NA 158 81.55 54.35 -3.22
C ALA NA 158 80.34 53.44 -3.24
N GLY NA 159 79.21 53.99 -2.80
CA GLY NA 159 77.92 53.36 -3.01
C GLY NA 159 76.99 53.35 -1.81
N ASP NA 160 75.85 54.01 -2.00
CA ASP NA 160 74.66 53.97 -1.14
C ASP NA 160 74.86 54.67 0.20
N GLN NA 161 76.11 54.94 0.57
CA GLN NA 161 76.55 55.87 1.60
C GLN NA 161 78.06 55.73 1.74
N LEU NA 162 78.69 56.75 2.31
CA LEU NA 162 80.08 56.67 2.72
C LEU NA 162 81.00 56.37 1.54
N ARG NA 163 81.13 57.35 0.66
CA ARG NA 163 82.10 57.23 -0.42
C ARG NA 163 83.50 57.30 0.19
N ALA NA 164 84.10 56.14 0.42
CA ALA NA 164 85.42 56.08 1.02
C ALA NA 164 86.49 56.43 0.00
N ASP NA 165 87.69 56.69 0.50
CA ASP NA 165 88.82 57.09 -0.33
C ASP NA 165 90.08 56.40 0.14
N ARG NA 166 91.21 56.73 -0.50
CA ARG NA 166 92.52 56.31 -0.03
C ARG NA 166 93.56 57.24 -0.63
N TYR NA 167 94.16 58.10 0.20
CA TYR NA 167 95.19 59.01 -0.29
C TYR NA 167 96.55 58.60 0.24
N GLU NA 168 97.57 59.40 -0.06
CA GLU NA 168 98.96 59.05 0.18
C GLU NA 168 99.70 60.25 0.75
N LEU NA 169 100.59 59.97 1.70
CA LEU NA 169 101.35 61.00 2.41
C LEU NA 169 102.82 60.94 2.00
N ARG NA 170 103.44 62.10 1.90
CA ARG NA 170 104.83 62.18 1.46
C ARG NA 170 105.49 63.36 2.18
N ASN NA 171 106.40 63.06 3.10
CA ASN NA 171 107.15 64.11 3.77
C ASN NA 171 108.14 64.74 2.78
N ALA NA 172 107.79 65.91 2.26
CA ALA NA 172 108.65 66.60 1.33
C ALA NA 172 109.74 67.41 2.02
N ASN NA 173 109.73 67.43 3.35
CA ASN NA 173 110.70 68.18 4.13
C ASN NA 173 111.86 67.25 4.50
N THR NA 174 112.73 67.70 5.40
CA THR NA 174 113.95 66.95 5.71
C THR NA 174 113.98 66.30 7.08
N TRP NA 175 113.34 66.89 8.09
CA TRP NA 175 113.43 66.41 9.47
C TRP NA 175 112.12 65.75 9.89
N GLY NA 176 112.05 65.37 11.17
CA GLY NA 176 110.90 64.66 11.72
C GLY NA 176 110.07 65.52 12.65
N VAL NA 177 108.75 65.38 12.54
CA VAL NA 177 107.80 66.18 13.31
C VAL NA 177 106.82 65.25 14.01
N ALA NA 178 105.80 65.80 14.65
CA ALA NA 178 104.75 65.03 15.28
C ALA NA 178 103.52 64.98 14.37
N LEU NA 179 102.54 64.18 14.77
CA LEU NA 179 101.31 64.01 14.01
C LEU NA 179 100.10 64.06 14.92
N ARG NA 180 99.10 64.88 14.53
CA ARG NA 180 97.78 64.88 15.14
C ARG NA 180 96.76 64.91 14.02
N GLU NA 181 95.94 63.85 13.93
CA GLU NA 181 95.12 63.59 12.76
C GLU NA 181 93.88 64.47 12.68
N GLN NA 182 93.81 65.54 13.46
CA GLN NA 182 92.78 66.56 13.30
C GLN NA 182 93.19 67.65 12.33
N ASP NA 183 94.37 67.54 11.71
CA ASP NA 183 94.82 68.52 10.74
C ASP NA 183 94.37 68.20 9.32
N PHE NA 184 93.98 66.97 9.04
CA PHE NA 184 93.58 66.58 7.69
C PHE NA 184 92.10 66.77 7.46
N TRP NA 185 91.36 67.23 8.46
CA TRP NA 185 89.92 67.35 8.34
C TRP NA 185 89.56 68.32 7.21
N LYS NA 186 88.52 67.97 6.46
CA LYS NA 186 87.93 68.81 5.44
C LYS NA 186 86.42 68.87 5.68
N PRO NA 187 85.74 69.86 5.13
CA PRO NA 187 84.31 70.00 5.41
C PRO NA 187 83.48 68.90 4.77
N GLY NA 188 83.33 67.79 5.48
CA GLY NA 188 82.54 66.67 5.01
C GLY NA 188 83.11 65.33 5.42
N VAL NA 189 84.34 65.35 5.95
CA VAL NA 189 85.02 64.13 6.34
C VAL NA 189 84.28 63.46 7.49
N ARG NA 190 84.14 62.15 7.42
CA ARG NA 190 83.50 61.38 8.48
C ARG NA 190 84.48 60.66 9.39
N ALA NA 191 85.62 60.21 8.87
CA ALA NA 191 86.59 59.48 9.68
C ALA NA 191 87.90 59.40 8.92
N VAL NA 192 89.01 59.54 9.66
CA VAL NA 192 90.35 59.51 9.09
C VAL NA 192 91.17 58.45 9.84
N MET NA 193 91.76 57.53 9.10
CA MET NA 193 92.64 56.51 9.66
C MET NA 193 94.08 56.73 9.22
N PHE NA 194 95.01 56.34 10.08
CA PHE NA 194 96.41 56.20 9.71
C PHE NA 194 96.76 54.71 9.71
N ASP NA 195 97.24 54.21 8.57
CA ASP NA 195 97.45 52.77 8.42
C ASP NA 195 98.77 52.33 9.03
N ASN NA 196 99.88 52.84 8.52
CA ASN NA 196 101.20 52.57 9.10
C ASN NA 196 101.29 53.34 10.41
N ASN NA 197 101.11 52.64 11.53
CA ASN NA 197 100.93 53.27 12.84
C ASN NA 197 102.22 53.95 13.26
N ALA NA 198 102.29 55.27 13.09
CA ALA NA 198 103.46 56.04 13.47
C ALA NA 198 103.02 57.39 14.01
N GLN NA 199 103.67 57.83 15.09
CA GLN NA 199 103.40 59.14 15.70
C GLN NA 199 104.50 60.15 15.40
N THR NA 200 105.40 59.85 14.47
CA THR NA 200 106.47 60.77 14.13
C THR NA 200 106.83 60.59 12.66
N LEU NA 201 107.35 61.66 12.06
CA LEU NA 201 107.67 61.70 10.66
C LEU NA 201 109.15 61.36 10.43
N MET NA 202 109.44 60.87 9.22
CA MET NA 202 110.78 60.37 8.90
C MET NA 202 111.36 60.90 7.59
N GLY NA 203 110.52 61.28 6.62
CA GLY NA 203 110.99 61.73 5.31
C GLY NA 203 110.55 60.83 4.18
N GLY NA 204 110.23 59.57 4.48
CA GLY NA 204 109.80 58.62 3.48
C GLY NA 204 108.30 58.44 3.50
N GLY NA 205 107.67 58.74 2.37
CA GLY NA 205 106.23 58.66 2.26
C GLY NA 205 105.73 57.39 1.62
N ARG NA 206 105.27 56.46 2.44
CA ARG NA 206 104.73 55.20 1.94
C ARG NA 206 103.50 54.77 2.72
N MET NA 207 102.91 55.66 3.52
CA MET NA 207 101.73 55.35 4.31
C MET NA 207 100.50 55.97 3.68
N THR NA 208 99.36 55.31 3.86
CA THR NA 208 98.11 55.79 3.30
C THR NA 208 97.12 56.12 4.41
N VAL NA 209 96.05 56.83 4.02
CA VAL NA 209 94.95 57.14 4.91
C VAL NA 209 93.65 56.83 4.19
N THR NA 210 92.59 56.63 4.97
CA THR NA 210 91.27 56.32 4.43
C THR NA 210 90.29 57.36 4.93
N VAL NA 211 89.94 58.30 4.06
CA VAL NA 211 89.04 59.38 4.39
C VAL NA 211 87.66 59.05 3.86
N ILE NA 212 86.70 58.93 4.74
CA ILE NA 212 85.32 58.64 4.37
C ILE NA 212 84.57 59.95 4.15
N ARG NA 213 83.57 59.90 3.28
CA ARG NA 213 82.86 61.12 2.89
C ARG NA 213 81.44 60.77 2.52
N GLY NA 214 80.58 61.79 2.53
CA GLY NA 214 79.19 61.62 2.14
C GLY NA 214 79.01 61.64 0.64
N ASN NA 215 77.75 61.47 0.23
CA ASN NA 215 77.36 61.42 -1.18
C ASN NA 215 78.10 60.29 -1.90
N GLY NA 216 77.81 59.06 -1.47
CA GLY NA 216 78.39 57.88 -2.07
C GLY NA 216 77.42 56.72 -2.07
N ALA OA 69 85.45 22.80 4.96
CA ALA OA 69 85.87 21.44 5.30
C ALA OA 69 86.99 20.97 4.40
N THR OA 70 87.88 21.88 4.02
CA THR OA 70 88.98 21.58 3.13
C THR OA 70 90.21 21.21 3.97
N SER OA 71 91.37 21.16 3.32
CA SER OA 71 92.61 20.87 4.03
C SER OA 71 92.93 21.98 5.02
N ALA OA 72 93.51 21.58 6.15
CA ALA OA 72 93.91 22.54 7.16
C ALA OA 72 95.12 23.34 6.69
N VAL OA 73 95.36 24.47 7.36
CA VAL OA 73 96.42 25.37 6.94
C VAL OA 73 97.76 24.87 7.47
N GLU OA 74 98.84 25.29 6.80
CA GLU OA 74 100.19 24.91 7.17
C GLU OA 74 100.90 26.07 7.84
N VAL OA 75 101.94 25.74 8.58
CA VAL OA 75 102.81 26.71 9.22
C VAL OA 75 104.22 26.52 8.69
N PRO OA 76 104.66 27.40 7.77
CA PRO OA 76 106.00 27.22 7.18
C PRO OA 76 107.07 27.45 8.23
N SER OA 77 107.92 26.44 8.42
CA SER OA 77 109.03 26.54 9.35
C SER OA 77 110.07 27.51 8.79
N ALA OA 78 111.01 27.88 9.65
CA ALA OA 78 112.05 28.84 9.29
C ALA OA 78 113.10 28.15 8.43
N SER OA 79 114.25 28.79 8.28
CA SER OA 79 115.39 28.21 7.59
C SER OA 79 116.64 28.36 8.45
N ARG OA 80 117.53 27.39 8.34
CA ARG OA 80 118.77 27.37 9.11
C ARG OA 80 119.62 28.60 8.84
N THR OA 157 115.90 23.84 20.90
CA THR OA 157 114.50 23.46 20.74
C THR OA 157 113.60 24.46 21.45
N VAL OA 158 112.74 25.14 20.69
CA VAL OA 158 111.85 26.16 21.22
C VAL OA 158 110.42 25.81 20.85
N HIS OA 159 109.53 25.84 21.83
CA HIS OA 159 108.13 25.57 21.60
C HIS OA 159 107.47 26.76 20.90
N PRO OA 160 106.36 26.53 20.18
CA PRO OA 160 105.75 27.60 19.41
C PRO OA 160 105.19 28.71 20.30
N GLN OA 161 104.90 29.85 19.67
CA GLN OA 161 104.10 30.90 20.26
C GLN OA 161 103.37 31.63 19.15
N ARG OA 162 102.33 32.35 19.52
CA ARG OA 162 101.54 33.12 18.57
C ARG OA 162 102.30 34.39 18.16
N SER OA 163 101.76 35.06 17.15
CA SER OA 163 102.35 36.29 16.62
C SER OA 163 101.69 37.51 17.23
N ARG OA 164 102.45 38.60 17.31
CA ARG OA 164 101.95 39.82 17.92
C ARG OA 164 100.82 40.40 17.10
N ASP OA 165 99.93 41.12 17.80
CA ASP OA 165 98.78 41.71 17.15
C ASP OA 165 99.09 43.12 16.65
N GLN OA 166 98.24 43.60 15.74
CA GLN OA 166 98.32 44.96 15.23
C GLN OA 166 96.97 45.64 15.42
N ILE OA 167 97.00 46.95 15.58
CA ILE OA 167 95.84 47.73 15.96
C ILE OA 167 95.70 48.93 15.04
N ALA OA 168 94.46 49.25 14.68
CA ALA OA 168 94.15 50.40 13.84
C ALA OA 168 93.22 51.33 14.59
N THR OA 169 93.54 52.63 14.59
CA THR OA 169 92.73 53.63 15.27
C THR OA 169 92.05 54.52 14.25
N VAL OA 170 90.81 54.91 14.54
CA VAL OA 170 89.99 55.73 13.65
C VAL OA 170 89.60 56.98 14.41
N TRP OA 171 89.68 58.13 13.75
CA TRP OA 171 89.27 59.40 14.33
C TRP OA 171 87.93 59.79 13.72
N ILE OA 172 86.89 59.80 14.55
CA ILE OA 172 85.54 60.12 14.08
C ILE OA 172 85.29 61.61 14.21
N ALA OA 173 84.87 62.23 13.12
CA ALA OA 173 84.56 63.65 13.14
C ALA OA 173 83.29 63.90 13.97
N PRO OA 174 83.24 64.98 14.75
CA PRO OA 174 82.08 65.20 15.63
C PRO OA 174 80.80 65.27 14.84
N TRP OA 175 79.75 64.64 15.38
CA TRP OA 175 78.46 64.60 14.73
C TRP OA 175 77.38 64.97 15.74
N VAL OA 176 76.14 64.97 15.27
CA VAL OA 176 74.99 65.30 16.10
C VAL OA 176 73.98 64.17 15.98
N ASP OA 177 73.66 63.55 17.11
CA ASP OA 177 72.77 62.39 17.12
C ASP OA 177 71.40 62.80 16.61
N SER OA 178 70.59 61.80 16.24
CA SER OA 178 69.24 62.06 15.77
C SER OA 178 68.38 62.72 16.84
N ASP OA 179 68.72 62.58 18.12
CA ASP OA 179 67.96 63.17 19.20
C ASP OA 179 68.63 64.42 19.75
N ASN OA 180 69.34 65.15 18.89
CA ASN OA 180 70.00 66.41 19.26
C ASN OA 180 70.92 66.22 20.46
N ALA OA 181 71.95 65.38 20.26
CA ALA OA 181 72.95 65.13 21.29
C ALA OA 181 74.32 65.20 20.64
N PHE OA 182 75.00 66.31 20.82
CA PHE OA 182 76.27 66.55 20.14
C PHE OA 182 77.33 65.62 20.69
N HIS OA 183 78.04 64.93 19.81
CA HIS OA 183 79.05 63.95 20.20
C HIS OA 183 80.45 64.43 19.85
N GLN OA 184 81.41 64.08 20.70
CA GLN OA 184 82.82 64.30 20.43
C GLN OA 184 83.55 62.97 20.63
N PRO OA 185 83.31 62.00 19.75
CA PRO OA 185 83.89 60.67 19.96
C PRO OA 185 85.40 60.69 19.87
N GLY OA 186 86.03 59.79 20.62
CA GLY OA 186 87.47 59.65 20.62
C GLY OA 186 87.95 58.70 19.56
N ARG OA 187 89.23 58.36 19.63
CA ARG OA 187 89.87 57.49 18.65
C ARG OA 187 89.56 56.04 19.01
N VAL OA 188 88.73 55.39 18.21
CA VAL OA 188 88.38 54.00 18.45
C VAL OA 188 89.42 53.09 17.79
N SER OA 189 89.93 52.12 18.55
CA SER OA 189 90.95 51.20 18.09
C SER OA 189 90.37 49.79 18.02
N PHE OA 190 90.50 49.15 16.87
CA PHE OA 190 89.93 47.83 16.66
C PHE OA 190 90.98 46.89 16.10
N VAL OA 191 90.82 45.60 16.40
CA VAL OA 191 91.73 44.58 15.89
C VAL OA 191 91.29 44.18 14.49
N VAL OA 192 92.27 44.00 13.60
CA VAL OA 192 91.98 43.75 12.19
C VAL OA 192 92.29 42.33 11.76
N SER OA 193 93.25 41.65 12.40
CA SER OA 193 93.58 40.28 12.03
C SER OA 193 93.99 39.51 13.27
N PRO OA 194 93.53 38.27 13.42
CA PRO OA 194 93.90 37.50 14.61
C PRO OA 194 95.31 36.95 14.51
N ALA OA 195 95.84 36.55 15.66
CA ALA OA 195 97.19 36.01 15.71
C ALA OA 195 97.24 34.64 15.04
N ASP OA 196 98.42 34.29 14.55
CA ASP OA 196 98.63 33.03 13.84
C ASP OA 196 99.85 32.31 14.40
N TRP OA 197 99.77 30.97 14.42
CA TRP OA 197 100.85 30.16 14.97
C TRP OA 197 102.11 30.31 14.13
N VAL OA 198 103.27 30.40 14.79
CA VAL OA 198 104.53 30.56 14.10
C VAL OA 198 105.65 29.91 14.91
N LEU OA 199 106.68 29.40 14.21
CA LEU OA 199 107.84 28.82 14.85
C LEU OA 199 108.96 29.84 14.93
N PRO OA 200 109.61 30.00 16.07
CA PRO OA 200 110.67 31.01 16.19
C PRO OA 200 111.96 30.49 15.57
N ALA OA 201 112.58 31.35 14.75
CA ALA OA 201 113.85 31.00 14.12
C ALA OA 201 114.99 31.25 15.12
N ARG OA 202 114.88 30.59 16.27
CA ARG OA 202 115.87 30.71 17.32
C ARG OA 202 117.10 29.89 16.96
N VAL OA 203 117.94 29.61 17.95
CA VAL OA 203 119.07 28.71 17.73
C VAL OA 203 118.60 27.30 18.01
N ASN OA 204 117.98 26.68 17.01
CA ASN OA 204 117.37 25.36 17.19
C ASN OA 204 118.36 24.24 16.88
N VAL PA 158 63.71 96.85 22.58
CA VAL PA 158 62.27 96.84 22.69
C VAL PA 158 61.73 95.55 22.10
N HIS PA 159 62.55 94.89 21.29
CA HIS PA 159 62.17 93.63 20.68
C HIS PA 159 62.11 92.52 21.72
N PRO PA 160 61.28 91.51 21.51
CA PRO PA 160 61.20 90.39 22.46
C PRO PA 160 62.30 89.37 22.20
N GLN PA 161 63.27 89.31 23.11
CA GLN PA 161 64.44 88.46 22.93
C GLN PA 161 64.12 87.03 23.40
N ARG PA 162 65.15 86.20 23.48
CA ARG PA 162 65.04 84.83 23.96
C ARG PA 162 65.70 84.70 25.34
N SER PA 163 65.79 83.46 25.80
CA SER PA 163 66.57 83.09 26.97
C SER PA 163 67.73 82.20 26.55
N ARG PA 164 68.86 82.36 27.22
CA ARG PA 164 70.04 81.57 26.89
C ARG PA 164 69.88 80.13 27.34
N ASP PA 165 70.39 79.20 26.54
CA ASP PA 165 70.17 77.78 26.77
C ASP PA 165 71.00 77.28 27.96
N GLN PA 166 70.73 76.05 28.34
CA GLN PA 166 71.45 75.37 29.40
C GLN PA 166 71.89 73.99 28.92
N ILE PA 167 73.17 73.68 29.09
CA ILE PA 167 73.73 72.43 28.59
C ILE PA 167 74.57 71.78 29.68
N ALA PA 168 74.91 70.51 29.48
CA ALA PA 168 75.82 69.81 30.39
C ALA PA 168 76.60 68.81 29.56
N THR PA 169 77.91 68.77 29.73
CA THR PA 169 78.81 67.96 28.91
C THR PA 169 79.33 66.80 29.75
N VAL PA 170 79.00 65.59 29.36
CA VAL PA 170 79.42 64.39 30.07
C VAL PA 170 80.82 64.02 29.62
N TRP PA 171 81.54 63.29 30.45
CA TRP PA 171 82.89 62.80 30.14
C TRP PA 171 82.87 61.28 30.26
N ILE PA 172 83.01 60.59 29.13
CA ILE PA 172 82.85 59.15 29.09
C ILE PA 172 84.20 58.48 29.28
N ALA PA 173 84.36 57.78 30.40
CA ALA PA 173 85.62 57.11 30.72
C ALA PA 173 85.88 55.95 29.77
N PRO PA 174 87.12 55.50 29.65
CA PRO PA 174 87.44 54.43 28.69
C PRO PA 174 86.60 53.18 28.93
N TRP PA 175 86.01 52.67 27.86
CA TRP PA 175 85.19 51.47 27.91
C TRP PA 175 85.50 50.60 26.70
N VAL PA 176 85.26 49.31 26.84
CA VAL PA 176 85.52 48.33 25.80
C VAL PA 176 84.21 47.95 25.14
N ASP PA 177 84.17 48.02 23.82
CA ASP PA 177 82.95 47.83 23.07
C ASP PA 177 82.46 46.39 23.22
N SER PA 178 81.22 46.14 22.82
CA SER PA 178 80.70 44.79 22.74
C SER PA 178 81.20 44.05 21.51
N ASP PA 179 81.78 44.77 20.54
CA ASP PA 179 82.44 44.17 19.40
C ASP PA 179 83.95 44.16 19.55
N ASN PA 180 84.44 44.30 20.78
CA ASN PA 180 85.87 44.29 21.09
C ASN PA 180 86.60 45.41 20.35
N ALA PA 181 86.26 46.65 20.71
CA ALA PA 181 86.97 47.83 20.24
C ALA PA 181 87.15 48.78 21.42
N PHE PA 182 88.35 49.11 21.84
CA PHE PA 182 88.54 49.88 23.09
C PHE PA 182 88.28 51.33 22.79
N HIS PA 183 87.26 51.95 23.41
CA HIS PA 183 86.88 53.37 23.13
C HIS PA 183 87.55 54.26 24.18
N GLN PA 184 88.32 55.25 23.75
CA GLN PA 184 89.12 56.08 24.68
C GLN PA 184 88.25 57.18 25.28
N PRO PA 185 88.68 58.00 26.26
CA PRO PA 185 87.79 58.94 26.90
C PRO PA 185 87.15 59.89 25.89
N GLY PA 186 85.96 60.43 26.16
CA GLY PA 186 85.29 61.28 25.15
C GLY PA 186 84.32 62.25 25.78
N ARG PA 187 83.61 63.10 25.01
CA ARG PA 187 82.62 63.99 25.60
C ARG PA 187 81.34 63.90 24.78
N VAL PA 188 80.21 63.98 25.48
CA VAL PA 188 78.91 64.06 24.84
C VAL PA 188 78.12 65.18 25.52
N SER PA 189 77.47 66.02 24.74
CA SER PA 189 76.79 67.20 25.24
C SER PA 189 75.31 67.14 24.88
N PHE PA 190 74.48 67.74 25.73
CA PHE PA 190 73.04 67.71 25.56
C PHE PA 190 72.43 68.91 26.27
N VAL PA 191 71.20 69.25 25.88
CA VAL PA 191 70.50 70.41 26.43
C VAL PA 191 69.46 69.94 27.44
N VAL PA 192 69.29 70.70 28.51
CA VAL PA 192 68.41 70.34 29.60
C VAL PA 192 67.14 71.18 29.61
N SER PA 193 67.28 72.50 29.48
CA SER PA 193 66.15 73.43 29.58
C SER PA 193 66.10 74.26 28.31
N PRO PA 194 65.32 73.83 27.31
CA PRO PA 194 65.31 74.54 26.03
C PRO PA 194 64.83 75.97 26.17
N ALA PA 195 65.33 76.84 25.31
CA ALA PA 195 65.03 78.26 25.38
C ALA PA 195 63.56 78.56 25.08
N ASP PA 196 62.97 79.48 25.84
CA ASP PA 196 61.62 79.98 25.65
C ASP PA 196 61.59 81.48 25.86
N TRP PA 197 60.55 82.12 25.32
CA TRP PA 197 60.47 83.58 25.38
C TRP PA 197 60.45 84.07 26.82
N VAL PA 198 61.20 85.14 27.06
CA VAL PA 198 61.23 85.78 28.36
C VAL PA 198 59.99 86.65 28.48
N LEU PA 199 59.26 86.49 29.59
CA LEU PA 199 58.04 87.29 29.76
C LEU PA 199 58.37 88.66 30.34
N PRO PA 200 58.13 89.73 29.60
CA PRO PA 200 58.54 91.06 30.06
C PRO PA 200 57.80 91.48 31.32
N ALA PA 201 58.50 92.26 32.15
CA ALA PA 201 57.93 92.82 33.37
C ALA PA 201 57.66 94.31 33.26
N ARG PA 202 58.02 94.92 32.14
CA ARG PA 202 57.79 96.34 31.91
C ARG PA 202 57.12 96.52 30.55
N VAL PA 203 56.02 97.26 30.53
CA VAL PA 203 55.33 97.59 29.27
C VAL PA 203 55.00 99.07 29.23
N PRO QA 1 64.85 8.08 71.40
CA PRO QA 1 65.97 8.46 72.26
C PRO QA 1 67.21 8.92 71.51
N GLY QA 2 67.16 8.91 70.17
CA GLY QA 2 68.29 9.38 69.40
C GLY QA 2 67.99 9.93 68.01
N MET QA 3 66.71 10.03 67.66
CA MET QA 3 66.35 10.41 66.29
C MET QA 3 66.64 11.89 66.04
N MET QA 4 66.64 12.26 64.75
CA MET QA 4 67.10 13.58 64.31
C MET QA 4 65.90 14.46 63.97
N ASP QA 5 66.21 15.71 63.57
CA ASP QA 5 65.21 16.72 63.21
C ASP QA 5 65.55 17.19 61.79
N SER QA 6 65.19 16.38 60.79
CA SER QA 6 65.61 16.64 59.42
C SER QA 6 64.44 17.23 58.65
N GLN QA 7 64.73 18.23 57.83
CA GLN QA 7 63.70 18.92 57.06
C GLN QA 7 64.26 19.34 55.71
N GLU QA 8 63.38 19.44 54.72
CA GLU QA 8 63.74 19.92 53.40
C GLU QA 8 62.78 21.02 52.99
N PHE QA 9 63.31 22.12 52.48
CA PHE QA 9 62.50 23.26 52.05
C PHE QA 9 62.39 23.21 50.53
N SER QA 10 61.16 23.17 50.03
CA SER QA 10 60.87 23.20 48.60
C SER QA 10 61.63 22.10 47.85
N ALA RA 1 84.97 24.86 59.38
CA ALA RA 1 86.32 25.30 59.72
C ALA RA 1 87.34 24.40 59.07
N GLN RA 2 87.62 23.30 59.77
CA GLN RA 2 88.73 22.43 59.44
C GLN RA 2 88.49 21.79 58.06
N SER RA 3 89.56 21.36 57.43
CA SER RA 3 89.42 20.48 56.29
C SER RA 3 88.82 19.16 56.75
N PRO RA 4 87.97 18.53 55.95
CA PRO RA 4 87.45 17.22 56.33
C PRO RA 4 88.57 16.22 56.49
N ALA RA 5 88.44 15.33 57.48
CA ALA RA 5 89.46 14.32 57.71
C ALA RA 5 89.43 13.30 56.59
N THR RA 6 90.58 13.11 55.94
CA THR RA 6 90.69 12.34 54.71
C THR RA 6 91.43 11.03 54.95
N ILE RA 7 91.02 9.97 54.26
CA ILE RA 7 91.53 8.62 54.46
C ILE RA 7 91.65 7.91 53.11
N SER RA 8 92.31 6.74 53.13
CA SER RA 8 92.70 6.06 51.90
C SER RA 8 91.71 4.97 51.45
N LEU RA 9 91.53 3.92 52.25
CA LEU RA 9 90.46 2.93 52.00
C LEU RA 9 90.42 2.28 50.61
N PRO RA 10 91.26 1.27 50.31
CA PRO RA 10 91.02 0.48 49.10
C PRO RA 10 89.66 -0.21 49.12
N GLN RA 11 89.28 -0.89 48.04
CA GLN RA 11 87.98 -1.58 47.95
C GLN RA 11 87.87 -2.56 49.11
N GLY RA 12 86.94 -2.30 50.02
CA GLY RA 12 86.78 -3.17 51.17
C GLY RA 12 87.86 -3.05 52.22
N GLY RA 13 88.43 -1.87 52.39
CA GLY RA 13 89.41 -1.68 53.44
C GLY RA 13 88.77 -1.44 54.78
N GLN RA 14 89.62 -1.39 55.81
CA GLN RA 14 89.21 -1.09 57.17
C GLN RA 14 89.96 0.14 57.65
N PHE RA 15 89.29 0.98 58.42
CA PHE RA 15 89.96 2.13 59.04
C PHE RA 15 89.36 2.37 60.42
N ARG RA 16 90.24 2.67 61.38
CA ARG RA 16 89.81 2.88 62.76
C ARG RA 16 89.61 4.37 62.99
N LEU RA 17 88.38 4.76 63.32
CA LEU RA 17 88.03 6.14 63.55
C LEU RA 17 87.20 6.21 64.84
N SER RA 18 86.64 7.39 65.12
CA SER RA 18 85.79 7.56 66.28
C SER RA 18 84.61 8.45 65.93
N ILE RA 19 83.43 8.11 66.43
CA ILE RA 19 82.22 8.87 66.20
C ILE RA 19 81.64 9.27 67.55
N SER RA 20 80.64 10.15 67.51
CA SER RA 20 80.05 10.73 68.70
C SER RA 20 78.61 10.24 68.85
N ASN RA 21 78.23 9.91 70.08
CA ASN RA 21 76.91 9.38 70.34
C ASN RA 21 75.83 10.45 70.43
N THR RA 22 76.19 11.69 70.73
CA THR RA 22 75.35 12.83 70.42
C THR RA 22 75.69 13.27 69.00
N ASP RA 23 75.22 14.45 68.59
CA ASP RA 23 75.88 15.15 67.49
C ASP RA 23 76.03 14.29 66.24
N PRO RA 24 74.99 14.12 65.43
CA PRO RA 24 75.06 13.15 64.33
C PRO RA 24 76.26 13.38 63.44
N ASN RA 25 76.69 12.31 62.78
CA ASN RA 25 77.91 12.35 61.99
C ASN RA 25 77.57 12.32 60.50
N MET RA 26 78.59 12.48 59.67
CA MET RA 26 78.41 12.38 58.22
C MET RA 26 79.65 11.77 57.61
N ILE RA 27 79.45 10.79 56.74
CA ILE RA 27 80.49 10.25 55.87
C ILE RA 27 80.03 10.46 54.44
N PHE RA 28 80.86 11.11 53.63
CA PHE RA 28 80.50 11.36 52.24
C PHE RA 28 81.67 11.02 51.33
N ILE RA 29 81.33 10.68 50.10
CA ILE RA 29 82.29 10.25 49.09
C ILE RA 29 82.28 11.26 47.94
N PRO RA 30 83.42 11.85 47.60
CA PRO RA 30 83.47 12.70 46.40
C PRO RA 30 83.52 11.88 45.14
N GLY RA 31 82.77 12.31 44.13
CA GLY RA 31 82.68 11.62 42.87
C GLY RA 31 81.61 10.55 42.79
N ASP RA 32 80.91 10.27 43.89
CA ASP RA 32 79.87 9.25 43.95
C ASP RA 32 78.77 9.70 44.90
N LYS RA 33 77.79 8.82 45.10
CA LYS RA 33 76.74 9.05 46.08
C LYS RA 33 76.42 7.74 46.78
N VAL RA 34 76.35 7.79 48.11
CA VAL RA 34 76.13 6.58 48.90
C VAL RA 34 74.67 6.18 48.81
N THR RA 35 74.41 4.93 48.48
CA THR RA 35 73.06 4.42 48.34
C THR RA 35 72.69 3.35 49.36
N ALA RA 36 73.61 2.93 50.21
CA ALA RA 36 73.31 1.91 51.20
C ALA RA 36 74.26 2.04 52.37
N ILE RA 37 73.78 1.62 53.54
CA ILE RA 37 74.61 1.51 54.73
C ILE RA 37 73.96 0.53 55.69
N THR RA 38 74.74 -0.42 56.20
CA THR RA 38 74.24 -1.42 57.13
C THR RA 38 75.31 -1.62 58.20
N ALA RA 39 75.07 -1.11 59.40
CA ALA RA 39 76.06 -1.08 60.46
C ALA RA 39 75.53 -1.73 61.71
N PRO RA 40 75.39 -3.04 61.70
CA PRO RA 40 74.99 -3.73 62.92
C PRO RA 40 76.15 -3.90 63.86
N GLY RA 41 75.93 -4.61 64.96
CA GLY RA 41 76.89 -4.70 66.03
C GLY RA 41 76.63 -3.72 67.16
N GLY RA 42 76.18 -2.50 66.83
CA GLY RA 42 75.91 -1.50 67.85
C GLY RA 42 74.55 -0.84 67.73
N MET RA 43 73.83 -1.15 66.65
CA MET RA 43 72.45 -0.71 66.46
C MET RA 43 72.33 0.81 66.48
N LEU RA 44 72.89 1.42 65.45
CA LEU RA 44 72.78 2.88 65.31
C LEU RA 44 71.32 3.31 65.27
N ALA RA 45 71.08 4.55 65.69
CA ALA RA 45 69.71 5.03 65.85
C ALA RA 45 68.98 5.11 64.52
N ASP RA 46 69.48 5.91 63.59
CA ASP RA 46 68.80 6.09 62.32
C ASP RA 46 69.82 6.45 61.24
N LYS RA 47 69.38 6.32 59.98
CA LYS RA 47 70.19 6.70 58.83
C LYS RA 47 69.36 7.58 57.92
N ARG RA 48 70.03 8.51 57.25
CA ARG RA 48 69.33 9.44 56.37
C ARG RA 48 70.24 9.82 55.22
N LEU RA 49 69.83 9.49 54.00
CA LEU RA 49 70.63 9.73 52.81
C LEU RA 49 70.33 11.12 52.26
N THR RA 50 71.34 11.99 52.25
CA THR RA 50 71.14 13.37 51.81
C THR RA 50 71.04 13.43 50.30
N THR RA 51 70.98 14.65 49.77
CA THR RA 51 70.94 14.83 48.33
C THR RA 51 72.31 15.06 47.72
N ALA RA 52 73.28 15.52 48.51
CA ALA RA 52 74.64 15.69 48.00
C ALA RA 52 75.23 14.34 47.58
N GLY RA 53 75.02 13.33 48.40
CA GLY RA 53 75.59 12.01 48.14
C GLY RA 53 76.22 11.41 49.37
N GLY RA 54 76.01 12.03 50.52
CA GLY RA 54 76.49 11.50 51.79
C GLY RA 54 75.41 10.75 52.54
N VAL RA 55 75.78 10.27 53.72
CA VAL RA 55 74.85 9.56 54.59
C VAL RA 55 75.00 10.09 56.01
N LEU RA 56 73.87 10.40 56.64
CA LEU RA 56 73.82 10.89 58.01
C LEU RA 56 73.34 9.80 58.95
N PHE RA 57 73.98 9.70 60.10
CA PHE RA 57 73.64 8.66 61.07
C PHE RA 57 73.92 9.19 62.46
N THR RA 58 73.55 8.39 63.46
CA THR RA 58 73.92 8.70 64.83
C THR RA 58 73.81 7.43 65.66
N SER RA 59 74.78 7.23 66.54
CA SER RA 59 74.81 6.07 67.41
C SER RA 59 74.48 6.50 68.84
N VAL RA 60 73.99 5.53 69.63
CA VAL RA 60 73.79 5.73 71.06
C VAL RA 60 74.45 4.65 71.89
N ALA RA 61 75.09 3.67 71.27
CA ALA RA 61 75.75 2.60 72.01
C ALA RA 61 77.02 3.13 72.68
N THR RA 62 77.77 2.21 73.31
CA THR RA 62 78.99 2.59 74.02
C THR RA 62 80.14 1.63 73.75
N ARG RA 63 80.14 0.93 72.62
CA ARG RA 63 81.20 -0.02 72.33
C ARG RA 63 81.52 -0.01 70.84
N THR RA 64 82.66 -0.60 70.51
CA THR RA 64 83.18 -0.62 69.16
C THR RA 64 82.42 -1.60 68.28
N PHE RA 65 82.05 -1.16 67.08
CA PHE RA 65 81.31 -2.00 66.15
C PHE RA 65 81.86 -1.76 64.75
N THR RA 66 81.10 -2.17 63.74
CA THR RA 66 81.54 -2.07 62.35
C THR RA 66 80.44 -1.48 61.49
N ILE RA 67 80.82 -0.58 60.60
CA ILE RA 67 79.90 0.09 59.69
C ILE RA 67 80.31 -0.22 58.26
N PHE RA 68 79.36 -0.66 57.46
CA PHE RA 68 79.61 -0.98 56.05
C PHE RA 68 78.90 0.05 55.19
N VAL RA 69 79.66 0.91 54.54
CA VAL RA 69 79.11 1.93 53.65
C VAL RA 69 79.31 1.46 52.22
N GLU RA 70 78.24 1.47 51.44
CA GLU RA 70 78.26 0.98 50.07
C GLU RA 70 77.81 2.06 49.11
N THR RA 71 78.47 2.12 47.96
CA THR RA 71 78.27 3.17 47.00
C THR RA 71 77.38 2.66 45.86
N ALA RA 72 77.13 3.52 44.87
CA ALA RA 72 76.32 3.16 43.72
C ALA RA 72 77.12 2.56 42.58
N LEU RA 73 78.41 2.89 42.46
CA LEU RA 73 79.25 2.39 41.40
C LEU RA 73 79.96 1.09 41.77
N GLY RA 74 79.35 0.29 42.63
CA GLY RA 74 79.98 -0.94 43.06
C GLY RA 74 81.25 -0.71 43.86
N GLN RA 75 81.18 0.21 44.81
CA GLN RA 75 82.25 0.45 45.76
C GLN RA 75 81.76 0.11 47.15
N THR RA 76 82.55 -0.65 47.91
CA THR RA 76 82.17 -1.05 49.25
C THR RA 76 83.36 -0.83 50.18
N PHE RA 77 83.15 -0.09 51.25
CA PHE RA 77 84.18 0.21 52.23
C PHE RA 77 83.72 -0.30 53.59
N SER RA 78 84.55 -0.08 54.61
CA SER RA 78 84.22 -0.53 55.94
C SER RA 78 84.99 0.31 56.95
N VAL RA 79 84.27 0.89 57.90
CA VAL RA 79 84.88 1.73 58.93
C VAL RA 79 84.53 1.18 60.30
N VAL RA 80 85.51 1.10 61.18
CA VAL RA 80 85.32 0.58 62.52
C VAL RA 80 85.18 1.78 63.44
N ALA RA 81 83.96 2.03 63.91
CA ALA RA 81 83.68 3.22 64.69
C ALA RA 81 83.97 3.00 66.16
N THR RA 82 83.85 4.06 66.93
CA THR RA 82 83.93 4.02 68.39
C THR RA 82 83.24 5.24 68.98
N PRO RA 83 82.12 5.06 69.67
CA PRO RA 83 81.40 6.22 70.21
C PRO RA 83 82.22 6.99 71.24
N VAL RA 84 82.14 8.32 71.18
CA VAL RA 84 82.78 9.21 72.14
C VAL RA 84 81.79 10.31 72.53
N LYS RA 85 82.27 11.30 73.29
CA LYS RA 85 81.40 12.30 73.92
C LYS RA 85 80.60 13.17 72.96
N GLY RA 86 81.27 14.02 72.18
CA GLY RA 86 80.54 14.99 71.39
C GLY RA 86 81.32 15.62 70.27
N GLU RA 87 80.81 16.75 69.78
CA GLU RA 87 81.38 17.48 68.65
C GLU RA 87 81.40 16.61 67.39
N GLY RA 88 80.21 16.34 66.88
CA GLY RA 88 80.01 15.50 65.70
C GLY RA 88 80.98 15.77 64.57
N ARG RA 89 81.34 14.74 63.81
CA ARG RA 89 82.47 14.79 62.91
C ARG RA 89 82.05 14.49 61.48
N VAL RA 90 82.87 14.98 60.54
CA VAL RA 90 82.65 14.76 59.11
C VAL RA 90 83.93 14.18 58.54
N TYR RA 91 83.82 13.03 57.87
CA TYR RA 91 84.95 12.36 57.25
C TYR RA 91 84.76 12.33 55.74
N ARG RA 92 85.86 12.15 55.02
CA ARG RA 92 85.85 12.06 53.58
C ARG RA 92 86.48 10.74 53.15
N LEU RA 93 85.87 10.09 52.16
CA LEU RA 93 86.37 8.83 51.62
C LEU RA 93 87.00 9.09 50.26
N MET RA 94 88.07 8.38 49.95
CA MET RA 94 88.73 8.52 48.65
C MET RA 94 89.21 7.15 48.21
N SER RA 95 88.45 6.50 47.33
CA SER RA 95 88.84 5.19 46.84
C SER RA 95 90.22 5.27 46.21
N ALA RA 96 91.11 4.37 46.63
CA ALA RA 96 92.45 4.32 46.06
C ALA RA 96 92.47 3.63 44.71
N GLU RA 97 91.35 3.00 44.31
CA GLU RA 97 91.25 2.30 43.03
C GLU RA 97 90.01 2.80 42.31
N PRO RA 98 90.14 3.44 41.15
CA PRO RA 98 88.98 4.04 40.52
C PRO RA 98 87.96 2.98 40.14
N PRO RA 99 86.66 3.31 40.23
CA PRO RA 99 85.63 2.37 39.77
C PRO RA 99 85.48 2.38 38.26
N SER RA 100 84.45 1.71 37.74
CA SER RA 100 84.18 1.65 36.32
C SER RA 100 82.90 2.40 35.99
N ARG RA 101 82.97 3.30 35.01
CA ARG RA 101 81.85 4.13 34.61
C ARG RA 101 81.66 4.02 33.10
N PRO RA 102 80.85 3.07 32.63
CA PRO RA 102 80.71 2.87 31.17
C PRO RA 102 80.24 4.10 30.42
N GLU RA 103 79.49 5.01 31.07
CA GLU RA 103 79.17 6.28 30.44
C GLU RA 103 80.44 7.03 30.07
N THR RA 104 81.42 7.06 30.97
CA THR RA 104 82.68 7.69 30.65
C THR RA 104 83.44 6.92 29.57
N ARG RA 105 83.26 5.59 29.50
CA ARG RA 105 83.88 4.84 28.41
C ARG RA 105 83.36 5.30 27.06
N LYS RA 106 82.04 5.38 26.92
CA LYS RA 106 81.51 5.81 25.63
C LYS RA 106 81.84 7.27 25.35
N TRP RA 107 81.86 8.11 26.38
CA TRP RA 107 82.26 9.51 26.18
C TRP RA 107 83.70 9.62 25.71
N GLU RA 108 84.60 8.81 26.27
CA GLU RA 108 86.01 8.87 25.89
C GLU RA 108 86.23 8.31 24.49
N THR RA 109 85.63 7.15 24.19
CA THR RA 109 85.81 6.57 22.88
C THR RA 109 85.06 7.33 21.80
N ALA RA 110 84.17 8.26 22.18
CA ALA RA 110 83.44 9.03 21.18
C ALA RA 110 84.37 9.87 20.33
N GLN RA 111 85.33 10.56 20.94
CA GLN RA 111 86.17 11.49 20.19
C GLN RA 111 87.55 10.91 19.93
N ALA RA 112 88.44 11.74 19.40
CA ALA RA 112 89.77 11.33 19.01
C ALA RA 112 90.63 11.15 20.26
N TYR RA 113 91.94 10.99 20.08
CA TYR RA 113 92.85 10.79 21.20
C TYR RA 113 93.56 12.07 21.61
N GLU RA 114 94.22 12.75 20.67
CA GLU RA 114 94.94 13.96 21.02
C GLU RA 114 93.99 15.05 21.49
N LYS RA 115 92.83 15.17 20.84
CA LYS RA 115 91.83 16.13 21.32
C LYS RA 115 91.36 15.78 22.72
N LEU RA 116 91.23 14.49 23.01
CA LEU RA 116 90.83 14.05 24.35
C LEU RA 116 91.88 14.43 25.39
N LEU RA 117 93.16 14.23 25.07
CA LEU RA 117 94.21 14.64 25.98
C LEU RA 117 94.20 16.15 26.21
N ILE RA 118 93.94 16.92 25.15
CA ILE RA 118 93.83 18.37 25.31
C ILE RA 118 92.66 18.73 26.21
N SER RA 119 91.52 18.06 26.03
CA SER RA 119 90.35 18.33 26.85
C SER RA 119 90.67 18.09 28.33
N LEU RA 120 91.24 16.94 28.65
CA LEU RA 120 91.58 16.66 30.04
C LEU RA 120 92.61 17.64 30.57
N ASN RA 121 93.62 17.98 29.76
CA ASN RA 121 94.67 18.88 30.23
C ASN RA 121 94.12 20.26 30.55
N ARG RA 122 93.26 20.80 29.68
CA ARG RA 122 92.70 22.11 29.95
C ARG RA 122 91.71 22.07 31.12
N ALA RA 123 91.02 20.94 31.30
CA ALA RA 123 90.13 20.83 32.45
C ALA RA 123 90.91 20.76 33.75
N VAL RA 124 92.13 20.21 33.72
CA VAL RA 124 92.98 20.25 34.91
C VAL RA 124 93.51 21.66 35.13
N LEU RA 125 93.93 22.34 34.05
CA LEU RA 125 94.53 23.67 34.20
C LEU RA 125 93.50 24.68 34.73
N THR RA 126 92.34 24.77 34.08
CA THR RA 126 91.36 25.77 34.46
C THR RA 126 90.71 25.42 35.80
N GLY RA 127 90.07 24.27 35.87
CA GLY RA 127 89.42 23.85 37.10
C GLY RA 127 88.12 23.10 36.87
N ASP RA 128 87.48 23.33 35.73
CA ASP RA 128 86.19 22.70 35.44
C ASP RA 128 86.41 21.23 35.06
N ILE RA 129 86.29 20.35 36.05
CA ILE RA 129 86.43 18.91 35.79
C ILE RA 129 85.25 18.44 34.94
N PRO RA 130 85.47 17.61 33.93
CA PRO RA 130 84.35 17.12 33.12
C PRO RA 130 83.33 16.37 33.96
N ASP RA 131 82.15 16.19 33.39
CA ASP RA 131 81.11 15.41 34.04
C ASP RA 131 81.38 13.94 33.81
N GLY RA 132 81.43 13.17 34.89
CA GLY RA 132 81.74 11.75 34.83
C GLY RA 132 83.10 11.39 35.38
N TYR RA 133 83.95 12.37 35.70
CA TYR RA 133 85.27 12.11 36.24
C TYR RA 133 85.24 12.32 37.75
N GLY RA 134 85.66 11.31 38.49
CA GLY RA 134 85.62 11.32 39.93
C GLY RA 134 86.82 12.03 40.53
N GLU RA 135 87.14 11.63 41.75
CA GLU RA 135 88.28 12.18 42.47
C GLU RA 135 88.83 11.07 43.35
N VAL RA 136 89.98 10.52 42.98
CA VAL RA 136 90.55 9.36 43.64
C VAL RA 136 91.80 9.79 44.40
N LYS RA 137 92.36 8.87 45.14
CA LYS RA 137 93.54 9.16 45.93
C LYS RA 137 94.75 9.36 45.01
N PRO RA 138 95.55 10.41 45.22
CA PRO RA 138 96.72 10.63 44.35
C PRO RA 138 97.79 9.58 44.61
N LEU RA 139 98.19 8.90 43.54
CA LEU RA 139 99.18 7.84 43.65
C LEU RA 139 100.59 8.41 43.68
N SER RA 140 101.39 7.95 44.65
CA SER RA 140 102.78 8.33 44.71
C SER RA 140 103.57 7.66 43.59
N ASP RA 141 104.85 8.02 43.50
CA ASP RA 141 105.86 7.46 42.61
C ASP RA 141 105.28 6.97 41.28
N GLY RA 142 104.58 7.85 40.57
CA GLY RA 142 104.12 7.61 39.23
C GLY RA 142 104.95 8.26 38.14
N ILE RA 143 106.10 8.85 38.50
CA ILE RA 143 107.01 9.47 37.54
C ILE RA 143 108.44 9.18 37.95
N ARG RA 144 109.36 9.40 37.03
CA ARG RA 144 110.79 9.21 37.30
C ARG RA 144 111.33 10.40 38.09
N LEU RA 145 112.55 10.24 38.60
CA LEU RA 145 113.26 11.30 39.32
C LEU RA 145 114.65 11.47 38.74
N PRO RA 146 114.81 12.30 37.70
CA PRO RA 146 116.12 12.53 37.08
C PRO RA 146 116.92 13.60 37.82
N GLY RA 147 117.59 13.17 38.88
CA GLY RA 147 118.34 14.04 39.74
C GLY RA 147 117.73 14.09 41.13
N GLY RA 148 118.20 15.06 41.92
CA GLY RA 148 117.67 15.19 43.26
C GLY RA 148 116.46 16.10 43.29
N PHE RA 149 115.27 15.49 43.22
CA PHE RA 149 114.01 16.21 43.19
C PHE RA 149 113.11 15.66 44.29
N SER RA 150 112.16 16.47 44.74
CA SER RA 150 111.26 16.11 45.82
C SER RA 150 109.82 16.26 45.34
N VAL RA 151 109.19 15.16 44.98
CA VAL RA 151 107.81 15.14 44.49
C VAL RA 151 106.86 15.07 45.67
N THR RA 152 105.68 15.67 45.50
CA THR RA 152 104.64 15.68 46.54
C THR RA 152 103.29 15.75 45.86
N PRO RA 153 102.53 14.65 45.85
CA PRO RA 153 101.25 14.65 45.14
C PRO RA 153 100.25 15.60 45.75
N LEU RA 154 99.37 16.15 44.90
CA LEU RA 154 98.37 17.12 45.31
C LEU RA 154 96.95 16.60 45.17
N LYS RA 155 96.56 16.15 43.97
CA LYS RA 155 95.20 15.72 43.73
C LYS RA 155 95.17 14.85 42.49
N ALA RA 156 94.11 14.06 42.35
CA ALA RA 156 93.99 13.16 41.21
C ALA RA 156 92.53 13.00 40.82
N TRP RA 157 92.30 12.92 39.52
CA TRP RA 157 90.97 12.72 38.95
C TRP RA 157 91.03 11.50 38.05
N ALA RA 158 90.02 10.64 38.13
CA ALA RA 158 90.08 9.37 37.43
C ALA RA 158 88.70 8.83 37.13
N GLY RA 159 88.53 8.29 35.93
CA GLY RA 159 87.46 7.34 35.72
C GLY RA 159 87.57 6.54 34.44
N ASP RA 160 87.65 5.22 34.62
CA ASP RA 160 87.45 4.19 33.60
C ASP RA 160 88.48 4.17 32.48
N GLN RA 161 89.29 5.22 32.36
CA GLN RA 161 90.33 5.33 31.35
C GLN RA 161 91.09 6.63 31.60
N LEU RA 162 92.40 6.59 31.40
CA LEU RA 162 93.22 7.80 31.44
C LEU RA 162 93.04 8.56 32.75
N ARG RA 163 93.46 7.92 33.83
CA ARG RA 163 93.52 8.60 35.11
C ARG RA 163 94.50 9.76 35.05
N ALA RA 164 94.12 10.89 35.63
CA ALA RA 164 94.92 12.11 35.59
C ALA RA 164 95.44 12.45 36.98
N ASP RA 165 96.68 12.91 37.05
CA ASP RA 165 97.30 13.25 38.33
C ASP RA 165 97.81 14.68 38.32
N ARG RA 166 98.41 15.08 39.43
CA ARG RA 166 99.06 16.36 39.59
C ARG RA 166 100.17 16.22 40.61
N TYR RA 167 101.35 16.72 40.29
CA TYR RA 167 102.50 16.56 41.18
C TYR RA 167 103.15 17.91 41.48
N GLU RA 168 104.34 17.88 42.06
CA GLU RA 168 105.13 19.08 42.25
C GLU RA 168 106.60 18.73 42.16
N LEU RA 169 107.35 19.50 41.37
CA LEU RA 169 108.79 19.31 41.20
C LEU RA 169 109.54 20.40 41.94
N ARG RA 170 110.53 20.01 42.73
CA ARG RA 170 111.35 20.95 43.49
C ARG RA 170 112.80 20.62 43.25
N ASN RA 171 113.60 21.64 42.89
CA ASN RA 171 115.03 21.45 42.71
C ASN RA 171 115.73 21.52 44.05
N ALA RA 172 116.17 20.37 44.55
CA ALA RA 172 116.90 20.29 45.81
C ALA RA 172 118.38 20.59 45.64
N ASN RA 173 118.83 20.83 44.41
CA ASN RA 173 120.24 21.06 44.13
C ASN RA 173 120.56 22.55 44.30
N THR RA 174 121.72 22.96 43.79
CA THR RA 174 122.20 24.33 43.97
C THR RA 174 122.06 25.20 42.72
N TRP RA 175 122.17 24.61 41.53
CA TRP RA 175 122.20 25.37 40.28
C TRP RA 175 120.92 25.11 39.49
N GLY RA 176 120.88 25.62 38.27
CA GLY RA 176 119.74 25.44 37.38
C GLY RA 176 120.02 24.35 36.35
N VAL RA 177 119.04 23.46 36.17
CA VAL RA 177 119.19 22.31 35.31
C VAL RA 177 118.25 22.43 34.12
N ALA RA 178 118.32 21.46 33.20
CA ALA RA 178 117.43 21.42 32.05
C ALA RA 178 116.27 20.48 32.33
N LEU RA 179 115.06 20.94 32.06
CA LEU RA 179 113.83 20.18 32.32
C LEU RA 179 113.26 19.75 30.97
N ARG RA 180 113.69 18.58 30.52
CA ARG RA 180 113.18 17.99 29.30
C ARG RA 180 111.98 17.12 29.64
N GLU RA 181 110.88 17.32 28.92
CA GLU RA 181 109.61 16.73 29.31
C GLU RA 181 109.60 15.21 29.26
N GLN RA 182 110.53 14.61 28.52
CA GLN RA 182 110.57 13.15 28.36
C GLN RA 182 111.41 12.46 29.42
N ASP RA 183 112.04 13.20 30.33
CA ASP RA 183 112.71 12.55 31.45
C ASP RA 183 111.69 11.87 32.36
N PHE RA 184 110.58 12.55 32.64
CA PHE RA 184 109.58 12.05 33.59
C PHE RA 184 108.59 11.13 32.88
N TRP RA 185 109.13 10.09 32.26
CA TRP RA 185 108.31 9.11 31.56
C TRP RA 185 108.47 7.75 32.22
N LYS RA 186 107.41 6.96 32.14
CA LYS RA 186 107.35 5.62 32.69
C LYS RA 186 106.61 4.74 31.70
N PRO RA 187 106.65 3.43 31.90
CA PRO RA 187 105.81 2.56 31.08
C PRO RA 187 104.36 2.62 31.51
N GLY RA 188 103.60 3.57 30.97
CA GLY RA 188 102.20 3.72 31.31
C GLY RA 188 101.71 5.15 31.29
N VAL RA 189 102.63 6.10 31.28
CA VAL RA 189 102.28 7.51 31.17
C VAL RA 189 101.99 7.84 29.72
N ARG RA 190 100.93 8.63 29.49
CA ARG RA 190 100.53 8.99 28.14
C ARG RA 190 100.82 10.42 27.77
N ALA RA 191 101.00 11.31 28.74
CA ALA RA 191 101.26 12.71 28.44
C ALA RA 191 101.94 13.37 29.62
N VAL RA 192 102.62 14.47 29.35
CA VAL RA 192 103.27 15.29 30.37
C VAL RA 192 103.14 16.75 29.95
N MET RA 193 102.72 17.59 30.90
CA MET RA 193 102.62 19.04 30.71
C MET RA 193 103.34 19.77 31.83
N PHE RA 194 104.09 20.80 31.48
CA PHE RA 194 104.65 21.73 32.45
C PHE RA 194 103.73 22.94 32.52
N ASP RA 195 103.30 23.30 33.74
CA ASP RA 195 102.23 24.27 33.90
C ASP RA 195 102.68 25.66 33.51
N ASN RA 196 103.74 26.18 34.14
CA ASN RA 196 104.35 27.43 33.72
C ASN RA 196 105.40 27.13 32.66
N ASN RA 197 105.34 27.86 31.55
CA ASN RA 197 106.19 27.55 30.40
C ASN RA 197 107.61 28.05 30.65
N ALA RA 198 108.25 27.43 31.63
CA ALA RA 198 109.63 27.75 31.99
C ALA RA 198 110.53 26.66 31.44
N GLN RA 199 111.51 27.06 30.64
CA GLN RA 199 112.46 26.11 30.08
C GLN RA 199 113.58 25.74 31.04
N THR RA 200 113.66 26.42 32.18
CA THR RA 200 114.65 26.10 33.20
C THR RA 200 114.26 26.81 34.48
N LEU RA 201 114.29 26.07 35.59
CA LEU RA 201 113.96 26.63 36.90
C LEU RA 201 115.11 27.49 37.42
N MET RA 202 114.98 27.92 38.67
CA MET RA 202 116.02 28.70 39.32
C MET RA 202 116.63 28.02 40.54
N GLY RA 203 115.85 27.23 41.28
CA GLY RA 203 116.33 26.64 42.51
C GLY RA 203 115.22 26.56 43.54
N GLY RA 204 114.15 27.32 43.30
CA GLY RA 204 112.99 27.28 44.17
C GLY RA 204 111.97 26.27 43.69
N GLY RA 205 111.35 25.60 44.64
CA GLY RA 205 110.38 24.55 44.34
C GLY RA 205 108.95 25.03 44.24
N ARG RA 206 108.61 25.71 43.14
CA ARG RA 206 107.25 26.15 42.91
C ARG RA 206 106.81 25.83 41.49
N MET RA 207 107.05 24.59 41.05
CA MET RA 207 106.65 24.15 39.73
C MET RA 207 105.85 22.86 39.85
N THR RA 208 104.67 22.84 39.26
CA THR RA 208 103.82 21.66 39.25
C THR RA 208 103.82 21.03 37.87
N VAL RA 209 103.28 19.81 37.80
CA VAL RA 209 103.24 19.06 36.55
C VAL RA 209 101.97 18.24 36.54
N THR RA 210 101.45 17.97 35.35
CA THR RA 210 100.27 17.13 35.19
C THR RA 210 100.63 15.90 34.39
N VAL RA 211 100.25 14.73 34.90
CA VAL RA 211 100.59 13.45 34.30
C VAL RA 211 99.30 12.69 34.02
N ILE RA 212 99.13 12.24 32.79
CA ILE RA 212 97.91 11.55 32.39
C ILE RA 212 98.21 10.07 32.24
N ARG RA 213 98.06 9.31 33.32
CA ARG RA 213 98.36 7.88 33.28
C ARG RA 213 97.22 7.12 32.62
N GLY RA 214 97.22 5.80 32.74
CA GLY RA 214 96.17 4.97 32.19
C GLY RA 214 95.67 3.95 33.21
N ASN RA 215 94.72 3.15 32.75
CA ASN RA 215 94.12 2.09 33.57
C ASN RA 215 93.52 2.65 34.85
N GLY RA 216 92.92 3.83 34.75
CA GLY RA 216 92.30 4.45 35.90
C GLY RA 216 90.85 4.01 36.08
N ALA SA 1 91.94 2.03 54.78
CA ALA SA 1 93.37 1.96 55.00
C ALA SA 1 93.89 0.55 54.75
N GLN SA 2 93.65 -0.34 55.72
CA GLN SA 2 94.14 -1.70 55.61
C GLN SA 2 93.60 -2.39 54.37
N SER SA 3 94.48 -3.07 53.65
CA SER SA 3 94.07 -3.77 52.44
C SER SA 3 93.28 -5.02 52.80
N PRO SA 4 92.36 -5.45 51.93
CA PRO SA 4 91.65 -6.70 52.18
C PRO SA 4 92.60 -7.88 52.13
N ALA SA 5 92.29 -8.91 52.91
CA ALA SA 5 93.08 -10.14 52.86
C ALA SA 5 92.76 -10.87 51.58
N THR SA 6 93.74 -10.96 50.67
CA THR SA 6 93.54 -11.57 49.36
C THR SA 6 94.16 -12.96 49.34
N ILE SA 7 93.39 -13.93 48.84
CA ILE SA 7 93.78 -15.33 48.83
C ILE SA 7 93.47 -15.94 47.47
N SER SA 8 94.12 -17.05 47.17
CA SER SA 8 93.95 -17.74 45.90
C SER SA 8 93.50 -19.17 46.15
N LEU SA 9 92.49 -19.60 45.41
CA LEU SA 9 91.93 -20.94 45.53
C LEU SA 9 91.81 -21.59 44.16
N PRO SA 10 91.93 -22.92 44.09
CA PRO SA 10 91.60 -23.62 42.85
C PRO SA 10 90.10 -23.68 42.65
N GLN SA 11 89.64 -24.40 41.64
CA GLN SA 11 88.20 -24.58 41.43
C GLN SA 11 87.66 -25.54 42.48
N GLY SA 12 86.63 -25.10 43.21
CA GLY SA 12 86.04 -25.94 44.23
C GLY SA 12 86.86 -26.05 45.50
N GLY SA 13 87.71 -25.08 45.79
CA GLY SA 13 88.56 -25.16 46.95
C GLY SA 13 87.87 -24.75 48.23
N GLN SA 14 88.68 -24.73 49.29
CA GLN SA 14 88.27 -24.44 50.65
C GLN SA 14 89.21 -23.37 51.16
N PHE SA 15 89.11 -22.99 52.44
CA PHE SA 15 90.14 -22.20 53.09
C PHE SA 15 89.87 -22.05 54.57
N ARG SA 16 90.94 -22.15 55.36
CA ARG SA 16 90.91 -21.91 56.80
C ARG SA 16 91.04 -20.41 57.05
N LEU SA 17 89.91 -19.76 57.34
CA LEU SA 17 89.88 -18.35 57.65
C LEU SA 17 89.19 -18.16 58.99
N SER SA 18 89.07 -16.90 59.41
CA SER SA 18 88.40 -16.59 60.67
C SER SA 18 87.41 -15.47 60.44
N ILE SA 19 86.22 -15.62 61.02
CA ILE SA 19 85.19 -14.60 60.98
C ILE SA 19 84.84 -14.21 62.41
N SER SA 20 84.06 -13.15 62.53
CA SER SA 20 83.63 -12.63 63.83
C SER SA 20 82.12 -12.67 63.92
N ASN SA 21 81.62 -13.11 65.08
CA ASN SA 21 80.19 -13.35 65.23
C ASN SA 21 79.38 -12.06 65.17
N THR SA 22 79.77 -11.05 65.94
CA THR SA 22 79.19 -9.72 65.77
C THR SA 22 79.78 -9.07 64.52
N ASP SA 23 79.45 -7.80 64.28
CA ASP SA 23 80.22 -7.04 63.32
C ASP SA 23 80.20 -7.67 61.93
N PRO SA 24 79.13 -7.53 61.16
CA PRO SA 24 78.92 -8.40 60.00
C PRO SA 24 80.14 -8.49 59.10
N ASN SA 25 80.41 -9.69 58.61
CA ASN SA 25 81.58 -9.99 57.82
C ASN SA 25 81.18 -10.05 56.35
N MET SA 26 82.07 -9.64 55.46
CA MET SA 26 81.79 -9.61 54.04
C MET SA 26 82.76 -10.51 53.29
N ILE SA 27 82.26 -11.16 52.24
CA ILE SA 27 83.08 -11.89 51.29
C ILE SA 27 82.65 -11.50 49.89
N PHE SA 28 83.61 -11.16 49.04
CA PHE SA 28 83.28 -10.75 47.68
C PHE SA 28 84.35 -11.25 46.71
N ILE SA 29 83.91 -11.67 45.54
CA ILE SA 29 84.80 -12.09 44.46
C ILE SA 29 84.91 -10.94 43.48
N PRO SA 30 86.11 -10.39 43.24
CA PRO SA 30 86.24 -9.27 42.31
C PRO SA 30 85.99 -9.71 40.88
N GLY SA 31 85.03 -9.07 40.24
CA GLY SA 31 84.67 -9.36 38.87
C GLY SA 31 83.45 -10.22 38.70
N ASP SA 32 82.91 -10.78 39.78
CA ASP SA 32 81.77 -11.69 39.70
C ASP SA 32 80.64 -11.19 40.59
N LYS SA 33 79.53 -11.92 40.53
CA LYS SA 33 78.37 -11.67 41.37
C LYS SA 33 77.98 -12.97 42.06
N VAL SA 34 78.02 -12.98 43.39
CA VAL SA 34 77.64 -14.17 44.14
C VAL SA 34 76.15 -14.41 43.98
N THR SA 35 75.79 -15.66 43.66
CA THR SA 35 74.40 -16.00 43.41
C THR SA 35 73.76 -16.83 44.51
N ALA SA 36 74.53 -17.70 45.16
CA ALA SA 36 73.96 -18.59 46.16
C ALA SA 36 74.90 -18.67 47.36
N ILE SA 37 74.45 -19.39 48.39
CA ILE SA 37 75.24 -19.63 49.58
C ILE SA 37 74.66 -20.85 50.27
N THR SA 38 75.44 -21.46 51.15
CA THR SA 38 74.96 -22.58 51.95
C THR SA 38 75.85 -22.68 53.18
N ALA SA 39 75.31 -22.29 54.33
CA ALA SA 39 76.11 -22.10 55.54
C ALA SA 39 75.51 -22.92 56.68
N PRO SA 40 75.75 -24.22 56.69
CA PRO SA 40 75.20 -25.05 57.77
C PRO SA 40 76.22 -25.24 58.87
N GLY SA 41 75.75 -25.78 59.98
CA GLY SA 41 76.59 -25.95 61.14
C GLY SA 41 76.54 -24.76 62.08
N GLY SA 42 76.61 -23.55 61.51
CA GLY SA 42 76.61 -22.34 62.32
C GLY SA 42 75.24 -21.68 62.39
N MET SA 43 74.42 -21.90 61.37
CA MET SA 43 73.08 -21.30 61.28
C MET SA 43 73.15 -19.79 61.45
N LEU SA 44 73.91 -19.16 60.57
CA LEU SA 44 74.07 -17.71 60.62
C LEU SA 44 72.77 -17.02 60.20
N ALA SA 45 72.64 -15.75 60.60
CA ALA SA 45 71.37 -15.04 60.54
C ALA SA 45 71.23 -14.15 59.30
N ASP SA 46 72.09 -13.16 59.14
CA ASP SA 46 71.93 -12.20 58.07
C ASP SA 46 72.56 -12.73 56.78
N LYS SA 47 71.86 -12.54 55.65
CA LYS SA 47 72.34 -12.94 54.33
C LYS SA 47 71.83 -11.91 53.33
N ARG SA 48 72.67 -10.94 52.99
CA ARG SA 48 72.27 -9.86 52.10
C ARG SA 48 73.26 -9.73 50.96
N LEU SA 49 72.75 -9.30 49.81
CA LEU SA 49 73.58 -9.05 48.64
C LEU SA 49 73.85 -7.56 48.51
N THR SA 50 75.13 -7.20 48.44
CA THR SA 50 75.52 -5.79 48.30
C THR SA 50 75.37 -5.37 46.84
N THR SA 51 75.88 -4.18 46.52
CA THR SA 51 75.84 -3.69 45.15
C THR SA 51 77.07 -4.11 44.35
N ALA SA 52 78.20 -4.29 45.01
CA ALA SA 52 79.41 -4.72 44.31
C ALA SA 52 79.21 -6.11 43.70
N GLY SA 53 78.52 -6.99 44.42
CA GLY SA 53 78.30 -8.34 43.97
C GLY SA 53 78.53 -9.35 45.05
N GLY SA 54 79.37 -9.00 46.02
CA GLY SA 54 79.68 -9.90 47.11
C GLY SA 54 78.52 -10.04 48.08
N VAL SA 55 78.67 -10.99 48.99
CA VAL SA 55 77.64 -11.32 49.96
C VAL SA 55 78.21 -11.16 51.36
N LEU SA 56 77.42 -10.58 52.26
CA LEU SA 56 77.85 -10.34 53.63
C LEU SA 56 76.85 -10.98 54.59
N PHE SA 57 77.34 -11.36 55.76
CA PHE SA 57 76.61 -12.24 56.66
C PHE SA 57 76.93 -11.87 58.09
N THR SA 58 76.30 -12.58 59.03
CA THR SA 58 76.52 -12.31 60.45
C THR SA 58 76.30 -13.62 61.21
N SER SA 59 77.39 -14.29 61.57
CA SER SA 59 77.27 -15.55 62.30
C SER SA 59 76.86 -15.28 63.75
N VAL SA 60 76.36 -16.33 64.40
CA VAL SA 60 75.96 -16.23 65.80
C VAL SA 60 76.50 -17.42 66.60
N ALA SA 61 76.97 -18.44 65.90
CA ALA SA 61 77.34 -19.71 66.54
C ALA SA 61 78.65 -19.54 67.29
N THR SA 62 79.19 -20.66 67.80
CA THR SA 62 80.38 -20.62 68.64
C THR SA 62 81.41 -21.69 68.30
N ARG SA 63 81.25 -22.41 67.19
CA ARG SA 63 82.17 -23.48 66.84
C ARG SA 63 82.53 -23.38 65.36
N THR SA 64 83.46 -24.24 64.94
CA THR SA 64 84.00 -24.21 63.59
C THR SA 64 83.15 -25.05 62.64
N PHE SA 65 82.77 -24.46 61.51
CA PHE SA 65 81.86 -25.10 60.57
C PHE SA 65 82.35 -24.83 59.16
N THR SA 66 81.48 -25.06 58.18
CA THR SA 66 81.81 -24.89 56.77
C THR SA 66 80.72 -24.07 56.08
N ILE SA 67 81.14 -23.11 55.25
CA ILE SA 67 80.23 -22.29 54.48
C ILE SA 67 80.61 -22.39 53.02
N PHE SA 68 79.65 -22.72 52.17
CA PHE SA 68 79.87 -22.78 50.74
C PHE SA 68 79.41 -21.50 50.08
N VAL SA 69 79.90 -21.26 48.88
CA VAL SA 69 79.57 -20.06 48.13
C VAL SA 69 79.70 -20.37 46.65
N GLU SA 70 78.82 -19.77 45.85
CA GLU SA 70 78.79 -20.01 44.42
C GLU SA 70 78.97 -18.69 43.70
N THR SA 71 78.96 -18.77 42.37
CA THR SA 71 79.26 -17.63 41.53
C THR SA 71 78.33 -17.65 40.32
N ALA SA 72 78.15 -16.47 39.71
CA ALA SA 72 77.31 -16.39 38.52
C ALA SA 72 77.86 -17.22 37.38
N LEU SA 73 79.18 -17.38 37.33
CA LEU SA 73 79.81 -18.16 36.27
C LEU SA 73 80.10 -19.60 36.67
N GLY SA 74 79.65 -20.03 37.84
CA GLY SA 74 79.80 -21.41 38.27
C GLY SA 74 80.97 -21.67 39.19
N GLN SA 75 81.83 -20.69 39.40
CA GLN SA 75 83.06 -20.88 40.18
C GLN SA 75 82.70 -20.99 41.66
N THR SA 76 82.34 -22.20 42.07
CA THR SA 76 82.03 -22.48 43.46
C THR SA 76 83.30 -22.54 44.30
N PHE SA 77 83.13 -22.43 45.62
CA PHE SA 77 84.25 -22.42 46.55
C PHE SA 77 83.80 -23.05 47.86
N SER SA 78 84.60 -22.83 48.91
CA SER SA 78 84.25 -23.25 50.26
C SER SA 78 85.15 -22.50 51.22
N VAL SA 79 84.63 -22.21 52.41
CA VAL SA 79 85.41 -21.55 53.45
C VAL SA 79 85.04 -22.18 54.79
N VAL SA 80 86.04 -22.47 55.60
CA VAL SA 80 85.83 -23.06 56.92
C VAL SA 80 85.95 -21.93 57.94
N ALA SA 81 84.82 -21.42 58.40
CA ALA SA 81 84.80 -20.28 59.30
C ALA SA 81 85.19 -20.70 60.70
N THR SA 82 85.43 -19.71 61.55
CA THR SA 82 85.70 -19.92 62.97
C THR SA 82 85.37 -18.65 63.75
N PRO SA 83 84.22 -18.57 64.40
CA PRO SA 83 83.83 -17.34 65.09
C PRO SA 83 84.81 -16.95 66.20
N VAL SA 84 84.96 -15.64 66.37
CA VAL SA 84 85.86 -15.04 67.36
C VAL SA 84 85.13 -13.92 68.09
N LYS SA 85 85.87 -13.15 68.90
CA LYS SA 85 85.25 -12.14 69.75
C LYS SA 85 84.55 -11.05 68.94
N GLY SA 86 85.32 -10.26 68.19
CA GLY SA 86 84.71 -9.12 67.51
C GLY SA 86 85.59 -8.56 66.42
N GLU SA 87 85.24 -7.34 66.00
CA GLU SA 87 85.94 -6.57 64.96
C GLU SA 87 85.90 -7.32 63.62
N GLY SA 88 84.70 -7.37 63.06
CA GLY SA 88 84.47 -8.12 61.84
C GLY SA 88 85.34 -7.66 60.69
N ARG SA 89 85.63 -8.58 59.78
CA ARG SA 89 86.67 -8.42 58.78
C ARG SA 89 86.16 -8.76 57.39
N VAL SA 90 86.88 -8.27 56.38
CA VAL SA 90 86.52 -8.44 54.98
C VAL SA 90 87.62 -9.23 54.28
N TYR SA 91 87.23 -10.22 53.49
CA TYR SA 91 88.16 -11.04 52.72
C TYR SA 91 87.87 -10.87 51.23
N ARG SA 92 88.75 -11.44 50.42
CA ARG SA 92 88.60 -11.43 48.98
C ARG SA 92 88.85 -12.82 48.43
N LEU SA 93 88.00 -13.29 47.53
CA LEU SA 93 88.14 -14.59 46.91
C LEU SA 93 88.39 -14.43 45.42
N MET SA 94 89.44 -15.07 44.93
CA MET SA 94 89.73 -15.10 43.51
C MET SA 94 90.45 -16.40 43.19
N SER SA 95 90.25 -16.88 41.97
CA SER SA 95 90.93 -18.07 41.48
C SER SA 95 92.18 -17.66 40.70
N ALA SA 96 93.09 -18.62 40.52
CA ALA SA 96 94.41 -18.33 39.98
C ALA SA 96 94.47 -18.51 38.45
N GLU SA 97 94.26 -19.72 37.97
CA GLU SA 97 94.38 -19.98 36.53
C GLU SA 97 93.14 -19.60 35.72
N PRO SA 98 91.93 -20.00 36.12
CA PRO SA 98 90.76 -19.86 35.22
C PRO SA 98 90.55 -18.44 34.71
N PRO SA 99 90.74 -17.38 35.53
CA PRO SA 99 90.60 -16.03 34.94
C PRO SA 99 91.76 -15.70 34.02
N SER SA 100 91.51 -15.72 32.71
CA SER SA 100 92.55 -15.39 31.74
C SER SA 100 91.87 -14.95 30.45
N ARG SA 101 91.84 -13.64 30.22
CA ARG SA 101 91.34 -13.07 28.97
C ARG SA 101 92.09 -11.78 28.70
N PRO SA 102 93.29 -11.87 28.12
CA PRO SA 102 94.07 -10.67 27.83
C PRO SA 102 93.63 -9.94 26.57
N GLU SA 103 92.48 -10.30 26.00
CA GLU SA 103 92.01 -9.63 24.80
C GLU SA 103 91.78 -8.14 25.10
N THR SA 104 92.33 -7.29 24.25
CA THR SA 104 92.20 -5.85 24.41
C THR SA 104 91.55 -5.26 23.18
N ARG SA 105 90.47 -4.50 23.39
CA ARG SA 105 89.89 -3.72 22.31
C ARG SA 105 90.86 -2.61 21.93
N LYS SA 106 91.03 -2.39 20.64
CA LYS SA 106 91.98 -1.38 20.20
C LYS SA 106 91.29 -0.02 20.23
N TRP SA 107 91.41 0.66 21.35
CA TRP SA 107 90.96 2.03 21.55
C TRP SA 107 91.98 2.96 20.92
N GLU SA 108 91.96 4.26 21.26
CA GLU SA 108 92.92 5.24 20.76
C GLU SA 108 92.83 5.47 19.26
N THR SA 109 91.69 5.97 18.78
CA THR SA 109 91.58 6.38 17.39
C THR SA 109 92.51 7.57 17.11
N ALA SA 110 92.63 7.90 15.84
CA ALA SA 110 93.52 8.96 15.39
C ALA SA 110 92.71 10.11 14.78
N GLN SA 111 93.43 11.12 14.30
CA GLN SA 111 92.80 12.30 13.74
C GLN SA 111 92.23 12.01 12.36
N ALA SA 112 91.37 12.91 11.91
CA ALA SA 112 90.80 12.78 10.57
C ALA SA 112 91.78 13.20 9.48
N TYR SA 113 92.70 14.09 9.79
CA TYR SA 113 93.70 14.54 8.83
C TYR SA 113 94.82 13.53 8.62
N GLU SA 114 95.27 12.87 9.69
CA GLU SA 114 96.39 11.95 9.58
C GLU SA 114 96.00 10.62 8.94
N LYS SA 115 94.79 10.12 9.21
CA LYS SA 115 94.39 8.83 8.67
C LYS SA 115 94.35 8.87 7.15
N LEU SA 116 93.88 9.98 6.56
CA LEU SA 116 93.79 10.05 5.11
C LEU SA 116 95.16 10.25 4.47
N LEU SA 117 96.04 11.04 5.11
CA LEU SA 117 97.42 11.10 4.66
C LEU SA 117 98.04 9.73 4.62
N ILE SA 118 97.88 8.96 5.69
CA ILE SA 118 98.50 7.64 5.76
C ILE SA 118 97.85 6.68 4.75
N SER SA 119 96.55 6.81 4.52
CA SER SA 119 95.89 5.92 3.56
C SER SA 119 96.39 6.17 2.14
N LEU SA 120 96.37 7.44 1.71
CA LEU SA 120 96.89 7.75 0.37
C LEU SA 120 98.36 7.40 0.26
N ASN SA 121 99.12 7.68 1.31
CA ASN SA 121 100.55 7.39 1.35
C ASN SA 121 100.82 5.88 1.32
N ARG SA 122 99.92 5.07 1.83
CA ARG SA 122 100.09 3.63 1.75
C ARG SA 122 99.70 3.11 0.37
N ALA SA 123 98.68 3.72 -0.23
CA ALA SA 123 98.28 3.32 -1.58
C ALA SA 123 99.24 3.81 -2.65
N VAL SA 124 100.10 4.79 -2.36
CA VAL SA 124 101.13 5.16 -3.32
C VAL SA 124 102.30 4.18 -3.30
N LEU SA 125 102.48 3.45 -2.21
CA LEU SA 125 103.59 2.50 -2.08
C LEU SA 125 103.22 1.11 -2.55
N THR SA 126 102.05 0.59 -2.13
CA THR SA 126 101.62 -0.72 -2.58
C THR SA 126 101.43 -0.76 -4.08
N GLY SA 127 100.82 0.27 -4.64
CA GLY SA 127 100.58 0.37 -6.07
C GLY SA 127 99.12 0.54 -6.43
N ASP SA 128 98.21 0.02 -5.59
CA ASP SA 128 96.78 0.13 -5.87
C ASP SA 128 96.34 1.58 -5.77
N ILE SA 129 95.98 2.17 -6.89
CA ILE SA 129 95.63 3.59 -6.93
C ILE SA 129 94.20 3.76 -6.40
N PRO SA 130 93.99 4.61 -5.40
CA PRO SA 130 92.64 4.78 -4.87
C PRO SA 130 91.72 5.42 -5.90
N ASP SA 131 90.43 5.13 -5.75
CA ASP SA 131 89.44 5.70 -6.65
C ASP SA 131 89.38 7.21 -6.46
N GLY SA 132 89.68 7.96 -7.51
CA GLY SA 132 89.61 9.40 -7.45
C GLY SA 132 90.94 10.08 -7.67
N TYR SA 133 91.90 9.35 -8.23
CA TYR SA 133 93.23 9.89 -8.47
C TYR SA 133 93.70 9.49 -9.86
N GLY SA 134 94.27 10.47 -10.57
CA GLY SA 134 94.73 10.23 -11.92
C GLY SA 134 96.23 10.19 -12.03
N GLU SA 135 96.77 10.98 -12.96
CA GLU SA 135 98.20 11.09 -13.15
C GLU SA 135 98.48 12.43 -13.82
N VAL SA 136 99.60 13.05 -13.44
CA VAL SA 136 99.92 14.39 -13.88
C VAL SA 136 101.40 14.48 -14.22
N LYS SA 137 101.77 15.59 -14.81
CA LYS SA 137 103.15 15.88 -15.12
C LYS SA 137 103.91 16.20 -13.84
N PRO SA 138 105.11 15.65 -13.65
CA PRO SA 138 105.89 15.93 -12.44
C PRO SA 138 106.19 17.42 -12.31
N LEU SA 139 105.73 18.00 -11.21
CA LEU SA 139 106.02 19.39 -10.91
C LEU SA 139 107.53 19.59 -10.77
N SER SA 140 108.04 20.65 -11.39
CA SER SA 140 109.47 20.89 -11.37
C SER SA 140 109.94 21.28 -9.97
N ASP SA 141 111.09 20.73 -9.58
CA ASP SA 141 111.87 21.11 -8.40
C ASP SA 141 111.04 21.57 -7.22
N GLY SA 142 110.02 20.81 -6.87
CA GLY SA 142 109.20 21.10 -5.71
C GLY SA 142 109.73 20.61 -4.39
N ILE SA 143 110.97 20.11 -4.35
CA ILE SA 143 111.61 19.65 -3.11
C ILE SA 143 113.03 20.18 -3.06
N ARG SA 144 113.47 20.53 -1.86
CA ARG SA 144 114.78 21.13 -1.65
C ARG SA 144 115.88 20.09 -1.87
N LEU SA 145 117.12 20.58 -1.92
CA LEU SA 145 118.30 19.73 -2.09
C LEU SA 145 119.30 20.06 -1.00
N PRO SA 146 119.68 19.11 -0.13
CA PRO SA 146 120.67 19.37 0.93
C PRO SA 146 122.10 19.11 0.48
N GLY SA 147 122.58 19.92 -0.45
CA GLY SA 147 123.96 19.81 -0.87
C GLY SA 147 124.14 18.99 -2.14
N GLY SA 148 125.20 18.19 -2.18
CA GLY SA 148 125.59 17.50 -3.38
C GLY SA 148 124.65 16.38 -3.77
N PHE SA 149 123.39 16.70 -3.98
CA PHE SA 149 122.39 15.74 -4.40
C PHE SA 149 121.86 16.14 -5.78
N SER SA 150 120.81 15.44 -6.21
CA SER SA 150 120.14 15.74 -7.45
C SER SA 150 118.69 15.32 -7.32
N VAL SA 151 117.88 15.75 -8.29
CA VAL SA 151 116.50 15.33 -8.38
C VAL SA 151 116.23 14.91 -9.82
N THR SA 152 115.51 13.81 -9.99
CA THR SA 152 115.15 13.28 -11.30
C THR SA 152 113.69 12.88 -11.25
N PRO SA 153 112.78 13.80 -11.56
CA PRO SA 153 111.34 13.49 -11.43
C PRO SA 153 110.97 12.24 -12.21
N LEU SA 154 109.99 11.51 -11.67
CA LEU SA 154 109.49 10.30 -12.31
C LEU SA 154 108.06 10.48 -12.81
N LYS SA 155 107.15 10.86 -11.92
CA LYS SA 155 105.71 10.88 -12.16
C LYS SA 155 105.05 11.49 -10.93
N ALA SA 156 103.73 11.48 -10.93
CA ALA SA 156 102.96 11.98 -9.79
C ALA SA 156 101.49 11.61 -9.93
N TRP SA 157 100.77 11.55 -8.82
CA TRP SA 157 99.33 11.43 -8.84
C TRP SA 157 98.71 12.76 -8.49
N ALA SA 158 97.38 12.82 -8.59
CA ALA SA 158 96.65 14.02 -8.23
C ALA SA 158 95.16 13.73 -8.24
N GLY SA 159 94.42 14.62 -7.58
CA GLY SA 159 92.98 14.65 -7.70
C GLY SA 159 92.22 14.83 -6.39
N ASP SA 160 91.44 15.92 -6.35
CA ASP SA 160 90.43 16.25 -5.36
C ASP SA 160 91.01 16.60 -3.99
N GLN SA 161 92.29 16.28 -3.78
CA GLN SA 161 93.17 16.81 -2.73
C GLN SA 161 94.47 16.03 -2.82
N LEU SA 162 95.50 16.56 -2.17
CA LEU SA 162 96.75 15.82 -1.95
C LEU SA 162 97.37 15.36 -3.27
N ARG SA 163 97.88 16.33 -4.02
CA ARG SA 163 98.61 16.00 -5.24
C ARG SA 163 99.94 15.38 -4.84
N ALA SA 164 99.98 14.05 -4.77
CA ALA SA 164 101.18 13.33 -4.36
C ALA SA 164 102.21 13.34 -5.48
N ASP SA 165 103.44 12.96 -5.14
CA ASP SA 165 104.55 13.00 -6.08
C ASP SA 165 105.43 11.78 -5.87
N ARG SA 166 106.53 11.72 -6.62
CA ARG SA 166 107.57 10.72 -6.39
C ARG SA 166 108.85 11.25 -7.01
N TYR SA 167 109.83 11.63 -6.19
CA TYR SA 167 111.11 12.10 -6.68
C TYR SA 167 112.19 11.06 -6.41
N GLU SA 168 113.43 11.41 -6.74
CA GLU SA 168 114.53 10.46 -6.74
C GLU SA 168 115.77 11.12 -6.14
N LEU SA 169 116.51 10.36 -5.34
CA LEU SA 169 117.68 10.85 -4.63
C LEU SA 169 118.94 10.25 -5.23
N ARG SA 170 120.01 11.02 -5.25
CA ARG SA 170 121.27 10.57 -5.85
C ARG SA 170 122.42 11.23 -5.10
N ASN SA 171 123.17 10.43 -4.34
CA ASN SA 171 124.36 10.95 -3.67
C ASN SA 171 125.44 11.22 -4.70
N ALA SA 172 125.62 12.50 -5.06
CA ALA SA 172 126.63 12.88 -6.03
C ALA SA 172 128.00 13.05 -5.42
N ASN SA 173 128.12 12.91 -4.11
CA ASN SA 173 129.38 13.04 -3.40
C ASN SA 173 130.02 11.65 -3.29
N THR SA 174 131.06 11.54 -2.46
CA THR SA 174 131.82 10.29 -2.40
C THR SA 174 131.67 9.52 -1.10
N TRP SA 175 131.43 10.16 0.03
CA TRP SA 175 131.41 9.48 1.32
C TRP SA 175 129.97 9.36 1.83
N GLY SA 176 129.85 8.87 3.07
CA GLY SA 176 128.56 8.65 3.70
C GLY SA 176 128.26 9.67 4.78
N VAL SA 177 126.99 10.04 4.89
CA VAL SA 177 126.53 11.04 5.85
C VAL SA 177 125.29 10.51 6.57
N ALA SA 178 124.67 11.35 7.38
CA ALA SA 178 123.42 11.00 8.05
C ALA SA 178 122.23 11.64 7.32
N LEU SA 179 121.03 11.27 7.76
CA LEU SA 179 119.80 11.76 7.14
C LEU SA 179 118.81 12.18 8.20
N ARG SA 180 118.24 13.38 8.04
CA ARG SA 180 117.10 13.85 8.82
C ARG SA 180 116.11 14.47 7.85
N GLU SA 181 114.92 13.88 7.76
CA GLU SA 181 113.98 14.17 6.68
C GLU SA 181 113.23 15.50 6.85
N GLN SA 182 113.70 16.37 7.73
CA GLN SA 182 113.20 17.74 7.82
C GLN SA 182 113.97 18.70 6.92
N ASP SA 183 114.93 18.21 6.16
CA ASP SA 183 115.70 19.05 5.25
C ASP SA 183 115.07 19.18 3.88
N PHE SA 184 114.18 18.28 3.50
CA PHE SA 184 113.57 18.33 2.18
C PHE SA 184 112.29 19.14 2.17
N TRP SA 185 111.88 19.69 3.31
CA TRP SA 185 110.63 20.41 3.38
C TRP SA 185 110.63 21.60 2.42
N LYS SA 186 109.49 21.82 1.78
CA LYS SA 186 109.23 22.97 0.94
C LYS SA 186 107.93 23.60 1.37
N PRO SA 187 107.71 24.87 1.03
CA PRO SA 187 106.52 25.56 1.54
C PRO SA 187 105.23 25.04 0.91
N GLY SA 188 104.67 24.00 1.50
CA GLY SA 188 103.43 23.41 1.04
C GLY SA 188 103.39 21.91 1.24
N VAL SA 189 104.55 21.35 1.60
CA VAL SA 189 104.66 19.90 1.76
C VAL SA 189 103.81 19.44 2.93
N ARG SA 190 103.10 18.33 2.74
CA ARG SA 190 102.29 17.75 3.80
C ARG SA 190 102.95 16.56 4.48
N ALA SA 191 103.76 15.79 3.77
CA ALA SA 191 104.38 14.59 4.34
C ALA SA 191 105.46 14.08 3.41
N VAL SA 192 106.52 13.54 3.98
CA VAL SA 192 107.66 13.00 3.24
C VAL SA 192 108.00 11.62 3.80
N MET SA 193 108.07 10.62 2.92
CA MET SA 193 108.57 9.32 3.31
C MET SA 193 109.98 9.09 2.79
N PHE SA 194 110.63 8.08 3.35
CA PHE SA 194 111.78 7.43 2.74
C PHE SA 194 111.43 5.96 2.55
N ASP SA 195 111.51 5.49 1.31
CA ASP SA 195 111.06 4.13 0.99
C ASP SA 195 112.11 3.09 1.37
N ASN SA 196 113.28 3.16 0.76
CA ASN SA 196 114.38 2.29 1.15
C ASN SA 196 114.89 2.76 2.51
N ASN SA 197 114.50 2.06 3.56
CA ASN SA 197 114.70 2.53 4.94
C ASN SA 197 116.18 2.51 5.26
N ALA SA 198 116.82 3.68 5.19
CA ALA SA 198 118.24 3.81 5.49
C ALA SA 198 118.48 5.13 6.21
N GLN SA 199 119.32 5.09 7.24
CA GLN SA 199 119.67 6.27 8.00
C GLN SA 199 121.09 6.77 7.70
N THR SA 200 121.70 6.31 6.62
CA THR SA 200 123.04 6.72 6.25
C THR SA 200 123.20 6.60 4.74
N LEU SA 201 124.04 7.46 4.18
CA LEU SA 201 124.25 7.55 2.75
C LEU SA 201 125.41 6.66 2.31
N MET SA 202 125.36 6.25 1.04
CA MET SA 202 126.32 5.30 0.49
C MET SA 202 126.99 5.74 -0.80
N GLY SA 203 126.35 6.55 -1.64
CA GLY SA 203 126.87 6.97 -2.92
C GLY SA 203 126.00 6.55 -4.09
N GLY SA 204 125.17 5.54 -3.91
CA GLY SA 204 124.30 5.05 -4.95
C GLY SA 204 122.87 5.50 -4.73
N GLY SA 205 122.33 6.21 -5.72
CA GLY SA 205 120.98 6.74 -5.60
C GLY SA 205 119.94 5.89 -6.32
N ARG SA 206 119.23 5.07 -5.54
CA ARG SA 206 118.17 4.24 -6.09
C ARG SA 206 116.93 4.27 -5.20
N MET SA 207 116.83 5.24 -4.30
CA MET SA 207 115.71 5.36 -3.37
C MET SA 207 114.84 6.54 -3.76
N THR SA 208 113.53 6.38 -3.57
CA THR SA 208 112.58 7.43 -3.90
C THR SA 208 111.90 7.95 -2.64
N VAL SA 209 111.27 9.11 -2.78
CA VAL SA 209 110.46 9.70 -1.73
C VAL SA 209 109.12 10.09 -2.33
N THR SA 210 108.12 10.20 -1.48
CA THR SA 210 106.78 10.61 -1.90
C THR SA 210 106.40 11.87 -1.13
N VAL SA 211 106.41 13.00 -1.82
CA VAL SA 211 106.09 14.29 -1.21
C VAL SA 211 104.67 14.65 -1.58
N ILE SA 212 103.84 14.80 -0.57
CA ILE SA 212 102.43 15.15 -0.78
C ILE SA 212 102.31 16.66 -0.76
N ARG SA 213 101.32 17.18 -1.48
CA ARG SA 213 101.18 18.62 -1.65
C ARG SA 213 99.72 18.95 -1.89
N GLY SA 214 99.37 20.21 -1.63
CA GLY SA 214 98.02 20.69 -1.87
C GLY SA 214 97.76 21.00 -3.33
N ASN SA 215 96.53 21.43 -3.60
CA ASN SA 215 96.07 21.75 -4.95
C ASN SA 215 96.19 20.54 -5.88
N GLY SA 216 95.40 19.53 -5.56
CA GLY SA 216 95.37 18.31 -6.36
C GLY SA 216 93.96 17.75 -6.46
N ALA TA 69 86.97 -17.11 -3.89
CA ALA TA 69 86.79 -18.54 -3.75
C ALA TA 69 87.52 -19.30 -4.86
N THR TA 70 88.67 -18.78 -5.25
CA THR TA 70 89.47 -19.39 -6.31
C THR TA 70 90.48 -20.36 -5.70
N SER TA 71 91.45 -20.79 -6.50
CA SER TA 71 92.49 -21.68 -6.02
C SER TA 71 93.34 -20.98 -4.96
N ALA TA 72 93.77 -21.74 -3.98
CA ALA TA 72 94.63 -21.21 -2.93
C ALA TA 72 96.03 -20.93 -3.47
N VAL TA 73 96.79 -20.12 -2.73
CA VAL TA 73 98.10 -19.70 -3.21
C VAL TA 73 99.12 -20.78 -2.92
N GLU TA 74 100.22 -20.76 -3.68
CA GLU TA 74 101.30 -21.72 -3.55
C GLU TA 74 102.49 -21.08 -2.87
N VAL TA 75 103.34 -21.93 -2.31
CA VAL TA 75 104.59 -21.52 -1.70
C VAL TA 75 105.74 -22.19 -2.45
N PRO TA 76 106.43 -21.45 -3.32
CA PRO TA 76 107.52 -22.07 -4.10
C PRO TA 76 108.67 -22.49 -3.19
N SER TA 77 108.99 -23.78 -3.23
CA SER TA 77 110.11 -24.28 -2.46
C SER TA 77 111.42 -23.77 -3.05
N ALA TA 78 112.50 -23.97 -2.30
CA ALA TA 78 113.81 -23.49 -2.70
C ALA TA 78 114.39 -24.40 -3.77
N SER TA 79 115.69 -24.29 -4.00
CA SER TA 79 116.41 -25.17 -4.89
C SER TA 79 117.66 -25.70 -4.21
N ARG TA 80 118.04 -26.93 -4.55
CA ARG TA 80 119.20 -27.58 -3.96
C ARG TA 80 120.46 -26.78 -4.21
N THR TA 157 116.04 -31.38 7.66
CA THR TA 157 114.62 -31.11 7.66
C THR TA 157 114.29 -29.94 8.59
N VAL TA 158 113.75 -28.86 8.03
CA VAL TA 158 113.44 -27.66 8.79
C VAL TA 158 111.97 -27.32 8.58
N HIS TA 159 111.27 -27.07 9.68
CA HIS TA 159 109.87 -26.69 9.61
C HIS TA 159 109.74 -25.24 9.15
N PRO TA 160 108.59 -24.87 8.58
CA PRO TA 160 108.44 -23.53 8.02
C PRO TA 160 108.49 -22.45 9.08
N GLN TA 161 108.67 -21.22 8.62
CA GLN TA 161 108.45 -20.03 9.43
C GLN TA 161 108.03 -18.90 8.52
N ARG TA 162 107.44 -17.87 9.11
CA ARG TA 162 106.99 -16.71 8.36
C ARG TA 162 108.18 -15.83 7.98
N SER TA 163 107.91 -14.84 7.14
CA SER TA 163 108.93 -13.92 6.66
C SER TA 163 108.91 -12.63 7.48
N ARG TA 164 110.07 -11.99 7.58
CA ARG TA 164 110.20 -10.78 8.38
C ARG TA 164 109.36 -9.66 7.80
N ASP TA 165 108.93 -8.75 8.67
CA ASP TA 165 108.10 -7.64 8.26
C ASP TA 165 108.96 -6.44 7.88
N GLN TA 166 108.33 -5.51 7.16
CA GLN TA 166 108.94 -4.24 6.78
C GLN TA 166 108.04 -3.11 7.24
N ILE TA 167 108.66 -1.96 7.52
CA ILE TA 167 107.97 -0.84 8.14
C ILE TA 167 108.30 0.44 7.38
N ALA TA 168 107.30 1.29 7.24
CA ALA TA 168 107.45 2.58 6.58
C ALA TA 168 107.07 3.68 7.55
N THR TA 169 107.92 4.71 7.64
CA THR TA 169 107.69 5.84 8.53
C THR TA 169 107.38 7.09 7.71
N VAL TA 170 106.46 7.90 8.21
CA VAL TA 170 106.01 9.12 7.54
C VAL TA 170 106.25 10.29 8.48
N TRP TA 171 106.78 11.39 7.93
CA TRP TA 171 107.00 12.60 8.70
C TRP TA 171 105.91 13.61 8.34
N ILE TA 172 105.06 13.92 9.28
CA ILE TA 172 103.94 14.84 9.05
C ILE TA 172 104.38 16.26 9.36
N ALA TA 173 104.18 17.17 8.41
CA ALA TA 173 104.51 18.56 8.64
C ALA TA 173 103.55 19.18 9.65
N PRO TA 174 104.04 20.04 10.54
CA PRO TA 174 103.16 20.59 11.60
C PRO TA 174 101.97 21.31 11.01
N TRP TA 175 100.82 21.10 11.62
CA TRP TA 175 99.58 21.70 11.16
C TRP TA 175 98.85 22.34 12.34
N VAL TA 176 97.69 22.93 12.05
CA VAL TA 176 96.87 23.57 13.07
C VAL TA 176 95.47 23.00 12.97
N ASP TA 177 95.00 22.40 14.05
CA ASP TA 177 93.71 21.74 14.06
C ASP TA 177 92.61 22.76 13.79
N SER TA 178 91.43 22.25 13.44
CA SER TA 178 90.29 23.13 13.20
C SER TA 178 89.88 23.91 14.43
N ASP TA 179 90.23 23.44 15.63
CA ASP TA 179 89.89 24.12 16.87
C ASP TA 179 91.08 24.87 17.45
N ASN TA 180 91.97 25.36 16.58
CA ASN TA 180 93.14 26.16 16.98
C ASN TA 180 93.98 25.40 18.02
N ALA TA 181 94.51 24.27 17.59
CA ALA TA 181 95.38 23.46 18.44
C ALA TA 181 96.59 23.05 17.61
N PHE TA 182 97.71 23.73 17.81
CA PHE TA 182 98.89 23.53 16.99
C PHE TA 182 99.49 22.16 17.29
N HIS TA 183 99.76 21.39 16.24
CA HIS TA 183 100.26 20.03 16.38
C HIS TA 183 101.70 19.92 15.90
N GLN TA 184 102.48 19.09 16.56
CA GLN TA 184 103.83 18.72 16.12
C GLN TA 184 103.91 17.21 16.08
N PRO TA 185 103.21 16.57 15.15
CA PRO TA 185 103.17 15.11 15.13
C PRO TA 185 104.54 14.50 14.82
N GLY TA 186 104.77 13.32 15.38
CA GLY TA 186 106.01 12.60 15.16
C GLY TA 186 105.93 11.70 13.95
N ARG TA 187 106.94 10.85 13.81
CA ARG TA 187 107.06 9.96 12.66
C ARG TA 187 106.19 8.74 12.91
N VAL TA 188 105.09 8.64 12.17
CA VAL TA 188 104.20 7.49 12.30
C VAL TA 188 104.69 6.35 11.41
N SER TA 189 104.78 5.16 11.98
CA SER TA 189 105.26 3.97 11.29
C SER TA 189 104.13 2.96 11.16
N PHE TA 190 103.87 2.51 9.93
CA PHE TA 190 102.77 1.60 9.67
C PHE TA 190 103.27 0.41 8.87
N VAL TA 191 102.59 -0.72 9.05
CA VAL TA 191 102.91 -1.94 8.32
C VAL TA 191 102.24 -1.89 6.95
N VAL TA 192 102.96 -2.33 5.92
CA VAL TA 192 102.50 -2.20 4.56
C VAL TA 192 102.12 -3.54 3.93
N SER TA 193 102.73 -4.65 4.35
CA SER TA 193 102.40 -5.95 3.79
C SER TA 193 102.55 -7.01 4.88
N PRO TA 194 101.61 -7.95 4.97
CA PRO TA 194 101.69 -8.98 6.00
C PRO TA 194 102.72 -10.04 5.64
N ALA TA 195 103.12 -10.79 6.65
CA ALA TA 195 104.10 -11.86 6.46
C ALA TA 195 103.49 -12.99 5.65
N ASP TA 196 104.36 -13.73 4.96
CA ASP TA 196 103.95 -14.84 4.10
C ASP TA 196 104.77 -16.08 4.40
N TRP TA 197 104.14 -17.25 4.30
CA TRP TA 197 104.79 -18.51 4.60
C TRP TA 197 105.92 -18.77 3.61
N VAL TA 198 107.04 -19.29 4.11
CA VAL TA 198 108.21 -19.56 3.27
C VAL TA 198 108.98 -20.73 3.84
N LEU TA 199 109.63 -21.50 2.95
CA LEU TA 199 110.48 -22.62 3.35
C LEU TA 199 111.93 -22.17 3.38
N PRO TA 200 112.67 -22.48 4.45
CA PRO TA 200 114.07 -22.04 4.52
C PRO TA 200 114.95 -22.94 3.68
N ALA TA 201 115.82 -22.32 2.88
CA ALA TA 201 116.77 -23.05 2.04
C ALA TA 201 117.97 -23.46 2.88
N ARG TA 202 117.67 -24.19 3.96
CA ARG TA 202 118.70 -24.65 4.88
C ARG TA 202 119.42 -25.84 4.27
N VAL TA 203 120.14 -26.60 5.08
CA VAL TA 203 120.75 -27.84 4.61
C VAL TA 203 119.74 -28.96 4.80
N ASN TA 204 118.83 -29.10 3.85
CA ASN TA 204 117.72 -30.05 3.96
C ASN TA 204 118.10 -31.41 3.41
N VAL UA 158 101.07 55.64 24.11
CA VAL UA 158 99.78 56.22 24.43
C VAL UA 158 98.68 55.39 23.77
N HIS UA 159 99.07 54.58 22.79
CA HIS UA 159 98.12 53.71 22.11
C HIS UA 159 97.67 52.59 23.02
N PRO UA 160 96.46 52.07 22.82
CA PRO UA 160 95.97 50.96 23.65
C PRO UA 160 96.49 49.63 23.13
N GLN UA 161 97.40 49.01 23.88
CA GLN UA 161 98.05 47.78 23.45
C GLN UA 161 97.19 46.58 23.81
N ARG UA 162 97.75 45.39 23.66
CA ARG UA 162 97.09 44.13 24.00
C ARG UA 162 97.73 43.52 25.24
N SER UA 163 97.30 42.31 25.55
CA SER UA 163 97.92 41.46 26.56
C SER UA 163 98.54 40.24 25.87
N ARG UA 164 99.68 39.79 26.40
CA ARG UA 164 100.36 38.65 25.82
C ARG UA 164 99.62 37.36 26.14
N ASP UA 165 99.60 36.44 25.17
CA ASP UA 165 98.81 35.23 25.28
C ASP UA 165 99.42 34.25 26.27
N GLN UA 166 98.66 33.20 26.57
CA GLN UA 166 99.11 32.12 27.44
C GLN UA 166 98.85 30.79 26.74
N ILE UA 167 99.87 29.94 26.70
CA ILE UA 167 99.79 28.67 26.00
C ILE UA 167 100.33 27.55 26.88
N ALA UA 168 100.06 26.30 26.50
CA ALA UA 168 100.65 25.15 27.18
C ALA UA 168 100.83 24.05 26.15
N THR UA 169 102.01 23.44 26.14
CA THR UA 169 102.39 22.47 25.12
C THR UA 169 102.42 21.09 25.75
N VAL UA 170 101.55 20.20 25.28
CA VAL UA 170 101.47 18.85 25.80
C VAL UA 170 102.52 17.99 25.11
N TRP UA 171 102.90 16.90 25.74
CA TRP UA 171 103.87 15.94 25.20
C TRP UA 171 103.19 14.58 25.15
N ILE UA 172 102.92 14.09 23.96
CA ILE UA 172 102.14 12.87 23.78
C ILE UA 172 103.08 11.67 23.70
N ALA UA 173 103.00 10.80 24.71
CA ALA UA 173 103.86 9.62 24.78
C ALA UA 173 103.50 8.63 23.68
N PRO UA 174 104.41 7.72 23.34
CA PRO UA 174 104.14 6.78 22.23
C PRO UA 174 102.87 5.98 22.46
N TRP UA 175 102.06 5.86 21.41
CA TRP UA 175 100.78 5.15 21.51
C TRP UA 175 100.50 4.37 20.22
N VAL UA 176 100.02 3.14 20.30
CA VAL UA 176 99.65 2.41 19.06
C VAL UA 176 98.25 2.84 18.71
N ASP UA 177 97.95 2.98 17.43
CA ASP UA 177 96.65 3.52 17.00
C ASP UA 177 95.56 2.48 17.13
N SER UA 178 94.37 2.77 16.59
CA SER UA 178 93.30 1.77 16.58
C SER UA 178 93.41 1.02 15.25
N ASP UA 179 94.30 1.45 14.36
CA ASP UA 179 94.54 0.74 13.08
C ASP UA 179 96.02 0.35 12.99
N ASN UA 180 96.58 -0.15 14.09
CA ASN UA 180 98.01 -0.55 14.15
C ASN UA 180 98.95 0.41 13.44
N ALA UA 181 99.32 1.53 14.08
CA ALA UA 181 100.33 2.45 13.50
C ALA UA 181 101.03 3.13 14.67
N PHE UA 182 102.25 2.71 15.03
CA PHE UA 182 102.95 3.26 16.20
C PHE UA 182 103.20 4.74 16.02
N HIS UA 183 102.56 5.61 16.81
CA HIS UA 183 102.84 7.06 16.74
C HIS UA 183 103.94 7.37 17.77
N GLN UA 184 105.00 8.05 17.36
CA GLN UA 184 106.17 8.26 18.26
C GLN UA 184 105.95 9.53 19.10
N PRO UA 185 106.78 9.87 20.11
CA PRO UA 185 106.52 11.02 20.98
C PRO UA 185 106.27 12.30 20.18
N GLY UA 186 105.45 13.22 20.68
CA GLY UA 186 105.12 14.41 19.84
C GLY UA 186 104.74 15.61 20.67
N ARG UA 187 104.24 16.71 20.09
CA ARG UA 187 103.79 17.83 20.89
C ARG UA 187 102.53 18.42 20.27
N VAL UA 188 101.61 18.87 21.11
CA VAL UA 188 100.44 19.60 20.67
C VAL UA 188 100.27 20.81 21.59
N SER UA 189 100.00 21.97 20.99
CA SER UA 189 99.95 23.22 21.71
C SER UA 189 98.57 23.86 21.55
N PHE UA 190 98.16 24.60 22.58
CA PHE UA 190 96.84 25.23 22.60
C PHE UA 190 96.88 26.43 23.52
N VAL UA 191 95.91 27.32 23.34
CA VAL UA 191 95.83 28.57 24.10
C VAL UA 191 94.78 28.42 25.19
N VAL UA 192 95.05 29.01 26.35
CA VAL UA 192 94.18 28.89 27.51
C VAL UA 192 93.42 30.18 27.80
N SER UA 193 94.10 31.32 27.78
CA SER UA 193 93.52 32.60 28.14
C SER UA 193 93.72 33.57 26.99
N PRO UA 194 92.77 33.67 26.07
CA PRO UA 194 92.97 34.52 24.88
C PRO UA 194 93.18 35.98 25.26
N ALA UA 195 93.94 36.67 24.42
CA ALA UA 195 94.31 38.06 24.69
C ALA UA 195 93.09 38.99 24.62
N ASP UA 196 93.05 39.94 25.56
CA ASP UA 196 92.03 40.98 25.62
C ASP UA 196 92.68 42.31 25.99
N TRP UA 197 92.00 43.41 25.67
CA TRP UA 197 92.56 44.73 25.89
C TRP UA 197 92.88 44.95 27.36
N VAL UA 198 94.03 45.54 27.61
CA VAL UA 198 94.44 45.90 28.95
C VAL UA 198 93.73 47.19 29.35
N LEU UA 199 93.09 47.18 30.52
CA LEU UA 199 92.37 48.38 30.94
C LEU UA 199 93.32 49.37 31.62
N PRO UA 200 93.51 50.54 31.03
CA PRO UA 200 94.49 51.48 31.57
C PRO UA 200 94.12 51.98 32.96
N ALA UA 201 95.15 52.25 33.77
CA ALA UA 201 94.99 52.79 35.10
C ALA UA 201 95.39 54.25 35.20
N ARG UA 202 95.90 54.82 34.11
CA ARG UA 202 96.30 56.22 34.06
C ARG UA 202 95.66 56.87 32.85
N VAL UA 203 95.01 58.01 33.05
CA VAL UA 203 94.44 58.79 31.95
C VAL UA 203 94.78 60.26 32.11
N PRO VA 1 67.15 -31.51 62.24
CA PRO VA 1 68.41 -31.83 62.91
C PRO VA 1 69.62 -31.87 61.97
N GLY VA 2 69.41 -31.64 60.68
CA GLY VA 2 70.52 -31.62 59.75
C GLY VA 2 70.34 -30.78 58.50
N MET VA 3 69.24 -30.03 58.39
CA MET VA 3 68.94 -29.32 57.16
C MET VA 3 69.86 -28.12 56.98
N MET VA 4 69.90 -27.58 55.76
CA MET VA 4 70.86 -26.56 55.35
C MET VA 4 70.21 -25.18 55.32
N ASP VA 5 71.02 -24.18 54.98
CA ASP VA 5 70.60 -22.79 54.89
C ASP VA 5 70.93 -22.29 53.49
N SER VA 6 70.12 -22.67 52.51
CA SER VA 6 70.43 -22.41 51.11
C SER VA 6 69.61 -21.23 50.63
N GLN VA 7 70.24 -20.35 49.86
CA GLN VA 7 69.58 -19.16 49.35
C GLN VA 7 70.09 -18.84 47.95
N GLU VA 8 69.26 -18.17 47.16
CA GLU VA 8 69.64 -17.70 45.84
C GLU VA 8 69.27 -16.23 45.72
N PHE VA 9 70.21 -15.43 45.21
CA PHE VA 9 70.00 -14.00 45.03
C PHE VA 9 69.69 -13.74 43.56
N SER VA 10 68.53 -13.12 43.31
CA SER VA 10 68.12 -12.75 41.97
C SER VA 10 68.16 -13.91 40.99
N ALA WA 1 91.04 -25.68 49.34
CA ALA WA 1 92.16 -24.99 49.95
C ALA WA 1 93.37 -25.63 49.35
N GLN WA 2 93.51 -26.91 49.68
CA GLN WA 2 94.32 -27.83 48.90
C GLN WA 2 93.59 -28.03 47.57
N SER WA 3 94.22 -28.74 46.65
CA SER WA 3 93.50 -29.12 45.45
C SER WA 3 92.36 -30.06 45.85
N PRO WA 4 91.24 -30.03 45.15
CA PRO WA 4 90.17 -31.01 45.43
C PRO WA 4 90.70 -32.42 45.29
N ALA WA 5 90.27 -33.29 46.20
CA ALA WA 5 90.74 -34.69 46.16
C ALA WA 5 90.19 -35.37 44.91
N THR WA 6 91.09 -35.91 44.11
CA THR WA 6 90.76 -36.45 42.79
C THR WA 6 90.86 -37.97 42.78
N ILE WA 7 89.94 -38.60 42.06
CA ILE WA 7 89.84 -40.06 42.01
C ILE WA 7 89.56 -40.51 40.58
N SER WA 8 89.65 -41.83 40.36
CA SER WA 8 89.56 -42.40 39.02
C SER WA 8 88.14 -42.84 38.66
N LEU WA 9 87.59 -43.83 39.37
CA LEU WA 9 86.21 -44.25 39.15
C LEU WA 9 85.84 -44.59 37.70
N PRO WA 10 86.20 -45.77 37.19
CA PRO WA 10 85.65 -46.20 35.91
C PRO WA 10 84.12 -46.23 35.91
N GLN WA 11 83.50 -46.48 34.77
CA GLN WA 11 82.03 -46.42 34.66
C GLN WA 11 81.41 -47.44 35.60
N GLY WA 12 80.80 -46.96 36.68
CA GLY WA 12 80.25 -47.85 37.67
C GLY WA 12 81.24 -48.38 38.68
N GLY WA 13 82.27 -47.63 39.00
CA GLY WA 13 83.26 -48.10 39.95
C GLY WA 13 82.89 -47.83 41.39
N GLN WA 14 83.73 -48.33 42.29
CA GLN WA 14 83.61 -48.11 43.72
C GLN WA 14 84.86 -47.41 44.22
N PHE WA 15 84.70 -46.47 45.14
CA PHE WA 15 85.83 -45.86 45.79
C PHE WA 15 85.53 -45.65 47.26
N ARG WA 16 86.52 -45.91 48.11
CA ARG WA 16 86.38 -45.80 49.55
C ARG WA 16 86.88 -44.44 50.02
N LEU WA 17 85.98 -43.64 50.60
CA LEU WA 17 86.29 -42.30 51.05
C LEU WA 17 85.68 -42.09 52.42
N SER WA 18 85.70 -40.85 52.91
CA SER WA 18 85.11 -40.51 54.20
C SER WA 18 84.45 -39.15 54.13
N ILE WA 19 83.30 -39.02 54.79
CA ILE WA 19 82.55 -37.77 54.83
C ILE WA 19 82.31 -37.41 56.29
N SER WA 20 81.76 -36.22 56.50
CA SER WA 20 81.57 -35.66 57.84
C SER WA 20 80.09 -35.49 58.12
N ASN WA 21 79.68 -35.85 59.34
CA ASN WA 21 78.27 -35.82 59.72
C ASN WA 21 77.77 -34.42 60.07
N THR WA 22 78.66 -33.50 60.43
CA THR WA 22 78.36 -32.08 60.39
C THR WA 22 78.77 -31.58 59.00
N ASP WA 23 78.83 -30.26 58.81
CA ASP WA 23 79.63 -29.71 57.72
C ASP WA 23 79.30 -30.32 56.35
N PRO WA 24 78.22 -29.88 55.70
CA PRO WA 24 77.76 -30.58 54.50
C PRO WA 24 78.84 -30.70 53.44
N ASN WA 25 78.84 -31.82 52.73
CA ASN WA 25 79.91 -32.14 51.80
C ASN WA 25 79.49 -31.76 50.37
N MET WA 26 80.38 -32.05 49.42
CA MET WA 26 80.07 -31.79 48.02
C MET WA 26 80.87 -32.74 47.15
N ILE WA 27 80.19 -33.35 46.18
CA ILE WA 27 80.82 -34.12 45.11
C ILE WA 27 80.38 -33.51 43.80
N PHE WA 28 81.35 -33.16 42.95
CA PHE WA 28 81.02 -32.55 41.66
C PHE WA 28 81.86 -33.19 40.57
N ILE WA 29 81.31 -33.14 39.36
CA ILE WA 29 81.91 -33.76 38.18
C ILE WA 29 82.25 -32.66 37.18
N PRO WA 30 83.51 -32.54 36.75
CA PRO WA 30 83.83 -31.60 35.67
C PRO WA 30 83.42 -32.16 34.32
N GLY WA 31 82.87 -31.28 33.49
CA GLY WA 31 82.39 -31.66 32.18
C GLY WA 31 80.96 -32.13 32.12
N ASP WA 32 80.29 -32.27 33.26
CA ASP WA 32 78.92 -32.76 33.33
C ASP WA 32 78.19 -32.05 34.46
N LYS WA 33 76.95 -32.45 34.70
CA LYS WA 33 76.18 -31.95 35.83
C LYS WA 33 75.37 -33.08 36.44
N VAL WA 34 75.42 -33.21 37.76
CA VAL WA 34 74.75 -34.31 38.44
C VAL WA 34 73.25 -34.03 38.51
N THR WA 35 72.45 -35.00 38.07
CA THR WA 35 71.01 -34.85 38.04
C THR WA 35 70.27 -35.79 38.98
N ALA WA 36 70.96 -36.75 39.60
CA ALA WA 36 70.29 -37.66 40.51
C ALA WA 36 71.28 -38.13 41.56
N ILE WA 37 70.74 -38.53 42.72
CA ILE WA 37 71.51 -39.18 43.76
C ILE WA 37 70.56 -39.96 44.65
N THR WA 38 70.90 -41.23 44.91
CA THR WA 38 70.07 -42.10 45.74
C THR WA 38 71.00 -42.90 46.64
N ALA WA 39 71.09 -42.51 47.91
CA ALA WA 39 72.08 -43.07 48.83
C ALA WA 39 71.39 -43.60 50.07
N PRO WA 40 70.67 -44.70 49.95
CA PRO WA 40 70.10 -45.33 51.14
C PRO WA 40 71.16 -46.12 51.88
N GLY WA 41 70.75 -46.86 52.89
CA GLY WA 41 71.67 -47.55 53.76
C GLY WA 41 71.98 -46.82 55.05
N GLY WA 42 72.11 -45.50 54.98
CA GLY WA 42 72.35 -44.69 56.17
C GLY WA 42 71.44 -43.49 56.28
N MET WA 43 70.66 -43.25 55.22
CA MET WA 43 69.61 -42.24 55.20
C MET WA 43 70.16 -40.84 55.49
N LEU WA 44 70.93 -40.34 54.52
CA LEU WA 44 71.41 -38.97 54.57
C LEU WA 44 70.26 -37.99 54.79
N ALA WA 45 70.59 -36.84 55.39
CA ALA WA 45 69.57 -35.89 55.80
C ALA WA 45 68.84 -35.29 54.60
N ASP WA 46 69.58 -34.65 53.70
CA ASP WA 46 68.95 -33.99 52.55
C ASP WA 46 69.95 -33.93 51.40
N LYS WA 47 69.41 -33.66 50.21
CA LYS WA 47 70.20 -33.47 49.02
C LYS WA 47 69.76 -32.18 48.33
N ARG WA 48 70.71 -31.52 47.69
CA ARG WA 48 70.42 -30.26 47.00
C ARG WA 48 71.35 -30.12 45.81
N LEU WA 49 70.77 -29.96 44.62
CA LEU WA 49 71.52 -29.89 43.38
C LEU WA 49 71.82 -28.42 43.05
N THR WA 50 73.10 -28.08 43.02
CA THR WA 50 73.51 -26.70 42.79
C THR WA 50 73.34 -26.35 41.31
N THR WA 51 73.80 -25.16 40.94
CA THR WA 51 73.74 -24.73 39.55
C THR WA 51 75.01 -25.01 38.79
N ALA WA 52 76.15 -25.13 39.47
CA ALA WA 52 77.39 -25.49 38.78
C ALA WA 52 77.29 -26.87 38.17
N GLY WA 53 76.69 -27.81 38.88
CA GLY WA 53 76.61 -29.18 38.42
C GLY WA 53 77.01 -30.18 39.48
N GLY WA 54 77.15 -29.71 40.72
CA GLY WA 54 77.45 -30.57 41.84
C GLY WA 54 76.20 -30.94 42.63
N VAL WA 55 76.41 -31.73 43.67
CA VAL WA 55 75.34 -32.12 44.57
C VAL WA 55 75.80 -31.95 46.01
N LEU WA 56 74.96 -31.32 46.83
CA LEU WA 56 75.25 -31.08 48.23
C LEU WA 56 74.39 -31.99 49.09
N PHE WA 57 75.00 -32.54 50.14
CA PHE WA 57 74.33 -33.50 50.99
C PHE WA 57 74.91 -33.40 52.40
N THR WA 58 74.32 -34.14 53.32
CA THR WA 58 74.89 -34.26 54.64
C THR WA 58 74.28 -35.47 55.34
N SER WA 59 75.13 -36.23 56.01
CA SER WA 59 74.71 -37.43 56.74
C SER WA 59 74.71 -37.15 58.23
N VAL WA 60 73.94 -37.94 58.97
CA VAL WA 60 73.95 -37.91 60.43
C VAL WA 60 74.12 -39.30 61.04
N ALA WA 61 74.29 -40.33 60.22
CA ALA WA 61 74.43 -41.69 60.73
C ALA WA 61 75.83 -41.89 61.29
N THR WA 62 76.16 -43.14 61.61
CA THR WA 62 77.44 -43.45 62.23
C THR WA 62 78.03 -44.74 61.65
N ARG WA 63 77.56 -45.19 60.49
CA ARG WA 63 78.07 -46.42 59.91
C ARG WA 63 78.27 -46.24 58.41
N THR WA 64 79.05 -47.16 57.85
CA THR WA 64 79.40 -47.12 56.44
C THR WA 64 78.22 -47.54 55.57
N PHE WA 65 78.00 -46.82 54.47
CA PHE WA 65 76.92 -47.13 53.55
C PHE WA 65 77.44 -46.92 52.13
N THR WA 66 76.53 -46.85 51.18
CA THR WA 66 76.90 -46.60 49.79
C THR WA 66 76.09 -45.43 49.26
N ILE WA 67 76.65 -44.72 48.29
CA ILE WA 67 76.02 -43.57 47.67
C ILE WA 67 76.14 -43.75 46.16
N PHE WA 68 75.02 -43.62 45.46
CA PHE WA 68 75.00 -43.77 44.01
C PHE WA 68 74.74 -42.41 43.40
N VAL WA 69 75.76 -41.83 42.79
CA VAL WA 69 75.65 -40.54 42.12
C VAL WA 69 75.51 -40.79 40.63
N GLU WA 70 74.51 -40.17 40.01
CA GLU WA 70 74.20 -40.41 38.62
C GLU WA 70 74.22 -39.10 37.85
N THR WA 71 74.76 -39.14 36.64
CA THR WA 71 74.98 -37.95 35.84
C THR WA 71 73.88 -37.84 34.79
N ALA WA 72 73.97 -36.82 33.93
CA ALA WA 72 73.01 -36.60 32.86
C ALA WA 72 73.38 -37.28 31.56
N LEU WA 73 74.67 -37.52 31.31
CA LEU WA 73 75.13 -38.14 30.08
C LEU WA 73 75.21 -39.66 30.20
N GLY WA 74 74.38 -40.26 31.04
CA GLY WA 74 74.42 -41.69 31.23
C GLY WA 74 75.72 -42.16 31.87
N GLN WA 75 76.13 -41.46 32.92
CA GLN WA 75 77.27 -41.87 33.73
C GLN WA 75 76.79 -42.20 35.12
N THR WA 76 77.22 -43.34 35.66
CA THR WA 76 76.81 -43.78 36.98
C THR WA 76 78.02 -44.24 37.76
N PHE WA 77 78.26 -43.63 38.92
CA PHE WA 77 79.37 -43.97 39.78
C PHE WA 77 78.83 -44.46 41.12
N SER WA 78 79.73 -44.81 42.02
CA SER WA 78 79.34 -45.29 43.34
C SER WA 78 80.47 -45.04 44.32
N VAL WA 79 80.17 -44.39 45.43
CA VAL WA 79 81.16 -44.08 46.45
C VAL WA 79 80.69 -44.67 47.78
N VAL WA 80 81.62 -45.25 48.52
CA VAL WA 80 81.32 -45.86 49.80
C VAL WA 80 81.80 -44.90 50.88
N ALA WA 81 80.87 -44.17 51.47
CA ALA WA 81 81.20 -43.12 52.42
C ALA WA 81 81.46 -43.71 53.80
N THR WA 82 81.92 -42.86 54.71
CA THR WA 82 82.07 -43.21 56.11
C THR WA 82 82.04 -41.96 56.97
N PRO WA 83 80.96 -41.71 57.71
CA PRO WA 83 80.87 -40.48 58.49
C PRO WA 83 81.97 -40.37 59.54
N VAL WA 84 82.52 -39.15 59.66
CA VAL WA 84 83.55 -38.82 60.65
C VAL WA 84 83.20 -37.49 61.29
N LYS WA 85 84.11 -36.96 62.11
CA LYS WA 85 83.82 -35.82 62.99
C LYS WA 85 83.43 -34.53 62.28
N GLY WA 86 84.33 -33.91 61.53
CA GLY WA 86 84.03 -32.61 60.97
C GLY WA 86 84.90 -32.21 59.79
N GLU WA 87 84.93 -30.91 59.53
CA GLU WA 87 85.70 -30.31 58.42
C GLU WA 87 85.22 -30.85 57.07
N GLY WA 88 84.01 -30.44 56.71
CA GLY WA 88 83.38 -30.82 55.44
C GLY WA 88 84.31 -30.81 54.24
N ARG WA 89 84.13 -31.77 53.34
CA ARG WA 89 85.13 -32.06 52.32
C ARG WA 89 84.51 -31.92 50.92
N VAL WA 90 85.39 -31.70 49.94
CA VAL WA 90 85.00 -31.59 48.55
C VAL WA 90 85.83 -32.55 47.72
N TYR WA 91 85.17 -33.40 46.94
CA TYR WA 91 85.82 -34.37 46.08
C TYR WA 91 85.52 -34.07 44.62
N ARG WA 92 86.37 -34.59 43.74
CA ARG WA 92 86.21 -34.42 42.30
C ARG WA 92 86.13 -35.79 41.64
N LEU WA 93 85.26 -35.90 40.64
CA LEU WA 93 85.07 -37.14 39.91
C LEU WA 93 85.64 -36.98 38.50
N MET WA 94 86.24 -38.04 37.98
CA MET WA 94 86.83 -37.99 36.63
C MET WA 94 86.60 -39.34 35.96
N SER WA 95 85.59 -39.42 35.11
CA SER WA 95 85.30 -40.67 34.42
C SER WA 95 86.50 -41.11 33.60
N ALA WA 96 86.90 -42.38 33.78
CA ALA WA 96 87.98 -42.92 32.98
C ALA WA 96 87.51 -43.38 31.60
N GLU WA 97 86.22 -43.59 31.42
CA GLU WA 97 85.64 -43.87 30.11
C GLU WA 97 84.81 -42.68 29.66
N PRO WA 98 85.24 -41.95 28.63
CA PRO WA 98 84.48 -40.78 28.21
C PRO WA 98 83.08 -41.18 27.77
N PRO WA 99 82.09 -40.32 28.02
CA PRO WA 99 80.72 -40.62 27.60
C PRO WA 99 80.48 -40.28 26.13
N SER WA 100 79.22 -40.36 25.69
CA SER WA 100 78.84 -40.07 24.32
C SER WA 100 78.01 -38.80 24.27
N ARG WA 101 78.40 -37.87 23.40
CA ARG WA 101 77.74 -36.57 23.26
C ARG WA 101 77.43 -36.34 21.78
N PRO WA 102 76.23 -36.74 21.33
CA PRO WA 102 75.91 -36.61 19.89
C PRO WA 102 76.00 -35.19 19.37
N GLU WA 103 75.78 -34.18 20.21
CA GLU WA 103 76.01 -32.80 19.79
C GLU WA 103 77.45 -32.60 19.34
N THR WA 104 78.40 -33.14 20.10
CA THR WA 104 79.80 -33.07 19.69
C THR WA 104 80.04 -33.89 18.43
N ARG WA 105 79.29 -34.97 18.22
CA ARG WA 105 79.45 -35.73 16.98
C ARG WA 105 79.07 -34.89 15.78
N LYS WA 106 77.92 -34.21 15.84
CA LYS WA 106 77.54 -33.40 14.69
C LYS WA 106 78.45 -32.19 14.54
N TRP WA 107 78.92 -31.62 15.65
CA TRP WA 107 79.88 -30.51 15.55
C TRP WA 107 81.17 -30.96 14.89
N GLU WA 108 81.65 -32.16 15.22
CA GLU WA 108 82.91 -32.63 14.66
C GLU WA 108 82.76 -33.01 13.19
N THR WA 109 81.70 -33.74 12.85
CA THR WA 109 81.51 -34.12 11.46
C THR WA 109 81.09 -32.95 10.59
N ALA WA 110 80.68 -31.82 11.19
CA ALA WA 110 80.30 -30.67 10.40
C ALA WA 110 81.46 -30.14 9.57
N GLN WA 111 82.65 -30.07 10.16
CA GLN WA 111 83.79 -29.44 9.51
C GLN WA 111 84.72 -30.49 8.91
N ALA WA 112 85.86 -30.04 8.39
CA ALA WA 112 86.81 -30.91 7.73
C ALA WA 112 87.60 -31.66 8.79
N TYR WA 113 88.69 -32.32 8.39
CA TYR WA 113 89.50 -33.08 9.32
C TYR WA 113 90.73 -32.31 9.78
N GLU WA 114 91.54 -31.83 8.85
CA GLU WA 114 92.77 -31.14 9.25
C GLU WA 114 92.47 -29.84 9.98
N LYS WA 115 91.47 -29.09 9.52
CA LYS WA 115 91.09 -27.88 10.26
C LYS WA 115 90.54 -28.22 11.63
N LEU WA 116 89.92 -29.40 11.78
CA LEU WA 116 89.45 -29.82 13.09
C LEU WA 116 90.61 -30.14 14.02
N LEU WA 117 91.61 -30.85 13.51
CA LEU WA 117 92.80 -31.10 14.32
C LEU WA 117 93.47 -29.79 14.72
N ILE WA 118 93.49 -28.80 13.82
CA ILE WA 118 94.06 -27.50 14.16
C ILE WA 118 93.24 -26.80 15.24
N SER WA 119 91.90 -26.89 15.15
CA SER WA 119 91.05 -26.28 16.16
C SER WA 119 91.34 -26.86 17.54
N LEU WA 120 91.33 -28.18 17.66
CA LEU WA 120 91.66 -28.81 18.94
C LEU WA 120 93.08 -28.47 19.41
N ASN WA 121 94.04 -28.43 18.48
CA ASN WA 121 95.41 -28.15 18.90
C ASN WA 121 95.55 -26.74 19.46
N ARG WA 122 94.94 -25.76 18.81
CA ARG WA 122 95.03 -24.40 19.33
C ARG WA 122 94.23 -24.25 20.61
N ALA WA 123 93.12 -24.99 20.75
CA ALA WA 123 92.37 -24.91 22.00
C ALA WA 123 93.15 -25.53 23.15
N VAL WA 124 93.97 -26.54 22.88
CA VAL WA 124 94.84 -27.06 23.92
C VAL WA 124 95.96 -26.08 24.24
N LEU WA 125 96.56 -25.47 23.21
CA LEU WA 125 97.68 -24.57 23.43
C LEU WA 125 97.26 -23.33 24.22
N THR WA 126 96.22 -22.64 23.76
CA THR WA 126 95.82 -21.39 24.40
C THR WA 126 95.17 -21.65 25.76
N GLY WA 127 94.10 -22.43 25.77
CA GLY WA 127 93.43 -22.76 27.00
C GLY WA 127 91.92 -22.81 26.90
N ASP WA 128 91.37 -22.14 25.90
CA ASP WA 128 89.91 -22.08 25.73
C ASP WA 128 89.41 -23.39 25.14
N ILE WA 129 89.01 -24.32 26.01
CA ILE WA 129 88.46 -25.60 25.55
C ILE WA 129 87.15 -25.35 24.83
N PRO WA 130 86.89 -26.02 23.70
CA PRO WA 130 85.61 -25.82 23.01
C PRO WA 130 84.44 -26.19 23.90
N ASP WA 131 83.25 -25.78 23.47
CA ASP WA 131 82.03 -26.14 24.17
C ASP WA 131 81.59 -27.53 23.73
N GLY WA 132 81.38 -28.41 24.70
CA GLY WA 132 81.03 -29.79 24.43
C GLY WA 132 82.13 -30.78 24.74
N TYR WA 133 83.33 -30.33 25.06
CA TYR WA 133 84.44 -31.20 25.38
C TYR WA 133 84.64 -31.26 26.88
N GLY WA 134 84.61 -32.45 27.43
CA GLY WA 134 84.68 -32.66 28.85
C GLY WA 134 86.10 -32.65 29.37
N GLU WA 135 86.30 -33.38 30.47
CA GLU WA 135 87.61 -33.49 31.10
C GLU WA 135 87.66 -34.88 31.73
N VAL WA 136 88.46 -35.76 31.15
CA VAL WA 136 88.52 -37.15 31.56
C VAL WA 136 89.88 -37.43 32.19
N LYS WA 137 90.03 -38.63 32.73
CA LYS WA 137 91.27 -39.01 33.36
C LYS WA 137 92.35 -39.20 32.31
N PRO WA 138 93.55 -38.64 32.49
CA PRO WA 138 94.62 -38.81 31.50
C PRO WA 138 95.12 -40.24 31.48
N LEU WA 139 95.11 -40.85 30.30
CA LEU WA 139 95.53 -42.23 30.15
C LEU WA 139 97.04 -42.34 30.09
N SER WA 140 97.59 -43.29 30.83
CA SER WA 140 99.02 -43.57 30.77
C SER WA 140 99.33 -44.30 29.46
N ASP WA 141 100.64 -44.50 29.24
CA ASP WA 141 101.23 -45.29 28.14
C ASP WA 141 100.41 -45.23 26.85
N GLY WA 142 100.11 -44.03 26.40
CA GLY WA 142 99.49 -43.79 25.11
C GLY WA 142 100.44 -43.39 24.01
N ILE WA 143 101.75 -43.42 24.26
CA ILE WA 143 102.77 -43.08 23.26
C ILE WA 143 103.95 -44.04 23.43
N ARG WA 144 104.80 -44.08 22.41
CA ARG WA 144 106.01 -44.88 22.45
C ARG WA 144 107.08 -44.20 23.30
N LEU WA 145 108.14 -44.95 23.61
CA LEU WA 145 109.30 -44.43 24.34
C LEU WA 145 110.58 -44.77 23.59
N PRO WA 146 111.02 -43.92 22.67
CA PRO WA 146 112.24 -44.16 21.89
C PRO WA 146 113.49 -43.68 22.63
N GLY WA 147 113.96 -44.52 23.54
CA GLY WA 147 115.08 -44.20 24.39
C GLY WA 147 114.66 -44.12 25.84
N GLY WA 148 115.57 -43.63 26.67
CA GLY WA 148 115.25 -43.52 28.07
C GLY WA 148 114.59 -42.20 28.39
N PHE WA 149 113.26 -42.21 28.42
CA PHE WA 149 112.45 -41.02 28.65
C PHE WA 149 111.48 -41.31 29.79
N SER WA 150 111.02 -40.24 30.45
CA SER WA 150 110.13 -40.36 31.59
C SER WA 150 108.89 -39.53 31.33
N VAL WA 151 107.82 -40.18 30.92
CA VAL WA 151 106.55 -39.52 30.62
C VAL WA 151 105.75 -39.38 31.91
N THR WA 152 104.95 -38.32 31.99
CA THR WA 152 104.11 -38.05 33.16
C THR WA 152 102.87 -37.30 32.70
N PRO WA 153 101.72 -37.96 32.65
CA PRO WA 153 100.51 -37.30 32.14
C PRO WA 153 100.08 -36.14 33.01
N LEU WA 154 99.48 -35.13 32.36
CA LEU WA 154 99.05 -33.92 33.03
C LEU WA 154 97.53 -33.75 33.02
N LYS WA 155 96.91 -33.75 31.85
CA LYS WA 155 95.47 -33.50 31.75
C LYS WA 155 94.98 -34.03 30.41
N ALA WA 156 93.67 -34.24 30.34
CA ALA WA 156 93.08 -34.78 29.11
C ALA WA 156 91.67 -34.23 28.92
N TRP WA 157 91.32 -34.01 27.66
CA TRP WA 157 90.00 -33.55 27.28
C TRP WA 157 89.44 -34.50 26.24
N ALA WA 158 88.15 -34.83 26.35
CA ALA WA 158 87.59 -35.86 25.49
C ALA WA 158 86.09 -35.70 25.33
N GLY WA 159 85.61 -35.92 24.10
CA GLY WA 159 84.21 -36.26 23.92
C GLY WA 159 83.86 -36.83 22.56
N ASP WA 160 83.32 -38.04 22.58
CA ASP WA 160 82.65 -38.74 21.49
C ASP WA 160 83.51 -39.06 20.27
N GLN WA 161 84.68 -38.43 20.15
CA GLN WA 161 85.61 -38.58 19.03
C GLN WA 161 86.86 -37.77 19.34
N LEU WA 162 88.01 -38.32 18.95
CA LEU WA 162 89.29 -37.62 19.06
C LEU WA 162 89.51 -37.07 20.47
N ARG WA 163 89.66 -38.00 21.41
CA ARG WA 163 90.14 -37.64 22.73
C ARG WA 163 91.55 -37.05 22.62
N ALA WA 164 91.81 -35.97 23.33
CA ALA WA 164 93.08 -35.27 23.28
C ALA WA 164 93.76 -35.33 24.64
N ASP WA 165 95.07 -35.52 24.64
CA ASP WA 165 95.83 -35.69 25.86
C ASP WA 165 96.91 -34.62 25.96
N ARG WA 166 97.70 -34.72 27.03
CA ARG WA 166 98.88 -33.88 27.24
C ARG WA 166 99.88 -34.66 28.06
N TYR WA 167 101.14 -34.67 27.62
CA TYR WA 167 102.17 -35.45 28.30
C TYR WA 167 103.36 -34.57 28.64
N GLU WA 168 104.47 -35.20 29.04
CA GLU WA 168 105.72 -34.49 29.24
C GLU WA 168 106.87 -35.43 28.91
N LEU WA 169 107.81 -34.97 28.09
CA LEU WA 169 108.98 -35.75 27.72
C LEU WA 169 110.20 -35.22 28.44
N ARG WA 170 110.95 -36.11 29.07
CA ARG WA 170 112.16 -35.75 29.80
C ARG WA 170 113.31 -36.63 29.35
N ASN WA 171 114.46 -36.00 29.06
CA ASN WA 171 115.65 -36.76 28.65
C ASN WA 171 116.39 -37.23 29.90
N ALA WA 172 116.31 -38.52 30.19
CA ALA WA 172 117.03 -39.12 31.30
C ALA WA 172 118.47 -39.46 30.96
N ASN WA 173 118.89 -39.25 29.71
CA ASN WA 173 120.22 -39.59 29.26
C ASN WA 173 121.19 -38.45 29.58
N THR WA 174 122.37 -38.48 28.98
CA THR WA 174 123.42 -37.51 29.25
C THR WA 174 123.60 -36.47 28.15
N TRP WA 175 123.35 -36.83 26.90
CA TRP WA 175 123.63 -35.96 25.75
C TRP WA 175 122.32 -35.50 25.12
N GLY WA 176 122.43 -34.82 23.97
CA GLY WA 176 121.28 -34.33 23.24
C GLY WA 176 120.96 -35.23 22.06
N VAL WA 177 119.68 -35.59 21.94
CA VAL WA 177 119.22 -36.54 20.94
C VAL WA 177 118.33 -35.84 19.93
N ALA WA 178 117.90 -36.56 18.90
CA ALA WA 178 117.01 -36.03 17.88
C ALA WA 178 115.57 -36.41 18.21
N LEU WA 179 114.68 -35.42 18.17
CA LEU WA 179 113.27 -35.61 18.50
C LEU WA 179 112.47 -35.53 17.20
N ARG WA 180 112.30 -36.68 16.55
CA ARG WA 180 111.49 -36.76 15.35
C ARG WA 180 110.05 -37.08 15.75
N GLU WA 181 109.11 -36.32 15.21
CA GLU WA 181 107.74 -36.36 15.70
C GLU WA 181 107.04 -37.68 15.44
N GLN WA 182 107.55 -38.50 14.51
CA GLN WA 182 106.94 -39.77 14.18
C GLN WA 182 107.45 -40.92 15.04
N ASP WA 183 108.41 -40.68 15.93
CA ASP WA 183 108.80 -41.72 16.87
C ASP WA 183 107.66 -42.04 17.84
N PHE WA 184 107.00 -41.01 18.34
CA PHE WA 184 105.94 -41.18 19.34
C PHE WA 184 104.60 -41.47 18.67
N TRP WA 185 104.58 -42.52 17.87
CA TRP WA 185 103.36 -42.92 17.17
C TRP WA 185 102.95 -44.31 17.64
N LYS WA 186 101.66 -44.54 17.61
CA LYS WA 186 101.05 -45.81 17.99
C LYS WA 186 99.92 -46.11 17.02
N PRO WA 187 99.39 -47.32 17.04
CA PRO WA 187 98.18 -47.60 16.26
C PRO WA 187 96.96 -46.99 16.90
N GLY WA 188 96.66 -45.73 16.58
CA GLY WA 188 95.50 -45.06 17.14
C GLY WA 188 95.68 -43.58 17.36
N VAL WA 189 96.93 -43.12 17.33
CA VAL WA 189 97.23 -41.69 17.43
C VAL WA 189 97.00 -41.02 16.09
N ARG WA 190 96.38 -39.84 16.11
CA ARG WA 190 96.07 -39.13 14.88
C ARG WA 190 96.97 -37.93 14.63
N ALA WA 191 97.59 -37.36 15.66
CA ALA WA 191 98.43 -36.20 15.47
C ALA WA 191 99.40 -36.08 16.64
N VAL WA 192 100.49 -35.35 16.41
CA VAL WA 192 101.49 -35.08 17.44
C VAL WA 192 102.01 -33.66 17.24
N MET WA 193 102.06 -32.89 18.32
CA MET WA 193 102.63 -31.55 18.33
C MET WA 193 103.69 -31.44 19.40
N PHE WA 194 104.78 -30.76 19.09
CA PHE WA 194 105.75 -30.34 20.08
C PHE WA 194 105.48 -28.88 20.43
N ASP WA 195 105.36 -28.60 21.72
CA ASP WA 195 104.85 -27.30 22.15
C ASP WA 195 105.84 -26.18 21.88
N ASN WA 196 107.06 -26.29 22.42
CA ASN WA 196 108.12 -25.37 22.04
C ASN WA 196 108.83 -25.91 20.80
N ASN WA 197 109.08 -25.03 19.84
CA ASN WA 197 109.60 -25.45 18.54
C ASN WA 197 111.12 -25.67 18.65
N ALA WA 198 111.48 -26.68 19.43
CA ALA WA 198 112.87 -27.05 19.65
C ALA WA 198 113.16 -28.31 18.86
N GLN WA 199 114.16 -28.24 17.99
CA GLN WA 199 114.54 -29.41 17.19
C GLN WA 199 115.43 -30.37 17.95
N THR WA 200 115.90 -30.00 19.14
CA THR WA 200 116.72 -30.86 19.98
C THR WA 200 116.75 -30.28 21.38
N LEU WA 201 116.54 -31.13 22.37
CA LEU WA 201 116.58 -30.72 23.77
C LEU WA 201 118.03 -30.54 24.23
N MET WA 202 118.20 -30.31 25.52
CA MET WA 202 119.52 -30.17 26.12
C MET WA 202 119.86 -31.24 27.14
N GLY WA 203 118.87 -31.73 27.88
CA GLY WA 203 119.11 -32.65 28.96
C GLY WA 203 118.16 -32.42 30.11
N GLY WA 204 117.54 -31.24 30.12
CA GLY WA 204 116.54 -30.90 31.11
C GLY WA 204 115.15 -31.30 30.65
N GLY WA 205 114.37 -31.83 31.59
CA GLY WA 205 113.03 -32.30 31.30
C GLY WA 205 111.95 -31.27 31.45
N ARG WA 206 111.86 -30.32 30.52
CA ARG WA 206 110.81 -29.32 30.53
C ARG WA 206 110.19 -29.17 29.15
N MET WA 207 109.85 -30.29 28.52
CA MET WA 207 109.21 -30.29 27.22
C MET WA 207 107.92 -31.09 27.29
N THR WA 208 106.82 -30.46 26.91
CA THR WA 208 105.52 -31.13 26.86
C THR WA 208 105.17 -31.47 25.41
N VAL WA 209 104.10 -32.23 25.26
CA VAL WA 209 103.69 -32.72 23.95
C VAL WA 209 102.20 -33.06 24.02
N THR WA 210 101.49 -32.77 22.94
CA THR WA 210 100.05 -33.01 22.87
C THR WA 210 99.77 -34.13 21.87
N VAL WA 211 98.93 -35.07 22.26
CA VAL WA 211 98.60 -36.24 21.47
C VAL WA 211 97.09 -36.30 21.31
N ILE WA 212 96.63 -36.43 20.07
CA ILE WA 212 95.19 -36.47 19.80
C ILE WA 212 94.82 -37.89 19.39
N ARG WA 213 94.40 -38.69 20.36
CA ARG WA 213 94.04 -40.08 20.12
C ARG WA 213 92.63 -40.14 19.53
N GLY WA 214 92.06 -41.35 19.49
CA GLY WA 214 90.71 -41.53 18.99
C GLY WA 214 89.89 -42.38 19.93
N ASN WA 215 88.65 -42.64 19.52
CA ASN WA 215 87.70 -43.45 20.29
C ASN WA 215 87.51 -42.91 21.69
N GLY WA 216 87.49 -41.59 21.82
CA GLY WA 216 87.30 -40.97 23.11
C GLY WA 216 85.84 -40.73 23.43
N ALA XA 1 87.40 -46.17 41.46
CA ALA XA 1 88.62 -46.95 41.48
C ALA XA 1 88.37 -48.37 40.96
N GLN XA 2 87.83 -49.22 41.83
CA GLN XA 2 87.64 -50.62 41.49
C GLN XA 2 86.75 -50.76 40.27
N SER XA 3 87.19 -51.60 39.33
CA SER XA 3 86.42 -51.82 38.13
C SER XA 3 85.16 -52.64 38.45
N PRO XA 4 84.09 -52.48 37.69
CA PRO XA 4 82.92 -53.33 37.89
C PRO XA 4 83.24 -54.77 37.55
N ALA XA 5 82.56 -55.69 38.23
CA ALA XA 5 82.75 -57.11 37.93
C ALA XA 5 82.08 -57.43 36.59
N THR XA 6 82.88 -57.86 35.62
CA THR XA 6 82.39 -58.07 34.26
C THR XA 6 82.29 -59.57 33.99
N ILE XA 7 81.14 -59.99 33.43
CA ILE XA 7 80.85 -61.40 33.20
C ILE XA 7 80.14 -61.56 31.86
N SER XA 8 80.24 -62.77 31.30
CA SER XA 8 79.66 -63.08 29.99
C SER XA 8 78.66 -64.20 30.13
N LEU XA 9 77.48 -64.03 29.52
CA LEU XA 9 76.40 -64.99 29.57
C LEU XA 9 75.91 -65.29 28.16
N PRO XA 10 75.41 -66.50 27.92
CA PRO XA 10 74.72 -66.77 26.66
C PRO XA 10 73.34 -66.15 26.67
N GLN XA 11 72.54 -66.42 25.64
CA GLN XA 11 71.16 -65.94 25.61
C GLN XA 11 70.34 -66.71 26.64
N GLY XA 12 69.91 -66.03 27.69
CA GLY XA 12 69.08 -66.65 28.70
C GLY XA 12 69.82 -67.43 29.76
N GLY XA 13 71.10 -67.15 29.98
CA GLY XA 13 71.86 -67.85 30.97
C GLY XA 13 71.50 -67.42 32.39
N GLN XA 14 72.16 -68.05 33.36
CA GLN XA 14 71.81 -67.85 34.76
C GLN XA 14 73.06 -67.87 35.62
N PHE XA 15 73.53 -66.69 36.01
CA PHE XA 15 74.82 -66.56 36.69
C PHE XA 15 74.66 -66.56 38.20
N ARG XA 16 75.67 -67.09 38.87
CA ARG XA 16 75.72 -67.19 40.33
C ARG XA 16 76.61 -66.07 40.88
N LEU XA 17 76.00 -65.09 41.53
CA LEU XA 17 76.74 -63.99 42.14
C LEU XA 17 76.19 -63.71 43.53
N SER XA 18 76.67 -62.62 44.13
CA SER XA 18 76.30 -62.23 45.47
C SER XA 18 75.91 -60.76 45.52
N ILE XA 19 74.84 -60.46 46.26
CA ILE XA 19 74.39 -59.09 46.47
C ILE XA 19 74.34 -58.84 47.97
N SER XA 20 74.15 -57.59 48.34
CA SER XA 20 74.08 -57.14 49.72
C SER XA 20 72.71 -56.57 50.02
N ASN XA 21 72.14 -56.93 51.18
CA ASN XA 21 70.76 -56.59 51.48
C ASN XA 21 70.57 -55.08 51.67
N THR XA 22 71.39 -54.46 52.51
CA THR XA 22 71.41 -53.01 52.58
C THR XA 22 72.16 -52.48 51.36
N ASP XA 23 72.38 -51.16 51.30
CA ASP XA 23 73.35 -50.64 50.35
C ASP XA 23 72.98 -50.99 48.91
N PRO XA 24 72.01 -50.28 48.31
CA PRO XA 24 71.40 -50.75 47.05
C PRO XA 24 72.42 -51.20 46.02
N ASN XA 25 72.09 -52.28 45.33
CA ASN XA 25 72.97 -52.91 44.37
C ASN XA 25 72.50 -52.58 42.96
N MET XA 26 73.43 -52.44 42.03
CA MET XA 26 73.09 -52.05 40.67
C MET XA 26 73.49 -53.15 39.70
N ILE XA 27 72.65 -53.36 38.68
CA ILE XA 27 72.97 -54.19 37.53
C ILE XA 27 72.66 -53.38 36.28
N PHE XA 28 73.60 -53.32 35.35
CA PHE XA 28 73.37 -52.58 34.12
C PHE XA 28 74.03 -53.31 32.96
N ILE XA 29 73.35 -53.32 31.83
CA ILE XA 29 73.87 -53.90 30.59
C ILE XA 29 74.42 -52.76 29.74
N PRO XA 30 75.72 -52.75 29.41
CA PRO XA 30 76.27 -51.65 28.60
C PRO XA 30 75.73 -51.70 27.19
N GLY XA 31 75.14 -50.58 26.75
CA GLY XA 31 74.59 -50.46 25.43
C GLY XA 31 73.09 -50.68 25.35
N ASP XA 32 72.46 -51.12 26.42
CA ASP XA 32 71.03 -51.44 26.41
C ASP XA 32 70.31 -50.66 27.50
N LYS XA 33 68.99 -50.80 27.49
CA LYS XA 33 68.12 -50.22 28.51
C LYS XA 33 67.26 -51.33 29.10
N VAL XA 34 67.37 -51.55 30.40
CA VAL XA 34 66.57 -52.58 31.06
C VAL XA 34 65.11 -52.13 31.05
N THR XA 35 64.23 -53.04 30.62
CA THR XA 35 62.80 -52.73 30.51
C THR XA 35 61.95 -53.37 31.59
N ALA XA 36 62.28 -54.58 32.01
CA ALA XA 36 61.43 -55.30 32.95
C ALA XA 36 62.32 -55.95 34.01
N ILE XA 37 61.66 -56.63 34.95
CA ILE XA 37 62.34 -57.38 35.99
C ILE XA 37 61.32 -58.31 36.61
N THR XA 38 61.79 -59.38 37.24
CA THR XA 38 60.92 -60.31 37.95
C THR XA 38 61.77 -61.02 38.99
N ALA XA 39 61.69 -60.58 40.23
CA ALA XA 39 62.64 -60.98 41.27
C ALA XA 39 61.91 -61.53 42.48
N PRO XA 40 61.52 -62.79 42.43
CA PRO XA 40 60.69 -63.35 43.50
C PRO XA 40 61.51 -64.20 44.41
N GLY XA 41 60.88 -64.72 45.47
CA GLY XA 41 61.62 -65.49 46.44
C GLY XA 41 62.21 -64.59 47.49
N GLY XA 42 62.72 -63.44 47.08
CA GLY XA 42 63.31 -62.49 48.01
C GLY XA 42 62.39 -61.36 48.43
N MET XA 43 61.45 -61.01 47.56
CA MET XA 43 60.51 -59.92 47.79
C MET XA 43 61.25 -58.63 48.16
N LEU XA 44 62.21 -58.28 47.31
CA LEU XA 44 63.00 -57.07 47.47
C LEU XA 44 62.14 -55.83 47.20
N ALA XA 45 62.58 -54.70 47.75
CA ALA XA 45 61.72 -53.53 47.90
C ALA XA 45 61.91 -52.49 46.80
N ASP XA 46 63.10 -51.93 46.65
CA ASP XA 46 63.29 -50.81 45.73
C ASP XA 46 63.57 -51.32 44.32
N LYS XA 47 62.93 -50.69 43.33
CA LYS XA 47 63.14 -51.02 41.92
C LYS XA 47 63.00 -49.72 41.13
N ARG XA 48 64.13 -49.19 40.68
CA ARG XA 48 64.17 -47.90 40.00
C ARG XA 48 65.07 -47.98 38.79
N LEU XA 49 64.73 -47.19 37.76
CA LEU XA 49 65.51 -47.13 36.53
C LEU XA 49 66.39 -45.90 36.56
N THR XA 50 67.70 -46.09 36.40
CA THR XA 50 68.63 -44.97 36.39
C THR XA 50 68.60 -44.29 35.02
N THR XA 51 69.55 -43.39 34.78
CA THR XA 51 69.66 -42.72 33.51
C THR XA 51 70.52 -43.47 32.51
N ALA XA 52 71.50 -44.24 32.99
CA ALA XA 52 72.33 -45.02 32.08
C ALA XA 52 71.50 -46.06 31.34
N GLY XA 53 70.54 -46.67 32.02
CA GLY XA 53 69.70 -47.67 31.42
C GLY XA 53 69.56 -48.88 32.31
N GLY XA 54 70.48 -49.02 33.25
CA GLY XA 54 70.45 -50.14 34.17
C GLY XA 54 69.37 -49.98 35.22
N VAL XA 55 69.23 -51.02 36.03
CA VAL XA 55 68.26 -51.07 37.11
C VAL XA 55 68.97 -51.40 38.42
N LEU XA 56 68.56 -50.72 39.49
CA LEU XA 56 69.15 -50.93 40.80
C LEU XA 56 68.04 -51.22 41.80
N PHE XA 57 68.40 -51.93 42.86
CA PHE XA 57 67.44 -52.59 43.72
C PHE XA 57 67.99 -52.68 45.13
N THR XA 58 67.16 -53.17 46.04
CA THR XA 58 67.57 -53.27 47.45
C THR XA 58 66.85 -54.47 48.06
N SER XA 59 67.56 -55.58 48.21
CA SER XA 59 66.96 -56.77 48.78
C SER XA 59 66.79 -56.61 50.28
N VAL XA 60 65.93 -57.45 50.86
CA VAL XA 60 65.70 -57.42 52.30
C VAL XA 60 65.71 -58.84 52.87
N ALA XA 61 65.66 -59.84 51.99
CA ALA XA 61 65.47 -61.22 52.42
C ALA XA 61 66.76 -61.76 53.02
N THR XA 62 66.81 -63.07 53.27
CA THR XA 62 67.94 -63.69 53.93
C THR XA 62 68.37 -65.01 53.32
N ARG XA 63 67.84 -65.39 52.17
CA ARG XA 63 68.17 -66.68 51.56
C ARG XA 63 68.45 -66.48 50.07
N THR XA 64 68.90 -67.54 49.42
CA THR XA 64 69.27 -67.51 48.02
C THR XA 64 68.04 -67.69 47.13
N PHE XA 65 67.90 -66.83 46.13
CA PHE XA 65 66.75 -66.87 45.25
C PHE XA 65 67.20 -66.61 43.82
N THR XA 66 66.24 -66.31 42.96
CA THR XA 66 66.50 -66.07 41.54
C THR XA 66 65.86 -64.76 41.13
N ILE XA 67 66.60 -63.97 40.34
CA ILE XA 67 66.10 -62.70 39.82
C ILE XA 67 66.26 -62.71 38.31
N PHE XA 68 65.19 -62.41 37.61
CA PHE XA 68 65.24 -62.30 36.16
C PHE XA 68 65.33 -60.84 35.74
N VAL XA 69 65.81 -60.62 34.53
CA VAL XA 69 66.01 -59.28 34.01
C VAL XA 69 65.90 -59.31 32.49
N GLU XA 70 65.27 -58.29 31.93
CA GLU XA 70 65.02 -58.25 30.50
C GLU XA 70 65.72 -57.04 29.89
N THR XA 71 65.55 -56.88 28.59
CA THR XA 71 66.25 -55.86 27.83
C THR XA 71 65.34 -55.31 26.75
N ALA XA 72 65.64 -54.09 26.31
CA ALA XA 72 64.84 -53.46 25.26
C ALA XA 72 64.92 -54.26 23.96
N LEU XA 73 66.01 -54.96 23.72
CA LEU XA 73 66.17 -55.75 22.51
C LEU XA 73 65.80 -57.21 22.71
N GLY XA 74 65.30 -57.59 23.87
CA GLY XA 74 64.84 -58.93 24.13
C GLY XA 74 65.85 -59.85 24.79
N GLN XA 75 67.08 -59.39 24.98
CA GLN XA 75 68.14 -60.25 25.53
C GLN XA 75 67.87 -60.50 27.01
N THR XA 76 67.04 -61.50 27.29
CA THR XA 76 66.72 -61.88 28.64
C THR XA 76 67.90 -62.56 29.32
N PHE XA 77 67.91 -62.51 30.65
CA PHE XA 77 68.98 -63.11 31.44
C PHE XA 77 68.36 -63.72 32.69
N SER XA 78 69.22 -64.06 33.65
CA SER XA 78 68.78 -64.59 34.94
C SER XA 78 69.99 -64.58 35.87
N VAL XA 79 69.74 -64.37 37.16
CA VAL XA 79 70.81 -64.23 38.14
C VAL XA 79 70.34 -64.76 39.47
N VAL XA 80 71.19 -65.55 40.12
CA VAL XA 80 70.88 -66.18 41.39
C VAL XA 80 71.57 -65.36 42.47
N ALA XA 81 70.84 -64.48 43.13
CA ALA XA 81 71.39 -63.62 44.16
C ALA XA 81 71.61 -64.40 45.45
N THR XA 82 72.34 -63.79 46.36
CA THR XA 82 72.56 -64.34 47.68
C THR XA 82 72.92 -63.22 48.66
N PRO XA 83 71.96 -62.75 49.46
CA PRO XA 83 72.21 -61.60 50.33
C PRO XA 83 73.31 -61.86 51.34
N VAL XA 84 74.08 -60.81 51.63
CA VAL XA 84 75.21 -60.84 52.56
C VAL XA 84 75.10 -59.64 53.50
N LYS XA 85 76.16 -59.41 54.29
CA LYS XA 85 76.11 -58.42 55.36
C LYS XA 85 75.95 -57.00 54.83
N GLY XA 86 76.92 -56.50 54.07
CA GLY XA 86 76.86 -55.11 53.66
C GLY XA 86 77.80 -54.79 52.52
N GLU XA 87 77.99 -53.48 52.29
CA GLU XA 87 78.85 -52.94 51.24
C GLU XA 87 78.37 -53.35 49.85
N GLY XA 88 77.22 -52.78 49.47
CA GLY XA 88 76.61 -53.12 48.20
C GLY XA 88 77.53 -52.89 47.02
N ARG XA 89 77.32 -53.68 45.96
CA ARG XA 89 78.26 -53.80 44.86
C ARG XA 89 77.56 -53.63 43.53
N VAL XA 90 78.36 -53.38 42.49
CA VAL XA 90 77.86 -53.14 41.13
C VAL XA 90 78.46 -54.18 40.20
N TYR XA 91 77.62 -54.74 39.32
CA TYR XA 91 78.01 -55.73 38.34
C TYR XA 91 77.71 -55.22 36.94
N ARG XA 92 78.17 -55.98 35.95
CA ARG XA 92 77.92 -55.66 34.55
C ARG XA 92 77.49 -56.91 33.81
N LEU XA 93 76.52 -56.77 32.92
CA LEU XA 93 75.96 -57.90 32.18
C LEU XA 93 76.09 -57.64 30.69
N MET XA 94 76.72 -58.57 29.98
CA MET XA 94 76.77 -58.52 28.52
C MET XA 94 76.83 -59.93 27.97
N SER XA 95 76.38 -60.08 26.74
CA SER XA 95 76.45 -61.35 26.03
C SER XA 95 77.70 -61.38 25.16
N ALA XA 96 78.07 -62.58 24.73
CA ALA XA 96 79.34 -62.80 24.04
C ALA XA 96 79.21 -62.71 22.52
N GLU XA 97 78.44 -63.61 21.92
CA GLU XA 97 78.33 -63.65 20.46
C GLU XA 97 77.34 -62.64 19.88
N PRO XA 98 76.11 -62.53 20.40
CA PRO XA 98 75.07 -61.75 19.69
C PRO XA 98 75.48 -60.32 19.37
N PRO XA 99 76.18 -59.60 20.27
CA PRO XA 99 76.60 -58.25 19.88
C PRO XA 99 77.72 -58.28 18.86
N SER XA 100 77.39 -57.99 17.60
CA SER XA 100 78.39 -57.96 16.53
C SER XA 100 77.87 -57.07 15.42
N ARG XA 101 78.41 -55.86 15.33
CA ARG XA 101 78.08 -54.92 14.25
C ARG XA 101 79.28 -54.03 14.01
N PRO XA 102 80.31 -54.54 13.35
CA PRO XA 102 81.52 -53.74 13.11
C PRO XA 102 81.38 -52.70 12.03
N GLU XA 103 80.17 -52.45 11.55
CA GLU XA 103 79.97 -51.43 10.52
C GLU XA 103 80.45 -50.08 11.03
N THR XA 104 81.27 -49.41 10.22
CA THR XA 104 81.80 -48.11 10.58
C THR XA 104 81.39 -47.08 9.53
N ARG XA 105 80.79 -45.98 9.99
CA ARG XA 105 80.54 -44.86 9.11
C ARG XA 105 81.87 -44.22 8.73
N LYS XA 106 82.04 -43.91 7.45
CA LYS XA 106 83.30 -43.34 7.01
C LYS XA 106 83.28 -41.85 7.27
N TRP XA 107 83.75 -41.47 8.45
CA TRP XA 107 83.96 -40.10 8.86
C TRP XA 107 85.28 -39.61 8.25
N GLU XA 108 85.84 -38.50 8.72
CA GLU XA 108 87.10 -37.95 8.22
C GLU XA 108 87.02 -37.46 6.79
N THR XA 109 86.20 -36.45 6.53
CA THR XA 109 86.19 -35.81 5.22
C THR XA 109 87.52 -35.12 4.95
N ALA XA 110 87.69 -34.65 3.71
CA ALA XA 110 88.91 -34.01 3.27
C ALA XA 110 88.65 -32.55 2.93
N GLN XA 111 89.71 -31.87 2.52
CA GLN XA 111 89.63 -30.45 2.21
C GLN XA 111 88.89 -30.24 0.89
N ALA XA 112 88.47 -29.00 0.67
CA ALA XA 112 87.81 -28.65 -0.59
C ALA XA 112 88.78 -28.52 -1.75
N TYR XA 113 90.01 -28.12 -1.48
CA TYR XA 113 91.03 -27.99 -2.53
C TYR XA 113 91.58 -29.34 -2.97
N GLU XA 114 91.72 -30.29 -2.05
CA GLU XA 114 92.30 -31.58 -2.38
C GLU XA 114 91.34 -32.47 -3.15
N LYS XA 115 90.06 -32.47 -2.79
CA LYS XA 115 89.10 -33.34 -3.45
C LYS XA 115 88.99 -33.02 -4.93
N LEU XA 116 89.02 -31.74 -5.29
CA LEU XA 116 88.87 -31.39 -6.70
C LEU XA 116 90.14 -31.69 -7.49
N LEU XA 117 91.32 -31.47 -6.89
CA LEU XA 117 92.54 -31.93 -7.53
C LEU XA 117 92.49 -33.42 -7.80
N ILE XA 118 92.08 -34.21 -6.81
CA ILE XA 118 92.05 -35.66 -6.99
C ILE XA 118 90.99 -36.06 -8.02
N SER XA 119 89.86 -35.35 -8.06
CA SER XA 119 88.81 -35.71 -9.02
C SER XA 119 89.26 -35.44 -10.45
N LEU XA 120 89.76 -34.22 -10.72
CA LEU XA 120 90.26 -33.92 -12.06
C LEU XA 120 91.40 -34.84 -12.43
N ASN XA 121 92.27 -35.13 -11.47
CA ASN XA 121 93.41 -35.99 -11.71
C ASN XA 121 92.98 -37.44 -11.93
N ARG XA 122 91.84 -37.85 -11.38
CA ARG XA 122 91.37 -39.20 -11.65
C ARG XA 122 90.73 -39.27 -13.02
N ALA XA 123 90.05 -38.20 -13.44
CA ALA XA 123 89.48 -38.18 -14.77
C ALA XA 123 90.53 -37.99 -15.87
N VAL XA 124 91.72 -37.49 -15.54
CA VAL XA 124 92.78 -37.43 -16.55
C VAL XA 124 93.37 -38.80 -16.82
N LEU XA 125 93.19 -39.75 -15.90
CA LEU XA 125 93.76 -41.09 -16.05
C LEU XA 125 92.77 -42.09 -16.65
N THR XA 126 91.54 -42.11 -16.14
CA THR XA 126 90.55 -43.04 -16.67
C THR XA 126 90.24 -42.74 -18.13
N GLY XA 127 90.08 -41.46 -18.46
CA GLY XA 127 89.80 -41.02 -19.82
C GLY XA 127 88.54 -40.20 -19.97
N ASP XA 128 87.60 -40.36 -19.04
CA ASP XA 128 86.34 -39.62 -19.12
C ASP XA 128 86.58 -38.15 -18.79
N ILE XA 129 86.27 -37.27 -19.72
CA ILE XA 129 86.59 -35.85 -19.54
C ILE XA 129 85.47 -35.18 -18.77
N PRO XA 130 85.77 -34.53 -17.66
CA PRO XA 130 84.72 -33.84 -16.90
C PRO XA 130 84.13 -32.70 -17.71
N ASP XA 131 82.86 -32.42 -17.46
CA ASP XA 131 82.18 -31.34 -18.17
C ASP XA 131 82.83 -30.01 -17.81
N GLY XA 132 83.37 -29.33 -18.80
CA GLY XA 132 83.97 -28.03 -18.57
C GLY XA 132 85.45 -27.98 -18.87
N TYR XA 133 85.93 -28.95 -19.66
CA TYR XA 133 87.34 -29.02 -20.01
C TYR XA 133 87.48 -29.34 -21.49
N GLY XA 134 88.34 -28.58 -22.17
CA GLY XA 134 88.48 -28.73 -23.59
C GLY XA 134 89.76 -29.39 -24.00
N GLU XA 135 90.60 -28.65 -24.72
CA GLU XA 135 91.89 -29.17 -25.17
C GLU XA 135 92.72 -28.01 -25.68
N VAL XA 136 94.03 -28.05 -25.40
CA VAL XA 136 94.93 -26.94 -25.68
C VAL XA 136 96.25 -27.46 -26.19
N LYS XA 137 97.02 -26.54 -26.75
CA LYS XA 137 98.38 -26.80 -27.18
C LYS XA 137 99.26 -27.07 -25.96
N PRO XA 138 100.14 -28.07 -26.02
CA PRO XA 138 101.00 -28.37 -24.87
C PRO XA 138 101.97 -27.22 -24.61
N LEU XA 139 101.93 -26.72 -23.37
CA LEU XA 139 102.83 -25.64 -22.98
C LEU XA 139 104.28 -26.13 -23.03
N SER XA 140 105.16 -25.29 -23.59
CA SER XA 140 106.55 -25.69 -23.76
C SER XA 140 107.26 -25.77 -22.42
N ASP XA 141 108.06 -26.83 -22.26
CA ASP XA 141 109.00 -27.04 -21.17
C ASP XA 141 108.53 -26.48 -19.82
N GLY XA 142 107.29 -26.79 -19.46
CA GLY XA 142 106.74 -26.37 -18.18
C GLY XA 142 107.11 -27.23 -17.00
N ILE XA 143 108.01 -28.20 -17.18
CA ILE XA 143 108.47 -29.07 -16.10
C ILE XA 143 109.99 -29.21 -16.17
N ARG XA 144 110.60 -29.30 -15.00
CA ARG XA 144 112.05 -29.36 -14.90
C ARG XA 144 112.56 -30.72 -15.40
N LEU XA 145 113.87 -30.81 -15.58
CA LEU XA 145 114.53 -32.04 -16.00
C LEU XA 145 115.64 -32.38 -15.02
N PRO XA 146 115.61 -33.53 -14.37
CA PRO XA 146 116.69 -33.92 -13.42
C PRO XA 146 117.82 -34.69 -14.11
N GLY XA 147 118.56 -34.01 -14.96
CA GLY XA 147 119.71 -34.62 -15.59
C GLY XA 147 119.43 -35.21 -16.96
N GLY XA 148 120.01 -36.38 -17.23
CA GLY XA 148 119.97 -36.94 -18.56
C GLY XA 148 118.61 -37.48 -18.95
N PHE XA 149 117.61 -36.61 -18.95
CA PHE XA 149 116.26 -36.96 -19.34
C PHE XA 149 115.87 -36.15 -20.58
N SER XA 150 114.59 -36.24 -20.94
CA SER XA 150 114.04 -35.45 -22.02
C SER XA 150 112.56 -35.28 -21.77
N VAL XA 151 111.96 -34.34 -22.50
CA VAL XA 151 110.52 -34.11 -22.45
C VAL XA 151 109.99 -34.13 -23.87
N THR XA 152 108.87 -34.81 -24.07
CA THR XA 152 108.22 -34.89 -25.38
C THR XA 152 106.74 -34.61 -25.16
N PRO XA 153 106.35 -33.34 -25.16
CA PRO XA 153 104.95 -32.99 -24.94
C PRO XA 153 104.02 -33.81 -25.81
N LEU XA 154 102.85 -34.14 -25.26
CA LEU XA 154 101.82 -34.81 -26.03
C LEU XA 154 100.64 -33.88 -26.28
N LYS XA 155 100.02 -33.39 -25.22
CA LYS XA 155 98.79 -32.61 -25.29
C LYS XA 155 98.43 -32.19 -23.87
N ALA XA 156 97.28 -31.54 -23.72
CA ALA XA 156 96.84 -31.09 -22.40
C ALA XA 156 95.36 -30.76 -22.40
N TRP XA 157 94.75 -30.67 -21.22
CA TRP XA 157 93.41 -30.14 -21.09
C TRP XA 157 93.47 -28.72 -20.53
N ALA XA 158 92.30 -28.10 -20.40
CA ALA XA 158 92.21 -26.79 -19.77
C ALA XA 158 90.75 -26.42 -19.56
N GLY XA 159 90.54 -25.43 -18.70
CA GLY XA 159 89.26 -24.76 -18.59
C GLY XA 159 88.75 -24.50 -17.18
N ASP XA 160 88.57 -23.21 -16.90
CA ASP XA 160 87.88 -22.65 -15.73
C ASP XA 160 88.65 -22.83 -14.43
N GLN XA 161 89.65 -23.71 -14.43
CA GLN XA 161 90.73 -23.82 -13.45
C GLN XA 161 91.53 -25.06 -13.81
N LEU XA 162 92.77 -25.12 -13.31
CA LEU XA 162 93.57 -26.34 -13.35
C LEU XA 162 93.80 -26.80 -14.81
N ARG XA 163 94.60 -26.01 -15.52
CA ARG XA 163 95.01 -26.44 -16.86
C ARG XA 163 95.96 -27.62 -16.71
N ALA XA 164 95.44 -28.83 -16.84
CA ALA XA 164 96.23 -30.03 -16.70
C ALA XA 164 97.12 -30.25 -17.91
N ASP XA 165 98.07 -31.17 -17.78
CA ASP XA 165 99.03 -31.47 -18.84
C ASP XA 165 99.25 -32.98 -18.89
N ARG XA 166 100.12 -33.41 -19.81
CA ARG XA 166 100.62 -34.78 -19.83
C ARG XA 166 101.95 -34.79 -20.57
N TYR XA 167 103.04 -34.96 -19.86
CA TYR XA 167 104.37 -34.99 -20.46
C TYR XA 167 104.91 -36.43 -20.44
N GLU XA 168 106.14 -36.59 -20.89
CA GLU XA 168 106.71 -37.91 -21.15
C GLU XA 168 108.15 -37.95 -20.66
N LEU XA 169 108.54 -39.09 -20.09
CA LEU XA 169 109.84 -39.29 -19.50
C LEU XA 169 110.66 -40.26 -20.34
N ARG XA 170 111.97 -40.03 -20.41
CA ARG XA 170 112.84 -40.86 -21.23
C ARG XA 170 114.21 -40.89 -20.59
N ASN XA 171 114.61 -42.04 -20.05
CA ASN XA 171 115.94 -42.20 -19.49
C ASN XA 171 116.96 -42.22 -20.62
N ALA XA 172 117.66 -41.11 -20.83
CA ALA XA 172 118.66 -41.02 -21.88
C ALA XA 172 120.01 -41.57 -21.44
N ASN XA 173 120.15 -41.96 -20.18
CA ASN XA 173 121.37 -42.51 -19.65
C ASN XA 173 121.35 -44.03 -19.82
N THR XA 174 122.28 -44.73 -19.16
CA THR XA 174 122.42 -46.17 -19.36
C THR XA 174 122.03 -47.02 -18.16
N TRP XA 175 122.20 -46.54 -16.93
CA TRP XA 175 121.97 -47.35 -15.74
C TRP XA 175 120.67 -46.94 -15.06
N GLY XA 176 120.43 -47.53 -13.88
CA GLY XA 176 119.23 -47.28 -13.11
C GLY XA 176 119.51 -46.43 -11.88
N VAL XA 177 118.54 -45.58 -11.54
CA VAL XA 177 118.63 -44.65 -10.42
C VAL XA 177 117.35 -44.73 -9.61
N ALA XA 178 117.21 -43.85 -8.63
CA ALA XA 178 115.98 -43.74 -7.84
C ALA XA 178 115.17 -42.55 -8.31
N LEU XA 179 113.96 -42.42 -7.75
CA LEU XA 179 113.03 -41.36 -8.12
C LEU XA 179 112.41 -40.74 -6.88
N ARG XA 180 112.43 -39.40 -6.82
CA ARG XA 180 111.68 -38.63 -5.85
C ARG XA 180 111.00 -37.48 -6.59
N GLU XA 181 109.67 -37.47 -6.59
CA GLU XA 181 108.88 -36.63 -7.48
C GLU XA 181 108.82 -35.17 -7.04
N GLN XA 182 109.68 -34.74 -6.12
CA GLN XA 182 109.84 -33.33 -5.80
C GLN XA 182 110.89 -32.66 -6.68
N ASP XA 183 111.47 -33.39 -7.64
CA ASP XA 183 112.46 -32.82 -8.53
C ASP XA 183 111.85 -32.20 -9.78
N PHE XA 184 110.62 -32.56 -10.13
CA PHE XA 184 109.97 -32.04 -11.32
C PHE XA 184 109.21 -30.76 -11.07
N TRP XA 185 109.17 -30.29 -9.82
CA TRP XA 185 108.38 -29.12 -9.48
C TRP XA 185 108.86 -27.90 -10.28
N LYS XA 186 107.90 -27.11 -10.72
CA LYS XA 186 108.14 -25.82 -11.37
C LYS XA 186 107.29 -24.77 -10.68
N PRO XA 187 107.63 -23.50 -10.84
CA PRO XA 187 106.90 -22.46 -10.12
C PRO XA 187 105.48 -22.28 -10.65
N GLY XA 188 104.56 -23.07 -10.12
CA GLY XA 188 103.16 -22.98 -10.49
C GLY XA 188 102.47 -24.32 -10.47
N VAL XA 189 103.27 -25.39 -10.33
CA VAL XA 189 102.75 -26.74 -10.36
C VAL XA 189 101.84 -26.98 -9.15
N ARG XA 190 100.71 -27.64 -9.39
CA ARG XA 190 99.77 -27.96 -8.32
C ARG XA 190 99.85 -29.41 -7.86
N ALA XA 191 100.19 -30.34 -8.74
CA ALA XA 191 100.27 -31.76 -8.38
C ALA XA 191 100.97 -32.52 -9.50
N VAL XA 192 101.82 -33.46 -9.10
CA VAL XA 192 102.57 -34.28 -10.05
C VAL XA 192 102.31 -35.75 -9.75
N MET XA 193 101.94 -36.51 -10.79
CA MET XA 193 101.69 -37.94 -10.69
C MET XA 193 102.66 -38.74 -11.54
N PHE XA 194 102.97 -39.95 -11.07
CA PHE XA 194 103.63 -40.97 -11.88
C PHE XA 194 102.63 -42.07 -12.18
N ASP XA 195 102.41 -42.35 -13.47
CA ASP XA 195 101.38 -43.31 -13.87
C ASP XA 195 101.87 -44.75 -13.76
N ASN XA 196 102.91 -45.09 -14.51
CA ASN XA 196 103.54 -46.40 -14.40
C ASN XA 196 104.30 -46.44 -13.08
N ASN XA 197 103.72 -47.09 -12.08
CA ASN XA 197 104.21 -47.01 -10.71
C ASN XA 197 105.55 -47.71 -10.59
N ALA XA 198 106.63 -46.93 -10.59
CA ALA XA 198 107.98 -47.46 -10.49
C ALA XA 198 108.83 -46.52 -9.65
N GLN XA 199 109.64 -47.09 -8.76
CA GLN XA 199 110.55 -46.33 -7.93
C GLN XA 199 112.01 -46.45 -8.37
N THR XA 200 112.27 -46.94 -9.58
CA THR XA 200 113.62 -47.07 -10.07
C THR XA 200 113.61 -47.00 -11.60
N LEU XA 201 114.69 -46.46 -12.16
CA LEU XA 201 114.81 -46.23 -13.58
C LEU XA 201 115.42 -47.45 -14.27
N MET XA 202 115.13 -47.56 -15.58
CA MET XA 202 115.52 -48.74 -16.35
C MET XA 202 116.20 -48.43 -17.68
N GLY XA 203 115.94 -47.28 -18.30
CA GLY XA 203 116.49 -46.93 -19.60
C GLY XA 203 115.44 -46.76 -20.67
N GLY XA 204 114.25 -47.34 -20.48
CA GLY XA 204 113.17 -47.25 -21.43
C GLY XA 204 112.12 -46.27 -20.96
N GLY XA 205 111.89 -45.24 -21.77
CA GLY XA 205 110.94 -44.20 -21.43
C GLY XA 205 109.59 -44.37 -22.08
N ARG XA 206 108.63 -44.89 -21.33
CA ARG XA 206 107.27 -45.05 -21.83
C ARG XA 206 106.23 -44.66 -20.78
N MET XA 207 106.64 -43.94 -19.73
CA MET XA 207 105.73 -43.53 -18.68
C MET XA 207 105.43 -42.04 -18.82
N THR XA 208 104.22 -41.66 -18.39
CA THR XA 208 103.82 -40.27 -18.47
C THR XA 208 103.56 -39.72 -17.07
N VAL XA 209 103.46 -38.39 -17.00
CA VAL XA 209 103.11 -37.68 -15.78
C VAL XA 209 102.02 -36.68 -16.11
N THR XA 210 101.26 -36.31 -15.08
CA THR XA 210 100.18 -35.34 -15.22
C THR XA 210 100.47 -34.16 -14.31
N VAL XA 211 100.90 -33.05 -14.90
CA VAL XA 211 101.26 -31.87 -14.14
C VAL XA 211 100.14 -30.85 -14.28
N ILE XA 212 99.51 -30.53 -13.17
CA ILE XA 212 98.42 -29.58 -13.15
C ILE XA 212 98.98 -28.18 -12.92
N ARG XA 213 98.28 -27.17 -13.43
CA ARG XA 213 98.79 -25.80 -13.39
C ARG XA 213 97.62 -24.83 -13.36
N GLY XA 214 97.90 -23.61 -12.93
CA GLY XA 214 96.91 -22.56 -12.90
C GLY XA 214 96.71 -21.91 -14.24
N ASN XA 215 95.79 -20.95 -14.28
CA ASN XA 215 95.42 -20.23 -15.49
C ASN XA 215 94.91 -21.19 -16.56
N GLY XA 216 93.78 -21.82 -16.26
CA GLY XA 216 93.16 -22.76 -17.17
C GLY XA 216 91.65 -22.72 -17.07
N ALA YA 69 69.93 -51.88 -17.26
CA ALA YA 69 69.16 -53.13 -17.25
C ALA YA 69 69.39 -53.93 -18.53
N THR YA 70 70.62 -53.88 -19.04
CA THR YA 70 70.97 -54.58 -20.26
C THR YA 70 71.52 -55.96 -19.93
N SER YA 71 72.13 -56.61 -20.91
CA SER YA 71 72.74 -57.91 -20.68
C SER YA 71 73.89 -57.82 -19.70
N ALA YA 72 74.04 -58.84 -18.88
CA ALA YA 72 75.14 -58.88 -17.92
C ALA YA 72 76.47 -59.12 -18.63
N VAL YA 73 77.55 -58.82 -17.93
CA VAL YA 73 78.88 -58.90 -18.55
C VAL YA 73 79.36 -60.35 -18.55
N GLU YA 74 80.28 -60.65 -19.45
CA GLU YA 74 80.85 -61.98 -19.59
C GLU YA 74 82.26 -62.02 -19.03
N VAL YA 75 82.72 -63.22 -18.71
CA VAL YA 75 84.07 -63.46 -18.24
C VAL YA 75 84.74 -64.40 -19.23
N PRO YA 76 85.60 -63.90 -20.11
CA PRO YA 76 86.24 -64.77 -21.10
C PRO YA 76 87.17 -65.76 -20.44
N SER YA 77 86.92 -67.05 -20.66
CA SER YA 77 87.77 -68.09 -20.14
C SER YA 77 89.11 -68.08 -20.86
N ALA YA 78 90.07 -68.82 -20.30
CA ALA YA 78 91.41 -68.86 -20.84
C ALA YA 78 91.44 -69.75 -22.08
N SER YA 79 92.63 -70.15 -22.49
CA SER YA 79 92.82 -71.09 -23.57
C SER YA 79 93.79 -72.19 -23.15
N ARG YA 80 93.56 -73.39 -23.68
CA ARG YA 80 94.39 -74.54 -23.35
C ARG YA 80 95.84 -74.31 -23.69
N THR YA 157 90.98 -78.54 -11.85
CA THR YA 157 89.81 -77.71 -11.61
C THR YA 157 90.10 -76.68 -10.52
N VAL YA 158 90.04 -75.39 -10.87
CA VAL YA 158 90.33 -74.31 -9.94
C VAL YA 158 89.15 -73.37 -9.89
N HIS YA 159 88.72 -73.03 -8.68
CA HIS YA 159 87.62 -72.10 -8.49
C HIS YA 159 88.09 -70.67 -8.77
N PRO YA 160 87.16 -69.78 -9.12
CA PRO YA 160 87.55 -68.42 -9.51
C PRO YA 160 88.15 -67.64 -8.35
N GLN YA 161 88.81 -66.54 -8.70
CA GLN YA 161 89.20 -65.52 -7.73
C GLN YA 161 89.22 -64.18 -8.45
N ARG YA 162 89.18 -63.11 -7.66
CA ARG YA 162 89.21 -61.76 -8.22
C ARG YA 162 90.62 -61.40 -8.66
N SER YA 163 90.72 -60.27 -9.35
CA SER YA 163 91.99 -59.78 -9.87
C SER YA 163 92.60 -58.75 -8.92
N ARG YA 164 93.92 -58.68 -8.94
CA ARG YA 164 94.64 -57.78 -8.04
C ARG YA 164 94.31 -56.33 -8.37
N ASP YA 165 94.39 -55.48 -7.35
CA ASP YA 165 94.09 -54.07 -7.50
C ASP YA 165 95.34 -53.28 -7.88
N GLN YA 166 95.10 -52.08 -8.39
CA GLN YA 166 96.16 -51.13 -8.72
C GLN YA 166 95.88 -49.82 -8.01
N ILE YA 167 96.96 -49.10 -7.70
CA ILE YA 167 96.89 -47.91 -6.87
C ILE YA 167 97.65 -46.77 -7.53
N ALA YA 168 97.11 -45.56 -7.42
CA ALA YA 168 97.74 -44.37 -7.95
C ALA YA 168 97.97 -43.38 -6.83
N THR YA 169 99.18 -42.82 -6.75
CA THR YA 169 99.54 -41.85 -5.72
C THR YA 169 99.72 -40.48 -6.35
N VAL YA 170 99.28 -39.45 -5.63
CA VAL YA 170 99.35 -38.07 -6.09
C VAL YA 170 100.15 -37.27 -5.08
N TRP YA 171 101.04 -36.42 -5.57
CA TRP YA 171 101.84 -35.54 -4.73
C TRP YA 171 101.26 -34.13 -4.81
N ILE YA 172 100.71 -33.64 -3.70
CA ILE YA 172 100.08 -32.34 -3.68
C ILE YA 172 101.11 -31.29 -3.28
N ALA YA 173 101.23 -30.24 -4.08
CA ALA YA 173 102.15 -29.16 -3.76
C ALA YA 173 101.64 -28.38 -2.55
N PRO YA 174 102.53 -27.95 -1.66
CA PRO YA 174 102.08 -27.27 -0.44
C PRO YA 174 101.27 -26.03 -0.76
N TRP YA 175 100.19 -25.85 -0.01
CA TRP YA 175 99.29 -24.72 -0.20
C TRP YA 175 99.02 -24.04 1.13
N VAL YA 176 98.21 -22.99 1.09
CA VAL YA 176 97.84 -22.24 2.28
C VAL YA 176 96.33 -22.16 2.34
N ASP YA 177 95.75 -22.68 3.41
CA ASP YA 177 94.30 -22.75 3.55
C ASP YA 177 93.73 -21.33 3.55
N SER YA 178 92.42 -21.24 3.33
CA SER YA 178 91.75 -19.94 3.36
C SER YA 178 91.83 -19.27 4.72
N ASP YA 179 92.06 -20.03 5.79
CA ASP YA 179 92.15 -19.48 7.14
C ASP YA 179 93.60 -19.40 7.61
N ASN YA 180 94.53 -19.18 6.67
CA ASN YA 180 95.95 -19.02 6.98
C ASN YA 180 96.48 -20.20 7.79
N ALA YA 181 96.44 -21.37 7.16
CA ALA YA 181 96.95 -22.60 7.77
C ALA YA 181 97.79 -23.33 6.74
N PHE YA 182 99.09 -23.20 6.84
CA PHE YA 182 100.00 -23.75 5.82
C PHE YA 182 99.98 -25.26 5.89
N HIS YA 183 99.80 -25.91 4.73
CA HIS YA 183 99.67 -27.34 4.65
C HIS YA 183 100.87 -27.96 3.93
N GLN YA 184 101.27 -29.14 4.38
CA GLN YA 184 102.29 -29.95 3.71
C GLN YA 184 101.72 -31.34 3.48
N PRO YA 185 100.72 -31.46 2.61
CA PRO YA 185 100.06 -32.75 2.44
C PRO YA 185 100.99 -33.81 1.87
N GLY YA 186 100.76 -35.05 2.27
CA GLY YA 186 101.52 -36.18 1.78
C GLY YA 186 100.96 -36.76 0.50
N ARG YA 187 101.49 -37.91 0.11
CA ARG YA 187 101.12 -38.58 -1.13
C ARG YA 187 99.83 -39.35 -0.87
N VAL YA 188 98.74 -38.87 -1.45
CA VAL YA 188 97.45 -39.55 -1.31
C VAL YA 188 97.32 -40.63 -2.38
N SER YA 189 96.94 -41.83 -1.96
CA SER YA 189 96.80 -42.98 -2.85
C SER YA 189 95.34 -43.40 -2.91
N PHE YA 190 94.81 -43.50 -4.12
CA PHE YA 190 93.40 -43.82 -4.31
C PHE YA 190 93.25 -44.97 -5.30
N VAL YA 191 92.18 -45.72 -5.15
CA VAL YA 191 91.88 -46.83 -6.05
C VAL YA 191 91.17 -46.29 -7.28
N VAL YA 192 91.54 -46.82 -8.45
CA VAL YA 192 91.05 -46.29 -9.70
C VAL YA 192 90.08 -47.23 -10.42
N SER YA 193 90.20 -48.55 -10.21
CA SER YA 193 89.29 -49.49 -10.85
C SER YA 193 89.06 -50.67 -9.92
N PRO YA 194 87.82 -51.14 -9.79
CA PRO YA 194 87.55 -52.27 -8.90
C PRO YA 194 87.98 -53.58 -9.52
N ALA YA 195 88.11 -54.60 -8.66
CA ALA YA 195 88.52 -55.91 -9.12
C ALA YA 195 87.41 -56.56 -9.95
N ASP YA 196 87.81 -57.47 -10.83
CA ASP YA 196 86.89 -58.15 -11.73
C ASP YA 196 87.12 -59.65 -11.70
N TRP YA 197 86.04 -60.40 -11.84
CA TRP YA 197 86.12 -61.86 -11.77
C TRP YA 197 86.93 -62.40 -12.94
N VAL YA 198 87.76 -63.41 -12.67
CA VAL YA 198 88.61 -63.99 -13.70
C VAL YA 198 88.86 -65.46 -13.39
N LEU YA 199 89.03 -66.27 -14.43
CA LEU YA 199 89.35 -67.69 -14.30
C LEU YA 199 90.84 -67.89 -14.44
N PRO YA 200 91.48 -68.64 -13.54
CA PRO YA 200 92.92 -68.84 -13.62
C PRO YA 200 93.26 -69.87 -14.69
N ALA YA 201 94.23 -69.54 -15.55
CA ALA YA 201 94.68 -70.46 -16.59
C ALA YA 201 95.67 -71.46 -15.98
N ARG YA 202 95.19 -72.16 -14.96
CA ARG YA 202 96.00 -73.15 -14.26
C ARG YA 202 96.07 -74.42 -15.11
N VAL YA 203 96.48 -75.52 -14.49
CA VAL YA 203 96.45 -76.81 -15.17
C VAL YA 203 95.06 -77.43 -14.95
N ASN YA 204 94.11 -77.02 -15.77
CA ASN YA 204 92.72 -77.43 -15.59
C ASN YA 204 92.43 -78.72 -16.34
N VAL ZA 158 116.80 2.91 16.19
CA VAL ZA 158 115.93 3.92 16.79
C VAL ZA 158 114.52 3.73 16.24
N HIS ZA 159 114.40 3.02 15.12
CA HIS ZA 159 113.10 2.76 14.52
C HIS ZA 159 112.31 1.78 15.37
N PRO ZA 160 110.98 1.85 15.33
CA PRO ZA 160 110.15 0.92 16.09
C PRO ZA 160 109.97 -0.40 15.35
N GLN ZA 161 110.61 -1.46 15.85
CA GLN ZA 161 110.61 -2.75 15.19
C GLN ZA 161 109.35 -3.53 15.54
N ARG ZA 162 109.32 -4.80 15.18
CA ARG ZA 162 108.22 -5.71 15.48
C ARG ZA 162 108.67 -6.74 16.51
N SER ZA 163 107.78 -7.70 16.76
CA SER ZA 163 108.08 -8.89 17.54
C SER ZA 163 108.03 -10.11 16.63
N ARG ZA 164 108.92 -11.07 16.90
CA ARG ZA 164 108.97 -12.28 16.08
C ARG ZA 164 107.77 -13.18 16.37
N ASP ZA 165 107.26 -13.83 15.34
CA ASP ZA 165 106.03 -14.59 15.44
C ASP ZA 165 106.26 -15.90 16.19
N GLN ZA 166 105.15 -16.58 16.49
CA GLN ZA 166 105.18 -17.88 17.15
C GLN ZA 166 104.29 -18.84 16.38
N ILE ZA 167 104.83 -20.02 16.06
CA ILE ZA 167 104.13 -21.00 15.24
C ILE ZA 167 104.23 -22.36 15.88
N ALA ZA 168 103.41 -23.31 15.43
CA ALA ZA 168 103.50 -24.69 15.86
C ALA ZA 168 103.08 -25.58 14.70
N THR ZA 169 103.86 -26.60 14.41
CA THR ZA 169 103.67 -27.44 13.24
C THR ZA 169 103.16 -28.81 13.69
N VAL ZA 170 101.96 -29.16 13.29
CA VAL ZA 170 101.34 -30.42 13.66
C VAL ZA 170 101.83 -31.51 12.70
N TRP ZA 171 101.78 -32.76 13.14
CA TRP ZA 171 102.17 -33.92 12.33
C TRP ZA 171 100.96 -34.84 12.25
N ILE ZA 172 100.38 -34.96 11.07
CA ILE ZA 172 99.13 -35.70 10.90
C ILE ZA 172 99.43 -37.15 10.53
N ALA ZA 173 99.10 -38.06 11.43
CA ALA ZA 173 99.36 -39.48 11.22
C ALA ZA 173 98.49 -40.03 10.09
N PRO ZA 174 98.88 -41.16 9.50
CA PRO ZA 174 98.10 -41.70 8.35
C PRO ZA 174 96.65 -41.92 8.71
N TRP ZA 175 95.76 -41.52 7.80
CA TRP ZA 175 94.31 -41.66 8.00
C TRP ZA 175 93.65 -42.00 6.67
N VAL ZA 176 92.52 -42.71 6.67
CA VAL ZA 176 91.78 -42.99 5.40
C VAL ZA 176 90.71 -41.93 5.27
N ASP ZA 177 90.27 -41.64 4.06
CA ASP ZA 177 89.34 -40.52 3.86
C ASP ZA 177 87.91 -41.01 4.02
N SER ZA 178 86.95 -40.17 3.66
CA SER ZA 178 85.53 -40.61 3.67
C SER ZA 178 85.25 -41.14 2.27
N ASP ZA 179 86.14 -40.90 1.32
CA ASP ZA 179 86.00 -41.42 -0.06
C ASP ZA 179 87.17 -42.35 -0.35
N ASN ZA 180 87.42 -43.32 0.52
CA ASN ZA 180 88.55 -44.27 0.39
C ASN ZA 180 89.78 -43.70 -0.33
N ALA ZA 181 90.63 -42.94 0.36
CA ALA ZA 181 91.90 -42.48 -0.22
C ALA ZA 181 92.90 -42.39 0.93
N PHE ZA 182 93.92 -43.24 0.98
CA PHE ZA 182 94.83 -43.28 2.14
C PHE ZA 182 95.71 -42.04 2.09
N HIS ZA 183 95.58 -41.12 3.07
CA HIS ZA 183 96.48 -39.94 3.13
C HIS ZA 183 97.66 -40.28 4.03
N GLN ZA 184 98.88 -40.20 3.51
CA GLN ZA 184 100.09 -40.59 4.26
C GLN ZA 184 100.50 -39.50 5.25
N PRO ZA 185 101.47 -39.67 6.17
CA PRO ZA 185 101.76 -38.67 7.19
C PRO ZA 185 102.09 -37.28 6.61
N GLY ZA 186 101.75 -36.18 7.30
CA GLY ZA 186 102.00 -34.86 6.69
C GLY ZA 186 102.11 -33.76 7.72
N ARG ZA 187 102.28 -32.49 7.36
CA ARG ZA 187 102.45 -31.43 8.34
C ARG ZA 187 101.51 -30.28 8.01
N VAL ZA 188 100.98 -29.65 9.05
CA VAL ZA 188 100.19 -28.43 8.91
C VAL ZA 188 100.68 -27.44 9.96
N SER ZA 189 100.87 -26.19 9.55
CA SER ZA 189 101.44 -25.16 10.41
C SER ZA 189 100.48 -24.02 10.57
N PHE ZA 190 100.54 -23.35 11.72
CA PHE ZA 190 99.63 -22.26 12.04
C PHE ZA 190 100.30 -21.35 13.07
N VAL ZA 191 99.79 -20.13 13.17
CA VAL ZA 191 100.34 -19.12 14.06
C VAL ZA 191 99.46 -19.00 15.29
N VAL ZA 192 100.08 -18.78 16.45
CA VAL ZA 192 99.37 -18.74 17.72
C VAL ZA 192 99.29 -17.33 18.28
N SER ZA 193 100.40 -16.59 18.27
CA SER ZA 193 100.47 -15.25 18.86
C SER ZA 193 100.96 -14.28 17.80
N PRO ZA 194 100.04 -13.63 17.08
CA PRO ZA 194 100.45 -12.76 15.98
C PRO ZA 194 101.31 -11.61 16.47
N ALA ZA 195 102.21 -11.15 15.60
CA ALA ZA 195 103.17 -10.10 15.95
C ALA ZA 195 102.49 -8.76 16.21
N ASP ZA 196 102.95 -8.05 17.23
CA ASP ZA 196 102.51 -6.71 17.58
C ASP ZA 196 103.70 -5.86 17.99
N TRP ZA 197 103.53 -4.54 17.91
CA TRP ZA 197 104.63 -3.63 18.18
C TRP ZA 197 105.18 -3.83 19.59
N VAL ZA 198 106.50 -3.81 19.70
CA VAL ZA 198 107.16 -3.90 20.99
C VAL ZA 198 107.13 -2.52 21.64
N LEU ZA 199 106.67 -2.47 22.89
CA LEU ZA 199 106.59 -1.18 23.57
C LEU ZA 199 107.94 -0.81 24.17
N PRO ZA 200 108.56 0.27 23.70
CA PRO ZA 200 109.91 0.61 24.16
C PRO ZA 200 109.95 0.96 25.64
N ALA ZA 201 111.07 0.64 26.28
CA ALA ZA 201 111.30 0.96 27.68
C ALA ZA 201 112.32 2.07 27.87
N ARG ZA 202 112.89 2.57 26.78
CA ARG ZA 202 113.85 3.67 26.82
C ARG ZA 202 113.44 4.72 25.81
N VAL ZA 203 113.37 5.97 26.26
CA VAL ZA 203 113.08 7.10 25.36
C VAL ZA 203 114.04 8.24 25.63
N PRO AB 1 50.87 -66.77 48.51
CA PRO AB 1 51.91 -67.67 49.01
C PRO AB 1 52.96 -68.06 47.98
N GLY AB 2 52.82 -67.56 46.74
CA GLY AB 2 53.82 -67.86 45.73
C GLY AB 2 53.96 -66.84 44.62
N MET AB 3 53.25 -65.72 44.69
CA MET AB 3 53.24 -64.76 43.59
C MET AB 3 54.57 -64.03 43.48
N MET AB 4 54.78 -63.38 42.33
CA MET AB 4 56.06 -62.78 41.97
C MET AB 4 56.03 -61.27 42.16
N ASP AB 5 57.17 -60.65 41.88
CA ASP AB 5 57.37 -59.19 42.00
C ASP AB 5 57.82 -58.68 40.64
N SER AB 6 56.90 -58.54 39.71
CA SER AB 6 57.25 -58.23 38.32
C SER AB 6 56.97 -56.76 38.07
N GLN AB 7 57.88 -56.10 37.35
CA GLN AB 7 57.76 -54.68 37.06
C GLN AB 7 58.32 -54.39 35.67
N GLU AB 8 57.81 -53.35 35.05
CA GLU AB 8 58.29 -52.88 33.76
C GLU AB 8 58.56 -51.38 33.85
N PHE AB 9 59.73 -50.96 33.37
CA PHE AB 9 60.12 -49.56 33.38
C PHE AB 9 59.90 -48.98 32.00
N SER AB 10 59.09 -47.92 31.92
CA SER AB 10 58.84 -47.21 30.68
C SER AB 10 58.35 -48.14 29.58
N ALA BB 1 75.27 -67.62 33.63
CA ALA BB 1 76.43 -68.50 33.64
C ALA BB 1 76.31 -69.56 32.57
N GLN BB 2 75.68 -70.66 32.97
CA GLN BB 2 75.62 -71.87 32.17
C GLN BB 2 74.88 -71.60 30.87
N SER BB 3 75.15 -72.41 29.87
CA SER BB 3 74.29 -72.44 28.70
C SER BB 3 72.90 -72.92 29.13
N PRO BB 4 71.83 -72.39 28.53
CA PRO BB 4 70.50 -72.91 28.86
C PRO BB 4 70.41 -74.38 28.54
N ALA BB 5 69.70 -75.12 29.38
CA ALA BB 5 69.52 -76.55 29.17
C ALA BB 5 68.64 -76.77 27.95
N THR BB 6 69.15 -77.49 26.95
CA THR BB 6 68.53 -77.62 25.65
C THR BB 6 67.95 -79.02 25.47
N ILE BB 7 66.80 -79.10 24.79
CA ILE BB 7 66.05 -80.34 24.63
C ILE BB 7 65.49 -80.41 23.20
N SER BB 8 64.99 -81.59 22.84
CA SER BB 8 64.59 -81.87 21.46
C SER BB 8 63.10 -81.62 21.21
N LEU BB 9 62.22 -82.40 21.86
CA LEU BB 9 60.78 -82.16 21.79
C LEU BB 9 60.19 -82.06 20.39
N PRO BB 10 59.95 -83.17 19.68
CA PRO BB 10 59.16 -83.11 18.44
C PRO BB 10 57.77 -82.52 18.70
N GLN BB 11 56.99 -82.30 17.64
CA GLN BB 11 55.69 -81.64 17.78
C GLN BB 11 54.79 -82.47 18.67
N GLY BB 12 54.55 -82.00 19.89
CA GLY BB 12 53.75 -82.74 20.83
C GLY BB 12 54.50 -83.79 21.62
N GLY BB 13 55.76 -83.55 21.95
CA GLY BB 13 56.52 -84.53 22.69
C GLY BB 13 56.43 -84.35 24.19
N GLN BB 14 57.06 -85.28 24.90
CA GLN BB 14 57.15 -85.26 26.36
C GLN BB 14 58.62 -85.24 26.75
N PHE BB 15 58.94 -84.50 27.81
CA PHE BB 15 60.28 -84.53 28.37
C PHE BB 15 60.20 -84.43 29.88
N ARG BB 16 61.03 -85.20 30.57
CA ARG BB 16 61.04 -85.24 32.02
C ARG BB 16 62.11 -84.28 32.54
N LEU BB 17 61.69 -83.28 33.30
CA LEU BB 17 62.59 -82.27 33.83
C LEU BB 17 62.24 -82.03 35.29
N SER BB 18 62.86 -81.03 35.90
CA SER BB 18 62.58 -80.69 37.29
C SER BB 18 62.55 -79.18 37.44
N ILE BB 19 61.62 -78.69 38.25
CA ILE BB 19 61.47 -77.26 38.52
C ILE BB 19 61.53 -77.05 40.03
N SER BB 20 61.61 -75.77 40.41
CA SER BB 20 61.78 -75.38 41.80
C SER BB 20 60.52 -74.67 42.30
N ASN BB 21 60.12 -75.00 43.52
CA ASN BB 21 58.90 -74.44 44.09
C ASN BB 21 59.10 -73.04 44.66
N THR BB 22 60.33 -72.67 45.01
CA THR BB 22 60.70 -71.28 45.15
C THR BB 22 61.14 -70.79 43.77
N ASP BB 23 61.77 -69.61 43.71
CA ASP BB 23 62.64 -69.30 42.58
C ASP BB 23 61.98 -69.49 41.22
N PRO BB 24 61.14 -68.57 40.77
CA PRO BB 24 60.34 -68.83 39.57
C PRO BB 24 61.18 -69.25 38.38
N ASN BB 25 60.60 -70.07 37.52
CA ASN BB 25 61.33 -70.65 36.41
C ASN BB 25 61.00 -69.91 35.12
N MET BB 26 61.67 -70.32 34.04
CA MET BB 26 61.38 -69.76 32.73
C MET BB 26 61.61 -70.82 31.68
N ILE BB 27 60.64 -70.96 30.77
CA ILE BB 27 60.78 -71.76 29.56
C ILE BB 27 60.55 -70.82 28.39
N PHE BB 28 61.50 -70.76 27.46
CA PHE BB 28 61.37 -69.89 26.32
C PHE BB 28 61.71 -70.64 25.04
N ILE BB 29 61.05 -70.24 23.97
CA ILE BB 29 61.23 -70.82 22.64
C ILE BB 29 61.93 -69.79 21.76
N PRO BB 30 63.13 -70.05 21.27
CA PRO BB 30 63.74 -69.15 20.30
C PRO BB 30 63.25 -69.41 18.88
N GLY BB 31 62.95 -68.32 18.18
CA GLY BB 31 62.27 -68.38 16.89
C GLY BB 31 60.78 -68.12 16.95
N ASP BB 32 60.20 -68.07 18.15
CA ASP BB 32 58.76 -67.92 18.34
C ASP BB 32 58.51 -67.16 19.63
N LYS BB 33 57.23 -67.00 19.98
CA LYS BB 33 56.83 -66.42 21.26
C LYS BB 33 55.66 -67.20 21.83
N VAL BB 34 55.76 -67.58 23.10
CA VAL BB 34 54.73 -68.38 23.74
C VAL BB 34 53.52 -67.51 24.04
N THR BB 35 52.34 -67.98 23.65
CA THR BB 35 51.11 -67.23 23.85
C THR BB 35 50.12 -67.92 24.78
N ALA BB 36 50.38 -69.15 25.19
CA ALA BB 36 49.46 -69.85 26.07
C ALA BB 36 50.23 -70.86 26.90
N ILE BB 37 49.69 -71.15 28.09
CA ILE BB 37 50.19 -72.22 28.93
C ILE BB 37 49.08 -72.64 29.89
N THR BB 38 48.83 -73.95 29.97
CA THR BB 38 47.79 -74.49 30.85
C THR BB 38 48.35 -75.74 31.49
N ALA BB 39 48.67 -75.68 32.78
CA ALA BB 39 49.36 -76.75 33.47
C ALA BB 39 48.61 -77.15 34.73
N PRO BB 40 47.45 -77.77 34.60
CA PRO BB 40 46.77 -78.27 35.79
C PRO BB 40 47.42 -79.55 36.27
N GLY BB 41 46.83 -80.17 37.28
CA GLY BB 41 47.45 -81.29 37.96
C GLY BB 41 48.14 -80.91 39.25
N GLY BB 42 48.82 -79.77 39.29
CA GLY BB 42 49.50 -79.31 40.49
C GLY BB 42 49.20 -77.87 40.84
N MET BB 43 48.50 -77.17 39.95
CA MET BB 43 47.99 -75.82 40.19
C MET BB 43 49.12 -74.84 40.53
N LEU BB 44 49.93 -74.57 39.52
CA LEU BB 44 50.98 -73.57 39.64
C LEU BB 44 50.42 -72.24 40.13
N ALA BB 45 51.27 -71.45 40.79
CA ALA BB 45 50.83 -70.22 41.43
C ALA BB 45 50.33 -69.21 40.40
N ASP BB 46 51.21 -68.80 39.48
CA ASP BB 46 50.83 -67.77 38.52
C ASP BB 46 51.67 -67.93 37.26
N LYS BB 47 51.21 -67.26 36.20
CA LYS BB 47 51.91 -67.23 34.92
C LYS BB 47 52.04 -65.79 34.45
N ARG BB 48 53.15 -65.50 33.78
CA ARG BB 48 53.41 -64.14 33.32
C ARG BB 48 54.18 -64.20 32.02
N LEU BB 49 53.57 -63.72 30.95
CA LEU BB 49 54.15 -63.79 29.61
C LEU BB 49 55.04 -62.57 29.38
N THR BB 50 56.34 -62.81 29.17
CA THR BB 50 57.29 -61.73 29.02
C THR BB 50 57.16 -61.11 27.63
N THR BB 51 58.05 -60.15 27.35
CA THR BB 51 58.08 -59.52 26.04
C THR BB 51 59.04 -60.18 25.07
N ALA BB 52 60.05 -60.88 25.58
CA ALA BB 52 60.96 -61.60 24.70
C ALA BB 52 60.24 -62.70 23.94
N GLY BB 53 59.34 -63.41 24.61
CA GLY BB 53 58.64 -64.52 24.00
C GLY BB 53 58.64 -65.76 24.88
N GLY BB 54 59.05 -65.60 26.14
CA GLY BB 54 59.02 -66.67 27.11
C GLY BB 54 57.82 -66.58 28.03
N VAL BB 55 57.75 -67.54 28.95
CA VAL BB 55 56.69 -67.58 29.95
C VAL BB 55 57.32 -67.83 31.31
N LEU BB 56 56.89 -67.04 32.30
CA LEU BB 56 57.37 -67.16 33.67
C LEU BB 56 56.27 -67.77 34.54
N PHE BB 57 56.66 -68.70 35.40
CA PHE BB 57 55.71 -69.39 36.26
C PHE BB 57 56.40 -69.75 37.55
N THR BB 58 55.64 -70.35 38.47
CA THR BB 58 56.21 -70.89 39.69
C THR BB 58 55.20 -71.81 40.34
N SER BB 59 55.66 -72.95 40.81
CA SER BB 59 54.81 -73.93 41.47
C SER BB 59 55.04 -73.89 42.98
N VAL BB 60 54.04 -74.34 43.72
CA VAL BB 60 54.18 -74.55 45.16
C VAL BB 60 53.78 -75.95 45.59
N ALA BB 61 53.35 -76.81 44.66
CA ALA BB 61 52.96 -78.16 45.00
C ALA BB 61 54.19 -79.00 45.32
N THR BB 62 53.97 -80.30 45.54
CA THR BB 62 55.06 -81.20 45.90
C THR BB 62 54.99 -82.52 45.15
N ARG BB 63 54.35 -82.57 43.99
CA ARG BB 63 54.22 -83.81 43.24
C ARG BB 63 54.33 -83.54 41.75
N THR BB 64 54.53 -84.63 41.01
CA THR BB 64 54.74 -84.55 39.57
C THR BB 64 53.43 -84.27 38.84
N PHE BB 65 53.48 -83.34 37.89
CA PHE BB 65 52.30 -82.98 37.11
C PHE BB 65 52.73 -82.78 35.66
N THR BB 66 51.86 -82.13 34.88
CA THR BB 66 52.10 -81.95 33.45
C THR BB 66 51.83 -80.51 33.06
N ILE BB 67 52.70 -79.97 32.22
CA ILE BB 67 52.62 -78.59 31.75
C ILE BB 67 52.52 -78.59 30.25
N PHE BB 68 51.54 -77.89 29.71
CA PHE BB 68 51.34 -77.78 28.26
C PHE BB 68 51.66 -76.35 27.83
N VAL BB 69 52.77 -76.19 27.12
CA VAL BB 69 53.17 -74.89 26.60
C VAL BB 69 52.81 -74.84 25.13
N GLU BB 70 52.10 -73.79 24.72
CA GLU BB 70 51.61 -73.66 23.36
C GLU BB 70 52.14 -72.37 22.75
N THR BB 71 52.53 -72.45 21.48
CA THR BB 71 53.18 -71.35 20.81
C THR BB 71 52.17 -70.60 19.95
N ALA BB 72 52.64 -69.62 19.18
CA ALA BB 72 51.77 -68.84 18.31
C ALA BB 72 51.69 -69.39 16.90
N LEU BB 73 52.72 -70.10 16.42
CA LEU BB 73 52.75 -70.66 15.08
C LEU BB 73 52.17 -72.07 15.02
N GLY BB 74 51.24 -72.40 15.91
CA GLY BB 74 50.68 -73.73 15.93
C GLY BB 74 51.70 -74.78 16.34
N GLN BB 75 52.40 -74.52 17.43
CA GLN BB 75 53.32 -75.48 18.02
C GLN BB 75 52.86 -75.78 19.43
N THR BB 76 52.79 -77.06 19.78
CA THR BB 76 52.34 -77.48 21.10
C THR BB 76 53.29 -78.54 21.63
N PHE BB 77 53.86 -78.29 22.81
CA PHE BB 77 54.78 -79.19 23.46
C PHE BB 77 54.21 -79.60 24.80
N SER BB 78 54.95 -80.44 25.52
CA SER BB 78 54.50 -80.91 26.82
C SER BB 78 55.71 -81.30 27.66
N VAL BB 79 55.77 -80.78 28.87
CA VAL BB 79 56.90 -81.04 29.77
C VAL BB 79 56.35 -81.55 31.08
N VAL BB 80 56.92 -82.64 31.58
CA VAL BB 80 56.51 -83.25 32.84
C VAL BB 80 57.44 -82.72 33.92
N ALA BB 81 56.93 -81.85 34.77
CA ALA BB 81 57.75 -81.18 35.76
C ALA BB 81 57.87 -82.02 37.02
N THR BB 82 58.70 -81.54 37.95
CA THR BB 82 58.81 -82.11 39.29
C THR BB 82 59.37 -81.06 40.24
N PRO BB 83 58.59 -80.58 41.20
CA PRO BB 83 59.10 -79.56 42.11
C PRO BB 83 60.27 -80.06 42.96
N VAL BB 84 61.27 -79.19 43.12
CA VAL BB 84 62.43 -79.46 43.97
C VAL BB 84 62.75 -78.23 44.80
N LYS BB 85 63.87 -78.25 45.52
CA LYS BB 85 64.20 -77.23 46.52
C LYS BB 85 64.34 -75.82 45.99
N GLY BB 86 65.35 -75.54 45.17
CA GLY BB 86 65.62 -74.17 44.81
C GLY BB 86 66.53 -74.01 43.61
N GLU BB 87 67.08 -72.80 43.47
CA GLU BB 87 67.93 -72.40 42.35
C GLU BB 87 67.16 -72.51 41.02
N GLY BB 88 66.19 -71.62 40.87
CA GLY BB 88 65.32 -71.57 39.70
C GLY BB 88 66.05 -71.75 38.38
N ARG BB 89 65.38 -72.37 37.41
CA ARG BB 89 66.04 -72.88 36.22
C ARG BB 89 65.46 -72.28 34.96
N VAL BB 90 66.28 -72.26 33.91
CA VAL BB 90 65.89 -71.76 32.59
C VAL BB 90 66.16 -72.86 31.58
N TYR BB 91 65.14 -73.24 30.82
CA TYR BB 91 65.24 -74.25 29.78
C TYR BB 91 64.98 -73.62 28.42
N ARG BB 92 65.45 -74.30 27.38
CA ARG BB 92 65.27 -73.85 26.01
C ARG BB 92 64.56 -74.95 25.21
N LEU BB 93 63.59 -74.54 24.40
CA LEU BB 93 62.86 -75.46 23.53
C LEU BB 93 63.36 -75.30 22.10
N MET BB 94 63.42 -76.40 21.36
CA MET BB 94 63.85 -76.38 19.97
C MET BB 94 63.01 -77.39 19.20
N SER BB 95 61.99 -76.91 18.50
CA SER BB 95 61.14 -77.82 17.73
C SER BB 95 61.96 -78.59 16.72
N ALA BB 96 61.83 -79.91 16.71
CA ALA BB 96 62.50 -80.73 15.73
C ALA BB 96 61.76 -80.75 14.39
N GLU BB 97 60.50 -80.32 14.37
CA GLU BB 97 59.72 -80.20 13.16
C GLU BB 97 59.42 -78.73 12.90
N PRO BB 98 60.03 -78.10 11.91
CA PRO BB 98 59.82 -76.67 11.71
C PRO BB 98 58.37 -76.35 11.42
N PRO BB 99 57.89 -75.21 11.90
CA PRO BB 99 56.49 -74.82 11.64
C PRO BB 99 56.31 -74.19 10.26
N SER BB 100 55.13 -73.66 9.98
CA SER BB 100 54.81 -73.04 8.71
C SER BB 100 54.61 -71.55 8.90
N ARG BB 101 55.31 -70.74 8.10
CA ARG BB 101 55.26 -69.28 8.19
C ARG BB 101 54.95 -68.73 6.79
N PRO BB 102 53.67 -68.51 6.47
CA PRO BB 102 53.34 -68.04 5.12
C PRO BB 102 53.95 -66.71 4.75
N GLU BB 103 54.28 -65.86 5.73
CA GLU BB 103 55.04 -64.65 5.43
C GLU BB 103 56.38 -64.99 4.79
N THR BB 104 57.08 -65.98 5.35
CA THR BB 104 58.32 -66.44 4.73
C THR BB 104 58.05 -67.11 3.39
N ARG BB 105 56.88 -67.74 3.24
CA ARG BB 105 56.51 -68.29 1.94
C ARG BB 105 56.51 -67.22 0.87
N LYS BB 106 55.80 -66.12 1.12
CA LYS BB 106 55.73 -65.07 0.11
C LYS BB 106 57.06 -64.35 -0.05
N TRP BB 107 57.82 -64.20 1.04
CA TRP BB 107 59.15 -63.59 0.93
C TRP BB 107 60.07 -64.44 0.05
N GLU BB 108 60.03 -65.76 0.21
CA GLU BB 108 60.90 -66.63 -0.57
C GLU BB 108 60.47 -66.68 -2.02
N THR BB 109 59.17 -66.82 -2.28
CA THR BB 109 58.72 -66.87 -3.67
C THR BB 109 58.80 -65.52 -4.36
N ALA BB 110 58.97 -64.44 -3.61
CA ALA BB 110 59.06 -63.12 -4.22
C ALA BB 110 60.26 -62.99 -5.14
N GLN BB 111 61.41 -63.50 -4.71
CA GLN BB 111 62.66 -63.31 -5.43
C GLN BB 111 63.01 -64.55 -6.24
N ALA BB 112 64.20 -64.53 -6.86
CA ALA BB 112 64.63 -65.60 -7.73
C ALA BB 112 65.08 -66.79 -6.89
N TYR BB 113 65.73 -67.77 -7.50
CA TYR BB 113 66.20 -68.95 -6.79
C TYR BB 113 67.68 -68.84 -6.42
N GLU BB 114 68.55 -68.58 -7.40
CA GLU BB 114 69.97 -68.54 -7.12
C GLU BB 114 70.33 -67.37 -6.21
N LYS BB 115 69.73 -66.19 -6.44
CA LYS BB 115 69.97 -65.08 -5.53
C LYS BB 115 69.42 -65.37 -4.15
N LEU BB 116 68.37 -66.18 -4.05
CA LEU BB 116 67.85 -66.58 -2.75
C LEU BB 116 68.84 -67.48 -2.02
N LEU BB 117 69.40 -68.46 -2.73
CA LEU BB 117 70.41 -69.31 -2.12
C LEU BB 117 71.61 -68.48 -1.67
N ILE BB 118 71.99 -67.47 -2.46
CA ILE BB 118 73.10 -66.60 -2.06
C ILE BB 118 72.74 -65.80 -0.83
N SER BB 119 71.50 -65.30 -0.75
CA SER BB 119 71.07 -64.55 0.43
C SER BB 119 71.18 -65.41 1.69
N LEU BB 120 70.61 -66.60 1.67
CA LEU BB 120 70.72 -67.49 2.83
C LEU BB 120 72.17 -67.85 3.13
N ASN BB 121 72.98 -68.09 2.10
CA ASN BB 121 74.37 -68.47 2.34
C ASN BB 121 75.15 -67.36 3.03
N ARG BB 122 74.99 -66.12 2.56
CA ARG BB 122 75.72 -65.04 3.20
C ARG BB 122 75.16 -64.74 4.60
N ALA BB 123 73.86 -64.95 4.81
CA ALA BB 123 73.32 -64.77 6.14
C ALA BB 123 73.84 -65.82 7.11
N VAL BB 124 74.12 -67.03 6.63
CA VAL BB 124 74.76 -68.02 7.48
C VAL BB 124 76.22 -67.65 7.74
N LEU BB 125 76.93 -67.20 6.71
CA LEU BB 125 78.36 -66.90 6.87
C LEU BB 125 78.58 -65.74 7.83
N THR BB 126 77.90 -64.61 7.59
CA THR BB 126 78.13 -63.43 8.40
C THR BB 126 77.55 -63.61 9.80
N GLY BB 127 76.25 -63.87 9.89
CA GLY BB 127 75.61 -64.07 11.18
C GLY BB 127 74.22 -63.47 11.25
N ASP BB 128 73.94 -62.47 10.43
CA ASP BB 128 72.64 -61.80 10.45
C ASP BB 128 71.58 -62.68 9.80
N ILE BB 129 70.87 -63.46 10.62
CA ILE BB 129 69.79 -64.31 10.11
C ILE BB 129 68.66 -63.42 9.61
N PRO BB 130 68.05 -63.72 8.46
CA PRO BB 130 66.93 -62.89 7.98
C PRO BB 130 65.79 -62.88 8.96
N ASP BB 131 64.88 -61.93 8.77
CA ASP BB 131 63.67 -61.86 9.59
C ASP BB 131 62.66 -62.86 9.06
N GLY BB 132 62.13 -63.70 9.95
CA GLY BB 132 61.21 -64.75 9.57
C GLY BB 132 61.81 -66.13 9.60
N TYR BB 133 63.12 -66.27 9.76
CA TYR BB 133 63.76 -67.57 9.85
C TYR BB 133 64.02 -67.90 11.32
N GLY BB 134 63.48 -69.02 11.75
CA GLY BB 134 63.62 -69.46 13.12
C GLY BB 134 64.93 -70.18 13.36
N GLU BB 135 64.94 -71.01 14.39
CA GLU BB 135 66.05 -71.92 14.63
C GLU BB 135 65.41 -73.23 15.03
N VAL BB 136 65.93 -74.33 14.48
CA VAL BB 136 65.37 -75.65 14.75
C VAL BB 136 66.50 -76.58 15.16
N LYS BB 137 66.13 -77.76 15.58
CA LYS BB 137 67.13 -78.73 16.01
C LYS BB 137 67.94 -79.20 14.82
N PRO BB 138 69.28 -79.18 14.90
CA PRO BB 138 70.10 -79.62 13.76
C PRO BB 138 69.94 -81.12 13.52
N LEU BB 139 69.56 -81.47 12.29
CA LEU BB 139 69.31 -82.85 11.95
C LEU BB 139 70.62 -83.58 11.64
N SER BB 140 70.75 -84.79 12.19
CA SER BB 140 71.89 -85.62 11.89
C SER BB 140 71.74 -86.24 10.49
N ASP BB 141 72.81 -86.91 10.06
CA ASP BB 141 72.90 -87.66 8.80
C ASP BB 141 72.16 -87.02 7.63
N GLY BB 142 72.34 -85.72 7.45
CA GLY BB 142 71.82 -85.00 6.30
C GLY BB 142 72.74 -84.93 5.11
N ILE BB 143 73.91 -85.59 5.17
CA ILE BB 143 74.87 -85.59 4.07
C ILE BB 143 75.55 -86.95 4.00
N ARG BB 144 76.22 -87.20 2.88
CA ARG BB 144 76.96 -88.44 2.67
C ARG BB 144 78.28 -88.40 3.43
N LEU BB 145 78.94 -89.56 3.50
CA LEU BB 145 80.25 -89.69 4.12
C LEU BB 145 81.20 -90.42 3.18
N PRO BB 146 81.87 -89.69 2.28
CA PRO BB 146 82.80 -90.31 1.32
C PRO BB 146 84.19 -90.53 1.94
N GLY BB 147 84.32 -91.64 2.66
CA GLY BB 147 85.53 -91.96 3.37
C GLY BB 147 85.30 -91.93 4.87
N GLY BB 148 86.40 -91.98 5.61
CA GLY BB 148 86.28 -91.94 7.06
C GLY BB 148 86.26 -90.53 7.59
N PHE BB 149 85.06 -89.99 7.80
CA PHE BB 149 84.87 -88.62 8.26
C PHE BB 149 83.96 -88.65 9.49
N SER BB 150 84.08 -87.62 10.32
CA SER BB 150 83.31 -87.52 11.55
C SER BB 150 82.54 -86.21 11.56
N VAL BB 151 81.26 -86.29 11.26
CA VAL BB 151 80.38 -85.13 11.20
C VAL BB 151 79.82 -84.86 12.60
N THR BB 152 79.57 -83.59 12.89
CA THR BB 152 79.03 -83.17 14.18
C THR BB 152 78.21 -81.90 13.96
N PRO BB 153 76.88 -81.99 14.00
CA PRO BB 153 76.05 -80.82 13.72
C PRO BB 153 76.24 -79.73 14.76
N LEU BB 154 76.07 -78.48 14.30
CA LEU BB 154 76.28 -77.30 15.14
C LEU BB 154 74.98 -76.52 15.36
N LYS BB 155 74.33 -76.09 14.28
CA LYS BB 155 73.13 -75.25 14.41
C LYS BB 155 72.35 -75.33 13.11
N ALA BB 156 71.06 -74.99 13.20
CA ALA BB 156 70.20 -75.05 12.03
C ALA BB 156 69.18 -73.93 12.08
N TRP BB 157 68.85 -73.41 10.90
CA TRP BB 157 67.84 -72.36 10.74
C TRP BB 157 66.85 -72.82 9.69
N ALA BB 158 65.56 -72.59 9.93
CA ALA BB 158 64.54 -73.14 9.06
C ALA BB 158 63.25 -72.34 9.13
N GLY BB 159 62.61 -72.16 7.97
CA GLY BB 159 61.19 -71.86 7.96
C GLY BB 159 60.51 -71.96 6.62
N ASP BB 160 59.49 -72.83 6.57
CA ASP BB 160 58.51 -73.00 5.49
C ASP BB 160 59.08 -73.46 4.16
N GLN BB 161 60.40 -73.39 3.99
CA GLN BB 161 61.09 -73.74 2.76
C GLN BB 161 62.59 -73.59 2.98
N LEU BB 162 63.35 -74.49 2.37
CA LEU BB 162 64.80 -74.40 2.31
C LEU BB 162 65.40 -74.25 3.71
N ARG BB 163 65.23 -75.30 4.50
CA ARG BB 163 65.90 -75.38 5.78
C ARG BB 163 67.41 -75.41 5.57
N ALA BB 164 68.13 -74.64 6.39
CA ALA BB 164 69.57 -74.49 6.28
C ALA BB 164 70.26 -75.12 7.47
N ASP BB 165 71.36 -75.81 7.23
CA ASP BB 165 72.08 -76.49 8.29
C ASP BB 165 73.53 -76.02 8.35
N ARG BB 166 74.28 -76.59 9.29
CA ARG BB 166 75.70 -76.35 9.43
C ARG BB 166 76.33 -77.59 10.03
N TYR BB 167 77.42 -78.07 9.43
CA TYR BB 167 78.05 -79.30 9.90
C TYR BB 167 79.53 -79.06 10.18
N GLU BB 168 80.28 -80.15 10.38
CA GLU BB 168 81.72 -80.08 10.49
C GLU BB 168 82.31 -81.35 9.91
N LEU BB 169 83.28 -81.20 9.01
CA LEU BB 169 83.95 -82.33 8.38
C LEU BB 169 85.35 -82.47 8.96
N ARG BB 170 85.69 -83.67 9.41
CA ARG BB 170 86.98 -83.96 10.00
C ARG BB 170 87.61 -85.15 9.30
N ASN BB 171 88.87 -85.02 8.90
CA ASN BB 171 89.58 -86.13 8.27
C ASN BB 171 90.14 -87.04 9.35
N ALA BB 172 89.54 -88.22 9.49
CA ALA BB 172 90.02 -89.22 10.44
C ALA BB 172 91.14 -90.08 9.88
N ASN BB 173 91.54 -89.85 8.63
CA ASN BB 173 92.55 -90.66 7.97
C ASN BB 173 93.94 -90.09 8.26
N THR BB 174 94.93 -90.53 7.49
CA THR BB 174 96.33 -90.14 7.71
C THR BB 174 96.85 -89.12 6.71
N TRP BB 175 96.32 -89.10 5.50
CA TRP BB 175 96.86 -88.27 4.42
C TRP BB 175 95.84 -87.22 4.01
N GLY BB 176 96.15 -86.51 2.92
CA GLY BB 176 95.27 -85.47 2.38
C GLY BB 176 94.49 -85.98 1.18
N VAL BB 177 93.18 -85.74 1.21
CA VAL BB 177 92.28 -86.25 0.18
C VAL BB 177 91.72 -85.08 -0.63
N ALA BB 178 90.93 -85.39 -1.65
CA ALA BB 178 90.28 -84.38 -2.47
C ALA BB 178 88.85 -84.17 -1.98
N LEU BB 179 88.47 -82.92 -1.79
CA LEU BB 179 87.15 -82.55 -1.29
C LEU BB 179 86.36 -81.94 -2.45
N ARG BB 180 85.66 -82.80 -3.19
CA ARG BB 180 84.81 -82.37 -4.28
C ARG BB 180 83.41 -82.12 -3.72
N GLU BB 181 82.85 -80.95 -4.05
CA GLU BB 181 81.64 -80.49 -3.37
C GLU BB 181 80.43 -81.35 -3.67
N GLN BB 182 80.46 -82.16 -4.73
CA GLN BB 182 79.33 -82.99 -5.10
C GLN BB 182 79.37 -84.38 -4.47
N ASP BB 183 80.40 -84.69 -3.69
CA ASP BB 183 80.37 -85.94 -2.93
C ASP BB 183 79.29 -85.89 -1.86
N PHE BB 184 79.18 -84.76 -1.15
CA PHE BB 184 78.23 -84.63 -0.05
C PHE BB 184 76.86 -84.21 -0.56
N TRP BB 185 76.31 -85.04 -1.44
CA TRP BB 185 74.99 -84.78 -2.01
C TRP BB 185 74.05 -85.91 -1.64
N LYS BB 186 72.78 -85.58 -1.50
CA LYS BB 186 71.72 -86.51 -1.18
C LYS BB 186 70.50 -86.16 -2.01
N PRO BB 187 69.51 -87.02 -2.03
CA PRO BB 187 68.24 -86.65 -2.68
C PRO BB 187 67.44 -85.67 -1.83
N GLY BB 188 67.70 -84.38 -1.99
CA GLY BB 188 67.00 -83.36 -1.21
C GLY BB 188 67.84 -82.15 -0.88
N VAL BB 189 69.16 -82.27 -1.04
CA VAL BB 189 70.07 -81.15 -0.83
C VAL BB 189 70.05 -80.25 -2.04
N ARG BB 190 69.99 -78.94 -1.82
CA ARG BB 190 69.92 -77.97 -2.90
C ARG BB 190 71.23 -77.24 -3.16
N ALA BB 191 72.12 -77.16 -2.18
CA ALA BB 191 73.38 -76.45 -2.36
C ALA BB 191 74.38 -76.94 -1.33
N VAL BB 192 75.65 -76.70 -1.62
CA VAL BB 192 76.75 -77.03 -0.72
C VAL BB 192 77.81 -75.93 -0.83
N MET BB 193 78.31 -75.46 0.30
CA MET BB 193 79.39 -74.49 0.34
C MET BB 193 80.45 -74.93 1.32
N PHE BB 194 81.72 -74.75 0.94
CA PHE BB 194 82.83 -74.93 1.84
C PHE BB 194 83.23 -73.56 2.38
N ASP BB 195 83.32 -73.43 3.70
CA ASP BB 195 83.45 -72.12 4.32
C ASP BB 195 84.80 -71.49 4.03
N ASN BB 196 85.88 -72.18 4.39
CA ASN BB 196 87.22 -71.74 4.00
C ASN BB 196 87.56 -72.36 2.65
N ASN BB 197 88.05 -71.53 1.72
CA ASN BB 197 88.24 -71.96 0.34
C ASN BB 197 89.53 -72.76 0.22
N ALA BB 198 89.50 -73.96 0.80
CA ALA BB 198 90.63 -74.87 0.76
C ALA BB 198 90.31 -76.00 -0.20
N GLN BB 199 91.22 -76.26 -1.14
CA GLN BB 199 91.02 -77.34 -2.10
C GLN BB 199 91.37 -78.70 -1.52
N THR BB 200 92.04 -78.74 -0.38
CA THR BB 200 92.44 -80.00 0.24
C THR BB 200 92.84 -79.72 1.67
N LEU BB 201 92.31 -80.51 2.59
CA LEU BB 201 92.66 -80.39 4.01
C LEU BB 201 94.07 -80.90 4.26
N MET BB 202 94.45 -80.94 5.54
CA MET BB 202 95.75 -81.46 5.94
C MET BB 202 95.67 -82.71 6.79
N GLY BB 203 94.61 -82.86 7.58
CA GLY BB 203 94.51 -83.97 8.51
C GLY BB 203 93.83 -83.52 9.79
N GLY BB 204 93.78 -82.21 10.00
CA GLY BB 204 93.10 -81.66 11.16
C GLY BB 204 91.65 -81.35 10.86
N GLY BB 205 90.80 -81.62 11.84
CA GLY BB 205 89.38 -81.43 11.70
C GLY BB 205 88.87 -80.07 12.12
N ARG BB 206 89.12 -79.06 11.30
CA ARG BB 206 88.63 -77.71 11.57
C ARG BB 206 88.01 -77.11 10.31
N MET BB 207 87.18 -77.88 9.62
CA MET BB 207 86.49 -77.42 8.43
C MET BB 207 85.00 -77.62 8.59
N THR BB 208 84.23 -76.54 8.44
CA THR BB 208 82.78 -76.60 8.49
C THR BB 208 82.21 -76.53 7.08
N VAL BB 209 80.91 -76.75 6.98
CA VAL BB 209 80.24 -76.82 5.69
C VAL BB 209 78.77 -76.52 5.91
N THR BB 210 78.17 -75.77 4.98
CA THR BB 210 76.77 -75.38 5.06
C THR BB 210 75.96 -76.09 3.99
N VAL BB 211 74.82 -76.63 4.40
CA VAL BB 211 73.96 -77.43 3.54
C VAL BB 211 72.56 -76.82 3.55
N ILE BB 212 71.99 -76.59 2.37
CA ILE BB 212 70.68 -75.97 2.28
C ILE BB 212 69.67 -77.02 1.82
N ARG BB 213 69.05 -77.72 2.75
CA ARG BB 213 68.10 -78.77 2.43
C ARG BB 213 66.76 -78.17 2.05
N GLY BB 214 65.72 -78.99 1.98
CA GLY BB 214 64.39 -78.54 1.65
C GLY BB 214 63.35 -79.09 2.62
N ASN BB 215 62.10 -78.71 2.37
CA ASN BB 215 60.96 -79.14 3.17
C ASN BB 215 61.15 -78.79 4.66
N GLY BB 216 61.73 -77.63 4.91
CA GLY BB 216 61.94 -77.19 6.27
C GLY BB 216 60.76 -76.39 6.81
N ALA CB 1 61.12 -84.68 23.80
CA ALA CB 1 61.93 -85.86 23.55
C ALA CB 1 61.08 -86.97 22.95
N GLN CB 2 60.30 -87.64 23.80
CA GLN CB 2 59.50 -88.78 23.35
C GLN CB 2 58.54 -88.36 22.25
N SER CB 3 58.48 -89.15 21.18
CA SER CB 3 57.60 -88.85 20.07
C SER CB 3 56.15 -89.12 20.45
N PRO CB 4 55.21 -88.42 19.84
CA PRO CB 4 53.79 -88.73 20.09
C PRO CB 4 53.44 -90.11 19.58
N ALA CB 5 52.49 -90.75 20.25
CA ALA CB 5 52.00 -92.04 19.80
C ALA CB 5 51.13 -91.83 18.57
N THR CB 6 51.58 -92.30 17.41
CA THR CB 6 50.89 -92.08 16.15
C THR CB 6 50.15 -93.34 15.74
N ILE CB 7 48.88 -93.18 15.36
CA ILE CB 7 48.01 -94.30 15.01
C ILE CB 7 47.25 -93.97 13.74
N SER CB 8 46.74 -95.01 13.08
CA SER CB 8 46.00 -94.86 11.84
C SER CB 8 44.62 -95.44 12.00
N LEU CB 9 43.61 -94.71 11.56
CA LEU CB 9 42.22 -95.11 11.63
C LEU CB 9 41.54 -94.95 10.29
N PRO CB 10 40.57 -95.79 9.98
CA PRO CB 10 39.72 -95.55 8.79
C PRO CB 10 38.73 -94.42 9.07
N GLN CB 11 37.82 -94.18 8.14
CA GLN CB 11 36.78 -93.17 8.36
C GLN CB 11 35.78 -93.70 9.37
N GLY CB 12 35.53 -92.93 10.42
CA GLY CB 12 34.61 -93.35 11.45
C GLY CB 12 35.13 -94.44 12.36
N GLY CB 13 36.44 -94.55 12.51
CA GLY CB 13 37.00 -95.60 13.32
C GLY CB 13 36.98 -95.29 14.80
N GLN CB 14 37.49 -96.24 15.56
CA GLN CB 14 37.57 -96.22 17.02
C GLN CB 14 39.03 -96.43 17.36
N PHE CB 15 39.37 -96.54 18.64
CA PHE CB 15 40.67 -97.04 19.05
C PHE CB 15 40.73 -97.26 20.56
N ARG CB 16 41.34 -98.37 20.95
CA ARG CB 16 41.58 -98.71 22.34
C ARG CB 16 42.86 -98.04 22.81
N LEU CB 17 42.74 -96.93 23.52
CA LEU CB 17 43.88 -96.18 24.03
C LEU CB 17 43.72 -95.99 25.53
N SER CB 18 44.66 -95.27 26.14
CA SER CB 18 44.62 -95.01 27.57
C SER CB 18 44.88 -93.54 27.84
N ILE CB 19 44.10 -92.96 28.75
CA ILE CB 19 44.28 -91.59 29.19
C ILE CB 19 44.46 -91.58 30.69
N SER CB 20 44.86 -90.43 31.21
CA SER CB 20 45.09 -90.21 32.63
C SER CB 20 44.13 -89.16 33.15
N ASN CB 21 43.55 -89.43 34.33
CA ASN CB 21 42.51 -88.57 34.88
C ASN CB 21 43.03 -87.19 35.25
N THR CB 22 44.12 -87.13 36.01
CA THR CB 22 44.81 -85.87 36.23
C THR CB 22 45.60 -85.51 34.97
N ASP CB 23 46.39 -84.44 35.03
CA ASP CB 23 47.41 -84.23 34.02
C ASP CB 23 46.81 -84.13 32.62
N PRO CB 24 46.23 -83.00 32.24
CA PRO CB 24 45.34 -82.94 31.08
C PRO CB 24 45.95 -83.59 29.84
N ASN CB 25 45.13 -84.35 29.14
CA ASN CB 25 45.54 -85.12 27.98
C ASN CB 25 45.16 -84.36 26.72
N MET CB 26 45.94 -84.54 25.66
CA MET CB 26 45.68 -83.84 24.42
C MET CB 26 45.51 -84.83 23.28
N ILE CB 27 44.60 -84.52 22.37
CA ILE CB 27 44.43 -85.23 21.11
C ILE CB 27 44.39 -84.21 19.99
N PHE CB 28 45.18 -84.42 18.94
CA PHE CB 28 45.20 -83.49 17.84
C PHE CB 28 45.40 -84.24 16.53
N ILE CB 29 44.72 -83.76 15.49
CA ILE CB 29 44.84 -84.30 14.14
C ILE CB 29 45.76 -83.38 13.35
N PRO CB 30 46.89 -83.86 12.82
CA PRO CB 30 47.81 -82.99 12.09
C PRO CB 30 47.21 -82.58 10.75
N GLY CB 31 47.07 -81.27 10.56
CA GLY CB 31 46.53 -80.73 9.34
C GLY CB 31 45.10 -80.28 9.41
N ASP CB 32 44.40 -80.57 10.50
CA ASP CB 32 42.98 -80.24 10.64
C ASP CB 32 42.74 -79.42 11.90
N LYS CB 33 41.50 -79.00 12.06
CA LYS CB 33 41.05 -78.28 13.25
C LYS CB 33 39.84 -79.00 13.81
N VAL CB 34 39.95 -79.49 15.05
CA VAL CB 34 38.83 -80.16 15.68
C VAL CB 34 37.72 -79.17 15.95
N THR CB 35 36.49 -79.53 15.59
CA THR CB 35 35.36 -78.63 15.74
C THR CB 35 34.40 -79.03 16.83
N ALA CB 36 34.24 -80.33 17.10
CA ALA CB 36 33.26 -80.78 18.08
C ALA CB 36 33.86 -81.91 18.90
N ILE CB 37 33.07 -82.36 19.88
CA ILE CB 37 33.46 -83.46 20.74
C ILE CB 37 32.19 -84.01 21.37
N THR CB 38 32.25 -85.23 21.87
CA THR CB 38 31.11 -85.82 22.59
C THR CB 38 31.66 -86.92 23.47
N ALA CB 39 31.72 -86.68 24.78
CA ALA CB 39 32.42 -87.56 25.70
C ALA CB 39 31.48 -87.97 26.82
N PRO CB 40 30.58 -88.91 26.57
CA PRO CB 40 29.67 -89.35 27.62
C PRO CB 40 30.21 -90.59 28.32
N GLY CB 41 29.58 -90.91 29.44
CA GLY CB 41 30.04 -92.02 30.26
C GLY CB 41 31.03 -91.58 31.32
N GLY CB 42 31.99 -90.73 30.95
CA GLY CB 42 32.99 -90.28 31.89
C GLY CB 42 32.70 -88.91 32.48
N MET CB 43 31.95 -88.09 31.74
CA MET CB 43 31.59 -86.75 32.15
C MET CB 43 32.84 -85.94 32.52
N LEU CB 44 33.74 -85.83 31.55
CA LEU CB 44 35.00 -85.14 31.77
C LEU CB 44 34.76 -83.63 31.87
N ALA CB 45 35.71 -82.92 32.48
CA ALA CB 45 35.48 -81.55 32.91
C ALA CB 45 36.02 -80.51 31.93
N ASP CB 46 37.32 -80.50 31.67
CA ASP CB 46 37.90 -79.44 30.85
C ASP CB 46 37.79 -79.79 29.37
N LYS CB 47 37.46 -78.79 28.56
CA LYS CB 47 37.36 -78.97 27.10
C LYS CB 47 37.78 -77.65 26.47
N ARG CB 48 39.02 -77.58 26.01
CA ARG CB 48 39.58 -76.35 25.48
C ARG CB 48 40.20 -76.59 24.11
N LEU CB 49 40.14 -75.59 23.25
CA LEU CB 49 40.70 -75.67 21.92
C LEU CB 49 42.05 -74.95 21.92
N THR CB 50 43.11 -75.67 21.58
CA THR CB 50 44.44 -75.08 21.54
C THR CB 50 44.60 -74.25 20.26
N THR CB 51 45.81 -73.79 20.00
CA THR CB 51 46.07 -73.00 18.80
C THR CB 51 46.46 -73.86 17.60
N ALA CB 52 47.06 -75.03 17.84
CA ALA CB 52 47.40 -75.92 16.74
C ALA CB 52 46.14 -76.39 16.01
N GLY CB 53 45.09 -76.71 16.77
CA GLY CB 53 43.86 -77.19 16.18
C GLY CB 53 43.26 -78.32 17.00
N GLY CB 54 44.10 -79.05 17.72
CA GLY CB 54 43.65 -80.16 18.52
C GLY CB 54 42.92 -79.71 19.77
N VAL CB 55 42.32 -80.69 20.45
CA VAL CB 55 41.49 -80.44 21.61
C VAL CB 55 42.05 -81.25 22.78
N LEU CB 56 42.14 -80.61 23.94
CA LEU CB 56 42.66 -81.25 25.14
C LEU CB 56 41.62 -81.20 26.25
N PHE CB 57 41.69 -82.17 27.15
CA PHE CB 57 40.61 -82.45 28.08
C PHE CB 57 41.20 -82.94 29.39
N THR CB 58 40.32 -83.22 30.35
CA THR CB 58 40.77 -83.71 31.66
C THR CB 58 39.65 -84.57 32.24
N SER CB 59 39.80 -85.88 32.15
CA SER CB 59 38.79 -86.77 32.70
C SER CB 59 38.84 -86.78 34.22
N VAL CB 60 37.76 -87.26 34.83
CA VAL CB 60 37.69 -87.36 36.28
C VAL CB 60 37.15 -88.73 36.69
N ALA CB 61 36.59 -89.45 35.73
CA ALA CB 61 35.87 -90.68 36.02
C ALA CB 61 36.84 -91.81 36.35
N THR CB 62 36.33 -93.03 36.49
CA THR CB 62 37.14 -94.15 36.93
C THR CB 62 36.90 -95.43 36.13
N ARG CB 63 36.15 -95.37 35.03
CA ARG CB 63 35.83 -96.56 34.26
C ARG CB 63 36.03 -96.28 32.77
N THR CB 64 35.89 -97.33 31.96
CA THR CB 64 36.13 -97.25 30.54
C THR CB 64 34.88 -96.79 29.79
N PHE CB 65 35.05 -95.79 28.93
CA PHE CB 65 33.92 -95.20 28.22
C PHE CB 65 34.34 -94.93 26.78
N THR CB 66 33.56 -94.10 26.09
CA THR CB 66 33.80 -93.78 24.70
C THR CB 66 33.72 -92.27 24.49
N ILE CB 67 34.68 -91.73 23.75
CA ILE CB 67 34.73 -90.32 23.43
C ILE CB 67 34.78 -90.17 21.92
N PHE CB 68 33.87 -89.38 21.37
CA PHE CB 68 33.85 -89.11 19.94
C PHE CB 68 34.54 -87.79 19.65
N VAL CB 69 34.93 -87.60 18.39
CA VAL CB 69 35.62 -86.40 17.97
C VAL CB 69 35.34 -86.17 16.49
N GLU CB 70 35.25 -84.91 16.10
CA GLU CB 70 34.93 -84.56 14.73
C GLU CB 70 36.02 -83.64 14.19
N THR CB 71 35.88 -83.28 12.92
CA THR CB 71 36.90 -82.54 12.21
C THR CB 71 36.23 -81.47 11.36
N ALA CB 72 37.01 -80.43 11.03
CA ALA CB 72 36.47 -79.37 10.18
C ALA CB 72 36.08 -79.89 8.81
N LEU CB 73 36.72 -80.95 8.33
CA LEU CB 73 36.41 -81.51 7.03
C LEU CB 73 35.48 -82.70 7.09
N GLY CB 74 34.96 -83.04 8.26
CA GLY CB 74 34.00 -84.12 8.42
C GLY CB 74 34.58 -85.44 8.88
N GLN CB 75 35.90 -85.54 8.99
CA GLN CB 75 36.55 -86.80 9.35
C GLN CB 75 36.30 -87.10 10.82
N THR CB 76 35.16 -87.71 11.11
CA THR CB 76 34.82 -88.11 12.45
C THR CB 76 35.60 -89.36 12.85
N PHE CB 77 35.70 -89.58 14.17
CA PHE CB 77 36.48 -90.69 14.70
C PHE CB 77 35.81 -91.17 15.99
N SER CB 78 36.54 -91.97 16.75
CA SER CB 78 36.09 -92.43 18.06
C SER CB 78 37.29 -92.97 18.80
N VAL CB 79 37.30 -92.83 20.12
CA VAL CB 79 38.36 -93.36 20.96
C VAL CB 79 37.73 -93.91 22.23
N VAL CB 80 38.18 -95.09 22.66
CA VAL CB 80 37.68 -95.72 23.87
C VAL CB 80 38.72 -95.48 24.95
N ALA CB 81 38.46 -94.50 25.81
CA ALA CB 81 39.41 -94.11 26.83
C ALA CB 81 39.42 -95.12 27.98
N THR CB 82 40.41 -94.98 28.85
CA THR CB 82 40.51 -95.77 30.07
C THR CB 82 41.37 -95.03 31.09
N PRO CB 83 40.77 -94.35 32.06
CA PRO CB 83 41.57 -93.56 33.00
C PRO CB 83 42.53 -94.41 33.82
N VAL CB 84 43.67 -93.81 34.15
CA VAL CB 84 44.75 -94.45 34.90
C VAL CB 84 45.25 -93.49 35.98
N LYS CB 85 46.35 -93.86 36.63
CA LYS CB 85 46.84 -93.10 37.78
C LYS CB 85 47.24 -91.67 37.40
N GLY CB 86 48.26 -91.51 36.58
CA GLY CB 86 48.75 -90.17 36.30
C GLY CB 86 49.65 -90.11 35.08
N GLU CB 87 50.38 -89.00 34.98
CA GLU CB 87 51.34 -88.75 33.89
C GLU CB 87 50.65 -88.70 32.53
N GLY CB 88 49.84 -87.65 32.37
CA GLY CB 88 49.03 -87.52 31.17
C GLY CB 88 49.85 -87.51 29.90
N ARG CB 89 49.21 -87.96 28.81
CA ARG CB 89 49.91 -88.30 27.58
C ARG CB 89 49.23 -87.67 26.37
N VAL CB 90 49.98 -87.57 25.27
CA VAL CB 90 49.53 -86.94 24.03
C VAL CB 90 49.55 -87.97 22.92
N TYR CB 91 48.45 -88.02 22.15
CA TYR CB 91 48.31 -88.92 21.02
C TYR CB 91 48.17 -88.12 19.73
N ARG CB 92 48.18 -88.83 18.61
CA ARG CB 92 47.99 -88.23 17.30
C ARG CB 92 46.99 -89.06 16.51
N LEU CB 93 46.03 -88.41 15.86
CA LEU CB 93 45.04 -89.08 15.04
C LEU CB 93 45.22 -88.66 13.59
N MET CB 94 45.33 -89.65 12.71
CA MET CB 94 45.37 -89.40 11.27
C MET CB 94 44.75 -90.58 10.56
N SER CB 95 44.13 -90.29 9.42
CA SER CB 95 43.56 -91.32 8.57
C SER CB 95 44.58 -91.74 7.51
N ALA CB 96 44.38 -92.92 6.94
CA ALA CB 96 45.37 -93.54 6.07
C ALA CB 96 45.17 -93.19 4.60
N GLU CB 97 44.04 -93.59 4.01
CA GLU CB 97 43.82 -93.35 2.59
C GLU CB 97 43.31 -91.96 2.25
N PRO CB 98 42.29 -91.42 2.95
CA PRO CB 98 41.63 -90.19 2.48
C PRO CB 98 42.59 -89.02 2.27
N PRO CB 99 43.60 -88.81 3.13
CA PRO CB 99 44.54 -87.72 2.83
C PRO CB 99 45.44 -88.07 1.66
N SER CB 100 45.17 -87.46 0.49
CA SER CB 100 45.99 -87.71 -0.69
C SER CB 100 45.82 -86.53 -1.64
N ARG CB 101 46.82 -85.65 -1.68
CA ARG CB 101 46.83 -84.52 -2.61
C ARG CB 101 48.29 -84.18 -2.91
N PRO CB 102 48.94 -84.97 -3.77
CA PRO CB 102 50.35 -84.73 -4.08
C PRO CB 102 50.59 -83.56 -5.02
N GLU CB 103 49.58 -82.75 -5.30
CA GLU CB 103 49.75 -81.61 -6.18
C GLU CB 103 50.81 -80.67 -5.62
N THR CB 104 51.76 -80.28 -6.46
CA THR CB 104 52.83 -79.38 -6.04
C THR CB 104 52.82 -78.14 -6.92
N ARG CB 105 52.79 -76.98 -6.27
CA ARG CB 105 52.98 -75.73 -6.99
C ARG CB 105 54.42 -75.66 -7.48
N LYS CB 106 54.62 -75.23 -8.71
CA LYS CB 106 55.98 -75.18 -9.26
C LYS CB 106 56.62 -73.87 -8.83
N TRP CB 107 57.33 -73.93 -7.70
CA TRP CB 107 58.15 -72.86 -7.18
C TRP CB 107 59.48 -72.87 -7.95
N GLU CB 108 60.51 -72.19 -7.44
CA GLU CB 108 61.84 -72.15 -8.06
C GLU CB 108 61.85 -71.45 -9.41
N THR CB 109 61.52 -70.16 -9.42
CA THR CB 109 61.68 -69.36 -10.63
C THR CB 109 63.16 -69.25 -11.00
N ALA CB 110 63.42 -68.69 -12.18
CA ALA CB 110 64.77 -68.57 -12.70
C ALA CB 110 65.15 -67.11 -12.87
N GLN CB 111 66.36 -66.89 -13.38
CA GLN CB 111 66.88 -65.54 -13.54
C GLN CB 111 66.21 -64.84 -14.71
N ALA CB 112 66.35 -63.52 -14.74
CA ALA CB 112 65.80 -62.73 -15.84
C ALA CB 112 66.63 -62.84 -17.10
N TYR CB 113 67.93 -63.10 -16.98
CA TYR CB 113 68.81 -63.24 -18.12
C TYR CB 113 68.69 -64.58 -18.81
N GLU CB 114 68.52 -65.66 -18.04
CA GLU CB 114 68.46 -67.00 -18.61
C GLU CB 114 67.13 -67.29 -19.30
N LYS CB 115 66.03 -66.78 -18.75
CA LYS CB 115 64.72 -67.08 -19.32
C LYS CB 115 64.62 -66.53 -20.75
N LEU CB 116 65.17 -65.34 -20.99
CA LEU CB 116 65.07 -64.76 -22.32
C LEU CB 116 66.02 -65.44 -23.31
N LEU CB 117 67.22 -65.83 -22.85
CA LEU CB 117 68.08 -66.64 -23.70
C LEU CB 117 67.38 -67.92 -24.12
N ILE CB 118 66.74 -68.61 -23.17
CA ILE CB 118 66.07 -69.87 -23.50
C ILE CB 118 64.88 -69.62 -24.41
N SER CB 119 64.14 -68.52 -24.18
CA SER CB 119 62.98 -68.24 -25.02
C SER CB 119 63.39 -67.99 -26.46
N LEU CB 120 64.37 -67.11 -26.68
CA LEU CB 120 64.83 -66.85 -28.04
C LEU CB 120 65.43 -68.09 -28.67
N ASN CB 121 66.21 -68.85 -27.90
CA ASN CB 121 66.89 -70.02 -28.44
C ASN CB 121 65.89 -71.14 -28.72
N ARG CB 122 64.72 -71.12 -28.08
CA ARG CB 122 63.67 -72.07 -28.40
C ARG CB 122 62.89 -71.62 -29.63
N ALA CB 123 62.68 -70.31 -29.78
CA ALA CB 123 62.00 -69.80 -30.96
C ALA CB 123 62.87 -69.83 -32.21
N VAL CB 124 64.18 -70.02 -32.07
CA VAL CB 124 65.01 -70.21 -33.25
C VAL CB 124 64.99 -71.67 -33.70
N LEU CB 125 64.59 -72.59 -32.83
CA LEU CB 125 64.52 -74.01 -33.18
C LEU CB 125 63.15 -74.40 -33.71
N THR CB 126 62.07 -74.00 -33.02
CA THR CB 126 60.73 -74.31 -33.50
C THR CB 126 60.48 -73.69 -34.88
N GLY CB 127 60.88 -72.43 -35.06
CA GLY CB 127 60.72 -71.72 -36.31
C GLY CB 127 59.94 -70.43 -36.17
N ASP CB 128 59.04 -70.35 -35.20
CA ASP CB 128 58.24 -69.14 -35.01
C ASP CB 128 59.14 -67.99 -34.56
N ILE CB 129 59.28 -66.99 -35.41
CA ILE CB 129 60.19 -65.89 -35.14
C ILE CB 129 59.51 -64.90 -34.19
N PRO CB 130 60.12 -64.59 -33.06
CA PRO CB 130 59.49 -63.67 -32.11
C PRO CB 130 59.37 -62.28 -32.69
N ASP CB 131 58.37 -61.55 -32.22
CA ASP CB 131 58.16 -60.18 -32.67
C ASP CB 131 59.33 -59.31 -32.26
N GLY CB 132 60.03 -58.74 -33.23
CA GLY CB 132 61.13 -57.86 -32.93
C GLY CB 132 62.47 -58.37 -33.44
N TYR CB 133 62.43 -59.32 -34.37
CA TYR CB 133 63.64 -59.90 -34.93
C TYR CB 133 63.52 -60.01 -36.43
N GLY CB 134 64.59 -59.62 -37.13
CA GLY CB 134 64.57 -59.63 -38.57
C GLY CB 134 65.44 -60.71 -39.17
N GLU CB 135 66.34 -60.32 -40.07
CA GLU CB 135 67.28 -61.25 -40.67
C GLU CB 135 68.45 -60.45 -41.19
N VAL CB 136 69.65 -61.03 -41.10
CA VAL CB 136 70.88 -60.33 -41.42
C VAL CB 136 71.81 -61.25 -42.18
N LYS CB 137 72.89 -60.68 -42.66
CA LYS CB 137 73.94 -61.42 -43.32
C LYS CB 137 74.73 -62.22 -42.29
N PRO CB 138 75.05 -63.47 -42.57
CA PRO CB 138 75.82 -64.29 -41.60
C PRO CB 138 77.19 -63.70 -41.37
N LEU CB 139 77.46 -63.36 -40.10
CA LEU CB 139 78.76 -62.85 -39.72
C LEU CB 139 79.84 -63.89 -40.00
N SER CB 140 80.95 -63.44 -40.57
CA SER CB 140 82.01 -64.37 -40.95
C SER CB 140 82.68 -64.94 -39.71
N ASP CB 141 82.97 -66.25 -39.77
CA ASP CB 141 83.83 -66.99 -38.84
C ASP CB 141 83.77 -66.49 -37.40
N GLY CB 142 82.56 -66.31 -36.89
CA GLY CB 142 82.37 -65.92 -35.51
C GLY CB 142 82.39 -67.06 -34.51
N ILE CB 143 82.77 -68.26 -34.92
CA ILE CB 143 82.89 -69.41 -34.03
C ILE CB 143 84.19 -70.16 -34.33
N ARG CB 144 84.82 -70.66 -33.27
CA ARG CB 144 86.10 -71.34 -33.39
C ARG CB 144 85.92 -72.70 -34.08
N LEU CB 145 87.05 -73.29 -34.46
CA LEU CB 145 87.07 -74.60 -35.10
C LEU CB 145 88.00 -75.52 -34.32
N PRO CB 146 87.52 -76.64 -33.79
CA PRO CB 146 88.38 -77.57 -33.04
C PRO CB 146 89.01 -78.64 -33.93
N GLY CB 147 89.90 -78.22 -34.82
CA GLY CB 147 90.62 -79.16 -35.65
C GLY CB 147 90.02 -79.35 -37.03
N GLY CB 148 90.02 -80.58 -37.51
CA GLY CB 148 89.64 -80.88 -38.87
C GLY CB 148 88.15 -80.72 -39.13
N PHE CB 149 87.63 -79.53 -38.89
CA PHE CB 149 86.23 -79.21 -39.14
C PHE CB 149 86.15 -78.13 -40.21
N SER CB 150 84.94 -77.61 -40.40
CA SER CB 150 84.70 -76.51 -41.30
C SER CB 150 83.47 -75.75 -40.82
N VAL CB 151 83.26 -74.58 -41.39
CA VAL CB 151 82.07 -73.79 -41.13
C VAL CB 151 81.47 -73.38 -42.46
N THR CB 152 80.15 -73.42 -42.56
CA THR CB 152 79.43 -73.03 -43.78
C THR CB 152 78.22 -72.23 -43.35
N PRO CB 153 78.37 -70.92 -43.16
CA PRO CB 153 77.27 -70.09 -42.68
C PRO CB 153 75.99 -70.31 -43.49
N LEU CB 154 74.86 -70.19 -42.80
CA LEU CB 154 73.56 -70.30 -43.45
C LEU CB 154 72.81 -68.98 -43.43
N LYS CB 155 72.61 -68.39 -42.27
CA LYS CB 155 71.75 -67.23 -42.05
C LYS CB 155 71.90 -66.80 -40.60
N ALA CB 156 71.10 -65.82 -40.20
CA ALA CB 156 71.11 -65.34 -38.83
C ALA CB 156 69.92 -64.43 -38.57
N TRP CB 157 69.51 -64.32 -37.32
CA TRP CB 157 68.53 -63.32 -36.92
C TRP CB 157 69.23 -62.18 -36.20
N ALA CB 158 68.47 -61.15 -35.88
CA ALA CB 158 69.01 -60.02 -35.13
C ALA CB 158 67.89 -59.09 -34.72
N GLY CB 159 68.19 -58.24 -33.75
CA GLY CB 159 67.33 -57.13 -33.40
C GLY CB 159 67.10 -56.90 -31.92
N ASP CB 160 67.51 -55.71 -31.47
CA ASP CB 160 67.22 -55.10 -30.18
C ASP CB 160 67.96 -55.78 -29.02
N GLN CB 161 68.48 -56.98 -29.26
CA GLN CB 161 69.50 -57.66 -28.47
C GLN CB 161 69.67 -59.06 -29.07
N LEU CB 162 70.76 -59.73 -28.70
CA LEU CB 162 70.93 -61.15 -28.98
C LEU CB 162 70.86 -61.43 -30.49
N ARG CB 163 71.88 -60.98 -31.20
CA ARG CB 163 71.99 -61.30 -32.62
C ARG CB 163 72.32 -62.78 -32.75
N ALA CB 164 71.29 -63.61 -32.90
CA ALA CB 164 71.48 -65.05 -32.99
C ALA CB 164 72.04 -65.43 -34.37
N ASP CB 165 72.52 -66.66 -34.46
CA ASP CB 165 73.15 -67.16 -35.68
C ASP CB 165 72.72 -68.60 -35.92
N ARG CB 166 73.27 -69.20 -36.98
CA ARG CB 166 73.14 -70.63 -37.24
C ARG CB 166 74.29 -71.05 -38.14
N TYR CB 167 75.23 -71.80 -37.61
CA TYR CB 167 76.36 -72.30 -38.39
C TYR CB 167 76.21 -73.80 -38.62
N GLU CB 168 77.23 -74.40 -39.23
CA GLU CB 168 77.14 -75.77 -39.72
C GLU CB 168 78.45 -76.49 -39.43
N LEU CB 169 78.34 -77.75 -39.02
CA LEU CB 169 79.48 -78.57 -38.63
C LEU CB 169 79.72 -79.64 -39.67
N ARG CB 170 80.98 -80.01 -39.87
CA ARG CB 170 81.35 -81.00 -40.89
C ARG CB 170 82.61 -81.70 -40.44
N ASN CB 171 82.50 -82.98 -40.10
CA ASN CB 171 83.67 -83.77 -39.75
C ASN CB 171 84.47 -84.05 -41.01
N ALA CB 172 85.57 -83.32 -41.21
CA ALA CB 172 86.42 -83.51 -42.37
C ALA CB 172 87.43 -84.62 -42.19
N ASN CB 173 87.50 -85.21 -41.01
CA ASN CB 173 88.40 -86.30 -40.71
C ASN CB 173 87.70 -87.63 -41.01
N THR CB 174 88.28 -88.74 -40.56
CA THR CB 174 87.76 -90.05 -40.92
C THR CB 174 87.14 -90.82 -39.77
N TRP CB 175 87.59 -90.64 -38.53
CA TRP CB 175 87.12 -91.45 -37.42
C TRP CB 175 86.19 -90.63 -36.53
N GLY CB 176 85.81 -91.23 -35.40
CA GLY CB 176 84.90 -90.61 -34.45
C GLY CB 176 85.61 -90.15 -33.19
N VAL CB 177 85.15 -89.03 -32.64
CA VAL CB 177 85.74 -88.42 -31.45
C VAL CB 177 84.62 -88.07 -30.48
N ALA CB 178 84.96 -87.40 -29.39
CA ALA CB 178 83.97 -86.92 -28.44
C ALA CB 178 83.71 -85.44 -28.66
N LEU CB 179 82.70 -84.92 -27.95
CA LEU CB 179 82.30 -83.52 -28.08
C LEU CB 179 82.10 -82.90 -26.71
N ARG CB 180 82.67 -81.71 -26.52
CA ARG CB 180 82.41 -80.87 -25.36
C ARG CB 180 82.25 -79.44 -25.87
N GLU CB 181 81.07 -78.87 -25.68
CA GLU CB 181 80.66 -77.66 -26.39
C GLU CB 181 81.27 -76.38 -25.83
N GLN CB 182 82.31 -76.49 -25.01
CA GLN CB 182 83.08 -75.33 -24.57
C GLN CB 182 84.26 -75.06 -25.48
N ASP CB 183 84.42 -75.81 -26.57
CA ASP CB 183 85.49 -75.58 -27.51
C ASP CB 183 85.12 -74.58 -28.60
N PHE CB 184 83.84 -74.34 -28.84
CA PHE CB 184 83.40 -73.42 -29.87
C PHE CB 184 83.31 -71.99 -29.38
N TRP CB 185 83.57 -71.75 -28.09
CA TRP CB 185 83.37 -70.43 -27.53
C TRP CB 185 84.23 -69.40 -28.24
N LYS CB 186 83.67 -68.22 -28.44
CA LYS CB 186 84.38 -67.06 -28.98
C LYS CB 186 84.12 -65.87 -28.08
N PRO CB 187 84.95 -64.84 -28.15
CA PRO CB 187 84.80 -63.71 -27.23
C PRO CB 187 83.57 -62.87 -27.52
N GLY CB 188 82.45 -63.27 -26.94
CA GLY CB 188 81.19 -62.55 -27.10
C GLY CB 188 80.00 -63.48 -27.12
N VAL CB 189 80.28 -64.79 -27.23
CA VAL CB 189 79.22 -65.78 -27.30
C VAL CB 189 78.44 -65.81 -25.99
N ARG CB 190 77.12 -65.88 -26.09
CA ARG CB 190 76.27 -65.99 -24.91
C ARG CB 190 75.74 -67.41 -24.68
N ALA CB 191 75.54 -68.19 -25.74
CA ALA CB 191 75.00 -69.53 -25.59
C ALA CB 191 75.24 -70.32 -26.86
N VAL CB 192 75.50 -71.61 -26.71
CA VAL CB 192 75.75 -72.52 -27.83
C VAL CB 192 74.87 -73.76 -27.68
N MET CB 193 74.07 -74.04 -28.69
CA MET CB 193 73.20 -75.22 -28.73
C MET CB 193 73.68 -76.23 -29.76
N PHE CB 194 73.50 -77.50 -29.45
CA PHE CB 194 73.66 -78.59 -30.41
C PHE CB 194 72.28 -79.18 -30.69
N ASP CB 195 71.89 -79.18 -31.97
CA ASP CB 195 70.53 -79.57 -32.34
C ASP CB 195 70.39 -81.09 -32.43
N ASN CB 196 71.12 -81.71 -33.36
CA ASN CB 196 71.11 -83.18 -33.46
C ASN CB 196 71.89 -83.72 -32.27
N ASN CB 197 71.16 -84.19 -31.26
CA ASN CB 197 71.75 -84.50 -29.96
C ASN CB 197 72.66 -85.71 -30.09
N ALA CB 198 73.97 -85.45 -30.20
CA ALA CB 198 74.96 -86.51 -30.34
C ALA CB 198 76.20 -86.13 -29.52
N GLN CB 199 76.74 -87.12 -28.81
CA GLN CB 199 77.96 -86.93 -28.03
C GLN CB 199 79.18 -87.59 -28.67
N THR CB 200 79.10 -87.97 -29.94
CA THR CB 200 80.21 -88.59 -30.62
C THR CB 200 80.12 -88.26 -32.11
N LEU CB 201 81.26 -88.20 -32.76
CA LEU CB 201 81.36 -87.81 -34.16
C LEU CB 201 81.33 -89.04 -35.08
N MET CB 202 80.90 -88.81 -36.31
CA MET CB 202 80.69 -89.89 -37.27
C MET CB 202 81.35 -89.69 -38.63
N GLY CB 203 81.52 -88.45 -39.10
CA GLY CB 203 82.09 -88.18 -40.41
C GLY CB 203 81.16 -87.40 -41.31
N GLY CB 204 79.85 -87.45 -41.04
CA GLY CB 204 78.88 -86.74 -41.84
C GLY CB 204 78.38 -85.51 -41.12
N GLY CB 205 78.55 -84.36 -41.75
CA GLY CB 205 78.16 -83.11 -41.16
C GLY CB 205 76.81 -82.60 -41.64
N ARG CB 206 75.78 -82.84 -40.83
CA ARG CB 206 74.44 -82.36 -41.14
C ARG CB 206 73.77 -81.73 -39.92
N MET CB 207 74.55 -81.39 -38.89
CA MET CB 207 74.02 -80.80 -37.67
C MET CB 207 74.39 -79.33 -37.63
N THR CB 208 73.53 -78.52 -37.03
CA THR CB 208 73.76 -77.09 -36.91
C THR CB 208 73.86 -76.71 -35.44
N VAL CB 209 74.34 -75.47 -35.21
CA VAL CB 209 74.41 -74.89 -33.89
C VAL CB 209 73.85 -73.47 -33.95
N THR CB 210 73.39 -72.98 -32.81
CA THR CB 210 72.83 -71.65 -32.70
C THR CB 210 73.68 -70.86 -31.71
N VAL CB 211 74.51 -69.97 -32.22
CA VAL CB 211 75.41 -69.16 -31.40
C VAL CB 211 74.81 -67.78 -31.25
N ILE CB 212 74.48 -67.41 -30.04
CA ILE CB 212 73.91 -66.10 -29.76
C ILE CB 212 75.05 -65.13 -29.48
N ARG CB 213 74.80 -63.84 -29.74
CA ARG CB 213 75.84 -62.84 -29.63
C ARG CB 213 75.21 -61.48 -29.35
N GLY CB 214 76.02 -60.57 -28.82
CA GLY CB 214 75.56 -59.23 -28.56
C GLY CB 214 75.54 -58.37 -29.80
N ASN CB 215 75.13 -57.12 -29.62
CA ASN CB 215 75.02 -56.13 -30.70
C ASN CB 215 74.07 -56.62 -31.79
N GLY CB 216 72.80 -56.73 -31.42
CA GLY CB 216 71.78 -57.16 -32.34
C GLY CB 216 70.47 -56.43 -32.09
N ALA DB 69 38.60 -72.92 -32.38
CA ALA DB 69 37.36 -73.69 -32.40
C ALA DB 69 37.11 -74.30 -33.78
N THR DB 70 38.19 -74.70 -34.45
CA THR DB 70 38.11 -75.28 -35.77
C THR DB 70 38.01 -76.80 -35.67
N SER DB 71 38.19 -77.48 -36.80
CA SER DB 71 38.17 -78.94 -36.79
C SER DB 71 39.33 -79.50 -35.97
N ALA DB 72 39.07 -80.61 -35.29
CA ALA DB 72 40.10 -81.27 -34.51
C ALA DB 72 41.13 -81.93 -35.42
N VAL DB 73 42.28 -82.25 -34.85
CA VAL DB 73 43.38 -82.79 -35.65
C VAL DB 73 43.17 -84.28 -35.87
N GLU DB 74 43.79 -84.80 -36.93
CA GLU DB 74 43.69 -86.20 -37.28
C GLU DB 74 44.99 -86.93 -36.93
N VAL DB 75 44.88 -88.25 -36.80
CA VAL DB 75 46.02 -89.12 -36.57
C VAL DB 75 46.12 -90.09 -37.73
N PRO DB 76 47.05 -89.87 -38.66
CA PRO DB 76 47.15 -90.76 -39.83
C PRO DB 76 47.60 -92.15 -39.40
N SER DB 77 46.78 -93.14 -39.72
CA SER DB 77 47.13 -94.52 -39.44
C SER DB 77 48.27 -94.97 -40.34
N ALA DB 78 48.84 -96.12 -39.99
CA ALA DB 78 49.99 -96.65 -40.72
C ALA DB 78 49.51 -97.27 -42.04
N SER DB 79 50.38 -98.06 -42.65
CA SER DB 79 50.04 -98.82 -43.85
C SER DB 79 50.44 -100.27 -43.67
N ARG DB 80 49.67 -101.16 -44.30
CA ARG DB 80 49.92 -102.59 -44.20
C ARG DB 80 51.30 -102.95 -44.73
N THR DB 157 45.98 -106.50 -32.86
CA THR DB 157 45.33 -105.29 -32.36
C THR DB 157 46.13 -104.67 -31.22
N VAL DB 158 46.61 -103.46 -31.42
CA VAL DB 158 47.44 -102.76 -30.42
C VAL DB 158 46.79 -101.43 -30.11
N HIS DB 159 46.66 -101.13 -28.82
CA HIS DB 159 46.10 -99.87 -28.39
C HIS DB 159 47.13 -98.75 -28.57
N PRO DB 160 46.67 -97.50 -28.69
CA PRO DB 160 47.59 -96.40 -28.98
C PRO DB 160 48.56 -96.14 -27.83
N GLN DB 161 49.62 -95.39 -28.16
CA GLN DB 161 50.49 -94.81 -27.15
C GLN DB 161 51.05 -93.51 -27.71
N ARG DB 162 51.54 -92.66 -26.82
CA ARG DB 162 52.12 -91.39 -27.22
C ARG DB 162 53.51 -91.60 -27.81
N SER DB 163 54.06 -90.53 -28.37
CA SER DB 163 55.37 -90.56 -29.01
C SER DB 163 56.43 -90.06 -28.06
N ARG DB 164 57.65 -90.55 -28.25
CA ARG DB 164 58.75 -90.20 -27.37
C ARG DB 164 59.09 -88.72 -27.48
N ASP DB 165 59.61 -88.17 -26.39
CA ASP DB 165 59.95 -86.75 -26.35
C ASP DB 165 61.39 -86.53 -26.81
N GLN DB 166 61.68 -85.27 -27.16
CA GLN DB 166 63.02 -84.84 -27.52
C GLN DB 166 63.41 -83.66 -26.64
N ILE DB 167 64.71 -83.53 -26.41
CA ILE DB 167 65.24 -82.56 -25.45
C ILE DB 167 66.37 -81.79 -26.08
N ALA DB 168 66.43 -80.49 -25.77
CA ALA DB 168 67.48 -79.61 -26.26
C ALA DB 168 68.21 -79.00 -25.06
N THR DB 169 69.54 -79.04 -25.11
CA THR DB 169 70.37 -78.50 -24.03
C THR DB 169 71.09 -77.25 -24.52
N VAL DB 170 71.22 -76.26 -23.64
CA VAL DB 170 71.85 -74.99 -23.96
C VAL DB 170 73.01 -74.79 -22.99
N TRP DB 171 74.14 -74.33 -23.51
CA TRP DB 171 75.31 -74.02 -22.69
C TRP DB 171 75.41 -72.51 -22.54
N ILE DB 172 75.22 -72.02 -21.32
CA ILE DB 172 75.23 -70.59 -21.06
C ILE DB 172 76.66 -70.16 -20.70
N ALA DB 173 77.17 -69.15 -21.40
CA ALA DB 173 78.49 -68.64 -21.09
C ALA DB 173 78.48 -67.91 -19.75
N PRO DB 174 79.53 -68.05 -18.95
CA PRO DB 174 79.52 -67.45 -17.61
C PRO DB 174 79.32 -65.95 -17.66
N TRP DB 175 78.50 -65.44 -16.77
CA TRP DB 175 78.18 -64.03 -16.71
C TRP DB 175 78.34 -63.52 -15.29
N VAL DB 176 78.08 -62.23 -15.10
CA VAL DB 176 78.18 -61.59 -13.80
C VAL DB 176 76.87 -60.88 -13.52
N ASP DB 177 76.20 -61.26 -12.44
CA ASP DB 177 74.90 -60.72 -12.12
C ASP DB 177 75.00 -59.22 -11.88
N SER DB 178 73.86 -58.54 -11.90
CA SER DB 178 73.84 -57.10 -11.65
C SER DB 178 74.32 -56.76 -10.24
N ASP DB 179 74.25 -57.70 -9.31
CA ASP DB 179 74.68 -57.47 -7.93
C ASP DB 179 76.06 -58.08 -7.67
N ASN DB 180 76.91 -58.14 -8.68
CA ASN DB 180 78.28 -58.65 -8.56
C ASN DB 180 78.29 -60.06 -7.96
N ALA DB 181 77.69 -60.99 -8.71
CA ALA DB 181 77.64 -62.39 -8.30
C ALA DB 181 77.99 -63.23 -9.52
N PHE DB 182 79.22 -63.70 -9.59
CA PHE DB 182 79.70 -64.41 -10.77
C PHE DB 182 79.02 -65.76 -10.87
N HIS DB 183 78.49 -66.07 -12.04
CA HIS DB 183 77.73 -67.29 -12.27
C HIS DB 183 78.47 -68.23 -13.21
N GLN DB 184 78.34 -69.53 -12.95
CA GLN DB 184 78.84 -70.58 -13.84
C GLN DB 184 77.69 -71.54 -14.13
N PRO DB 185 76.69 -71.08 -14.87
CA PRO DB 185 75.50 -71.92 -15.09
C PRO DB 185 75.84 -73.17 -15.89
N GLY DB 186 75.09 -74.24 -15.61
CA GLY DB 186 75.25 -75.49 -16.31
C GLY DB 186 74.39 -75.56 -17.55
N ARG DB 187 74.32 -76.75 -18.13
CA ARG DB 187 73.59 -76.98 -19.37
C ARG DB 187 72.12 -77.16 -19.03
N VAL DB 188 71.31 -76.18 -19.39
CA VAL DB 188 69.87 -76.26 -19.15
C VAL DB 188 69.20 -76.99 -20.30
N SER DB 189 68.35 -77.97 -19.97
CA SER DB 189 67.65 -78.78 -20.94
C SER DB 189 66.16 -78.51 -20.85
N PHE DB 190 65.54 -78.19 -21.98
CA PHE DB 190 64.13 -77.84 -22.01
C PHE DB 190 63.42 -78.64 -23.09
N VAL DB 191 62.14 -78.89 -22.86
CA VAL DB 191 61.31 -79.59 -23.84
C VAL DB 191 60.82 -78.62 -24.89
N VAL DB 192 60.82 -79.06 -26.16
CA VAL DB 192 60.52 -78.18 -27.26
C VAL DB 192 59.19 -78.49 -27.92
N SER DB 193 58.72 -79.74 -27.88
CA SER DB 193 57.45 -80.09 -28.48
C SER DB 193 56.79 -81.20 -27.67
N PRO DB 194 55.49 -81.10 -27.42
CA PRO DB 194 54.81 -82.13 -26.63
C PRO DB 194 54.56 -83.38 -27.45
N ALA DB 195 54.29 -84.47 -26.73
CA ALA DB 195 54.03 -85.74 -27.38
C ALA DB 195 52.70 -85.71 -28.11
N ASP DB 196 52.58 -86.56 -29.13
CA ASP DB 196 51.39 -86.62 -29.97
C ASP DB 196 50.94 -88.07 -30.12
N TRP DB 197 49.62 -88.25 -30.19
CA TRP DB 197 49.05 -89.59 -30.30
C TRP DB 197 49.44 -90.24 -31.62
N VAL DB 198 49.76 -91.53 -31.59
CA VAL DB 198 50.18 -92.25 -32.78
C VAL DB 198 49.78 -93.71 -32.66
N LEU DB 199 49.49 -94.34 -33.81
CA LEU DB 199 49.16 -95.76 -33.86
C LEU DB 199 50.39 -96.56 -34.23
N PRO DB 200 50.69 -97.64 -33.51
CA PRO DB 200 51.89 -98.43 -33.82
C PRO DB 200 51.65 -99.32 -35.03
N ALA DB 201 52.60 -99.30 -35.97
CA ALA DB 201 52.52 -100.15 -37.16
C ALA DB 201 53.00 -101.55 -36.80
N ARG DB 202 52.34 -102.14 -35.81
CA ARG DB 202 52.67 -103.47 -35.33
C ARG DB 202 52.12 -104.50 -36.32
N VAL DB 203 52.03 -105.76 -35.89
CA VAL DB 203 51.38 -106.77 -36.69
C VAL DB 203 49.89 -106.77 -36.35
N ASN DB 204 49.15 -105.87 -36.99
CA ASN DB 204 47.74 -105.67 -36.66
C ASN DB 204 46.85 -106.57 -37.50
N VAL EB 158 106.79 -49.23 0.16
CA VAL EB 158 106.49 -48.07 0.99
C VAL EB 158 105.11 -47.54 0.65
N HIS EB 159 104.60 -47.95 -0.52
CA HIS EB 159 103.29 -47.54 -0.96
C HIS EB 159 102.21 -48.23 -0.12
N PRO EB 160 101.04 -47.60 0.04
CA PRO EB 160 99.95 -48.23 0.80
C PRO EB 160 99.17 -49.20 -0.07
N GLN EB 161 99.32 -50.49 0.22
CA GLN EB 161 98.71 -51.54 -0.59
C GLN EB 161 97.27 -51.77 -0.15
N ARG EB 162 96.65 -52.84 -0.66
CA ARG EB 162 95.31 -53.24 -0.31
C ARG EB 162 95.34 -54.52 0.53
N SER EB 163 94.15 -55.05 0.78
CA SER EB 163 93.97 -56.37 1.36
C SER EB 163 93.31 -57.29 0.34
N ARG EB 164 93.71 -58.56 0.35
CA ARG EB 164 93.17 -59.52 -0.59
C ARG EB 164 91.73 -59.87 -0.23
N ASP EB 165 90.91 -60.07 -1.26
CA ASP EB 165 89.49 -60.27 -1.07
C ASP EB 165 89.18 -61.65 -0.51
N GLN EB 166 87.92 -61.85 -0.14
CA GLN EB 166 87.43 -63.12 0.36
C GLN EB 166 86.15 -63.49 -0.40
N ILE EB 167 86.11 -64.72 -0.92
CA ILE EB 167 84.99 -65.15 -1.73
C ILE EB 167 84.54 -66.54 -1.29
N ALA EB 168 83.36 -66.95 -1.72
CA ALA EB 168 82.87 -68.31 -1.47
C ALA EB 168 82.02 -68.72 -2.66
N THR EB 169 82.26 -69.92 -3.17
CA THR EB 169 81.62 -70.40 -4.40
C THR EB 169 80.61 -71.48 -4.03
N VAL EB 170 79.34 -71.23 -4.31
CA VAL EB 170 78.27 -72.16 -4.00
C VAL EB 170 78.17 -73.16 -5.13
N TRP EB 171 77.62 -74.34 -4.84
CA TRP EB 171 77.40 -75.39 -5.82
C TRP EB 171 75.91 -75.72 -5.84
N ILE EB 172 75.24 -75.38 -6.93
CA ILE EB 172 73.78 -75.49 -7.01
C ILE EB 172 73.41 -76.85 -7.58
N ALA EB 173 72.78 -77.69 -6.76
CA ALA EB 173 72.39 -79.02 -7.17
C ALA EB 173 71.28 -78.96 -8.21
N PRO EB 174 71.08 -80.03 -8.99
CA PRO EB 174 70.06 -80.00 -10.06
C PRO EB 174 68.69 -79.64 -9.52
N TRP EB 175 68.01 -78.75 -10.24
CA TRP EB 175 66.66 -78.30 -9.83
C TRP EB 175 65.80 -78.13 -11.09
N VAL EB 176 64.50 -78.33 -10.99
CA VAL EB 176 63.61 -78.08 -12.17
C VAL EB 176 63.07 -76.69 -12.02
N ASP EB 177 62.85 -75.98 -13.11
CA ASP EB 177 62.45 -74.57 -13.04
C ASP EB 177 60.96 -74.44 -12.75
N SER EB 178 60.43 -73.24 -12.87
CA SER EB 178 58.97 -73.06 -12.72
C SER EB 178 58.38 -73.12 -14.12
N ASP EB 179 59.23 -73.29 -15.14
CA ASP EB 179 58.75 -73.47 -16.53
C ASP EB 179 59.41 -74.71 -17.11
N ASN EB 180 59.37 -75.82 -16.36
CA ASN EB 180 60.00 -77.10 -16.76
C ASN EB 180 61.28 -76.96 -17.59
N ALA EB 181 62.42 -76.76 -16.93
CA ALA EB 181 63.72 -76.75 -17.64
C ALA EB 181 64.76 -77.27 -16.65
N PHE EB 182 65.14 -78.54 -16.72
CA PHE EB 182 66.07 -79.13 -15.73
C PHE EB 182 67.39 -78.39 -15.79
N HIS EB 183 67.77 -77.67 -14.72
CA HIS EB 183 69.09 -77.00 -14.67
C HIS EB 183 70.06 -77.96 -14.00
N GLN EB 184 71.18 -78.28 -14.65
CA GLN EB 184 72.13 -79.28 -14.12
C GLN EB 184 73.03 -78.62 -13.08
N PRO EB 185 73.91 -79.33 -12.33
CA PRO EB 185 74.68 -78.69 -11.26
C PRO EB 185 75.50 -77.49 -11.76
N GLY EB 186 75.84 -76.53 -10.89
CA GLY EB 186 76.55 -75.34 -11.41
C GLY EB 186 77.19 -74.54 -10.31
N ARG EB 187 77.72 -73.33 -10.57
CA ARG EB 187 78.41 -72.64 -9.49
C ARG EB 187 78.05 -71.16 -9.55
N VAL EB 188 77.92 -70.55 -8.38
CA VAL EB 188 77.73 -69.10 -8.27
C VAL EB 188 78.68 -68.60 -7.19
N SER EB 189 79.36 -67.50 -7.47
CA SER EB 189 80.39 -66.96 -6.59
C SER EB 189 80.03 -65.55 -6.16
N PHE EB 190 80.46 -65.18 -4.96
CA PHE EB 190 80.16 -63.88 -4.38
C PHE EB 190 81.22 -63.52 -3.37
N VAL EB 191 81.31 -62.24 -3.05
CA VAL EB 191 82.31 -61.71 -2.14
C VAL EB 191 81.66 -61.44 -0.78
N VAL EB 192 82.41 -61.70 0.28
CA VAL EB 192 81.89 -61.57 1.64
C VAL EB 192 82.48 -60.37 2.37
N SER EB 193 83.79 -60.17 2.29
CA SER EB 193 84.48 -59.11 3.02
C SER EB 193 85.25 -58.27 2.02
N PRO EB 194 84.66 -57.18 1.51
CA PRO EB 194 85.31 -56.38 0.48
C PRO EB 194 86.63 -55.80 0.97
N ALA EB 195 87.56 -55.62 0.04
CA ALA EB 195 88.90 -55.15 0.37
C ALA EB 195 88.88 -53.70 0.88
N ASP EB 196 89.70 -53.43 1.90
CA ASP EB 196 89.91 -52.11 2.47
C ASP EB 196 91.38 -51.92 2.78
N TRP EB 197 91.79 -50.65 2.90
CA TRP EB 197 93.20 -50.34 3.11
C TRP EB 197 93.71 -50.97 4.39
N VAL EB 198 94.91 -51.53 4.31
CA VAL EB 198 95.58 -52.10 5.47
C VAL EB 198 96.19 -50.96 6.27
N LEU EB 199 95.90 -50.94 7.58
CA LEU EB 199 96.45 -49.87 8.41
C LEU EB 199 97.87 -50.20 8.85
N PRO EB 200 98.86 -49.41 8.42
CA PRO EB 200 100.25 -49.75 8.72
C PRO EB 200 100.55 -49.69 10.21
N ALA EB 201 101.47 -50.56 10.64
CA ALA EB 201 101.92 -50.61 12.02
C ALA EB 201 103.33 -50.06 12.18
N ARG EB 202 103.99 -49.67 11.10
CA ARG EB 202 105.32 -49.10 11.13
C ARG EB 202 105.32 -47.82 10.32
N VAL EB 203 105.84 -46.75 10.91
CA VAL EB 203 106.00 -45.47 10.20
C VAL EB 203 107.38 -44.90 10.46
N PRO FB 1 20.01 -88.82 33.38
CA PRO FB 1 20.55 -90.17 33.56
C PRO FB 1 21.15 -90.76 32.28
N GLY FB 2 21.11 -90.03 31.17
CA GLY FB 2 21.71 -90.51 29.95
C GLY FB 2 22.19 -89.46 28.96
N MET FB 3 22.12 -88.19 29.33
CA MET FB 3 22.42 -87.12 28.38
C MET FB 3 23.93 -87.05 28.09
N MET FB 4 24.28 -86.34 27.02
CA MET FB 4 25.63 -86.33 26.48
C MET FB 4 26.35 -85.04 26.86
N ASP FB 5 27.61 -84.94 26.44
CA ASP FB 5 28.48 -83.79 26.69
C ASP FB 5 28.96 -83.26 25.35
N SER FB 6 28.11 -82.54 24.64
CA SER FB 6 28.39 -82.14 23.27
C SER FB 6 28.82 -80.68 23.26
N GLN FB 7 29.83 -80.37 22.47
CA GLN FB 7 30.37 -79.02 22.38
C GLN FB 7 30.83 -78.73 20.96
N GLU FB 8 30.81 -77.45 20.59
CA GLU FB 8 31.30 -77.01 19.30
C GLU FB 8 32.25 -75.84 19.51
N PHE FB 9 33.41 -75.89 18.86
CA PHE FB 9 34.42 -74.85 18.98
C PHE FB 9 34.34 -73.97 17.75
N SER FB 10 34.14 -72.67 17.97
CA SER FB 10 34.10 -71.67 16.91
C SER FB 10 33.10 -72.05 15.81
N ALA GB 1 38.19 -98.55 14.75
CA ALA GB 1 39.45 -99.18 15.10
C ALA GB 1 39.63 -100.25 14.08
N GLN GB 2 38.74 -101.22 14.17
CA GLN GB 2 38.42 -102.09 13.05
C GLN GB 2 37.73 -101.24 12.00
N SER GB 3 37.50 -101.79 10.81
CA SER GB 3 36.67 -101.10 9.86
C SER GB 3 35.27 -100.95 10.43
N PRO GB 4 34.57 -99.86 10.12
CA PRO GB 4 33.17 -99.75 10.56
C PRO GB 4 32.37 -100.92 10.04
N ALA GB 5 31.47 -101.44 10.88
CA ALA GB 5 30.66 -102.58 10.49
C ALA GB 5 29.70 -102.16 9.39
N THR GB 6 29.76 -102.87 8.25
CA THR GB 6 29.05 -102.48 7.04
C THR GB 6 27.91 -103.45 6.77
N ILE GB 7 26.79 -102.93 6.26
CA ILE GB 7 25.57 -103.70 6.06
C ILE GB 7 24.93 -103.29 4.74
N SER GB 8 23.91 -104.07 4.33
CA SER GB 8 23.30 -103.89 3.01
C SER GB 8 22.07 -102.99 3.03
N LEU GB 9 21.01 -103.40 3.74
CA LEU GB 9 19.82 -102.56 3.89
C LEU GB 9 19.23 -102.01 2.59
N PRO GB 10 18.48 -102.80 1.81
CA PRO GB 10 17.72 -102.21 0.70
C PRO GB 10 16.77 -101.12 1.18
N GLN GB 11 16.11 -100.43 0.24
CA GLN GB 11 15.27 -99.27 0.61
C GLN GB 11 14.15 -99.74 1.52
N GLY GB 12 14.24 -99.39 2.80
CA GLY GB 12 13.28 -99.84 3.77
C GLY GB 12 13.53 -101.23 4.33
N GLY GB 13 14.79 -101.64 4.44
CA GLY GB 13 15.08 -102.95 4.96
C GLY GB 13 15.19 -102.99 6.47
N GLN GB 14 15.32 -104.21 6.99
CA GLN GB 14 15.53 -104.46 8.41
C GLN GB 14 16.88 -105.13 8.60
N PHE GB 15 17.60 -104.74 9.64
CA PHE GB 15 18.81 -105.45 10.01
C PHE GB 15 18.89 -105.60 11.52
N ARG GB 16 19.36 -106.76 11.96
CA ARG GB 16 19.46 -107.08 13.38
C ARG GB 16 20.87 -106.78 13.87
N LEU GB 17 20.99 -105.87 14.82
CA LEU GB 17 22.29 -105.45 15.35
C LEU GB 17 22.18 -105.32 16.86
N SER GB 18 23.22 -104.75 17.49
CA SER GB 18 23.23 -104.56 18.93
C SER GB 18 23.89 -103.24 19.27
N ILE GB 19 23.32 -102.52 20.24
CA ILE GB 19 23.85 -101.25 20.71
C ILE GB 19 24.09 -101.34 22.21
N SER GB 20 24.73 -100.32 22.75
CA SER GB 20 25.14 -100.28 24.14
C SER GB 20 24.39 -99.20 24.89
N ASN GB 21 23.93 -99.52 26.10
CA ASN GB 21 23.14 -98.59 26.89
C ASN GB 21 23.97 -97.52 27.58
N THR GB 22 25.26 -97.76 27.78
CA THR GB 22 26.21 -96.69 28.05
C THR GB 22 26.76 -96.23 26.70
N ASP GB 23 27.84 -95.43 26.71
CA ASP GB 23 28.69 -95.33 25.53
C ASP GB 23 27.94 -94.99 24.26
N PRO GB 24 27.59 -93.71 24.03
CA PRO GB 24 26.67 -93.38 22.94
C PRO GB 24 27.16 -93.91 21.59
N ASN GB 25 26.21 -94.33 20.77
CA ASN GB 25 26.53 -95.00 19.52
C ASN GB 25 26.50 -93.99 18.37
N MET GB 26 26.73 -94.48 17.16
CA MET GB 26 26.63 -93.65 15.98
C MET GB 26 26.29 -94.51 14.77
N ILE GB 27 25.30 -94.06 13.99
CA ILE GB 27 25.01 -94.63 12.68
C ILE GB 27 25.15 -93.49 11.67
N PHE GB 28 25.93 -93.72 10.61
CA PHE GB 28 26.12 -92.69 9.60
C PHE GB 28 26.05 -93.31 8.21
N ILE GB 29 25.68 -92.48 7.25
CA ILE GB 29 25.47 -92.88 5.86
C ILE GB 29 26.48 -92.16 4.98
N PRO GB 30 27.29 -92.88 4.20
CA PRO GB 30 28.16 -92.20 3.23
C PRO GB 30 27.39 -91.79 1.99
N GLY GB 31 27.67 -90.57 1.53
CA GLY GB 31 26.99 -90.02 0.38
C GLY GB 31 25.77 -89.17 0.71
N ASP GB 32 25.31 -89.18 1.95
CA ASP GB 32 24.12 -88.45 2.36
C ASP GB 32 24.33 -87.88 3.75
N LYS GB 33 23.27 -87.30 4.31
CA LYS GB 33 23.28 -86.81 5.68
C LYS GB 33 21.92 -87.09 6.32
N VAL GB 34 21.94 -87.67 7.52
CA VAL GB 34 20.71 -88.05 8.20
C VAL GB 34 20.04 -86.81 8.75
N THR GB 35 18.74 -86.65 8.46
CA THR GB 35 17.99 -85.49 8.90
C THR GB 35 16.85 -85.82 9.85
N ALA GB 36 16.59 -87.09 10.10
CA ALA GB 36 15.51 -87.45 11.01
C ALA GB 36 15.79 -88.82 11.61
N ILE GB 37 15.25 -89.04 12.81
CA ILE GB 37 15.26 -90.35 13.44
C ILE GB 37 14.17 -90.41 14.49
N THR GB 38 13.37 -91.47 14.46
CA THR GB 38 12.27 -91.66 15.39
C THR GB 38 12.26 -93.11 15.82
N ALA GB 39 12.69 -93.39 17.04
CA ALA GB 39 12.89 -94.75 17.51
C ALA GB 39 12.14 -94.97 18.81
N PRO GB 40 10.82 -95.03 18.75
CA PRO GB 40 10.06 -95.38 19.94
C PRO GB 40 10.11 -96.88 20.19
N GLY GB 41 9.34 -97.36 21.15
CA GLY GB 41 9.42 -98.71 21.59
C GLY GB 41 10.28 -98.92 22.81
N GLY GB 42 11.42 -98.23 22.89
CA GLY GB 42 12.30 -98.33 24.04
C GLY GB 42 12.70 -96.98 24.59
N MET GB 43 12.34 -95.91 23.87
CA MET GB 43 12.49 -94.52 24.33
C MET GB 43 13.95 -94.19 24.65
N LEU GB 44 14.75 -94.14 23.59
CA LEU GB 44 16.13 -93.72 23.70
C LEU GB 44 16.25 -92.36 24.42
N ALA GB 45 17.41 -92.13 25.02
CA ALA GB 45 17.59 -90.95 25.86
C ALA GB 45 17.54 -89.67 25.05
N ASP GB 46 18.42 -89.53 24.06
CA ASP GB 46 18.47 -88.30 23.28
C ASP GB 46 19.05 -88.57 21.91
N LYS GB 47 18.87 -87.61 21.01
CA LYS GB 47 19.42 -87.67 19.66
C LYS GB 47 20.14 -86.37 19.37
N ARG GB 48 21.21 -86.46 18.57
CA ARG GB 48 22.02 -85.29 18.27
C ARG GB 48 22.61 -85.46 16.87
N LEU GB 49 22.23 -84.58 15.95
CA LEU GB 49 22.63 -84.68 14.56
C LEU GB 49 23.95 -83.94 14.35
N THR GB 50 24.98 -84.69 13.94
CA THR GB 50 26.31 -84.12 13.79
C THR GB 50 26.38 -83.28 12.52
N THR GB 51 27.58 -82.78 12.22
CA THR GB 51 27.77 -82.01 11.00
C THR GB 51 28.26 -82.86 9.84
N ALA GB 52 28.91 -83.99 10.11
CA ALA GB 52 29.34 -84.88 9.05
C ALA GB 52 28.14 -85.42 8.28
N GLY GB 53 27.08 -85.79 8.99
CA GLY GB 53 25.92 -86.38 8.37
C GLY GB 53 25.44 -87.62 9.10
N GLY GB 54 25.97 -87.86 10.29
CA GLY GB 54 25.55 -88.95 11.13
C GLY GB 54 24.56 -88.50 12.20
N VAL GB 55 24.14 -89.47 13.01
CA VAL GB 55 23.23 -89.20 14.12
C VAL GB 55 23.76 -89.92 15.35
N LEU GB 56 23.79 -89.22 16.48
CA LEU GB 56 24.25 -89.76 17.74
C LEU GB 56 23.08 -89.97 18.68
N PHE GB 57 23.09 -91.08 19.40
CA PHE GB 57 21.99 -91.46 20.26
C PHE GB 57 22.53 -92.29 21.41
N THR GB 58 21.65 -92.58 22.36
CA THR GB 58 21.99 -93.52 23.42
C THR GB 58 20.72 -94.02 24.08
N SER GB 59 20.66 -95.32 24.31
CA SER GB 59 19.51 -95.94 24.94
C SER GB 59 19.84 -96.27 26.39
N VAL GB 60 18.79 -96.40 27.20
CA VAL GB 60 18.92 -96.88 28.57
C VAL GB 60 17.96 -98.02 28.88
N ALA GB 61 17.13 -98.42 27.92
CA ALA GB 61 16.20 -99.52 28.14
C ALA GB 61 16.96 -100.84 28.20
N THR GB 62 16.20 -101.94 28.31
CA THR GB 62 16.80 -103.27 28.40
C THR GB 62 16.11 -104.29 27.50
N ARG GB 63 15.44 -103.84 26.44
CA ARG GB 63 14.73 -104.76 25.57
C ARG GB 63 14.88 -104.32 24.12
N THR GB 64 14.54 -105.24 23.22
CA THR GB 64 14.67 -105.01 21.79
C THR GB 64 13.57 -104.11 21.28
N PHE GB 65 13.93 -103.17 20.40
CA PHE GB 65 12.97 -102.26 19.81
C PHE GB 65 13.35 -102.05 18.35
N THR GB 66 12.79 -101.01 17.73
CA THR GB 66 13.12 -100.67 16.37
C THR GB 66 13.51 -99.21 16.29
N ILE GB 67 14.36 -98.89 15.33
CA ILE GB 67 14.84 -97.52 15.09
C ILE GB 67 14.66 -97.21 13.63
N PHE GB 68 14.03 -96.08 13.33
CA PHE GB 68 13.78 -95.66 11.95
C PHE GB 68 14.65 -94.45 11.65
N VAL GB 69 15.68 -94.64 10.85
CA VAL GB 69 16.58 -93.58 10.45
C VAL GB 69 16.20 -93.13 9.05
N GLU GB 70 16.02 -91.83 8.88
CA GLU GB 70 15.54 -91.28 7.61
C GLU GB 70 16.54 -90.26 7.09
N THR GB 71 16.78 -90.31 5.78
CA THR GB 71 17.80 -89.51 5.14
C THR GB 71 17.17 -88.26 4.53
N ALA GB 72 17.98 -87.48 3.81
CA ALA GB 72 17.49 -86.28 3.16
C ALA GB 72 17.07 -86.50 1.71
N LEU GB 73 17.64 -87.49 1.04
CA LEU GB 73 17.32 -87.79 -0.35
C LEU GB 73 16.17 -88.77 -0.49
N GLY GB 74 15.26 -88.80 0.47
CA GLY GB 74 14.16 -89.74 0.41
C GLY GB 74 14.62 -91.18 0.55
N GLN GB 75 15.47 -91.42 1.53
CA GLN GB 75 15.90 -92.77 1.88
C GLN GB 75 15.43 -93.07 3.29
N THR GB 76 14.87 -94.26 3.50
CA THR GB 76 14.37 -94.66 4.80
C THR GB 76 14.78 -96.09 5.09
N PHE GB 77 15.46 -96.30 6.21
CA PHE GB 77 15.93 -97.61 6.62
C PHE GB 77 15.32 -97.96 7.95
N SER GB 78 15.68 -99.12 8.48
CA SER GB 78 15.15 -99.56 9.77
C SER GB 78 16.12 -100.56 10.37
N VAL GB 79 16.52 -100.31 11.61
CA VAL GB 79 17.46 -101.19 12.31
C VAL GB 79 16.83 -101.63 13.62
N VAL GB 80 16.91 -102.91 13.91
CA VAL GB 80 16.33 -103.48 15.13
C VAL GB 80 17.48 -103.63 16.13
N ALA GB 81 17.57 -102.70 17.06
CA ALA GB 81 18.67 -102.66 18.01
C ALA GB 81 18.45 -103.67 19.14
N THR GB 82 19.45 -103.77 20.00
CA THR GB 82 19.36 -104.54 21.23
C THR GB 82 20.39 -104.04 22.24
N PRO GB 83 19.97 -103.39 23.32
CA PRO GB 83 20.94 -102.86 24.27
C PRO GB 83 21.77 -103.95 24.93
N VAL GB 84 23.08 -103.68 25.07
CA VAL GB 84 24.03 -104.57 25.72
C VAL GB 84 24.91 -103.75 26.66
N LYS GB 85 25.95 -104.38 27.22
CA LYS GB 85 26.75 -103.79 28.30
C LYS GB 85 27.48 -102.50 27.92
N GLY GB 86 28.45 -102.56 27.01
CA GLY GB 86 29.27 -101.39 26.77
C GLY GB 86 30.07 -101.44 25.49
N GLU GB 87 31.09 -100.57 25.43
CA GLU GB 87 31.97 -100.39 24.26
C GLU GB 87 31.16 -99.92 23.05
N GLY GB 88 30.71 -98.67 23.14
CA GLY GB 88 29.92 -98.03 22.10
C GLY GB 88 30.40 -98.28 20.68
N ARG GB 89 29.48 -98.42 19.74
CA ARG GB 89 29.76 -98.96 18.43
C ARG GB 89 29.41 -97.97 17.33
N VAL GB 90 30.05 -98.14 16.18
CA VAL GB 90 29.80 -97.31 15.00
C VAL GB 90 29.49 -98.23 13.82
N TYR GB 91 28.37 -97.98 13.15
CA TYR GB 91 27.95 -98.75 12.00
C TYR GB 91 27.87 -97.86 10.77
N ARG GB 92 27.88 -98.50 9.61
CA ARG GB 92 27.80 -97.80 8.33
C ARG GB 92 26.64 -98.36 7.52
N LEU GB 93 25.94 -97.47 6.82
CA LEU GB 93 24.81 -97.84 5.98
C LEU GB 93 25.20 -97.69 4.53
N MET GB 94 24.71 -98.58 3.68
CA MET GB 94 25.02 -98.53 2.25
C MET GB 94 23.76 -98.91 1.48
N SER GB 95 23.03 -97.91 0.99
CA SER GB 95 21.81 -98.20 0.25
C SER GB 95 22.11 -99.06 -0.97
N ALA GB 96 21.37 -100.16 -1.11
CA ALA GB 96 21.52 -101.02 -2.27
C ALA GB 96 20.79 -100.48 -3.49
N GLU GB 97 19.79 -99.61 -3.29
CA GLU GB 97 19.12 -98.93 -4.39
C GLU GB 97 19.53 -97.47 -4.39
N PRO GB 98 20.30 -97.00 -5.37
CA PRO GB 98 20.74 -95.61 -5.36
C PRO GB 98 19.56 -94.67 -5.41
N PRO GB 99 19.65 -93.52 -4.74
CA PRO GB 99 18.56 -92.54 -4.77
C PRO GB 99 18.58 -91.68 -6.02
N SER GB 100 17.74 -90.65 -6.06
CA SER GB 100 17.66 -89.75 -7.20
C SER GB 100 18.15 -88.36 -6.80
N ARG GB 101 19.07 -87.81 -7.59
CA ARG GB 101 19.68 -86.52 -7.33
C ARG GB 101 19.56 -85.66 -8.59
N PRO GB 102 18.49 -84.86 -8.71
CA PRO GB 102 18.31 -84.07 -9.94
C PRO GB 102 19.44 -83.10 -10.24
N GLU GB 103 20.18 -82.65 -9.21
CA GLU GB 103 21.37 -81.86 -9.48
C GLU GB 103 22.37 -82.65 -10.33
N THR GB 104 22.59 -83.91 -9.99
CA THR GB 104 23.44 -84.75 -10.82
C THR GB 104 22.81 -85.01 -12.18
N ARG GB 105 21.48 -85.02 -12.26
CA ARG GB 105 20.83 -85.13 -13.56
C ARG GB 105 21.23 -83.98 -14.48
N LYS GB 106 21.09 -82.75 -14.00
CA LYS GB 106 21.44 -81.62 -14.86
C LYS GB 106 22.95 -81.54 -15.10
N TRP GB 107 23.77 -81.93 -14.12
CA TRP GB 107 25.21 -81.94 -14.33
C TRP GB 107 25.59 -82.95 -15.42
N GLU GB 108 24.96 -84.12 -15.42
CA GLU GB 108 25.29 -85.15 -16.41
C GLU GB 108 24.79 -84.76 -17.80
N THR GB 109 23.55 -84.28 -17.89
CA THR GB 109 23.03 -83.90 -19.20
C THR GB 109 23.66 -82.62 -19.72
N ALA GB 110 24.35 -81.86 -18.87
CA ALA GB 110 24.96 -80.62 -19.33
C ALA GB 110 26.04 -80.88 -20.38
N GLN GB 111 26.84 -81.91 -20.20
CA GLN GB 111 28.00 -82.15 -21.04
C GLN GB 111 27.71 -83.28 -22.03
N ALA GB 112 28.72 -83.66 -22.80
CA ALA GB 112 28.57 -84.66 -23.85
C ALA GB 112 28.52 -86.04 -23.22
N TYR GB 113 28.63 -87.09 -24.03
CA TYR GB 113 28.58 -88.45 -23.52
C TYR GB 113 29.96 -89.06 -23.34
N GLU GB 114 30.79 -89.04 -24.39
CA GLU GB 114 32.10 -89.67 -24.29
C GLU GB 114 32.99 -88.93 -23.31
N LYS GB 115 32.95 -87.60 -23.31
CA LYS GB 115 33.73 -86.86 -22.31
C LYS GB 115 33.20 -87.13 -20.91
N LEU GB 116 31.91 -87.42 -20.77
CA LEU GB 116 31.37 -87.75 -19.46
C LEU GB 116 31.89 -89.10 -18.98
N LEU GB 117 31.92 -90.08 -19.88
CA LEU GB 117 32.52 -91.37 -19.53
C LEU GB 117 33.98 -91.21 -19.14
N ILE GB 118 34.70 -90.35 -19.85
CA ILE GB 118 36.11 -90.11 -19.50
C ILE GB 118 36.23 -89.45 -18.14
N SER GB 119 35.36 -88.48 -17.84
CA SER GB 119 35.38 -87.85 -16.52
C SER GB 119 35.17 -88.87 -15.42
N LEU GB 120 34.13 -89.69 -15.54
CA LEU GB 120 33.90 -90.70 -14.52
C LEU GB 120 35.05 -91.68 -14.42
N ASN GB 121 35.61 -92.08 -15.55
CA ASN GB 121 36.68 -93.07 -15.54
C ASN GB 121 37.93 -92.54 -14.85
N ARG GB 122 38.30 -91.30 -15.12
CA ARG GB 122 39.49 -90.76 -14.46
C ARG GB 122 39.21 -90.47 -12.99
N ALA GB 123 37.98 -90.11 -12.64
CA ALA GB 123 37.67 -89.94 -11.22
C ALA GB 123 37.73 -91.27 -10.47
N VAL GB 124 37.42 -92.38 -11.15
CA VAL GB 124 37.60 -93.68 -10.53
C VAL GB 124 39.08 -94.02 -10.41
N LEU GB 125 39.86 -93.77 -11.47
CA LEU GB 125 41.27 -94.15 -11.46
C LEU GB 125 42.05 -93.37 -10.41
N THR GB 126 41.94 -92.04 -10.43
CA THR GB 126 42.73 -91.23 -9.50
C THR GB 126 42.21 -91.37 -8.08
N GLY GB 127 40.95 -91.02 -7.85
CA GLY GB 127 40.36 -91.16 -6.54
C GLY GB 127 39.40 -90.03 -6.18
N ASP GB 128 39.55 -88.88 -6.83
CA ASP GB 128 38.69 -87.73 -6.54
C ASP GB 128 37.31 -87.94 -7.14
N ILE GB 129 36.40 -88.48 -6.36
CA ILE GB 129 35.02 -88.67 -6.82
C ILE GB 129 34.38 -87.31 -7.05
N PRO GB 130 33.62 -87.12 -8.13
CA PRO GB 130 32.97 -85.83 -8.35
C PRO GB 130 32.00 -85.50 -7.22
N ASP GB 131 31.58 -84.24 -7.18
CA ASP GB 131 30.60 -83.81 -6.20
C ASP GB 131 29.21 -84.17 -6.71
N GLY GB 132 28.43 -84.84 -5.87
CA GLY GB 132 27.12 -85.32 -6.24
C GLY GB 132 27.04 -86.81 -6.43
N TYR GB 133 28.16 -87.52 -6.44
CA TYR GB 133 28.16 -88.97 -6.61
C TYR GB 133 28.33 -89.63 -5.25
N GLY GB 134 27.40 -90.51 -4.92
CA GLY GB 134 27.39 -91.17 -3.63
C GLY GB 134 28.28 -92.38 -3.60
N GLU GB 135 27.96 -93.29 -2.68
CA GLU GB 135 28.66 -94.56 -2.56
C GLU GB 135 27.60 -95.60 -2.20
N VAL GB 136 27.38 -96.56 -3.09
CA VAL GB 136 26.35 -97.55 -2.92
C VAL GB 136 26.98 -98.93 -2.79
N LYS GB 137 26.15 -99.91 -2.53
CA LYS GB 137 26.65 -101.27 -2.37
C LYS GB 137 27.08 -101.82 -3.72
N PRO GB 138 28.25 -102.44 -3.82
CA PRO GB 138 28.69 -103.01 -5.10
C PRO GB 138 27.86 -104.22 -5.46
N LEU GB 139 27.27 -104.18 -6.65
CA LEU GB 139 26.39 -105.26 -7.10
C LEU GB 139 27.19 -106.39 -7.71
N SER GB 140 26.90 -107.61 -7.26
CA SER GB 140 27.56 -108.79 -7.81
C SER GB 140 27.08 -109.03 -9.24
N ASP GB 141 27.68 -110.05 -9.87
CA ASP GB 141 27.35 -110.59 -11.18
C ASP GB 141 26.80 -109.54 -12.13
N GLY GB 142 27.55 -108.45 -12.31
CA GLY GB 142 27.24 -107.42 -13.27
C GLY GB 142 28.04 -107.49 -14.55
N ILE GB 143 28.85 -108.55 -14.74
CA ILE GB 143 29.63 -108.75 -15.94
C ILE GB 143 29.62 -110.23 -16.29
N ARG GB 144 30.06 -110.55 -17.51
CA ARG GB 144 30.15 -111.92 -17.95
C ARG GB 144 31.39 -112.59 -17.37
N LEU GB 145 31.47 -113.92 -17.54
CA LEU GB 145 32.63 -114.70 -17.12
C LEU GB 145 33.07 -115.60 -18.26
N PRO GB 146 33.94 -115.10 -19.16
CA PRO GB 146 34.44 -115.89 -20.28
C PRO GB 146 35.63 -116.77 -19.89
N GLY GB 147 35.31 -117.92 -19.32
CA GLY GB 147 36.29 -118.85 -18.82
C GLY GB 147 36.21 -118.97 -17.31
N GLY GB 148 37.21 -119.63 -16.74
CA GLY GB 148 37.22 -119.79 -15.30
C GLY GB 148 37.88 -118.62 -14.60
N PHE GB 149 37.07 -117.67 -14.17
CA PHE GB 149 37.54 -116.45 -13.53
C PHE GB 149 36.80 -116.28 -12.21
N SER GB 150 37.41 -115.54 -11.29
CA SER GB 150 36.86 -115.32 -9.96
C SER GB 150 36.76 -113.82 -9.71
N VAL GB 151 35.55 -113.29 -9.85
CA VAL GB 151 35.30 -111.86 -9.65
C VAL GB 151 35.01 -111.62 -8.17
N THR GB 152 35.37 -110.44 -7.69
CA THR GB 152 35.16 -110.06 -6.29
C THR GB 152 34.98 -108.54 -6.24
N PRO GB 153 33.75 -108.06 -6.04
CA PRO GB 153 33.52 -106.62 -6.06
C PRO GB 153 34.23 -105.89 -4.94
N LEU GB 154 34.62 -104.65 -5.21
CA LEU GB 154 35.37 -103.83 -4.26
C LEU GB 154 34.58 -102.62 -3.78
N LYS GB 155 34.12 -101.77 -4.70
CA LYS GB 155 33.44 -100.54 -4.32
C LYS GB 155 32.62 -100.04 -5.49
N ALA GB 156 31.66 -99.17 -5.19
CA ALA GB 156 30.76 -98.65 -6.21
C ALA GB 156 30.39 -97.22 -5.91
N TRP GB 157 30.22 -96.44 -6.97
CA TRP GB 157 29.79 -95.05 -6.88
C TRP GB 157 28.61 -94.86 -7.83
N ALA GB 158 27.58 -94.15 -7.39
CA ALA GB 158 26.35 -94.06 -8.17
C ALA GB 158 25.55 -92.82 -7.82
N GLY GB 159 25.00 -92.18 -8.85
CA GLY GB 159 23.86 -91.32 -8.63
C GLY GB 159 23.11 -90.91 -9.89
N ASP GB 160 21.82 -91.26 -9.91
CA ASP GB 160 20.80 -90.81 -10.86
C ASP GB 160 21.03 -91.21 -12.31
N GLN GB 161 22.22 -91.69 -12.64
CA GLN GB 161 22.58 -92.10 -13.99
C GLN GB 161 23.99 -92.64 -13.96
N LEU GB 162 24.23 -93.68 -14.76
CA LEU GB 162 25.56 -94.23 -14.95
C LEU GB 162 26.24 -94.57 -13.63
N ARG GB 163 25.66 -95.54 -12.94
CA ARG GB 163 26.31 -96.11 -11.77
C ARG GB 163 27.63 -96.74 -12.19
N ALA GB 164 28.68 -96.49 -11.42
CA ALA GB 164 30.02 -96.96 -11.73
C ALA GB 164 30.46 -98.02 -10.72
N ASP GB 165 31.10 -99.07 -11.21
CA ASP GB 165 31.50 -100.18 -10.35
C ASP GB 165 33.01 -100.36 -10.41
N ARG GB 166 33.49 -101.35 -9.66
CA ARG GB 166 34.88 -101.78 -9.68
C ARG GB 166 34.93 -103.26 -9.32
N TYR GB 167 35.65 -104.04 -10.12
CA TYR GB 167 35.72 -105.48 -9.90
C TYR GB 167 37.16 -105.95 -9.81
N GLU GB 168 37.36 -107.26 -9.85
CA GLU GB 168 38.70 -107.84 -9.94
C GLU GB 168 38.61 -109.13 -10.72
N LEU GB 169 39.49 -109.28 -11.71
CA LEU GB 169 39.54 -110.49 -12.53
C LEU GB 169 40.76 -111.32 -12.16
N ARG GB 170 40.55 -112.61 -11.93
CA ARG GB 170 41.62 -113.52 -11.54
C ARG GB 170 41.59 -114.73 -12.45
N ASN GB 171 42.75 -115.10 -13.00
CA ASN GB 171 42.84 -116.28 -13.85
C ASN GB 171 43.01 -117.52 -12.99
N ALA GB 172 41.95 -118.33 -12.91
CA ALA GB 172 41.99 -119.59 -12.17
C ALA GB 172 42.56 -120.73 -12.99
N ASN GB 173 42.88 -120.50 -14.26
CA ASN GB 173 43.40 -121.53 -15.14
C ASN GB 173 44.90 -121.67 -14.95
N THR GB 174 45.57 -122.36 -15.88
CA THR GB 174 46.99 -122.63 -15.78
C THR GB 174 47.85 -121.78 -16.71
N TRP GB 175 47.34 -121.41 -17.87
CA TRP GB 175 48.12 -120.72 -18.90
C TRP GB 175 47.64 -119.27 -19.03
N GLY GB 176 48.17 -118.58 -20.04
CA GLY GB 176 47.82 -117.19 -20.30
C GLY GB 176 46.82 -117.09 -21.45
N VAL GB 177 45.76 -116.32 -21.21
CA VAL GB 177 44.66 -116.20 -22.16
C VAL GB 177 44.61 -114.79 -22.73
N ALA GB 178 43.70 -114.55 -23.66
CA ALA GB 178 43.51 -113.23 -24.26
C ALA GB 178 42.37 -112.51 -23.56
N LEU GB 179 42.62 -111.27 -23.17
CA LEU GB 179 41.62 -110.44 -22.47
C LEU GB 179 41.11 -109.39 -23.44
N ARG GB 180 40.06 -109.73 -24.16
CA ARG GB 180 39.41 -108.81 -25.07
C ARG GB 180 38.31 -108.06 -24.30
N GLU GB 181 38.29 -106.73 -24.44
CA GLU GB 181 37.47 -105.91 -23.57
C GLU GB 181 35.97 -106.09 -23.81
N GLN GB 182 35.59 -106.66 -24.95
CA GLN GB 182 34.18 -106.86 -25.27
C GLN GB 182 33.63 -108.20 -24.79
N ASP GB 183 34.47 -109.06 -24.20
CA ASP GB 183 33.93 -110.27 -23.59
C ASP GB 183 33.08 -109.93 -22.38
N PHE GB 184 33.52 -108.99 -21.56
CA PHE GB 184 32.81 -108.64 -20.33
C PHE GB 184 31.73 -107.59 -20.61
N TRP GB 185 30.80 -107.96 -21.47
CA TRP GB 185 29.70 -107.08 -21.83
C TRP GB 185 28.38 -107.74 -21.46
N LYS GB 186 27.41 -106.92 -21.13
CA LYS GB 186 26.06 -107.33 -20.78
C LYS GB 186 25.07 -106.36 -21.39
N PRO GB 187 23.80 -106.70 -21.40
CA PRO GB 187 22.81 -105.71 -21.81
C PRO GB 187 22.60 -104.65 -20.74
N GLY GB 188 23.40 -103.60 -20.77
CA GLY GB 188 23.28 -102.53 -19.78
C GLY GB 188 24.59 -101.87 -19.42
N VAL GB 189 25.70 -102.50 -19.78
CA VAL GB 189 27.03 -101.92 -19.56
C VAL GB 189 27.31 -100.91 -20.66
N ARG GB 190 27.88 -99.76 -20.28
CA ARG GB 190 28.16 -98.70 -21.22
C ARG GB 190 29.63 -98.56 -21.57
N ALA GB 191 30.54 -99.02 -20.71
CA ALA GB 191 31.97 -98.90 -20.98
C ALA GB 191 32.72 -99.93 -20.16
N VAL GB 192 33.94 -100.22 -20.59
CA VAL GB 192 34.83 -101.14 -19.89
C VAL GB 192 36.26 -100.62 -20.00
N MET GB 193 36.98 -100.60 -18.89
CA MET GB 193 38.39 -100.25 -18.87
C MET GB 193 39.19 -101.32 -18.15
N PHE GB 194 40.40 -101.57 -18.64
CA PHE GB 194 41.38 -102.37 -17.92
C PHE GB 194 42.38 -101.41 -17.29
N ASP GB 195 42.61 -101.59 -15.98
CA ASP GB 195 43.35 -100.58 -15.23
C ASP GB 195 44.82 -100.56 -15.62
N ASN GB 196 45.51 -101.70 -15.50
CA ASN GB 196 46.85 -101.81 -16.07
C ASN GB 196 46.75 -102.23 -17.52
N ASN GB 197 47.58 -101.62 -18.37
CA ASN GB 197 47.46 -101.82 -19.81
C ASN GB 197 48.19 -103.11 -20.21
N ALA GB 198 47.68 -104.22 -19.68
CA ALA GB 198 48.21 -105.54 -19.97
C ALA GB 198 47.34 -106.21 -21.01
N GLN GB 199 47.95 -106.61 -22.14
CA GLN GB 199 47.24 -107.33 -23.19
C GLN GB 199 47.04 -108.80 -22.88
N THR GB 200 47.71 -109.32 -21.85
CA THR GB 200 47.56 -110.70 -21.45
C THR GB 200 48.15 -110.87 -20.06
N LEU GB 201 47.41 -111.53 -19.18
CA LEU GB 201 47.86 -111.78 -17.83
C LEU GB 201 48.92 -112.88 -17.80
N MET GB 202 49.27 -113.32 -16.60
CA MET GB 202 50.23 -114.39 -16.43
C MET GB 202 49.66 -115.61 -15.71
N GLY GB 203 48.72 -115.41 -14.80
CA GLY GB 203 48.19 -116.51 -13.99
C GLY GB 203 47.88 -116.04 -12.59
N GLY GB 204 48.46 -114.89 -12.22
CA GLY GB 204 48.19 -114.29 -10.93
C GLY GB 204 47.01 -113.34 -10.99
N GLY GB 205 46.19 -113.39 -9.96
CA GLY GB 205 44.98 -112.59 -9.90
C GLY GB 205 45.15 -111.23 -9.26
N ARG GB 206 45.77 -110.30 -9.98
CA ARG GB 206 45.93 -108.94 -9.49
C ARG GB 206 45.57 -107.94 -10.59
N MET GB 207 44.48 -108.19 -11.30
CA MET GB 207 44.00 -107.27 -12.32
C MET GB 207 42.59 -106.80 -11.97
N THR GB 208 42.40 -105.50 -11.92
CA THR GB 208 41.10 -104.92 -11.66
C THR GB 208 40.51 -104.35 -12.94
N VAL GB 209 39.24 -103.96 -12.86
CA VAL GB 209 38.49 -103.52 -14.04
C VAL GB 209 37.35 -102.64 -13.56
N THR GB 210 37.04 -101.60 -14.34
CA THR GB 210 35.99 -100.66 -14.02
C THR GB 210 34.87 -100.75 -15.04
N VAL GB 211 33.64 -100.82 -14.55
CA VAL GB 211 32.45 -101.01 -15.37
C VAL GB 211 31.48 -99.87 -15.09
N ILE GB 212 30.99 -99.23 -16.14
CA ILE GB 212 30.08 -98.11 -15.99
C ILE GB 212 28.69 -98.53 -16.43
N ARG GB 213 27.88 -99.03 -15.49
CA ARG GB 213 26.55 -99.51 -15.81
C ARG GB 213 25.60 -98.31 -15.94
N GLY GB 214 24.29 -98.59 -15.97
CA GLY GB 214 23.29 -97.55 -16.05
C GLY GB 214 22.18 -97.77 -15.04
N ASN GB 215 21.20 -96.86 -15.08
CA ASN GB 215 20.04 -96.90 -14.19
C ASN GB 215 20.45 -96.90 -12.72
N GLY GB 216 21.51 -96.16 -12.41
CA GLY GB 216 21.99 -96.08 -11.04
C GLY GB 216 21.34 -94.94 -10.28
N ALA HB 1 19.12 -105.36 5.47
CA ALA HB 1 19.26 -106.67 4.86
C ALA HB 1 17.95 -107.16 4.27
N GLN HB 2 17.03 -107.56 5.14
CA GLN HB 2 15.77 -108.15 4.69
C GLN HB 2 15.03 -107.19 3.79
N SER HB 3 14.58 -107.69 2.65
CA SER HB 3 13.85 -106.85 1.71
C SER HB 3 12.46 -106.52 2.27
N PRO HB 4 11.90 -105.37 1.91
CA PRO HB 4 10.53 -105.08 2.31
C PRO HB 4 9.55 -106.05 1.67
N ALA HB 5 8.48 -106.34 2.39
CA ALA HB 5 7.43 -107.20 1.84
C ALA HB 5 6.68 -106.45 0.77
N THR HB 6 6.74 -106.95 -0.47
CA THR HB 6 6.15 -106.28 -1.63
C THR HB 6 4.89 -107.01 -2.07
N ILE HB 7 3.83 -106.23 -2.31
CA ILE HB 7 2.51 -106.77 -2.62
C ILE HB 7 1.84 -105.90 -3.69
N SER HB 8 0.96 -106.53 -4.47
CA SER HB 8 0.27 -105.87 -5.57
C SER HB 8 -1.22 -105.82 -5.28
N LEU HB 9 -1.81 -104.65 -5.46
CA LEU HB 9 -3.23 -104.41 -5.24
C LEU HB 9 -3.86 -103.75 -6.45
N PRO HB 10 -5.14 -104.02 -6.71
CA PRO HB 10 -5.84 -103.24 -7.74
C PRO HB 10 -6.20 -101.87 -7.21
N GLN HB 11 -6.97 -101.09 -7.96
CA GLN HB 11 -7.42 -99.80 -7.48
C GLN HB 11 -8.45 -99.99 -6.38
N GLY HB 12 -8.08 -99.62 -5.15
CA GLY HB 12 -9.00 -99.73 -4.05
C GLY HB 12 -9.10 -101.09 -3.40
N GLY HB 13 -8.10 -101.94 -3.56
CA GLY HB 13 -8.13 -103.26 -2.97
C GLY HB 13 -7.92 -103.21 -1.47
N GLN HB 14 -7.95 -104.38 -0.85
CA GLN HB 14 -7.92 -104.48 0.61
C GLN HB 14 -7.12 -105.69 1.04
N PHE HB 15 -5.87 -105.48 1.43
CA PHE HB 15 -4.92 -106.56 1.69
C PHE HB 15 -4.90 -106.94 3.17
N ARG HB 16 -4.74 -108.24 3.42
CA ARG HB 16 -4.66 -108.80 4.76
C ARG HB 16 -3.19 -108.93 5.16
N LEU HB 17 -2.76 -108.11 6.10
CA LEU HB 17 -1.36 -108.09 6.55
C LEU HB 17 -1.32 -108.11 8.07
N SER HB 18 -0.12 -107.95 8.62
CA SER HB 18 0.07 -107.96 10.07
C SER HB 18 0.99 -106.83 10.48
N ILE HB 19 0.62 -106.13 11.55
CA ILE HB 19 1.44 -105.06 12.12
C ILE HB 19 1.70 -105.40 13.57
N SER HB 20 2.59 -104.62 14.19
CA SER HB 20 2.99 -104.78 15.58
C SER HB 20 2.64 -103.52 16.37
N ASN HB 21 2.09 -103.72 17.57
CA ASN HB 21 1.55 -102.60 18.33
C ASN HB 21 2.63 -101.63 18.79
N THR HB 22 3.68 -102.15 19.43
CA THR HB 22 4.86 -101.32 19.69
C THR HB 22 5.65 -101.16 18.40
N ASP HB 23 6.82 -100.53 18.49
CA ASP HB 23 7.78 -100.62 17.39
C ASP HB 23 7.19 -100.05 16.09
N PRO HB 24 7.13 -98.74 15.92
CA PRO HB 24 6.31 -98.15 14.86
C PRO HB 24 6.49 -98.81 13.50
N ASN HB 25 5.38 -99.00 12.81
CA ASN HB 25 5.33 -99.68 11.53
C ASN HB 25 5.23 -98.66 10.43
N MET HB 26 5.80 -98.96 9.27
CA MET HB 26 5.80 -98.02 8.15
C MET HB 26 5.11 -98.65 6.94
N ILE HB 27 4.36 -97.82 6.22
CA ILE HB 27 3.81 -98.17 4.91
C ILE HB 27 4.17 -97.05 3.96
N PHE HB 28 4.73 -97.40 2.80
CA PHE HB 28 5.09 -96.39 1.83
C PHE HB 28 4.83 -96.91 0.43
N ILE HB 29 4.34 -96.04 -0.44
CA ILE HB 29 4.11 -96.34 -1.85
C ILE HB 29 5.28 -95.79 -2.64
N PRO HB 30 6.05 -96.62 -3.35
CA PRO HB 30 7.20 -96.11 -4.10
C PRO HB 30 6.75 -95.28 -5.28
N GLY HB 31 7.21 -94.04 -5.33
CA GLY HB 31 6.87 -93.12 -6.41
C GLY HB 31 5.80 -92.12 -6.06
N ASP HB 32 5.13 -92.27 -4.93
CA ASP HB 32 4.02 -91.40 -4.55
C ASP HB 32 4.27 -90.77 -3.19
N LYS HB 33 3.36 -89.89 -2.81
CA LYS HB 33 3.37 -89.26 -1.50
C LYS HB 33 2.00 -89.46 -0.86
N VAL HB 34 1.99 -90.12 0.30
CA VAL HB 34 0.74 -90.35 1.01
C VAL HB 34 0.21 -89.02 1.52
N THR HB 35 -1.07 -88.76 1.26
CA THR HB 35 -1.68 -87.48 1.63
C THR HB 35 -2.58 -87.57 2.84
N ALA HB 36 -3.30 -88.67 3.01
CA ALA HB 36 -4.25 -88.79 4.11
C ALA HB 36 -4.24 -90.21 4.64
N ILE HB 37 -5.11 -90.45 5.61
CA ILE HB 37 -5.22 -91.76 6.24
C ILE HB 37 -6.54 -91.78 7.00
N THR HB 38 -7.04 -92.97 7.29
CA THR HB 38 -8.24 -93.13 8.10
C THR HB 38 -8.17 -94.48 8.76
N ALA HB 39 -7.85 -94.51 10.05
CA ALA HB 39 -7.51 -95.76 10.73
C ALA HB 39 -8.40 -95.93 11.95
N PRO HB 40 -9.66 -96.29 11.75
CA PRO HB 40 -10.56 -96.47 12.89
C PRO HB 40 -10.63 -97.92 13.31
N GLY HB 41 -11.30 -98.15 14.43
CA GLY HB 41 -11.37 -99.48 14.98
C GLY HB 41 -10.25 -99.74 15.97
N GLY HB 42 -9.03 -99.34 15.63
CA GLY HB 42 -7.90 -99.57 16.50
C GLY HB 42 -7.50 -98.35 17.31
N MET HB 43 -7.89 -97.17 16.82
CA MET HB 43 -7.61 -95.90 17.46
C MET HB 43 -6.10 -95.75 17.71
N LEU HB 44 -5.33 -95.86 16.63
CA LEU HB 44 -3.88 -95.81 16.77
C LEU HB 44 -3.42 -94.37 17.03
N ALA HB 45 -2.21 -94.25 17.61
CA ALA HB 45 -1.77 -93.02 18.23
C ALA HB 45 -0.89 -92.16 17.34
N ASP HB 46 0.28 -92.65 16.95
CA ASP HB 46 1.22 -91.84 16.18
C ASP HB 46 0.90 -91.92 14.70
N LYS HB 47 1.01 -90.79 14.00
CA LYS HB 47 0.76 -90.71 12.57
C LYS HB 47 1.62 -89.57 12.03
N ARG HB 48 2.75 -89.92 11.42
CA ARG HB 48 3.70 -88.93 10.95
C ARG HB 48 4.04 -89.18 9.49
N LEU HB 49 4.37 -88.10 8.78
CA LEU HB 49 4.81 -88.18 7.39
C LEU HB 49 6.33 -88.14 7.34
N THR HB 50 6.94 -89.16 6.74
CA THR HB 50 8.39 -89.20 6.60
C THR HB 50 8.80 -88.32 5.42
N THR HB 51 10.06 -88.42 5.02
CA THR HB 51 10.55 -87.62 3.89
C THR HB 51 10.44 -88.35 2.57
N ALA HB 52 10.48 -89.69 2.59
CA ALA HB 52 10.30 -90.45 1.35
C ALA HB 52 8.92 -90.21 0.76
N GLY HB 53 7.91 -90.13 1.61
CA GLY HB 53 6.55 -89.92 1.17
C GLY HB 53 5.58 -90.82 1.91
N GLY HB 54 6.08 -91.94 2.42
CA GLY HB 54 5.25 -92.88 3.13
C GLY HB 54 4.88 -92.38 4.51
N VAL HB 55 3.94 -93.09 5.13
CA VAL HB 55 3.41 -92.74 6.44
C VAL HB 55 3.68 -93.88 7.40
N LEU HB 56 4.07 -93.54 8.63
CA LEU HB 56 4.35 -94.51 9.66
C LEU HB 56 3.50 -94.21 10.89
N PHE HB 57 3.19 -95.26 11.65
CA PHE HB 57 2.14 -95.20 12.66
C PHE HB 57 2.52 -96.13 13.80
N THR HB 58 1.69 -96.12 14.85
CA THR HB 58 1.96 -96.97 16.01
C THR HB 58 0.62 -97.34 16.64
N SER HB 59 0.16 -98.57 16.38
CA SER HB 59 -1.10 -99.01 16.92
C SER HB 59 -0.97 -99.31 18.41
N VAL HB 60 -2.11 -99.38 19.10
CA VAL HB 60 -2.12 -99.70 20.51
C VAL HB 60 -3.18 -100.74 20.84
N ALA HB 61 -4.07 -101.00 19.88
CA ALA HB 61 -5.25 -101.83 20.13
C ALA HB 61 -4.85 -103.30 20.21
N THR HB 62 -5.84 -104.19 20.20
CA THR HB 62 -5.60 -105.61 20.42
C THR HB 62 -6.44 -106.50 19.50
N ARG HB 63 -7.21 -105.92 18.58
CA ARG HB 63 -8.05 -106.71 17.69
C ARG HB 63 -7.79 -106.30 16.24
N THR HB 64 -8.39 -107.04 15.32
CA THR HB 64 -8.20 -106.83 13.89
C THR HB 64 -9.14 -105.75 13.39
N PHE HB 65 -8.60 -104.81 12.63
CA PHE HB 65 -9.40 -103.69 12.14
C PHE HB 65 -9.02 -103.39 10.70
N THR HB 66 -9.43 -102.21 10.23
CA THR HB 66 -9.19 -101.78 8.86
C THR HB 66 -8.58 -100.39 8.87
N ILE HB 67 -7.56 -100.19 8.05
CA ILE HB 67 -6.92 -98.89 7.91
C ILE HB 67 -6.90 -98.52 6.44
N PHE HB 68 -7.43 -97.35 6.12
CA PHE HB 68 -7.43 -96.85 4.75
C PHE HB 68 -6.25 -95.92 4.55
N VAL HB 69 -5.91 -95.70 3.28
CA VAL HB 69 -4.79 -94.85 2.92
C VAL HB 69 -5.04 -94.29 1.53
N GLU HB 70 -4.62 -93.04 1.32
CA GLU HB 70 -4.82 -92.39 0.06
C GLU HB 70 -3.48 -91.90 -0.48
N THR HB 71 -3.51 -91.31 -1.66
CA THR HB 71 -2.31 -90.98 -2.39
C THR HB 71 -2.48 -89.63 -3.07
N ALA HB 72 -1.35 -89.00 -3.39
CA ALA HB 72 -1.38 -87.69 -4.05
C ALA HB 72 -2.08 -87.76 -5.39
N LEU HB 73 -2.01 -88.91 -6.07
CA LEU HB 73 -2.63 -89.07 -7.37
C LEU HB 73 -4.00 -89.73 -7.30
N GLY HB 74 -4.52 -89.97 -6.10
CA GLY HB 74 -5.85 -90.51 -5.92
C GLY HB 74 -5.91 -92.01 -5.71
N GLN HB 75 -4.79 -92.70 -5.84
CA GLN HB 75 -4.78 -94.17 -5.78
C GLN HB 75 -4.97 -94.60 -4.33
N THR HB 76 -6.24 -94.68 -3.92
CA THR HB 76 -6.58 -95.12 -2.58
C THR HB 76 -6.42 -96.63 -2.44
N PHE HB 77 -6.33 -97.08 -1.19
CA PHE HB 77 -6.11 -98.49 -0.89
C PHE HB 77 -6.85 -98.83 0.40
N SER HB 78 -6.51 -99.99 0.97
CA SER HB 78 -7.06 -100.43 2.24
C SER HB 78 -6.26 -101.62 2.72
N VAL HB 79 -5.97 -101.67 4.02
CA VAL HB 79 -5.21 -102.76 4.62
C VAL HB 79 -5.87 -103.17 5.91
N VAL HB 80 -5.97 -104.47 6.14
CA VAL HB 80 -6.61 -105.01 7.34
C VAL HB 80 -5.49 -105.41 8.29
N ALA HB 81 -5.18 -104.55 9.24
CA ALA HB 81 -4.11 -104.78 10.18
C ALA HB 81 -4.50 -105.85 11.19
N THR HB 82 -3.51 -106.32 11.93
CA THR HB 82 -3.73 -107.25 13.04
C THR HB 82 -2.58 -107.16 14.02
N PRO HB 83 -2.74 -106.43 15.13
CA PRO HB 83 -1.61 -106.22 16.04
C PRO HB 83 -1.09 -107.53 16.64
N VAL HB 84 0.23 -107.56 16.86
CA VAL HB 84 0.95 -108.71 17.37
C VAL HB 84 1.90 -108.26 18.47
N LYS HB 85 2.76 -109.17 18.93
CA LYS HB 85 3.61 -108.91 20.09
C LYS HB 85 4.58 -107.76 19.85
N GLY HB 86 5.52 -107.93 18.93
CA GLY HB 86 6.55 -106.92 18.76
C GLY HB 86 7.29 -107.04 17.45
N GLU HB 87 8.43 -106.35 17.38
CA GLU HB 87 9.32 -106.32 16.20
C GLU HB 87 8.61 -105.74 14.97
N GLY HB 88 8.36 -104.43 15.06
CA GLY HB 88 7.63 -103.75 14.00
C GLY HB 88 8.30 -103.89 12.64
N ARG HB 89 7.48 -103.86 11.59
CA ARG HB 89 7.87 -104.26 10.25
C ARG HB 89 7.47 -103.21 9.23
N VAL HB 90 8.07 -103.31 8.04
CA VAL HB 90 7.88 -102.36 6.95
C VAL HB 90 7.33 -103.10 5.74
N TYR HB 91 6.33 -102.51 5.09
CA TYR HB 91 5.70 -103.07 3.90
C TYR HB 91 5.81 -102.08 2.74
N ARG HB 92 5.42 -102.54 1.56
CA ARG HB 92 5.42 -101.71 0.36
C ARG HB 92 4.11 -101.89 -0.38
N LEU HB 93 3.55 -100.79 -0.86
CA LEU HB 93 2.28 -100.79 -1.59
C LEU HB 93 2.49 -100.23 -2.98
N MET HB 94 2.14 -101.02 -4.00
CA MET HB 94 2.08 -100.51 -5.35
C MET HB 94 0.99 -101.25 -6.13
N SER HB 95 0.50 -100.59 -7.16
CA SER HB 95 -0.52 -101.17 -8.03
C SER HB 95 0.14 -101.82 -9.24
N ALA HB 96 -0.63 -102.64 -9.95
CA ALA HB 96 -0.10 -103.46 -11.03
C ALA HB 96 -0.23 -102.80 -12.39
N GLU HB 97 -1.45 -102.56 -12.85
CA GLU HB 97 -1.65 -102.01 -14.19
C GLU HB 97 -1.49 -100.49 -14.27
N PRO HB 98 -2.12 -99.69 -13.39
CA PRO HB 98 -2.18 -98.23 -13.62
C PRO HB 98 -0.83 -97.58 -13.83
N PRO HB 99 0.23 -97.96 -13.09
CA PRO HB 99 1.54 -97.35 -13.39
C PRO HB 99 2.11 -97.85 -14.70
N SER HB 100 2.06 -97.02 -15.74
CA SER HB 100 2.62 -97.39 -17.03
C SER HB 100 2.93 -96.10 -17.80
N ARG HB 101 4.21 -95.75 -17.86
CA ARG HB 101 4.68 -94.60 -18.64
C ARG HB 101 6.09 -94.88 -19.10
N PRO HB 102 6.26 -95.71 -20.11
CA PRO HB 102 7.60 -96.06 -20.58
C PRO HB 102 8.28 -94.98 -21.40
N GLU HB 103 7.71 -93.77 -21.46
CA GLU HB 103 8.33 -92.68 -22.20
C GLU HB 103 9.73 -92.41 -21.67
N THR HB 104 10.69 -92.35 -22.57
CA THR HB 104 12.08 -92.09 -22.19
C THR HB 104 12.56 -90.83 -22.89
N ARG HB 105 13.08 -89.89 -22.11
CA ARG HB 105 13.77 -88.75 -22.69
C ARG HB 105 15.04 -89.23 -23.35
N LYS HB 106 15.32 -88.74 -24.56
CA LYS HB 106 16.49 -89.20 -25.28
C LYS HB 106 17.69 -88.40 -24.81
N TRP HB 107 18.36 -88.93 -23.79
CA TRP HB 107 19.62 -88.40 -23.27
C TRP HB 107 20.75 -88.92 -24.17
N GLU HB 108 22.00 -88.82 -23.74
CA GLU HB 108 23.17 -89.23 -24.52
C GLU HB 108 23.39 -88.40 -25.78
N THR HB 109 23.66 -87.11 -25.62
CA THR HB 109 24.07 -86.29 -26.74
C THR HB 109 25.41 -86.76 -27.30
N ALA HB 110 25.81 -86.17 -28.43
CA ALA HB 110 27.03 -86.54 -29.12
C ALA HB 110 28.01 -85.38 -29.15
N GLN HB 111 29.16 -85.63 -29.76
CA GLN HB 111 30.22 -84.63 -29.82
C GLN HB 111 29.85 -83.52 -30.81
N ALA HB 112 30.58 -82.41 -30.71
CA ALA HB 112 30.37 -81.29 -31.62
C ALA HB 112 30.97 -81.54 -33.00
N TYR HB 113 32.03 -82.33 -33.08
CA TYR HB 113 32.68 -82.63 -34.36
C TYR HB 113 31.94 -83.68 -35.16
N GLU HB 114 31.35 -84.68 -34.49
CA GLU HB 114 30.68 -85.76 -35.21
C GLU HB 114 29.31 -85.33 -35.73
N LYS HB 115 28.59 -84.50 -34.99
CA LYS HB 115 27.26 -84.09 -35.42
C LYS HB 115 27.32 -83.31 -36.73
N LEU HB 116 28.33 -82.46 -36.89
CA LEU HB 116 28.41 -81.66 -38.12
C LEU HB 116 28.89 -82.50 -39.31
N LEU HB 117 29.81 -83.43 -39.07
CA LEU HB 117 30.15 -84.39 -40.11
C LEU HB 117 28.91 -85.13 -40.58
N ILE HB 118 28.10 -85.62 -39.64
CA ILE HB 118 26.92 -86.38 -40.03
C ILE HB 118 25.89 -85.50 -40.72
N SER HB 119 25.75 -84.25 -40.29
CA SER HB 119 24.78 -83.36 -40.92
C SER HB 119 25.15 -83.07 -42.37
N LEU HB 120 26.40 -82.64 -42.59
CA LEU HB 120 26.84 -82.38 -43.96
C LEU HB 120 26.79 -83.65 -44.80
N ASN HB 121 27.24 -84.76 -44.23
CA ASN HB 121 27.27 -86.03 -44.93
C ASN HB 121 25.87 -86.53 -45.25
N ARG HB 122 24.88 -86.16 -44.45
CA ARG HB 122 23.50 -86.51 -44.76
C ARG HB 122 22.94 -85.62 -45.85
N ALA HB 123 23.26 -84.32 -45.81
CA ALA HB 123 22.78 -83.42 -46.85
C ALA HB 123 23.45 -83.66 -48.19
N VAL HB 124 24.59 -84.34 -48.23
CA VAL HB 124 25.18 -84.69 -49.53
C VAL HB 124 24.49 -85.90 -50.13
N LEU HB 125 23.74 -86.66 -49.35
CA LEU HB 125 23.03 -87.83 -49.85
C LEU HB 125 21.60 -87.53 -50.29
N THR HB 126 20.84 -86.83 -49.46
CA THR HB 126 19.47 -86.49 -49.83
C THR HB 126 19.44 -85.58 -51.05
N GLY HB 127 20.31 -84.56 -51.07
CA GLY HB 127 20.42 -83.64 -52.20
C GLY HB 127 20.32 -82.19 -51.81
N ASP HB 128 19.61 -81.88 -50.72
CA ASP HB 128 19.44 -80.49 -50.30
C ASP HB 128 20.77 -79.93 -49.81
N ILE HB 129 21.29 -78.96 -50.52
CA ILE HB 129 22.63 -78.43 -50.22
C ILE HB 129 22.52 -77.44 -49.06
N PRO HB 130 23.29 -77.62 -47.99
CA PRO HB 130 23.22 -76.68 -46.87
C PRO HB 130 23.71 -75.30 -47.28
N ASP HB 131 23.18 -74.29 -46.60
CA ASP HB 131 23.59 -72.92 -46.86
C ASP HB 131 25.05 -72.73 -46.50
N GLY HB 132 25.86 -72.39 -47.50
CA GLY HB 132 27.27 -72.13 -47.26
C GLY HB 132 28.19 -73.06 -48.01
N TYR HB 133 27.66 -73.74 -49.02
CA TYR HB 133 28.43 -74.68 -49.81
C TYR HB 133 28.14 -74.50 -51.29
N GLY HB 134 29.20 -74.47 -52.09
CA GLY HB 134 29.05 -74.22 -53.50
C GLY HB 134 29.30 -75.45 -54.35
N GLU HB 135 30.27 -75.34 -55.27
CA GLU HB 135 30.66 -76.48 -56.09
C GLU HB 135 32.05 -76.20 -56.63
N VAL HB 136 32.84 -77.27 -56.79
CA VAL HB 136 34.24 -77.15 -57.16
C VAL HB 136 34.62 -78.25 -58.14
N LYS HB 137 35.78 -78.09 -58.73
CA LYS HB 137 36.37 -79.10 -59.59
C LYS HB 137 36.78 -80.31 -58.75
N PRO HB 138 36.52 -81.53 -59.24
CA PRO HB 138 36.90 -82.72 -58.48
C PRO HB 138 38.41 -82.84 -58.34
N LEU HB 139 38.88 -82.88 -57.10
CA LEU HB 139 40.30 -83.06 -56.83
C LEU HB 139 40.77 -84.39 -57.39
N SER HB 140 41.92 -84.37 -58.05
CA SER HB 140 42.42 -85.58 -58.68
C SER HB 140 42.86 -86.60 -57.63
N ASP HB 141 42.53 -87.87 -57.89
CA ASP HB 141 43.02 -89.06 -57.18
C ASP HB 141 43.27 -88.83 -55.70
N GLY HB 142 42.31 -88.23 -55.01
CA GLY HB 142 42.41 -88.02 -53.58
C GLY HB 142 42.03 -89.20 -52.72
N ILE HB 143 41.79 -90.36 -53.32
CA ILE HB 143 41.43 -91.57 -52.59
C ILE HB 143 42.23 -92.75 -53.15
N ARG HB 144 42.65 -93.63 -52.24
CA ARG HB 144 43.47 -94.77 -52.60
C ARG HB 144 42.66 -95.79 -53.41
N LEU HB 145 43.38 -96.75 -53.99
CA LEU HB 145 42.77 -97.81 -54.79
C LEU HB 145 43.25 -99.15 -54.27
N PRO HB 146 42.35 -100.05 -53.84
CA PRO HB 146 42.75 -101.37 -53.34
C PRO HB 146 42.79 -102.42 -54.43
N GLY HB 147 43.75 -102.29 -55.35
CA GLY HB 147 43.92 -103.28 -56.39
C GLY HB 147 43.18 -102.95 -57.67
N GLY HB 148 42.59 -103.97 -58.28
CA GLY HB 148 42.02 -103.84 -59.61
C GLY HB 148 40.74 -103.03 -59.64
N PHE HB 149 40.82 -101.79 -59.19
CA PHE HB 149 39.70 -100.87 -59.21
C PHE HB 149 40.03 -99.68 -60.12
N SER HB 150 39.15 -98.68 -60.08
CA SER HB 150 39.37 -97.46 -60.81
C SER HB 150 38.62 -96.34 -60.10
N VAL HB 151 38.94 -95.11 -60.48
CA VAL HB 151 38.26 -93.93 -59.95
C VAL HB 151 37.83 -93.08 -61.14
N THR HB 152 36.60 -92.57 -61.08
CA THR HB 152 36.05 -91.71 -62.13
C THR HB 152 35.38 -90.52 -61.45
N PRO HB 153 36.13 -89.47 -61.15
CA PRO HB 153 35.56 -88.32 -60.45
C PRO HB 153 34.28 -87.82 -61.10
N LEU HB 154 33.37 -87.33 -60.27
CA LEU HB 154 32.12 -86.74 -60.74
C LEU HB 154 32.07 -85.25 -60.47
N LYS HB 155 32.19 -84.85 -59.21
CA LYS HB 155 31.94 -83.50 -58.75
C LYS HB 155 32.31 -83.43 -57.27
N ALA HB 156 32.04 -82.28 -56.65
CA ALA HB 156 32.34 -82.09 -55.25
C ALA HB 156 31.71 -80.80 -54.74
N TRP HB 157 31.51 -80.69 -53.44
CA TRP HB 157 31.12 -79.44 -52.81
C TRP HB 157 32.32 -78.85 -52.08
N ALA HB 158 32.12 -77.65 -51.54
CA ALA HB 158 33.15 -77.02 -50.73
C ALA HB 158 32.58 -75.80 -50.03
N GLY HB 159 33.31 -75.35 -49.01
CA GLY HB 159 33.07 -74.05 -48.41
C GLY HB 159 33.07 -74.00 -46.90
N ASP HB 160 34.00 -73.20 -46.37
CA ASP HB 160 34.11 -72.76 -44.98
C ASP HB 160 34.53 -73.86 -44.02
N GLN HB 161 34.43 -75.11 -44.46
CA GLN HB 161 35.07 -76.30 -43.89
C GLN HB 161 34.55 -77.50 -44.66
N LEU HB 162 35.29 -78.61 -44.57
CA LEU HB 162 34.80 -79.90 -45.06
C LEU HB 162 34.47 -79.86 -46.55
N ARG HB 163 35.52 -79.74 -47.36
CA ARG HB 163 35.33 -79.84 -48.80
C ARG HB 163 34.98 -81.28 -49.14
N ALA HB 164 33.69 -81.56 -49.31
CA ALA HB 164 33.22 -82.91 -49.58
C ALA HB 164 33.51 -83.28 -51.04
N ASP HB 165 33.39 -84.58 -51.33
CA ASP HB 165 33.64 -85.11 -52.66
C ASP HB 165 32.59 -86.15 -53.01
N ARG HB 166 32.72 -86.74 -54.20
CA ARG HB 166 31.92 -87.89 -54.58
C ARG HB 166 32.66 -88.63 -55.69
N TYR HB 167 33.23 -89.78 -55.38
CA TYR HB 167 33.97 -90.58 -56.34
C TYR HB 167 33.15 -91.82 -56.71
N GLU HB 168 33.75 -92.68 -57.53
CA GLU HB 168 33.04 -93.79 -58.14
C GLU HB 168 33.90 -95.04 -58.13
N LEU HB 169 33.28 -96.18 -57.87
CA LEU HB 169 33.95 -97.47 -57.75
C LEU HB 169 33.60 -98.36 -58.93
N ARG HB 170 34.57 -99.18 -59.35
CA ARG HB 170 34.37 -100.04 -60.52
C ARG HB 170 35.24 -101.27 -60.32
N ASN HB 171 34.59 -102.42 -60.13
CA ASN HB 171 35.32 -103.68 -60.03
C ASN HB 171 35.85 -104.07 -61.41
N ALA HB 172 37.13 -103.85 -61.65
CA ALA HB 172 37.74 -104.19 -62.92
C ALA HB 172 38.16 -105.65 -63.01
N ASN HB 173 38.02 -106.39 -61.93
CA ASN HB 173 38.36 -107.80 -61.88
C ASN HB 173 37.13 -108.62 -62.26
N THR HB 174 37.19 -109.94 -62.03
CA THR HB 174 36.12 -110.83 -62.47
C THR HB 174 35.28 -111.43 -61.36
N TRP HB 175 35.85 -111.68 -60.17
CA TRP HB 175 35.15 -112.39 -59.11
C TRP HB 175 34.74 -111.40 -58.01
N GLY HB 176 34.21 -111.96 -56.91
CA GLY HB 176 33.73 -111.18 -55.80
C GLY HB 176 34.66 -111.29 -54.59
N VAL HB 177 34.78 -110.18 -53.86
CA VAL HB 177 35.65 -110.09 -52.69
C VAL HB 177 34.87 -109.45 -51.55
N ALA HB 178 35.55 -109.17 -50.45
CA ALA HB 178 34.96 -108.48 -49.31
C ALA HB 178 35.36 -107.01 -49.32
N LEU HB 179 34.76 -106.24 -48.40
CA LEU HB 179 35.02 -104.81 -48.31
C LEU HB 179 35.22 -104.40 -46.86
N ARG HB 180 36.30 -103.67 -46.60
CA ARG HB 180 36.53 -102.98 -45.34
C ARG HB 180 36.97 -101.56 -45.66
N GLU HB 181 36.18 -100.58 -45.24
CA GLU HB 181 36.31 -99.22 -45.75
C GLU HB 181 37.46 -98.44 -45.13
N GLN HB 182 38.38 -99.12 -44.46
CA GLN HB 182 39.62 -98.51 -44.00
C GLN HB 182 40.73 -98.58 -45.04
N ASP HB 183 40.42 -99.11 -46.23
CA ASP HB 183 41.42 -99.23 -47.28
C ASP HB 183 41.46 -98.01 -48.20
N PHE HB 184 40.39 -97.22 -48.24
CA PHE HB 184 40.35 -96.06 -49.12
C PHE HB 184 40.93 -94.81 -48.47
N TRP HB 185 41.30 -94.89 -47.20
CA TRP HB 185 41.68 -93.71 -46.46
C TRP HB 185 42.97 -93.10 -47.02
N LYS HB 186 42.99 -91.79 -47.11
CA LYS HB 186 44.12 -91.00 -47.58
C LYS HB 186 44.49 -89.96 -46.53
N PRO HB 187 45.70 -89.42 -46.58
CA PRO HB 187 46.13 -88.47 -45.55
C PRO HB 187 45.39 -87.14 -45.60
N GLY HB 188 44.25 -87.09 -44.93
CA GLY HB 188 43.47 -85.87 -44.83
C GLY HB 188 42.00 -86.16 -44.81
N VAL HB 189 41.63 -87.41 -45.09
CA VAL HB 189 40.23 -87.80 -45.14
C VAL HB 189 39.60 -87.65 -43.77
N ARG HB 190 38.37 -87.15 -43.72
CA ARG HB 190 37.61 -87.07 -42.49
C ARG HB 190 36.54 -88.14 -42.34
N ALA HB 191 35.91 -88.55 -43.44
CA ALA HB 191 34.84 -89.52 -43.36
C ALA HB 191 34.62 -90.18 -44.73
N VAL HB 192 34.35 -91.48 -44.71
CA VAL HB 192 34.10 -92.24 -45.93
C VAL HB 192 32.80 -93.01 -45.76
N MET HB 193 31.90 -92.87 -46.73
CA MET HB 193 30.64 -93.59 -46.78
C MET HB 193 30.58 -94.51 -47.99
N PHE HB 194 29.86 -95.62 -47.83
CA PHE HB 194 29.40 -96.44 -48.94
C PHE HB 194 27.89 -96.26 -49.06
N ASP HB 195 27.44 -95.84 -50.25
CA ASP HB 195 26.02 -95.52 -50.44
C ASP HB 195 25.19 -96.76 -50.71
N ASN HB 196 25.50 -97.47 -51.79
CA ASN HB 196 24.84 -98.75 -52.08
C ASN HB 196 25.36 -99.77 -51.08
N ASN HB 197 24.56 -100.06 -50.05
CA ASN HB 197 25.02 -100.81 -48.90
C ASN HB 197 25.29 -102.26 -49.31
N ALA HB 198 26.56 -102.59 -49.53
CA ALA HB 198 26.96 -103.92 -49.91
C ALA HB 198 28.28 -104.26 -49.24
N GLN HB 199 28.39 -105.49 -48.74
CA GLN HB 199 29.62 -105.97 -48.12
C GLN HB 199 30.37 -106.97 -48.99
N THR HB 200 30.03 -107.07 -50.27
CA THR HB 200 30.71 -107.98 -51.18
C THR HB 200 30.66 -107.40 -52.58
N LEU HB 201 31.67 -107.74 -53.38
CA LEU HB 201 31.83 -107.21 -54.73
C LEU HB 201 31.19 -108.13 -55.76
N MET HB 202 30.82 -107.54 -56.90
CA MET HB 202 30.07 -108.25 -57.93
C MET HB 202 30.66 -108.13 -59.33
N GLY HB 203 31.36 -107.05 -59.68
CA GLY HB 203 31.88 -106.83 -61.01
C GLY HB 203 31.31 -105.59 -61.68
N GLY HB 204 30.15 -105.14 -61.22
CA GLY HB 204 29.51 -103.97 -61.79
C GLY HB 204 29.68 -102.77 -60.88
N GLY HB 205 30.30 -101.72 -61.42
CA GLY HB 205 30.58 -100.53 -60.64
C GLY HB 205 29.58 -99.42 -60.86
N ARG HB 206 28.64 -99.28 -59.93
CA ARG HB 206 27.65 -98.22 -59.99
C ARG HB 206 27.42 -97.57 -58.62
N MET HB 207 28.30 -97.83 -57.66
CA MET HB 207 28.17 -97.27 -56.32
C MET HB 207 29.16 -96.14 -56.15
N THR HB 208 28.77 -95.14 -55.36
CA THR HB 208 29.62 -93.99 -55.10
C THR HB 208 30.01 -93.93 -53.63
N VAL HB 209 30.98 -93.09 -53.33
CA VAL HB 209 31.41 -92.80 -51.97
C VAL HB 209 31.52 -91.30 -51.79
N THR HB 210 31.42 -90.86 -50.55
CA THR HB 210 31.51 -89.45 -50.21
C THR HB 210 32.69 -89.26 -49.26
N VAL HB 211 33.79 -88.74 -49.79
CA VAL HB 211 35.01 -88.55 -49.01
C VAL HB 211 35.11 -87.08 -48.64
N ILE HB 212 35.07 -86.80 -47.36
CA ILE HB 212 35.17 -85.44 -46.85
C ILE HB 212 36.63 -85.11 -46.60
N ARG HB 213 36.96 -83.82 -46.70
CA ARG HB 213 38.35 -83.40 -46.62
C ARG HB 213 38.42 -81.97 -46.07
N GLY HB 214 39.59 -81.62 -45.56
CA GLY HB 214 39.81 -80.28 -45.06
C GLY HB 214 40.12 -79.30 -46.18
N ASN HB 215 40.33 -78.04 -45.77
CA ASN HB 215 40.60 -76.94 -46.69
C ASN HB 215 39.46 -76.77 -47.70
N GLY HB 216 38.30 -76.40 -47.17
CA GLY HB 216 37.13 -76.17 -47.99
C GLY HB 216 36.28 -75.04 -47.43
N ALA IB 69 0.19 -76.03 -45.04
CA ALA IB 69 -1.25 -76.20 -44.97
C ALA IB 69 -1.85 -76.40 -46.36
N THR IB 70 -1.11 -77.09 -47.23
CA THR IB 70 -1.55 -77.33 -48.60
C THR IB 70 -2.29 -78.66 -48.66
N SER IB 71 -2.52 -79.15 -49.88
CA SER IB 71 -3.18 -80.44 -50.06
C SER IB 71 -2.30 -81.56 -49.50
N ALA IB 72 -2.97 -82.57 -48.94
CA ALA IB 72 -2.27 -83.72 -48.41
C ALA IB 72 -1.70 -84.59 -49.54
N VAL IB 73 -0.76 -85.44 -49.19
CA VAL IB 73 -0.08 -86.24 -50.20
C VAL IB 73 -0.93 -87.44 -50.57
N GLU IB 74 -0.69 -87.99 -51.76
CA GLU IB 74 -1.42 -89.13 -52.27
C GLU IB 74 -0.54 -90.37 -52.21
N VAL IB 75 -1.20 -91.52 -52.24
CA VAL IB 75 -0.54 -92.82 -52.29
C VAL IB 75 -0.97 -93.52 -53.57
N PRO IB 76 -0.11 -93.55 -54.58
CA PRO IB 76 -0.50 -94.18 -55.85
C PRO IB 76 -0.67 -95.68 -55.69
N SER IB 77 -1.86 -96.17 -56.00
CA SER IB 77 -2.13 -97.59 -55.95
C SER IB 77 -1.36 -98.32 -57.05
N ALA IB 78 -1.33 -99.63 -56.94
CA ALA IB 78 -0.60 -100.46 -57.89
C ALA IB 78 -1.38 -100.57 -59.19
N SER IB 79 -1.01 -101.53 -60.02
CA SER IB 79 -1.74 -101.85 -61.24
C SER IB 79 -2.00 -103.36 -61.31
N ARG IB 80 -3.13 -103.71 -61.92
CA ARG IB 80 -3.52 -105.10 -62.05
C ARG IB 80 -2.48 -105.92 -62.81
N THR IB 157 -7.81 -108.97 -50.82
CA THR IB 157 -7.84 -107.71 -50.09
C THR IB 157 -6.76 -107.70 -49.00
N VAL IB 158 -5.81 -106.77 -49.12
CA VAL IB 158 -4.70 -106.67 -48.19
C VAL IB 158 -4.66 -105.27 -47.61
N HIS IB 159 -4.56 -105.18 -46.29
CA HIS IB 159 -4.47 -103.90 -45.63
C HIS IB 159 -3.08 -103.30 -45.82
N PRO IB 160 -2.96 -101.98 -45.71
CA PRO IB 160 -1.67 -101.32 -45.99
C PRO IB 160 -0.60 -101.70 -44.98
N GLN IB 161 0.65 -101.41 -45.35
CA GLN IB 161 1.77 -101.42 -44.43
C GLN IB 161 2.79 -100.40 -44.90
N ARG IB 162 3.67 -100.00 -44.00
CA ARG IB 162 4.71 -99.04 -44.32
C ARG IB 162 5.82 -99.71 -45.13
N SER IB 163 6.72 -98.88 -45.63
CA SER IB 163 7.84 -99.34 -46.46
C SER IB 163 9.09 -99.50 -45.62
N ARG IB 164 9.95 -100.42 -46.06
CA ARG IB 164 11.17 -100.72 -45.30
C ARG IB 164 12.10 -99.52 -45.28
N ASP IB 165 12.90 -99.43 -44.22
CA ASP IB 165 13.82 -98.33 -44.07
C ASP IB 165 15.17 -98.64 -44.70
N GLN IB 166 15.95 -97.58 -44.93
CA GLN IB 166 17.30 -97.68 -45.43
C GLN IB 166 18.24 -96.95 -44.48
N ILE IB 167 19.49 -97.42 -44.42
CA ILE IB 167 20.46 -96.95 -43.44
C ILE IB 167 21.76 -96.61 -44.14
N ALA IB 168 22.40 -95.54 -43.67
CA ALA IB 168 23.70 -95.11 -44.20
C ALA IB 168 24.70 -95.08 -43.07
N THR IB 169 25.87 -95.65 -43.30
CA THR IB 169 26.94 -95.71 -42.31
C THR IB 169 28.10 -94.82 -42.75
N VAL IB 170 28.71 -94.14 -41.78
CA VAL IB 170 29.81 -93.21 -42.02
C VAL IB 170 31.01 -93.68 -41.23
N TRP IB 171 32.18 -93.64 -41.84
CA TRP IB 171 33.42 -94.01 -41.17
C TRP IB 171 34.18 -92.73 -40.86
N ILE IB 172 34.33 -92.42 -39.57
CA ILE IB 172 34.99 -91.20 -39.14
C ILE IB 172 36.47 -91.48 -38.94
N ALA IB 173 37.32 -90.67 -39.58
CA ALA IB 173 38.76 -90.82 -39.42
C ALA IB 173 39.17 -90.39 -38.00
N PRO IB 174 40.11 -91.11 -37.39
CA PRO IB 174 40.47 -90.81 -35.99
C PRO IB 174 40.94 -89.36 -35.84
N TRP IB 175 40.51 -88.73 -34.77
CA TRP IB 175 40.84 -87.35 -34.49
C TRP IB 175 41.32 -87.21 -33.05
N VAL IB 176 41.66 -85.98 -32.67
CA VAL IB 176 42.13 -85.69 -31.32
C VAL IB 176 41.28 -84.56 -30.77
N ASP IB 177 40.61 -84.82 -29.66
CA ASP IB 177 39.69 -83.85 -29.08
C ASP IB 177 40.47 -82.60 -28.67
N SER IB 178 39.74 -81.51 -28.44
CA SER IB 178 40.36 -80.26 -28.01
C SER IB 178 41.05 -80.40 -26.65
N ASP IB 179 40.67 -81.38 -25.84
CA ASP IB 179 41.28 -81.59 -24.54
C ASP IB 179 42.25 -82.77 -24.55
N ASN IB 180 42.91 -82.99 -25.69
CA ASN IB 180 43.92 -84.04 -25.83
C ASN IB 180 43.37 -85.40 -25.43
N ALA IB 181 42.36 -85.85 -26.18
CA ALA IB 181 41.75 -87.15 -25.96
C ALA IB 181 41.59 -87.83 -27.31
N PHE IB 182 42.50 -88.75 -27.62
CA PHE IB 182 42.52 -89.38 -28.94
C PHE IB 182 41.30 -90.28 -29.10
N HIS IB 183 40.60 -90.13 -30.22
CA HIS IB 183 39.37 -90.86 -30.47
C HIS IB 183 39.56 -91.84 -31.62
N GLN IB 184 38.90 -92.98 -31.51
CA GLN IB 184 38.81 -93.97 -32.59
C GLN IB 184 37.35 -94.29 -32.82
N PRO IB 185 36.57 -93.34 -33.35
CA PRO IB 185 35.13 -93.56 -33.48
C PRO IB 185 34.83 -94.67 -34.48
N GLY IB 186 33.72 -95.36 -34.22
CA GLY IB 186 33.25 -96.42 -35.10
C GLY IB 186 32.35 -95.91 -36.19
N ARG IB 187 31.73 -96.84 -36.90
CA ARG IB 187 30.87 -96.53 -38.04
C ARG IB 187 29.50 -96.13 -37.50
N VAL IB 188 29.16 -94.85 -37.62
CA VAL IB 188 27.87 -94.36 -37.17
C VAL IB 188 26.85 -94.52 -38.29
N SER IB 189 25.70 -95.11 -37.96
CA SER IB 189 24.63 -95.38 -38.91
C SER IB 189 23.41 -94.54 -38.56
N PHE IB 190 22.91 -93.78 -39.54
CA PHE IB 190 21.79 -92.88 -39.31
C PHE IB 190 20.72 -93.11 -40.36
N VAL IB 191 19.48 -92.83 -39.99
CA VAL IB 191 18.35 -92.95 -40.90
C VAL IB 191 18.25 -91.68 -41.74
N VAL IB 192 17.96 -91.85 -43.03
CA VAL IB 192 17.99 -90.75 -43.97
C VAL IB 192 16.59 -90.36 -44.45
N SER IB 193 15.64 -91.29 -44.50
CA SER IB 193 14.29 -90.97 -44.94
C SER IB 193 13.29 -91.81 -44.18
N PRO IB 194 12.18 -91.23 -43.73
CA PRO IB 194 11.19 -92.01 -42.98
C PRO IB 194 10.36 -92.89 -43.90
N ALA IB 195 9.71 -93.87 -43.29
CA ALA IB 195 8.87 -94.78 -44.05
C ALA IB 195 7.63 -94.06 -44.57
N ASP IB 196 7.08 -94.59 -45.66
CA ASP IB 196 5.90 -94.00 -46.31
C ASP IB 196 4.86 -95.07 -46.58
N TRP IB 197 3.58 -94.68 -46.46
CA TRP IB 197 2.49 -95.62 -46.66
C TRP IB 197 2.45 -96.13 -48.08
N VAL IB 198 2.18 -97.42 -48.26
CA VAL IB 198 2.15 -98.02 -49.58
C VAL IB 198 1.16 -99.18 -49.59
N LEU IB 199 0.53 -99.41 -50.75
CA LEU IB 199 -0.39 -100.53 -50.93
C LEU IB 199 0.34 -101.70 -51.58
N PRO IB 200 0.20 -102.91 -51.06
CA PRO IB 200 0.91 -104.06 -51.64
C PRO IB 200 0.21 -104.53 -52.90
N ALA IB 201 0.99 -104.75 -53.96
CA ALA IB 201 0.46 -105.26 -55.22
C ALA IB 201 0.29 -106.78 -55.12
N ARG IB 202 -0.46 -107.20 -54.11
CA ARG IB 202 -0.71 -108.62 -53.87
C ARG IB 202 -1.73 -109.12 -54.88
N VAL IB 203 -2.32 -110.28 -54.60
CA VAL IB 203 -3.41 -110.79 -55.43
C VAL IB 203 -4.71 -110.22 -54.87
N ASN IB 204 -5.04 -108.99 -55.26
CA ASN IB 204 -6.19 -108.29 -54.71
C ASN IB 204 -7.46 -108.58 -55.50
N VAL JB 158 74.08 -89.29 -20.00
CA VAL JB 158 74.39 -88.28 -19.00
C VAL JB 158 73.34 -87.18 -19.08
N HIS JB 159 72.62 -87.12 -20.20
CA HIS JB 159 71.58 -86.13 -20.38
C HIS JB 159 70.38 -86.44 -19.48
N PRO JB 160 69.63 -85.43 -19.08
CA PRO JB 160 68.44 -85.66 -18.24
C PRO JB 160 67.25 -86.05 -19.10
N GLN JB 161 66.84 -87.31 -19.00
CA GLN JB 161 65.77 -87.85 -19.83
C GLN JB 161 64.41 -87.53 -19.21
N ARG JB 162 63.36 -88.14 -19.76
CA ARG JB 162 62.00 -88.00 -19.26
C ARG JB 162 61.54 -89.30 -18.60
N SER JB 163 60.27 -89.32 -18.25
CA SER JB 163 59.57 -90.52 -17.82
C SER JB 163 58.50 -90.89 -18.84
N ARG JB 164 58.31 -92.19 -19.02
CA ARG JB 164 57.33 -92.66 -20.00
C ARG JB 164 55.92 -92.44 -19.48
N ASP JB 165 55.01 -92.08 -20.39
CA ASP JB 165 53.65 -91.70 -20.01
C ASP JB 165 52.83 -92.91 -19.60
N GLN JB 166 51.65 -92.62 -19.07
CA GLN JB 166 50.69 -93.65 -18.67
C GLN JB 166 49.33 -93.30 -19.26
N ILE JB 167 48.71 -94.29 -19.92
CA ILE JB 167 47.45 -94.07 -20.62
C ILE JB 167 46.48 -95.19 -20.27
N ALA JB 168 45.20 -94.99 -20.58
CA ALA JB 168 44.20 -96.05 -20.43
C ALA JB 168 43.16 -95.85 -21.52
N THR JB 169 42.81 -96.93 -22.21
CA THR JB 169 41.93 -96.88 -23.37
C THR JB 169 40.59 -97.48 -22.99
N VAL JB 170 39.54 -96.68 -23.05
CA VAL JB 170 38.20 -97.12 -22.70
C VAL JB 170 37.58 -97.78 -23.93
N TRP JB 171 36.59 -98.64 -23.70
CA TRP JB 171 35.86 -99.32 -24.76
C TRP JB 171 34.38 -98.98 -24.60
N ILE JB 172 33.84 -98.20 -25.53
CA ILE JB 172 32.48 -97.68 -25.40
C ILE JB 172 31.50 -98.63 -26.08
N ALA JB 173 30.65 -99.27 -25.28
CA ALA JB 173 29.68 -100.23 -25.79
C ALA JB 173 28.62 -99.52 -26.64
N PRO JB 174 27.91 -100.26 -27.51
CA PRO JB 174 26.93 -99.62 -28.40
C PRO JB 174 25.90 -98.83 -27.63
N TRP JB 175 25.63 -97.62 -28.14
CA TRP JB 175 24.64 -96.70 -27.52
C TRP JB 175 23.90 -95.96 -28.63
N VAL JB 176 22.64 -95.55 -28.41
CA VAL JB 176 21.89 -94.76 -29.43
C VAL JB 176 22.03 -93.29 -29.05
N ASP JB 177 21.96 -92.40 -30.03
CA ASP JB 177 22.24 -90.97 -29.74
C ASP JB 177 20.99 -90.27 -29.25
N SER JB 178 21.03 -88.94 -29.21
CA SER JB 178 19.83 -88.15 -28.83
C SER JB 178 19.17 -87.71 -30.14
N ASP JB 179 19.70 -88.14 -31.29
CA ASP JB 179 19.10 -87.83 -32.60
C ASP JB 179 19.07 -89.11 -33.43
N ASN JB 180 18.69 -90.23 -32.81
CA ASN JB 180 18.63 -91.55 -33.48
C ASN JB 180 19.83 -91.84 -34.40
N ALA JB 181 20.94 -92.32 -33.84
CA ALA JB 181 22.08 -92.76 -34.66
C ALA JB 181 22.85 -93.82 -33.88
N PHE JB 182 22.72 -95.10 -34.22
CA PHE JB 182 23.36 -96.18 -33.44
C PHE JB 182 24.86 -96.03 -33.55
N HIS JB 183 25.56 -95.64 -32.47
CA HIS JB 183 27.04 -95.59 -32.50
C HIS JB 183 27.56 -96.96 -32.08
N GLN JB 184 28.30 -97.63 -32.95
CA GLN JB 184 28.76 -99.01 -32.68
C GLN JB 184 29.96 -98.98 -31.71
N PRO JB 185 30.45 -100.12 -31.16
CA PRO JB 185 31.51 -100.08 -30.15
C PRO JB 185 32.75 -99.29 -30.58
N GLY JB 186 33.46 -98.64 -29.67
CA GLY JB 186 34.60 -97.80 -30.13
C GLY JB 186 35.60 -97.57 -29.02
N ARG JB 187 36.67 -96.78 -29.21
CA ARG JB 187 37.67 -96.63 -28.18
C ARG JB 187 37.99 -95.15 -27.99
N VAL JB 188 38.22 -94.76 -26.74
CA VAL JB 188 38.70 -93.43 -26.43
C VAL JB 188 39.85 -93.55 -25.45
N SER JB 189 40.92 -92.80 -25.69
CA SER JB 189 42.14 -92.92 -24.91
C SER JB 189 42.47 -91.58 -24.27
N PHE JB 190 43.12 -91.64 -23.10
CA PHE JB 190 43.45 -90.45 -22.34
C PHE JB 190 44.65 -90.76 -21.45
N VAL JB 191 45.31 -89.69 -20.99
CA VAL JB 191 46.52 -89.80 -20.18
C VAL JB 191 46.16 -89.54 -18.72
N VAL JB 192 46.80 -90.27 -17.82
CA VAL JB 192 46.50 -90.18 -16.39
C VAL JB 192 47.61 -89.48 -15.62
N SER JB 193 48.86 -89.82 -15.87
CA SER JB 193 50.01 -89.30 -15.12
C SER JB 193 50.98 -88.69 -16.10
N PRO JB 194 50.88 -87.40 -16.38
CA PRO JB 194 51.74 -86.78 -17.40
C PRO JB 194 53.21 -86.89 -17.04
N ALA JB 195 54.04 -86.95 -18.07
CA ALA JB 195 55.48 -87.14 -17.88
C ALA JB 195 56.14 -85.94 -17.21
N ASP JB 196 57.07 -86.22 -16.29
CA ASP JB 196 57.87 -85.23 -15.59
C ASP JB 196 59.30 -85.72 -15.48
N TRP JB 197 60.23 -84.78 -15.28
CA TRP JB 197 61.64 -85.13 -15.24
C TRP JB 197 61.93 -86.14 -14.14
N VAL JB 198 62.76 -87.12 -14.46
CA VAL JB 198 63.21 -88.11 -13.49
C VAL JB 198 64.30 -87.50 -12.65
N LEU JB 199 64.17 -87.58 -11.33
CA LEU JB 199 65.20 -87.00 -10.47
C LEU JB 199 66.37 -87.95 -10.28
N PRO JB 200 67.56 -87.60 -10.74
CA PRO JB 200 68.69 -88.53 -10.70
C PRO JB 200 69.10 -88.87 -9.28
N ALA JB 201 69.58 -90.10 -9.10
CA ALA JB 201 70.07 -90.57 -7.82
C ALA JB 201 71.59 -90.71 -7.80
N ARG JB 202 72.25 -90.44 -8.91
CA ARG JB 202 73.71 -90.50 -9.02
C ARG JB 202 74.20 -89.20 -9.65
N VAL JB 203 75.18 -88.57 -9.01
CA VAL JB 203 75.81 -87.37 -9.56
C VAL JB 203 77.32 -87.48 -9.46
N PRO KB 1 -18.74 -93.17 20.36
CA PRO KB 1 -18.87 -94.62 20.26
C PRO KB 1 -18.70 -95.17 18.85
N GLY KB 2 -18.46 -94.31 17.87
CA GLY KB 2 -18.25 -94.78 16.52
C GLY KB 2 -17.42 -93.89 15.61
N MET KB 3 -16.87 -92.80 16.15
CA MET KB 3 -16.19 -91.83 15.30
C MET KB 3 -14.84 -92.37 14.81
N MET KB 4 -14.28 -91.71 13.79
CA MET KB 4 -13.12 -92.19 13.07
C MET KB 4 -11.86 -91.44 13.50
N ASP KB 5 -10.74 -91.84 12.91
CA ASP KB 5 -9.42 -91.25 13.17
C ASP KB 5 -8.86 -90.77 11.85
N SER KB 6 -9.33 -89.62 11.38
CA SER KB 6 -9.00 -89.15 10.04
C SER KB 6 -7.95 -88.05 10.15
N GLN KB 7 -6.96 -88.08 9.26
CA GLN KB 7 -5.88 -87.11 9.27
C GLN KB 7 -5.45 -86.80 7.85
N GLU KB 8 -4.91 -85.61 7.65
CA GLU KB 8 -4.36 -85.20 6.37
C GLU KB 8 -2.97 -84.63 6.59
N PHE KB 9 -2.01 -85.07 5.77
CA PHE KB 9 -0.64 -84.62 5.87
C PHE KB 9 -0.39 -83.58 4.79
N SER KB 10 0.03 -82.38 5.21
CA SER KB 10 0.38 -81.30 4.29
C SER KB 10 -0.75 -80.99 3.32
N ALA LB 1 -5.74 -106.48 -1.48
CA ALA LB 1 -5.72 -107.86 -1.95
C ALA LB 1 -6.72 -108.03 -3.06
N GLN LB 2 -7.95 -108.36 -2.66
CA GLN LB 2 -8.99 -108.78 -3.58
C GLN LB 2 -9.32 -107.64 -4.53
N SER LB 3 -9.86 -107.98 -5.69
CA SER LB 3 -10.47 -106.97 -6.52
C SER LB 3 -11.66 -106.38 -5.78
N PRO LB 4 -11.92 -105.08 -5.93
CA PRO LB 4 -13.11 -104.49 -5.30
C PRO LB 4 -14.37 -105.19 -5.81
N ALA LB 5 -15.32 -105.41 -4.91
CA ALA LB 5 -16.57 -106.05 -5.29
C ALA LB 5 -17.35 -105.11 -6.22
N THR LB 6 -17.67 -105.59 -7.41
CA THR LB 6 -18.21 -104.78 -8.49
C THR LB 6 -19.68 -105.12 -8.71
N ILE LB 7 -20.49 -104.08 -8.98
CA ILE LB 7 -21.94 -104.20 -9.06
C ILE LB 7 -22.45 -103.37 -10.24
N SER LB 8 -23.73 -103.60 -10.58
CA SER LB 8 -24.31 -103.02 -11.79
C SER LB 8 -25.03 -101.70 -11.54
N LEU LB 9 -26.11 -101.70 -10.75
CA LEU LB 9 -26.78 -100.48 -10.33
C LEU LB 9 -27.17 -99.51 -11.45
N PRO LB 10 -28.26 -99.76 -12.20
CA PRO LB 10 -28.78 -98.73 -13.11
C PRO LB 10 -29.15 -97.45 -12.37
N GLN LB 11 -29.54 -96.40 -13.09
CA GLN LB 11 -29.80 -95.09 -12.48
C GLN LB 11 -30.94 -95.23 -11.48
N GLY LB 12 -30.61 -95.16 -10.20
CA GLY LB 12 -31.61 -95.34 -9.17
C GLY LB 12 -31.92 -96.78 -8.83
N GLY LB 13 -30.96 -97.67 -8.93
CA GLY LB 13 -31.21 -99.06 -8.60
C GLY LB 13 -31.04 -99.36 -7.13
N GLN LB 14 -31.36 -100.61 -6.78
CA GLN LB 14 -31.19 -101.13 -5.42
C GLN LB 14 -30.26 -102.34 -5.48
N PHE LB 15 -29.43 -102.50 -4.47
CA PHE LB 15 -28.63 -103.71 -4.34
C PHE LB 15 -28.48 -104.09 -2.88
N ARG LB 16 -28.53 -105.39 -2.61
CA ARG LB 16 -28.42 -105.91 -1.25
C ARG LB 16 -26.97 -106.30 -0.99
N LEU LB 17 -26.37 -105.66 0.02
CA LEU LB 17 -24.98 -105.91 0.37
C LEU LB 17 -24.89 -105.99 1.89
N SER LB 18 -23.68 -106.04 2.42
CA SER LB 18 -23.47 -106.10 3.86
C SER LB 18 -22.28 -105.22 4.24
N ILE LB 19 -22.41 -104.53 5.37
CA ILE LB 19 -21.35 -103.66 5.87
C ILE LB 19 -21.04 -104.08 7.31
N SER LB 20 -19.96 -103.50 7.84
CA SER LB 20 -19.46 -103.86 9.16
C SER LB 20 -19.63 -102.69 10.11
N ASN LB 21 -20.06 -102.99 11.34
CA ASN LB 21 -20.31 -101.97 12.34
C ASN LB 21 -19.03 -101.48 13.02
N THR LB 22 -17.97 -102.28 13.03
CA THR LB 22 -16.63 -101.77 13.26
C THR LB 22 -16.08 -101.32 11.91
N ASP LB 23 -14.77 -101.09 11.82
CA ASP LB 23 -14.09 -101.18 10.53
C ASP LB 23 -14.73 -100.34 9.44
N PRO LB 24 -14.49 -99.04 9.38
CA PRO LB 24 -15.25 -98.18 8.47
C PRO LB 24 -15.19 -98.68 7.03
N ASN LB 25 -16.26 -98.44 6.29
CA ASN LB 25 -16.37 -98.96 4.94
C ASN LB 25 -16.06 -97.86 3.93
N MET LB 26 -16.09 -98.22 2.65
CA MET LB 26 -15.90 -97.25 1.59
C MET LB 26 -16.67 -97.69 0.36
N ILE LB 27 -17.42 -96.76 -0.22
CA ILE LB 27 -18.05 -96.93 -1.52
C ILE LB 27 -17.53 -95.82 -2.42
N PHE LB 28 -17.01 -96.18 -3.58
CA PHE LB 28 -16.46 -95.18 -4.49
C PHE LB 28 -16.92 -95.48 -5.91
N ILE LB 29 -16.95 -94.42 -6.72
CA ILE LB 29 -17.43 -94.48 -8.09
C ILE LB 29 -16.28 -94.11 -9.03
N PRO LB 30 -15.94 -94.96 -10.00
CA PRO LB 30 -14.94 -94.55 -11.00
C PRO LB 30 -15.56 -93.67 -12.06
N GLY LB 31 -14.82 -92.63 -12.43
CA GLY LB 31 -15.28 -91.65 -13.40
C GLY LB 31 -16.02 -90.47 -12.82
N ASP LB 32 -16.27 -90.46 -11.52
CA ASP LB 32 -17.03 -89.40 -10.85
C ASP LB 32 -16.49 -89.20 -9.44
N LYS LB 33 -17.13 -88.31 -8.69
CA LYS LB 33 -16.81 -88.12 -7.29
C LYS LB 33 -18.10 -87.90 -6.51
N VAL LB 34 -18.26 -88.62 -5.40
CA VAL LB 34 -19.47 -88.55 -4.62
C VAL LB 34 -19.50 -87.25 -3.83
N THR LB 35 -20.60 -86.51 -3.92
CA THR LB 35 -20.73 -85.24 -3.25
C THR LB 35 -21.81 -85.22 -2.17
N ALA LB 36 -22.61 -86.26 -2.05
CA ALA LB 36 -23.64 -86.30 -1.03
C ALA LB 36 -23.92 -87.73 -0.63
N ILE LB 37 -24.38 -87.90 0.61
CA ILE LB 37 -24.88 -89.18 1.08
C ILE LB 37 -25.82 -88.94 2.24
N THR LB 38 -27.00 -89.56 2.20
CA THR LB 38 -28.01 -89.41 3.25
C THR LB 38 -28.61 -90.78 3.50
N ALA LB 39 -28.25 -91.39 4.61
CA ALA LB 39 -28.63 -92.77 4.90
C ALA LB 39 -29.31 -92.87 6.25
N PRO LB 40 -30.52 -92.34 6.37
CA PRO LB 40 -31.25 -92.55 7.62
C PRO LB 40 -31.85 -93.94 7.67
N GLY LB 41 -32.63 -94.22 8.70
CA GLY LB 41 -33.08 -95.55 8.97
C GLY LB 41 -32.26 -96.27 10.04
N GLY LB 42 -30.95 -96.06 10.05
CA GLY LB 42 -30.09 -96.70 11.03
C GLY LB 42 -29.12 -95.76 11.71
N MET LB 43 -29.09 -94.50 11.27
CA MET LB 43 -28.31 -93.44 11.92
C MET LB 43 -26.82 -93.81 11.99
N LEU LB 44 -26.20 -93.83 10.81
CA LEU LB 44 -24.77 -94.09 10.73
C LEU LB 44 -23.98 -93.07 11.55
N ALA LB 45 -22.81 -93.49 12.02
CA ALA LB 45 -22.03 -92.66 12.93
C ALA LB 45 -21.59 -91.36 12.27
N ASP LB 46 -20.83 -91.45 11.19
CA ASP LB 46 -20.31 -90.25 10.56
C ASP LB 46 -20.00 -90.54 9.10
N LYS LB 47 -19.82 -89.45 8.35
CA LYS LB 47 -19.48 -89.53 6.94
C LYS LB 47 -18.28 -88.62 6.67
N ARG LB 48 -17.45 -89.02 5.72
CA ARG LB 48 -16.25 -88.26 5.40
C ARG LB 48 -15.91 -88.44 3.93
N LEU LB 49 -15.95 -87.35 3.18
CA LEU LB 49 -15.73 -87.38 1.75
C LEU LB 49 -14.24 -87.23 1.46
N THR LB 50 -13.66 -88.26 0.84
CA THR LB 50 -12.23 -88.27 0.56
C THR LB 50 -11.92 -87.33 -0.60
N THR LB 51 -10.65 -87.32 -1.02
CA THR LB 51 -10.25 -86.52 -2.16
C THR LB 51 -10.25 -87.30 -3.46
N ALA LB 52 -10.15 -88.63 -3.40
CA ALA LB 52 -10.23 -89.44 -4.60
C ALA LB 52 -11.60 -89.31 -5.26
N GLY LB 53 -12.66 -89.31 -4.46
CA GLY LB 53 -14.01 -89.26 -4.98
C GLY LB 53 -14.92 -90.27 -4.32
N GLY LB 54 -14.44 -90.91 -3.26
CA GLY LB 54 -15.24 -91.84 -2.49
C GLY LB 54 -15.84 -91.21 -1.26
N VAL LB 55 -16.57 -92.03 -0.50
CA VAL LB 55 -17.18 -91.59 0.75
C VAL LB 55 -16.93 -92.65 1.81
N LEU LB 56 -16.47 -92.21 2.97
CA LEU LB 56 -16.19 -93.09 4.11
C LEU LB 56 -17.27 -92.92 5.16
N PHE LB 57 -17.68 -94.04 5.75
CA PHE LB 57 -18.75 -94.04 6.73
C PHE LB 57 -18.54 -95.20 7.68
N THR LB 58 -19.38 -95.26 8.70
CA THR LB 58 -19.39 -96.39 9.59
C THR LB 58 -20.70 -96.42 10.37
N SER LB 59 -21.29 -97.60 10.49
CA SER LB 59 -22.54 -97.78 11.21
C SER LB 59 -22.27 -98.42 12.55
N VAL LB 60 -23.18 -98.22 13.49
CA VAL LB 60 -23.17 -98.92 14.77
C VAL LB 60 -24.50 -99.59 15.08
N ALA LB 61 -25.48 -99.48 14.20
CA ALA LB 61 -26.78 -100.10 14.43
C ALA LB 61 -26.68 -101.62 14.24
N THR LB 62 -27.82 -102.29 14.32
CA THR LB 62 -27.87 -103.74 14.20
C THR LB 62 -29.02 -104.22 13.33
N ARG LB 63 -29.50 -103.40 12.40
CA ARG LB 63 -30.61 -103.79 11.55
C ARG LB 63 -30.43 -103.23 10.15
N THR LB 64 -31.22 -103.76 9.23
CA THR LB 64 -31.13 -103.39 7.82
C THR LB 64 -31.76 -102.03 7.57
N PHE LB 65 -31.06 -101.20 6.80
CA PHE LB 65 -31.54 -99.86 6.48
C PHE LB 65 -31.23 -99.57 5.03
N THR LB 66 -31.30 -98.29 4.65
CA THR LB 66 -31.10 -97.88 3.27
C THR LB 66 -30.16 -96.70 3.20
N ILE LB 67 -29.26 -96.72 2.22
CA ILE LB 67 -28.26 -95.68 2.03
C ILE LB 67 -28.43 -95.12 0.63
N PHE LB 68 -28.52 -93.80 0.53
CA PHE LB 68 -28.65 -93.13 -0.76
C PHE LB 68 -27.35 -92.38 -1.05
N VAL LB 69 -26.61 -92.83 -2.04
CA VAL LB 69 -25.37 -92.20 -2.45
C VAL LB 69 -25.63 -91.42 -3.72
N GLU LB 70 -25.27 -90.14 -3.72
CA GLU LB 70 -25.56 -89.24 -4.82
C GLU LB 70 -24.25 -88.67 -5.36
N THR LB 71 -24.17 -88.56 -6.68
CA THR LB 71 -22.95 -88.17 -7.35
C THR LB 71 -23.03 -86.70 -7.74
N ALA LB 72 -22.01 -86.21 -8.45
CA ALA LB 72 -21.95 -84.83 -8.90
C ALA LB 72 -22.54 -84.62 -10.28
N LEU LB 73 -22.55 -85.64 -11.13
CA LEU LB 73 -23.08 -85.54 -12.48
C LEU LB 73 -24.55 -85.93 -12.57
N GLY LB 74 -25.31 -85.72 -11.51
CA GLY LB 74 -26.70 -86.12 -11.52
C GLY LB 74 -26.88 -87.62 -11.60
N GLN LB 75 -26.16 -88.35 -10.78
CA GLN LB 75 -26.33 -89.80 -10.64
C GLN LB 75 -26.76 -90.09 -9.21
N THR LB 76 -27.78 -90.91 -9.06
CA THR LB 76 -28.28 -91.29 -7.74
C THR LB 76 -28.50 -92.79 -7.70
N PHE LB 77 -27.90 -93.45 -6.71
CA PHE LB 77 -28.03 -94.88 -6.53
C PHE LB 77 -28.61 -95.16 -5.16
N SER LB 78 -28.74 -96.44 -4.83
CA SER LB 78 -29.28 -96.83 -3.53
C SER LB 78 -28.79 -98.22 -3.19
N VAL LB 79 -28.28 -98.38 -1.97
CA VAL LB 79 -27.75 -99.65 -1.51
C VAL LB 79 -28.40 -100.00 -0.19
N VAL LB 80 -28.88 -101.22 -0.07
CA VAL LB 80 -29.53 -101.70 1.15
C VAL LB 80 -28.46 -102.44 1.95
N ALA LB 81 -27.98 -101.80 3.01
CA ALA LB 81 -26.89 -102.35 3.79
C ALA LB 81 -27.41 -103.35 4.83
N THR LB 82 -26.46 -103.98 5.52
CA THR LB 82 -26.77 -104.83 6.67
C THR LB 82 -25.53 -104.96 7.56
N PRO LB 83 -25.54 -104.40 8.77
CA PRO LB 83 -24.35 -104.47 9.62
C PRO LB 83 -24.00 -105.91 10.00
N VAL LB 84 -22.70 -106.21 9.98
CA VAL LB 84 -22.15 -107.50 10.39
C VAL LB 84 -20.93 -107.28 11.26
N LYS LB 85 -20.22 -108.36 11.60
CA LYS LB 85 -19.16 -108.32 12.59
C LYS LB 85 -17.98 -107.41 12.27
N GLY LB 86 -17.21 -107.71 11.24
CA GLY LB 86 -15.99 -106.97 11.01
C GLY LB 86 -15.39 -107.15 9.63
N GLU LB 87 -14.11 -106.78 9.53
CA GLU LB 87 -13.35 -106.79 8.28
C GLU LB 87 -13.99 -105.87 7.23
N GLY LB 88 -13.89 -104.57 7.51
CA GLY LB 88 -14.46 -103.52 6.68
C GLY LB 88 -14.25 -103.72 5.19
N ARG LB 89 -15.20 -103.29 4.39
CA ARG LB 89 -15.28 -103.68 2.99
C ARG LB 89 -15.24 -102.48 2.06
N VAL LB 90 -14.82 -102.73 0.82
CA VAL LB 90 -14.76 -101.71 -0.22
C VAL LB 90 -15.53 -102.22 -1.42
N TYR LB 91 -16.50 -101.43 -1.88
CA TYR LB 91 -17.31 -101.75 -3.05
C TYR LB 91 -17.07 -100.75 -4.15
N ARG LB 92 -17.40 -101.14 -5.37
CA ARG LB 92 -17.27 -100.28 -6.54
C ARG LB 92 -18.63 -100.16 -7.23
N LEU LB 93 -18.98 -98.94 -7.61
CA LEU LB 93 -20.20 -98.65 -8.35
C LEU LB 93 -19.87 -98.45 -9.82
N MET LB 94 -20.76 -98.89 -10.69
CA MET LB 94 -20.56 -98.72 -12.13
C MET LB 94 -21.92 -98.45 -12.77
N SER LB 95 -22.18 -97.18 -13.07
CA SER LB 95 -23.46 -96.82 -13.67
C SER LB 95 -23.64 -97.55 -14.99
N ALA LB 96 -24.77 -98.24 -15.14
CA ALA LB 96 -25.09 -98.88 -16.41
C ALA LB 96 -25.65 -97.90 -17.43
N GLU LB 97 -26.09 -96.72 -16.99
CA GLU LB 97 -26.55 -95.67 -17.88
C GLU LB 97 -25.59 -94.49 -17.79
N PRO LB 98 -24.80 -94.23 -18.82
CA PRO LB 98 -23.79 -93.18 -18.71
C PRO LB 98 -24.44 -91.83 -18.50
N PRO LB 99 -23.80 -90.94 -17.75
CA PRO LB 99 -24.35 -89.61 -17.51
C PRO LB 99 -24.04 -88.65 -18.66
N SER LB 100 -24.37 -87.36 -18.47
CA SER LB 100 -24.14 -86.34 -19.48
C SER LB 100 -23.07 -85.37 -19.01
N ARG LB 101 -22.06 -85.14 -19.85
CA ARG LB 101 -20.93 -84.27 -19.53
C ARG LB 101 -20.76 -83.25 -20.64
N PRO LB 102 -21.40 -82.09 -20.54
CA PRO LB 102 -21.35 -81.11 -21.64
C PRO LB 102 -19.94 -80.66 -22.00
N GLU LB 103 -19.00 -80.70 -21.04
CA GLU LB 103 -17.61 -80.44 -21.39
C GLU LB 103 -17.11 -81.43 -22.45
N THR LB 104 -17.44 -82.72 -22.27
CA THR LB 104 -17.08 -83.69 -23.29
C THR LB 104 -17.84 -83.45 -24.58
N ARG LB 105 -19.05 -82.92 -24.53
CA ARG LB 105 -19.76 -82.58 -25.76
C ARG LB 105 -19.00 -81.52 -26.56
N LYS LB 106 -18.59 -80.44 -25.89
CA LYS LB 106 -17.87 -79.41 -26.64
C LYS LB 106 -16.51 -79.91 -27.09
N TRP LB 107 -15.86 -80.75 -26.30
CA TRP LB 107 -14.57 -81.29 -26.72
C TRP LB 107 -14.71 -82.20 -27.94
N GLU LB 108 -15.78 -83.01 -27.98
CA GLU LB 108 -16.00 -83.91 -29.11
C GLU LB 108 -16.39 -83.15 -30.35
N THR LB 109 -17.33 -82.21 -30.24
CA THR LB 109 -17.76 -81.45 -31.40
C THR LB 109 -16.69 -80.46 -31.87
N ALA LB 110 -15.68 -80.20 -31.04
CA ALA LB 110 -14.63 -79.27 -31.44
C ALA LB 110 -13.86 -79.79 -32.66
N GLN LB 111 -13.54 -81.07 -32.68
CA GLN LB 111 -12.68 -81.63 -33.71
C GLN LB 111 -13.51 -82.36 -34.76
N ALA LB 112 -12.82 -83.03 -35.68
CA ALA LB 112 -13.46 -83.69 -36.81
C ALA LB 112 -14.09 -85.00 -36.33
N TYR LB 113 -14.51 -85.84 -37.26
CA TYR LB 113 -15.10 -87.12 -36.92
C TYR LB 113 -14.10 -88.27 -37.00
N GLU LB 114 -13.42 -88.41 -38.15
CA GLU LB 114 -12.51 -89.53 -38.31
C GLU LB 114 -11.29 -89.40 -37.39
N LYS LB 115 -10.74 -88.20 -37.25
CA LYS LB 115 -9.66 -88.01 -36.30
C LYS LB 115 -10.13 -88.25 -34.87
N LEU LB 116 -11.40 -87.99 -34.58
CA LEU LB 116 -11.94 -88.30 -33.27
C LEU LB 116 -12.01 -89.80 -33.03
N LEU LB 117 -12.48 -90.55 -34.02
CA LEU LB 117 -12.48 -92.00 -33.90
C LEU LB 117 -11.08 -92.54 -33.71
N ILE LB 118 -10.10 -91.96 -34.41
CA ILE LB 118 -8.72 -92.39 -34.23
C ILE LB 118 -8.21 -92.07 -32.83
N SER LB 119 -8.56 -90.88 -32.30
CA SER LB 119 -8.15 -90.54 -30.95
C SER LB 119 -8.67 -91.54 -29.94
N LEU LB 120 -9.98 -91.82 -29.98
CA LEU LB 120 -10.54 -92.81 -29.06
C LEU LB 120 -9.92 -94.18 -29.26
N ASN LB 121 -9.71 -94.59 -30.51
CA ASN LB 121 -9.16 -95.92 -30.77
C ASN LB 121 -7.77 -96.06 -30.17
N ARG LB 122 -6.92 -95.05 -30.36
CA ARG LB 122 -5.57 -95.15 -29.82
C ARG LB 122 -5.55 -95.02 -28.31
N ALA LB 123 -6.49 -94.25 -27.73
CA ALA LB 123 -6.57 -94.21 -26.28
C ALA LB 123 -7.03 -95.54 -25.70
N VAL LB 124 -7.85 -96.29 -26.43
CA VAL LB 124 -8.19 -97.63 -25.99
C VAL LB 124 -7.00 -98.57 -26.12
N LEU LB 125 -6.28 -98.50 -27.24
CA LEU LB 125 -5.18 -99.42 -27.48
C LEU LB 125 -4.05 -99.21 -26.47
N THR LB 126 -3.58 -97.97 -26.32
CA THR LB 126 -2.44 -97.72 -25.44
C THR LB 126 -2.84 -97.86 -23.97
N GLY LB 127 -3.84 -97.08 -23.54
CA GLY LB 127 -4.29 -97.16 -22.17
C GLY LB 127 -4.65 -95.81 -21.57
N ASP LB 128 -4.08 -94.75 -22.11
CA ASP LB 128 -4.32 -93.40 -21.59
C ASP LB 128 -5.71 -92.92 -22.00
N ILE LB 129 -6.69 -93.16 -21.16
CA ILE LB 129 -8.05 -92.67 -21.42
C ILE LB 129 -8.05 -91.15 -21.38
N PRO LB 130 -8.69 -90.46 -22.33
CA PRO LB 130 -8.68 -88.99 -22.30
C PRO LB 130 -9.40 -88.47 -21.06
N ASP LB 131 -9.24 -87.17 -20.82
CA ASP LB 131 -9.87 -86.55 -19.68
C ASP LB 131 -11.32 -86.23 -20.03
N GLY LB 132 -12.24 -86.64 -19.17
CA GLY LB 132 -13.66 -86.46 -19.40
C GLY LB 132 -14.41 -87.73 -19.73
N TYR LB 133 -13.70 -88.84 -19.92
CA TYR LB 133 -14.32 -90.14 -20.21
C TYR LB 133 -14.38 -90.99 -18.95
N GLY LB 134 -15.58 -91.45 -18.63
CA GLY LB 134 -15.82 -92.26 -17.47
C GLY LB 134 -15.50 -93.71 -17.71
N GLU LB 135 -16.11 -94.57 -16.90
CA GLU LB 135 -15.94 -96.00 -17.00
C GLU LB 135 -17.28 -96.62 -16.60
N VAL LB 136 -18.01 -97.14 -17.58
CA VAL LB 136 -19.36 -97.61 -17.37
C VAL LB 136 -19.38 -99.13 -17.48
N LYS LB 137 -20.52 -99.71 -17.19
CA LYS LB 137 -20.65 -101.16 -17.24
C LYS LB 137 -20.60 -101.63 -18.69
N PRO LB 138 -19.80 -102.65 -19.01
CA PRO LB 138 -19.74 -103.14 -20.39
C PRO LB 138 -21.04 -103.82 -20.79
N LEU LB 139 -21.63 -103.34 -21.87
CA LEU LB 139 -22.91 -103.88 -22.33
C LEU LB 139 -22.72 -105.17 -23.11
N SER LB 140 -23.55 -106.16 -22.79
CA SER LB 140 -23.54 -107.40 -23.55
C SER LB 140 -24.20 -107.18 -24.91
N ASP LB 141 -24.12 -108.22 -25.75
CA ASP LB 141 -24.75 -108.33 -27.06
C ASP LB 141 -24.85 -107.00 -27.82
N GLY LB 142 -23.73 -106.30 -27.93
CA GLY LB 142 -23.63 -105.11 -28.75
C GLY LB 142 -23.05 -105.34 -30.13
N ILE LB 143 -22.81 -106.60 -30.52
CA ILE LB 143 -22.28 -106.93 -31.83
C ILE LB 143 -22.97 -108.21 -32.33
N ARG LB 144 -22.82 -108.48 -33.62
CA ARG LB 144 -23.36 -109.69 -34.22
C ARG LB 144 -22.48 -110.90 -33.90
N LEU LB 145 -23.00 -112.09 -34.21
CA LEU LB 145 -22.26 -113.34 -34.05
C LEU LB 145 -22.35 -114.15 -35.34
N PRO LB 146 -21.43 -113.93 -36.29
CA PRO LB 146 -21.42 -114.66 -37.56
C PRO LB 146 -20.71 -116.01 -37.45
N GLY LB 147 -21.43 -116.99 -36.94
CA GLY LB 147 -20.89 -118.31 -36.68
C GLY LB 147 -20.92 -118.63 -35.21
N GLY LB 148 -20.25 -119.72 -34.85
CA GLY LB 148 -20.19 -120.10 -33.45
C GLY LB 148 -19.05 -119.43 -32.73
N PHE LB 149 -19.34 -118.29 -32.09
CA PHE LB 149 -18.34 -117.49 -31.41
C PHE LB 149 -18.82 -117.23 -29.99
N SER LB 150 -17.87 -117.00 -29.09
CA SER LB 150 -18.16 -116.80 -27.67
C SER LB 150 -17.60 -115.45 -27.24
N VAL LB 151 -18.46 -114.45 -27.15
CA VAL LB 151 -18.06 -113.11 -26.75
C VAL LB 151 -18.09 -113.01 -25.23
N THR LB 152 -17.21 -112.17 -24.68
CA THR LB 152 -17.11 -111.96 -23.24
C THR LB 152 -16.62 -110.53 -23.02
N PRO LB 153 -17.50 -109.62 -22.61
CA PRO LB 153 -17.09 -108.23 -22.46
C PRO LB 153 -16.06 -108.05 -21.35
N LEU LB 154 -15.19 -107.06 -21.55
CA LEU LB 154 -14.08 -106.79 -20.64
C LEU LB 154 -14.23 -105.45 -19.92
N LYS LB 155 -14.35 -104.35 -20.66
CA LYS LB 155 -14.41 -103.03 -20.06
C LYS LB 155 -15.03 -102.06 -21.05
N ALA LB 156 -15.52 -100.95 -20.54
CA ALA LB 156 -16.17 -99.96 -21.40
C ALA LB 156 -15.88 -98.56 -20.88
N TRP LB 157 -15.74 -97.62 -21.80
CA TRP LB 157 -15.54 -96.21 -21.48
C TRP LB 157 -16.58 -95.41 -22.24
N ALA LB 158 -17.18 -94.42 -21.57
CA ALA LB 158 -18.29 -93.71 -22.17
C ALA LB 158 -18.44 -92.31 -21.56
N GLY LB 159 -18.65 -91.33 -22.43
CA GLY LB 159 -19.26 -90.10 -21.96
C GLY LB 159 -19.92 -89.28 -23.05
N ASP LB 160 -21.21 -89.06 -22.89
CA ASP LB 160 -22.02 -88.06 -23.57
C ASP LB 160 -22.15 -88.23 -25.08
N GLN LB 161 -21.32 -89.08 -25.68
CA GLN LB 161 -21.30 -89.36 -27.11
C GLN LB 161 -20.28 -90.45 -27.36
N LEU LB 162 -20.59 -91.35 -28.29
CA LEU LB 162 -19.64 -92.35 -28.75
C LEU LB 162 -19.06 -93.17 -27.59
N ARG LB 163 -19.95 -93.93 -26.96
CA ARG LB 163 -19.52 -94.90 -25.98
C ARG LB 163 -18.62 -95.95 -26.64
N ALA LB 164 -17.53 -96.29 -25.97
CA ALA LB 164 -16.55 -97.23 -26.50
C ALA LB 164 -16.55 -98.51 -25.68
N ASP LB 165 -16.44 -99.65 -26.36
CA ASP LB 165 -16.47 -100.94 -25.69
C ASP LB 165 -15.22 -101.74 -26.01
N ARG LB 166 -15.15 -102.93 -25.43
CA ARG LB 166 -14.08 -103.88 -25.70
C ARG LB 166 -14.64 -105.28 -25.52
N TYR LB 167 -14.39 -106.16 -26.47
CA TYR LB 167 -14.94 -107.51 -26.42
C TYR LB 167 -13.85 -108.55 -26.57
N GLU LB 168 -14.23 -109.81 -26.75
CA GLU LB 168 -13.29 -110.86 -27.09
C GLU LB 168 -13.98 -111.86 -28.01
N LEU LB 169 -13.35 -112.18 -29.12
CA LEU LB 169 -13.89 -113.14 -30.08
C LEU LB 169 -13.11 -114.45 -29.98
N ARG LB 170 -13.85 -115.55 -29.84
CA ARG LB 170 -13.24 -116.87 -29.72
C ARG LB 170 -13.87 -117.80 -30.74
N ASN LB 171 -13.02 -118.51 -31.50
CA ASN LB 171 -13.52 -119.47 -32.48
C ASN LB 171 -13.83 -120.78 -31.77
N ALA LB 172 -15.12 -121.09 -31.62
CA ALA LB 172 -15.56 -122.33 -31.02
C ALA LB 172 -15.60 -123.48 -32.02
N ASN LB 173 -15.26 -123.22 -33.28
CA ASN LB 173 -15.33 -124.22 -34.33
C ASN LB 173 -14.02 -125.01 -34.39
N THR LB 174 -13.82 -125.74 -35.49
CA THR LB 174 -12.66 -126.60 -35.65
C THR LB 174 -11.61 -126.04 -36.59
N TRP LB 175 -12.00 -125.31 -37.63
CA TRP LB 175 -11.08 -124.85 -38.66
C TRP LB 175 -10.90 -123.33 -38.56
N GLY LB 176 -10.21 -122.76 -39.55
CA GLY LB 176 -9.97 -121.33 -39.61
C GLY LB 176 -10.92 -120.66 -40.59
N VAL LB 177 -11.52 -119.56 -40.15
CA VAL LB 177 -12.54 -118.86 -40.92
C VAL LB 177 -12.01 -117.49 -41.32
N ALA LB 178 -12.82 -116.74 -42.08
CA ALA LB 178 -12.47 -115.40 -42.50
C ALA LB 178 -13.11 -114.39 -41.56
N LEU LB 179 -12.32 -113.43 -41.08
CA LEU LB 179 -12.79 -112.40 -40.15
C LEU LB 179 -12.88 -111.09 -40.91
N ARG LB 180 -14.04 -110.84 -41.52
CA ARG LB 180 -14.30 -109.59 -42.22
C ARG LB 180 -14.90 -108.60 -41.24
N GLU LB 181 -14.35 -107.39 -41.22
CA GLU LB 181 -14.66 -106.43 -40.15
C GLU LB 181 -16.10 -105.93 -40.21
N GLN LB 182 -16.80 -106.14 -41.32
CA GLN LB 182 -18.17 -105.68 -41.47
C GLN LB 182 -19.21 -106.72 -41.07
N ASP LB 183 -18.79 -107.93 -40.70
CA ASP LB 183 -19.74 -108.88 -40.15
C ASP LB 183 -20.26 -108.41 -38.81
N PHE LB 184 -19.37 -107.90 -37.95
CA PHE LB 184 -19.76 -107.48 -36.61
C PHE LB 184 -20.29 -106.05 -36.61
N TRP LB 185 -21.36 -105.85 -37.38
CA TRP LB 185 -21.99 -104.54 -37.47
C TRP LB 185 -23.43 -104.65 -37.01
N LYS LB 186 -23.93 -103.57 -36.44
CA LYS LB 186 -25.29 -103.44 -35.96
C LYS LB 186 -25.81 -102.06 -36.31
N PRO LB 187 -27.10 -101.82 -36.16
CA PRO LB 187 -27.60 -100.46 -36.32
C PRO LB 187 -27.25 -99.58 -35.14
N GLY LB 188 -26.07 -98.97 -35.17
CA GLY LB 188 -25.64 -98.10 -34.09
C GLY LB 188 -24.14 -98.12 -33.85
N VAL LB 189 -23.46 -99.11 -34.40
CA VAL LB 189 -22.01 -99.20 -34.33
C VAL LB 189 -21.39 -98.23 -35.33
N ARG LB 190 -20.36 -97.50 -34.91
CA ARG LB 190 -19.73 -96.51 -35.77
C ARG LB 190 -18.37 -96.94 -36.29
N ALA LB 191 -17.70 -97.87 -35.61
CA ALA LB 191 -16.38 -98.31 -36.07
C ALA LB 191 -16.09 -99.69 -35.49
N VAL LB 192 -15.16 -100.38 -36.13
CA VAL LB 192 -14.69 -101.70 -35.68
C VAL LB 192 -13.20 -101.80 -35.95
N MET LB 193 -12.44 -102.24 -34.95
CA MET LB 193 -11.01 -102.47 -35.10
C MET LB 193 -10.65 -103.85 -34.57
N PHE LB 194 -9.75 -104.53 -35.27
CA PHE LB 194 -9.16 -105.77 -34.78
C PHE LB 194 -7.80 -105.43 -34.18
N ASP LB 195 -7.57 -105.87 -32.95
CA ASP LB 195 -6.41 -105.40 -32.20
C ASP LB 195 -5.11 -105.92 -32.79
N ASN LB 196 -4.97 -107.24 -32.88
CA ASN LB 196 -3.84 -107.82 -33.60
C ASN LB 196 -4.22 -107.99 -35.06
N ASN LB 197 -3.32 -107.58 -35.96
CA ASN LB 197 -3.64 -107.51 -37.38
C ASN LB 197 -3.52 -108.90 -38.00
N ALA LB 198 -4.42 -109.77 -37.60
CA ALA LB 198 -4.49 -111.13 -38.13
C ALA LB 198 -5.65 -111.21 -39.10
N GLN LB 199 -5.39 -111.67 -40.31
CA GLN LB 199 -6.43 -111.83 -41.31
C GLN LB 199 -7.23 -113.11 -41.12
N THR LB 200 -6.76 -114.01 -40.27
CA THR LB 200 -7.47 -115.25 -39.99
C THR LB 200 -6.90 -115.86 -38.72
N LEU LB 201 -7.79 -116.29 -37.82
CA LEU LB 201 -7.38 -116.91 -36.58
C LEU LB 201 -6.92 -118.35 -36.84
N MET LB 202 -6.67 -119.08 -35.75
CA MET LB 202 -6.27 -120.48 -35.84
C MET LB 202 -7.25 -121.43 -35.20
N GLY LB 203 -7.94 -121.01 -34.16
CA GLY LB 203 -8.82 -121.89 -33.41
C GLY LB 203 -8.79 -121.55 -31.93
N GLY LB 204 -7.74 -120.83 -31.53
CA GLY LB 204 -7.61 -120.38 -30.15
C GLY LB 204 -8.29 -119.04 -29.94
N GLY LB 205 -8.95 -118.90 -28.80
CA GLY LB 205 -9.67 -117.70 -28.48
C GLY LB 205 -8.89 -116.66 -27.73
N ARG LB 206 -7.98 -115.98 -28.41
CA ARG LB 206 -7.20 -114.89 -27.81
C ARG LB 206 -7.19 -113.68 -28.74
N MET LB 207 -8.35 -113.32 -29.28
CA MET LB 207 -8.49 -112.14 -30.13
C MET LB 207 -9.52 -111.21 -29.52
N THR LB 208 -9.13 -109.96 -29.30
CA THR LB 208 -10.04 -108.94 -28.80
C THR LB 208 -10.42 -107.99 -29.92
N VAL LB 209 -11.41 -107.15 -29.65
CA VAL LB 209 -11.96 -106.26 -30.66
C VAL LB 209 -12.59 -105.07 -29.95
N THR LB 210 -12.44 -103.88 -30.55
CA THR LB 210 -12.97 -102.65 -29.98
C THR LB 210 -14.10 -102.11 -30.85
N VAL LB 211 -15.18 -101.71 -30.20
CA VAL LB 211 -16.40 -101.27 -30.88
C VAL LB 211 -16.75 -99.89 -30.36
N ILE LB 212 -17.01 -98.95 -31.28
CA ILE LB 212 -17.34 -97.59 -30.91
C ILE LB 212 -18.82 -97.34 -31.17
N ARG LB 213 -19.67 -97.59 -30.18
CA ARG LB 213 -21.10 -97.40 -30.34
C ARG LB 213 -21.44 -95.93 -30.17
N GLY LB 214 -22.74 -95.62 -30.04
CA GLY LB 214 -23.19 -94.26 -29.86
C GLY LB 214 -24.19 -94.17 -28.72
N ASN LB 215 -24.66 -92.93 -28.51
CA ASN LB 215 -25.66 -92.63 -27.48
C ASN LB 215 -25.16 -93.04 -26.09
N GLY LB 216 -23.86 -92.85 -25.85
CA GLY LB 216 -23.28 -93.19 -24.57
C GLY LB 216 -23.31 -92.03 -23.60
N ALA MB 1 -28.53 -102.86 -8.93
CA ALA MB 1 -28.99 -104.05 -9.64
C ALA MB 1 -30.43 -103.88 -10.10
N GLN MB 2 -31.36 -104.02 -9.17
CA GLN MB 2 -32.78 -103.97 -9.51
C GLN MB 2 -33.11 -102.64 -10.18
N SER MB 3 -33.84 -102.72 -11.29
CA SER MB 3 -34.21 -101.51 -12.02
C SER MB 3 -35.27 -100.74 -11.25
N PRO MB 4 -35.33 -99.41 -11.45
CA PRO MB 4 -36.40 -98.64 -10.82
C PRO MB 4 -37.75 -99.02 -11.41
N ALA MB 5 -38.79 -98.94 -10.58
CA ALA MB 5 -40.14 -99.18 -11.06
C ALA MB 5 -40.57 -97.99 -11.90
N THR MB 6 -40.76 -98.22 -13.20
CA THR MB 6 -41.08 -97.16 -14.15
C THR MB 6 -42.57 -97.24 -14.48
N ILE MB 7 -43.23 -96.08 -14.43
CA ILE MB 7 -44.67 -95.97 -14.64
C ILE MB 7 -44.97 -94.79 -15.56
N SER MB 8 -46.13 -94.83 -16.19
CA SER MB 8 -46.56 -93.79 -17.12
C SER MB 8 -47.86 -93.17 -16.63
N LEU MB 9 -47.91 -91.85 -16.62
CA LEU MB 9 -49.08 -91.10 -16.19
C LEU MB 9 -49.45 -90.06 -17.24
N PRO MB 10 -50.73 -89.73 -17.36
CA PRO MB 10 -51.12 -88.57 -18.17
C PRO MB 10 -50.80 -87.27 -17.45
N GLN MB 11 -51.23 -86.14 -18.00
CA GLN MB 11 -51.05 -84.86 -17.32
C GLN MB 11 -52.01 -84.78 -16.15
N GLY MB 12 -51.47 -84.49 -14.96
CA GLY MB 12 -52.30 -84.41 -13.78
C GLY MB 12 -52.77 -85.74 -13.25
N GLY MB 13 -52.05 -86.81 -13.52
CA GLY MB 13 -52.46 -88.12 -13.09
C GLY MB 13 -52.13 -88.40 -11.65
N GLN MB 14 -52.52 -89.60 -11.24
CA GLN MB 14 -52.37 -90.13 -9.88
C GLN MB 14 -51.63 -91.44 -10.04
N PHE MB 15 -51.44 -92.18 -8.94
CA PHE MB 15 -51.01 -93.57 -9.03
C PHE MB 15 -51.05 -94.25 -7.67
N ARG MB 16 -51.53 -95.48 -7.66
CA ARG MB 16 -51.56 -96.31 -6.46
C ARG MB 16 -50.22 -97.02 -6.34
N LEU MB 17 -49.35 -96.51 -5.47
CA LEU MB 17 -48.03 -97.09 -5.22
C LEU MB 17 -47.89 -97.36 -3.74
N SER MB 18 -46.70 -97.82 -3.34
CA SER MB 18 -46.42 -98.10 -1.94
C SER MB 18 -45.08 -97.52 -1.54
N ILE MB 19 -45.02 -96.91 -0.37
CA ILE MB 19 -43.78 -96.39 0.19
C ILE MB 19 -43.56 -97.02 1.55
N SER MB 20 -42.38 -96.77 2.10
CA SER MB 20 -41.96 -97.30 3.39
C SER MB 20 -41.69 -96.16 4.35
N ASN MB 21 -42.16 -96.30 5.58
CA ASN MB 21 -42.08 -95.21 6.55
C ASN MB 21 -40.64 -94.90 6.95
N THR MB 22 -39.88 -95.92 7.34
CA THR MB 22 -38.44 -95.74 7.52
C THR MB 22 -37.77 -95.68 6.15
N ASP MB 23 -36.43 -95.64 6.15
CA ASP MB 23 -35.71 -95.92 4.90
C ASP MB 23 -36.11 -94.96 3.79
N PRO MB 24 -35.58 -93.74 3.78
CA PRO MB 24 -36.16 -92.67 2.95
C PRO MB 24 -36.41 -93.10 1.52
N ASN MB 25 -37.56 -92.72 1.00
CA ASN MB 25 -38.01 -93.09 -0.33
C ASN MB 25 -37.72 -91.95 -1.28
N MET MB 26 -37.45 -92.28 -2.54
CA MET MB 26 -37.12 -91.27 -3.53
C MET MB 26 -38.08 -91.34 -4.71
N ILE MB 27 -38.44 -90.18 -5.24
CA ILE MB 27 -39.21 -90.06 -6.47
C ILE MB 27 -38.51 -89.04 -7.36
N PHE MB 28 -38.30 -89.40 -8.61
CA PHE MB 28 -37.61 -88.49 -9.53
C PHE MB 28 -38.19 -88.63 -10.92
N ILE MB 29 -38.29 -87.52 -11.63
CA ILE MB 29 -38.74 -87.47 -13.02
C ILE MB 29 -37.51 -87.34 -13.90
N PRO MB 30 -37.25 -88.29 -14.81
CA PRO MB 30 -36.04 -88.20 -15.64
C PRO MB 30 -36.18 -87.08 -16.66
N GLY MB 31 -35.24 -86.14 -16.61
CA GLY MB 31 -35.22 -85.01 -17.52
C GLY MB 31 -35.72 -83.71 -16.93
N ASP MB 32 -36.31 -83.73 -15.75
CA ASP MB 32 -36.88 -82.54 -15.14
C ASP MB 32 -36.28 -82.29 -13.77
N LYS MB 33 -36.69 -81.18 -13.16
CA LYS MB 33 -36.32 -80.84 -11.79
C LYS MB 33 -37.59 -80.57 -11.00
N VAL MB 34 -37.80 -81.36 -9.95
CA VAL MB 34 -38.97 -81.18 -9.11
C VAL MB 34 -38.87 -79.83 -8.39
N THR MB 35 -39.95 -79.05 -8.44
CA THR MB 35 -39.95 -77.71 -7.90
C THR MB 35 -40.72 -77.59 -6.59
N ALA MB 36 -41.85 -78.30 -6.45
CA ALA MB 36 -42.68 -78.17 -5.26
C ALA MB 36 -43.15 -79.55 -4.83
N ILE MB 37 -43.92 -79.57 -3.75
CA ILE MB 37 -44.50 -80.79 -3.22
C ILE MB 37 -45.65 -80.38 -2.32
N THR MB 38 -46.55 -81.32 -2.03
CA THR MB 38 -47.64 -81.07 -1.10
C THR MB 38 -48.12 -82.42 -0.59
N ALA MB 39 -47.81 -82.75 0.65
CA ALA MB 39 -48.02 -84.08 1.18
C ALA MB 39 -48.83 -84.01 2.46
N PRO MB 40 -50.15 -83.84 2.35
CA PRO MB 40 -50.98 -83.79 3.55
C PRO MB 40 -51.57 -85.15 3.87
N GLY MB 41 -52.12 -85.27 5.06
CA GLY MB 41 -52.65 -86.53 5.52
C GLY MB 41 -51.64 -87.35 6.29
N GLY MB 42 -50.43 -87.44 5.76
CA GLY MB 42 -49.39 -88.22 6.42
C GLY MB 42 -48.46 -87.38 7.25
N MET MB 43 -48.32 -86.10 6.91
CA MET MB 43 -47.44 -85.16 7.61
C MET MB 43 -46.02 -85.72 7.68
N LEU MB 44 -45.44 -85.99 6.51
CA LEU MB 44 -44.14 -86.63 6.50
C LEU MB 44 -43.07 -85.61 6.87
N ALA MB 45 -41.89 -86.10 7.26
CA ALA MB 45 -40.91 -85.25 7.92
C ALA MB 45 -39.84 -84.71 6.99
N ASP MB 46 -39.07 -85.56 6.34
CA ASP MB 46 -37.94 -85.10 5.55
C ASP MB 46 -38.38 -84.74 4.14
N LYS MB 47 -37.87 -83.62 3.63
CA LYS MB 47 -38.16 -83.14 2.28
C LYS MB 47 -36.89 -82.46 1.77
N ARG MB 48 -36.09 -83.19 1.00
CA ARG MB 48 -34.82 -82.68 0.50
C ARG MB 48 -34.77 -82.84 -1.01
N LEU MB 49 -34.02 -81.96 -1.66
CA LEU MB 49 -33.83 -81.99 -3.10
C LEU MB 49 -32.44 -82.55 -3.40
N THR MB 50 -32.39 -83.61 -4.20
CA THR MB 50 -31.14 -84.24 -4.56
C THR MB 50 -30.47 -83.42 -5.67
N THR MB 51 -29.41 -83.95 -6.25
CA THR MB 51 -28.71 -83.27 -7.32
C THR MB 51 -29.23 -83.66 -8.70
N ALA MB 52 -29.78 -84.87 -8.84
CA ALA MB 52 -30.36 -85.27 -10.12
C ALA MB 52 -31.54 -84.38 -10.49
N GLY MB 53 -32.37 -84.03 -9.50
CA GLY MB 53 -33.53 -83.21 -9.74
C GLY MB 53 -34.72 -83.71 -8.96
N GLY MB 54 -34.71 -84.98 -8.59
CA GLY MB 54 -35.81 -85.57 -7.87
C GLY MB 54 -35.88 -85.08 -6.43
N VAL MB 55 -36.91 -85.56 -5.74
CA VAL MB 55 -37.14 -85.22 -4.34
C VAL MB 55 -37.34 -86.50 -3.56
N LEU MB 56 -36.74 -86.55 -2.37
CA LEU MB 56 -36.83 -87.72 -1.51
C LEU MB 56 -37.35 -87.31 -0.14
N PHE MB 57 -38.02 -88.24 0.52
CA PHE MB 57 -38.86 -87.93 1.67
C PHE MB 57 -38.80 -89.10 2.65
N THR MB 58 -39.47 -88.93 3.79
CA THR MB 58 -39.49 -89.96 4.81
C THR MB 58 -40.79 -89.84 5.58
N SER MB 59 -41.76 -90.69 5.24
CA SER MB 59 -43.04 -90.65 5.93
C SER MB 59 -42.91 -91.21 7.34
N VAL MB 60 -43.90 -90.90 8.18
CA VAL MB 60 -43.92 -91.41 9.55
C VAL MB 60 -45.30 -91.96 9.87
N ALA MB 61 -46.28 -91.66 9.03
CA ALA MB 61 -47.67 -91.95 9.34
C ALA MB 61 -47.95 -93.44 9.19
N THR MB 62 -49.23 -93.82 9.30
CA THR MB 62 -49.60 -95.23 9.30
C THR MB 62 -50.81 -95.54 8.43
N ARG MB 63 -51.29 -94.60 7.63
CA ARG MB 63 -52.48 -94.80 6.83
C ARG MB 63 -52.23 -94.29 5.41
N THR MB 64 -53.20 -94.53 4.53
CA THR MB 64 -53.08 -94.19 3.12
C THR MB 64 -53.54 -92.75 2.88
N PHE MB 65 -52.72 -91.98 2.16
CA PHE MB 65 -52.98 -90.57 1.92
C PHE MB 65 -52.62 -90.25 0.49
N THR MB 66 -52.49 -88.95 0.19
CA THR MB 66 -52.19 -88.48 -1.15
C THR MB 66 -51.06 -87.46 -1.09
N ILE MB 67 -50.10 -87.60 -2.01
CA ILE MB 67 -48.97 -86.68 -2.11
C ILE MB 67 -48.93 -86.13 -3.52
N PHE MB 68 -48.92 -84.81 -3.64
CA PHE MB 68 -48.82 -84.17 -4.95
C PHE MB 68 -47.37 -83.82 -5.23
N VAL MB 69 -47.08 -83.60 -6.50
CA VAL MB 69 -45.73 -83.24 -6.93
C VAL MB 69 -45.84 -82.39 -8.19
N GLU MB 70 -44.92 -81.45 -8.33
CA GLU MB 70 -44.93 -80.55 -9.47
C GLU MB 70 -43.58 -80.62 -10.17
N THR MB 71 -43.47 -79.89 -11.27
CA THR MB 71 -42.30 -79.95 -12.12
C THR MB 71 -41.93 -78.55 -12.54
N ALA MB 72 -40.66 -78.36 -12.90
CA ALA MB 72 -40.20 -77.06 -13.34
C ALA MB 72 -40.91 -76.61 -14.61
N LEU MB 73 -41.40 -77.57 -15.41
CA LEU MB 73 -42.10 -77.24 -16.64
C LEU MB 73 -43.62 -77.29 -16.51
N GLY MB 74 -44.15 -77.51 -15.31
CA GLY MB 74 -45.57 -77.49 -15.05
C GLY MB 74 -46.23 -78.85 -14.98
N GLN MB 75 -45.50 -79.93 -15.29
CA GLN MB 75 -46.08 -81.26 -15.36
C GLN MB 75 -46.37 -81.75 -13.94
N THR MB 76 -47.53 -81.36 -13.42
CA THR MB 76 -47.96 -81.80 -12.10
C THR MB 76 -48.45 -83.24 -12.15
N PHE MB 77 -48.43 -83.90 -10.99
CA PHE MB 77 -48.80 -85.31 -10.89
C PHE MB 77 -49.50 -85.53 -9.56
N SER MB 78 -49.64 -86.80 -9.18
CA SER MB 78 -50.19 -87.18 -7.89
C SER MB 78 -49.83 -88.63 -7.65
N VAL MB 79 -49.66 -88.99 -6.38
CA VAL MB 79 -49.37 -90.37 -5.99
C VAL MB 79 -50.11 -90.66 -4.69
N VAL MB 80 -50.71 -91.83 -4.60
CA VAL MB 80 -51.43 -92.24 -3.41
C VAL MB 80 -50.55 -93.23 -2.66
N ALA MB 81 -49.82 -92.73 -1.67
CA ALA MB 81 -48.87 -93.54 -0.95
C ALA MB 81 -49.59 -94.50 -0.01
N THR MB 82 -48.82 -95.44 0.54
CA THR MB 82 -49.31 -96.37 1.56
C THR MB 82 -48.13 -96.91 2.37
N PRO MB 83 -47.88 -96.37 3.55
CA PRO MB 83 -46.71 -96.80 4.33
C PRO MB 83 -46.75 -98.28 4.69
N VAL MB 84 -45.56 -98.89 4.73
CA VAL MB 84 -45.38 -100.30 5.02
C VAL MB 84 -44.24 -100.47 6.02
N LYS MB 85 -43.82 -101.72 6.26
CA LYS MB 85 -42.84 -102.01 7.30
C LYS MB 85 -41.51 -101.32 7.04
N GLY MB 86 -40.81 -101.70 5.97
CA GLY MB 86 -39.47 -101.18 5.77
C GLY MB 86 -38.97 -101.38 4.36
N GLU MB 87 -37.65 -101.21 4.20
CA GLU MB 87 -36.94 -101.39 2.93
C GLU MB 87 -37.45 -100.39 1.87
N GLY MB 88 -37.09 -99.14 2.12
CA GLY MB 88 -37.55 -98.05 1.26
C GLY MB 88 -37.14 -98.26 -0.19
N ARG MB 89 -37.96 -97.71 -1.10
CA ARG MB 89 -37.88 -98.02 -2.52
C ARG MB 89 -37.87 -96.75 -3.35
N VAL MB 90 -37.40 -96.89 -4.60
CA VAL MB 90 -37.26 -95.78 -5.53
C VAL MB 90 -38.17 -96.04 -6.73
N TYR MB 91 -38.91 -95.01 -7.14
CA TYR MB 91 -39.79 -95.06 -8.30
C TYR MB 91 -39.33 -94.06 -9.35
N ARG MB 92 -39.99 -94.09 -10.50
CA ARG MB 92 -39.72 -93.16 -11.58
C ARG MB 92 -41.04 -92.65 -12.15
N LEU MB 93 -41.14 -91.35 -12.36
CA LEU MB 93 -42.34 -90.74 -12.92
C LEU MB 93 -42.00 -90.14 -14.28
N MET MB 94 -42.79 -90.51 -15.29
CA MET MB 94 -42.65 -89.91 -16.61
C MET MB 94 -44.01 -89.92 -17.30
N SER MB 95 -44.24 -88.92 -18.13
CA SER MB 95 -45.47 -88.83 -18.91
C SER MB 95 -45.25 -89.47 -20.27
N ALA MB 96 -46.36 -89.82 -20.92
CA ALA MB 96 -46.33 -90.63 -22.14
C ALA MB 96 -46.27 -89.78 -23.41
N GLU MB 97 -47.31 -89.00 -23.67
CA GLU MB 97 -47.36 -88.22 -24.90
C GLU MB 97 -46.59 -86.91 -24.86
N PRO MB 98 -46.73 -86.08 -23.81
CA PRO MB 98 -46.18 -84.71 -23.86
C PRO MB 98 -44.69 -84.66 -24.18
N PRO MB 99 -43.85 -85.57 -23.65
CA PRO MB 99 -42.44 -85.51 -24.05
C PRO MB 99 -42.25 -85.98 -25.47
N SER MB 100 -42.02 -85.05 -26.40
CA SER MB 100 -41.80 -85.40 -27.81
C SER MB 100 -41.03 -84.25 -28.45
N ARG MB 101 -39.73 -84.46 -28.68
CA ARG MB 101 -38.89 -83.50 -29.39
C ARG MB 101 -37.76 -84.26 -30.06
N PRO MB 102 -38.04 -84.91 -31.18
CA PRO MB 102 -37.03 -85.70 -31.88
C PRO MB 102 -36.03 -84.87 -32.67
N GLU MB 103 -36.00 -83.55 -32.49
CA GLU MB 103 -35.05 -82.72 -33.21
C GLU MB 103 -33.63 -83.13 -32.86
N THR MB 104 -32.81 -83.32 -33.89
CA THR MB 104 -31.42 -83.72 -33.69
C THR MB 104 -30.50 -82.69 -34.32
N ARG MB 105 -29.56 -82.19 -33.53
CA ARG MB 105 -28.50 -81.36 -34.08
C ARG MB 105 -27.61 -82.22 -34.96
N LYS MB 106 -27.22 -81.70 -36.12
CA LYS MB 106 -26.41 -82.49 -37.04
C LYS MB 106 -24.96 -82.34 -36.64
N TRP MB 107 -24.50 -83.28 -35.81
CA TRP MB 107 -23.11 -83.42 -35.41
C TRP MB 107 -22.37 -84.15 -36.53
N GLU MB 108 -21.17 -84.68 -36.27
CA GLU MB 108 -20.39 -85.41 -37.26
C GLU MB 108 -19.92 -84.56 -38.43
N THR MB 109 -19.09 -83.56 -38.14
CA THR MB 109 -18.45 -82.80 -39.20
C THR MB 109 -17.49 -83.69 -39.98
N ALA MB 110 -16.98 -83.15 -41.09
CA ALA MB 110 -16.11 -83.89 -41.99
C ALA MB 110 -14.72 -83.26 -42.03
N GLN MB 111 -13.86 -83.84 -42.85
CA GLN MB 111 -12.47 -83.38 -42.95
C GLN MB 111 -12.41 -82.08 -43.74
N ALA MB 112 -11.26 -81.40 -43.61
CA ALA MB 112 -11.05 -80.17 -44.35
C ALA MB 112 -10.73 -80.41 -45.82
N TYR MB 113 -10.14 -81.57 -46.14
CA TYR MB 113 -9.78 -81.90 -47.51
C TYR MB 113 -10.97 -82.39 -48.32
N GLU MB 114 -11.88 -83.15 -47.71
CA GLU MB 114 -13.02 -83.71 -48.44
C GLU MB 114 -14.09 -82.68 -48.72
N LYS MB 115 -14.33 -81.74 -47.79
CA LYS MB 115 -15.39 -80.77 -47.98
C LYS MB 115 -15.12 -79.90 -49.20
N LEU MB 116 -13.87 -79.52 -49.43
CA LEU MB 116 -13.56 -78.66 -50.57
C LEU MB 116 -13.58 -79.43 -51.88
N LEU MB 117 -13.13 -80.68 -51.88
CA LEU MB 117 -13.32 -81.53 -53.06
C LEU MB 117 -14.78 -81.64 -53.44
N ILE MB 118 -15.65 -81.88 -52.45
CA ILE MB 118 -17.07 -82.02 -52.74
C ILE MB 118 -17.65 -80.69 -53.21
N SER MB 119 -17.21 -79.58 -52.61
CA SER MB 119 -17.71 -78.28 -53.01
C SER MB 119 -17.39 -77.99 -54.47
N LEU MB 120 -16.12 -78.16 -54.87
CA LEU MB 120 -15.77 -77.91 -56.25
C LEU MB 120 -16.45 -78.88 -57.20
N ASN MB 121 -16.48 -80.16 -56.83
CA ASN MB 121 -17.09 -81.16 -57.70
C ASN MB 121 -18.61 -80.99 -57.78
N ARG MB 122 -19.21 -80.26 -56.86
CA ARG MB 122 -20.62 -79.93 -56.95
C ARG MB 122 -20.83 -78.67 -57.80
N ALA MB 123 -19.94 -77.69 -57.66
CA ALA MB 123 -20.04 -76.49 -58.48
C ALA MB 123 -19.64 -76.73 -59.93
N VAL MB 124 -18.99 -77.86 -60.23
CA VAL MB 124 -18.72 -78.21 -61.63
C VAL MB 124 -19.91 -78.89 -62.27
N LEU MB 125 -20.83 -79.43 -61.47
CA LEU MB 125 -22.02 -80.09 -61.99
C LEU MB 125 -23.20 -79.15 -62.11
N THR MB 126 -23.46 -78.35 -61.08
CA THR MB 126 -24.54 -77.37 -61.15
C THR MB 126 -24.31 -76.37 -62.26
N GLY MB 127 -23.08 -75.87 -62.39
CA GLY MB 127 -22.71 -74.91 -63.40
C GLY MB 127 -22.14 -73.61 -62.85
N ASP MB 128 -22.54 -73.25 -61.63
CA ASP MB 128 -22.05 -72.01 -61.03
C ASP MB 128 -20.56 -72.13 -60.71
N ILE MB 129 -19.76 -71.35 -61.42
CA ILE MB 129 -18.30 -71.46 -61.27
C ILE MB 129 -17.87 -70.70 -60.02
N PRO MB 130 -17.17 -71.34 -59.10
CA PRO MB 130 -16.74 -70.65 -57.88
C PRO MB 130 -15.76 -69.54 -58.19
N ASP MB 131 -15.76 -68.54 -57.31
CA ASP MB 131 -14.84 -67.41 -57.47
C ASP MB 131 -13.40 -67.89 -57.29
N GLY MB 132 -12.60 -67.76 -58.34
CA GLY MB 132 -11.21 -68.14 -58.28
C GLY MB 132 -10.84 -69.26 -59.23
N TYR MB 133 -11.69 -69.50 -60.23
CA TYR MB 133 -11.44 -70.54 -61.20
C TYR MB 133 -11.69 -70.01 -62.61
N GLY MB 134 -10.77 -70.32 -63.51
CA GLY MB 134 -10.87 -69.83 -64.87
C GLY MB 134 -11.27 -70.91 -65.86
N GLU MB 135 -10.51 -71.02 -66.94
CA GLU MB 135 -10.72 -72.06 -67.93
C GLU MB 135 -9.41 -72.28 -68.67
N VAL MB 136 -9.15 -73.54 -69.03
CA VAL MB 136 -7.86 -73.93 -69.61
C VAL MB 136 -8.09 -74.90 -70.75
N LYS MB 137 -7.01 -75.20 -71.44
CA LYS MB 137 -7.01 -76.19 -72.51
C LYS MB 137 -7.07 -77.58 -71.89
N PRO MB 138 -7.90 -78.48 -72.45
CA PRO MB 138 -8.00 -79.84 -71.89
C PRO MB 138 -6.67 -80.58 -72.00
N LEU MB 139 -6.15 -80.99 -70.84
CA LEU MB 139 -4.94 -81.79 -70.80
C LEU MB 139 -5.14 -83.09 -71.55
N SER MB 140 -4.16 -83.47 -72.35
CA SER MB 140 -4.28 -84.68 -73.16
C SER MB 140 -4.25 -85.92 -72.29
N ASP MB 141 -5.11 -86.88 -72.62
CA ASP MB 141 -5.13 -88.26 -72.13
C ASP MB 141 -4.67 -88.40 -70.68
N GLY MB 142 -5.21 -87.58 -69.79
CA GLY MB 142 -4.93 -87.68 -68.38
C GLY MB 142 -5.75 -88.70 -67.62
N ILE MB 143 -6.51 -89.55 -68.31
CA ILE MB 143 -7.27 -90.61 -67.69
C ILE MB 143 -7.10 -91.91 -68.47
N ARG MB 144 -7.03 -93.02 -67.74
CA ARG MB 144 -6.81 -94.33 -68.35
C ARG MB 144 -8.04 -94.77 -69.15
N LEU MB 145 -7.84 -95.82 -69.94
CA LEU MB 145 -8.92 -96.39 -70.75
C LEU MB 145 -9.04 -97.88 -70.43
N PRO MB 146 -10.19 -98.36 -69.97
CA PRO MB 146 -10.36 -99.79 -69.67
C PRO MB 146 -10.88 -100.58 -70.87
N GLY MB 147 -10.04 -100.71 -71.89
CA GLY MB 147 -10.40 -101.51 -73.04
C GLY MB 147 -11.03 -100.72 -74.18
N GLY MB 148 -12.05 -101.29 -74.81
CA GLY MB 148 -12.60 -100.73 -76.02
C GLY MB 148 -13.39 -99.46 -75.79
N PHE MB 149 -12.75 -98.46 -75.22
CA PHE MB 149 -13.37 -97.15 -74.99
C PHE MB 149 -12.62 -96.10 -75.79
N SER MB 150 -12.97 -94.84 -75.54
CA SER MB 150 -12.29 -93.72 -76.16
C SER MB 150 -12.40 -92.53 -75.21
N VAL MB 151 -11.66 -91.48 -75.53
CA VAL MB 151 -11.74 -90.22 -74.80
C VAL MB 151 -11.86 -89.09 -75.81
N THR MB 152 -12.71 -88.11 -75.50
CA THR MB 152 -12.93 -86.96 -76.36
C THR MB 152 -13.00 -85.73 -75.47
N PRO MB 153 -11.86 -85.12 -75.16
CA PRO MB 153 -11.85 -83.98 -74.23
C PRO MB 153 -12.85 -82.91 -74.63
N LEU MB 154 -13.38 -82.23 -73.62
CA LEU MB 154 -14.31 -81.12 -73.83
C LEU MB 154 -13.70 -79.79 -73.40
N LYS MB 155 -13.28 -79.69 -72.14
CA LYS MB 155 -12.86 -78.45 -71.51
C LYS MB 155 -12.32 -78.79 -70.13
N ALA MB 156 -11.99 -77.74 -69.37
CA ALA MB 156 -11.50 -77.92 -68.01
C ALA MB 156 -11.49 -76.60 -67.26
N TRP MB 157 -11.58 -76.64 -65.94
CA TRP MB 157 -11.34 -75.46 -65.12
C TRP MB 157 -9.97 -75.56 -64.49
N ALA MB 158 -9.57 -74.49 -63.81
CA ALA MB 158 -8.30 -74.48 -63.10
C ALA MB 158 -8.23 -73.24 -62.22
N GLY MB 159 -7.29 -73.28 -61.28
CA GLY MB 159 -6.93 -72.10 -60.52
C GLY MB 159 -6.78 -72.30 -59.02
N ASP MB 160 -5.56 -72.02 -58.55
CA ASP MB 160 -5.15 -71.86 -57.17
C ASP MB 160 -5.10 -73.17 -56.38
N GLN MB 161 -5.76 -74.21 -56.86
CA GLN MB 161 -5.68 -75.64 -56.50
C GLN MB 161 -6.66 -76.37 -57.41
N LEU MB 162 -6.48 -77.69 -57.52
CA LEU MB 162 -7.51 -78.57 -58.04
C LEU MB 162 -7.93 -78.19 -59.47
N ARG MB 163 -7.02 -78.45 -60.40
CA ARG MB 163 -7.33 -78.24 -61.81
C ARG MB 163 -8.31 -79.32 -62.26
N ALA MB 164 -9.60 -78.99 -62.23
CA ALA MB 164 -10.64 -79.94 -62.60
C ALA MB 164 -10.69 -80.14 -64.11
N ASP MB 165 -11.40 -81.18 -64.53
CA ASP MB 165 -11.50 -81.55 -65.94
C ASP MB 165 -12.91 -82.00 -66.26
N ARG MB 166 -13.13 -82.40 -67.51
CA ARG MB 166 -14.36 -83.07 -67.93
C ARG MB 166 -14.07 -83.86 -69.19
N TYR MB 167 -14.04 -85.18 -69.09
CA TYR MB 167 -13.81 -86.04 -70.24
C TYR MB 167 -15.10 -86.74 -70.64
N GLU MB 168 -15.00 -87.64 -71.61
CA GLU MB 168 -16.17 -88.23 -72.24
C GLU MB 168 -15.94 -89.72 -72.47
N LEU MB 169 -16.97 -90.52 -72.24
CA LEU MB 169 -16.91 -91.97 -72.34
C LEU MB 169 -17.70 -92.43 -73.55
N ARG MB 170 -17.24 -93.51 -74.18
CA ARG MB 170 -17.87 -94.02 -75.40
C ARG MB 170 -17.63 -95.52 -75.46
N ASN MB 171 -18.70 -96.30 -75.31
CA ASN MB 171 -18.59 -97.75 -75.46
C ASN MB 171 -18.42 -98.10 -76.94
N ALA MB 172 -17.19 -98.40 -77.34
CA ALA MB 172 -16.91 -98.74 -78.73
C ALA MB 172 -17.17 -100.21 -79.03
N ASN MB 173 -17.52 -101.00 -78.03
CA ASN MB 173 -17.81 -102.41 -78.20
C ASN MB 173 -19.30 -102.57 -78.46
N THR MB 174 -19.81 -103.81 -78.37
CA THR MB 174 -21.18 -104.08 -78.76
C THR MB 174 -22.10 -104.45 -77.60
N TRP MB 175 -21.60 -105.10 -76.54
CA TRP MB 175 -22.45 -105.60 -75.47
C TRP MB 175 -22.31 -104.73 -74.23
N GLY MB 176 -22.93 -105.18 -73.14
CA GLY MB 176 -22.92 -104.46 -71.87
C GLY MB 176 -22.04 -105.13 -70.84
N VAL MB 177 -21.39 -104.31 -70.01
CA VAL MB 177 -20.48 -104.78 -68.98
C VAL MB 177 -20.81 -104.07 -67.67
N ALA MB 178 -19.98 -104.28 -66.65
CA ALA MB 178 -20.13 -103.60 -65.38
C ALA MB 178 -19.12 -102.46 -65.27
N LEU MB 179 -19.28 -101.64 -64.23
CA LEU MB 179 -18.43 -100.48 -64.03
C LEU MB 179 -17.95 -100.40 -62.59
N ARG MB 180 -16.65 -100.20 -62.40
CA ARG MB 180 -16.05 -99.88 -61.11
C ARG MB 180 -15.05 -98.76 -61.34
N GLU MB 181 -15.30 -97.61 -60.70
CA GLU MB 181 -14.62 -96.37 -61.06
C GLU MB 181 -13.20 -96.26 -60.52
N GLN MB 182 -12.59 -97.36 -60.09
CA GLN MB 182 -11.18 -97.39 -59.74
C GLN MB 182 -10.31 -97.78 -60.92
N ASP MB 183 -10.90 -97.98 -62.10
CA ASP MB 183 -10.14 -98.33 -63.29
C ASP MB 183 -9.63 -97.12 -64.06
N PHE MB 184 -10.27 -95.96 -63.90
CA PHE MB 184 -9.88 -94.76 -64.61
C PHE MB 184 -8.75 -94.02 -63.92
N TRP MB 185 -8.35 -94.45 -62.72
CA TRP MB 185 -7.43 -93.67 -61.92
C TRP MB 185 -6.07 -93.54 -62.59
N LYS MB 186 -5.51 -92.35 -62.52
CA LYS MB 186 -4.20 -92.02 -63.05
C LYS MB 186 -3.35 -91.42 -61.95
N PRO MB 187 -2.02 -91.42 -62.12
CA PRO MB 187 -1.15 -90.93 -61.03
C PRO MB 187 -1.24 -89.43 -60.82
N GLY MB 188 -2.19 -89.01 -59.99
CA GLY MB 188 -2.36 -87.61 -59.66
C GLY MB 188 -3.82 -87.27 -59.46
N VAL MB 189 -4.71 -88.19 -59.82
CA VAL MB 189 -6.14 -87.97 -59.72
C VAL MB 189 -6.55 -87.86 -58.26
N ARG MB 190 -7.41 -86.89 -57.96
CA ARG MB 190 -7.93 -86.72 -56.61
C ARG MB 190 -9.35 -87.25 -56.44
N ALA MB 191 -10.15 -87.25 -57.49
CA ALA MB 191 -11.54 -87.70 -57.38
C ALA MB 191 -12.10 -87.92 -58.78
N VAL MB 192 -12.99 -88.91 -58.90
CA VAL MB 192 -13.64 -89.24 -60.17
C VAL MB 192 -15.13 -89.36 -59.93
N MET MB 193 -15.91 -88.57 -60.66
CA MET MB 193 -17.37 -88.59 -60.58
C MET MB 193 -17.97 -89.19 -61.84
N PHE MB 194 -19.05 -89.95 -61.67
CA PHE MB 194 -19.86 -90.42 -62.78
C PHE MB 194 -21.19 -89.67 -62.73
N ASP MB 195 -21.51 -88.96 -63.82
CA ASP MB 195 -22.67 -88.07 -63.82
C ASP MB 195 -23.96 -88.82 -64.10
N ASN MB 196 -24.07 -89.42 -65.28
CA ASN MB 196 -25.24 -90.25 -65.60
C ASN MB 196 -25.12 -91.54 -64.80
N ASN MB 197 -25.86 -91.62 -63.70
CA ASN MB 197 -25.67 -92.68 -62.71
C ASN MB 197 -26.10 -94.01 -63.31
N ALA MB 198 -25.12 -94.79 -63.77
CA ALA MB 198 -25.37 -96.09 -64.35
C ALA MB 198 -24.27 -97.04 -63.93
N GLN MB 199 -24.67 -98.27 -63.57
CA GLN MB 199 -23.72 -99.32 -63.18
C GLN MB 199 -23.55 -100.39 -64.24
N THR MB 200 -24.00 -100.14 -65.47
CA THR MB 200 -23.87 -101.11 -66.55
C THR MB 200 -23.78 -100.35 -67.86
N LEU MB 201 -23.08 -100.93 -68.82
CA LEU MB 201 -22.81 -100.31 -70.11
C LEU MB 201 -23.87 -100.70 -71.13
N MET MB 202 -24.04 -99.83 -72.14
CA MET MB 202 -25.09 -99.99 -73.12
C MET MB 202 -24.63 -99.90 -74.57
N GLY MB 203 -23.58 -99.15 -74.88
CA GLY MB 203 -23.10 -98.96 -76.25
C GLY MB 203 -23.12 -97.52 -76.71
N GLY MB 204 -23.92 -96.68 -76.05
CA GLY MB 204 -24.01 -95.28 -76.39
C GLY MB 204 -23.29 -94.41 -75.38
N GLY MB 205 -22.31 -93.65 -75.87
CA GLY MB 205 -21.51 -92.82 -75.00
C GLY MB 205 -21.96 -91.38 -74.96
N ARG MB 206 -22.71 -91.03 -73.92
CA ARG MB 206 -23.17 -89.66 -73.72
C ARG MB 206 -22.98 -89.21 -72.28
N MET MB 207 -22.17 -89.93 -71.50
CA MET MB 207 -21.92 -89.60 -70.11
C MET MB 207 -20.51 -89.02 -69.96
N THR MB 208 -20.36 -88.11 -69.01
CA THR MB 208 -19.08 -87.47 -68.76
C THR MB 208 -18.60 -87.82 -67.35
N VAL MB 209 -17.33 -87.51 -67.10
CA VAL MB 209 -16.72 -87.64 -65.79
C VAL MB 209 -15.96 -86.38 -65.47
N THR MB 210 -15.78 -86.12 -64.17
CA THR MB 210 -15.05 -84.96 -63.69
C THR MB 210 -13.84 -85.45 -62.91
N VAL MB 211 -12.67 -85.34 -63.51
CA VAL MB 211 -11.43 -85.81 -62.91
C VAL MB 211 -10.67 -84.60 -62.39
N ILE MB 212 -10.50 -84.53 -61.08
CA ILE MB 212 -9.79 -83.44 -60.45
C ILE MB 212 -8.31 -83.80 -60.39
N ARG MB 213 -7.46 -82.78 -60.37
CA ARG MB 213 -6.02 -82.99 -60.42
C ARG MB 213 -5.32 -81.82 -59.77
N GLY MB 214 -4.06 -82.05 -59.37
CA GLY MB 214 -3.26 -81.01 -58.78
C GLY MB 214 -2.67 -80.08 -59.82
N ASN MB 215 -1.91 -79.10 -59.33
CA ASN MB 215 -1.27 -78.09 -60.17
C ASN MB 215 -2.30 -77.30 -60.97
N GLY MB 216 -3.13 -76.56 -60.25
CA GLY MB 216 -4.14 -75.74 -60.88
C GLY MB 216 -4.33 -74.42 -60.15
#